data_1LGR
#
_entry.id   1LGR
#
_cell.length_a   235.500
_cell.length_b   134.500
_cell.length_c   200.100
_cell.angle_alpha   90.00
_cell.angle_beta   102.80
_cell.angle_gamma   90.00
#
_symmetry.space_group_name_H-M   'C 1 2 1'
#
loop_
_entity.id
_entity.type
_entity.pdbx_description
1 polymer 'GLUTAMINE SYNTHETASE'
2 non-polymer 'MANGANESE (II) ION'
3 non-polymer 'ADENOSINE MONOPHOSPHATE'
#
_entity_poly.entity_id   1
_entity_poly.type   'polypeptide(L)'
_entity_poly.pdbx_seq_one_letter_code
;SAEHVLTMLNEHEVKFVDLRFTDTKGKEQHVTIPAHQVNAEFFEEGKMFDGSSIGGWKGINESDMVLMPDASTAVIDPFF
ADSTLIIRCDILEPGTLQGYDRDPRSIAKRAEDYLRATGIADTVLFGPEPEFFLFDDIRFGASISGSHVAIDDIEGAWNS
STKYEGGNKGHRPGVKGGYFPVPPVDSAQDIRSEMCLVMEQMGLVVEAHHHEVATAGQNEVATRFNTMTKKADEIQIYKY
VVHNVAHRFGKTATFMPKPMFGDNGSGMHCHMSLAKNGTNLFSGDKYAGLSEQALYYIGGVIKHAKAINALANPTTNSYK
RLVPGYEAPVMLAYSARNRSASIRIPVVASPKARRIEVRFPDPAANPYLCFAALLMAGLDGIKNKIHPGEPMDKNLYDLP
PEEAKEIPQVAGSLEEALNALDLDREFLKAGGVFTDEAIDAYIALRREEDDRVRMTPHPVEFELYYSV
;
_entity_poly.pdbx_strand_id   A,B,C,D,E,F,G,H,I,J,K,L
#
# COMPACT_ATOMS: atom_id res chain seq x y z
N SER A 1 29.98 53.62 20.27
CA SER A 1 29.46 54.95 19.93
C SER A 1 28.68 54.98 18.62
N ALA A 2 27.80 55.95 18.36
CA ALA A 2 27.12 56.10 17.06
C ALA A 2 28.12 56.07 15.88
N GLU A 3 29.15 56.91 16.00
CA GLU A 3 30.28 56.99 15.08
C GLU A 3 30.85 55.64 14.62
N HIS A 4 31.07 54.77 15.60
CA HIS A 4 31.54 53.39 15.38
C HIS A 4 30.54 52.54 14.61
N VAL A 5 29.26 52.62 14.99
CA VAL A 5 28.22 51.85 14.30
C VAL A 5 28.17 52.29 12.83
N LEU A 6 28.17 53.61 12.63
CA LEU A 6 28.19 54.22 11.31
C LEU A 6 29.37 53.80 10.44
N THR A 7 30.55 53.54 11.01
CA THR A 7 31.64 53.01 10.18
C THR A 7 31.37 51.55 9.84
N MET A 8 30.99 50.69 10.80
CA MET A 8 30.68 49.28 10.54
C MET A 8 29.73 49.03 9.39
N LEU A 9 28.75 49.92 9.30
CA LEU A 9 27.80 49.94 8.20
C LEU A 9 28.49 49.95 6.83
N ASN A 10 29.48 50.83 6.62
CA ASN A 10 30.27 50.84 5.40
C ASN A 10 31.33 49.73 5.32
N GLU A 11 32.00 49.52 6.45
CA GLU A 11 33.05 48.54 6.69
C GLU A 11 32.61 47.07 6.50
N HIS A 12 31.29 46.89 6.50
CA HIS A 12 30.68 45.59 6.27
C HIS A 12 29.61 45.52 5.20
N GLU A 13 29.40 46.61 4.44
CA GLU A 13 28.32 46.70 3.44
C GLU A 13 26.97 46.16 3.93
N VAL A 14 26.74 46.59 5.17
CA VAL A 14 25.56 46.24 5.93
C VAL A 14 24.30 46.70 5.20
N LYS A 15 23.43 45.79 4.78
CA LYS A 15 22.17 46.16 4.13
C LYS A 15 20.99 46.50 5.05
N PHE A 16 21.04 45.89 6.23
CA PHE A 16 20.01 46.04 7.24
C PHE A 16 20.50 46.12 8.67
N VAL A 17 19.72 46.78 9.51
CA VAL A 17 19.98 46.83 10.94
C VAL A 17 18.77 46.19 11.66
N ASP A 18 19.08 45.24 12.54
CA ASP A 18 18.09 44.53 13.31
C ASP A 18 17.96 45.08 14.72
N LEU A 19 16.91 45.83 14.97
CA LEU A 19 16.66 46.32 16.33
C LEU A 19 16.11 45.20 17.19
N ARG A 20 16.84 44.85 18.24
CA ARG A 20 16.38 43.81 19.15
C ARG A 20 16.13 44.20 20.59
N PHE A 21 15.13 43.59 21.23
CA PHE A 21 14.87 43.80 22.65
C PHE A 21 14.27 42.57 23.32
N THR A 22 14.29 42.46 24.65
CA THR A 22 13.71 41.31 25.33
C THR A 22 12.40 41.71 25.99
N ASP A 23 11.42 40.83 25.99
CA ASP A 23 10.17 41.13 26.68
C ASP A 23 10.12 40.64 28.14
N THR A 24 8.97 40.76 28.81
CA THR A 24 8.88 40.33 30.22
C THR A 24 9.11 38.84 30.41
N LYS A 25 8.54 38.04 29.52
CA LYS A 25 8.81 36.61 29.57
C LYS A 25 10.25 36.21 29.29
N GLY A 26 11.02 37.08 28.63
CA GLY A 26 12.43 36.77 28.32
C GLY A 26 12.76 36.49 26.85
N LYS A 27 11.77 36.46 25.97
CA LYS A 27 11.99 36.28 24.55
C LYS A 27 12.43 37.54 23.82
N GLU A 28 13.55 37.35 23.13
CA GLU A 28 14.07 38.37 22.24
C GLU A 28 13.16 38.56 21.03
N GLN A 29 12.77 39.81 20.99
CA GLN A 29 11.99 40.41 19.92
C GLN A 29 12.92 41.15 18.98
N HIS A 30 12.44 41.40 17.77
CA HIS A 30 13.22 42.18 16.82
C HIS A 30 12.36 42.82 15.72
N VAL A 31 12.85 43.96 15.21
CA VAL A 31 12.27 44.65 14.06
C VAL A 31 13.45 45.13 13.19
N THR A 32 13.30 45.16 11.86
CA THR A 32 14.41 45.42 10.94
C THR A 32 14.24 46.70 10.13
N ILE A 33 15.31 47.49 10.15
CA ILE A 33 15.43 48.76 9.47
C ILE A 33 16.44 48.61 8.31
N PRO A 34 16.28 49.22 7.14
CA PRO A 34 17.30 49.27 6.11
C PRO A 34 18.48 50.09 6.64
N ALA A 35 19.75 49.71 6.43
CA ALA A 35 20.90 50.46 6.96
C ALA A 35 20.84 51.95 6.67
N HIS A 36 20.33 52.28 5.48
CA HIS A 36 20.09 53.69 5.13
C HIS A 36 19.11 54.48 6.00
N GLN A 37 18.65 53.99 7.16
CA GLN A 37 17.82 54.76 8.08
C GLN A 37 18.57 55.03 9.38
N VAL A 38 19.77 54.48 9.45
CA VAL A 38 20.62 54.70 10.59
C VAL A 38 21.46 55.94 10.24
N ASN A 39 21.19 56.97 11.03
CA ASN A 39 21.88 58.26 10.95
C ASN A 39 21.71 59.00 12.27
N ALA A 40 22.49 60.01 12.63
CA ALA A 40 22.34 60.82 13.86
C ALA A 40 21.02 60.77 14.66
N GLU A 41 19.92 61.27 14.05
CA GLU A 41 18.55 61.24 14.56
C GLU A 41 18.15 59.94 15.27
N PHE A 42 18.47 58.81 14.62
CA PHE A 42 18.23 57.47 15.11
C PHE A 42 18.87 57.25 16.47
N PHE A 43 20.20 57.28 16.60
CA PHE A 43 20.84 57.12 17.91
C PHE A 43 20.52 58.19 18.95
N GLU A 44 19.93 59.30 18.50
CA GLU A 44 19.56 60.43 19.34
C GLU A 44 18.16 60.24 19.98
N GLU A 45 17.18 60.17 19.09
CA GLU A 45 15.77 60.05 19.44
C GLU A 45 15.05 58.71 19.25
N GLY A 46 15.80 57.62 19.02
CA GLY A 46 15.27 56.29 18.82
C GLY A 46 14.26 56.04 17.69
N LYS A 47 13.60 54.88 17.70
CA LYS A 47 12.53 54.58 16.76
C LYS A 47 11.27 54.15 17.50
N MET A 48 10.15 54.76 17.15
CA MET A 48 8.85 54.46 17.75
C MET A 48 8.28 53.12 17.30
N PHE A 49 7.67 52.37 18.21
CA PHE A 49 6.96 51.16 17.83
C PHE A 49 5.70 50.96 18.66
N ASP A 50 4.80 50.10 18.20
CA ASP A 50 3.68 49.79 19.06
C ASP A 50 4.01 48.70 20.08
N GLY A 51 4.37 49.23 21.24
CA GLY A 51 4.63 48.41 22.43
C GLY A 51 3.42 47.63 22.92
N SER A 52 2.21 48.12 22.61
CA SER A 52 0.94 47.50 22.99
C SER A 52 0.76 45.99 22.78
N SER A 53 1.14 45.47 21.63
CA SER A 53 1.00 44.03 21.41
C SER A 53 2.15 43.18 21.94
N ILE A 54 3.08 43.77 22.69
CA ILE A 54 4.07 42.99 23.40
C ILE A 54 3.40 42.55 24.71
N GLY A 55 3.46 41.25 24.94
CA GLY A 55 2.89 40.63 26.13
C GLY A 55 3.34 41.22 27.48
N GLY A 56 2.36 41.82 28.16
CA GLY A 56 2.56 42.38 29.49
C GLY A 56 3.01 43.85 29.53
N TRP A 57 2.84 44.57 28.41
CA TRP A 57 3.24 45.97 28.29
C TRP A 57 2.18 47.07 28.08
N ASP A 64 2.08 53.12 21.91
CA ASP A 64 3.37 53.51 21.38
C ASP A 64 4.49 53.84 22.36
N MET A 65 5.66 53.30 22.03
CA MET A 65 6.86 53.42 22.85
C MET A 65 8.11 53.65 22.00
N VAL A 66 9.23 54.01 22.61
CA VAL A 66 10.43 54.20 21.81
C VAL A 66 11.59 53.23 22.07
N LEU A 67 12.06 52.66 20.98
CA LEU A 67 13.25 51.82 20.94
C LEU A 67 14.51 52.66 20.87
N MET A 68 15.30 52.66 21.93
CA MET A 68 16.53 53.43 21.96
C MET A 68 17.76 52.59 21.71
N PRO A 69 18.36 52.66 20.51
CA PRO A 69 19.49 51.84 20.15
C PRO A 69 20.69 51.99 21.09
N ASP A 70 21.22 50.91 21.69
CA ASP A 70 22.43 51.06 22.47
C ASP A 70 23.60 50.72 21.56
N ALA A 71 24.23 51.73 21.00
CA ALA A 71 25.33 51.51 20.04
C ALA A 71 26.55 50.73 20.52
N SER A 72 26.66 50.50 21.83
CA SER A 72 27.76 49.69 22.37
C SER A 72 27.56 48.22 21.99
N THR A 73 26.30 47.83 21.80
CA THR A 73 25.89 46.46 21.47
C THR A 73 25.97 45.99 20.03
N ALA A 74 26.46 46.78 19.07
CA ALA A 74 26.41 46.34 17.68
C ALA A 74 27.23 45.12 17.32
N VAL A 75 26.51 44.14 16.78
CA VAL A 75 27.13 42.90 16.31
C VAL A 75 26.63 42.53 14.93
N ILE A 76 27.45 41.96 14.08
CA ILE A 76 26.96 41.49 12.78
C ILE A 76 26.28 40.12 12.98
N ASP A 77 25.11 39.91 12.39
CA ASP A 77 24.36 38.66 12.53
C ASP A 77 24.97 37.49 11.77
N PRO A 78 25.42 36.38 12.37
CA PRO A 78 26.12 35.33 11.63
C PRO A 78 25.27 34.46 10.70
N PHE A 79 23.97 34.71 10.74
CA PHE A 79 23.03 33.85 10.04
C PHE A 79 22.17 34.48 8.94
N PHE A 80 21.69 35.73 9.05
CA PHE A 80 20.78 36.25 8.03
C PHE A 80 21.44 36.29 6.62
N ALA A 81 20.73 36.04 5.52
CA ALA A 81 21.39 36.05 4.21
C ALA A 81 22.00 37.38 3.74
N ASP A 82 21.37 38.50 4.09
CA ASP A 82 21.86 39.82 3.72
C ASP A 82 22.59 40.44 4.90
N SER A 83 23.63 41.21 4.64
CA SER A 83 24.42 41.76 5.73
C SER A 83 23.68 42.62 6.76
N THR A 84 23.59 42.06 7.95
CA THR A 84 22.84 42.74 9.00
C THR A 84 23.56 43.02 10.30
N LEU A 85 23.41 44.24 10.77
CA LEU A 85 24.01 44.61 12.02
C LEU A 85 22.91 44.61 13.07
N ILE A 86 23.06 43.80 14.10
CA ILE A 86 22.18 43.73 15.26
C ILE A 86 22.53 44.86 16.23
N ILE A 87 21.53 45.60 16.67
CA ILE A 87 21.74 46.60 17.71
C ILE A 87 20.69 46.36 18.80
N ARG A 88 21.12 46.02 20.00
CA ARG A 88 20.22 45.86 21.14
C ARG A 88 19.61 47.20 21.54
N CYS A 89 18.38 47.23 21.99
CA CYS A 89 17.72 48.47 22.36
C CYS A 89 17.16 48.56 23.78
N ASP A 90 16.90 49.76 24.29
CA ASP A 90 16.13 49.84 25.51
C ASP A 90 14.78 50.44 25.19
N ILE A 91 13.76 50.01 25.91
CA ILE A 91 12.43 50.54 25.72
C ILE A 91 12.25 51.76 26.60
N LEU A 92 12.14 52.90 25.97
CA LEU A 92 11.90 54.10 26.73
C LEU A 92 10.49 54.62 26.58
N GLU A 93 10.15 55.30 27.67
CA GLU A 93 8.89 55.99 27.77
C GLU A 93 8.96 57.23 26.86
N PRO A 94 8.06 57.40 25.89
CA PRO A 94 8.26 58.29 24.75
C PRO A 94 8.25 59.79 25.05
N GLY A 95 9.08 60.55 24.34
CA GLY A 95 9.21 62.00 24.57
C GLY A 95 10.01 62.30 25.85
N THR A 96 9.40 61.93 26.97
CA THR A 96 9.96 61.98 28.32
C THR A 96 11.25 61.18 28.54
N LEU A 97 11.43 60.17 27.68
CA LEU A 97 12.62 59.33 27.50
C LEU A 97 13.40 58.73 28.67
N GLN A 98 12.63 58.17 29.61
CA GLN A 98 13.24 57.62 30.83
C GLN A 98 13.44 56.11 30.86
N GLY A 99 12.60 55.32 30.19
CA GLY A 99 12.80 53.89 30.23
C GLY A 99 11.73 53.16 31.03
N TYR A 100 10.95 52.44 30.23
CA TYR A 100 9.80 51.69 30.68
C TYR A 100 10.00 50.92 31.98
N ASP A 101 9.28 51.12 33.08
CA ASP A 101 9.62 50.37 34.31
C ASP A 101 9.26 48.87 34.46
N ARG A 102 8.91 48.42 33.27
CA ARG A 102 8.47 47.11 32.86
C ARG A 102 9.43 46.47 31.84
N ASP A 103 10.35 47.28 31.29
CA ASP A 103 11.37 46.79 30.38
C ASP A 103 12.45 46.09 31.18
N PRO A 104 12.64 44.76 31.05
CA PRO A 104 13.65 44.02 31.79
C PRO A 104 15.07 44.53 31.65
N ARG A 105 15.51 45.06 30.49
CA ARG A 105 16.87 45.58 30.41
C ARG A 105 17.03 46.77 31.33
N SER A 106 16.10 47.72 31.25
CA SER A 106 16.08 48.87 32.17
C SER A 106 16.19 48.44 33.63
N ILE A 107 15.32 47.54 34.07
CA ILE A 107 15.40 46.98 35.42
C ILE A 107 16.79 46.45 35.75
N ALA A 108 17.46 45.71 34.86
CA ALA A 108 18.81 45.24 35.12
C ALA A 108 19.79 46.39 35.34
N LYS A 109 19.73 47.39 34.46
CA LYS A 109 20.58 48.57 34.56
C LYS A 109 20.36 49.32 35.88
N ARG A 110 19.09 49.48 36.28
CA ARG A 110 18.75 50.07 37.57
C ARG A 110 19.32 49.29 38.75
N ALA A 111 19.23 47.96 38.73
CA ALA A 111 19.85 47.16 39.78
C ALA A 111 21.37 47.38 39.87
N GLU A 112 22.06 47.56 38.74
CA GLU A 112 23.49 47.86 38.76
C GLU A 112 23.78 49.23 39.37
N ASP A 113 23.06 50.29 38.94
CA ASP A 113 23.22 51.61 39.52
C ASP A 113 22.87 51.66 41.01
N TYR A 114 21.79 51.04 41.44
CA TYR A 114 21.47 50.93 42.86
C TYR A 114 22.62 50.28 43.64
N LEU A 115 23.30 49.26 43.10
CA LEU A 115 24.45 48.67 43.76
C LEU A 115 25.55 49.72 44.01
N ARG A 116 25.79 50.53 42.97
CA ARG A 116 26.74 51.64 43.03
C ARG A 116 26.34 52.69 44.07
N ALA A 117 25.09 53.13 44.04
CA ALA A 117 24.53 54.07 45.00
C ALA A 117 24.59 53.60 46.45
N THR A 118 24.52 52.28 46.69
CA THR A 118 24.70 51.79 48.05
C THR A 118 26.17 51.74 48.45
N GLY A 119 27.09 51.90 47.50
CA GLY A 119 28.52 51.85 47.78
C GLY A 119 29.01 50.50 48.31
N ILE A 120 28.19 49.45 48.28
CA ILE A 120 28.61 48.14 48.78
C ILE A 120 29.69 47.56 47.85
N ALA A 121 29.58 47.87 46.57
CA ALA A 121 30.62 47.56 45.58
C ALA A 121 30.38 48.36 44.29
N ASP A 122 31.33 48.34 43.35
CA ASP A 122 31.14 49.04 42.07
C ASP A 122 30.55 48.14 41.00
N THR A 123 30.90 46.86 41.05
CA THR A 123 30.40 45.94 40.04
C THR A 123 29.89 44.59 40.53
N VAL A 124 28.84 44.10 39.85
CA VAL A 124 28.33 42.73 40.07
C VAL A 124 28.77 41.83 38.93
N LEU A 125 29.38 40.73 39.27
CA LEU A 125 29.74 39.77 38.26
C LEU A 125 28.92 38.47 38.26
N PHE A 126 28.32 38.23 37.09
CA PHE A 126 27.52 37.04 36.85
C PHE A 126 28.08 36.09 35.83
N GLY A 127 27.95 34.83 36.19
CA GLY A 127 28.37 33.73 35.33
C GLY A 127 27.36 32.60 35.28
N PRO A 128 26.39 32.67 34.36
CA PRO A 128 25.30 31.73 34.21
C PRO A 128 25.82 30.45 33.52
N GLU A 129 25.45 29.25 33.95
CA GLU A 129 25.86 28.03 33.24
C GLU A 129 24.62 27.42 32.55
N PRO A 130 24.04 27.96 31.46
CA PRO A 130 22.83 27.48 30.80
C PRO A 130 22.99 26.15 30.11
N GLU A 131 22.10 25.19 30.37
CA GLU A 131 22.16 23.94 29.63
C GLU A 131 21.03 23.86 28.63
N PHE A 132 21.24 23.10 27.56
CA PHE A 132 20.19 22.94 26.57
C PHE A 132 20.01 21.52 26.07
N PHE A 133 18.90 21.28 25.39
CA PHE A 133 18.71 20.01 24.70
C PHE A 133 18.67 20.22 23.19
N LEU A 134 19.23 19.25 22.52
CA LEU A 134 19.34 19.29 21.08
C LEU A 134 18.59 18.08 20.49
N PHE A 135 17.32 18.25 20.17
CA PHE A 135 16.49 17.16 19.63
C PHE A 135 16.34 17.14 18.09
N ASP A 136 15.90 16.04 17.43
CA ASP A 136 15.65 16.06 15.98
C ASP A 136 14.20 16.39 15.63
N ASP A 137 13.30 15.96 16.50
CA ASP A 137 11.89 16.09 16.26
C ASP A 137 11.14 16.29 17.55
N ILE A 138 10.31 17.31 17.59
CA ILE A 138 9.48 17.55 18.76
C ILE A 138 8.06 17.82 18.27
N ARG A 139 7.15 16.96 18.70
CA ARG A 139 5.74 17.13 18.36
C ARG A 139 4.93 17.20 19.62
N PHE A 140 3.96 18.07 19.65
CA PHE A 140 3.07 18.13 20.78
C PHE A 140 1.76 18.83 20.42
N GLY A 141 0.75 18.66 21.25
CA GLY A 141 -0.53 19.29 20.99
C GLY A 141 -1.52 18.97 22.09
N ALA A 142 -2.47 19.85 22.25
CA ALA A 142 -3.57 19.70 23.20
C ALA A 142 -4.84 20.19 22.45
N SER A 143 -5.91 19.43 22.63
CA SER A 143 -7.20 19.61 21.98
C SER A 143 -8.27 19.11 22.96
N ILE A 144 -9.57 19.37 22.79
CA ILE A 144 -10.60 18.81 23.67
C ILE A 144 -10.50 17.29 23.87
N SER A 145 -10.28 16.56 22.78
CA SER A 145 -10.24 15.10 22.75
C SER A 145 -8.93 14.48 23.20
N GLY A 146 -7.97 15.30 23.61
CA GLY A 146 -6.69 14.76 24.08
C GLY A 146 -5.48 15.71 24.05
N SER A 147 -4.33 15.15 24.40
CA SER A 147 -3.11 15.92 24.38
C SER A 147 -1.88 15.01 24.31
N HIS A 148 -0.76 15.53 23.82
CA HIS A 148 0.45 14.74 23.66
C HIS A 148 1.70 15.55 23.48
N VAL A 149 2.82 14.90 23.77
CA VAL A 149 4.13 15.41 23.40
C VAL A 149 4.98 14.17 23.06
N ALA A 150 5.77 14.33 22.03
CA ALA A 150 6.60 13.30 21.47
C ALA A 150 7.99 13.88 21.20
N ILE A 151 8.99 13.41 21.93
CA ILE A 151 10.36 13.87 21.77
C ILE A 151 11.16 12.84 20.97
N ASP A 152 11.92 13.31 20.01
CA ASP A 152 12.82 12.40 19.36
C ASP A 152 14.13 13.00 18.91
N ASP A 153 15.12 12.17 19.22
CA ASP A 153 16.50 12.43 18.86
C ASP A 153 17.28 11.14 18.69
N ILE A 154 18.19 11.20 17.73
CA ILE A 154 19.06 10.10 17.37
C ILE A 154 19.84 9.50 18.55
N GLU A 155 20.17 10.33 19.52
CA GLU A 155 20.86 9.91 20.74
C GLU A 155 19.96 9.37 21.85
N GLY A 156 18.65 9.35 21.61
CA GLY A 156 17.71 8.95 22.62
C GLY A 156 17.91 7.49 22.89
N ALA A 157 18.25 7.09 24.11
CA ALA A 157 18.44 5.69 24.47
C ALA A 157 17.32 4.77 23.99
N TRP A 158 16.12 5.35 23.95
CA TRP A 158 14.98 4.64 23.39
C TRP A 158 15.15 4.26 21.92
N ASN A 159 15.96 4.90 21.08
CA ASN A 159 16.13 4.44 19.71
C ASN A 159 17.03 3.23 19.44
N SER A 160 17.50 2.59 20.50
CA SER A 160 18.28 1.35 20.38
C SER A 160 17.58 0.24 19.57
N SER A 161 16.25 0.25 19.65
CA SER A 161 15.42 -0.71 18.93
C SER A 161 14.93 -0.32 17.54
N THR A 162 15.10 0.96 17.24
CA THR A 162 14.60 1.61 16.03
C THR A 162 15.18 1.18 14.69
N LYS A 163 14.34 0.94 13.69
CA LYS A 163 14.83 0.72 12.35
C LYS A 163 15.09 2.06 11.63
N TYR A 164 16.29 2.19 11.10
CA TYR A 164 16.66 3.42 10.43
C TYR A 164 16.92 3.48 8.92
N GLU A 165 16.95 2.38 8.14
CA GLU A 165 17.24 2.39 6.68
C GLU A 165 18.67 2.80 6.26
N GLY A 166 19.37 3.64 7.02
CA GLY A 166 20.81 3.66 6.85
C GLY A 166 21.43 2.46 7.61
N GLY A 167 20.73 2.04 8.66
CA GLY A 167 21.21 1.01 9.57
C GLY A 167 21.14 1.60 10.98
N ASN A 168 21.17 0.88 12.11
CA ASN A 168 20.99 1.61 13.35
C ASN A 168 22.30 2.04 13.99
N LYS A 169 23.45 1.39 13.81
CA LYS A 169 24.72 1.84 14.42
C LYS A 169 24.87 1.94 15.96
N GLY A 170 23.79 1.99 16.75
CA GLY A 170 23.79 1.77 18.21
C GLY A 170 24.74 2.47 19.20
N HIS A 171 25.63 3.39 18.84
CA HIS A 171 26.42 4.05 19.87
C HIS A 171 25.57 5.24 20.32
N ARG A 172 25.12 5.25 21.58
CA ARG A 172 24.13 6.26 21.98
C ARG A 172 24.23 6.51 23.49
N PRO A 173 24.10 7.71 24.09
CA PRO A 173 24.18 7.87 25.52
C PRO A 173 23.00 7.19 26.22
N GLY A 174 23.23 6.29 27.18
CA GLY A 174 22.14 5.69 27.96
C GLY A 174 21.35 6.72 28.79
N VAL A 175 20.30 6.45 29.61
CA VAL A 175 19.63 7.60 30.24
C VAL A 175 20.51 8.48 31.13
N LYS A 176 21.27 8.12 32.16
CA LYS A 176 22.10 9.18 32.77
C LYS A 176 23.57 9.17 32.33
N GLY A 177 23.76 8.64 31.12
CA GLY A 177 25.10 8.38 30.62
C GLY A 177 25.62 9.30 29.53
N GLY A 178 25.01 10.48 29.35
CA GLY A 178 25.48 11.46 28.38
C GLY A 178 26.75 12.19 28.79
N TYR A 179 27.07 12.05 30.09
CA TYR A 179 28.25 12.67 30.64
C TYR A 179 29.58 11.95 30.47
N PHE A 180 30.00 12.58 29.39
CA PHE A 180 31.28 12.62 28.71
C PHE A 180 31.84 11.68 27.66
N PRO A 181 31.20 10.61 27.18
CA PRO A 181 31.83 9.63 26.32
C PRO A 181 32.23 10.26 24.99
N VAL A 182 33.35 9.84 24.44
CA VAL A 182 33.78 10.37 23.16
C VAL A 182 32.86 10.00 21.99
N PRO A 183 32.93 10.70 20.86
CA PRO A 183 32.37 10.22 19.61
C PRO A 183 32.71 8.75 19.25
N PRO A 184 31.84 7.99 18.57
CA PRO A 184 30.52 8.38 18.13
C PRO A 184 29.37 8.44 19.13
N VAL A 185 29.54 8.12 20.42
CA VAL A 185 28.44 8.16 21.41
C VAL A 185 27.93 9.59 21.61
N ASP A 186 28.87 10.52 21.66
CA ASP A 186 28.49 11.91 21.68
C ASP A 186 28.40 12.36 20.22
N SER A 187 27.16 12.56 19.77
CA SER A 187 26.94 13.03 18.40
C SER A 187 27.21 14.52 18.15
N ALA A 188 27.31 15.32 19.21
CA ALA A 188 27.34 16.74 18.98
C ALA A 188 28.63 17.54 19.01
N GLN A 189 29.82 16.92 18.93
CA GLN A 189 31.09 17.63 18.95
C GLN A 189 31.17 18.79 17.94
N ASP A 190 30.93 18.50 16.65
CA ASP A 190 30.91 19.55 15.66
C ASP A 190 29.80 20.58 15.84
N ILE A 191 28.61 20.22 16.35
CA ILE A 191 27.58 21.23 16.58
C ILE A 191 27.98 22.11 17.76
N ARG A 192 28.48 21.56 18.86
CA ARG A 192 28.92 22.42 19.95
C ARG A 192 30.14 23.27 19.56
N SER A 193 31.21 22.77 18.91
CA SER A 193 32.35 23.60 18.51
C SER A 193 31.94 24.77 17.64
N GLU A 194 31.07 24.53 16.68
CA GLU A 194 30.49 25.57 15.83
C GLU A 194 29.72 26.64 16.58
N MET A 195 28.93 26.20 17.56
CA MET A 195 28.23 27.14 18.46
C MET A 195 29.26 27.96 19.23
N CYS A 196 30.40 27.36 19.63
CA CYS A 196 31.42 28.14 20.30
C CYS A 196 32.00 29.19 19.37
N LEU A 197 32.41 28.77 18.17
CA LEU A 197 32.95 29.71 17.19
C LEU A 197 31.95 30.82 16.87
N VAL A 198 30.66 30.57 16.57
CA VAL A 198 29.75 31.68 16.33
C VAL A 198 29.51 32.52 17.60
N MET A 199 29.50 31.98 18.82
CA MET A 199 29.35 32.81 20.01
C MET A 199 30.48 33.83 20.17
N GLU A 200 31.72 33.39 19.95
CA GLU A 200 32.85 34.29 20.03
C GLU A 200 32.80 35.36 18.94
N GLN A 201 32.38 34.99 17.73
CA GLN A 201 32.15 35.94 16.63
C GLN A 201 31.08 37.01 16.96
N MET A 202 30.25 36.70 17.96
CA MET A 202 29.27 37.64 18.49
C MET A 202 29.67 38.30 19.81
N GLY A 203 30.92 38.08 20.19
CA GLY A 203 31.50 38.73 21.35
C GLY A 203 31.49 37.97 22.67
N LEU A 204 31.20 36.67 22.65
CA LEU A 204 31.23 35.96 23.90
C LEU A 204 32.58 35.28 24.13
N VAL A 205 32.94 34.91 25.34
CA VAL A 205 34.16 34.13 25.45
C VAL A 205 33.91 32.74 25.97
N VAL A 206 34.02 31.78 25.07
CA VAL A 206 33.88 30.40 25.49
C VAL A 206 35.05 29.90 26.34
N GLU A 207 34.71 29.11 27.35
CA GLU A 207 35.70 28.48 28.22
C GLU A 207 35.79 26.98 28.06
N ALA A 208 34.64 26.38 27.81
CA ALA A 208 34.56 24.95 27.56
C ALA A 208 33.23 24.56 26.92
N HIS A 209 33.15 23.45 26.21
CA HIS A 209 31.86 22.95 25.77
C HIS A 209 31.88 21.45 25.95
N HIS A 210 30.79 20.86 26.39
CA HIS A 210 30.72 19.42 26.54
C HIS A 210 29.28 18.93 26.54
N HIS A 211 29.13 17.63 26.36
CA HIS A 211 27.83 16.99 26.49
C HIS A 211 27.44 16.90 27.96
N GLU A 212 26.17 17.07 28.27
CA GLU A 212 25.71 16.92 29.63
C GLU A 212 25.20 15.53 30.00
N VAL A 213 24.59 15.33 31.16
CA VAL A 213 24.25 14.01 31.66
C VAL A 213 23.18 13.22 30.91
N ALA A 214 22.18 13.95 30.45
CA ALA A 214 21.08 13.28 29.80
C ALA A 214 21.29 12.64 28.43
N THR A 215 20.65 11.49 28.24
CA THR A 215 20.51 10.90 26.90
C THR A 215 19.75 11.86 25.99
N ALA A 216 19.54 11.61 24.70
CA ALA A 216 18.75 12.51 23.82
C ALA A 216 19.15 14.00 23.76
N GLY A 217 20.47 14.20 23.71
CA GLY A 217 21.04 15.51 23.39
C GLY A 217 21.22 16.61 24.44
N GLN A 218 21.51 16.33 25.71
CA GLN A 218 21.78 17.45 26.60
C GLN A 218 23.20 17.97 26.39
N ASN A 219 23.35 19.27 26.22
CA ASN A 219 24.65 19.89 25.97
C ASN A 219 24.92 21.16 26.75
N GLU A 220 26.19 21.55 26.83
CA GLU A 220 26.54 22.77 27.53
C GLU A 220 27.73 23.48 26.93
N VAL A 221 27.55 24.76 26.67
CA VAL A 221 28.66 25.60 26.26
C VAL A 221 28.92 26.55 27.44
N ALA A 222 30.07 26.38 28.09
CA ALA A 222 30.48 27.22 29.22
C ALA A 222 31.09 28.55 28.78
N THR A 223 30.61 29.65 29.32
CA THR A 223 31.01 30.95 28.81
C THR A 223 31.57 31.96 29.85
N ARG A 224 32.65 32.72 29.61
CA ARG A 224 33.23 33.69 30.57
C ARG A 224 32.26 34.79 30.98
N PHE A 225 32.37 35.01 32.28
CA PHE A 225 31.55 35.95 33.03
C PHE A 225 31.52 37.38 32.55
N ASN A 226 30.58 38.05 33.16
CA ASN A 226 30.47 39.46 32.89
C ASN A 226 29.73 40.23 33.95
N THR A 227 29.67 41.53 33.75
CA THR A 227 28.87 42.35 34.63
C THR A 227 27.41 42.03 34.32
N MET A 228 26.56 42.08 35.33
CA MET A 228 25.16 41.75 35.19
C MET A 228 24.42 42.12 33.91
N THR A 229 24.07 43.38 33.57
CA THR A 229 23.35 43.59 32.31
C THR A 229 24.10 43.19 31.05
N LYS A 230 25.44 43.21 31.04
CA LYS A 230 26.13 42.76 29.84
C LYS A 230 26.00 41.25 29.71
N LYS A 231 26.08 40.53 30.82
CA LYS A 231 25.89 39.08 30.83
C LYS A 231 24.48 38.67 30.48
N ALA A 232 23.48 39.38 30.97
CA ALA A 232 22.10 39.14 30.58
C ALA A 232 21.92 39.24 29.07
N ASP A 233 22.49 40.27 28.43
CA ASP A 233 22.48 40.31 26.96
C ASP A 233 23.28 39.16 26.36
N GLU A 234 24.42 38.75 26.94
CA GLU A 234 25.16 37.60 26.42
C GLU A 234 24.36 36.30 26.53
N ILE A 235 23.46 36.17 27.51
CA ILE A 235 22.54 35.03 27.53
C ILE A 235 21.56 35.15 26.38
N GLN A 236 21.01 36.31 26.07
CA GLN A 236 20.16 36.44 24.88
C GLN A 236 20.92 36.13 23.59
N ILE A 237 22.21 36.47 23.45
CA ILE A 237 22.95 36.02 22.27
C ILE A 237 23.24 34.52 22.32
N TYR A 238 23.62 34.00 23.49
CA TYR A 238 23.88 32.58 23.71
C TYR A 238 22.72 31.71 23.20
N LYS A 239 21.54 32.00 23.73
CA LYS A 239 20.34 31.34 23.27
C LYS A 239 20.09 31.50 21.77
N TYR A 240 20.31 32.67 21.15
CA TYR A 240 20.07 32.85 19.72
C TYR A 240 20.98 31.99 18.84
N VAL A 241 22.25 31.95 19.22
CA VAL A 241 23.21 31.12 18.51
C VAL A 241 22.86 29.66 18.68
N VAL A 242 22.55 29.19 19.89
CA VAL A 242 22.17 27.79 20.07
C VAL A 242 20.95 27.44 19.23
N HIS A 243 19.87 28.23 19.34
CA HIS A 243 18.67 27.98 18.53
C HIS A 243 18.98 27.99 17.03
N ASN A 244 19.77 28.92 16.50
CA ASN A 244 20.04 28.93 15.07
C ASN A 244 21.12 28.02 14.51
N VAL A 245 22.20 27.73 15.23
CA VAL A 245 23.20 26.77 14.75
C VAL A 245 22.56 25.39 14.73
N ALA A 246 21.84 25.05 15.80
CA ALA A 246 21.11 23.79 15.88
C ALA A 246 20.21 23.62 14.64
N HIS A 247 19.50 24.71 14.34
CA HIS A 247 18.64 24.75 13.16
C HIS A 247 19.39 24.48 11.84
N ARG A 248 20.56 25.10 11.64
CA ARG A 248 21.40 24.86 10.46
C ARG A 248 21.84 23.41 10.34
N PHE A 249 22.06 22.80 11.50
CA PHE A 249 22.36 21.38 11.60
C PHE A 249 21.19 20.41 11.51
N GLY A 250 19.97 20.91 11.30
CA GLY A 250 18.80 20.03 11.20
C GLY A 250 18.24 19.56 12.53
N LYS A 251 18.76 20.14 13.59
CA LYS A 251 18.29 19.87 14.93
C LYS A 251 17.34 20.98 15.38
N THR A 252 16.81 20.81 16.57
CA THR A 252 16.00 21.81 17.25
C THR A 252 16.45 21.84 18.71
N ALA A 253 16.81 23.03 19.15
CA ALA A 253 17.25 23.20 20.51
C ALA A 253 16.18 23.75 21.41
N THR A 254 16.23 23.35 22.66
CA THR A 254 15.30 23.91 23.63
C THR A 254 15.89 24.17 25.00
N PHE A 255 15.55 25.33 25.54
CA PHE A 255 15.99 25.68 26.87
C PHE A 255 14.97 25.36 27.95
N MET A 256 13.92 24.56 27.69
CA MET A 256 12.99 24.32 28.77
C MET A 256 13.59 23.39 29.83
N PRO A 257 13.22 23.61 31.09
CA PRO A 257 13.94 23.07 32.26
C PRO A 257 13.93 21.54 32.34
N LYS A 258 12.74 21.00 32.07
CA LYS A 258 12.47 19.58 32.19
C LYS A 258 11.67 18.97 31.04
N PRO A 259 12.26 18.67 29.87
CA PRO A 259 11.50 18.09 28.77
C PRO A 259 11.20 16.61 28.93
N MET A 260 12.08 15.88 29.59
CA MET A 260 11.87 14.45 29.79
C MET A 260 11.82 14.05 31.24
N PHE A 261 10.84 13.24 31.63
CA PHE A 261 10.84 12.68 32.96
C PHE A 261 11.81 11.51 33.07
N GLY A 262 12.58 11.37 34.14
CA GLY A 262 13.43 10.19 34.29
C GLY A 262 14.88 10.33 33.83
N ASP A 263 15.17 11.57 33.47
CA ASP A 263 16.53 11.96 33.15
C ASP A 263 16.75 13.44 33.45
N ASN A 264 18.00 13.88 33.40
CA ASN A 264 18.38 15.23 33.68
C ASN A 264 17.59 16.39 33.08
N GLY A 265 17.50 17.41 33.92
CA GLY A 265 16.91 18.66 33.53
C GLY A 265 18.02 19.66 33.22
N SER A 266 17.62 20.62 32.44
CA SER A 266 18.49 21.72 32.08
C SER A 266 18.34 22.84 33.11
N GLY A 267 19.39 23.03 33.90
CA GLY A 267 19.45 24.17 34.79
C GLY A 267 20.42 25.26 34.33
N MET A 268 20.27 26.48 34.86
CA MET A 268 21.19 27.58 34.55
C MET A 268 21.78 28.11 35.86
N HIS A 269 22.90 27.54 36.29
CA HIS A 269 23.43 27.98 37.57
C HIS A 269 24.11 29.33 37.48
N CYS A 270 23.75 30.21 38.40
CA CYS A 270 24.40 31.50 38.43
C CYS A 270 25.53 31.59 39.42
N HIS A 271 26.72 31.73 38.87
CA HIS A 271 27.83 32.08 39.73
C HIS A 271 27.82 33.58 39.96
N MET A 272 27.92 34.03 41.20
CA MET A 272 27.98 35.44 41.48
C MET A 272 29.16 35.90 42.31
N SER A 273 29.53 37.13 42.03
CA SER A 273 30.58 37.81 42.78
C SER A 273 30.47 39.32 42.81
N LEU A 274 30.87 39.93 43.91
CA LEU A 274 30.87 41.38 44.03
C LEU A 274 32.26 42.00 44.08
N ALA A 275 32.40 43.16 43.49
CA ALA A 275 33.68 43.83 43.54
C ALA A 275 33.68 45.35 43.71
N LYS A 276 34.50 45.81 44.66
CA LYS A 276 34.71 47.23 44.92
C LYS A 276 36.13 47.53 44.51
N ASN A 277 36.42 48.68 43.93
CA ASN A 277 37.74 49.10 43.45
C ASN A 277 38.77 48.02 43.06
N GLY A 278 38.36 47.16 42.12
CA GLY A 278 39.22 46.08 41.63
C GLY A 278 39.46 44.88 42.57
N THR A 279 38.74 44.81 43.67
CA THR A 279 38.90 43.73 44.64
C THR A 279 37.61 42.99 44.94
N ASN A 280 37.80 41.69 45.05
CA ASN A 280 36.68 40.80 45.27
C ASN A 280 36.19 40.70 46.72
N LEU A 281 35.15 41.47 47.00
CA LEU A 281 34.48 41.44 48.28
C LEU A 281 34.06 40.07 48.81
N PHE A 282 33.84 39.10 47.93
CA PHE A 282 33.45 37.79 48.40
C PHE A 282 34.61 36.97 48.95
N SER A 283 35.84 37.32 48.62
CA SER A 283 36.99 36.67 49.23
C SER A 283 37.22 37.17 50.65
N GLY A 284 37.78 36.34 51.50
CA GLY A 284 38.03 36.70 52.87
C GLY A 284 38.53 35.53 53.73
N ASP A 285 38.27 35.69 55.01
CA ASP A 285 38.52 34.63 55.99
C ASP A 285 37.29 33.70 56.06
N LYS A 286 36.50 33.57 57.14
CA LYS A 286 35.26 32.80 57.20
C LYS A 286 35.12 31.43 56.47
N TYR A 287 33.93 30.86 56.27
CA TYR A 287 33.82 29.57 55.57
C TYR A 287 34.40 29.56 54.15
N ALA A 288 35.29 28.61 53.93
CA ALA A 288 35.88 28.37 52.61
C ALA A 288 36.43 29.55 51.79
N GLY A 289 37.09 30.49 52.48
CA GLY A 289 37.66 31.66 51.83
C GLY A 289 36.68 32.82 51.67
N LEU A 290 35.48 32.69 52.20
CA LEU A 290 34.50 33.74 52.05
C LEU A 290 34.58 34.89 53.02
N SER A 291 34.12 36.06 52.59
CA SER A 291 34.00 37.15 53.54
C SER A 291 32.68 37.11 54.33
N GLU A 292 32.58 37.89 55.41
CA GLU A 292 31.32 38.05 56.14
C GLU A 292 30.24 38.70 55.25
N GLN A 293 30.73 39.55 54.34
CA GLN A 293 29.97 40.26 53.31
C GLN A 293 29.24 39.27 52.37
N ALA A 294 30.01 38.28 51.94
CA ALA A 294 29.54 37.17 51.13
C ALA A 294 28.51 36.32 51.87
N LEU A 295 28.79 35.98 53.12
CA LEU A 295 27.82 35.26 53.93
C LEU A 295 26.48 35.97 54.04
N TYR A 296 26.46 37.29 54.21
CA TYR A 296 25.18 38.00 54.20
C TYR A 296 24.50 38.01 52.83
N TYR A 297 25.26 37.99 51.74
CA TYR A 297 24.71 37.84 50.38
C TYR A 297 23.94 36.50 50.32
N ILE A 298 24.59 35.39 50.70
CA ILE A 298 23.93 34.09 50.78
C ILE A 298 22.67 34.16 51.66
N GLY A 299 22.76 34.77 52.85
CA GLY A 299 21.61 34.97 53.72
C GLY A 299 20.46 35.71 53.04
N GLY A 300 20.73 36.73 52.23
CA GLY A 300 19.69 37.44 51.49
C GLY A 300 19.03 36.58 50.41
N VAL A 301 19.86 35.83 49.65
CA VAL A 301 19.34 34.89 48.65
C VAL A 301 18.45 33.87 49.34
N ILE A 302 18.94 33.16 50.36
CA ILE A 302 18.12 32.19 51.10
C ILE A 302 16.87 32.82 51.72
N LYS A 303 16.97 34.01 52.32
CA LYS A 303 15.81 34.74 52.84
C LYS A 303 14.73 34.99 51.78
N HIS A 304 15.14 35.29 50.56
CA HIS A 304 14.17 35.60 49.52
C HIS A 304 13.99 34.56 48.42
N ALA A 305 14.62 33.40 48.58
CA ALA A 305 14.59 32.32 47.60
C ALA A 305 13.25 32.04 46.94
N LYS A 306 12.15 31.82 47.66
CA LYS A 306 10.86 31.63 46.98
C LYS A 306 10.38 32.80 46.11
N ALA A 307 10.67 34.08 46.43
CA ALA A 307 10.30 35.17 45.53
C ALA A 307 11.23 35.19 44.32
N ILE A 308 12.52 34.89 44.56
CA ILE A 308 13.49 34.73 43.48
C ILE A 308 13.01 33.61 42.53
N ASN A 309 12.48 32.47 43.02
CA ASN A 309 11.98 31.40 42.16
C ASN A 309 10.95 31.84 41.12
N ALA A 310 10.08 32.79 41.46
CA ALA A 310 9.12 33.35 40.51
C ALA A 310 9.77 34.00 39.28
N LEU A 311 11.03 34.40 39.40
CA LEU A 311 11.78 35.00 38.32
C LEU A 311 12.89 34.08 37.76
N ALA A 312 13.56 33.31 38.63
CA ALA A 312 14.62 32.38 38.26
C ALA A 312 14.17 30.97 37.81
N ASN A 313 12.91 30.64 38.11
CA ASN A 313 12.23 29.40 37.74
C ASN A 313 10.78 29.67 37.30
N PRO A 314 10.55 30.44 36.23
CA PRO A 314 9.28 31.09 35.96
C PRO A 314 8.24 30.26 35.21
N THR A 315 8.51 28.98 35.00
CA THR A 315 7.62 28.15 34.19
C THR A 315 6.99 27.06 35.01
N THR A 316 5.76 26.57 34.77
CA THR A 316 5.32 25.39 35.54
C THR A 316 6.28 24.19 35.42
N ASN A 317 6.85 24.00 34.23
CA ASN A 317 7.84 22.96 33.97
C ASN A 317 9.10 23.07 34.83
N SER A 318 9.44 24.29 35.25
CA SER A 318 10.61 24.51 36.11
C SER A 318 10.64 23.66 37.36
N TYR A 319 9.45 23.49 37.92
CA TYR A 319 9.28 22.75 39.15
C TYR A 319 9.28 21.23 38.96
N LYS A 320 9.15 20.73 37.72
CA LYS A 320 9.40 19.31 37.47
C LYS A 320 10.89 18.96 37.64
N ARG A 321 11.77 19.97 37.50
CA ARG A 321 13.21 19.84 37.75
C ARG A 321 13.54 19.98 39.23
N LEU A 322 12.93 20.99 39.84
CA LEU A 322 13.10 21.22 41.25
C LEU A 322 12.24 20.33 42.14
N VAL A 323 12.47 19.03 42.05
CA VAL A 323 11.78 18.11 42.92
C VAL A 323 12.81 17.43 43.83
N PRO A 324 12.51 17.10 45.08
CA PRO A 324 13.40 16.42 46.02
C PRO A 324 14.47 15.39 45.60
N PRO A 329 18.43 20.26 43.42
CA PRO A 329 18.97 21.29 44.29
C PRO A 329 17.89 22.13 44.99
N VAL A 330 17.10 21.44 45.80
CA VAL A 330 16.01 22.12 46.49
C VAL A 330 16.29 22.77 47.84
N MET A 331 17.29 22.23 48.54
CA MET A 331 17.72 22.69 49.86
C MET A 331 18.40 24.06 49.94
N LEU A 332 17.74 25.06 50.52
CA LEU A 332 18.35 26.37 50.76
C LEU A 332 19.40 26.32 51.86
N ALA A 333 20.58 25.97 51.38
CA ALA A 333 21.74 25.81 52.23
C ALA A 333 23.02 26.06 51.46
N TYR A 334 24.02 26.68 52.10
CA TYR A 334 25.32 26.78 51.44
C TYR A 334 26.30 25.73 51.87
N SER A 335 27.17 25.38 50.95
CA SER A 335 28.24 24.42 51.22
C SER A 335 29.34 24.32 50.17
N ALA A 336 30.55 24.01 50.57
CA ALA A 336 31.61 23.69 49.61
C ALA A 336 31.57 22.17 49.33
N ARG A 337 31.08 21.42 50.33
CA ARG A 337 30.82 19.99 50.24
C ARG A 337 29.42 19.54 49.71
N ASN A 338 28.28 19.77 50.36
CA ASN A 338 26.97 19.28 49.89
C ASN A 338 26.37 19.69 48.51
N ARG A 339 26.62 19.02 47.37
CA ARG A 339 25.88 19.29 46.11
C ARG A 339 24.52 18.58 46.24
N SER A 340 23.70 19.33 46.94
CA SER A 340 22.35 19.02 47.42
C SER A 340 21.80 20.34 47.96
N ALA A 341 22.78 21.10 48.48
CA ALA A 341 22.65 22.50 48.82
C ALA A 341 22.57 23.32 47.53
N SER A 342 21.54 24.15 47.46
CA SER A 342 21.34 25.02 46.31
C SER A 342 22.33 26.19 46.22
N ILE A 343 23.10 26.44 47.28
CA ILE A 343 24.14 27.44 47.23
C ILE A 343 25.48 26.70 47.38
N ARG A 344 26.21 26.53 46.28
CA ARG A 344 27.54 25.92 46.33
C ARG A 344 28.62 26.99 46.40
N ILE A 345 29.56 26.84 47.32
CA ILE A 345 30.70 27.75 47.39
C ILE A 345 31.80 27.01 46.64
N PRO A 346 32.13 27.37 45.39
CA PRO A 346 33.05 26.64 44.54
C PRO A 346 34.44 26.64 45.18
N VAL A 347 35.09 25.49 45.20
CA VAL A 347 36.45 25.43 45.70
C VAL A 347 37.33 25.98 44.60
N VAL A 348 37.52 27.29 44.66
CA VAL A 348 38.37 27.95 43.70
C VAL A 348 39.84 27.59 43.89
N ALA A 349 40.32 27.47 45.15
CA ALA A 349 41.72 27.18 45.59
C ALA A 349 42.72 28.29 45.23
N SER A 350 42.55 28.64 43.97
CA SER A 350 43.05 29.82 43.30
C SER A 350 42.56 31.10 44.04
N PRO A 351 42.78 32.36 43.64
CA PRO A 351 43.06 33.41 44.61
C PRO A 351 41.97 34.22 45.31
N LYS A 352 41.19 34.77 44.41
CA LYS A 352 40.17 35.78 44.62
C LYS A 352 39.17 35.85 43.45
N ALA A 353 39.22 34.74 42.74
CA ALA A 353 38.08 34.27 41.96
C ALA A 353 37.08 33.58 42.92
N ARG A 354 37.10 33.95 44.21
CA ARG A 354 36.13 33.53 45.21
C ARG A 354 34.72 33.99 44.84
N ARG A 355 33.76 33.09 44.92
CA ARG A 355 32.40 33.42 44.48
C ARG A 355 31.36 32.50 45.07
N ILE A 356 30.10 32.89 45.00
CA ILE A 356 29.08 31.92 45.35
C ILE A 356 28.43 31.38 44.08
N GLU A 357 27.91 30.16 44.14
CA GLU A 357 27.17 29.61 43.02
C GLU A 357 25.74 29.26 43.41
N VAL A 358 24.72 29.91 42.88
CA VAL A 358 23.36 29.48 43.17
C VAL A 358 22.94 28.45 42.09
N ARG A 359 22.74 27.19 42.51
CA ARG A 359 22.39 26.11 41.60
C ARG A 359 20.95 25.99 41.13
N PHE A 360 19.99 26.63 41.78
CA PHE A 360 18.61 26.43 41.38
C PHE A 360 17.97 27.10 40.17
N PRO A 361 18.37 28.23 39.56
CA PRO A 361 17.65 28.81 38.42
C PRO A 361 17.70 27.97 37.15
N ASP A 362 16.89 28.25 36.13
CA ASP A 362 16.99 27.45 34.92
C ASP A 362 16.89 28.26 33.62
N PRO A 363 17.35 27.78 32.44
CA PRO A 363 17.36 28.55 31.19
C PRO A 363 16.04 29.21 30.80
N ALA A 364 14.91 28.84 31.40
CA ALA A 364 13.67 29.51 31.07
C ALA A 364 13.53 30.93 31.66
N ALA A 365 14.39 31.23 32.62
CA ALA A 365 14.39 32.51 33.30
C ALA A 365 14.76 33.72 32.44
N ASN A 366 14.07 34.85 32.66
CA ASN A 366 14.43 36.08 31.95
C ASN A 366 15.76 36.56 32.52
N PRO A 367 16.89 36.55 31.81
CA PRO A 367 18.20 36.70 32.43
C PRO A 367 18.31 38.07 33.12
N TYR A 368 17.65 39.10 32.57
CA TYR A 368 17.65 40.41 33.23
C TYR A 368 16.92 40.33 34.57
N LEU A 369 15.62 40.03 34.60
CA LEU A 369 14.90 39.93 35.87
C LEU A 369 15.47 38.88 36.84
N CYS A 370 15.96 37.73 36.35
CA CYS A 370 16.53 36.71 37.21
C CYS A 370 17.79 37.23 37.91
N PHE A 371 18.71 37.82 37.15
CA PHE A 371 19.92 38.38 37.74
C PHE A 371 19.64 39.59 38.62
N ALA A 372 18.78 40.52 38.20
CA ALA A 372 18.36 41.64 39.04
C ALA A 372 17.83 41.13 40.38
N ALA A 373 16.86 40.21 40.39
CA ALA A 373 16.38 39.62 41.64
C ALA A 373 17.46 38.90 42.45
N LEU A 374 18.38 38.08 41.89
CA LEU A 374 19.45 37.52 42.72
C LEU A 374 20.30 38.62 43.39
N LEU A 375 20.66 39.68 42.64
CA LEU A 375 21.44 40.81 43.15
C LEU A 375 20.69 41.52 44.26
N MET A 376 19.50 42.07 44.00
CA MET A 376 18.68 42.73 45.02
C MET A 376 18.49 41.87 46.29
N ALA A 377 18.28 40.55 46.18
CA ALA A 377 18.21 39.72 47.38
C ALA A 377 19.52 39.67 48.16
N GLY A 378 20.60 39.47 47.41
CA GLY A 378 21.94 39.44 47.99
C GLY A 378 22.35 40.73 48.70
N LEU A 379 22.01 41.89 48.12
CA LEU A 379 22.27 43.16 48.79
C LEU A 379 21.43 43.25 50.05
N ASP A 380 20.10 43.05 50.02
CA ASP A 380 19.28 43.02 51.23
C ASP A 380 19.85 42.14 52.37
N GLY A 381 20.59 41.08 52.04
CA GLY A 381 21.29 40.30 53.04
C GLY A 381 22.39 41.12 53.74
N ILE A 382 23.32 41.63 52.92
CA ILE A 382 24.41 42.53 53.34
C ILE A 382 23.85 43.70 54.16
N LYS A 383 22.97 44.46 53.51
CA LYS A 383 22.29 45.60 54.08
C LYS A 383 21.61 45.40 55.45
N ASN A 384 21.21 44.17 55.77
CA ASN A 384 20.61 43.85 57.06
C ASN A 384 21.35 42.74 57.82
N LYS A 385 22.66 42.50 57.59
CA LYS A 385 23.44 41.47 58.29
C LYS A 385 22.74 40.09 58.42
N ILE A 386 21.89 39.74 57.44
CA ILE A 386 21.12 38.49 57.44
C ILE A 386 22.08 37.31 57.37
N HIS A 387 22.55 36.90 58.54
CA HIS A 387 23.55 35.85 58.60
C HIS A 387 23.03 34.48 58.19
N PRO A 388 23.62 33.86 57.17
CA PRO A 388 23.13 32.63 56.53
C PRO A 388 22.96 31.46 57.50
N GLY A 389 24.01 31.05 58.23
CA GLY A 389 23.84 30.01 59.23
C GLY A 389 25.07 29.14 59.31
N GLU A 390 24.88 27.86 59.05
CA GLU A 390 25.98 26.90 59.03
C GLU A 390 25.88 25.98 57.80
N PRO A 391 26.99 25.58 57.21
CA PRO A 391 26.99 24.71 56.04
C PRO A 391 26.56 23.26 56.20
N MET A 392 25.53 22.87 55.45
CA MET A 392 25.20 21.45 55.36
C MET A 392 26.34 20.76 54.60
N ASP A 393 27.05 19.78 55.12
CA ASP A 393 28.12 19.15 54.34
C ASP A 393 28.06 17.64 54.14
N ILE A 407 15.30 22.50 57.65
CA ILE A 407 16.08 23.04 56.53
C ILE A 407 15.24 23.49 55.32
N PRO A 408 15.17 24.81 55.04
CA PRO A 408 14.21 25.40 54.12
C PRO A 408 14.47 25.10 52.63
N GLN A 409 13.40 25.07 51.84
CA GLN A 409 13.52 24.73 50.43
C GLN A 409 12.96 25.78 49.49
N VAL A 410 13.37 25.70 48.24
CA VAL A 410 12.83 26.52 47.15
C VAL A 410 11.32 26.37 46.98
N ALA A 411 10.62 27.32 46.36
CA ALA A 411 9.20 27.15 46.08
C ALA A 411 8.91 25.81 45.39
N GLY A 412 7.92 25.08 45.88
CA GLY A 412 7.56 23.79 45.30
C GLY A 412 6.68 23.87 44.05
N SER A 413 6.31 25.07 43.63
CA SER A 413 5.49 25.24 42.43
C SER A 413 5.48 26.67 41.96
N LEU A 414 5.11 26.91 40.71
CA LEU A 414 5.01 28.28 40.23
C LEU A 414 3.99 29.09 41.02
N GLU A 415 2.84 28.51 41.40
CA GLU A 415 1.83 29.23 42.18
C GLU A 415 2.40 29.72 43.51
N GLU A 416 3.15 28.83 44.15
CA GLU A 416 3.85 29.15 45.38
C GLU A 416 4.83 30.30 45.16
N ALA A 417 5.74 30.11 44.20
CA ALA A 417 6.70 31.14 43.82
C ALA A 417 6.03 32.48 43.51
N LEU A 418 4.95 32.52 42.73
CA LEU A 418 4.22 33.76 42.45
C LEU A 418 3.64 34.36 43.73
N ASN A 419 2.98 33.60 44.62
CA ASN A 419 2.48 34.15 45.88
C ASN A 419 3.60 34.80 46.71
N ALA A 420 4.69 34.07 46.79
CA ALA A 420 5.90 34.51 47.47
C ALA A 420 6.47 35.80 46.88
N LEU A 421 6.62 35.96 45.56
CA LEU A 421 7.04 37.24 44.97
C LEU A 421 6.06 38.33 45.34
N ASP A 422 4.76 38.05 45.20
CA ASP A 422 3.73 39.00 45.58
C ASP A 422 3.82 39.52 47.03
N LEU A 423 4.16 38.65 47.98
CA LEU A 423 4.30 39.08 49.38
C LEU A 423 5.67 39.60 49.78
N ASP A 424 6.74 39.04 49.21
CA ASP A 424 8.12 39.43 49.50
C ASP A 424 8.65 40.48 48.51
N ARG A 425 7.71 41.27 48.05
CA ARG A 425 7.86 42.34 47.11
C ARG A 425 8.84 43.47 47.44
N GLU A 426 9.03 43.75 48.74
CA GLU A 426 9.88 44.86 49.17
C GLU A 426 11.32 44.96 48.71
N PHE A 427 12.09 43.88 48.86
CA PHE A 427 13.50 43.92 48.46
C PHE A 427 13.69 44.16 46.96
N LEU A 428 12.71 43.78 46.12
CA LEU A 428 12.82 44.13 44.72
C LEU A 428 12.56 45.62 44.50
N LYS A 429 11.66 46.27 45.23
CA LYS A 429 11.34 47.69 45.03
C LYS A 429 12.39 48.73 45.46
N ALA A 430 13.39 48.28 46.23
CA ALA A 430 14.50 49.10 46.66
C ALA A 430 15.18 49.91 45.58
N GLY A 431 15.19 51.21 45.81
CA GLY A 431 15.76 52.15 44.87
C GLY A 431 15.08 52.19 43.50
N GLY A 432 13.82 51.81 43.37
CA GLY A 432 13.11 51.95 42.10
C GLY A 432 13.38 50.86 41.05
N VAL A 433 14.29 49.93 41.37
CA VAL A 433 14.55 48.73 40.58
C VAL A 433 13.18 48.01 40.63
N PHE A 434 12.34 47.73 39.63
CA PHE A 434 11.03 47.09 39.89
C PHE A 434 9.95 47.89 40.63
N THR A 435 8.98 48.32 39.86
CA THR A 435 7.80 48.95 40.45
C THR A 435 6.74 47.92 40.82
N ASP A 436 5.75 48.31 41.63
CA ASP A 436 4.59 47.45 41.84
C ASP A 436 3.86 47.08 40.57
N GLU A 437 3.64 47.98 39.61
CA GLU A 437 2.97 47.63 38.35
C GLU A 437 3.75 46.54 37.60
N ALA A 438 5.07 46.72 37.58
CA ALA A 438 5.99 45.76 37.00
C ALA A 438 5.83 44.39 37.64
N ILE A 439 5.92 44.31 38.98
CA ILE A 439 5.73 43.04 39.68
C ILE A 439 4.32 42.46 39.47
N ASP A 440 3.28 43.25 39.65
CA ASP A 440 1.91 42.80 39.38
C ASP A 440 1.64 42.29 37.96
N ALA A 441 2.14 42.95 36.91
CA ALA A 441 1.92 42.50 35.53
C ALA A 441 2.64 41.20 35.23
N TYR A 442 3.84 41.08 35.81
CA TYR A 442 4.61 39.84 35.76
C TYR A 442 3.79 38.71 36.33
N ILE A 443 3.37 38.81 37.61
CA ILE A 443 2.58 37.74 38.21
C ILE A 443 1.34 37.41 37.38
N ALA A 444 0.63 38.43 36.87
CA ALA A 444 -0.49 38.24 35.94
C ALA A 444 -0.16 37.36 34.73
N LEU A 445 0.96 37.63 34.04
CA LEU A 445 1.39 36.76 32.95
C LEU A 445 1.64 35.34 33.45
N ARG A 446 2.55 35.16 34.41
CA ARG A 446 2.81 33.83 34.92
C ARG A 446 1.60 33.04 35.46
N ARG A 447 0.55 33.74 35.93
CA ARG A 447 -0.65 33.06 36.38
C ARG A 447 -1.48 32.43 35.28
N GLU A 448 -1.69 33.16 34.18
CA GLU A 448 -2.41 32.68 33.00
C GLU A 448 -1.85 31.34 32.49
N GLU A 449 -0.52 31.29 32.54
CA GLU A 449 0.24 30.11 32.18
C GLU A 449 0.00 28.99 33.16
N ASP A 450 0.18 29.29 34.46
CA ASP A 450 -0.07 28.28 35.49
C ASP A 450 -1.50 27.71 35.39
N ASP A 451 -2.52 28.54 35.16
CA ASP A 451 -3.89 28.07 34.97
C ASP A 451 -4.11 27.08 33.83
N ARG A 452 -3.58 27.36 32.64
CA ARG A 452 -3.72 26.46 31.49
C ARG A 452 -3.15 25.08 31.83
N VAL A 453 -1.96 25.07 32.46
CA VAL A 453 -1.38 23.82 32.91
C VAL A 453 -2.23 23.17 34.03
N ARG A 454 -2.86 23.94 34.95
CA ARG A 454 -3.67 23.42 36.06
C ARG A 454 -5.02 22.80 35.65
N MET A 455 -5.67 23.41 34.66
CA MET A 455 -6.99 23.01 34.18
C MET A 455 -7.04 21.98 33.04
N THR A 456 -5.90 21.73 32.41
CA THR A 456 -5.84 20.74 31.34
C THR A 456 -5.52 19.36 31.89
N PRO A 457 -6.35 18.32 31.77
CA PRO A 457 -6.01 16.97 32.23
C PRO A 457 -4.74 16.42 31.62
N HIS A 458 -3.97 15.87 32.54
CA HIS A 458 -2.65 15.32 32.25
C HIS A 458 -2.77 13.87 31.78
N PRO A 459 -2.02 13.42 30.75
CA PRO A 459 -1.94 12.00 30.44
C PRO A 459 -1.71 11.03 31.60
N VAL A 460 -0.74 11.11 32.53
CA VAL A 460 -0.71 10.09 33.60
C VAL A 460 -1.95 10.06 34.50
N GLU A 461 -2.82 11.09 34.49
CA GLU A 461 -4.09 11.01 35.23
C GLU A 461 -4.96 9.92 34.58
N PHE A 462 -4.97 9.74 33.26
CA PHE A 462 -5.72 8.62 32.68
C PHE A 462 -5.14 7.29 33.11
N GLU A 463 -3.81 7.25 33.23
CA GLU A 463 -3.10 6.06 33.71
C GLU A 463 -3.49 5.68 35.15
N LEU A 464 -3.61 6.72 35.95
CA LEU A 464 -3.96 6.65 37.37
C LEU A 464 -5.43 6.45 37.71
N TYR A 465 -6.26 7.19 37.00
CA TYR A 465 -7.67 7.31 37.34
C TYR A 465 -8.71 6.89 36.30
N TYR A 466 -8.38 6.39 35.10
CA TYR A 466 -9.46 6.02 34.17
C TYR A 466 -10.34 4.90 34.70
N SER A 467 -9.73 3.87 35.29
CA SER A 467 -10.53 2.78 35.82
C SER A 467 -11.08 2.96 37.22
N VAL A 468 -11.23 4.24 37.59
CA VAL A 468 -11.87 4.57 38.85
C VAL A 468 -13.39 4.24 38.71
N SER B 1 56.35 18.26 26.01
CA SER B 1 56.41 19.40 26.94
C SER B 1 55.32 20.44 26.69
N ALA B 2 54.96 21.31 27.66
CA ALA B 2 54.03 22.41 27.44
C ALA B 2 54.39 23.25 26.21
N GLU B 3 55.66 23.68 26.17
CA GLU B 3 56.30 24.38 25.06
C GLU B 3 55.96 23.84 23.67
N HIS B 4 56.09 22.53 23.54
CA HIS B 4 55.76 21.80 22.32
C HIS B 4 54.27 21.86 21.97
N VAL B 5 53.41 21.66 22.96
CA VAL B 5 51.97 21.72 22.73
C VAL B 5 51.60 23.14 22.23
N LEU B 6 52.14 24.15 22.94
CA LEU B 6 51.97 25.53 22.58
C LEU B 6 52.42 25.88 21.17
N THR B 7 53.47 25.24 20.62
CA THR B 7 53.80 25.50 19.22
C THR B 7 52.79 24.82 18.30
N MET B 8 52.44 23.53 18.53
CA MET B 8 51.44 22.84 17.70
C MET B 8 50.14 23.59 17.48
N LEU B 9 49.71 24.26 18.55
CA LEU B 9 48.56 25.14 18.53
C LEU B 9 48.64 26.17 17.38
N ASN B 10 49.78 26.86 17.23
CA ASN B 10 49.98 27.78 16.11
C ASN B 10 50.31 27.09 14.79
N GLU B 11 51.15 26.07 14.89
CA GLU B 11 51.63 25.21 13.79
C GLU B 11 50.53 24.42 13.06
N HIS B 12 49.38 24.35 13.72
CA HIS B 12 48.20 23.70 13.16
C HIS B 12 46.92 24.51 13.17
N GLU B 13 46.98 25.80 13.54
CA GLU B 13 45.78 26.66 13.68
C GLU B 13 44.62 25.97 14.41
N VAL B 14 45.06 25.32 15.48
CA VAL B 14 44.23 24.55 16.36
C VAL B 14 43.15 25.44 17.00
N LYS B 15 41.87 25.20 16.72
CA LYS B 15 40.80 25.97 17.31
C LYS B 15 40.32 25.54 18.69
N PHE B 16 40.49 24.24 18.94
CA PHE B 16 40.08 23.62 20.18
C PHE B 16 41.04 22.55 20.72
N VAL B 17 41.01 22.37 22.03
CA VAL B 17 41.75 21.30 22.69
C VAL B 17 40.74 20.38 23.39
N ASP B 18 40.87 19.08 23.12
CA ASP B 18 40.00 18.08 23.68
C ASP B 18 40.67 17.35 24.84
N LEU B 19 40.24 17.69 26.05
CA LEU B 19 40.75 16.98 27.22
C LEU B 19 40.10 15.62 27.33
N ARG B 20 40.90 14.57 27.27
CA ARG B 20 40.37 13.21 27.39
C ARG B 20 40.87 12.37 28.55
N PHE B 21 40.00 11.53 29.10
CA PHE B 21 40.41 10.60 30.15
C PHE B 21 39.59 9.30 30.12
N THR B 22 40.03 8.23 30.77
CA THR B 22 39.27 6.97 30.78
C THR B 22 38.63 6.78 32.14
N ASP B 23 37.42 6.24 32.18
CA ASP B 23 36.80 5.95 33.46
C ASP B 23 37.05 4.52 33.97
N THR B 24 36.42 4.13 35.09
CA THR B 24 36.64 2.78 35.64
C THR B 24 36.22 1.66 34.70
N LYS B 25 35.06 1.83 34.06
CA LYS B 25 34.62 0.87 33.07
C LYS B 25 35.52 0.78 31.83
N GLY B 26 36.32 1.81 31.55
CA GLY B 26 37.20 1.80 30.38
C GLY B 26 36.81 2.74 29.22
N LYS B 27 35.68 3.41 29.32
CA LYS B 27 35.26 4.37 28.31
C LYS B 27 35.95 5.72 28.41
N GLU B 28 36.52 6.09 27.27
CA GLU B 28 37.10 7.41 27.11
C GLU B 28 36.01 8.49 27.10
N GLN B 29 36.25 9.34 28.07
CA GLN B 29 35.53 10.57 28.31
C GLN B 29 36.28 11.74 27.69
N HIS B 30 35.57 12.83 27.48
CA HIS B 30 36.22 14.03 26.98
C HIS B 30 35.43 15.32 27.28
N VAL B 31 36.17 16.42 27.41
CA VAL B 31 35.61 17.76 27.55
C VAL B 31 36.48 18.71 26.68
N THR B 32 35.89 19.73 26.06
CA THR B 32 36.59 20.57 25.08
C THR B 32 36.75 22.02 25.52
N ILE B 33 37.98 22.48 25.37
CA ILE B 33 38.43 23.82 25.71
C ILE B 33 38.77 24.57 24.41
N PRO B 34 38.49 25.86 24.23
CA PRO B 34 38.99 26.65 23.12
C PRO B 34 40.51 26.73 23.21
N ALA B 35 41.28 26.60 22.12
CA ALA B 35 42.76 26.65 22.20
C ALA B 35 43.29 27.84 22.98
N HIS B 36 42.61 28.98 22.83
CA HIS B 36 42.94 30.16 23.63
C HIS B 36 42.81 30.05 25.16
N GLN B 37 42.63 28.86 25.75
CA GLN B 37 42.65 28.69 27.20
C GLN B 37 43.84 27.85 27.64
N VAL B 38 44.59 27.40 26.64
CA VAL B 38 45.78 26.64 26.89
C VAL B 38 46.91 27.68 26.96
N ASN B 39 47.46 27.75 28.17
CA ASN B 39 48.58 28.63 28.51
C ASN B 39 49.25 28.11 29.78
N ALA B 40 50.49 28.47 30.12
CA ALA B 40 51.18 28.07 31.36
C ALA B 40 50.37 27.46 32.53
N GLU B 41 49.50 28.29 33.14
CA GLU B 41 48.55 27.91 34.21
C GLU B 41 47.87 26.55 34.04
N PHE B 42 47.39 26.31 32.82
CA PHE B 42 46.74 25.07 32.42
C PHE B 42 47.66 23.87 32.64
N PHE B 43 48.79 23.76 31.94
CA PHE B 43 49.69 22.62 32.18
C PHE B 43 50.31 22.54 33.58
N GLU B 44 50.18 23.62 34.35
CA GLU B 44 50.70 23.71 35.72
C GLU B 44 49.71 23.17 36.75
N GLU B 45 48.56 23.83 36.81
CA GLU B 45 47.49 23.53 37.75
C GLU B 45 46.21 22.82 37.25
N GLY B 46 46.24 22.28 36.03
CA GLY B 46 45.11 21.57 35.43
C GLY B 46 43.79 22.31 35.25
N LYS B 47 42.71 21.57 34.94
CA LYS B 47 41.36 22.13 34.87
C LYS B 47 40.41 21.33 35.75
N MET B 48 39.65 22.03 36.58
CA MET B 48 38.68 21.41 37.48
C MET B 48 37.44 20.91 36.77
N PHE B 49 36.93 19.76 37.16
CA PHE B 49 35.66 19.28 36.62
C PHE B 49 34.84 18.57 37.69
N ASP B 50 33.55 18.38 37.45
CA ASP B 50 32.80 17.57 38.38
C ASP B 50 32.93 16.08 38.08
N GLY B 51 33.88 15.52 38.82
CA GLY B 51 34.13 14.08 38.81
C GLY B 51 32.97 13.23 39.30
N SER B 52 32.11 13.83 40.13
CA SER B 52 30.92 13.19 40.70
C SER B 52 30.01 12.38 39.79
N SER B 53 29.66 12.90 38.63
CA SER B 53 28.81 12.14 37.72
C SER B 53 29.54 11.14 36.82
N ILE B 54 30.83 10.93 37.04
CA ILE B 54 31.52 9.85 36.36
C ILE B 54 31.25 8.59 37.20
N GLY B 55 30.78 7.57 36.50
CA GLY B 55 30.46 6.29 37.11
C GLY B 55 31.57 5.62 37.93
N GLY B 56 31.30 5.53 39.23
CA GLY B 56 32.20 4.87 40.19
C GLY B 56 33.26 5.78 40.82
N TRP B 57 33.06 7.09 40.76
CA TRP B 57 33.98 8.08 41.31
C TRP B 57 33.55 8.98 42.47
N ASP B 64 34.05 17.61 42.87
CA ASP B 64 35.10 18.23 42.05
C ASP B 64 36.51 17.65 42.14
N MET B 65 37.10 17.52 40.95
CA MET B 65 38.41 16.93 40.76
C MET B 65 39.23 17.69 39.73
N VAL B 66 40.53 17.41 39.61
CA VAL B 66 41.30 18.11 38.60
C VAL B 66 41.89 17.25 37.47
N LEU B 67 41.61 17.69 36.25
CA LEU B 67 42.17 17.13 35.03
C LEU B 67 43.57 17.69 34.78
N MET B 68 44.58 16.86 34.89
CA MET B 68 45.94 17.30 34.66
C MET B 68 46.47 16.90 33.29
N PRO B 69 46.56 17.84 32.33
CA PRO B 69 46.97 17.55 30.98
C PRO B 69 48.34 16.88 30.88
N ASP B 70 48.49 15.71 30.24
CA ASP B 70 49.83 15.17 30.05
C ASP B 70 50.29 15.61 28.66
N ALA B 71 51.07 16.68 28.61
CA ALA B 71 51.52 17.23 27.33
C ALA B 71 52.31 16.31 26.39
N SER B 72 52.77 15.17 26.90
CA SER B 72 53.47 14.20 26.06
C SER B 72 52.51 13.53 25.08
N THR B 73 51.23 13.47 25.48
CA THR B 73 50.16 12.85 24.70
C THR B 73 49.48 13.65 23.60
N ALA B 74 49.90 14.86 23.26
CA ALA B 74 49.17 15.64 22.29
C ALA B 74 49.13 15.10 20.86
N VAL B 75 47.90 14.90 20.40
CA VAL B 75 47.67 14.43 19.04
C VAL B 75 46.59 15.26 18.35
N ILE B 76 46.70 15.52 17.06
CA ILE B 76 45.62 16.21 16.37
C ILE B 76 44.50 15.20 16.03
N ASP B 77 43.25 15.55 16.29
CA ASP B 77 42.11 14.65 16.04
C ASP B 77 41.79 14.46 14.56
N PRO B 78 41.87 13.27 13.94
CA PRO B 78 41.68 13.14 12.49
C PRO B 78 40.26 13.30 11.96
N PHE B 79 39.32 13.48 12.90
CA PHE B 79 37.92 13.47 12.55
C PHE B 79 37.11 14.76 12.84
N PHE B 80 37.34 15.50 13.93
CA PHE B 80 36.49 16.64 14.23
C PHE B 80 36.53 17.71 13.11
N ALA B 81 35.44 18.42 12.78
CA ALA B 81 35.52 19.40 11.69
C ALA B 81 36.46 20.60 11.88
N ASP B 82 36.59 21.07 13.11
CA ASP B 82 37.47 22.20 13.44
C ASP B 82 38.76 21.68 14.01
N SER B 83 39.87 22.35 13.74
CA SER B 83 41.16 21.84 14.20
C SER B 83 41.32 21.64 15.71
N THR B 84 41.42 20.37 16.07
CA THR B 84 41.49 20.04 17.48
C THR B 84 42.68 19.19 17.93
N LEU B 85 43.28 19.64 19.02
CA LEU B 85 44.39 18.92 19.57
C LEU B 85 43.86 18.15 20.79
N ILE B 86 43.98 16.84 20.75
CA ILE B 86 43.65 15.93 21.86
C ILE B 86 44.81 15.92 22.86
N ILE B 87 44.50 16.09 24.13
CA ILE B 87 45.51 15.94 25.17
C ILE B 87 44.92 14.99 26.23
N ARG B 88 45.56 13.84 26.42
CA ARG B 88 45.15 12.90 27.46
C ARG B 88 45.42 13.48 28.85
N CYS B 89 44.59 13.19 29.83
CA CYS B 89 44.76 13.74 31.17
C CYS B 89 44.87 12.73 32.32
N ASP B 90 45.38 13.13 33.47
CA ASP B 90 45.23 12.28 34.64
C ASP B 90 44.30 12.96 35.60
N ILE B 91 43.54 12.17 36.32
CA ILE B 91 42.62 12.70 37.32
C ILE B 91 43.36 12.82 38.64
N LEU B 92 43.58 14.05 39.06
CA LEU B 92 44.21 14.25 40.33
C LEU B 92 43.25 14.73 41.39
N GLU B 93 43.68 14.36 42.59
CA GLU B 93 43.00 14.78 43.81
C GLU B 93 43.31 16.27 44.02
N PRO B 94 42.32 17.16 44.12
CA PRO B 94 42.47 18.59 43.93
C PRO B 94 43.27 19.33 45.00
N GLY B 95 44.04 20.34 44.61
CA GLY B 95 44.91 21.09 45.53
C GLY B 95 46.14 20.29 45.93
N THR B 96 45.87 19.22 46.67
CA THR B 96 46.84 18.20 47.10
C THR B 96 47.60 17.48 45.98
N LEU B 97 46.96 17.47 44.81
CA LEU B 97 47.49 17.03 43.52
C LEU B 97 48.25 15.72 43.32
N GLN B 98 47.72 14.67 43.93
CA GLN B 98 48.38 13.37 43.91
C GLN B 98 47.86 12.35 42.89
N GLY B 99 46.57 12.39 42.55
CA GLY B 99 46.09 11.42 41.58
C GLY B 99 45.17 10.39 42.19
N TYR B 100 43.93 10.54 41.77
CA TYR B 100 42.80 9.75 42.24
C TYR B 100 43.08 8.26 42.36
N ASP B 101 42.97 7.56 43.50
CA ASP B 101 43.34 6.13 43.51
C ASP B 101 42.41 5.07 42.89
N ARG B 102 41.49 5.69 42.18
CA ARG B 102 40.39 5.16 41.42
C ARG B 102 40.52 5.51 39.91
N ASP B 103 41.44 6.41 39.57
CA ASP B 103 41.70 6.76 38.19
C ASP B 103 42.55 5.65 37.56
N PRO B 104 42.03 4.89 36.58
CA PRO B 104 42.78 3.82 35.94
C PRO B 104 44.11 4.21 35.34
N ARG B 105 44.30 5.42 34.78
CA ARG B 105 45.62 5.77 34.26
C ARG B 105 46.63 5.83 35.39
N SER B 106 46.28 6.54 36.48
CA SER B 106 47.12 6.58 37.67
C SER B 106 47.55 5.20 38.14
N ILE B 107 46.57 4.30 38.34
CA ILE B 107 46.87 2.90 38.68
C ILE B 107 47.86 2.26 37.72
N ALA B 108 47.75 2.46 36.41
CA ALA B 108 48.73 1.90 35.47
C ALA B 108 50.13 2.45 35.72
N LYS B 109 50.23 3.77 35.87
CA LYS B 109 51.50 4.43 36.16
C LYS B 109 52.13 3.91 37.45
N ARG B 110 51.33 3.75 38.50
CA ARG B 110 51.77 3.16 39.76
C ARG B 110 52.31 1.75 39.59
N ALA B 111 51.61 0.90 38.83
CA ALA B 111 52.13 -0.44 38.55
C ALA B 111 53.48 -0.41 37.84
N GLU B 112 53.71 0.54 36.93
CA GLU B 112 55.03 0.67 36.30
C GLU B 112 56.12 1.09 37.29
N ASP B 113 55.88 2.12 38.11
CA ASP B 113 56.82 2.52 39.15
C ASP B 113 57.10 1.45 40.18
N TYR B 114 56.08 0.75 40.67
CA TYR B 114 56.28 -0.40 41.54
C TYR B 114 57.19 -1.45 40.91
N LEU B 115 57.07 -1.71 39.61
CA LEU B 115 57.97 -2.64 38.93
C LEU B 115 59.44 -2.19 39.06
N ARG B 116 59.65 -0.88 38.84
CA ARG B 116 60.94 -0.25 39.01
C ARG B 116 61.48 -0.33 40.44
N ALA B 117 60.64 0.01 41.42
CA ALA B 117 60.99 -0.08 42.83
C ALA B 117 61.32 -1.50 43.29
N THR B 118 60.74 -2.53 42.66
CA THR B 118 61.15 -3.90 42.99
C THR B 118 62.46 -4.28 42.33
N GLY B 119 62.94 -3.49 41.38
CA GLY B 119 64.18 -3.78 40.67
C GLY B 119 64.15 -5.07 39.85
N ILE B 120 62.99 -5.70 39.67
CA ILE B 120 62.91 -6.94 38.90
C ILE B 120 63.18 -6.64 37.42
N ALA B 121 62.78 -5.47 36.97
CA ALA B 121 63.12 -4.96 35.65
C ALA B 121 62.83 -3.45 35.57
N ASP B 122 63.26 -2.77 34.50
CA ASP B 122 62.97 -1.34 34.35
C ASP B 122 61.69 -1.08 33.57
N THR B 123 61.40 -1.97 32.61
CA THR B 123 60.21 -1.78 31.80
C THR B 123 59.35 -3.01 31.55
N VAL B 124 58.03 -2.77 31.49
CA VAL B 124 57.06 -3.79 31.07
C VAL B 124 56.59 -3.53 29.66
N LEU B 125 56.69 -4.53 28.82
CA LEU B 125 56.19 -4.39 27.47
C LEU B 125 54.92 -5.20 27.18
N PHE B 126 53.91 -4.45 26.74
CA PHE B 126 52.63 -5.02 26.36
C PHE B 126 52.27 -4.88 24.90
N GLY B 127 51.70 -5.96 24.40
CA GLY B 127 51.25 -6.03 23.03
C GLY B 127 49.88 -6.69 22.91
N PRO B 128 48.79 -5.91 23.02
CA PRO B 128 47.42 -6.38 23.01
C PRO B 128 47.01 -6.69 21.56
N GLU B 129 46.31 -7.77 21.27
CA GLU B 129 45.83 -8.05 19.92
C GLU B 129 44.29 -7.88 19.89
N PRO B 130 43.67 -6.67 19.97
CA PRO B 130 42.24 -6.44 20.03
C PRO B 130 41.51 -6.79 18.75
N GLU B 131 40.44 -7.58 18.83
CA GLU B 131 39.64 -7.81 17.64
C GLU B 131 38.33 -7.07 17.70
N PHE B 132 37.76 -6.76 16.54
CA PHE B 132 36.49 -6.07 16.54
C PHE B 132 35.50 -6.60 15.49
N PHE B 133 34.25 -6.22 15.64
CA PHE B 133 33.27 -6.50 14.61
C PHE B 133 32.78 -5.21 13.95
N LEU B 134 32.55 -5.35 12.66
CA LEU B 134 32.15 -4.23 11.84
C LEU B 134 30.77 -4.53 11.22
N PHE B 135 29.69 -4.14 11.89
CA PHE B 135 28.32 -4.41 11.43
C PHE B 135 27.65 -3.25 10.67
N ASP B 136 26.55 -3.44 9.91
CA ASP B 136 25.84 -2.32 9.28
C ASP B 136 24.69 -1.79 10.13
N ASP B 137 24.07 -2.69 10.87
CA ASP B 137 22.89 -2.39 11.64
C ASP B 137 22.85 -3.22 12.90
N ILE B 138 22.65 -2.56 14.02
CA ILE B 138 22.51 -3.26 15.28
C ILE B 138 21.31 -2.67 16.00
N ARG B 139 20.32 -3.52 16.25
CA ARG B 139 19.14 -3.11 16.98
C ARG B 139 18.96 -3.99 18.19
N PHE B 140 18.58 -3.43 19.30
CA PHE B 140 18.30 -4.22 20.47
C PHE B 140 17.43 -3.45 21.45
N GLY B 141 16.83 -4.16 22.39
CA GLY B 141 15.99 -3.52 23.38
C GLY B 141 15.44 -4.52 24.36
N ALA B 142 15.13 -4.04 25.55
CA ALA B 142 14.50 -4.83 26.60
C ALA B 142 13.42 -3.90 27.23
N SER B 143 12.26 -4.49 27.49
CA SER B 143 11.07 -3.84 28.01
C SER B 143 10.33 -4.87 28.85
N ILE B 144 9.33 -4.53 29.68
CA ILE B 144 8.56 -5.54 30.41
C ILE B 144 8.00 -6.67 29.54
N SER B 145 7.46 -6.31 28.38
CA SER B 145 6.80 -7.25 27.46
C SER B 145 7.75 -8.03 26.56
N GLY B 146 9.04 -7.85 26.73
CA GLY B 146 10.00 -8.60 25.91
C GLY B 146 11.42 -7.99 25.75
N SER B 147 12.21 -8.67 24.93
CA SER B 147 13.55 -8.19 24.67
C SER B 147 14.09 -8.76 23.38
N HIS B 148 15.07 -8.09 22.77
CA HIS B 148 15.63 -8.51 21.49
C HIS B 148 16.96 -7.90 21.16
N VAL B 149 17.67 -8.58 20.28
CA VAL B 149 18.84 -8.02 19.61
C VAL B 149 18.83 -8.58 18.19
N ALA B 150 19.18 -7.72 17.27
CA ALA B 150 19.18 -7.98 15.85
C ALA B 150 20.47 -7.45 15.24
N ILE B 151 21.33 -8.34 14.78
CA ILE B 151 22.60 -7.96 14.17
C ILE B 151 22.50 -8.06 12.65
N ASP B 152 22.98 -7.04 11.97
CA ASP B 152 23.06 -7.17 10.54
C ASP B 152 24.24 -6.48 9.89
N ASP B 153 24.77 -7.28 8.99
CA ASP B 153 25.87 -6.89 8.14
C ASP B 153 25.85 -7.62 6.82
N ILE B 154 26.27 -6.88 5.80
CA ILE B 154 26.35 -7.35 4.42
C ILE B 154 27.12 -8.65 4.24
N GLU B 155 28.12 -8.88 5.08
CA GLU B 155 28.93 -10.09 5.09
C GLU B 155 28.34 -11.26 5.88
N GLY B 156 27.18 -11.04 6.50
CA GLY B 156 26.59 -12.04 7.36
C GLY B 156 26.17 -13.21 6.50
N ALA B 157 26.71 -14.40 6.73
CA ALA B 157 26.34 -15.59 5.95
C ALA B 157 24.83 -15.78 5.79
N TRP B 158 24.12 -15.33 6.83
CA TRP B 158 22.67 -15.34 6.75
C TRP B 158 22.09 -14.45 5.63
N ASN B 159 22.76 -13.42 5.09
CA ASN B 159 22.19 -12.70 3.97
C ASN B 159 22.26 -13.29 2.58
N SER B 160 22.73 -14.54 2.48
CA SER B 160 22.75 -15.28 1.21
C SER B 160 21.38 -15.36 0.51
N SER B 161 20.33 -15.36 1.33
CA SER B 161 18.96 -15.42 0.84
C SER B 161 18.24 -14.09 0.61
N THR B 162 18.87 -13.03 1.12
CA THR B 162 18.33 -11.68 1.15
C THR B 162 18.12 -10.96 -0.17
N LYS B 163 16.97 -10.32 -0.35
CA LYS B 163 16.78 -9.45 -1.51
C LYS B 163 17.35 -8.06 -1.23
N TYR B 164 18.21 -7.60 -2.14
CA TYR B 164 18.83 -6.30 -1.97
C TYR B 164 18.52 -5.13 -2.91
N GLU B 165 17.77 -5.24 -4.01
CA GLU B 165 17.48 -4.13 -4.96
C GLU B 165 18.68 -3.61 -5.76
N GLY B 166 19.91 -3.66 -5.27
CA GLY B 166 21.04 -3.57 -6.18
C GLY B 166 21.25 -4.94 -6.86
N GLY B 167 20.87 -5.98 -6.14
CA GLY B 167 21.10 -7.36 -6.55
C GLY B 167 21.82 -8.04 -5.39
N ASN B 168 21.92 -9.38 -5.24
CA ASN B 168 22.56 -9.84 -4.02
C ASN B 168 24.05 -10.09 -4.18
N LYS B 169 24.61 -10.42 -5.34
CA LYS B 169 26.07 -10.62 -5.48
C LYS B 169 26.80 -11.74 -4.67
N GLY B 170 26.22 -12.29 -3.59
CA GLY B 170 26.64 -13.53 -2.92
C GLY B 170 28.09 -13.87 -2.53
N HIS B 171 29.11 -13.03 -2.68
CA HIS B 171 30.42 -13.41 -2.18
C HIS B 171 30.45 -12.96 -0.72
N ARG B 172 30.53 -13.89 0.23
CA ARG B 172 30.33 -13.51 1.63
C ARG B 172 31.07 -14.51 2.55
N PRO B 173 31.74 -14.18 3.67
CA PRO B 173 32.39 -15.17 4.50
C PRO B 173 31.37 -16.09 5.15
N GLY B 174 31.48 -17.42 4.99
CA GLY B 174 30.59 -18.37 5.69
C GLY B 174 30.73 -18.31 7.22
N VAL B 175 30.05 -19.07 8.11
CA VAL B 175 30.26 -18.78 9.54
C VAL B 175 31.70 -18.91 10.04
N LYS B 176 32.52 -19.95 9.94
CA LYS B 176 33.90 -19.77 10.42
C LYS B 176 34.93 -19.48 9.32
N GLY B 177 34.40 -18.91 8.23
CA GLY B 177 35.19 -18.74 7.03
C GLY B 177 35.65 -17.33 6.70
N GLY B 178 35.65 -16.42 7.67
CA GLY B 178 36.12 -15.06 7.46
C GLY B 178 37.64 -14.94 7.39
N TYR B 179 38.30 -16.03 7.80
CA TYR B 179 39.74 -16.08 7.80
C TYR B 179 40.42 -16.47 6.50
N PHE B 180 40.67 -15.25 6.05
CA PHE B 180 41.49 -14.75 4.94
C PHE B 180 41.13 -14.58 3.49
N PRO B 181 39.95 -14.88 2.97
CA PRO B 181 39.70 -14.88 1.54
C PRO B 181 39.83 -13.47 0.96
N VAL B 182 40.35 -13.36 -0.24
CA VAL B 182 40.49 -12.06 -0.87
C VAL B 182 39.15 -11.38 -1.18
N PRO B 183 39.13 -10.07 -1.41
CA PRO B 183 38.00 -9.41 -2.05
C PRO B 183 37.48 -10.10 -3.33
N PRO B 184 36.17 -10.05 -3.65
CA PRO B 184 35.12 -9.42 -2.89
C PRO B 184 34.58 -10.10 -1.63
N VAL B 185 35.02 -11.30 -1.24
CA VAL B 185 34.51 -11.99 -0.03
C VAL B 185 34.82 -11.20 1.24
N ASP B 186 36.05 -10.66 1.29
CA ASP B 186 36.38 -9.76 2.35
C ASP B 186 35.98 -8.36 1.90
N SER B 187 34.91 -7.84 2.49
CA SER B 187 34.46 -6.49 2.17
C SER B 187 35.27 -5.35 2.78
N ALA B 188 36.11 -5.64 3.77
CA ALA B 188 36.71 -4.54 4.49
C ALA B 188 38.14 -4.08 4.24
N GLN B 189 38.78 -4.48 3.14
CA GLN B 189 40.15 -4.07 2.83
C GLN B 189 40.39 -2.56 2.93
N ASP B 190 39.61 -1.76 2.20
CA ASP B 190 39.72 -0.31 2.31
C ASP B 190 39.36 0.25 3.69
N ILE B 191 38.42 -0.33 4.44
CA ILE B 191 38.12 0.18 5.78
C ILE B 191 39.27 -0.16 6.72
N ARG B 192 39.82 -1.37 6.70
CA ARG B 192 40.96 -1.66 7.54
C ARG B 192 42.22 -0.86 7.13
N SER B 193 42.60 -0.72 5.85
CA SER B 193 43.78 0.08 5.48
C SER B 193 43.68 1.52 5.96
N GLU B 194 42.51 2.13 5.80
CA GLU B 194 42.21 3.46 6.30
C GLU B 194 42.35 3.61 7.81
N MET B 195 41.86 2.61 8.55
CA MET B 195 42.05 2.56 9.99
C MET B 195 43.54 2.47 10.31
N CYS B 196 44.32 1.73 9.51
CA CYS B 196 45.77 1.70 9.73
C CYS B 196 46.38 3.06 9.53
N LEU B 197 46.09 3.70 8.39
CA LEU B 197 46.61 5.03 8.12
C LEU B 197 46.20 6.02 9.20
N VAL B 198 44.93 6.14 9.62
CA VAL B 198 44.62 7.06 10.71
C VAL B 198 45.27 6.66 12.05
N MET B 199 45.45 5.37 12.38
CA MET B 199 46.13 5.00 13.62
C MET B 199 47.58 5.51 13.66
N GLU B 200 48.29 5.35 12.55
CA GLU B 200 49.67 5.84 12.49
C GLU B 200 49.73 7.36 12.57
N GLN B 201 48.79 8.07 11.94
CA GLN B 201 48.64 9.53 12.07
C GLN B 201 48.39 9.99 13.52
N MET B 202 47.93 9.06 14.34
CA MET B 202 47.76 9.30 15.78
C MET B 202 48.85 8.69 16.66
N GLY B 203 49.90 8.24 16.00
CA GLY B 203 51.09 7.76 16.67
C GLY B 203 51.20 6.26 16.93
N LEU B 204 50.36 5.44 16.31
CA LEU B 204 50.50 4.02 16.54
C LEU B 204 51.35 3.37 15.46
N VAL B 205 51.93 2.18 15.68
CA VAL B 205 52.60 1.56 14.56
C VAL B 205 51.93 0.28 14.14
N VAL B 206 51.26 0.33 13.01
CA VAL B 206 50.65 -0.87 12.48
C VAL B 206 51.67 -1.88 11.96
N GLU B 207 51.40 -3.15 12.22
CA GLU B 207 52.22 -4.25 11.74
C GLU B 207 51.54 -5.10 10.69
N ALA B 208 50.24 -5.26 10.86
CA ALA B 208 49.43 -5.99 9.90
C ALA B 208 47.94 -5.73 10.10
N HIS B 209 47.10 -5.89 9.09
CA HIS B 209 45.67 -5.84 9.30
C HIS B 209 45.07 -6.95 8.46
N HIS B 210 44.06 -7.63 8.99
CA HIS B 210 43.41 -8.68 8.24
C HIS B 210 42.00 -8.95 8.78
N HIS B 211 41.21 -9.64 7.98
CA HIS B 211 39.91 -10.12 8.41
C HIS B 211 40.08 -11.29 9.39
N GLU B 212 39.23 -11.36 10.40
CA GLU B 212 39.28 -12.48 11.31
C GLU B 212 38.35 -13.65 10.97
N VAL B 213 38.18 -14.63 11.83
CA VAL B 213 37.47 -15.87 11.50
C VAL B 213 35.98 -15.77 11.24
N ALA B 214 35.33 -14.93 12.02
CA ALA B 214 33.90 -14.81 11.91
C ALA B 214 33.29 -14.20 10.65
N THR B 215 32.16 -14.78 10.22
CA THR B 215 31.31 -14.14 9.22
C THR B 215 30.80 -12.79 9.76
N ALA B 216 30.05 -11.96 9.03
CA ALA B 216 29.52 -10.70 9.56
C ALA B 216 30.51 -9.69 10.19
N GLY B 217 31.66 -9.57 9.52
CA GLY B 217 32.60 -8.49 9.80
C GLY B 217 33.64 -8.59 10.93
N GLN B 218 34.19 -9.74 11.30
CA GLN B 218 35.25 -9.71 12.29
C GLN B 218 36.56 -9.25 11.66
N ASN B 219 37.23 -8.28 12.27
CA ASN B 219 38.48 -7.74 11.75
C ASN B 219 39.57 -7.52 12.79
N GLU B 220 40.81 -7.37 12.33
CA GLU B 220 41.90 -7.13 13.24
C GLU B 220 42.97 -6.24 12.66
N VAL B 221 43.34 -5.22 13.39
CA VAL B 221 44.47 -4.40 13.03
C VAL B 221 45.54 -4.69 14.09
N ALA B 222 46.63 -5.32 13.67
CA ALA B 222 47.75 -5.66 14.55
C ALA B 222 48.71 -4.49 14.77
N THR B 223 49.03 -4.17 16.01
CA THR B 223 49.77 -2.95 16.28
C THR B 223 51.05 -3.10 17.13
N ARG B 224 52.21 -2.47 16.83
CA ARG B 224 53.46 -2.59 17.60
C ARG B 224 53.33 -2.15 19.05
N PHE B 225 53.99 -3.01 19.83
CA PHE B 225 54.03 -2.95 21.28
C PHE B 225 54.50 -1.64 21.90
N ASN B 226 54.25 -1.64 23.20
CA ASN B 226 54.72 -0.52 23.96
C ASN B 226 54.85 -0.82 25.44
N THR B 227 55.33 0.18 26.14
CA THR B 227 55.38 0.07 27.59
C THR B 227 53.94 0.15 28.08
N MET B 228 53.64 -0.57 29.14
CA MET B 228 52.28 -0.63 29.69
C MET B 228 51.40 0.62 29.66
N THR B 229 51.58 1.70 30.45
CA THR B 229 50.64 2.83 30.31
C THR B 229 50.61 3.48 28.94
N LYS B 230 51.70 3.48 28.18
CA LYS B 230 51.64 4.07 26.85
C LYS B 230 50.78 3.20 25.93
N LYS B 231 50.91 1.88 26.06
CA LYS B 231 50.09 0.94 25.29
C LYS B 231 48.63 0.99 25.67
N ALA B 232 48.33 1.11 26.96
CA ALA B 232 46.94 1.30 27.40
C ALA B 232 46.31 2.52 26.75
N ASP B 233 47.02 3.65 26.69
CA ASP B 233 46.51 4.80 25.94
C ASP B 233 46.41 4.49 24.44
N GLU B 234 47.35 3.74 23.85
CA GLU B 234 47.23 3.36 22.43
C GLU B 234 46.02 2.48 22.17
N ILE B 235 45.57 1.68 23.15
CA ILE B 235 44.33 0.94 23.01
C ILE B 235 43.16 1.93 23.02
N GLN B 236 43.15 2.94 23.89
CA GLN B 236 42.10 3.96 23.82
C GLN B 236 42.11 4.71 22.49
N ILE B 237 43.26 4.99 21.87
CA ILE B 237 43.23 5.57 20.52
C ILE B 237 42.78 4.56 19.47
N TYR B 238 43.26 3.32 19.57
CA TYR B 238 42.90 2.22 18.67
C TYR B 238 41.39 2.08 18.55
N LYS B 239 40.75 1.92 19.70
CA LYS B 239 39.31 1.87 19.74
C LYS B 239 38.65 3.13 19.18
N TYR B 240 39.14 4.34 19.43
CA TYR B 240 38.52 5.56 18.90
C TYR B 240 38.54 5.64 17.38
N VAL B 241 39.68 5.29 16.81
CA VAL B 241 39.83 5.27 15.38
C VAL B 241 38.93 4.20 14.77
N VAL B 242 38.90 2.99 15.32
CA VAL B 242 38.01 1.95 14.79
C VAL B 242 36.55 2.40 14.85
N HIS B 243 36.09 2.87 16.01
CA HIS B 243 34.70 3.36 16.12
C HIS B 243 34.42 4.50 15.13
N ASN B 244 35.31 5.48 14.96
CA ASN B 244 35.01 6.57 14.03
C ASN B 244 35.27 6.36 12.54
N VAL B 245 36.28 5.59 12.12
CA VAL B 245 36.46 5.30 10.71
C VAL B 245 35.30 4.44 10.22
N ALA B 246 34.95 3.44 11.02
CA ALA B 246 33.79 2.59 10.73
C ALA B 246 32.55 3.44 10.48
N HIS B 247 32.36 4.41 11.40
CA HIS B 247 31.27 5.36 11.28
C HIS B 247 31.29 6.16 9.96
N ARG B 248 32.45 6.68 9.54
CA ARG B 248 32.60 7.41 8.28
C ARG B 248 32.23 6.53 7.07
N PHE B 249 32.54 5.25 7.21
CA PHE B 249 32.18 4.25 6.21
C PHE B 249 30.75 3.72 6.27
N GLY B 250 29.91 4.24 7.17
CA GLY B 250 28.52 3.79 7.26
C GLY B 250 28.32 2.49 8.02
N LYS B 251 29.39 2.04 8.65
CA LYS B 251 29.35 0.86 9.48
C LYS B 251 29.27 1.27 10.95
N THR B 252 29.19 0.27 11.81
CA THR B 252 29.23 0.43 13.25
C THR B 252 30.12 -0.67 13.80
N ALA B 253 31.13 -0.25 14.54
CA ALA B 253 32.05 -1.21 15.13
C ALA B 253 31.76 -1.49 16.57
N THR B 254 32.06 -2.70 16.97
CA THR B 254 31.91 -3.04 18.38
C THR B 254 33.01 -3.94 18.94
N PHE B 255 33.45 -3.59 20.13
CA PHE B 255 34.45 -4.39 20.80
C PHE B 255 33.86 -5.39 21.79
N MET B 256 32.55 -5.68 21.77
CA MET B 256 32.06 -6.62 22.76
C MET B 256 32.51 -8.05 22.42
N PRO B 257 32.77 -8.86 23.44
CA PRO B 257 33.51 -10.12 23.32
C PRO B 257 32.81 -11.16 22.45
N LYS B 258 31.51 -11.27 22.67
CA LYS B 258 30.68 -12.28 22.03
C LYS B 258 29.33 -11.76 21.51
N PRO B 259 29.25 -11.10 20.35
CA PRO B 259 27.98 -10.60 19.84
C PRO B 259 27.11 -11.68 19.21
N MET B 260 27.73 -12.68 18.60
CA MET B 260 26.97 -13.74 17.97
C MET B 260 27.25 -15.11 18.55
N PHE B 261 26.23 -15.89 18.83
CA PHE B 261 26.44 -17.28 19.21
C PHE B 261 26.73 -18.15 17.99
N GLY B 262 27.67 -19.09 18.05
CA GLY B 262 27.88 -19.98 16.91
C GLY B 262 28.95 -19.59 15.91
N ASP B 263 29.63 -18.52 16.28
CA ASP B 263 30.80 -18.08 15.57
C ASP B 263 31.76 -17.36 16.49
N ASN B 264 32.96 -17.08 16.01
CA ASN B 264 34.00 -16.42 16.76
C ASN B 264 33.68 -15.18 17.60
N GLY B 265 34.38 -15.16 18.72
CA GLY B 265 34.33 -14.03 19.61
C GLY B 265 35.58 -13.19 19.40
N SER B 266 35.42 -11.95 19.80
CA SER B 266 36.52 -11.01 19.76
C SER B 266 37.28 -11.06 21.09
N GLY B 267 38.50 -11.57 21.01
CA GLY B 267 39.40 -11.51 22.15
C GLY B 267 40.52 -10.49 22.00
N MET B 268 41.16 -10.10 23.11
CA MET B 268 42.30 -9.18 23.07
C MET B 268 43.48 -9.86 23.75
N HIS B 269 44.28 -10.58 22.99
CA HIS B 269 45.38 -11.30 23.63
C HIS B 269 46.52 -10.38 24.01
N CYS B 270 46.97 -10.49 25.25
CA CYS B 270 48.09 -9.70 25.67
C CYS B 270 49.41 -10.43 25.60
N HIS B 271 50.25 -9.97 24.69
CA HIS B 271 51.61 -10.43 24.73
C HIS B 271 52.38 -9.63 25.77
N MET B 272 53.11 -10.29 26.65
CA MET B 272 53.91 -9.58 27.63
C MET B 272 55.37 -9.97 27.66
N SER B 273 56.15 -8.96 28.04
CA SER B 273 57.58 -9.13 28.25
C SER B 273 58.21 -8.17 29.25
N LEU B 274 59.20 -8.63 29.97
CA LEU B 274 59.91 -7.78 30.92
C LEU B 274 61.34 -7.46 30.51
N ALA B 275 61.79 -6.26 30.82
CA ALA B 275 63.15 -5.91 30.49
C ALA B 275 63.92 -5.06 31.51
N LYS B 276 65.14 -5.52 31.82
CA LYS B 276 66.04 -4.81 32.70
C LYS B 276 67.20 -4.35 31.83
N ASN B 277 67.76 -3.15 32.06
CA ASN B 277 68.85 -2.56 31.28
C ASN B 277 69.05 -3.01 29.82
N GLY B 278 67.99 -2.82 29.02
CA GLY B 278 68.00 -3.19 27.59
C GLY B 278 67.98 -4.69 27.23
N THR B 279 67.76 -5.55 28.21
CA THR B 279 67.73 -6.99 27.99
C THR B 279 66.46 -7.65 28.46
N ASN B 280 66.04 -8.58 27.61
CA ASN B 280 64.81 -9.29 27.85
C ASN B 280 64.88 -10.44 28.86
N LEU B 281 64.48 -10.12 30.08
CA LEU B 281 64.39 -11.10 31.16
C LEU B 281 63.60 -12.37 30.85
N PHE B 282 62.67 -12.33 29.91
CA PHE B 282 61.92 -13.53 29.60
C PHE B 282 62.67 -14.50 28.72
N SER B 283 63.72 -14.06 28.04
CA SER B 283 64.57 -14.99 27.30
C SER B 283 65.49 -15.76 28.23
N GLY B 284 65.87 -16.96 27.86
CA GLY B 284 66.73 -17.79 28.68
C GLY B 284 66.90 -19.20 28.15
N ASP B 285 67.22 -20.08 29.09
CA ASP B 285 67.29 -21.51 28.82
C ASP B 285 65.89 -22.12 29.02
N LYS B 286 65.58 -23.00 29.99
CA LYS B 286 64.22 -23.51 30.27
C LYS B 286 63.23 -23.84 29.14
N TYR B 287 61.91 -24.01 29.36
CA TYR B 287 60.99 -24.31 28.27
C TYR B 287 60.94 -23.25 27.17
N ALA B 288 61.15 -23.73 25.94
CA ALA B 288 61.03 -22.90 24.75
C ALA B 288 61.74 -21.53 24.71
N GLY B 289 62.95 -21.47 25.25
CA GLY B 289 63.73 -20.23 25.28
C GLY B 289 63.41 -19.32 26.47
N LEU B 290 62.56 -19.78 27.37
CA LEU B 290 62.20 -18.95 28.50
C LEU B 290 63.15 -18.94 29.68
N SER B 291 63.16 -17.85 30.42
CA SER B 291 63.90 -17.86 31.67
C SER B 291 63.11 -18.45 32.84
N GLU B 292 63.76 -18.76 33.96
CA GLU B 292 63.07 -19.17 35.19
C GLU B 292 62.18 -18.03 35.72
N GLN B 293 62.65 -16.81 35.45
CA GLN B 293 61.99 -15.54 35.78
C GLN B 293 60.60 -15.44 35.11
N ALA B 294 60.62 -15.78 33.82
CA ALA B 294 59.43 -15.87 32.97
C ALA B 294 58.46 -16.94 33.46
N LEU B 295 58.99 -18.14 33.78
CA LEU B 295 58.15 -19.18 34.34
C LEU B 295 57.43 -18.76 35.61
N TYR B 296 58.08 -18.04 36.51
CA TYR B 296 57.38 -17.52 37.68
C TYR B 296 56.34 -16.46 37.35
N TYR B 297 56.56 -15.65 36.29
CA TYR B 297 55.55 -14.71 35.80
C TYR B 297 54.30 -15.50 35.41
N ILE B 298 54.45 -16.53 34.55
CA ILE B 298 53.33 -17.43 34.19
C ILE B 298 52.65 -17.99 35.44
N GLY B 299 53.43 -18.51 36.40
CA GLY B 299 52.90 -19.01 37.67
C GLY B 299 52.08 -17.97 38.42
N GLY B 300 52.47 -16.70 38.45
CA GLY B 300 51.69 -15.64 39.08
C GLY B 300 50.37 -15.36 38.35
N VAL B 301 50.42 -15.28 37.02
CA VAL B 301 49.22 -15.12 36.20
C VAL B 301 48.26 -16.28 36.47
N ILE B 302 48.70 -17.54 36.31
CA ILE B 302 47.85 -18.69 36.61
C ILE B 302 47.35 -18.72 38.05
N LYS B 303 48.19 -18.41 39.04
CA LYS B 303 47.77 -18.28 40.44
C LYS B 303 46.64 -17.28 40.65
N HIS B 304 46.67 -16.18 39.93
CA HIS B 304 45.66 -15.15 40.12
C HIS B 304 44.63 -14.98 39.00
N ALA B 305 44.66 -15.88 38.01
CA ALA B 305 43.80 -15.83 36.85
C ALA B 305 42.34 -15.46 37.12
N LYS B 306 41.61 -16.13 38.01
CA LYS B 306 40.23 -15.69 38.27
C LYS B 306 40.07 -14.24 38.79
N ALA B 307 41.00 -13.68 39.56
CA ALA B 307 40.89 -12.28 39.96
C ALA B 307 41.23 -11.37 38.78
N ILE B 308 42.21 -11.79 37.97
CA ILE B 308 42.53 -11.10 36.73
C ILE B 308 41.30 -11.08 35.81
N ASN B 309 40.52 -12.16 35.69
CA ASN B 309 39.30 -12.19 34.87
C ASN B 309 38.30 -11.08 35.18
N ALA B 310 38.16 -10.70 36.45
CA ALA B 310 37.29 -9.58 36.83
C ALA B 310 37.68 -8.25 36.18
N LEU B 311 38.93 -8.12 35.76
CA LEU B 311 39.44 -6.93 35.10
C LEU B 311 39.71 -7.14 33.59
N ALA B 312 40.21 -8.33 33.20
CA ALA B 312 40.51 -8.68 31.81
C ALA B 312 39.32 -9.24 30.98
N ASN B 313 38.26 -9.63 31.69
CA ASN B 313 37.00 -10.14 31.12
C ASN B 313 35.79 -9.57 31.89
N PRO B 314 35.58 -8.26 31.91
CA PRO B 314 34.75 -7.58 32.91
C PRO B 314 33.25 -7.51 32.60
N THR B 315 32.81 -8.20 31.55
CA THR B 315 31.41 -8.08 31.14
C THR B 315 30.69 -9.40 31.28
N THR B 316 29.39 -9.50 31.58
CA THR B 316 28.75 -10.84 31.54
C THR B 316 28.94 -11.55 30.19
N ASN B 317 28.88 -10.77 29.10
CA ASN B 317 29.12 -11.29 27.74
C ASN B 317 30.50 -11.92 27.54
N SER B 318 31.49 -11.46 28.31
CA SER B 318 32.84 -12.00 28.22
C SER B 318 32.92 -13.51 28.37
N TYR B 319 32.08 -14.00 29.27
CA TYR B 319 32.04 -15.42 29.57
C TYR B 319 31.28 -16.25 28.55
N LYS B 320 30.49 -15.63 27.65
CA LYS B 320 29.95 -16.37 26.51
C LYS B 320 31.06 -16.77 25.53
N ARG B 321 32.18 -16.04 25.55
CA ARG B 321 33.38 -16.36 24.77
C ARG B 321 34.25 -17.41 25.46
N LEU B 322 34.44 -17.20 26.75
CA LEU B 322 35.19 -18.13 27.56
C LEU B 322 34.39 -19.36 28.00
N VAL B 323 33.95 -20.14 27.03
CA VAL B 323 33.28 -21.37 27.34
C VAL B 323 34.12 -22.53 26.82
N PRO B 324 34.17 -23.70 27.48
CA PRO B 324 34.91 -24.89 27.04
C PRO B 324 35.17 -25.26 25.58
N PRO B 329 39.84 -20.58 25.04
CA PRO B 329 41.08 -20.60 25.83
C PRO B 329 40.84 -20.55 27.33
N VAL B 330 40.16 -21.58 27.82
CA VAL B 330 39.84 -21.63 29.24
C VAL B 330 40.85 -22.26 30.20
N MET B 331 41.67 -23.16 29.67
CA MET B 331 42.69 -23.89 30.41
C MET B 331 43.91 -23.08 30.89
N LEU B 332 44.05 -22.86 32.19
CA LEU B 332 45.22 -22.21 32.77
C LEU B 332 46.46 -23.12 32.71
N ALA B 333 47.07 -23.01 31.55
CA ALA B 333 48.24 -23.81 31.23
C ALA B 333 49.13 -23.10 30.23
N TYR B 334 50.45 -23.21 30.36
CA TYR B 334 51.31 -22.69 29.31
C TYR B 334 51.79 -23.73 28.34
N SER B 335 52.00 -23.28 27.12
CA SER B 335 52.52 -24.15 26.05
C SER B 335 52.98 -23.45 24.79
N ALA B 336 53.98 -24.00 24.10
CA ALA B 336 54.34 -23.50 22.77
C ALA B 336 53.50 -24.27 21.73
N ARG B 337 53.12 -25.51 22.11
CA ARG B 337 52.21 -26.35 21.34
C ARG B 337 50.69 -26.20 21.58
N ASN B 338 50.09 -26.51 22.75
CA ASN B 338 48.64 -26.42 22.95
C ASN B 338 47.85 -25.10 22.81
N ARG B 339 47.32 -24.67 21.65
CA ARG B 339 46.41 -23.50 21.56
C ARG B 339 45.02 -24.01 21.99
N SER B 340 44.95 -24.04 23.31
CA SER B 340 43.88 -24.56 24.17
C SER B 340 44.25 -24.09 25.58
N ALA B 341 45.57 -24.03 25.74
CA ALA B 341 46.24 -23.38 26.85
C ALA B 341 46.09 -21.86 26.70
N SER B 342 45.61 -21.24 27.76
CA SER B 342 45.44 -19.79 27.79
C SER B 342 46.76 -19.01 27.87
N ILE B 343 47.88 -19.68 28.15
CA ILE B 343 49.16 -19.02 28.12
C ILE B 343 49.97 -19.65 26.98
N ARG B 344 50.09 -18.96 25.85
CA ARG B 344 50.89 -19.44 24.73
C ARG B 344 52.30 -18.82 24.78
N ILE B 345 53.33 -19.66 24.64
CA ILE B 345 54.69 -19.16 24.57
C ILE B 345 54.97 -19.10 23.07
N PRO B 346 54.95 -17.92 22.43
CA PRO B 346 55.06 -17.79 20.99
C PRO B 346 56.41 -18.31 20.52
N VAL B 347 56.41 -19.10 19.45
CA VAL B 347 57.67 -19.57 18.90
C VAL B 347 58.26 -18.40 18.12
N VAL B 348 59.03 -17.60 18.84
CA VAL B 348 59.68 -16.46 18.23
C VAL B 348 60.78 -16.90 17.25
N ALA B 349 61.57 -17.95 17.58
CA ALA B 349 62.71 -18.51 16.83
C ALA B 349 63.91 -17.56 16.71
N SER B 350 63.49 -16.37 16.35
CA SER B 350 64.20 -15.11 16.42
C SER B 350 64.66 -14.82 17.87
N PRO B 351 65.28 -13.72 18.29
CA PRO B 351 66.33 -13.79 19.29
C PRO B 351 66.08 -13.76 20.80
N LYS B 352 65.37 -12.69 21.09
CA LYS B 352 65.09 -12.16 22.42
C LYS B 352 63.90 -11.20 22.41
N ALA B 353 63.16 -11.38 21.32
CA ALA B 353 61.75 -11.05 21.28
C ALA B 353 60.95 -12.20 21.96
N ARG B 354 61.60 -12.93 22.88
CA ARG B 354 60.97 -13.94 23.73
C ARG B 354 59.91 -13.30 24.63
N ARG B 355 58.75 -13.91 24.69
CA ARG B 355 57.64 -13.33 25.43
C ARG B 355 56.58 -14.34 25.81
N ILE B 356 55.72 -13.99 26.74
CA ILE B 356 54.56 -14.86 26.94
C ILE B 356 53.33 -14.22 26.30
N GLU B 357 52.36 -15.03 25.89
CA GLU B 357 51.11 -14.50 25.40
C GLU B 357 49.94 -14.99 26.23
N VAL B 358 49.21 -14.12 26.94
CA VAL B 358 48.01 -14.59 27.61
C VAL B 358 46.81 -14.43 26.66
N ARG B 359 46.22 -15.54 26.24
CA ARG B 359 45.11 -15.54 25.30
C ARG B 359 43.72 -15.22 25.80
N PHE B 360 43.47 -15.26 27.11
CA PHE B 360 42.10 -15.04 27.58
C PHE B 360 41.46 -13.66 27.70
N PRO B 361 42.09 -12.48 27.82
CA PRO B 361 41.37 -11.21 27.97
C PRO B 361 40.56 -10.79 26.75
N ASP B 362 39.68 -9.81 26.83
CA ASP B 362 38.96 -9.41 25.64
C ASP B 362 38.78 -7.90 25.48
N PRO B 363 38.51 -7.31 24.29
CA PRO B 363 38.42 -5.86 24.08
C PRO B 363 37.53 -5.11 25.04
N ALA B 364 36.65 -5.76 25.79
CA ALA B 364 35.84 -5.03 26.75
C ALA B 364 36.59 -4.55 28.00
N ALA B 365 37.78 -5.13 28.20
CA ALA B 365 38.60 -4.81 29.36
C ALA B 365 39.16 -3.39 29.41
N ASN B 366 39.20 -2.79 30.60
CA ASN B 366 39.80 -1.48 30.77
C ASN B 366 41.31 -1.63 30.58
N PRO B 367 41.97 -1.14 29.53
CA PRO B 367 43.32 -1.56 29.20
C PRO B 367 44.29 -1.20 30.33
N TYR B 368 44.04 -0.09 31.05
CA TYR B 368 44.87 0.25 32.20
C TYR B 368 44.72 -0.80 33.30
N LEU B 369 43.54 -0.97 33.89
CA LEU B 369 43.37 -1.98 34.94
C LEU B 369 43.68 -3.42 34.50
N CYS B 370 43.38 -3.80 33.25
CA CYS B 370 43.68 -5.14 32.76
C CYS B 370 45.19 -5.37 32.72
N PHE B 371 45.94 -4.44 32.13
CA PHE B 371 47.39 -4.58 32.08
C PHE B 371 48.05 -4.45 33.46
N ALA B 372 47.62 -3.49 34.29
CA ALA B 372 48.09 -3.40 35.67
C ALA B 372 47.90 -4.73 36.40
N ALA B 373 46.70 -5.31 36.41
CA ALA B 373 46.49 -6.63 37.02
C ALA B 373 47.32 -7.74 36.39
N LEU B 374 47.48 -7.88 35.05
CA LEU B 374 48.40 -8.90 34.52
C LEU B 374 49.83 -8.73 35.06
N LEU B 375 50.34 -7.50 35.09
CA LEU B 375 51.68 -7.17 35.59
C LEU B 375 51.80 -7.54 37.07
N MET B 376 51.00 -6.94 37.95
CA MET B 376 51.00 -7.27 39.38
C MET B 376 50.90 -8.78 39.66
N ALA B 377 50.08 -9.54 38.92
CA ALA B 377 50.07 -10.99 39.10
C ALA B 377 51.38 -11.67 38.73
N GLY B 378 51.92 -11.25 37.58
CA GLY B 378 53.19 -11.76 37.09
C GLY B 378 54.37 -11.47 38.02
N LEU B 379 54.42 -10.27 38.61
CA LEU B 379 55.46 -9.96 39.59
C LEU B 379 55.27 -10.84 40.81
N ASP B 380 54.09 -10.91 41.45
CA ASP B 380 53.84 -11.82 42.57
C ASP B 380 54.30 -13.27 42.31
N GLY B 381 54.30 -13.73 41.07
CA GLY B 381 54.88 -15.03 40.71
C GLY B 381 56.38 -15.06 40.95
N ILE B 382 57.09 -14.14 40.28
CA ILE B 382 58.53 -13.92 40.42
C ILE B 382 58.92 -13.76 41.89
N LYS B 383 58.32 -12.75 42.51
CA LYS B 383 58.49 -12.42 43.92
C LYS B 383 58.34 -13.57 44.93
N ASN B 384 57.55 -14.59 44.59
CA ASN B 384 57.39 -15.77 45.44
C ASN B 384 57.75 -17.09 44.75
N LYS B 385 58.62 -17.11 43.72
CA LYS B 385 59.02 -18.34 43.00
C LYS B 385 57.87 -19.30 42.65
N ILE B 386 56.66 -18.76 42.41
CA ILE B 386 55.46 -19.54 42.10
C ILE B 386 55.66 -20.28 40.78
N HIS B 387 56.28 -21.45 40.90
CA HIS B 387 56.63 -22.21 39.71
C HIS B 387 55.43 -22.77 38.96
N PRO B 388 55.25 -22.42 37.68
CA PRO B 388 54.07 -22.72 36.89
C PRO B 388 53.73 -24.21 36.80
N GLY B 389 54.65 -25.06 36.33
CA GLY B 389 54.40 -26.49 36.34
C GLY B 389 55.03 -27.16 35.14
N GLU B 390 54.19 -27.78 34.33
CA GLU B 390 54.61 -28.41 33.10
C GLU B 390 53.68 -28.07 31.95
N PRO B 391 54.18 -27.92 30.73
CA PRO B 391 53.36 -27.58 29.57
C PRO B 391 52.40 -28.63 29.04
N MET B 392 51.12 -28.28 28.98
CA MET B 392 50.16 -29.13 28.27
C MET B 392 50.50 -29.03 26.78
N ASP B 393 50.80 -30.09 26.04
CA ASP B 393 51.11 -29.94 24.61
C ASP B 393 50.27 -30.75 23.64
N ILE B 407 43.43 -29.85 35.92
CA ILE B 407 43.91 -28.69 35.18
C ILE B 407 43.00 -27.44 35.29
N PRO B 408 43.46 -26.37 35.97
CA PRO B 408 42.61 -25.26 36.40
C PRO B 408 42.16 -24.33 35.27
N GLN B 409 40.99 -23.71 35.44
CA GLN B 409 40.43 -22.87 34.40
C GLN B 409 40.12 -21.44 34.86
N VAL B 410 39.97 -20.56 33.89
CA VAL B 410 39.53 -19.19 34.12
C VAL B 410 38.17 -19.10 34.81
N ALA B 411 37.82 -17.99 35.45
CA ALA B 411 36.48 -17.84 36.04
C ALA B 411 35.39 -18.18 35.02
N GLY B 412 34.42 -18.99 35.42
CA GLY B 412 33.32 -19.36 34.54
C GLY B 412 32.20 -18.34 34.41
N SER B 413 32.30 -17.23 35.13
CA SER B 413 31.29 -16.19 35.07
C SER B 413 31.78 -14.89 35.69
N LEU B 414 31.14 -13.78 35.38
CA LEU B 414 31.51 -12.52 36.01
C LEU B 414 31.35 -12.57 37.51
N GLU B 415 30.28 -13.19 38.03
CA GLU B 415 30.08 -13.28 39.49
C GLU B 415 31.24 -14.00 40.17
N GLU B 416 31.66 -15.09 39.55
CA GLU B 416 32.82 -15.84 39.99
C GLU B 416 34.07 -14.96 40.00
N ALA B 417 34.37 -14.37 38.84
CA ALA B 417 35.49 -13.45 38.70
C ALA B 417 35.45 -12.33 39.74
N LEU B 418 34.32 -11.67 39.96
CA LEU B 418 34.20 -10.64 40.97
C LEU B 418 34.47 -11.20 42.38
N ASN B 419 33.89 -12.35 42.79
CA ASN B 419 34.20 -12.94 44.10
C ASN B 419 35.70 -13.18 44.29
N ALA B 420 36.28 -13.75 43.24
CA ALA B 420 37.70 -14.02 43.18
C ALA B 420 38.55 -12.75 43.31
N LEU B 421 38.27 -11.66 42.60
CA LEU B 421 39.00 -10.40 42.80
C LEU B 421 38.84 -9.93 44.25
N ASP B 422 37.61 -9.97 44.76
CA ASP B 422 37.34 -9.61 46.15
C ASP B 422 38.17 -10.39 47.19
N LEU B 423 38.39 -11.67 46.98
CA LEU B 423 39.20 -12.47 47.91
C LEU B 423 40.70 -12.48 47.64
N ASP B 424 41.09 -12.45 46.37
CA ASP B 424 42.50 -12.47 45.96
C ASP B 424 43.07 -11.06 45.75
N ARG B 425 42.50 -10.16 46.53
CA ARG B 425 42.79 -8.75 46.58
C ARG B 425 44.23 -8.31 46.88
N GLU B 426 44.96 -9.11 47.64
CA GLU B 426 46.32 -8.75 48.05
C GLU B 426 47.37 -8.38 47.02
N PHE B 427 47.55 -9.22 46.00
CA PHE B 427 48.57 -8.94 44.99
C PHE B 427 48.31 -7.64 44.21
N LEU B 428 47.04 -7.22 44.09
CA LEU B 428 46.79 -5.93 43.48
C LEU B 428 47.18 -4.78 44.41
N LYS B 429 47.00 -4.89 45.73
CA LYS B 429 47.33 -3.81 46.67
C LYS B 429 48.82 -3.50 46.92
N ALA B 430 49.69 -4.41 46.47
CA ALA B 430 51.14 -4.25 46.57
C ALA B 430 51.67 -2.92 46.07
N GLY B 431 52.37 -2.25 46.98
CA GLY B 431 52.93 -0.94 46.72
C GLY B 431 51.91 0.14 46.40
N GLY B 432 50.65 0.03 46.83
CA GLY B 432 49.69 1.12 46.64
C GLY B 432 49.03 1.21 45.26
N VAL B 433 49.45 0.32 44.34
CA VAL B 433 48.83 0.14 43.02
C VAL B 433 47.42 -0.31 43.42
N PHE B 434 46.23 0.29 43.19
CA PHE B 434 44.96 -0.28 43.71
C PHE B 434 44.72 -0.29 45.23
N THR B 435 43.86 0.61 45.64
CA THR B 435 43.41 0.60 47.03
C THR B 435 42.20 -0.31 47.23
N ASP B 436 41.87 -0.64 48.47
CA ASP B 436 40.60 -1.33 48.74
C ASP B 436 39.39 -0.57 48.25
N GLU B 437 39.28 0.75 48.41
CA GLU B 437 38.12 1.52 47.91
C GLU B 437 37.99 1.35 46.39
N ALA B 438 39.13 1.44 45.71
CA ALA B 438 39.23 1.23 44.28
C ALA B 438 38.69 -0.15 43.89
N ILE B 439 39.21 -1.23 44.51
CA ILE B 439 38.72 -2.57 44.23
C ILE B 439 37.24 -2.74 44.58
N ASP B 440 36.81 -2.33 45.77
CA ASP B 440 35.41 -2.38 46.15
C ASP B 440 34.45 -1.61 45.24
N ALA B 441 34.77 -0.40 44.77
CA ALA B 441 33.90 0.37 43.88
C ALA B 441 33.76 -0.27 42.51
N TYR B 442 34.90 -0.83 42.05
CA TYR B 442 34.93 -1.61 40.83
C TYR B 442 33.95 -2.76 40.93
N ILE B 443 34.11 -3.65 41.92
CA ILE B 443 33.19 -4.78 42.06
C ILE B 443 31.73 -4.31 42.14
N ALA B 444 31.45 -3.24 42.89
CA ALA B 444 30.12 -2.62 42.93
C ALA B 444 29.55 -2.28 41.54
N LEU B 445 30.34 -1.62 40.69
CA LEU B 445 29.89 -1.36 39.32
C LEU B 445 29.62 -2.67 38.59
N ARG B 446 30.62 -3.55 38.45
CA ARG B 446 30.40 -4.81 37.77
C ARG B 446 29.24 -5.69 38.30
N ARG B 447 28.88 -5.56 39.58
CA ARG B 447 27.75 -6.31 40.12
C ARG B 447 26.39 -5.85 39.64
N GLU B 448 26.17 -4.53 39.60
CA GLU B 448 24.94 -3.92 39.10
C GLU B 448 24.59 -4.43 37.68
N GLU B 449 25.67 -4.53 36.89
CA GLU B 449 25.61 -5.05 35.55
C GLU B 449 25.25 -6.51 35.53
N ASP B 450 25.99 -7.32 36.30
CA ASP B 450 25.69 -8.73 36.41
C ASP B 450 24.24 -8.99 36.83
N ASP B 451 23.71 -8.25 37.81
CA ASP B 451 22.31 -8.36 38.22
C ASP B 451 21.27 -8.12 37.13
N ARG B 452 21.41 -7.05 36.35
CA ARG B 452 20.47 -6.76 35.27
C ARG B 452 20.42 -7.93 34.28
N VAL B 453 21.59 -8.45 33.92
CA VAL B 453 21.66 -9.62 33.07
C VAL B 453 21.06 -10.88 33.78
N ARG B 454 21.24 -11.05 35.11
CA ARG B 454 20.74 -12.21 35.86
C ARG B 454 19.21 -12.25 36.06
N MET B 455 18.61 -11.09 36.26
CA MET B 455 17.17 -10.92 36.53
C MET B 455 16.26 -10.73 35.33
N THR B 456 16.84 -10.44 34.17
CA THR B 456 16.04 -10.28 32.95
C THR B 456 15.88 -11.59 32.23
N PRO B 457 14.67 -12.15 32.02
CA PRO B 457 14.49 -13.38 31.25
C PRO B 457 15.04 -13.33 29.85
N HIS B 458 15.74 -14.41 29.56
CA HIS B 458 16.46 -14.58 28.30
C HIS B 458 15.53 -15.15 27.24
N PRO B 459 15.56 -14.70 25.98
CA PRO B 459 14.85 -15.37 24.89
C PRO B 459 15.01 -16.89 24.80
N VAL B 460 16.16 -17.59 24.78
CA VAL B 460 16.10 -19.07 24.72
C VAL B 460 15.40 -19.73 25.93
N GLU B 461 15.16 -19.02 27.05
CA GLU B 461 14.36 -19.59 28.14
C GLU B 461 12.92 -19.77 27.64
N PHE B 462 12.35 -18.89 26.81
CA PHE B 462 11.02 -19.15 26.26
C PHE B 462 11.05 -20.36 25.35
N GLU B 463 12.15 -20.51 24.62
CA GLU B 463 12.34 -21.68 23.74
C GLU B 463 12.36 -23.00 24.52
N LEU B 464 13.03 -22.93 25.65
CA LEU B 464 13.22 -24.04 26.57
C LEU B 464 12.06 -24.39 27.50
N TYR B 465 11.48 -23.33 28.05
CA TYR B 465 10.50 -23.47 29.13
C TYR B 465 9.10 -22.92 28.91
N TYR B 466 8.70 -22.34 27.78
CA TYR B 466 7.33 -21.84 27.67
C TYR B 466 6.27 -22.94 27.79
N SER B 467 6.51 -24.07 27.13
CA SER B 467 5.55 -25.16 27.23
C SER B 467 5.70 -26.10 28.41
N VAL B 468 6.28 -25.54 29.47
CA VAL B 468 6.37 -26.27 30.73
C VAL B 468 4.93 -26.33 31.33
N SER C 1 63.46 -9.96 -7.67
CA SER C 1 64.37 -9.94 -6.51
C SER C 1 63.88 -9.04 -5.37
N ALA C 2 64.33 -9.21 -4.12
CA ALA C 2 64.01 -8.29 -3.02
C ALA C 2 64.26 -6.83 -3.39
N GLU C 3 65.47 -6.57 -3.88
CA GLU C 3 65.91 -5.29 -4.42
C GLU C 3 64.90 -4.56 -5.30
N HIS C 4 64.35 -5.31 -6.25
CA HIS C 4 63.30 -4.83 -7.16
C HIS C 4 62.00 -4.48 -6.45
N VAL C 5 61.56 -5.34 -5.53
CA VAL C 5 60.34 -5.07 -4.78
C VAL C 5 60.52 -3.77 -3.97
N LEU C 6 61.67 -3.68 -3.30
CA LEU C 6 62.05 -2.50 -2.55
C LEU C 6 62.08 -1.21 -3.36
N THR C 7 62.43 -1.24 -4.65
CA THR C 7 62.33 -0.02 -5.44
C THR C 7 60.87 0.27 -5.76
N MET C 8 60.06 -0.71 -6.21
CA MET C 8 58.63 -0.50 -6.50
C MET C 8 57.85 0.20 -5.39
N LEU C 9 58.21 -0.17 -4.17
CA LEU C 9 57.66 0.46 -2.98
C LEU C 9 57.79 1.99 -3.01
N ASN C 10 58.98 2.51 -3.33
CA ASN C 10 59.18 3.95 -3.51
C ASN C 10 58.65 4.51 -4.83
N GLU C 11 58.90 3.75 -5.89
CA GLU C 11 58.50 4.01 -7.28
C GLU C 11 56.99 4.10 -7.51
N HIS C 12 56.26 3.59 -6.52
CA HIS C 12 54.80 3.63 -6.54
C HIS C 12 54.14 4.19 -5.29
N GLU C 13 54.90 4.75 -4.34
CA GLU C 13 54.39 5.22 -3.05
C GLU C 13 53.38 4.27 -2.39
N VAL C 14 53.83 3.02 -2.47
CA VAL C 14 53.10 1.87 -1.97
C VAL C 14 52.87 2.01 -0.46
N LYS C 15 51.61 2.10 -0.01
CA LYS C 15 51.31 2.19 1.42
C LYS C 15 51.22 0.86 2.17
N PHE C 16 50.85 -0.17 1.40
CA PHE C 16 50.66 -1.51 1.93
C PHE C 16 51.14 -2.64 1.02
N VAL C 17 51.49 -3.75 1.63
CA VAL C 17 51.83 -4.96 0.91
C VAL C 17 50.84 -6.06 1.31
N ASP C 18 50.24 -6.69 0.30
CA ASP C 18 49.27 -7.74 0.49
C ASP C 18 49.89 -9.12 0.30
N LEU C 19 50.14 -9.82 1.39
CA LEU C 19 50.63 -11.18 1.30
C LEU C 19 49.50 -12.12 0.91
N ARG C 20 49.65 -12.78 -0.22
CA ARG C 20 48.64 -13.74 -0.67
C ARG C 20 49.07 -15.17 -0.84
N PHE C 21 48.17 -16.11 -0.56
CA PHE C 21 48.43 -17.53 -0.79
C PHE C 21 47.17 -18.31 -1.12
N THR C 22 47.25 -19.51 -1.69
CA THR C 22 46.05 -20.30 -2.00
C THR C 22 45.93 -21.44 -1.01
N ASP C 23 44.71 -21.79 -0.61
CA ASP C 23 44.52 -22.93 0.27
C ASP C 23 44.25 -24.25 -0.47
N THR C 24 43.95 -25.33 0.26
CA THR C 24 43.71 -26.62 -0.39
C THR C 24 42.51 -26.62 -1.32
N LYS C 25 41.43 -25.99 -0.89
CA LYS C 25 40.27 -25.83 -1.76
C LYS C 25 40.52 -24.98 -3.01
N GLY C 26 41.55 -24.13 -2.99
CA GLY C 26 41.83 -23.27 -4.14
C GLY C 26 41.55 -21.76 -3.98
N LYS C 27 40.98 -21.36 -2.85
CA LYS C 27 40.72 -19.95 -2.57
C LYS C 27 41.94 -19.19 -2.09
N GLU C 28 42.17 -18.10 -2.81
CA GLU C 28 43.19 -17.14 -2.44
C GLU C 28 42.81 -16.41 -1.16
N GLN C 29 43.74 -16.61 -0.26
CA GLN C 29 43.80 -15.97 1.04
C GLN C 29 44.74 -14.78 0.98
N HIS C 30 44.60 -13.88 1.93
CA HIS C 30 45.50 -12.75 2.03
C HIS C 30 45.57 -12.13 3.43
N VAL C 31 46.71 -11.53 3.74
CA VAL C 31 46.94 -10.75 4.95
C VAL C 31 47.78 -9.51 4.55
N THR C 32 47.55 -8.36 5.19
CA THR C 32 48.17 -7.09 4.76
C THR C 32 49.12 -6.50 5.79
N ILE C 33 50.28 -6.13 5.27
CA ILE C 33 51.39 -5.53 6.00
C ILE C 33 51.54 -4.07 5.55
N PRO C 34 51.86 -3.10 6.41
CA PRO C 34 52.23 -1.75 5.99
C PRO C 34 53.53 -1.83 5.21
N ALA C 35 53.72 -1.10 4.10
CA ALA C 35 54.96 -1.18 3.30
C ALA C 35 56.22 -1.03 4.14
N HIS C 36 56.14 -0.16 5.14
CA HIS C 36 57.24 -0.02 6.10
C HIS C 36 57.63 -1.26 6.93
N GLN C 37 57.15 -2.47 6.63
CA GLN C 37 57.59 -3.68 7.31
C GLN C 37 58.32 -4.61 6.33
N VAL C 38 58.37 -4.15 5.09
CA VAL C 38 59.09 -4.88 4.06
C VAL C 38 60.50 -4.29 4.08
N ASN C 39 61.41 -5.18 4.45
CA ASN C 39 62.84 -4.92 4.51
C ASN C 39 63.59 -6.24 4.48
N ALA C 40 64.88 -6.31 4.17
CA ALA C 40 65.70 -7.55 4.19
C ALA C 40 65.19 -8.81 4.93
N GLU C 41 65.08 -8.72 6.27
CA GLU C 41 64.52 -9.74 7.17
C GLU C 41 63.27 -10.45 6.65
N PHE C 42 62.33 -9.67 6.13
CA PHE C 42 61.10 -10.14 5.53
C PHE C 42 61.36 -11.11 4.38
N PHE C 43 61.98 -10.69 3.28
CA PHE C 43 62.28 -11.64 2.19
C PHE C 43 63.23 -12.78 2.54
N GLU C 44 63.90 -12.68 3.68
CA GLU C 44 64.86 -13.66 4.17
C GLU C 44 64.17 -14.78 4.98
N GLU C 45 63.56 -14.35 6.08
CA GLU C 45 62.88 -15.22 7.03
C GLU C 45 61.34 -15.26 7.08
N GLY C 46 60.68 -14.68 6.06
CA GLY C 46 59.22 -14.63 5.97
C GLY C 46 58.43 -13.97 7.10
N LYS C 47 57.11 -14.19 7.11
CA LYS C 47 56.24 -13.72 8.20
C LYS C 47 55.41 -14.88 8.75
N MET C 48 55.42 -15.03 10.05
CA MET C 48 54.67 -16.09 10.74
C MET C 48 53.16 -15.83 10.76
N PHE C 49 52.35 -16.85 10.58
CA PHE C 49 50.91 -16.71 10.75
C PHE C 49 50.30 -17.95 11.36
N ASP C 50 49.08 -17.84 11.87
CA ASP C 50 48.42 -19.05 12.31
C ASP C 50 47.72 -19.79 11.17
N GLY C 51 48.51 -20.75 10.68
CA GLY C 51 48.05 -21.67 9.64
C GLY C 51 46.88 -22.56 10.08
N SER C 52 46.75 -22.78 11.39
CA SER C 52 45.69 -23.60 12.00
C SER C 52 44.26 -23.40 11.54
N SER C 53 43.79 -22.15 11.43
CA SER C 53 42.43 -21.91 10.99
C SER C 53 42.23 -21.90 9.47
N ILE C 54 43.28 -22.25 8.71
CA ILE C 54 43.09 -22.45 7.28
C ILE C 54 42.58 -23.90 7.13
N GLY C 55 41.48 -24.00 6.41
CA GLY C 55 40.84 -25.28 6.14
C GLY C 55 41.72 -26.38 5.53
N GLY C 56 41.93 -27.42 6.33
CA GLY C 56 42.69 -28.60 5.92
C GLY C 56 44.20 -28.54 6.20
N TRP C 57 44.62 -27.64 7.09
CA TRP C 57 46.02 -27.45 7.43
C TRP C 57 46.51 -27.74 8.87
N ASP C 64 51.05 -22.50 14.03
CA ASP C 64 51.90 -21.52 13.35
C ASP C 64 52.80 -22.00 12.23
N MET C 65 52.80 -21.20 11.17
CA MET C 65 53.53 -21.48 9.94
C MET C 65 54.18 -20.22 9.36
N VAL C 66 55.06 -20.35 8.38
CA VAL C 66 55.65 -19.16 7.80
C VAL C 66 55.32 -18.87 6.32
N LEU C 67 54.88 -17.65 6.10
CA LEU C 67 54.64 -17.10 4.79
C LEU C 67 55.94 -16.59 4.18
N MET C 68 56.42 -17.24 3.14
CA MET C 68 57.65 -16.83 2.48
C MET C 68 57.40 -16.06 1.19
N PRO C 69 57.56 -14.73 1.20
CA PRO C 69 57.28 -13.90 0.04
C PRO C 69 58.05 -14.29 -1.21
N ASP C 70 57.40 -14.57 -2.35
CA ASP C 70 58.17 -14.81 -3.56
C ASP C 70 58.25 -13.49 -4.31
N ALA C 71 59.36 -12.78 -4.15
CA ALA C 71 59.52 -11.47 -4.77
C ALA C 71 59.41 -11.37 -6.29
N SER C 72 59.44 -12.50 -6.99
CA SER C 72 59.26 -12.51 -8.44
C SER C 72 57.81 -12.16 -8.80
N THR C 73 56.89 -12.46 -7.88
CA THR C 73 55.46 -12.24 -8.05
C THR C 73 54.87 -10.86 -7.76
N ALA C 74 55.67 -9.84 -7.45
CA ALA C 74 55.08 -8.56 -7.08
C ALA C 74 54.30 -7.83 -8.16
N VAL C 75 53.05 -7.56 -7.81
CA VAL C 75 52.15 -6.82 -8.69
C VAL C 75 51.43 -5.72 -7.93
N ILE C 76 51.16 -4.57 -8.53
CA ILE C 76 50.37 -3.55 -7.85
C ILE C 76 48.88 -3.92 -8.00
N ASP C 77 48.11 -3.84 -6.92
CA ASP C 77 46.69 -4.19 -6.93
C ASP C 77 45.80 -3.17 -7.66
N PRO C 78 45.10 -3.47 -8.75
CA PRO C 78 44.36 -2.45 -9.51
C PRO C 78 43.10 -1.89 -8.86
N PHE C 79 42.76 -2.46 -7.71
CA PHE C 79 41.49 -2.14 -7.07
C PHE C 79 41.54 -1.51 -5.68
N PHE C 80 42.45 -1.89 -4.76
CA PHE C 80 42.39 -1.34 -3.41
C PHE C 80 42.52 0.20 -3.40
N ALA C 81 41.85 0.95 -2.51
CA ALA C 81 41.99 2.41 -2.54
C ALA C 81 43.37 3.02 -2.26
N ASP C 82 44.14 2.37 -1.38
CA ASP C 82 45.49 2.82 -1.04
C ASP C 82 46.50 1.99 -1.80
N SER C 83 47.62 2.60 -2.19
CA SER C 83 48.58 1.87 -2.99
C SER C 83 49.16 0.60 -2.41
N THR C 84 48.78 -0.51 -3.03
CA THR C 84 49.19 -1.80 -2.52
C THR C 84 49.93 -2.73 -3.48
N LEU C 85 51.01 -3.29 -2.97
CA LEU C 85 51.76 -4.21 -3.76
C LEU C 85 51.42 -5.62 -3.27
N ILE C 86 50.90 -6.45 -4.16
CA ILE C 86 50.60 -7.86 -3.91
C ILE C 86 51.88 -8.67 -4.06
N ILE C 87 52.16 -9.52 -3.09
CA ILE C 87 53.28 -10.45 -3.19
C ILE C 87 52.75 -11.85 -2.87
N ARG C 88 52.80 -12.76 -3.84
CA ARG C 88 52.40 -14.14 -3.60
C ARG C 88 53.38 -14.84 -2.67
N CYS C 89 52.93 -15.75 -1.83
CA CYS C 89 53.80 -16.42 -0.88
C CYS C 89 53.81 -17.95 -0.93
N ASP C 90 54.84 -18.59 -0.37
CA ASP C 90 54.74 -20.02 -0.17
C ASP C 90 54.63 -20.29 1.30
N ILE C 91 53.89 -21.33 1.65
CA ILE C 91 53.76 -21.72 3.05
C ILE C 91 54.88 -22.68 3.41
N LEU C 92 55.78 -22.21 4.26
CA LEU C 92 56.85 -23.07 4.69
C LEU C 92 56.66 -23.54 6.13
N GLU C 93 57.27 -24.71 6.29
CA GLU C 93 57.35 -25.35 7.59
C GLU C 93 58.36 -24.55 8.44
N PRO C 94 57.99 -24.02 9.61
CA PRO C 94 58.72 -22.96 10.29
C PRO C 94 60.09 -23.33 10.85
N GLY C 95 61.05 -22.40 10.80
CA GLY C 95 62.43 -22.65 11.25
C GLY C 95 63.20 -23.52 10.25
N THR C 96 62.75 -24.76 10.16
CA THR C 96 63.21 -25.78 9.22
C THR C 96 63.10 -25.42 7.72
N LEU C 97 62.16 -24.50 7.46
CA LEU C 97 61.91 -23.82 6.18
C LEU C 97 61.86 -24.55 4.85
N GLN C 98 61.16 -25.67 4.85
CA GLN C 98 61.09 -26.51 3.65
C GLN C 98 59.83 -26.37 2.80
N GLY C 99 58.68 -26.05 3.37
CA GLY C 99 57.50 -25.91 2.55
C GLY C 99 56.48 -27.02 2.78
N TYR C 100 55.41 -26.56 3.39
CA TYR C 100 54.29 -27.39 3.81
C TYR C 100 53.86 -28.44 2.80
N ASP C 101 53.86 -29.76 3.05
CA ASP C 101 53.50 -30.70 1.99
C ASP C 101 52.03 -30.88 1.54
N ARG C 102 51.32 -29.91 2.08
CA ARG C 102 49.91 -29.63 1.99
C ARG C 102 49.64 -28.27 1.31
N ASP C 103 50.68 -27.45 1.15
CA ASP C 103 50.57 -26.18 0.46
C ASP C 103 50.52 -26.44 -1.06
N PRO C 104 49.41 -26.16 -1.75
CA PRO C 104 49.28 -26.40 -3.17
C PRO C 104 50.33 -25.73 -4.04
N ARG C 105 50.85 -24.53 -3.71
CA ARG C 105 51.89 -23.95 -4.55
C ARG C 105 53.15 -24.81 -4.49
N SER C 106 53.58 -25.16 -3.28
CA SER C 106 54.70 -26.08 -3.10
C SER C 106 54.56 -27.35 -3.94
N ILE C 107 53.43 -28.05 -3.81
CA ILE C 107 53.15 -29.22 -4.64
C ILE C 107 53.32 -28.93 -6.14
N ALA C 108 52.84 -27.79 -6.65
CA ALA C 108 53.05 -27.47 -8.07
C ALA C 108 54.53 -27.35 -8.42
N LYS C 109 55.28 -26.63 -7.58
CA LYS C 109 56.72 -26.46 -7.78
C LYS C 109 57.46 -27.80 -7.76
N ARG C 110 57.10 -28.68 -6.82
CA ARG C 110 57.64 -30.04 -6.76
C ARG C 110 57.35 -30.84 -8.03
N ALA C 111 56.12 -30.77 -8.55
CA ALA C 111 55.82 -31.45 -9.81
C ALA C 111 56.69 -30.94 -10.97
N GLU C 112 56.99 -29.63 -11.02
CA GLU C 112 57.89 -29.12 -12.05
C GLU C 112 59.32 -29.64 -11.89
N ASP C 113 59.89 -29.59 -10.68
CA ASP C 113 61.21 -30.15 -10.43
C ASP C 113 61.30 -31.65 -10.69
N TYR C 114 60.33 -32.43 -10.25
CA TYR C 114 60.27 -33.85 -10.59
C TYR C 114 60.31 -34.07 -12.11
N LEU C 115 59.62 -33.25 -12.90
CA LEU C 115 59.68 -33.35 -14.36
C LEU C 115 61.13 -33.21 -14.86
N ARG C 116 61.82 -32.21 -14.31
CA ARG C 116 63.23 -31.98 -14.59
C ARG C 116 64.14 -33.14 -14.19
N ALA C 117 63.96 -33.64 -12.97
CA ALA C 117 64.70 -34.79 -12.45
C ALA C 117 64.47 -36.07 -13.27
N THR C 118 63.31 -36.23 -13.89
CA THR C 118 63.12 -37.37 -14.78
C THR C 118 63.77 -37.17 -16.14
N GLY C 119 64.19 -35.93 -16.45
CA GLY C 119 64.81 -35.61 -17.74
C GLY C 119 63.89 -35.82 -18.94
N ILE C 120 62.59 -36.06 -18.74
CA ILE C 120 61.68 -36.27 -19.86
C ILE C 120 61.51 -34.96 -20.64
N ALA C 121 61.57 -33.84 -19.93
CA ALA C 121 61.62 -32.52 -20.53
C ALA C 121 62.05 -31.48 -19.49
N ASP C 122 62.33 -30.24 -19.90
CA ASP C 122 62.71 -29.19 -18.95
C ASP C 122 61.51 -28.38 -18.47
N THR C 123 60.52 -28.21 -19.35
CA THR C 123 59.35 -27.43 -18.98
C THR C 123 58.00 -28.00 -19.36
N VAL C 124 57.02 -27.75 -18.48
CA VAL C 124 55.60 -28.07 -18.76
C VAL C 124 54.85 -26.81 -19.09
N LEU C 125 54.17 -26.80 -20.20
CA LEU C 125 53.34 -25.68 -20.55
C LEU C 125 51.83 -25.93 -20.47
N PHE C 126 51.21 -25.08 -19.65
CA PHE C 126 49.77 -25.11 -19.45
C PHE C 126 49.02 -23.89 -19.95
N GLY C 127 47.89 -24.20 -20.54
CA GLY C 127 46.99 -23.17 -21.05
C GLY C 127 45.53 -23.45 -20.73
N PRO C 128 45.06 -23.01 -19.57
CA PRO C 128 43.72 -23.25 -19.06
C PRO C 128 42.73 -22.33 -19.78
N GLU C 129 41.55 -22.80 -20.19
CA GLU C 129 40.56 -21.91 -20.80
C GLU C 129 39.37 -21.74 -19.82
N PRO C 130 39.46 -21.00 -18.68
CA PRO C 130 38.43 -20.84 -17.68
C PRO C 130 37.22 -20.07 -18.15
N GLU C 131 36.01 -20.60 -17.96
CA GLU C 131 34.83 -19.82 -18.28
C GLU C 131 34.14 -19.34 -17.03
N PHE C 132 33.41 -18.24 -17.13
CA PHE C 132 32.68 -17.75 -15.97
C PHE C 132 31.28 -17.26 -16.28
N PHE C 133 30.49 -17.07 -15.24
CA PHE C 133 29.19 -16.44 -15.40
C PHE C 133 29.17 -15.09 -14.69
N LEU C 134 28.46 -14.18 -15.33
CA LEU C 134 28.34 -12.83 -14.85
C LEU C 134 26.87 -12.50 -14.57
N PHE C 135 26.41 -12.73 -13.34
CA PHE C 135 25.02 -12.50 -12.96
C PHE C 135 24.74 -11.15 -12.27
N ASP C 136 23.48 -10.65 -12.14
CA ASP C 136 23.19 -9.42 -11.39
C ASP C 136 22.82 -9.69 -9.94
N ASP C 137 22.17 -10.82 -9.74
CA ASP C 137 21.63 -11.18 -8.44
C ASP C 137 21.65 -12.67 -8.24
N ILE C 138 22.20 -13.09 -7.13
CA ILE C 138 22.21 -14.50 -6.80
C ILE C 138 21.75 -14.63 -5.34
N ARG C 139 20.65 -15.34 -5.15
CA ARG C 139 20.15 -15.59 -3.81
C ARG C 139 20.02 -17.08 -3.60
N PHE C 140 20.37 -17.54 -2.43
CA PHE C 140 20.19 -18.94 -2.12
C PHE C 140 20.19 -19.17 -0.61
N GLY C 141 19.70 -20.33 -0.19
CA GLY C 141 19.67 -20.63 1.23
C GLY C 141 19.10 -22.02 1.46
N ALA C 142 19.49 -22.60 2.57
CA ALA C 142 19.01 -23.89 3.03
C ALA C 142 18.78 -23.73 4.56
N SER C 143 17.66 -24.28 5.03
CA SER C 143 17.17 -24.21 6.39
C SER C 143 16.39 -25.50 6.66
N ILE C 144 16.04 -25.86 7.89
CA ILE C 144 15.20 -27.05 8.12
C ILE C 144 13.91 -27.10 7.28
N SER C 145 13.22 -25.97 7.19
CA SER C 145 11.94 -25.84 6.51
C SER C 145 12.03 -25.70 5.01
N GLY C 146 13.22 -25.75 4.44
CA GLY C 146 13.35 -25.64 2.99
C GLY C 146 14.73 -25.17 2.45
N SER C 147 14.77 -25.01 1.13
CA SER C 147 15.98 -24.55 0.51
C SER C 147 15.70 -23.95 -0.85
N HIS C 148 16.59 -23.09 -1.36
CA HIS C 148 16.39 -22.41 -2.62
C HIS C 148 17.64 -21.80 -3.21
N VAL C 149 17.59 -21.58 -4.50
CA VAL C 149 18.55 -20.76 -5.20
C VAL C 149 17.78 -20.03 -6.31
N ALA C 150 18.14 -18.77 -6.48
CA ALA C 150 17.51 -17.86 -7.41
C ALA C 150 18.60 -17.11 -8.16
N ILE C 151 18.70 -17.36 -9.46
CA ILE C 151 19.70 -16.69 -10.30
C ILE C 151 19.03 -15.58 -11.11
N ASP C 152 19.65 -14.42 -11.14
CA ASP C 152 19.15 -13.43 -12.04
C ASP C 152 20.19 -12.53 -12.66
N ASP C 153 19.93 -12.37 -13.95
CA ASP C 153 20.71 -11.50 -14.80
C ASP C 153 19.88 -10.96 -15.95
N ILE C 154 20.21 -9.73 -16.29
CA ILE C 154 19.56 -8.97 -17.37
C ILE C 154 19.51 -9.71 -18.70
N GLU C 155 20.53 -10.52 -18.97
CA GLU C 155 20.61 -11.34 -20.18
C GLU C 155 19.88 -12.67 -20.11
N GLY C 156 19.26 -12.98 -18.97
CA GLY C 156 18.63 -14.25 -18.78
C GLY C 156 17.45 -14.33 -19.71
N ALA C 157 17.40 -15.30 -20.63
CA ALA C 157 16.29 -15.47 -21.55
C ALA C 157 14.92 -15.41 -20.87
N TRP C 158 14.90 -15.89 -19.62
CA TRP C 158 13.71 -15.78 -18.81
C TRP C 158 13.24 -14.34 -18.56
N ASN C 159 14.06 -13.28 -18.61
CA ASN C 159 13.55 -11.94 -18.43
C ASN C 159 12.83 -11.26 -19.59
N SER C 160 12.59 -12.01 -20.68
CA SER C 160 11.82 -11.51 -21.81
C SER C 160 10.42 -10.99 -21.45
N SER C 161 9.86 -11.58 -20.40
CA SER C 161 8.55 -11.19 -19.88
C SER C 161 8.50 -10.14 -18.78
N THR C 162 9.68 -9.87 -18.23
CA THR C 162 9.88 -9.01 -17.08
C THR C 162 9.58 -7.53 -17.23
N LYS C 163 8.87 -6.93 -16.28
CA LYS C 163 8.71 -5.48 -16.26
C LYS C 163 9.92 -4.81 -15.60
N TYR C 164 10.50 -3.85 -16.31
CA TYR C 164 11.67 -3.17 -15.79
C TYR C 164 11.63 -1.69 -15.41
N GLU C 165 10.57 -0.89 -15.62
CA GLU C 165 10.52 0.56 -15.30
C GLU C 165 11.44 1.47 -16.11
N GLY C 166 12.60 1.02 -16.59
CA GLY C 166 13.22 1.74 -17.68
C GLY C 166 12.53 1.36 -19.01
N GLY C 167 11.99 0.16 -19.03
CA GLY C 167 11.39 -0.43 -20.23
C GLY C 167 12.07 -1.78 -20.44
N ASN C 168 11.59 -2.76 -21.22
CA ASN C 168 12.32 -4.01 -21.21
C ASN C 168 13.36 -4.11 -22.32
N LYS C 169 13.25 -3.44 -23.49
CA LYS C 169 14.30 -3.53 -24.53
C LYS C 169 14.64 -4.89 -25.20
N GLY C 170 14.32 -6.04 -24.61
CA GLY C 170 14.32 -7.36 -25.25
C GLY C 170 15.47 -7.94 -26.09
N HIS C 171 16.64 -7.31 -26.25
CA HIS C 171 17.71 -7.98 -26.98
C HIS C 171 18.46 -8.81 -25.93
N ARG C 172 18.43 -10.13 -26.05
CA ARG C 172 18.94 -10.95 -24.94
C ARG C 172 19.41 -12.32 -25.48
N PRO C 173 20.50 -12.99 -25.06
CA PRO C 173 20.87 -14.28 -25.60
C PRO C 173 19.85 -15.35 -25.22
N GLY C 174 19.25 -16.07 -26.18
CA GLY C 174 18.35 -17.19 -25.86
C GLY C 174 19.03 -18.32 -25.07
N VAL C 175 18.44 -19.47 -24.65
CA VAL C 175 19.26 -20.38 -23.84
C VAL C 175 20.54 -20.91 -24.49
N LYS C 176 20.68 -21.52 -25.66
CA LYS C 176 22.06 -21.82 -26.08
C LYS C 176 22.64 -20.83 -27.10
N GLY C 177 22.08 -19.62 -27.04
CA GLY C 177 22.39 -18.61 -28.04
C GLY C 177 23.30 -17.47 -27.64
N GLY C 178 24.05 -17.61 -26.56
CA GLY C 178 24.99 -16.60 -26.12
C GLY C 178 26.26 -16.52 -26.97
N TYR C 179 26.44 -17.55 -27.79
CA TYR C 179 27.57 -17.64 -28.66
C TYR C 179 27.50 -16.91 -30.00
N PHE C 180 28.10 -15.80 -29.65
CA PHE C 180 28.60 -14.65 -30.41
C PHE C 180 27.87 -13.42 -30.88
N PRO C 181 26.58 -13.18 -30.66
CA PRO C 181 25.87 -12.07 -31.29
C PRO C 181 26.43 -10.74 -30.81
N VAL C 182 26.48 -9.77 -31.70
CA VAL C 182 26.98 -8.45 -31.32
C VAL C 182 26.09 -7.73 -30.31
N PRO C 183 26.59 -6.71 -29.61
CA PRO C 183 25.76 -5.76 -28.91
C PRO C 183 24.56 -5.21 -29.71
N PRO C 184 23.41 -4.87 -29.10
CA PRO C 184 23.12 -5.03 -27.68
C PRO C 184 22.81 -6.41 -27.10
N VAL C 185 22.76 -7.50 -27.88
CA VAL C 185 22.44 -8.84 -27.35
C VAL C 185 23.53 -9.31 -26.36
N ASP C 186 24.77 -9.04 -26.73
CA ASP C 186 25.85 -9.29 -25.80
C ASP C 186 26.02 -8.02 -24.97
N SER C 187 25.59 -8.12 -23.71
CA SER C 187 25.74 -6.97 -22.79
C SER C 187 27.15 -6.73 -22.24
N ALA C 188 28.05 -7.71 -22.37
CA ALA C 188 29.29 -7.56 -21.66
C ALA C 188 30.58 -7.13 -22.36
N GLN C 189 30.52 -6.57 -23.57
CA GLN C 189 31.72 -6.11 -24.28
C GLN C 189 32.64 -5.22 -23.44
N ASP C 190 32.12 -4.12 -22.90
CA ASP C 190 32.92 -3.27 -22.02
C ASP C 190 33.39 -3.96 -20.73
N ILE C 191 32.61 -4.86 -20.13
CA ILE C 191 33.09 -5.55 -18.93
C ILE C 191 34.20 -6.53 -19.30
N ARG C 192 34.07 -7.31 -20.37
CA ARG C 192 35.16 -8.19 -20.76
C ARG C 192 36.40 -7.40 -21.21
N SER C 193 36.33 -6.34 -22.05
CA SER C 193 37.53 -5.57 -22.44
C SER C 193 38.29 -5.02 -21.26
N GLU C 194 37.56 -4.46 -20.28
CA GLU C 194 38.11 -3.97 -19.03
C GLU C 194 38.84 -5.04 -18.22
N MET C 195 38.24 -6.22 -18.15
CA MET C 195 38.88 -7.38 -17.50
C MET C 195 40.16 -7.71 -18.26
N CYS C 196 40.17 -7.61 -19.59
CA CYS C 196 41.40 -7.85 -20.33
C CYS C 196 42.46 -6.84 -19.97
N LEU C 197 42.11 -5.55 -20.03
CA LEU C 197 43.05 -4.50 -19.67
C LEU C 197 43.57 -4.67 -18.24
N VAL C 198 42.74 -4.88 -17.20
CA VAL C 198 43.30 -5.10 -15.87
C VAL C 198 44.12 -6.41 -15.78
N MET C 199 43.79 -7.50 -16.49
CA MET C 199 44.61 -8.70 -16.44
C MET C 199 46.04 -8.46 -16.95
N GLU C 200 46.15 -7.73 -18.07
CA GLU C 200 47.47 -7.42 -18.61
C GLU C 200 48.25 -6.50 -17.67
N GLN C 201 47.58 -5.53 -17.04
CA GLN C 201 48.19 -4.69 -16.00
C GLN C 201 48.72 -5.48 -14.79
N MET C 202 48.21 -6.70 -14.63
CA MET C 202 48.68 -7.64 -13.61
C MET C 202 49.60 -8.73 -14.14
N GLY C 203 50.01 -8.56 -15.39
CA GLY C 203 51.00 -9.43 -16.02
C GLY C 203 50.48 -10.59 -16.84
N LEU C 204 49.21 -10.62 -17.20
CA LEU C 204 48.74 -11.71 -18.02
C LEU C 204 48.75 -11.34 -19.49
N VAL C 205 48.74 -12.29 -20.42
CA VAL C 205 48.59 -11.86 -21.80
C VAL C 205 47.31 -12.34 -22.42
N VAL C 206 46.39 -11.42 -22.60
CA VAL C 206 45.15 -11.77 -23.26
C VAL C 206 45.32 -12.05 -24.76
N GLU C 207 44.62 -13.07 -25.22
CA GLU C 207 44.59 -13.44 -26.63
C GLU C 207 43.28 -13.17 -27.32
N ALA C 208 42.21 -13.35 -26.57
CA ALA C 208 40.87 -13.06 -27.05
C ALA C 208 39.86 -12.99 -25.92
N HIS C 209 38.74 -12.30 -26.07
CA HIS C 209 37.67 -12.38 -25.09
C HIS C 209 36.37 -12.43 -25.86
N HIS C 210 35.44 -13.24 -25.40
CA HIS C 210 34.14 -13.33 -26.07
C HIS C 210 33.08 -13.86 -25.12
N HIS C 211 31.83 -13.68 -25.50
CA HIS C 211 30.70 -14.27 -24.81
C HIS C 211 30.64 -15.77 -25.10
N GLU C 212 30.28 -16.57 -24.10
CA GLU C 212 30.12 -17.98 -24.32
C GLU C 212 28.71 -18.44 -24.67
N VAL C 213 28.42 -19.73 -24.71
CA VAL C 213 27.15 -20.25 -25.22
C VAL C 213 25.90 -19.94 -24.43
N ALA C 214 26.04 -19.95 -23.12
CA ALA C 214 24.89 -19.76 -22.27
C ALA C 214 24.23 -18.38 -22.22
N THR C 215 22.90 -18.39 -22.15
CA THR C 215 22.14 -17.18 -21.80
C THR C 215 22.55 -16.70 -20.40
N ALA C 216 22.06 -15.59 -19.85
CA ALA C 216 22.41 -15.16 -18.48
C ALA C 216 23.90 -15.03 -18.10
N GLY C 217 24.65 -14.48 -19.06
CA GLY C 217 26.02 -14.04 -18.81
C GLY C 217 27.21 -14.99 -18.86
N GLN C 218 27.26 -16.03 -19.69
CA GLN C 218 28.48 -16.80 -19.74
C GLN C 218 29.54 -16.08 -20.58
N ASN C 219 30.76 -15.94 -20.05
CA ASN C 219 31.83 -15.24 -20.73
C ASN C 219 33.19 -15.91 -20.67
N GLU C 220 34.09 -15.52 -21.55
CA GLU C 220 35.42 -16.09 -21.55
C GLU C 220 36.49 -15.11 -21.96
N VAL C 221 37.52 -15.02 -21.14
CA VAL C 221 38.70 -14.25 -21.51
C VAL C 221 39.81 -15.29 -21.73
N ALA C 222 40.25 -15.42 -22.99
CA ALA C 222 41.32 -16.34 -23.36
C ALA C 222 42.71 -15.78 -23.09
N THR C 223 43.55 -16.54 -22.41
CA THR C 223 44.83 -15.98 -21.97
C THR C 223 46.10 -16.78 -22.35
N ARG C 224 47.22 -16.17 -22.80
CA ARG C 224 48.46 -16.89 -23.18
C ARG C 224 49.07 -17.70 -22.07
N PHE C 225 49.48 -18.87 -22.55
CA PHE C 225 50.06 -19.94 -21.75
C PHE C 225 51.26 -19.59 -20.90
N ASN C 226 51.53 -20.57 -20.06
CA ASN C 226 52.69 -20.45 -19.24
C ASN C 226 53.20 -21.77 -18.70
N THR C 227 54.30 -21.68 -17.99
CA THR C 227 54.80 -22.86 -17.30
C THR C 227 53.84 -23.13 -16.15
N MET C 228 53.64 -24.40 -15.83
CA MET C 228 52.70 -24.81 -14.80
C MET C 228 52.57 -23.95 -13.54
N THR C 229 53.48 -23.86 -12.57
CA THR C 229 53.19 -23.00 -11.40
C THR C 229 53.00 -21.52 -11.72
N LYS C 230 53.61 -20.99 -12.77
CA LYS C 230 53.36 -19.58 -13.09
C LYS C 230 51.93 -19.42 -13.60
N LYS C 231 51.46 -20.37 -14.42
CA LYS C 231 50.09 -20.37 -14.93
C LYS C 231 49.06 -20.58 -13.84
N ALA C 232 49.33 -21.47 -12.90
CA ALA C 232 48.46 -21.64 -11.75
C ALA C 232 48.27 -20.33 -10.98
N ASP C 233 49.36 -19.58 -10.73
CA ASP C 233 49.21 -18.25 -10.15
C ASP C 233 48.45 -17.30 -11.09
N GLU C 234 48.66 -17.36 -12.41
CA GLU C 234 47.88 -16.52 -13.32
C GLU C 234 46.39 -16.86 -13.31
N ILE C 235 46.01 -18.10 -13.01
CA ILE C 235 44.60 -18.42 -12.79
C ILE C 235 44.13 -17.76 -11.52
N GLN C 236 44.89 -17.77 -10.42
CA GLN C 236 44.48 -17.02 -9.23
C GLN C 236 44.37 -15.53 -9.49
N ILE C 237 45.21 -14.91 -10.32
CA ILE C 237 44.97 -13.51 -10.69
C ILE C 237 43.77 -13.34 -11.60
N TYR C 238 43.62 -14.23 -12.59
CA TYR C 238 42.50 -14.24 -13.52
C TYR C 238 41.16 -14.18 -12.79
N LYS C 239 40.98 -15.15 -11.90
CA LYS C 239 39.80 -15.17 -11.07
C LYS C 239 39.64 -13.91 -10.21
N TYR C 240 40.70 -13.33 -9.63
CA TYR C 240 40.57 -12.11 -8.81
C TYR C 240 40.09 -10.91 -9.60
N VAL C 241 40.65 -10.74 -10.79
CA VAL C 241 40.24 -9.65 -11.66
C VAL C 241 38.81 -9.86 -12.11
N VAL C 242 38.41 -11.07 -12.53
CA VAL C 242 37.02 -11.29 -12.92
C VAL C 242 36.07 -11.00 -11.77
N HIS C 243 36.32 -11.56 -10.59
CA HIS C 243 35.47 -11.29 -9.43
C HIS C 243 35.41 -9.79 -9.10
N ASN C 244 36.53 -9.05 -9.12
CA ASN C 244 36.45 -7.63 -8.79
C ASN C 244 36.04 -6.64 -9.86
N VAL C 245 36.36 -6.85 -11.14
CA VAL C 245 35.86 -5.96 -12.19
C VAL C 245 34.36 -6.10 -12.30
N ALA C 246 33.88 -7.35 -12.27
CA ALA C 246 32.45 -7.63 -12.27
C ALA C 246 31.75 -6.85 -11.15
N HIS C 247 32.37 -6.92 -9.97
CA HIS C 247 31.88 -6.18 -8.82
C HIS C 247 31.80 -4.66 -9.05
N ARG C 248 32.83 -4.04 -9.64
CA ARG C 248 32.84 -2.61 -9.97
C ARG C 248 31.72 -2.24 -10.93
N PHE C 249 31.42 -3.20 -11.82
CA PHE C 249 30.30 -3.07 -12.75
C PHE C 249 28.92 -3.39 -12.20
N GLY C 250 28.79 -3.72 -10.92
CA GLY C 250 27.50 -4.04 -10.33
C GLY C 250 27.01 -5.45 -10.59
N LYS C 251 27.88 -6.25 -11.16
CA LYS C 251 27.60 -7.65 -11.40
C LYS C 251 28.25 -8.50 -10.31
N THR C 252 28.02 -9.80 -10.41
CA THR C 252 28.64 -10.80 -9.56
C THR C 252 29.06 -11.95 -10.46
N ALA C 253 30.33 -12.28 -10.38
CA ALA C 253 30.85 -13.38 -11.19
C ALA C 253 30.99 -14.66 -10.41
N THR C 254 30.81 -15.76 -11.11
CA THR C 254 31.03 -17.05 -10.47
C THR C 254 31.70 -18.08 -11.36
N PHE C 255 32.66 -18.79 -10.76
CA PHE C 255 33.33 -19.84 -11.47
C PHE C 255 32.74 -21.23 -11.20
N MET C 256 31.53 -21.35 -10.61
CA MET C 256 31.06 -22.70 -10.37
C MET C 256 30.63 -23.38 -11.68
N PRO C 257 30.82 -24.69 -11.78
CA PRO C 257 30.81 -25.43 -13.04
C PRO C 257 29.45 -25.43 -13.74
N LYS C 258 28.41 -25.61 -12.92
CA LYS C 258 27.06 -25.75 -13.40
C LYS C 258 26.01 -24.97 -12.58
N PRO C 259 25.85 -23.66 -12.75
CA PRO C 259 24.86 -22.91 -11.99
C PRO C 259 23.43 -23.08 -12.46
N MET C 260 23.25 -23.29 -13.76
CA MET C 260 21.91 -23.47 -14.31
C MET C 260 21.72 -24.81 -15.00
N PHE C 261 20.62 -25.49 -14.72
CA PHE C 261 20.29 -26.68 -15.48
C PHE C 261 19.69 -26.31 -16.84
N GLY C 262 20.04 -26.98 -17.93
CA GLY C 262 19.38 -26.71 -19.20
C GLY C 262 20.09 -25.72 -20.14
N ASP C 263 21.27 -25.35 -19.68
CA ASP C 263 22.16 -24.55 -20.48
C ASP C 263 23.61 -24.83 -20.10
N ASN C 264 24.54 -24.31 -20.89
CA ASN C 264 25.95 -24.50 -20.69
C ASN C 264 26.57 -24.33 -19.30
N GLY C 265 27.55 -25.20 -19.09
CA GLY C 265 28.35 -25.15 -17.91
C GLY C 265 29.67 -24.48 -18.23
N SER C 266 30.25 -23.99 -17.17
CA SER C 266 31.57 -23.39 -17.25
C SER C 266 32.64 -24.46 -17.01
N GLY C 267 33.36 -24.78 -18.08
CA GLY C 267 34.53 -25.64 -17.96
C GLY C 267 35.86 -24.90 -18.06
N MET C 268 36.95 -25.50 -17.60
CA MET C 268 38.29 -24.93 -17.74
C MET C 268 39.17 -25.92 -18.47
N HIS C 269 39.22 -25.85 -19.78
CA HIS C 269 40.01 -26.84 -20.51
C HIS C 269 41.49 -26.56 -20.41
N CYS C 270 42.24 -27.59 -20.07
CA CYS C 270 43.67 -27.45 -20.03
C CYS C 270 44.38 -27.91 -21.27
N HIS C 271 44.96 -26.95 -21.97
CA HIS C 271 45.85 -27.31 -23.03
C HIS C 271 47.22 -27.62 -22.43
N MET C 272 47.82 -28.74 -22.78
CA MET C 272 49.15 -29.06 -22.29
C MET C 272 50.17 -29.39 -23.36
N SER C 273 51.40 -29.06 -22.99
CA SER C 273 52.56 -29.36 -23.83
C SER C 273 53.86 -29.53 -23.07
N LEU C 274 54.72 -30.42 -23.53
CA LEU C 274 56.02 -30.62 -22.92
C LEU C 274 57.18 -30.15 -23.79
N ALA C 275 58.21 -29.62 -23.15
CA ALA C 275 59.37 -29.21 -23.92
C ALA C 275 60.74 -29.45 -23.29
N LYS C 276 61.62 -30.02 -24.10
CA LYS C 276 63.02 -30.26 -23.73
C LYS C 276 63.85 -29.34 -24.60
N ASN C 277 64.94 -28.77 -24.09
CA ASN C 277 65.82 -27.82 -24.77
C ASN C 277 65.25 -27.00 -25.95
N GLY C 278 64.20 -26.24 -25.65
CA GLY C 278 63.53 -25.38 -26.64
C GLY C 278 62.69 -26.08 -27.73
N THR C 279 62.46 -27.38 -27.61
CA THR C 279 61.69 -28.13 -28.59
C THR C 279 60.51 -28.87 -27.99
N ASN C 280 59.45 -28.81 -28.77
CA ASN C 280 58.21 -29.41 -28.35
C ASN C 280 58.09 -30.92 -28.55
N LEU C 281 58.36 -31.63 -27.47
CA LEU C 281 58.20 -33.09 -27.43
C LEU C 281 56.87 -33.65 -27.91
N PHE C 282 55.79 -32.87 -27.84
CA PHE C 282 54.52 -33.38 -28.30
C PHE C 282 54.36 -33.37 -29.80
N SER C 283 55.17 -32.60 -30.51
CA SER C 283 55.17 -32.65 -31.97
C SER C 283 55.90 -33.89 -32.47
N GLY C 284 55.52 -34.40 -33.63
CA GLY C 284 56.13 -35.59 -34.19
C GLY C 284 55.41 -36.10 -35.43
N ASP C 285 55.60 -37.40 -35.65
CA ASP C 285 54.90 -38.11 -36.71
C ASP C 285 53.55 -38.62 -36.15
N LYS C 286 53.23 -39.91 -35.99
CA LYS C 286 52.00 -40.41 -35.34
C LYS C 286 50.64 -39.72 -35.59
N TYR C 287 49.57 -39.96 -34.79
CA TYR C 287 48.29 -39.28 -35.02
C TYR C 287 48.35 -37.76 -34.96
N ALA C 288 47.86 -37.14 -36.02
CA ALA C 288 47.73 -35.69 -36.09
C ALA C 288 48.92 -34.80 -35.70
N GLY C 289 50.13 -35.22 -36.07
CA GLY C 289 51.34 -34.47 -35.76
C GLY C 289 51.92 -34.78 -34.39
N LEU C 290 51.35 -35.74 -33.68
CA LEU C 290 51.84 -36.05 -32.36
C LEU C 290 53.03 -36.98 -32.27
N SER C 291 53.81 -36.83 -31.21
CA SER C 291 54.85 -37.83 -30.97
C SER C 291 54.35 -39.07 -30.23
N GLU C 292 55.14 -40.14 -30.21
CA GLU C 292 54.82 -41.32 -29.40
C GLU C 292 54.82 -40.98 -27.89
N GLN C 293 55.67 -40.00 -27.57
CA GLN C 293 55.83 -39.40 -26.24
C GLN C 293 54.52 -38.78 -25.73
N ALA C 294 53.91 -38.02 -26.63
CA ALA C 294 52.62 -37.38 -26.46
C ALA C 294 51.51 -38.42 -26.28
N LEU C 295 51.49 -39.44 -27.15
CA LEU C 295 50.52 -40.52 -26.98
C LEU C 295 50.59 -41.19 -25.62
N TYR C 296 51.77 -41.44 -25.08
CA TYR C 296 51.86 -41.97 -23.72
C TYR C 296 51.39 -41.00 -22.65
N TYR C 297 51.57 -39.69 -22.85
CA TYR C 297 51.00 -38.66 -21.96
C TYR C 297 49.48 -38.84 -21.93
N ILE C 298 48.82 -38.85 -23.09
CA ILE C 298 47.38 -39.11 -23.19
C ILE C 298 47.00 -40.41 -22.46
N GLY C 299 47.74 -41.50 -22.72
CA GLY C 299 47.53 -42.77 -22.02
C GLY C 299 47.61 -42.66 -20.50
N GLY C 300 48.53 -41.86 -19.95
CA GLY C 300 48.62 -41.64 -18.51
C GLY C 300 47.41 -40.86 -17.96
N VAL C 301 47.01 -39.78 -18.66
CA VAL C 301 45.82 -39.03 -18.30
C VAL C 301 44.61 -39.95 -18.30
N ILE C 302 44.32 -40.65 -19.41
CA ILE C 302 43.20 -41.59 -19.46
C ILE C 302 43.30 -42.69 -18.40
N LYS C 303 44.47 -43.28 -18.17
CA LYS C 303 44.69 -44.25 -17.11
C LYS C 303 44.30 -43.73 -15.71
N HIS C 304 44.59 -42.46 -15.46
CA HIS C 304 44.30 -41.91 -14.13
C HIS C 304 43.16 -40.92 -14.03
N ALA C 305 42.41 -40.75 -15.13
CA ALA C 305 41.33 -39.79 -15.22
C ALA C 305 40.41 -39.71 -14.02
N LYS C 306 39.83 -40.80 -13.50
CA LYS C 306 39.00 -40.67 -12.29
C LYS C 306 39.72 -40.12 -11.03
N ALA C 307 41.02 -40.38 -10.82
CA ALA C 307 41.72 -39.77 -9.68
C ALA C 307 42.00 -38.30 -9.97
N ILE C 308 42.30 -37.99 -11.24
CA ILE C 308 42.45 -36.61 -11.67
C ILE C 308 41.13 -35.85 -11.44
N ASN C 309 39.94 -36.44 -11.71
CA ASN C 309 38.66 -35.78 -11.46
C ASN C 309 38.47 -35.28 -10.03
N ALA C 310 38.99 -35.99 -9.03
CA ALA C 310 38.94 -35.53 -7.64
C ALA C 310 39.63 -34.18 -7.41
N LEU C 311 40.56 -33.83 -8.29
CA LEU C 311 41.29 -32.57 -8.22
C LEU C 311 40.87 -31.56 -9.31
N ALA C 312 40.59 -32.05 -10.54
CA ALA C 312 40.17 -31.24 -11.67
C ALA C 312 38.67 -30.91 -11.77
N ASN C 313 37.87 -31.67 -11.01
CA ASN C 313 36.40 -31.52 -10.89
C ASN C 313 35.96 -31.70 -9.43
N PRO C 314 36.41 -30.86 -8.49
CA PRO C 314 36.40 -31.17 -7.06
C PRO C 314 35.10 -30.83 -6.31
N THR C 315 34.06 -30.46 -7.03
CA THR C 315 32.83 -30.02 -6.37
C THR C 315 31.68 -30.95 -6.67
N THR C 316 30.69 -31.21 -5.81
CA THR C 316 29.53 -32.01 -6.27
C THR C 316 28.88 -31.44 -7.54
N ASN C 317 28.80 -30.11 -7.63
CA ASN C 317 28.27 -29.43 -8.81
C ASN C 317 29.04 -29.71 -10.10
N SER C 318 30.32 -30.04 -9.99
CA SER C 318 31.13 -30.38 -11.16
C SER C 318 30.56 -31.46 -12.04
N TYR C 319 29.96 -32.43 -11.36
CA TYR C 319 29.38 -33.58 -12.03
C TYR C 319 28.01 -33.31 -12.64
N LYS C 320 27.35 -32.19 -12.30
CA LYS C 320 26.15 -31.78 -13.04
C LYS C 320 26.52 -31.33 -14.46
N ARG C 321 27.78 -30.91 -14.67
CA ARG C 321 28.33 -30.56 -15.98
C ARG C 321 28.79 -31.79 -16.75
N LEU C 322 29.50 -32.64 -16.04
CA LEU C 322 29.97 -33.90 -16.61
C LEU C 322 28.91 -34.99 -16.65
N VAL C 323 27.84 -34.73 -17.39
CA VAL C 323 26.83 -35.77 -17.57
C VAL C 323 26.80 -36.13 -19.07
N PRO C 324 26.53 -37.39 -19.44
CA PRO C 324 26.43 -37.84 -20.82
C PRO C 324 25.94 -36.98 -21.99
N PRO C 329 31.71 -33.70 -22.16
CA PRO C 329 32.98 -34.36 -22.47
C PRO C 329 33.35 -35.47 -21.48
N VAL C 330 32.50 -36.48 -21.46
CA VAL C 330 32.71 -37.58 -20.54
C VAL C 330 33.58 -38.76 -20.99
N MET C 331 33.64 -38.97 -22.31
CA MET C 331 34.40 -40.03 -22.95
C MET C 331 35.93 -39.93 -22.90
N LEU C 332 36.60 -40.77 -22.15
CA LEU C 332 38.07 -40.83 -22.14
C LEU C 332 38.63 -41.42 -23.43
N ALA C 333 38.77 -40.49 -24.36
CA ALA C 333 39.24 -40.80 -25.69
C ALA C 333 39.92 -39.60 -26.33
N TYR C 334 40.98 -39.83 -27.09
CA TYR C 334 41.56 -38.72 -27.84
C TYR C 334 41.11 -38.66 -29.28
N SER C 335 41.05 -37.44 -29.78
CA SER C 335 40.71 -37.21 -31.18
C SER C 335 40.97 -35.81 -31.70
N ALA C 336 41.27 -35.66 -32.99
CA ALA C 336 41.31 -34.35 -33.63
C ALA C 336 39.91 -34.02 -34.16
N ARG C 337 39.16 -35.09 -34.49
CA ARG C 337 37.75 -35.01 -34.88
C ARG C 337 36.68 -35.05 -33.76
N ASN C 338 36.47 -36.12 -32.99
CA ASN C 338 35.40 -36.18 -31.98
C ASN C 338 35.32 -35.19 -30.78
N ARG C 339 34.68 -34.00 -30.84
CA ARG C 339 34.44 -33.16 -29.64
C ARG C 339 33.23 -33.77 -28.91
N SER C 340 33.63 -34.78 -28.19
CA SER C 340 32.84 -35.74 -27.41
C SER C 340 33.85 -36.53 -26.58
N ALA C 341 35.01 -36.66 -27.23
CA ALA C 341 36.24 -37.11 -26.62
C ALA C 341 36.77 -36.01 -25.69
N SER C 342 37.06 -36.40 -24.46
CA SER C 342 37.60 -35.48 -23.47
C SER C 342 39.06 -35.09 -23.72
N ILE C 343 39.75 -35.77 -24.63
CA ILE C 343 41.10 -35.37 -24.99
C ILE C 343 41.05 -34.92 -26.46
N ARG C 344 41.06 -33.63 -26.72
CA ARG C 344 41.10 -33.11 -28.08
C ARG C 344 42.54 -32.80 -28.50
N ILE C 345 42.94 -33.26 -29.68
CA ILE C 345 44.26 -32.93 -30.22
C ILE C 345 43.97 -31.75 -31.15
N PRO C 346 44.27 -30.50 -30.77
CA PRO C 346 43.91 -29.32 -31.53
C PRO C 346 44.60 -29.35 -32.89
N VAL C 347 43.86 -29.04 -33.94
CA VAL C 347 44.46 -28.97 -35.26
C VAL C 347 45.21 -27.62 -35.31
N VAL C 348 46.46 -27.70 -34.89
CA VAL C 348 47.29 -26.51 -34.91
C VAL C 348 47.63 -26.09 -36.34
N ALA C 349 47.90 -27.05 -37.26
CA ALA C 349 48.31 -26.87 -38.68
C ALA C 349 49.68 -26.21 -38.87
N SER C 350 49.77 -25.15 -38.08
CA SER C 350 50.95 -24.42 -37.70
C SER C 350 51.96 -25.35 -37.01
N PRO C 351 53.13 -24.98 -36.47
CA PRO C 351 54.31 -25.83 -36.59
C PRO C 351 54.66 -26.95 -35.61
N LYS C 352 54.68 -26.46 -34.39
CA LYS C 352 55.17 -27.13 -33.18
C LYS C 352 54.65 -26.46 -31.91
N ALA C 353 53.58 -25.71 -32.18
CA ALA C 353 52.57 -25.42 -31.18
C ALA C 353 51.63 -26.66 -31.05
N ARG C 354 52.14 -27.86 -31.38
CA ARG C 354 51.47 -29.14 -31.16
C ARG C 354 51.23 -29.37 -29.68
N ARG C 355 50.02 -29.78 -29.33
CA ARG C 355 49.65 -29.93 -27.93
C ARG C 355 48.46 -30.84 -27.72
N ILE C 356 48.25 -31.29 -26.50
CA ILE C 356 46.99 -31.96 -26.25
C ILE C 356 46.05 -31.02 -25.48
N GLU C 357 44.75 -31.20 -25.63
CA GLU C 357 43.80 -30.44 -24.86
C GLU C 357 42.92 -31.34 -24.02
N VAL C 358 42.99 -31.31 -22.69
CA VAL C 358 42.04 -32.08 -21.90
C VAL C 358 40.80 -31.21 -21.62
N ARG C 359 39.65 -31.59 -22.18
CA ARG C 359 38.40 -30.83 -22.03
C ARG C 359 37.61 -30.96 -20.75
N PHE C 360 37.86 -31.97 -19.93
CA PHE C 360 37.01 -32.15 -18.75
C PHE C 360 37.17 -31.33 -17.48
N PRO C 361 38.28 -30.68 -17.06
CA PRO C 361 38.33 -29.96 -15.78
C PRO C 361 37.44 -28.71 -15.72
N ASP C 362 37.21 -28.13 -14.55
CA ASP C 362 36.39 -26.92 -14.53
C ASP C 362 36.88 -25.83 -13.59
N PRO C 363 36.52 -24.53 -13.73
CA PRO C 363 37.03 -23.43 -12.92
C PRO C 363 37.01 -23.65 -11.42
N ALA C 364 36.25 -24.62 -10.89
CA ALA C 364 36.27 -24.85 -9.46
C ALA C 364 37.55 -25.52 -8.94
N ALA C 365 38.32 -26.09 -9.87
CA ALA C 365 39.54 -26.80 -9.53
C ALA C 365 40.68 -25.94 -8.97
N ASN C 366 41.41 -26.46 -7.98
CA ASN C 366 42.57 -25.76 -7.45
C ASN C 366 43.65 -25.77 -8.52
N PRO C 367 44.04 -24.67 -9.17
CA PRO C 367 44.82 -24.74 -10.39
C PRO C 367 46.18 -25.40 -10.13
N TYR C 368 46.75 -25.23 -8.92
CA TYR C 368 47.99 -25.91 -8.58
C TYR C 368 47.78 -27.42 -8.54
N LEU C 369 46.94 -27.95 -7.64
CA LEU C 369 46.71 -29.39 -7.59
C LEU C 369 46.15 -29.99 -8.88
N CYS C 370 45.28 -29.28 -9.61
CA CYS C 370 44.73 -29.77 -10.87
C CYS C 370 45.84 -29.95 -11.90
N PHE C 371 46.66 -28.92 -12.10
CA PHE C 371 47.77 -29.02 -13.05
C PHE C 371 48.84 -30.01 -12.61
N ALA C 372 49.23 -30.01 -11.33
CA ALA C 372 50.15 -31.02 -10.81
C ALA C 372 49.64 -32.43 -11.12
N ALA C 373 48.39 -32.77 -10.76
CA ALA C 373 47.84 -34.07 -11.11
C ALA C 373 47.76 -34.34 -12.62
N LEU C 374 47.36 -33.42 -13.51
CA LEU C 374 47.44 -33.70 -14.95
C LEU C 374 48.87 -34.06 -15.40
N LEU C 375 49.88 -33.29 -14.92
CA LEU C 375 51.28 -33.51 -15.23
C LEU C 375 51.73 -34.88 -14.73
N MET C 376 51.68 -35.14 -13.42
CA MET C 376 52.04 -36.45 -12.86
C MET C 376 51.36 -37.62 -13.56
N ALA C 377 50.07 -37.53 -13.96
CA ALA C 377 49.45 -38.61 -14.73
C ALA C 377 50.08 -38.79 -16.10
N GLY C 378 50.30 -37.67 -16.79
CA GLY C 378 50.91 -37.67 -18.10
C GLY C 378 52.33 -38.23 -18.11
N LEU C 379 53.15 -37.91 -17.10
CA LEU C 379 54.48 -38.50 -16.99
C LEU C 379 54.35 -39.99 -16.75
N ASP C 380 53.59 -40.47 -15.75
CA ASP C 380 53.36 -41.92 -15.57
C ASP C 380 52.98 -42.67 -16.85
N GLY C 381 52.32 -42.01 -17.80
CA GLY C 381 52.06 -42.61 -19.11
C GLY C 381 53.35 -42.86 -19.89
N ILE C 382 54.11 -41.77 -20.10
CA ILE C 382 55.43 -41.78 -20.73
C ILE C 382 56.35 -42.82 -20.07
N LYS C 383 56.54 -42.62 -18.77
CA LYS C 383 57.34 -43.49 -17.91
C LYS C 383 57.05 -45.00 -17.97
N ASN C 384 55.81 -45.37 -18.33
CA ASN C 384 55.43 -46.77 -18.49
C ASN C 384 54.88 -47.10 -19.87
N LYS C 385 55.19 -46.36 -20.94
CA LYS C 385 54.71 -46.63 -22.30
C LYS C 385 53.20 -46.93 -22.42
N ILE C 386 52.38 -46.36 -21.51
CA ILE C 386 50.93 -46.59 -21.45
C ILE C 386 50.28 -46.07 -22.73
N HIS C 387 50.29 -46.93 -23.74
CA HIS C 387 49.80 -46.52 -25.04
C HIS C 387 48.30 -46.27 -25.09
N PRO C 388 47.87 -45.06 -25.46
CA PRO C 388 46.48 -44.61 -25.37
C PRO C 388 45.48 -45.49 -26.14
N GLY C 389 45.67 -45.72 -27.44
CA GLY C 389 44.80 -46.63 -28.16
C GLY C 389 44.57 -46.17 -29.58
N GLU C 390 43.31 -45.92 -29.90
CA GLU C 390 42.93 -45.41 -31.20
C GLU C 390 41.92 -44.28 -31.07
N PRO C 391 41.97 -43.26 -31.93
CA PRO C 391 41.05 -42.14 -31.88
C PRO C 391 39.59 -42.36 -32.24
N MET C 392 38.68 -42.06 -31.30
CA MET C 392 37.27 -42.03 -31.64
C MET C 392 37.06 -40.83 -32.59
N ASP C 393 36.55 -40.97 -33.80
CA ASP C 393 36.37 -39.79 -34.66
C ASP C 393 34.97 -39.54 -35.19
N ILE C 407 34.19 -48.12 -24.03
CA ILE C 407 34.87 -46.81 -24.00
C ILE C 407 34.74 -46.07 -22.66
N PRO C 408 35.85 -45.92 -21.90
CA PRO C 408 35.83 -45.49 -20.51
C PRO C 408 35.49 -44.01 -20.28
N GLN C 409 34.90 -43.70 -19.14
CA GLN C 409 34.46 -42.35 -18.86
C GLN C 409 35.03 -41.78 -17.57
N VAL C 410 34.97 -40.45 -17.47
CA VAL C 410 35.33 -39.73 -16.24
C VAL C 410 34.52 -40.16 -15.03
N ALA C 411 34.97 -39.91 -13.79
CA ALA C 411 34.17 -40.23 -12.62
C ALA C 411 32.76 -39.62 -12.73
N GLY C 412 31.75 -40.42 -12.44
CA GLY C 412 30.36 -39.95 -12.50
C GLY C 412 29.88 -39.17 -11.29
N SER C 413 30.73 -39.00 -10.30
CA SER C 413 30.37 -38.23 -9.10
C SER C 413 31.59 -37.91 -8.27
N LEU C 414 31.48 -36.92 -7.38
CA LEU C 414 32.59 -36.60 -6.50
C LEU C 414 32.96 -37.78 -5.62
N GLU C 415 32.00 -38.54 -5.10
CA GLU C 415 32.31 -39.70 -4.25
C GLU C 415 33.16 -40.73 -4.99
N GLU C 416 32.78 -40.96 -6.25
CA GLU C 416 33.53 -41.83 -7.13
C GLU C 416 34.95 -41.30 -7.31
N ALA C 417 35.06 -40.05 -7.77
CA ALA C 417 36.34 -39.39 -7.94
C ALA C 417 37.21 -39.46 -6.68
N LEU C 418 36.66 -39.17 -5.49
CA LEU C 418 37.41 -39.27 -4.25
C LEU C 418 37.86 -40.72 -3.98
N ASN C 419 37.01 -41.74 -4.13
CA ASN C 419 37.45 -43.14 -3.96
C ASN C 419 38.62 -43.49 -4.87
N ALA C 420 38.45 -43.08 -6.13
CA ALA C 420 39.47 -43.25 -7.16
C ALA C 420 40.78 -42.57 -6.81
N LEU C 421 40.82 -41.31 -6.35
CA LEU C 421 42.07 -40.68 -5.91
C LEU C 421 42.67 -41.48 -4.76
N ASP C 422 41.83 -41.85 -3.78
CA ASP C 422 42.27 -42.67 -2.66
C ASP C 422 42.95 -43.99 -3.06
N LEU C 423 42.46 -44.67 -4.09
CA LEU C 423 43.08 -45.91 -4.54
C LEU C 423 44.20 -45.77 -5.56
N ASP C 424 44.09 -44.79 -6.46
CA ASP C 424 45.08 -44.54 -7.51
C ASP C 424 46.12 -43.48 -7.10
N ARG C 425 46.34 -43.49 -5.81
CA ARG C 425 47.25 -42.63 -5.08
C ARG C 425 48.72 -42.62 -5.50
N GLU C 426 49.22 -43.73 -6.01
CA GLU C 426 50.63 -43.86 -6.35
C GLU C 426 51.29 -42.88 -7.30
N PHE C 427 50.69 -42.64 -8.46
CA PHE C 427 51.28 -41.72 -9.44
C PHE C 427 51.39 -40.29 -8.92
N LEU C 428 50.52 -39.89 -7.98
CA LEU C 428 50.69 -38.58 -7.38
C LEU C 428 51.87 -38.56 -6.41
N LYS C 429 52.16 -39.63 -5.66
CA LYS C 429 53.26 -39.66 -4.68
C LYS C 429 54.69 -39.71 -5.24
N ALA C 430 54.82 -39.98 -6.54
CA ALA C 430 56.11 -40.00 -7.23
C ALA C 430 56.98 -38.77 -7.00
N GLY C 431 58.17 -39.07 -6.51
CA GLY C 431 59.15 -38.04 -6.19
C GLY C 431 58.70 -37.06 -5.11
N GLY C 432 57.78 -37.42 -4.21
CA GLY C 432 57.45 -36.54 -3.09
C GLY C 432 56.46 -35.40 -3.39
N VAL C 433 56.06 -35.29 -4.67
CA VAL C 433 55.00 -34.38 -5.13
C VAL C 433 53.78 -34.93 -4.36
N PHE C 434 53.03 -34.32 -3.43
CA PHE C 434 51.92 -35.05 -2.75
C PHE C 434 52.25 -36.20 -1.80
N THR C 435 52.11 -35.91 -0.53
CA THR C 435 52.24 -36.96 0.48
C THR C 435 50.91 -37.66 0.73
N ASP C 436 50.93 -38.81 1.39
CA ASP C 436 49.68 -39.41 1.86
C ASP C 436 48.87 -38.51 2.77
N GLU C 437 49.46 -37.78 3.72
CA GLU C 437 48.69 -36.87 4.59
C GLU C 437 47.96 -35.81 3.75
N ALA C 438 48.70 -35.28 2.77
CA ALA C 438 48.17 -34.31 1.81
C ALA C 438 46.95 -34.89 1.08
N ILE C 439 47.10 -36.06 0.46
CA ILE C 439 45.97 -36.70 -0.22
C ILE C 439 44.82 -37.04 0.72
N ASP C 440 45.09 -37.66 1.87
CA ASP C 440 44.05 -37.94 2.86
C ASP C 440 43.30 -36.72 3.39
N ALA C 441 43.97 -35.60 3.69
CA ALA C 441 43.30 -34.39 4.18
C ALA C 441 42.41 -33.75 3.14
N TYR C 442 42.90 -33.80 1.90
CA TYR C 442 42.14 -33.36 0.73
C TYR C 442 40.84 -34.15 0.66
N ILE C 443 40.91 -35.49 0.57
CA ILE C 443 39.69 -36.29 0.49
C ILE C 443 38.75 -36.00 1.66
N ALA C 444 39.29 -35.87 2.89
CA ALA C 444 38.50 -35.46 4.06
C ALA C 444 37.71 -34.17 3.85
N LEU C 445 38.35 -33.11 3.34
CA LEU C 445 37.62 -31.89 3.01
C LEU C 445 36.53 -32.16 1.99
N ARG C 446 36.89 -32.66 0.79
CA ARG C 446 35.89 -32.94 -0.21
C ARG C 446 34.73 -33.87 0.21
N ARG C 447 34.95 -34.76 1.19
CA ARG C 447 33.88 -35.61 1.68
C ARG C 447 32.81 -34.90 2.50
N GLU C 448 33.24 -34.01 3.41
CA GLU C 448 32.33 -33.19 4.23
C GLU C 448 31.32 -32.43 3.36
N GLU C 449 31.87 -31.94 2.25
CA GLU C 449 31.10 -31.23 1.24
C GLU C 449 30.12 -32.16 0.55
N ASP C 450 30.63 -33.29 0.05
CA ASP C 450 29.76 -34.27 -0.59
C ASP C 450 28.62 -34.72 0.34
N ASP C 451 28.88 -34.97 1.62
CA ASP C 451 27.83 -35.30 2.59
C ASP C 451 26.72 -34.28 2.75
N ARG C 452 27.05 -33.00 2.90
CA ARG C 452 26.04 -31.94 3.05
C ARG C 452 25.10 -31.95 1.84
N VAL C 453 25.69 -32.05 0.64
CA VAL C 453 24.89 -32.16 -0.58
C VAL C 453 24.08 -33.49 -0.60
N ARG C 454 24.62 -34.62 -0.11
CA ARG C 454 23.93 -35.92 -0.10
C ARG C 454 22.75 -36.04 0.87
N MET C 455 22.88 -35.44 2.04
CA MET C 455 21.88 -35.50 3.12
C MET C 455 20.80 -34.42 3.12
N THR C 456 20.98 -33.37 2.33
CA THR C 456 19.99 -32.30 2.24
C THR C 456 18.98 -32.59 1.15
N PRO C 457 17.68 -32.76 1.40
CA PRO C 457 16.68 -32.95 0.35
C PRO C 457 16.65 -31.86 -0.71
N HIS C 458 16.62 -32.36 -1.92
CA HIS C 458 16.67 -31.54 -3.12
C HIS C 458 15.28 -31.06 -3.50
N PRO C 459 15.06 -29.81 -3.92
CA PRO C 459 13.79 -29.39 -4.50
C PRO C 459 13.18 -30.31 -5.56
N VAL C 460 13.79 -30.78 -6.68
CA VAL C 460 13.04 -31.69 -7.56
C VAL C 460 12.58 -33.01 -6.91
N GLU C 461 13.12 -33.40 -5.74
CA GLU C 461 12.60 -34.57 -5.03
C GLU C 461 11.16 -34.27 -4.57
N PHE C 462 10.81 -33.04 -4.15
CA PHE C 462 9.42 -32.75 -3.83
C PHE C 462 8.55 -32.82 -5.06
N GLU C 463 9.12 -32.41 -6.20
CA GLU C 463 8.42 -32.50 -7.48
C GLU C 463 8.10 -33.94 -7.89
N LEU C 464 9.08 -34.79 -7.62
CA LEU C 464 9.04 -36.21 -7.92
C LEU C 464 8.27 -37.11 -6.95
N TYR C 465 8.48 -36.83 -5.68
CA TYR C 465 8.01 -37.69 -4.61
C TYR C 465 7.05 -37.13 -3.58
N TYR C 466 6.59 -35.88 -3.59
CA TYR C 466 5.68 -35.43 -2.54
C TYR C 466 4.35 -36.20 -2.54
N SER C 467 3.79 -36.43 -3.72
CA SER C 467 2.53 -37.17 -3.77
C SER C 467 2.64 -38.69 -3.78
N VAL C 468 3.75 -39.16 -3.22
CA VAL C 468 3.94 -40.58 -3.03
C VAL C 468 2.96 -41.04 -1.90
N SER D 1 44.19 -2.69 -47.14
CA SER D 1 45.35 -3.59 -47.02
C SER D 1 45.78 -3.85 -45.59
N ALA D 2 46.52 -4.93 -45.27
CA ALA D 2 47.07 -5.15 -43.93
C ALA D 2 47.81 -3.93 -43.39
N GLU D 3 48.74 -3.44 -44.21
CA GLU D 3 49.50 -2.21 -43.98
C GLU D 3 48.70 -1.03 -43.42
N HIS D 4 47.56 -0.78 -44.07
CA HIS D 4 46.60 0.25 -43.67
C HIS D 4 45.97 -0.01 -42.32
N VAL D 5 45.55 -1.26 -42.08
CA VAL D 5 44.95 -1.61 -40.80
C VAL D 5 45.98 -1.39 -39.68
N LEU D 6 47.20 -1.87 -39.92
CA LEU D 6 48.32 -1.69 -39.02
C LEU D 6 48.64 -0.23 -38.70
N THR D 7 48.45 0.71 -39.62
CA THR D 7 48.65 2.10 -39.25
C THR D 7 47.48 2.59 -38.40
N MET D 8 46.22 2.33 -38.78
CA MET D 8 45.05 2.73 -37.97
C MET D 8 45.13 2.36 -36.50
N LEU D 9 45.69 1.18 -36.25
CA LEU D 9 45.96 0.70 -34.92
C LEU D 9 46.76 1.72 -34.08
N ASN D 10 47.86 2.26 -34.63
CA ASN D 10 48.61 3.32 -33.97
C ASN D 10 47.96 4.71 -34.04
N GLU D 11 47.44 5.01 -35.22
CA GLU D 11 46.74 6.24 -35.59
C GLU D 11 45.47 6.53 -34.78
N HIS D 12 44.99 5.48 -34.12
CA HIS D 12 43.82 5.56 -33.26
C HIS D 12 43.98 5.00 -31.85
N GLU D 13 45.20 4.61 -31.46
CA GLU D 13 45.47 3.96 -30.16
C GLU D 13 44.45 2.87 -29.80
N VAL D 14 44.20 2.11 -30.86
CA VAL D 14 43.26 1.01 -30.85
C VAL D 14 43.67 -0.04 -29.82
N LYS D 15 42.87 -0.28 -28.79
CA LYS D 15 43.16 -1.30 -27.79
C LYS D 15 42.75 -2.73 -28.12
N PHE D 16 41.70 -2.81 -28.95
CA PHE D 16 41.12 -4.08 -29.36
C PHE D 16 40.67 -4.12 -30.82
N VAL D 17 40.65 -5.32 -31.37
CA VAL D 17 40.11 -5.57 -32.70
C VAL D 17 38.94 -6.56 -32.56
N ASP D 18 37.82 -6.18 -33.14
CA ASP D 18 36.61 -6.98 -33.11
C ASP D 18 36.41 -7.74 -34.42
N LEU D 19 36.68 -9.04 -34.39
CA LEU D 19 36.42 -9.87 -35.54
C LEU D 19 34.93 -10.15 -35.66
N ARG D 20 34.34 -9.71 -36.77
CA ARG D 20 32.92 -9.96 -37.00
C ARG D 20 32.53 -10.78 -38.22
N PHE D 21 31.48 -11.58 -38.10
CA PHE D 21 30.96 -12.33 -39.24
C PHE D 21 29.45 -12.54 -39.16
N THR D 22 28.77 -12.90 -40.23
CA THR D 22 27.33 -13.14 -40.19
C THR D 22 27.05 -14.62 -40.27
N ASP D 23 26.04 -15.10 -39.56
CA ASP D 23 25.68 -16.51 -39.67
C ASP D 23 24.58 -16.79 -40.70
N THR D 24 24.11 -18.04 -40.79
CA THR D 24 23.08 -18.37 -41.79
C THR D 24 21.77 -17.63 -41.59
N LYS D 25 21.34 -17.50 -40.34
CA LYS D 25 20.16 -16.70 -40.05
C LYS D 25 20.31 -15.22 -40.36
N GLY D 26 21.54 -14.71 -40.42
CA GLY D 26 21.76 -13.29 -40.69
C GLY D 26 22.28 -12.42 -39.53
N LYS D 27 22.40 -13.01 -38.33
CA LYS D 27 22.94 -12.30 -37.19
C LYS D 27 24.46 -12.20 -37.18
N GLU D 28 24.89 -10.95 -37.04
CA GLU D 28 26.29 -10.65 -36.86
C GLU D 28 26.78 -11.14 -35.49
N GLN D 29 27.77 -11.97 -35.66
CA GLN D 29 28.58 -12.55 -34.60
C GLN D 29 29.86 -11.77 -34.47
N HIS D 30 30.51 -11.91 -33.32
CA HIS D 30 31.79 -11.27 -33.12
C HIS D 30 32.63 -11.93 -32.01
N VAL D 31 33.95 -11.81 -32.15
CA VAL D 31 34.92 -12.24 -31.15
C VAL D 31 36.03 -11.16 -31.10
N THR D 32 36.60 -10.88 -29.93
CA THR D 32 37.53 -9.76 -29.75
C THR D 32 38.95 -10.18 -29.39
N ILE D 33 39.88 -9.60 -30.13
CA ILE D 33 41.31 -9.80 -30.01
C ILE D 33 41.95 -8.51 -29.46
N PRO D 34 42.96 -8.54 -28.60
CA PRO D 34 43.73 -7.37 -28.22
C PRO D 34 44.49 -6.87 -29.45
N ALA D 35 44.57 -5.55 -29.72
CA ALA D 35 45.26 -5.04 -30.92
C ALA D 35 46.64 -5.62 -31.12
N HIS D 36 47.35 -5.82 -29.99
CA HIS D 36 48.64 -6.49 -30.02
C HIS D 36 48.69 -7.94 -30.55
N GLN D 37 47.63 -8.48 -31.16
CA GLN D 37 47.68 -9.80 -31.80
C GLN D 37 47.50 -9.68 -33.32
N VAL D 38 47.30 -8.44 -33.74
CA VAL D 38 47.18 -8.16 -35.14
C VAL D 38 48.60 -7.84 -35.61
N ASN D 39 49.06 -8.73 -36.48
CA ASN D 39 50.37 -8.66 -37.12
C ASN D 39 50.37 -9.52 -38.37
N ALA D 40 51.26 -9.36 -39.35
CA ALA D 40 51.37 -10.21 -40.55
C ALA D 40 50.64 -11.57 -40.62
N GLU D 41 51.07 -12.53 -39.77
CA GLU D 41 50.46 -13.86 -39.56
C GLU D 41 48.93 -13.88 -39.57
N PHE D 42 48.34 -12.94 -38.83
CA PHE D 42 46.91 -12.76 -38.71
C PHE D 42 46.26 -12.53 -40.08
N PHE D 43 46.57 -11.44 -40.78
CA PHE D 43 45.99 -11.22 -42.11
C PHE D 43 46.36 -12.27 -43.17
N GLU D 44 47.36 -13.10 -42.88
CA GLU D 44 47.85 -14.14 -43.76
C GLU D 44 47.07 -15.45 -43.60
N GLU D 45 47.16 -15.99 -42.40
CA GLU D 45 46.56 -17.26 -42.02
C GLU D 45 45.31 -17.26 -41.10
N GLY D 46 44.67 -16.10 -40.93
CA GLY D 46 43.48 -15.95 -40.10
C GLY D 46 43.54 -16.36 -38.63
N LYS D 47 42.37 -16.45 -37.98
CA LYS D 47 42.27 -16.95 -36.61
C LYS D 47 41.26 -18.08 -36.52
N MET D 48 41.66 -19.18 -35.91
CA MET D 48 40.81 -20.36 -35.74
C MET D 48 39.72 -20.17 -34.69
N PHE D 49 38.52 -20.66 -34.94
CA PHE D 49 37.48 -20.64 -33.92
C PHE D 49 36.62 -21.90 -33.98
N ASP D 50 35.87 -22.17 -32.93
CA ASP D 50 34.94 -23.27 -33.05
C ASP D 50 33.62 -22.86 -33.70
N GLY D 51 33.64 -23.13 -35.00
CA GLY D 51 32.47 -22.93 -35.86
C GLY D 51 31.28 -23.80 -35.48
N SER D 52 31.54 -24.93 -34.83
CA SER D 52 30.51 -25.89 -34.38
C SER D 52 29.28 -25.37 -33.66
N SER D 53 29.44 -24.46 -32.70
CA SER D 53 28.27 -23.92 -32.01
C SER D 53 27.59 -22.75 -32.71
N ILE D 54 27.99 -22.43 -33.94
CA ILE D 54 27.24 -21.48 -34.73
C ILE D 54 26.12 -22.28 -35.39
N GLY D 55 24.90 -21.77 -35.20
CA GLY D 55 23.69 -22.37 -35.76
C GLY D 55 23.71 -22.65 -37.26
N GLY D 56 23.67 -23.94 -37.58
CA GLY D 56 23.59 -24.42 -38.96
C GLY D 56 24.95 -24.65 -39.65
N TRP D 57 26.03 -24.75 -38.87
CA TRP D 57 27.37 -24.93 -39.38
C TRP D 57 28.15 -26.23 -39.06
N ASP D 64 36.10 -26.90 -35.73
CA ASP D 64 37.00 -25.78 -36.00
C ASP D 64 37.11 -25.27 -37.43
N MET D 65 37.09 -23.94 -37.51
CA MET D 65 37.12 -23.21 -38.77
C MET D 65 38.01 -21.99 -38.71
N VAL D 66 38.32 -21.35 -39.83
CA VAL D 66 39.15 -20.16 -39.77
C VAL D 66 38.48 -18.84 -40.21
N LEU D 67 38.61 -17.86 -39.32
CA LEU D 67 38.19 -16.50 -39.57
C LEU D 67 39.26 -15.74 -40.35
N MET D 68 38.98 -15.39 -41.59
CA MET D 68 39.94 -14.67 -42.41
C MET D 68 39.63 -13.18 -42.49
N PRO D 69 40.37 -12.33 -41.79
CA PRO D 69 40.12 -10.90 -41.75
C PRO D 69 40.12 -10.23 -43.11
N ASP D 70 39.05 -9.52 -43.52
CA ASP D 70 39.13 -8.79 -44.77
C ASP D 70 39.54 -7.36 -44.42
N ALA D 71 40.83 -7.06 -44.56
CA ALA D 71 41.33 -5.74 -44.19
C ALA D 71 40.75 -4.52 -44.89
N SER D 72 39.99 -4.73 -45.97
CA SER D 72 39.33 -3.63 -46.66
C SER D 72 38.18 -3.07 -45.80
N THR D 73 37.63 -3.94 -44.96
CA THR D 73 36.50 -3.62 -44.07
C THR D 73 36.77 -2.91 -42.75
N ALA D 74 38.00 -2.52 -42.41
CA ALA D 74 38.25 -1.95 -41.10
C ALA D 74 37.56 -0.63 -40.78
N VAL D 75 36.79 -0.68 -39.70
CA VAL D 75 36.09 0.51 -39.21
C VAL D 75 36.28 0.67 -37.71
N ILE D 76 36.38 1.88 -37.19
CA ILE D 76 36.44 2.05 -35.75
C ILE D 76 35.02 1.97 -35.17
N ASP D 77 34.81 1.23 -34.08
CA ASP D 77 33.49 1.06 -33.47
C ASP D 77 32.98 2.29 -32.75
N PRO D 78 31.87 2.96 -33.11
CA PRO D 78 31.48 4.22 -32.48
C PRO D 78 30.94 4.13 -31.05
N PHE D 79 30.81 2.91 -30.57
CA PHE D 79 30.16 2.67 -29.30
C PHE D 79 30.99 2.02 -28.18
N PHE D 80 31.88 1.06 -28.45
CA PHE D 80 32.58 0.37 -27.35
C PHE D 80 33.39 1.36 -26.48
N ALA D 81 33.51 1.20 -25.16
CA ALA D 81 34.28 2.17 -24.37
C ALA D 81 35.78 2.28 -24.65
N ASP D 82 36.42 1.18 -25.02
CA ASP D 82 37.84 1.16 -25.34
C ASP D 82 38.02 1.18 -26.85
N SER D 83 39.07 1.83 -27.34
CA SER D 83 39.23 1.94 -28.78
C SER D 83 39.31 0.64 -29.57
N THR D 84 38.29 0.42 -30.36
CA THR D 84 38.21 -0.83 -31.10
C THR D 84 38.03 -0.72 -32.61
N LEU D 85 38.83 -1.51 -33.30
CA LEU D 85 38.73 -1.54 -34.74
C LEU D 85 37.98 -2.81 -35.12
N ILE D 86 36.86 -2.66 -35.80
CA ILE D 86 36.05 -3.75 -36.34
C ILE D 86 36.67 -4.21 -37.66
N ILE D 87 36.86 -5.52 -37.82
CA ILE D 87 37.30 -6.07 -39.09
C ILE D 87 36.34 -7.20 -39.44
N ARG D 88 35.61 -7.06 -40.55
CA ARG D 88 34.73 -8.13 -41.03
C ARG D 88 35.55 -9.32 -41.51
N CYS D 89 35.06 -10.53 -41.34
CA CYS D 89 35.80 -11.73 -41.74
C CYS D 89 35.08 -12.68 -42.71
N ASP D 90 35.82 -13.55 -43.39
CA ASP D 90 35.16 -14.63 -44.08
C ASP D 90 35.48 -15.93 -43.39
N ILE D 91 34.53 -16.84 -43.40
CA ILE D 91 34.74 -18.15 -42.79
C ILE D 91 35.33 -19.08 -43.83
N LEU D 92 36.58 -19.45 -43.61
CA LEU D 92 37.20 -20.37 -44.52
C LEU D 92 37.35 -21.75 -43.91
N GLU D 93 37.36 -22.66 -44.88
CA GLU D 93 37.60 -24.07 -44.61
C GLU D 93 39.09 -24.23 -44.26
N PRO D 94 39.46 -24.77 -43.10
CA PRO D 94 40.78 -24.62 -42.51
C PRO D 94 41.92 -25.33 -43.23
N GLY D 95 43.11 -24.72 -43.24
CA GLY D 95 44.27 -25.27 -43.95
C GLY D 95 44.15 -25.10 -45.47
N THR D 96 43.18 -25.82 -46.01
CA THR D 96 42.75 -25.79 -47.41
C THR D 96 42.28 -24.42 -47.93
N LEU D 97 41.85 -23.59 -46.98
CA LEU D 97 41.52 -22.16 -47.11
C LEU D 97 40.65 -21.62 -48.25
N GLN D 98 39.56 -22.32 -48.52
CA GLN D 98 38.69 -21.96 -49.64
C GLN D 98 37.43 -21.17 -49.28
N GLY D 99 36.86 -21.36 -48.11
CA GLY D 99 35.66 -20.61 -47.78
C GLY D 99 34.42 -21.47 -47.73
N TYR D 100 33.96 -21.60 -46.50
CA TYR D 100 32.82 -22.41 -46.13
C TYR D 100 31.63 -22.33 -47.06
N ASP D 101 31.12 -23.37 -47.71
CA ASP D 101 30.01 -23.16 -48.66
C ASP D 101 28.58 -22.89 -48.16
N ARG D 102 28.63 -22.65 -46.86
CA ARG D 102 27.57 -22.34 -45.92
C ARG D 102 27.74 -20.94 -45.31
N ASP D 103 28.91 -20.31 -45.51
CA ASP D 103 29.16 -18.96 -45.05
C ASP D 103 28.45 -17.98 -46.00
N PRO D 104 27.43 -17.24 -45.56
CA PRO D 104 26.71 -16.30 -46.40
C PRO D 104 27.56 -15.25 -47.08
N ARG D 105 28.65 -14.74 -46.47
CA ARG D 105 29.47 -13.76 -47.18
C ARG D 105 30.11 -14.40 -48.40
N SER D 106 30.73 -15.57 -48.21
CA SER D 106 31.29 -16.33 -49.32
C SER D 106 30.30 -16.52 -50.47
N ILE D 107 29.10 -17.03 -50.16
CA ILE D 107 28.04 -17.15 -51.15
C ILE D 107 27.77 -15.83 -51.89
N ALA D 108 27.72 -14.69 -51.21
CA ALA D 108 27.53 -13.42 -51.91
C ALA D 108 28.65 -13.11 -52.88
N LYS D 109 29.90 -13.30 -52.43
CA LYS D 109 31.08 -13.10 -53.27
C LYS D 109 31.06 -14.00 -54.50
N ARG D 110 30.71 -15.28 -54.32
CA ARG D 110 30.54 -16.22 -55.42
C ARG D 110 29.49 -15.77 -56.42
N ALA D 111 28.33 -15.29 -55.96
CA ALA D 111 27.33 -14.76 -56.87
C ALA D 111 27.85 -13.58 -57.69
N GLU D 112 28.68 -12.71 -57.11
CA GLU D 112 29.28 -11.62 -57.88
C GLU D 112 30.26 -12.12 -58.94
N ASP D 113 31.18 -13.03 -58.58
CA ASP D 113 32.09 -13.63 -59.55
C ASP D 113 31.38 -14.41 -60.66
N TYR D 114 30.37 -15.22 -60.33
CA TYR D 114 29.56 -15.88 -61.34
C TYR D 114 28.95 -14.87 -62.31
N LEU D 115 28.48 -13.71 -61.84
CA LEU D 115 27.95 -12.67 -62.73
C LEU D 115 29.02 -12.24 -63.77
N ARG D 116 30.24 -12.04 -63.26
CA ARG D 116 31.39 -11.72 -64.09
C ARG D 116 31.73 -12.81 -65.11
N ALA D 117 31.80 -14.05 -64.65
CA ALA D 117 32.05 -15.22 -65.49
C ALA D 117 31.00 -15.43 -66.58
N THR D 118 29.75 -15.02 -66.34
CA THR D 118 28.76 -15.08 -67.41
C THR D 118 28.89 -13.93 -68.39
N GLY D 119 29.69 -12.91 -68.06
CA GLY D 119 29.87 -11.75 -68.92
C GLY D 119 28.60 -10.94 -69.17
N ILE D 120 27.51 -11.20 -68.46
CA ILE D 120 26.27 -10.45 -68.65
C ILE D 120 26.47 -9.00 -68.18
N ALA D 121 27.28 -8.82 -67.16
CA ALA D 121 27.71 -7.51 -66.70
C ALA D 121 28.92 -7.63 -65.77
N ASP D 122 29.57 -6.52 -65.41
CA ASP D 122 30.69 -6.58 -64.47
C ASP D 122 30.26 -6.38 -63.02
N THR D 123 29.23 -5.57 -62.83
CA THR D 123 28.77 -5.31 -61.47
C THR D 123 27.26 -5.34 -61.23
N VAL D 124 26.89 -5.82 -60.04
CA VAL D 124 25.51 -5.76 -59.55
C VAL D 124 25.36 -4.66 -58.53
N LEU D 125 24.40 -3.80 -58.74
CA LEU D 125 24.13 -2.77 -57.77
C LEU D 125 22.82 -2.94 -56.99
N PHE D 126 22.98 -2.99 -55.66
CA PHE D 126 21.87 -3.11 -54.74
C PHE D 126 21.66 -1.92 -53.84
N GLY D 127 20.38 -1.63 -53.69
CA GLY D 127 19.95 -0.54 -52.83
C GLY D 127 18.74 -0.94 -51.96
N PRO D 128 18.97 -1.51 -50.78
CA PRO D 128 17.97 -2.01 -49.88
C PRO D 128 17.32 -0.83 -49.14
N GLU D 129 16.00 -0.78 -48.96
CA GLU D 129 15.39 0.29 -48.17
C GLU D 129 14.86 -0.30 -46.84
N PRO D 130 15.67 -0.68 -45.83
CA PRO D 130 15.26 -1.33 -44.59
C PRO D 130 14.47 -0.41 -43.67
N GLU D 131 13.31 -0.86 -43.19
CA GLU D 131 12.60 -0.07 -42.20
C GLU D 131 12.70 -0.69 -40.83
N PHE D 132 12.58 0.13 -39.80
CA PHE D 132 12.63 -0.40 -38.45
C PHE D 132 11.61 0.19 -37.51
N PHE D 133 11.42 -0.46 -36.36
CA PHE D 133 10.60 0.12 -35.31
C PHE D 133 11.46 0.46 -34.09
N LEU D 134 11.07 1.55 -33.47
CA LEU D 134 11.78 2.08 -32.34
C LEU D 134 10.83 2.12 -31.13
N PHE D 135 10.80 1.06 -30.33
CA PHE D 135 9.90 0.96 -29.17
C PHE D 135 10.55 1.33 -27.81
N ASP D 136 9.80 1.60 -26.72
CA ASP D 136 10.40 1.84 -25.40
C ASP D 136 10.48 0.57 -24.55
N ASP D 137 9.51 -0.29 -24.75
CA ASP D 137 9.37 -1.49 -23.95
C ASP D 137 8.77 -2.61 -24.76
N ILE D 138 9.42 -3.75 -24.72
CA ILE D 138 8.89 -4.93 -25.40
C ILE D 138 8.99 -6.10 -24.43
N ARG D 139 7.84 -6.67 -24.11
CA ARG D 139 7.79 -7.83 -23.25
C ARG D 139 7.08 -8.95 -23.96
N PHE D 140 7.56 -10.15 -23.81
CA PHE D 140 6.88 -11.29 -24.38
C PHE D 140 7.32 -12.59 -23.70
N GLY D 141 6.55 -13.64 -23.88
CA GLY D 141 6.89 -14.91 -23.28
C GLY D 141 5.87 -15.97 -23.66
N ALA D 142 6.32 -17.21 -23.63
CA ALA D 142 5.49 -18.37 -23.88
C ALA D 142 5.93 -19.43 -22.84
N SER D 143 4.93 -20.10 -22.25
CA SER D 143 5.06 -21.08 -21.18
C SER D 143 3.93 -22.08 -21.37
N ILE D 144 3.91 -23.25 -20.72
CA ILE D 144 2.77 -24.17 -20.82
C ILE D 144 1.39 -23.52 -20.56
N SER D 145 1.33 -22.70 -19.52
CA SER D 145 0.10 -22.05 -19.07
C SER D 145 -0.30 -20.82 -19.84
N GLY D 146 0.44 -20.47 -20.87
CA GLY D 146 0.08 -19.29 -21.67
C GLY D 146 1.22 -18.63 -22.49
N SER D 147 0.85 -17.52 -23.13
CA SER D 147 1.83 -16.79 -23.90
C SER D 147 1.39 -15.35 -24.11
N HIS D 148 2.32 -14.44 -24.37
CA HIS D 148 2.02 -13.03 -24.54
C HIS D 148 3.11 -12.23 -25.21
N VAL D 149 2.70 -11.11 -25.75
CA VAL D 149 3.63 -10.07 -26.20
C VAL D 149 2.93 -8.73 -25.91
N ALA D 150 3.74 -7.79 -25.46
CA ALA D 150 3.32 -6.48 -25.04
C ALA D 150 4.28 -5.45 -25.62
N ILE D 151 3.79 -4.62 -26.54
CA ILE D 151 4.60 -3.59 -27.17
C ILE D 151 4.27 -2.24 -26.55
N ASP D 152 5.30 -1.48 -26.22
CA ASP D 152 5.04 -0.14 -25.81
C ASP D 152 6.07 0.88 -26.21
N ASP D 153 5.47 1.98 -26.66
CA ASP D 153 6.20 3.16 -27.06
C ASP D 153 5.37 4.41 -26.87
N ILE D 154 6.08 5.47 -26.51
CA ILE D 154 5.52 6.79 -26.26
C ILE D 154 4.66 7.33 -27.40
N GLU D 155 5.01 6.96 -28.62
CA GLU D 155 4.28 7.35 -29.83
C GLU D 155 3.08 6.46 -30.17
N GLY D 156 2.85 5.43 -29.38
CA GLY D 156 1.82 4.46 -29.68
C GLY D 156 0.49 5.15 -29.54
N ALA D 157 -0.32 5.23 -30.60
CA ALA D 157 -1.64 5.86 -30.54
C ALA D 157 -2.48 5.42 -29.35
N TRP D 158 -2.26 4.17 -28.95
CA TRP D 158 -2.90 3.66 -27.75
C TRP D 158 -2.52 4.41 -26.47
N ASN D 159 -1.38 5.11 -26.34
CA ASN D 159 -1.11 5.87 -25.13
C ASN D 159 -1.80 7.22 -24.93
N SER D 160 -2.73 7.56 -25.84
CA SER D 160 -3.53 8.78 -25.70
C SER D 160 -4.30 8.89 -24.36
N SER D 161 -4.65 7.72 -23.83
CA SER D 161 -5.36 7.62 -22.56
C SER D 161 -4.51 7.48 -21.29
N THR D 162 -3.24 7.20 -21.51
CA THR D 162 -2.26 6.87 -20.48
C THR D 162 -1.87 7.96 -19.50
N LYS D 163 -1.83 7.64 -18.20
CA LYS D 163 -1.29 8.58 -17.22
C LYS D 163 0.23 8.47 -17.16
N TYR D 164 0.89 9.61 -17.29
CA TYR D 164 2.35 9.63 -17.29
C TYR D 164 3.13 10.30 -16.16
N GLU D 165 2.55 11.01 -15.18
CA GLU D 165 3.29 11.71 -14.10
C GLU D 165 4.18 12.89 -14.53
N GLY D 166 4.74 12.92 -15.73
CA GLY D 166 5.18 14.19 -16.25
C GLY D 166 3.97 14.98 -16.80
N GLY D 167 2.97 14.22 -17.22
CA GLY D 167 1.79 14.78 -17.87
C GLY D 167 1.64 14.04 -19.20
N ASN D 168 0.52 14.02 -19.94
CA ASN D 168 0.54 13.18 -21.12
C ASN D 168 0.95 13.92 -22.38
N LYS D 169 0.75 15.24 -22.56
CA LYS D 169 1.19 15.95 -23.78
C LYS D 169 0.61 15.56 -25.16
N GLY D 170 0.02 14.36 -25.36
CA GLY D 170 -0.83 14.00 -26.51
C GLY D 170 -0.44 14.22 -27.98
N HIS D 171 0.73 14.71 -28.36
CA HIS D 171 1.03 14.80 -29.79
C HIS D 171 1.63 13.44 -30.16
N ARG D 172 0.96 12.66 -31.01
CA ARG D 172 1.39 11.28 -31.21
C ARG D 172 0.95 10.78 -32.60
N PRO D 173 1.68 10.00 -33.41
CA PRO D 173 1.18 9.56 -34.69
C PRO D 173 0.00 8.60 -34.54
N GLY D 174 -1.15 8.88 -35.15
CA GLY D 174 -2.30 7.95 -35.13
C GLY D 174 -1.98 6.59 -35.79
N VAL D 175 -2.84 5.55 -35.91
CA VAL D 175 -2.31 4.30 -36.50
C VAL D 175 -1.73 4.42 -37.91
N LYS D 176 -2.31 4.90 -39.01
CA LYS D 176 -1.48 4.98 -40.22
C LYS D 176 -0.92 6.38 -40.51
N GLY D 177 -0.79 7.14 -39.42
CA GLY D 177 -0.45 8.54 -39.53
C GLY D 177 0.96 8.95 -39.15
N GLY D 178 1.89 8.00 -39.09
CA GLY D 178 3.29 8.30 -38.78
C GLY D 178 4.04 8.96 -39.94
N TYR D 179 3.42 8.90 -41.11
CA TYR D 179 3.99 9.48 -42.30
C TYR D 179 3.78 10.96 -42.55
N PHE D 180 4.92 11.40 -42.02
CA PHE D 180 5.58 12.70 -42.04
C PHE D 180 5.38 13.89 -41.13
N PRO D 181 4.53 13.92 -40.11
CA PRO D 181 4.24 15.13 -39.36
C PRO D 181 5.47 15.63 -38.63
N VAL D 182 5.63 16.93 -38.55
CA VAL D 182 6.78 17.48 -37.84
C VAL D 182 6.77 17.20 -36.33
N PRO D 183 7.89 17.33 -35.63
CA PRO D 183 7.91 17.44 -34.18
C PRO D 183 6.90 18.45 -33.58
N PRO D 184 6.33 18.22 -32.39
CA PRO D 184 6.54 17.06 -31.54
C PRO D 184 5.85 15.74 -31.87
N VAL D 185 5.03 15.63 -32.92
CA VAL D 185 4.34 14.36 -33.27
C VAL D 185 5.36 13.27 -33.65
N ASP D 186 6.37 13.68 -34.41
CA ASP D 186 7.46 12.78 -34.68
C ASP D 186 8.48 12.97 -33.56
N SER D 187 8.54 11.96 -32.69
CA SER D 187 9.52 12.00 -31.59
C SER D 187 10.96 11.69 -31.96
N ALA D 188 11.20 11.13 -33.14
CA ALA D 188 12.53 10.64 -33.40
C ALA D 188 13.53 11.41 -34.26
N GLN D 189 13.31 12.70 -34.54
CA GLN D 189 14.23 13.49 -35.36
C GLN D 189 15.70 13.41 -34.90
N ASP D 190 15.97 13.72 -33.63
CA ASP D 190 17.33 13.57 -33.12
C ASP D 190 17.86 12.14 -33.09
N ILE D 191 17.02 11.12 -32.87
CA ILE D 191 17.53 9.75 -32.91
C ILE D 191 17.84 9.35 -34.34
N ARG D 192 16.99 9.67 -35.33
CA ARG D 192 17.34 9.35 -36.70
C ARG D 192 18.55 10.17 -37.20
N SER D 193 18.67 11.49 -36.96
CA SER D 193 19.85 12.25 -37.41
C SER D 193 21.16 11.68 -36.87
N GLU D 194 21.16 11.34 -35.58
CA GLU D 194 22.30 10.68 -34.93
C GLU D 194 22.68 9.34 -35.55
N MET D 195 21.67 8.53 -35.88
CA MET D 195 21.89 7.28 -36.60
C MET D 195 22.50 7.59 -37.97
N CYS D 196 22.09 8.68 -38.63
CA CYS D 196 22.71 9.03 -39.90
C CYS D 196 24.17 9.39 -39.71
N LEU D 197 24.46 10.27 -38.75
CA LEU D 197 25.84 10.66 -38.48
C LEU D 197 26.69 9.44 -38.10
N VAL D 198 26.29 8.54 -37.18
CA VAL D 198 27.12 7.37 -36.92
C VAL D 198 27.21 6.42 -38.13
N MET D 199 26.19 6.27 -38.99
CA MET D 199 26.33 5.42 -40.17
C MET D 199 27.41 5.92 -41.13
N GLU D 200 27.43 7.23 -41.36
CA GLU D 200 28.45 7.81 -42.23
C GLU D 200 29.85 7.66 -41.63
N GLN D 201 29.98 7.84 -40.31
CA GLN D 201 31.24 7.58 -39.59
C GLN D 201 31.74 6.12 -39.72
N MET D 202 30.82 5.23 -40.08
CA MET D 202 31.14 3.84 -40.37
C MET D 202 31.20 3.49 -41.85
N GLY D 203 31.15 4.53 -42.66
CA GLY D 203 31.32 4.42 -44.10
C GLY D 203 30.07 4.30 -44.95
N LEU D 204 28.91 4.60 -44.41
CA LEU D 204 27.73 4.52 -45.26
C LEU D 204 27.38 5.89 -45.83
N VAL D 205 26.60 5.98 -46.90
CA VAL D 205 26.19 7.31 -47.31
C VAL D 205 24.71 7.51 -47.18
N VAL D 206 24.31 8.29 -46.20
CA VAL D 206 22.90 8.59 -46.04
C VAL D 206 22.39 9.54 -47.13
N GLU D 207 21.17 9.26 -47.58
CA GLU D 207 20.48 10.09 -48.56
C GLU D 207 19.29 10.84 -48.00
N ALA D 208 18.61 10.18 -47.08
CA ALA D 208 17.47 10.78 -46.40
C ALA D 208 17.10 10.00 -45.14
N HIS D 209 16.44 10.60 -44.16
CA HIS D 209 15.90 9.84 -43.05
C HIS D 209 14.54 10.43 -42.75
N HIS D 210 13.57 9.59 -42.44
CA HIS D 210 12.25 10.09 -42.09
C HIS D 210 11.47 9.06 -41.29
N HIS D 211 10.40 9.51 -40.66
CA HIS D 211 9.46 8.63 -39.98
C HIS D 211 8.62 7.87 -41.02
N GLU D 212 8.33 6.62 -40.75
CA GLU D 212 7.46 5.86 -41.63
C GLU D 212 5.98 5.88 -41.28
N VAL D 213 5.13 5.09 -41.91
CA VAL D 213 3.68 5.18 -41.76
C VAL D 213 3.09 4.82 -40.42
N ALA D 214 3.66 3.81 -39.80
CA ALA D 214 3.12 3.33 -38.54
C ALA D 214 3.24 4.21 -37.31
N THR D 215 2.18 4.19 -36.50
CA THR D 215 2.24 4.74 -35.13
C THR D 215 3.30 3.96 -34.32
N ALA D 216 3.61 4.29 -33.06
CA ALA D 216 4.58 3.52 -32.27
C ALA D 216 5.99 3.27 -32.85
N GLY D 217 6.51 4.32 -33.48
CA GLY D 217 7.91 4.38 -33.86
C GLY D 217 8.42 3.76 -35.16
N GLN D 218 7.69 3.71 -36.27
CA GLN D 218 8.31 3.21 -37.48
C GLN D 218 9.20 4.28 -38.11
N ASN D 219 10.44 3.92 -38.45
CA ASN D 219 11.40 4.86 -39.02
C ASN D 219 12.20 4.33 -40.18
N GLU D 220 12.81 5.24 -40.95
CA GLU D 220 13.62 4.81 -42.07
C GLU D 220 14.80 5.73 -42.32
N VAL D 221 15.97 5.13 -42.42
CA VAL D 221 17.15 5.86 -42.84
C VAL D 221 17.49 5.33 -44.24
N ALA D 222 17.35 6.18 -45.25
CA ALA D 222 17.66 5.84 -46.64
C ALA D 222 19.14 5.95 -46.96
N THR D 223 19.72 4.90 -47.54
CA THR D 223 21.16 4.88 -47.70
C THR D 223 21.70 4.62 -49.13
N ARG D 224 22.73 5.32 -49.67
CA ARG D 224 23.27 5.10 -51.02
C ARG D 224 23.79 3.69 -51.27
N PHE D 225 23.41 3.29 -52.48
CA PHE D 225 23.67 1.97 -53.03
C PHE D 225 25.11 1.52 -53.06
N ASN D 226 25.19 0.23 -53.35
CA ASN D 226 26.48 -0.35 -53.50
C ASN D 226 26.47 -1.63 -54.30
N THR D 227 27.66 -2.16 -54.52
CA THR D 227 27.78 -3.45 -55.14
C THR D 227 27.28 -4.48 -54.12
N MET D 228 26.65 -5.54 -54.60
CA MET D 228 26.07 -6.56 -53.74
C MET D 228 26.80 -6.94 -52.45
N THR D 229 27.94 -7.66 -52.41
CA THR D 229 28.52 -7.98 -51.09
C THR D 229 28.92 -6.77 -50.26
N LYS D 230 29.28 -5.64 -50.85
CA LYS D 230 29.61 -4.48 -50.03
C LYS D 230 28.34 -3.94 -49.38
N LYS D 231 27.24 -3.92 -50.13
CA LYS D 231 25.94 -3.49 -49.60
C LYS D 231 25.41 -4.42 -48.54
N ALA D 232 25.55 -5.72 -48.73
CA ALA D 232 25.16 -6.68 -47.69
C ALA D 232 25.90 -6.40 -46.38
N ASP D 233 27.21 -6.14 -46.42
CA ASP D 233 27.92 -5.71 -45.21
C ASP D 233 27.39 -4.36 -44.71
N GLU D 234 27.06 -3.40 -45.58
CA GLU D 234 26.49 -2.13 -45.12
C GLU D 234 25.14 -2.32 -44.44
N ILE D 235 24.35 -3.34 -44.82
CA ILE D 235 23.14 -3.66 -44.08
C ILE D 235 23.51 -4.18 -42.69
N GLN D 236 24.52 -5.05 -42.56
CA GLN D 236 24.96 -5.45 -41.22
C GLN D 236 25.47 -4.28 -40.38
N ILE D 237 26.13 -3.28 -40.96
CA ILE D 237 26.46 -2.09 -40.17
C ILE D 237 25.23 -1.23 -39.87
N TYR D 238 24.35 -1.06 -40.85
CA TYR D 238 23.10 -0.32 -40.71
C TYR D 238 22.30 -0.80 -39.50
N LYS D 239 22.02 -2.10 -39.50
CA LYS D 239 21.36 -2.70 -38.37
C LYS D 239 22.12 -2.52 -37.05
N TYR D 240 23.45 -2.63 -37.00
CA TYR D 240 24.20 -2.46 -35.75
C TYR D 240 24.08 -1.06 -35.16
N VAL D 241 24.18 -0.06 -36.03
CA VAL D 241 24.04 1.32 -35.61
C VAL D 241 22.62 1.58 -35.15
N VAL D 242 21.59 1.13 -35.87
CA VAL D 242 20.22 1.32 -35.42
C VAL D 242 19.99 0.68 -34.05
N HIS D 243 20.36 -0.60 -33.89
CA HIS D 243 20.21 -1.27 -32.61
C HIS D 243 20.96 -0.55 -31.49
N ASN D 244 22.21 -0.10 -31.70
CA ASN D 244 22.92 0.58 -30.62
C ASN D 244 22.67 2.05 -30.36
N VAL D 245 22.37 2.88 -31.36
CA VAL D 245 22.00 4.27 -31.10
C VAL D 245 20.67 4.31 -30.38
N ALA D 246 19.72 3.48 -30.84
CA ALA D 246 18.43 3.36 -30.18
C ALA D 246 18.61 3.04 -28.69
N HIS D 247 19.51 2.07 -28.45
CA HIS D 247 19.87 1.69 -27.09
C HIS D 247 20.42 2.85 -26.25
N ARG D 248 21.33 3.67 -26.81
CA ARG D 248 21.88 4.85 -26.12
C ARG D 248 20.78 5.86 -25.77
N PHE D 249 19.79 5.93 -26.64
CA PHE D 249 18.61 6.76 -26.43
C PHE D 249 17.53 6.18 -25.52
N GLY D 250 17.75 4.99 -24.94
CA GLY D 250 16.75 4.38 -24.06
C GLY D 250 15.60 3.68 -24.78
N LYS D 251 15.74 3.56 -26.08
CA LYS D 251 14.79 2.84 -26.90
C LYS D 251 15.31 1.44 -27.19
N THR D 252 14.49 0.68 -27.90
CA THR D 252 14.85 -0.64 -28.41
C THR D 252 14.32 -0.72 -29.84
N ALA D 253 15.23 -1.02 -30.74
CA ALA D 253 14.86 -1.14 -32.14
C ALA D 253 14.67 -2.57 -32.57
N THR D 254 13.77 -2.74 -33.51
CA THR D 254 13.58 -4.07 -34.08
C THR D 254 13.34 -4.10 -35.58
N PHE D 255 13.99 -5.04 -36.23
CA PHE D 255 13.80 -5.21 -37.65
C PHE D 255 12.79 -6.30 -38.00
N MET D 256 11.96 -6.78 -37.05
CA MET D 256 11.04 -7.82 -37.47
C MET D 256 9.91 -7.26 -38.33
N PRO D 257 9.43 -8.04 -39.30
CA PRO D 257 8.62 -7.56 -40.42
C PRO D 257 7.27 -6.98 -40.01
N LYS D 258 6.64 -7.69 -39.07
CA LYS D 258 5.29 -7.37 -38.61
C LYS D 258 5.10 -7.45 -37.10
N PRO D 259 5.51 -6.47 -36.29
CA PRO D 259 5.33 -6.53 -34.85
C PRO D 259 3.92 -6.22 -34.40
N MET D 260 3.21 -5.37 -35.11
CA MET D 260 1.84 -5.02 -34.74
C MET D 260 0.83 -5.36 -35.81
N PHE D 261 -0.28 -5.98 -35.44
CA PHE D 261 -1.37 -6.17 -36.38
C PHE D 261 -2.18 -4.88 -36.54
N GLY D 262 -2.59 -4.50 -37.74
CA GLY D 262 -3.46 -3.32 -37.88
C GLY D 262 -2.76 -2.00 -38.21
N ASP D 263 -1.47 -2.14 -38.41
CA ASP D 263 -0.66 -1.05 -38.89
C ASP D 263 0.52 -1.57 -39.69
N ASN D 264 1.23 -0.66 -40.35
CA ASN D 264 2.37 -0.98 -41.18
C ASN D 264 3.43 -1.95 -40.69
N GLY D 265 3.91 -2.70 -41.67
CA GLY D 265 5.01 -3.60 -41.45
C GLY D 265 6.27 -2.97 -42.00
N SER D 266 7.35 -3.47 -41.47
CA SER D 266 8.67 -3.07 -41.91
C SER D 266 9.13 -3.98 -43.05
N GLY D 267 9.20 -3.40 -44.24
CA GLY D 267 9.79 -4.08 -45.38
C GLY D 267 11.17 -3.56 -45.77
N MET D 268 11.94 -4.34 -46.51
CA MET D 268 13.24 -3.92 -47.02
C MET D 268 13.24 -4.04 -48.53
N HIS D 269 12.85 -2.99 -49.23
CA HIS D 269 12.78 -3.11 -50.68
C HIS D 269 14.15 -3.06 -51.33
N CYS D 270 14.39 -4.01 -52.21
CA CYS D 270 15.65 -4.00 -52.92
C CYS D 270 15.57 -3.37 -54.29
N HIS D 271 16.22 -2.23 -54.41
CA HIS D 271 16.41 -1.70 -55.74
C HIS D 271 17.59 -2.39 -56.40
N MET D 272 17.43 -2.88 -57.62
CA MET D 272 18.54 -3.50 -58.32
C MET D 272 18.83 -2.93 -59.69
N SER D 273 20.12 -3.04 -60.00
CA SER D 273 20.62 -2.64 -61.31
C SER D 273 21.88 -3.38 -61.77
N LEU D 274 21.99 -3.63 -63.06
CA LEU D 274 23.19 -4.26 -63.60
C LEU D 274 24.02 -3.34 -64.46
N ALA D 275 25.34 -3.51 -64.40
CA ALA D 275 26.20 -2.70 -65.23
C ALA D 275 27.42 -3.39 -65.84
N LYS D 276 27.58 -3.16 -67.14
CA LYS D 276 28.74 -3.66 -67.89
C LYS D 276 29.53 -2.42 -68.30
N ASN D 277 30.86 -2.48 -68.30
CA ASN D 277 31.77 -1.37 -68.62
C ASN D 277 31.26 0.07 -68.43
N GLY D 278 30.86 0.37 -67.19
CA GLY D 278 30.36 1.70 -66.82
C GLY D 278 28.97 2.12 -67.35
N THR D 279 28.23 1.18 -67.93
CA THR D 279 26.92 1.46 -68.48
C THR D 279 25.82 0.57 -67.91
N ASN D 280 24.71 1.24 -67.68
CA ASN D 280 23.57 0.57 -67.09
C ASN D 280 22.71 -0.26 -68.05
N LEU D 281 22.98 -1.55 -68.04
CA LEU D 281 22.21 -2.51 -68.81
C LEU D 281 20.69 -2.48 -68.64
N PHE D 282 20.21 -1.99 -67.50
CA PHE D 282 18.76 -1.92 -67.32
C PHE D 282 18.10 -0.77 -68.03
N SER D 283 18.87 0.25 -68.43
CA SER D 283 18.32 1.32 -69.25
C SER D 283 18.16 0.87 -70.70
N GLY D 284 17.20 1.42 -71.41
CA GLY D 284 16.95 1.07 -72.79
C GLY D 284 15.69 1.70 -73.36
N ASP D 285 15.16 1.02 -74.36
CA ASP D 285 13.89 1.38 -74.96
C ASP D 285 12.76 0.67 -74.19
N LYS D 286 11.96 -0.28 -74.69
CA LYS D 286 10.96 -1.05 -73.93
C LYS D 286 10.09 -0.38 -72.85
N TYR D 287 9.40 -1.09 -71.95
CA TYR D 287 8.58 -0.44 -70.92
C TYR D 287 9.36 0.49 -70.00
N ALA D 288 8.87 1.72 -69.92
CA ALA D 288 9.40 2.73 -68.99
C ALA D 288 10.91 2.96 -68.93
N GLY D 289 11.57 2.93 -70.10
CA GLY D 289 13.02 3.15 -70.17
C GLY D 289 13.84 1.88 -69.96
N LEU D 290 13.18 0.74 -69.82
CA LEU D 290 13.91 -0.48 -69.57
C LEU D 290 14.49 -1.20 -70.78
N SER D 291 15.56 -1.93 -70.58
CA SER D 291 16.04 -2.80 -71.66
C SER D 291 15.32 -4.14 -71.71
N GLU D 292 15.47 -4.89 -72.81
CA GLU D 292 14.96 -6.26 -72.89
C GLU D 292 15.66 -7.17 -71.87
N GLN D 293 16.92 -6.81 -71.59
CA GLN D 293 17.80 -7.44 -70.60
C GLN D 293 17.20 -7.38 -69.19
N ALA D 294 16.73 -6.18 -68.87
CA ALA D 294 16.03 -5.86 -67.62
C ALA D 294 14.72 -6.63 -67.52
N LEU D 295 13.93 -6.64 -68.59
CA LEU D 295 12.70 -7.43 -68.60
C LEU D 295 12.92 -8.90 -68.32
N TYR D 296 13.97 -9.51 -68.86
CA TYR D 296 14.28 -10.89 -68.48
C TYR D 296 14.74 -11.05 -67.04
N TYR D 297 15.41 -10.05 -66.46
CA TYR D 297 15.74 -10.05 -65.03
C TYR D 297 14.44 -10.14 -64.22
N ILE D 298 13.48 -9.23 -64.49
CA ILE D 298 12.15 -9.29 -63.85
C ILE D 298 11.51 -10.68 -64.03
N GLY D 299 11.51 -11.21 -65.25
CA GLY D 299 11.01 -12.55 -65.53
C GLY D 299 11.67 -13.63 -64.68
N GLY D 300 12.98 -13.57 -64.43
CA GLY D 300 13.66 -14.52 -63.57
C GLY D 300 13.24 -14.40 -62.10
N VAL D 301 13.16 -13.15 -61.60
CA VAL D 301 12.68 -12.89 -60.24
C VAL D 301 11.26 -13.45 -60.09
N ILE D 302 10.32 -13.05 -60.95
CA ILE D 302 8.95 -13.58 -60.90
C ILE D 302 8.90 -15.12 -61.05
N LYS D 303 9.67 -15.71 -61.96
CA LYS D 303 9.78 -17.17 -62.10
C LYS D 303 10.21 -17.86 -60.80
N HIS D 304 11.11 -17.25 -60.05
CA HIS D 304 11.61 -17.88 -58.84
C HIS D 304 11.16 -17.27 -57.52
N ALA D 305 10.25 -16.31 -57.58
CA ALA D 305 9.78 -15.58 -56.41
C ALA D 305 9.50 -16.42 -55.18
N LYS D 306 8.70 -17.49 -55.21
CA LYS D 306 8.53 -18.31 -54.00
C LYS D 306 9.82 -18.92 -53.41
N ALA D 307 10.83 -19.29 -54.21
CA ALA D 307 12.07 -19.79 -53.63
C ALA D 307 12.88 -18.62 -53.05
N ILE D 308 12.82 -17.47 -53.73
CA ILE D 308 13.42 -16.24 -53.22
C ILE D 308 12.78 -15.89 -51.87
N ASN D 309 11.45 -16.02 -51.67
CA ASN D 309 10.80 -15.75 -50.40
C ASN D 309 11.38 -16.49 -49.20
N ALA D 310 11.83 -17.74 -49.39
CA ALA D 310 12.50 -18.49 -48.33
C ALA D 310 13.77 -17.82 -47.80
N LEU D 311 14.38 -16.95 -48.60
CA LEU D 311 15.58 -16.21 -48.22
C LEU D 311 15.30 -14.71 -47.97
N ALA D 312 14.42 -14.08 -48.76
CA ALA D 312 14.04 -12.68 -48.64
C ALA D 312 12.94 -12.35 -47.62
N ASN D 313 12.21 -13.39 -47.20
CA ASN D 313 11.14 -13.34 -46.19
C ASN D 313 11.21 -14.55 -45.25
N PRO D 314 12.30 -14.73 -44.49
CA PRO D 314 12.66 -16.02 -43.90
C PRO D 314 12.04 -16.33 -42.54
N THR D 315 11.09 -15.50 -42.09
CA THR D 315 10.54 -15.67 -40.75
C THR D 315 9.07 -16.01 -40.81
N THR D 316 8.45 -16.79 -39.92
CA THR D 316 6.98 -16.93 -39.99
C THR D 316 6.25 -15.59 -39.95
N ASN D 317 6.77 -14.64 -39.14
CA ASN D 317 6.23 -13.28 -39.06
C ASN D 317 6.25 -12.51 -40.38
N SER D 318 7.19 -12.86 -41.27
CA SER D 318 7.28 -12.22 -42.58
C SER D 318 6.00 -12.23 -43.37
N TYR D 319 5.31 -13.35 -43.26
CA TYR D 319 4.07 -13.57 -43.97
C TYR D 319 2.86 -12.89 -43.34
N LYS D 320 2.96 -12.40 -42.09
CA LYS D 320 1.92 -11.52 -41.56
C LYS D 320 1.92 -10.17 -42.27
N ARG D 321 3.06 -9.78 -42.85
CA ARG D 321 3.19 -8.57 -43.67
C ARG D 321 2.72 -8.81 -45.11
N LEU D 322 3.17 -9.93 -45.66
CA LEU D 322 2.76 -10.32 -46.99
C LEU D 322 1.38 -10.96 -47.06
N VAL D 323 0.37 -10.20 -46.68
CA VAL D 323 -0.99 -10.69 -46.82
C VAL D 323 -1.71 -9.80 -47.82
N PRO D 324 -2.64 -10.32 -48.64
CA PRO D 324 -3.44 -9.56 -49.61
C PRO D 324 -3.86 -8.09 -49.43
N PRO D 329 2.28 -6.03 -50.91
CA PRO D 329 2.91 -6.27 -52.20
C PRO D 329 3.03 -7.75 -52.56
N VAL D 330 1.89 -8.39 -52.66
CA VAL D 330 1.89 -9.82 -52.95
C VAL D 330 1.90 -10.27 -54.42
N MET D 331 1.38 -9.40 -55.29
CA MET D 331 1.27 -9.64 -56.73
C MET D 331 2.58 -9.65 -57.52
N LEU D 332 3.01 -10.80 -58.03
CA LEU D 332 4.17 -10.89 -58.90
C LEU D 332 3.89 -10.30 -60.29
N ALA D 333 4.10 -9.00 -60.31
CA ALA D 333 3.87 -8.21 -61.49
C ALA D 333 4.76 -6.98 -61.51
N TYR D 334 5.24 -6.57 -62.68
CA TYR D 334 5.95 -5.30 -62.75
C TYR D 334 5.09 -4.16 -63.24
N SER D 335 5.43 -2.98 -62.75
CA SER D 335 4.75 -1.76 -63.16
C SER D 335 5.42 -0.46 -62.74
N ALA D 336 5.26 0.60 -63.53
CA ALA D 336 5.68 1.94 -63.11
C ALA D 336 4.51 2.61 -62.38
N ARG D 337 3.29 2.18 -62.77
CA ARG D 337 2.04 2.58 -62.12
C ARG D 337 1.55 1.74 -60.91
N ASN D 338 1.16 0.46 -61.01
CA ASN D 338 0.63 -0.31 -59.88
C ASN D 338 1.45 -0.56 -58.58
N ARG D 339 1.45 0.27 -57.53
CA ARG D 339 2.08 -0.08 -56.23
C ARG D 339 1.07 -0.99 -55.49
N SER D 340 1.19 -2.22 -55.95
CA SER D 340 0.38 -3.40 -55.64
C SER D 340 1.13 -4.59 -56.26
N ALA D 341 1.79 -4.22 -57.36
CA ALA D 341 2.80 -5.01 -58.02
C ALA D 341 4.07 -5.01 -57.17
N SER D 342 4.55 -6.22 -56.90
CA SER D 342 5.78 -6.39 -56.12
C SER D 342 7.05 -6.00 -56.86
N ILE D 343 6.98 -5.77 -58.17
CA ILE D 343 8.13 -5.28 -58.90
C ILE D 343 7.77 -3.87 -59.41
N ARG D 344 8.28 -2.83 -58.77
CA ARG D 344 8.07 -1.46 -59.22
C ARG D 344 9.23 -0.98 -60.10
N ILE D 345 8.92 -0.41 -61.26
CA ILE D 345 9.95 0.18 -62.11
C ILE D 345 9.92 1.65 -61.74
N PRO D 346 10.88 2.16 -60.95
CA PRO D 346 10.86 3.53 -60.44
C PRO D 346 10.92 4.51 -61.59
N VAL D 347 10.09 5.53 -61.55
CA VAL D 347 10.14 6.57 -62.57
C VAL D 347 11.34 7.45 -62.22
N VAL D 348 12.47 7.04 -62.76
CA VAL D 348 13.69 7.79 -62.55
C VAL D 348 13.65 9.15 -63.26
N ALA D 349 13.10 9.22 -64.50
CA ALA D 349 13.00 10.39 -65.40
C ALA D 349 14.36 10.92 -65.89
N SER D 350 15.19 11.02 -64.88
CA SER D 350 16.63 11.17 -64.91
C SER D 350 17.27 9.99 -65.69
N PRO D 351 18.59 9.78 -65.86
CA PRO D 351 19.11 9.28 -67.12
C PRO D 351 19.23 7.80 -67.48
N LYS D 352 19.91 7.19 -66.53
CA LYS D 352 20.42 5.82 -66.56
C LYS D 352 20.76 5.31 -65.16
N ALA D 353 20.14 6.02 -64.24
CA ALA D 353 19.82 5.49 -62.93
C ALA D 353 18.54 4.62 -63.06
N ARG D 354 18.28 4.08 -64.26
CA ARG D 354 17.23 3.11 -64.52
C ARG D 354 17.44 1.83 -63.72
N ARG D 355 16.40 1.35 -63.08
CA ARG D 355 16.54 0.20 -62.20
C ARG D 355 15.22 -0.51 -61.93
N ILE D 356 15.28 -1.73 -61.42
CA ILE D 356 14.04 -2.31 -60.96
C ILE D 356 13.98 -2.25 -59.43
N GLU D 357 12.79 -2.21 -58.87
CA GLU D 357 12.65 -2.26 -57.43
C GLU D 357 11.81 -3.46 -57.01
N VAL D 358 12.36 -4.45 -56.30
CA VAL D 358 11.51 -5.52 -55.79
C VAL D 358 11.01 -5.13 -54.39
N ARG D 359 9.70 -4.91 -54.25
CA ARG D 359 9.09 -4.49 -52.99
C ARG D 359 8.85 -5.52 -51.91
N PHE D 360 8.87 -6.81 -52.22
CA PHE D 360 8.53 -7.79 -51.20
C PHE D 360 9.49 -8.24 -50.10
N PRO D 361 10.84 -8.17 -50.13
CA PRO D 361 11.67 -8.67 -49.03
C PRO D 361 11.54 -7.88 -47.73
N ASP D 362 12.04 -8.37 -46.59
CA ASP D 362 11.93 -7.58 -45.38
C ASP D 362 13.18 -7.60 -44.50
N PRO D 363 13.42 -6.65 -43.57
CA PRO D 363 14.65 -6.57 -42.77
C PRO D 363 15.06 -7.85 -42.07
N ALA D 364 14.19 -8.84 -41.92
CA ALA D 364 14.61 -10.09 -41.31
C ALA D 364 15.53 -10.96 -42.17
N ALA D 365 15.56 -10.65 -43.47
CA ALA D 365 16.34 -11.40 -44.42
C ALA D 365 17.86 -11.31 -44.25
N ASN D 366 18.57 -12.43 -44.47
CA ASN D 366 20.03 -12.41 -44.42
C ASN D 366 20.51 -11.65 -45.65
N PRO D 367 21.11 -10.45 -45.56
CA PRO D 367 21.27 -9.59 -46.73
C PRO D 367 22.16 -10.27 -47.76
N TYR D 368 23.14 -11.09 -47.34
CA TYR D 368 23.96 -11.84 -48.29
C TYR D 368 23.10 -12.84 -49.06
N LEU D 369 22.51 -13.84 -48.40
CA LEU D 369 21.67 -14.81 -49.12
C LEU D 369 20.47 -14.19 -49.85
N CYS D 370 19.84 -13.15 -49.31
CA CYS D 370 18.71 -12.50 -49.97
C CYS D 370 19.15 -11.86 -51.28
N PHE D 371 20.24 -11.08 -51.25
CA PHE D 371 20.74 -10.46 -52.46
C PHE D 371 21.31 -11.46 -53.45
N ALA D 372 22.09 -12.45 -52.99
CA ALA D 372 22.56 -13.54 -53.85
C ALA D 372 21.39 -14.20 -54.57
N ALA D 373 20.35 -14.65 -53.86
CA ALA D 373 19.16 -15.21 -54.51
C ALA D 373 18.45 -14.24 -55.45
N LEU D 374 18.22 -12.94 -55.14
CA LEU D 374 17.63 -12.04 -56.15
C LEU D 374 18.48 -11.98 -57.44
N LEU D 375 19.82 -11.88 -57.29
CA LEU D 375 20.74 -11.83 -58.43
C LEU D 375 20.66 -13.12 -59.24
N MET D 376 20.97 -14.28 -58.65
CA MET D 376 20.86 -15.56 -59.35
C MET D 376 19.51 -15.77 -60.05
N ALA D 377 18.38 -15.37 -59.45
CA ALA D 377 17.09 -15.46 -60.16
C ALA D 377 17.03 -14.56 -61.40
N GLY D 378 17.48 -13.32 -61.20
CA GLY D 378 17.51 -12.34 -62.27
C GLY D 378 18.40 -12.75 -63.45
N LEU D 379 19.57 -13.34 -63.18
CA LEU D 379 20.43 -13.85 -64.25
C LEU D 379 19.72 -14.98 -64.96
N ASP D 380 19.23 -16.03 -64.26
CA ASP D 380 18.45 -17.09 -64.90
C ASP D 380 17.33 -16.61 -65.83
N GLY D 381 16.76 -15.43 -65.56
CA GLY D 381 15.81 -14.81 -66.48
C GLY D 381 16.47 -14.43 -67.81
N ILE D 382 17.50 -13.59 -67.71
CA ILE D 382 18.35 -13.15 -68.83
C ILE D 382 18.85 -14.37 -69.63
N LYS D 383 19.57 -15.23 -68.92
CA LYS D 383 20.12 -16.47 -69.44
C LYS D 383 19.17 -17.40 -70.22
N ASN D 384 17.86 -17.33 -69.91
CA ASN D 384 16.86 -18.11 -70.63
C ASN D 384 15.75 -17.25 -71.25
N LYS D 385 15.97 -15.96 -71.58
CA LYS D 385 14.96 -15.08 -72.19
C LYS D 385 13.55 -15.15 -71.56
N ILE D 386 13.49 -15.44 -70.25
CA ILE D 386 12.22 -15.59 -69.51
C ILE D 386 11.48 -14.25 -69.51
N HIS D 387 10.72 -14.04 -70.59
CA HIS D 387 10.04 -12.78 -70.75
C HIS D 387 8.92 -12.52 -69.75
N PRO D 388 9.00 -11.45 -68.96
CA PRO D 388 8.11 -11.16 -67.85
C PRO D 388 6.62 -11.13 -68.21
N GLY D 389 6.20 -10.29 -69.16
CA GLY D 389 4.82 -10.31 -69.61
C GLY D 389 4.34 -8.92 -69.96
N GLU D 390 3.32 -8.47 -69.25
CA GLU D 390 2.78 -7.14 -69.42
C GLU D 390 2.53 -6.47 -68.08
N PRO D 391 2.72 -5.16 -67.96
CA PRO D 391 2.51 -4.45 -66.72
C PRO D 391 1.09 -4.27 -66.21
N MET D 392 0.83 -4.75 -64.99
CA MET D 392 -0.43 -4.42 -64.32
C MET D 392 -0.38 -2.93 -64.00
N ASP D 393 -1.29 -2.07 -64.43
CA ASP D 393 -1.21 -0.66 -64.08
C ASP D 393 -2.43 -0.04 -63.41
N ILE D 407 -3.01 -14.05 -62.09
CA ILE D 407 -1.85 -13.25 -61.68
C ILE D 407 -1.12 -13.79 -60.42
N PRO D 408 0.11 -14.30 -60.56
CA PRO D 408 0.79 -15.08 -59.54
C PRO D 408 1.28 -14.28 -58.32
N GLN D 409 1.34 -14.93 -57.17
CA GLN D 409 1.72 -14.25 -55.94
C GLN D 409 2.91 -14.87 -55.22
N VAL D 410 3.50 -14.09 -54.33
CA VAL D 410 4.57 -14.56 -53.45
C VAL D 410 4.14 -15.75 -52.57
N ALA D 411 5.06 -16.53 -52.02
CA ALA D 411 4.68 -17.60 -51.10
C ALA D 411 3.78 -17.08 -49.98
N GLY D 412 2.69 -17.78 -49.71
CA GLY D 412 1.76 -17.38 -48.66
C GLY D 412 2.17 -17.78 -47.24
N SER D 413 3.29 -18.46 -47.09
CA SER D 413 3.79 -18.86 -45.78
C SER D 413 5.22 -19.31 -45.83
N LEU D 414 5.90 -19.34 -44.69
CA LEU D 414 7.27 -19.85 -44.67
C LEU D 414 7.34 -21.29 -45.12
N GLU D 415 6.39 -22.15 -44.73
CA GLU D 415 6.40 -23.56 -45.16
C GLU D 415 6.36 -23.69 -46.67
N GLU D 416 5.50 -22.87 -47.27
CA GLU D 416 5.40 -22.79 -48.73
C GLU D 416 6.72 -22.35 -49.33
N ALA D 417 7.22 -21.20 -48.88
CA ALA D 417 8.51 -20.69 -49.32
C ALA D 417 9.63 -21.72 -49.18
N LEU D 418 9.75 -22.41 -48.05
CA LEU D 418 10.75 -23.46 -47.87
C LEU D 418 10.55 -24.60 -48.86
N ASN D 419 9.34 -25.14 -49.06
CA ASN D 419 9.11 -26.18 -50.08
C ASN D 419 9.57 -25.75 -51.47
N ALA D 420 9.18 -24.53 -51.81
CA ALA D 420 9.56 -23.89 -53.05
C ALA D 420 11.06 -23.75 -53.22
N LEU D 421 11.83 -23.28 -52.23
CA LEU D 421 13.30 -23.25 -52.33
C LEU D 421 13.83 -24.67 -52.53
N ASP D 422 13.32 -25.62 -51.75
CA ASP D 422 13.71 -27.02 -51.90
C ASP D 422 13.52 -27.60 -53.31
N LEU D 423 12.43 -27.25 -53.99
CA LEU D 423 12.20 -27.73 -55.35
C LEU D 423 12.81 -26.90 -56.47
N ASP D 424 12.85 -25.58 -56.30
CA ASP D 424 13.39 -24.64 -57.29
C ASP D 424 14.87 -24.30 -57.03
N ARG D 425 15.52 -25.30 -56.46
CA ARG D 425 16.91 -25.32 -56.08
C ARG D 425 17.96 -25.05 -57.15
N GLU D 426 17.67 -25.40 -58.40
CA GLU D 426 18.63 -25.28 -59.48
C GLU D 426 19.29 -23.93 -59.79
N PHE D 427 18.48 -22.88 -59.92
CA PHE D 427 19.04 -21.56 -60.24
C PHE D 427 19.98 -21.03 -59.15
N LEU D 428 19.79 -21.45 -57.89
CA LEU D 428 20.75 -21.07 -56.88
C LEU D 428 22.07 -21.83 -57.04
N LYS D 429 22.06 -23.10 -57.44
CA LYS D 429 23.30 -23.90 -57.56
C LYS D 429 24.25 -23.56 -58.73
N ALA D 430 23.75 -22.76 -59.67
CA ALA D 430 24.54 -22.28 -60.80
C ALA D 430 25.90 -21.69 -60.45
N GLY D 431 26.91 -22.29 -61.07
CA GLY D 431 28.29 -21.90 -60.82
C GLY D 431 28.77 -22.07 -59.38
N GLY D 432 28.17 -22.96 -58.58
CA GLY D 432 28.71 -23.22 -57.24
C GLY D 432 28.32 -22.22 -56.14
N VAL D 433 27.59 -21.17 -56.53
CA VAL D 433 26.99 -20.19 -55.62
C VAL D 433 26.02 -21.09 -54.82
N PHE D 434 26.02 -21.38 -53.51
CA PHE D 434 25.02 -22.33 -52.94
C PHE D 434 25.10 -23.81 -53.32
N THR D 435 25.58 -24.58 -52.37
CA THR D 435 25.56 -26.03 -52.53
C THR D 435 24.26 -26.64 -52.04
N ASP D 436 23.98 -27.89 -52.40
CA ASP D 436 22.85 -28.59 -51.78
C ASP D 436 22.92 -28.66 -50.27
N GLU D 437 24.08 -28.93 -49.65
CA GLU D 437 24.18 -28.98 -48.18
C GLU D 437 23.79 -27.64 -47.57
N ALA D 438 24.27 -26.56 -48.21
CA ALA D 438 23.95 -25.19 -47.84
C ALA D 438 22.43 -24.97 -47.88
N ILE D 439 21.79 -25.27 -49.02
CA ILE D 439 20.33 -25.13 -49.11
C ILE D 439 19.59 -26.03 -48.12
N ASP D 440 19.92 -27.31 -48.04
CA ASP D 440 19.31 -28.21 -47.07
C ASP D 440 19.46 -27.79 -45.60
N ALA D 441 20.62 -27.32 -45.14
CA ALA D 441 20.81 -26.88 -43.76
C ALA D 441 20.01 -25.64 -43.43
N TYR D 442 19.94 -24.74 -44.42
CA TYR D 442 19.10 -23.55 -44.33
C TYR D 442 17.66 -23.97 -44.10
N ILE D 443 17.06 -24.76 -45.00
CA ILE D 443 15.68 -25.20 -44.82
C ILE D 443 15.46 -25.87 -43.46
N ALA D 444 16.39 -26.73 -43.03
CA ALA D 444 16.37 -27.32 -41.68
C ALA D 444 16.25 -26.30 -40.55
N LEU D 445 17.07 -25.25 -40.57
CA LEU D 445 16.92 -24.18 -39.58
C LEU D 445 15.55 -23.54 -39.67
N ARG D 446 15.18 -22.97 -40.82
CA ARG D 446 13.87 -22.36 -40.96
C ARG D 446 12.66 -23.25 -40.62
N ARG D 447 12.77 -24.57 -40.75
CA ARG D 447 11.69 -25.46 -40.38
C ARG D 447 11.46 -25.58 -38.88
N GLU D 448 12.53 -25.71 -38.09
CA GLU D 448 12.46 -25.77 -36.63
C GLU D 448 11.69 -24.58 -36.05
N GLU D 449 11.95 -23.43 -36.68
CA GLU D 449 11.29 -22.19 -36.34
C GLU D 449 9.82 -22.23 -36.71
N ASP D 450 9.53 -22.60 -37.97
CA ASP D 450 8.15 -22.73 -38.40
C ASP D 450 7.35 -23.68 -37.50
N ASP D 451 7.91 -24.83 -37.10
CA ASP D 451 7.26 -25.75 -36.18
C ASP D 451 6.87 -25.18 -34.82
N ARG D 452 7.79 -24.47 -34.15
CA ARG D 452 7.50 -23.86 -32.85
C ARG D 452 6.30 -22.90 -32.96
N VAL D 453 6.31 -22.08 -34.01
CA VAL D 453 5.17 -21.21 -34.27
C VAL D 453 3.90 -22.02 -34.63
N ARG D 454 3.99 -23.15 -35.35
CA ARG D 454 2.83 -23.97 -35.74
C ARG D 454 2.16 -24.76 -34.60
N MET D 455 2.96 -25.26 -33.67
CA MET D 455 2.51 -26.07 -32.54
C MET D 455 2.13 -25.34 -31.25
N THR D 456 2.48 -24.06 -31.16
CA THR D 456 2.13 -23.27 -29.98
C THR D 456 0.78 -22.60 -30.16
N PRO D 457 -0.26 -22.85 -29.36
CA PRO D 457 -1.53 -22.14 -29.48
C PRO D 457 -1.43 -20.63 -29.37
N HIS D 458 -2.12 -20.03 -30.32
CA HIS D 458 -2.13 -18.59 -30.50
C HIS D 458 -3.18 -17.95 -29.61
N PRO D 459 -2.93 -16.81 -28.95
CA PRO D 459 -3.97 -16.05 -28.27
C PRO D 459 -5.27 -15.82 -29.05
N VAL D 460 -5.39 -15.30 -30.30
CA VAL D 460 -6.74 -15.19 -30.88
C VAL D 460 -7.48 -16.53 -31.07
N GLU D 461 -6.81 -17.69 -30.98
CA GLU D 461 -7.52 -18.98 -30.99
C GLU D 461 -8.38 -19.08 -29.73
N PHE D 462 -7.94 -18.59 -28.56
CA PHE D 462 -8.82 -18.60 -27.40
C PHE D 462 -10.02 -17.68 -27.60
N GLU D 463 -9.77 -16.56 -28.29
CA GLU D 463 -10.83 -15.62 -28.65
C GLU D 463 -11.91 -16.24 -29.55
N LEU D 464 -11.41 -17.02 -30.49
CA LEU D 464 -12.20 -17.73 -31.50
C LEU D 464 -12.88 -19.02 -31.06
N TYR D 465 -12.14 -19.81 -30.32
CA TYR D 465 -12.53 -21.17 -30.00
C TYR D 465 -12.69 -21.57 -28.54
N TYR D 466 -12.49 -20.71 -27.52
CA TYR D 466 -12.64 -21.19 -26.15
C TYR D 466 -14.08 -21.65 -25.84
N SER D 467 -15.07 -20.88 -26.29
CA SER D 467 -16.44 -21.29 -26.02
C SER D 467 -17.05 -22.26 -27.02
N VAL D 468 -16.17 -23.04 -27.65
CA VAL D 468 -16.61 -24.11 -28.52
C VAL D 468 -17.21 -25.23 -27.61
N SER E 1 17.85 32.62 -52.87
CA SER E 1 18.42 31.92 -54.04
C SER E 1 19.16 30.63 -53.66
N ALA E 2 19.37 29.66 -54.57
CA ALA E 2 20.19 28.48 -54.31
C ALA E 2 21.56 28.83 -53.70
N GLU E 3 22.24 29.75 -54.38
CA GLU E 3 23.51 30.34 -53.96
C GLU E 3 23.60 30.71 -52.47
N HIS E 4 22.56 31.41 -52.01
CA HIS E 4 22.40 31.80 -50.61
C HIS E 4 22.24 30.62 -49.66
N VAL E 5 21.41 29.65 -50.05
CA VAL E 5 21.21 28.47 -49.22
C VAL E 5 22.56 27.73 -49.07
N LEU E 6 23.23 27.55 -50.22
CA LEU E 6 24.55 26.95 -50.27
C LEU E 6 25.60 27.63 -49.40
N THR E 7 25.55 28.96 -49.22
CA THR E 7 26.50 29.57 -48.28
C THR E 7 26.07 29.27 -46.85
N MET E 8 24.78 29.42 -46.48
CA MET E 8 24.31 29.12 -45.12
C MET E 8 24.73 27.75 -44.58
N LEU E 9 24.72 26.80 -45.50
CA LEU E 9 25.20 25.45 -45.23
C LEU E 9 26.62 25.44 -44.62
N ASN E 10 27.56 26.18 -45.22
CA ASN E 10 28.90 26.33 -44.66
C ASN E 10 28.99 27.31 -43.48
N GLU E 11 28.28 28.41 -43.63
CA GLU E 11 28.16 29.52 -42.68
C GLU E 11 27.54 29.13 -41.32
N HIS E 12 26.90 27.97 -41.33
CA HIS E 12 26.30 27.41 -40.12
C HIS E 12 26.67 25.97 -39.80
N GLU E 13 27.63 25.37 -40.53
CA GLU E 13 27.99 23.96 -40.38
C GLU E 13 26.79 23.01 -40.25
N VAL E 14 25.86 23.33 -41.14
CA VAL E 14 24.60 22.65 -41.25
C VAL E 14 24.82 21.17 -41.57
N LYS E 15 24.41 20.26 -40.69
CA LYS E 15 24.54 18.83 -40.94
C LYS E 15 23.42 18.17 -41.75
N PHE E 16 22.25 18.78 -41.63
CA PHE E 16 21.03 18.30 -42.29
C PHE E 16 20.12 19.40 -42.85
N VAL E 17 19.37 19.04 -43.86
CA VAL E 17 18.35 19.90 -44.42
C VAL E 17 16.98 19.20 -44.26
N ASP E 18 16.03 19.92 -43.69
CA ASP E 18 14.70 19.43 -43.46
C ASP E 18 13.72 19.92 -44.51
N LEU E 19 13.35 19.06 -45.44
CA LEU E 19 12.35 19.42 -46.42
C LEU E 19 10.97 19.38 -45.79
N ARG E 20 10.29 20.52 -45.78
CA ARG E 20 8.93 20.59 -45.23
C ARG E 20 7.81 20.99 -46.17
N PHE E 21 6.63 20.43 -45.97
CA PHE E 21 5.46 20.83 -46.74
C PHE E 21 4.16 20.68 -45.94
N THR E 22 3.06 21.29 -46.34
CA THR E 22 1.79 21.16 -45.63
C THR E 22 0.85 20.27 -46.41
N ASP E 23 0.06 19.44 -45.73
CA ASP E 23 -0.91 18.62 -46.43
C ASP E 23 -2.30 19.27 -46.53
N THR E 24 -3.30 18.55 -47.06
CA THR E 24 -4.64 19.12 -47.20
C THR E 24 -5.28 19.50 -45.88
N LYS E 25 -5.15 18.65 -44.88
CA LYS E 25 -5.63 18.99 -43.55
C LYS E 25 -4.93 20.17 -42.89
N GLY E 26 -3.72 20.51 -43.35
CA GLY E 26 -2.98 21.63 -42.75
C GLY E 26 -1.75 21.29 -41.90
N LYS E 27 -1.49 20.01 -41.68
CA LYS E 27 -0.31 19.56 -40.94
C LYS E 27 0.97 19.56 -41.76
N GLU E 28 1.94 20.25 -41.19
CA GLU E 28 3.29 20.26 -41.71
C GLU E 28 3.94 18.89 -41.55
N GLN E 29 4.30 18.45 -42.73
CA GLN E 29 5.06 17.24 -42.98
C GLN E 29 6.52 17.59 -43.17
N HIS E 30 7.39 16.62 -43.01
CA HIS E 30 8.80 16.82 -43.26
C HIS E 30 9.57 15.53 -43.55
N VAL E 31 10.65 15.65 -44.32
CA VAL E 31 11.59 14.59 -44.61
C VAL E 31 13.01 15.21 -44.57
N THR E 32 14.02 14.48 -44.11
CA THR E 32 15.36 15.04 -43.87
C THR E 32 16.44 14.44 -44.75
N ILE E 33 17.20 15.35 -45.34
CA ILE E 33 18.32 15.08 -46.23
C ILE E 33 19.62 15.47 -45.52
N PRO E 34 20.74 14.75 -45.65
CA PRO E 34 22.04 15.20 -45.19
C PRO E 34 22.45 16.43 -45.99
N ALA E 35 23.03 17.50 -45.39
CA ALA E 35 23.39 18.72 -46.13
C ALA E 35 24.19 18.43 -47.39
N HIS E 36 25.07 17.43 -47.31
CA HIS E 36 25.80 16.98 -48.49
C HIS E 36 24.98 16.44 -49.68
N GLN E 37 23.66 16.59 -49.73
CA GLN E 37 22.86 16.21 -50.90
C GLN E 37 22.22 17.46 -51.54
N VAL E 38 22.48 18.59 -50.89
CA VAL E 38 22.01 19.84 -51.42
C VAL E 38 23.16 20.35 -52.32
N ASN E 39 22.81 20.42 -53.60
CA ASN E 39 23.68 20.92 -54.66
C ASN E 39 22.83 21.31 -55.85
N ALA E 40 23.29 22.12 -56.81
CA ALA E 40 22.55 22.48 -58.03
C ALA E 40 21.31 21.68 -58.47
N GLU E 41 21.52 20.40 -58.84
CA GLU E 41 20.49 19.41 -59.19
C GLU E 41 19.23 19.44 -58.32
N PHE E 42 19.45 19.51 -57.00
CA PHE E 42 18.41 19.59 -55.98
C PHE E 42 17.51 20.80 -56.22
N PHE E 43 18.01 22.03 -56.11
CA PHE E 43 17.16 23.20 -56.37
C PHE E 43 16.59 23.33 -57.80
N GLU E 44 17.14 22.53 -58.71
CA GLU E 44 16.75 22.51 -60.12
C GLU E 44 15.56 21.57 -60.37
N GLU E 45 15.82 20.29 -60.10
CA GLU E 45 14.87 19.20 -60.31
C GLU E 45 14.18 18.56 -59.09
N GLY E 46 14.25 19.19 -57.92
CA GLY E 46 13.66 18.70 -56.68
C GLY E 46 14.04 17.31 -56.17
N LYS E 47 13.27 16.80 -55.20
CA LYS E 47 13.45 15.44 -54.69
C LYS E 47 12.13 14.68 -54.75
N MET E 48 12.17 13.48 -55.32
CA MET E 48 11.00 12.62 -55.44
C MET E 48 10.58 11.99 -54.12
N PHE E 49 9.29 11.90 -53.85
CA PHE E 49 8.80 11.17 -52.69
C PHE E 49 7.51 10.43 -52.99
N ASP E 50 7.14 9.48 -52.14
CA ASP E 50 5.84 8.88 -52.33
C ASP E 50 4.72 9.70 -51.67
N GLY E 51 4.15 10.51 -52.55
CA GLY E 51 2.99 11.33 -52.21
C GLY E 51 1.75 10.53 -51.84
N SER E 52 1.68 9.29 -52.32
CA SER E 52 0.56 8.35 -52.07
C SER E 52 0.05 8.20 -50.64
N SER E 53 0.95 8.04 -49.67
CA SER E 53 0.49 7.91 -48.29
C SER E 53 0.22 9.22 -47.56
N ILE E 54 0.27 10.35 -48.27
CA ILE E 54 -0.19 11.61 -47.69
C ILE E 54 -1.71 11.62 -47.87
N GLY E 55 -2.39 11.86 -46.75
CA GLY E 55 -3.84 11.93 -46.72
C GLY E 55 -4.51 12.89 -47.70
N GLY E 56 -5.24 12.30 -48.64
CA GLY E 56 -6.01 13.04 -49.63
C GLY E 56 -5.26 13.38 -50.93
N TRP E 57 -4.16 12.67 -51.19
CA TRP E 57 -3.33 12.90 -52.38
C TRP E 57 -3.18 11.79 -53.43
N ASP E 64 4.15 8.54 -56.66
CA ASP E 64 5.31 9.44 -56.65
C ASP E 64 5.12 10.86 -57.18
N MET E 65 5.69 11.77 -56.41
CA MET E 65 5.59 13.21 -56.67
C MET E 65 6.92 13.92 -56.41
N VAL E 66 7.06 15.18 -56.82
CA VAL E 66 8.30 15.88 -56.53
C VAL E 66 8.22 17.09 -55.58
N LEU E 67 9.08 17.04 -54.58
CA LEU E 67 9.30 18.13 -53.65
C LEU E 67 10.24 19.17 -54.24
N MET E 68 9.72 20.35 -54.54
CA MET E 68 10.54 21.41 -55.09
C MET E 68 10.95 22.45 -54.06
N PRO E 69 12.21 22.44 -53.59
CA PRO E 69 12.67 23.34 -52.56
C PRO E 69 12.49 24.82 -52.90
N ASP E 70 11.81 25.62 -52.07
CA ASP E 70 11.76 27.05 -52.33
C ASP E 70 12.88 27.69 -51.52
N ALA E 71 14.03 27.94 -52.17
CA ALA E 71 15.17 28.50 -51.46
C ALA E 71 15.01 29.84 -50.76
N SER E 72 13.91 30.55 -51.03
CA SER E 72 13.64 31.83 -50.35
C SER E 72 13.28 31.56 -48.89
N THR E 73 12.72 30.38 -48.63
CA THR E 73 12.27 29.95 -47.30
C THR E 73 13.28 29.39 -46.30
N ALA E 74 14.58 29.35 -46.60
CA ALA E 74 15.51 28.70 -45.69
C ALA E 74 15.68 29.35 -44.31
N VAL E 75 15.41 28.53 -43.32
CA VAL E 75 15.57 28.94 -41.92
C VAL E 75 16.33 27.89 -41.12
N ILE E 76 17.15 28.27 -40.17
CA ILE E 76 17.79 27.28 -39.32
C ILE E 76 16.80 26.84 -38.22
N ASP E 77 16.67 25.54 -37.97
CA ASP E 77 15.74 25.02 -36.97
C ASP E 77 16.16 25.28 -35.52
N PRO E 78 15.44 26.02 -34.68
CA PRO E 78 15.93 26.38 -33.34
C PRO E 78 15.96 25.25 -32.31
N PHE E 79 15.45 24.10 -32.71
CA PHE E 79 15.27 22.99 -31.80
C PHE E 79 16.03 21.70 -32.06
N PHE E 80 16.22 21.24 -33.31
CA PHE E 80 16.86 19.94 -33.53
C PHE E 80 18.29 19.89 -32.94
N ALA E 81 18.78 18.77 -32.38
CA ALA E 81 20.14 18.77 -31.82
C ALA E 81 21.31 19.02 -32.78
N ASP E 82 21.19 18.55 -34.01
CA ASP E 82 22.23 18.74 -35.03
C ASP E 82 21.84 19.88 -35.94
N SER E 83 22.81 20.65 -36.42
CA SER E 83 22.49 21.82 -37.23
C SER E 83 21.67 21.57 -38.50
N THR E 84 20.45 22.06 -38.45
CA THR E 84 19.54 21.82 -39.57
C THR E 84 18.91 23.04 -40.21
N LEU E 85 18.95 23.04 -41.54
CA LEU E 85 18.36 24.12 -42.27
C LEU E 85 17.02 23.60 -42.82
N ILE E 86 15.94 24.26 -42.44
CA ILE E 86 14.59 24.00 -42.93
C ILE E 86 14.41 24.68 -44.28
N ILE E 87 13.90 23.95 -45.27
CA ILE E 87 13.55 24.55 -46.54
C ILE E 87 12.12 24.11 -46.87
N ARG E 88 11.20 25.07 -46.96
CA ARG E 88 9.82 24.78 -47.35
C ARG E 88 9.76 24.34 -48.82
N CYS E 89 8.87 23.45 -49.18
CA CYS E 89 8.78 22.95 -50.55
C CYS E 89 7.42 23.09 -51.22
N ASP E 90 7.37 23.02 -52.55
CA ASP E 90 6.08 22.88 -53.20
C ASP E 90 5.99 21.50 -53.79
N ILE E 91 4.79 20.95 -53.79
CA ILE E 91 4.57 19.63 -54.38
C ILE E 91 4.26 19.79 -55.87
N LEU E 92 5.18 19.35 -56.69
CA LEU E 92 4.93 19.42 -58.11
C LEU E 92 4.64 18.06 -58.71
N GLU E 93 3.88 18.20 -59.79
CA GLU E 93 3.52 17.08 -60.63
C GLU E 93 4.78 16.66 -61.41
N PRO E 94 5.25 15.41 -61.32
CA PRO E 94 6.60 15.02 -61.68
C PRO E 94 6.95 15.06 -63.16
N GLY E 95 8.19 15.43 -63.49
CA GLY E 95 8.62 15.57 -64.89
C GLY E 95 8.06 16.84 -65.53
N THR E 96 6.75 16.82 -65.69
CA THR E 96 5.92 17.93 -66.19
C THR E 96 5.98 19.23 -65.36
N LEU E 97 6.36 19.05 -64.09
CA LEU E 97 6.69 20.08 -63.11
C LEU E 97 5.84 21.34 -62.89
N GLN E 98 4.53 21.12 -62.83
CA GLN E 98 3.60 22.24 -62.71
C GLN E 98 3.06 22.53 -61.31
N GLY E 99 2.93 21.52 -60.45
CA GLY E 99 2.41 21.81 -59.12
C GLY E 99 1.02 21.25 -58.89
N TYR E 100 1.03 20.24 -58.04
CA TYR E 100 -0.13 19.47 -57.67
C TYR E 100 -1.40 20.28 -57.43
N ASP E 101 -2.53 20.12 -58.12
CA ASP E 101 -3.67 21.02 -57.85
C ASP E 101 -4.54 20.87 -56.59
N ARG E 102 -3.91 20.03 -55.77
CA ARG E 102 -4.29 19.55 -54.47
C ARG E 102 -3.29 19.99 -53.38
N ASP E 103 -2.12 20.50 -53.78
CA ASP E 103 -1.14 21.02 -52.86
C ASP E 103 -1.59 22.39 -52.37
N PRO E 104 -1.92 22.58 -51.09
CA PRO E 104 -2.38 23.86 -50.55
C PRO E 104 -1.44 25.03 -50.78
N ARG E 105 -0.11 24.85 -50.78
CA ARG E 105 0.76 26.00 -51.05
C ARG E 105 0.55 26.49 -52.47
N SER E 106 0.58 25.57 -53.43
CA SER E 106 0.29 25.89 -54.83
C SER E 106 -1.00 26.68 -54.98
N ILE E 107 -2.11 26.16 -54.43
CA ILE E 107 -3.38 26.88 -54.41
C ILE E 107 -3.25 28.30 -53.87
N ALA E 108 -2.52 28.52 -52.77
CA ALA E 108 -2.34 29.89 -52.26
C ALA E 108 -1.63 30.79 -53.28
N LYS E 109 -0.54 30.27 -53.86
CA LYS E 109 0.22 31.01 -54.87
C LYS E 109 -0.66 31.35 -56.09
N ARG E 110 -1.47 30.40 -56.55
CA ARG E 110 -2.44 30.64 -57.62
C ARG E 110 -3.43 31.72 -57.28
N ALA E 111 -3.99 31.72 -56.07
CA ALA E 111 -4.89 32.80 -55.65
C ALA E 111 -4.21 34.17 -55.69
N GLU E 112 -2.92 34.26 -55.33
CA GLU E 112 -2.20 35.54 -55.43
C GLU E 112 -2.02 35.98 -56.89
N ASP E 113 -1.56 35.09 -57.78
CA ASP E 113 -1.46 35.41 -59.19
C ASP E 113 -2.78 35.77 -59.85
N TYR E 114 -3.86 35.03 -59.58
CA TYR E 114 -5.18 35.40 -60.06
C TYR E 114 -5.56 36.83 -59.61
N LEU E 115 -5.23 37.22 -58.39
CA LEU E 115 -5.49 38.60 -57.93
C LEU E 115 -4.80 39.63 -58.85
N ARG E 116 -3.53 39.33 -59.17
CA ARG E 116 -2.74 40.13 -60.09
C ARG E 116 -3.32 40.18 -61.50
N ALA E 117 -3.69 39.02 -62.05
CA ALA E 117 -4.32 38.91 -63.36
C ALA E 117 -5.66 39.64 -63.46
N THR E 118 -6.40 39.75 -62.35
CA THR E 118 -7.62 40.57 -62.39
C THR E 118 -7.33 42.05 -62.30
N GLY E 119 -6.10 42.43 -61.98
CA GLY E 119 -5.71 43.84 -61.85
C GLY E 119 -6.46 44.60 -60.75
N ILE E 120 -7.22 43.92 -59.88
CA ILE E 120 -7.94 44.60 -58.81
C ILE E 120 -6.95 45.18 -57.80
N ALA E 121 -5.84 44.48 -57.59
CA ALA E 121 -4.72 44.98 -56.81
C ALA E 121 -3.47 44.14 -57.08
N ASP E 122 -2.29 44.56 -56.59
CA ASP E 122 -1.08 43.76 -56.78
C ASP E 122 -0.83 42.81 -55.61
N THR E 123 -1.22 43.22 -54.41
CA THR E 123 -0.98 42.38 -53.25
C THR E 123 -2.13 42.22 -52.27
N VAL E 124 -2.23 41.02 -51.70
CA VAL E 124 -3.16 40.74 -50.60
C VAL E 124 -2.41 40.67 -49.28
N LEU E 125 -2.86 41.43 -48.31
CA LEU E 125 -2.26 41.36 -47.01
C LEU E 125 -3.14 40.70 -45.93
N PHE E 126 -2.56 39.65 -45.35
CA PHE E 126 -3.18 38.91 -44.26
C PHE E 126 -2.48 39.00 -42.93
N GLY E 127 -3.33 39.12 -41.93
CA GLY E 127 -2.88 39.18 -40.55
C GLY E 127 -3.73 38.31 -39.61
N PRO E 128 -3.39 37.04 -39.46
CA PRO E 128 -4.12 36.06 -38.68
C PRO E 128 -3.83 36.28 -37.20
N GLU E 129 -4.81 36.22 -36.30
CA GLU E 129 -4.55 36.35 -34.87
C GLU E 129 -4.78 34.96 -34.20
N PRO E 130 -3.93 33.92 -34.36
CA PRO E 130 -4.11 32.57 -33.84
C PRO E 130 -4.01 32.49 -32.32
N GLU E 131 -4.99 31.87 -31.66
CA GLU E 131 -4.86 31.66 -30.24
C GLU E 131 -4.57 30.21 -29.92
N PHE E 132 -3.93 29.96 -28.79
CA PHE E 132 -3.65 28.58 -28.42
C PHE E 132 -3.87 28.28 -26.95
N PHE E 133 -3.92 27.00 -26.62
CA PHE E 133 -3.94 26.61 -25.22
C PHE E 133 -2.65 25.87 -24.85
N LEU E 134 -2.24 26.12 -23.63
CA LEU E 134 -1.02 25.57 -23.10
C LEU E 134 -1.35 24.70 -21.87
N PHE E 135 -1.57 23.41 -22.07
CA PHE E 135 -1.94 22.51 -20.97
C PHE E 135 -0.77 21.68 -20.39
N ASP E 136 -0.86 21.05 -19.19
CA ASP E 136 0.20 20.18 -18.69
C ASP E 136 0.00 18.71 -19.04
N ASP E 137 -1.27 18.32 -19.11
CA ASP E 137 -1.64 16.95 -19.32
C ASP E 137 -2.94 16.85 -20.09
N ILE E 138 -2.93 16.07 -21.14
CA ILE E 138 -4.14 15.85 -21.92
C ILE E 138 -4.26 14.34 -22.15
N ARG E 139 -5.34 13.78 -21.66
CA ARG E 139 -5.61 12.37 -21.86
C ARG E 139 -6.96 12.21 -22.52
N PHE E 140 -7.06 11.30 -23.44
CA PHE E 140 -8.35 11.01 -24.05
C PHE E 140 -8.34 9.64 -24.71
N GLY E 141 -9.53 9.13 -25.01
CA GLY E 141 -9.63 7.84 -25.65
C GLY E 141 -11.08 7.48 -25.91
N ALA E 142 -11.26 6.64 -26.90
CA ALA E 142 -12.57 6.11 -27.27
C ALA E 142 -12.33 4.61 -27.59
N SER E 143 -13.24 3.78 -27.10
CA SER E 143 -13.21 2.32 -27.19
C SER E 143 -14.67 1.85 -27.24
N ILE E 144 -14.98 0.60 -27.59
CA ILE E 144 -16.38 0.11 -27.54
C ILE E 144 -17.09 0.39 -26.20
N SER E 145 -16.40 0.13 -25.10
CA SER E 145 -16.94 0.25 -23.75
C SER E 145 -16.97 1.65 -23.19
N GLY E 146 -16.57 2.64 -23.97
CA GLY E 146 -16.61 4.02 -23.47
C GLY E 146 -15.67 5.03 -24.17
N SER E 147 -15.68 6.25 -23.64
CA SER E 147 -14.82 7.28 -24.18
C SER E 147 -14.59 8.38 -23.17
N HIS E 148 -13.50 9.14 -23.30
CA HIS E 148 -13.15 10.19 -22.37
C HIS E 148 -12.14 11.17 -22.87
N VAL E 149 -12.14 12.33 -22.26
CA VAL E 149 -11.08 13.31 -22.40
C VAL E 149 -10.92 13.98 -21.03
N ALA E 150 -9.66 14.21 -20.68
CA ALA E 150 -9.26 14.76 -19.42
C ALA E 150 -8.20 15.84 -19.67
N ILE E 151 -8.55 17.08 -19.38
CA ILE E 151 -7.64 18.20 -19.56
C ILE E 151 -7.06 18.63 -18.22
N ASP E 152 -5.76 18.83 -18.18
CA ASP E 152 -5.21 19.40 -16.99
C ASP E 152 -4.04 20.33 -17.19
N ASP E 153 -4.18 21.39 -16.42
CA ASP E 153 -3.19 22.44 -16.34
C ASP E 153 -3.22 23.13 -14.99
N ILE E 154 -2.02 23.51 -14.57
CA ILE E 154 -1.78 24.20 -13.30
C ILE E 154 -2.63 25.45 -13.10
N GLU E 155 -2.94 26.13 -14.19
CA GLU E 155 -3.79 27.32 -14.18
C GLU E 155 -5.30 27.06 -14.21
N GLY E 156 -5.68 25.79 -14.27
CA GLY E 156 -7.07 25.43 -14.43
C GLY E 156 -7.79 25.82 -13.16
N ALA E 157 -8.77 26.70 -13.22
CA ALA E 157 -9.54 27.11 -12.03
C ALA E 157 -10.00 25.95 -11.16
N TRP E 158 -10.26 24.83 -11.84
CA TRP E 158 -10.59 23.61 -11.12
C TRP E 158 -9.47 23.11 -10.19
N ASN E 159 -8.18 23.42 -10.35
CA ASN E 159 -7.19 22.98 -9.38
C ASN E 159 -7.05 23.72 -8.07
N SER E 160 -7.97 24.68 -7.81
CA SER E 160 -8.01 25.38 -6.53
C SER E 160 -8.11 24.46 -5.30
N SER E 161 -8.74 23.31 -5.51
CA SER E 161 -8.91 22.31 -4.46
C SER E 161 -7.84 21.22 -4.36
N THR E 162 -7.01 21.15 -5.40
CA THR E 162 -6.00 20.13 -5.60
C THR E 162 -4.84 20.07 -4.63
N LYS E 163 -4.49 18.88 -4.15
CA LYS E 163 -3.28 18.72 -3.37
C LYS E 163 -2.06 18.55 -4.29
N TYR E 164 -1.04 19.37 -4.05
CA TYR E 164 0.14 19.32 -4.88
C TYR E 164 1.50 18.87 -4.32
N GLU E 165 1.71 18.61 -3.02
CA GLU E 165 3.01 18.20 -2.43
C GLU E 165 4.13 19.27 -2.47
N GLY E 166 4.16 20.18 -3.43
CA GLY E 166 4.93 21.39 -3.20
C GLY E 166 4.12 22.36 -2.32
N GLY E 167 2.80 22.23 -2.42
CA GLY E 167 1.87 23.13 -1.75
C GLY E 167 0.93 23.67 -2.83
N ASN E 168 -0.25 24.25 -2.60
CA ASN E 168 -1.04 24.60 -3.76
C ASN E 168 -0.82 26.03 -4.22
N LYS E 169 -0.43 27.02 -3.41
CA LYS E 169 -0.18 28.40 -3.90
C LYS E 169 -1.33 29.22 -4.54
N GLY E 170 -2.43 28.62 -5.02
CA GLY E 170 -3.69 29.28 -5.38
C GLY E 170 -3.80 30.54 -6.27
N HIS E 171 -2.75 31.11 -6.86
CA HIS E 171 -2.98 32.23 -7.75
C HIS E 171 -3.25 31.61 -9.13
N ARG E 172 -4.45 31.79 -9.67
CA ARG E 172 -4.82 31.02 -10.87
C ARG E 172 -5.90 31.77 -11.67
N PRO E 173 -5.95 31.86 -13.00
CA PRO E 173 -7.02 32.57 -13.68
C PRO E 173 -8.36 31.88 -13.48
N GLY E 174 -9.40 32.56 -12.98
CA GLY E 174 -10.74 31.98 -12.87
C GLY E 174 -11.35 31.60 -14.24
N VAL E 175 -12.57 31.04 -14.44
CA VAL E 175 -12.92 30.66 -15.82
C VAL E 175 -12.91 31.79 -16.85
N LYS E 176 -13.55 32.96 -16.81
CA LYS E 176 -13.26 33.91 -17.90
C LYS E 176 -12.26 35.02 -17.53
N GLY E 177 -11.42 34.67 -16.55
CA GLY E 177 -10.54 35.66 -15.96
C GLY E 177 -9.06 35.58 -16.33
N GLY E 178 -8.72 34.89 -17.42
CA GLY E 178 -7.34 34.80 -17.89
C GLY E 178 -6.83 36.08 -18.54
N TYR E 179 -7.79 36.95 -18.86
CA TYR E 179 -7.48 38.21 -19.49
C TYR E 179 -7.04 39.37 -18.60
N PHE E 180 -5.73 39.21 -18.71
CA PHE E 180 -4.61 40.04 -18.32
C PHE E 180 -3.89 40.13 -16.99
N PRO E 181 -4.21 39.40 -15.91
CA PRO E 181 -3.63 39.63 -14.60
C PRO E 181 -2.12 39.34 -14.63
N VAL E 182 -1.37 40.12 -13.89
CA VAL E 182 0.08 39.89 -13.83
C VAL E 182 0.47 38.57 -13.17
N PRO E 183 1.69 38.08 -13.37
CA PRO E 183 2.26 37.05 -12.54
C PRO E 183 2.13 37.28 -11.02
N PRO E 184 1.99 36.25 -10.16
CA PRO E 184 1.93 34.83 -10.53
C PRO E 184 0.64 34.26 -11.12
N VAL E 185 -0.46 35.01 -11.28
CA VAL E 185 -1.72 34.49 -11.84
C VAL E 185 -1.54 34.03 -13.29
N ASP E 186 -0.80 34.84 -14.05
CA ASP E 186 -0.43 34.43 -15.37
C ASP E 186 0.89 33.66 -15.25
N SER E 187 0.79 32.34 -15.41
CA SER E 187 1.99 31.51 -15.37
C SER E 187 2.89 31.53 -16.60
N ALA E 188 2.40 32.06 -17.72
CA ALA E 188 3.17 31.89 -18.93
C ALA E 188 4.02 33.00 -19.50
N GLN E 189 4.34 34.07 -18.75
CA GLN E 189 5.17 35.16 -19.24
C GLN E 189 6.48 34.71 -19.91
N ASP E 190 7.30 33.94 -19.19
CA ASP E 190 8.52 33.40 -19.78
C ASP E 190 8.29 32.44 -20.94
N ILE E 191 7.22 31.64 -20.96
CA ILE E 191 6.98 30.76 -22.10
C ILE E 191 6.55 31.59 -23.31
N ARG E 192 5.66 32.57 -23.15
CA ARG E 192 5.30 33.40 -24.29
C ARG E 192 6.49 34.26 -24.77
N SER E 193 7.28 34.94 -23.92
CA SER E 193 8.43 35.73 -24.38
C SER E 193 9.43 34.91 -25.18
N GLU E 194 9.73 33.70 -24.71
CA GLU E 194 10.57 32.75 -25.41
C GLU E 194 10.05 32.33 -26.78
N MET E 195 8.74 32.11 -26.87
CA MET E 195 8.08 31.84 -28.14
C MET E 195 8.23 33.04 -29.05
N CYS E 196 8.16 34.27 -28.51
CA CYS E 196 8.39 35.44 -29.35
C CYS E 196 9.80 35.48 -29.88
N LEU E 197 10.78 35.32 -28.99
CA LEU E 197 12.18 35.30 -29.41
C LEU E 197 12.45 34.21 -30.44
N VAL E 198 12.03 32.94 -30.25
CA VAL E 198 12.26 31.94 -31.31
C VAL E 198 11.46 32.25 -32.59
N MET E 199 10.26 32.84 -32.55
CA MET E 199 9.56 33.20 -33.79
C MET E 199 10.33 34.20 -34.64
N GLU E 200 10.87 35.23 -33.98
CA GLU E 200 11.65 36.22 -34.70
C GLU E 200 12.94 35.62 -35.26
N GLN E 201 13.59 34.73 -34.52
CA GLN E 201 14.75 33.96 -35.01
C GLN E 201 14.44 33.11 -36.26
N MET E 202 13.16 32.83 -36.46
CA MET E 202 12.66 32.13 -37.64
C MET E 202 12.02 33.04 -38.70
N GLY E 203 12.18 34.34 -38.47
CA GLY E 203 11.76 35.36 -39.43
C GLY E 203 10.38 35.97 -39.24
N LEU E 204 9.76 35.80 -38.09
CA LEU E 204 8.47 36.43 -37.89
C LEU E 204 8.62 37.76 -37.18
N VAL E 205 7.64 38.66 -37.25
CA VAL E 205 7.78 39.85 -36.43
C VAL E 205 6.71 39.94 -35.38
N VAL E 206 7.10 39.70 -34.15
CA VAL E 206 6.15 39.82 -33.06
C VAL E 206 5.78 41.30 -32.76
N GLU E 207 4.51 41.49 -32.47
CA GLU E 207 3.98 42.80 -32.11
C GLU E 207 3.56 42.89 -30.65
N ALA E 208 3.03 41.80 -30.15
CA ALA E 208 2.63 41.70 -28.76
C ALA E 208 2.40 40.25 -28.33
N HIS E 209 2.51 39.92 -27.06
CA HIS E 209 2.10 38.61 -26.60
C HIS E 209 1.38 38.80 -25.29
N HIS E 210 0.31 38.06 -25.06
CA HIS E 210 -0.41 38.16 -23.81
C HIS E 210 -1.24 36.91 -23.55
N HIS E 211 -1.67 36.76 -22.30
CA HIS E 211 -2.60 35.71 -21.93
C HIS E 211 -3.99 36.03 -22.46
N GLU E 212 -4.72 35.03 -22.90
CA GLU E 212 -6.09 35.23 -23.33
C GLU E 212 -7.16 35.03 -22.27
N VAL E 213 -8.44 35.03 -22.60
CA VAL E 213 -9.53 35.03 -21.62
C VAL E 213 -9.69 33.79 -20.76
N ALA E 214 -9.47 32.65 -21.38
CA ALA E 214 -9.69 31.41 -20.67
C ALA E 214 -8.75 31.03 -19.53
N THR E 215 -9.33 30.44 -18.49
CA THR E 215 -8.54 29.74 -17.46
C THR E 215 -7.75 28.59 -18.10
N ALA E 216 -6.90 27.84 -17.40
CA ALA E 216 -6.18 26.69 -18.00
C ALA E 216 -5.36 26.92 -19.29
N GLY E 217 -4.68 28.07 -19.29
CA GLY E 217 -3.63 28.35 -20.28
C GLY E 217 -3.97 28.92 -21.67
N GLN E 218 -4.99 29.76 -21.86
CA GLN E 218 -5.15 30.34 -23.19
C GLN E 218 -4.15 31.48 -23.39
N ASN E 219 -3.43 31.46 -24.51
CA ASN E 219 -2.43 32.47 -24.80
C ASN E 219 -2.42 32.98 -26.24
N GLU E 220 -1.79 34.13 -26.46
CA GLU E 220 -1.72 34.68 -27.79
C GLU E 220 -0.43 35.42 -28.06
N VAL E 221 0.21 35.06 -29.16
CA VAL E 221 1.35 35.83 -29.63
C VAL E 221 0.89 36.53 -30.90
N ALA E 222 0.80 37.86 -30.86
CA ALA E 222 0.40 38.68 -31.99
C ALA E 222 1.55 38.94 -32.97
N THR E 223 1.33 38.70 -34.25
CA THR E 223 2.44 38.75 -35.19
C THR E 223 2.24 39.65 -36.44
N ARG E 224 3.21 40.47 -36.91
CA ARG E 224 3.07 41.35 -38.08
C ARG E 224 2.75 40.61 -39.37
N PHE E 225 1.83 41.28 -40.05
CA PHE E 225 1.24 40.84 -41.30
C PHE E 225 2.19 40.51 -42.43
N ASN E 226 1.55 39.90 -43.40
CA ASN E 226 2.27 39.60 -44.60
C ASN E 226 1.40 39.37 -45.80
N THR E 227 2.04 39.16 -46.93
CA THR E 227 1.31 38.79 -48.12
C THR E 227 0.80 37.36 -47.90
N MET E 228 -0.37 37.06 -48.44
CA MET E 228 -1.01 35.77 -48.26
C MET E 228 -0.14 34.51 -48.22
N THR E 229 0.47 33.97 -49.29
CA THR E 229 1.27 32.75 -49.10
C THR E 229 2.44 32.88 -48.15
N LYS E 230 3.05 34.05 -48.00
CA LYS E 230 4.15 34.17 -47.05
C LYS E 230 3.60 34.07 -45.62
N LYS E 231 2.45 34.69 -45.37
CA LYS E 231 1.79 34.61 -44.08
C LYS E 231 1.28 33.23 -43.74
N ALA E 232 0.74 32.51 -44.72
CA ALA E 232 0.35 31.12 -44.51
C ALA E 232 1.54 30.27 -44.08
N ASP E 233 2.72 30.43 -44.70
CA ASP E 233 3.91 29.76 -44.19
C ASP E 233 4.29 30.27 -42.80
N GLU E 234 4.16 31.57 -42.50
CA GLU E 234 4.45 32.06 -41.14
C GLU E 234 3.50 31.47 -40.10
N ILE E 235 2.27 31.12 -40.47
CA ILE E 235 1.39 30.39 -39.56
C ILE E 235 1.94 28.99 -39.35
N GLN E 236 2.40 28.29 -40.38
CA GLN E 236 3.05 26.99 -40.15
C GLN E 236 4.30 27.09 -39.28
N ILE E 237 5.10 28.17 -39.38
CA ILE E 237 6.21 28.32 -38.42
C ILE E 237 5.70 28.68 -37.02
N TYR E 238 4.72 29.58 -36.93
CA TYR E 238 4.09 30.00 -35.68
C TYR E 238 3.66 28.80 -34.85
N LYS E 239 2.83 27.96 -35.48
CA LYS E 239 2.41 26.73 -34.84
C LYS E 239 3.57 25.81 -34.46
N TYR E 240 4.63 25.66 -35.27
CA TYR E 240 5.77 24.79 -34.93
C TYR E 240 6.52 25.25 -33.68
N VAL E 241 6.76 26.56 -33.62
CA VAL E 241 7.42 27.13 -32.47
C VAL E 241 6.56 27.00 -31.23
N VAL E 242 5.26 27.30 -31.30
CA VAL E 242 4.40 27.12 -30.14
C VAL E 242 4.39 25.68 -29.67
N HIS E 243 4.17 24.72 -30.56
CA HIS E 243 4.19 23.31 -30.19
C HIS E 243 5.54 22.90 -29.58
N ASN E 244 6.68 23.31 -30.15
CA ASN E 244 7.95 22.89 -29.56
C ASN E 244 8.51 23.66 -28.37
N VAL E 245 8.30 24.97 -28.25
CA VAL E 245 8.73 25.68 -27.06
C VAL E 245 7.93 25.20 -25.87
N ALA E 246 6.61 25.07 -26.06
CA ALA E 246 5.74 24.52 -25.03
C ALA E 246 6.27 23.17 -24.52
N HIS E 247 6.64 22.33 -25.50
CA HIS E 247 7.23 21.04 -25.19
C HIS E 247 8.52 21.13 -24.36
N ARG E 248 9.44 22.05 -24.69
CA ARG E 248 10.67 22.27 -23.92
C ARG E 248 10.38 22.70 -22.48
N PHE E 249 9.29 23.44 -22.34
CA PHE E 249 8.79 23.86 -21.04
C PHE E 249 7.96 22.83 -20.27
N GLY E 250 7.80 21.61 -20.80
CA GLY E 250 7.02 20.58 -20.11
C GLY E 250 5.51 20.71 -20.26
N LYS E 251 5.11 21.62 -21.12
CA LYS E 251 3.72 21.82 -21.44
C LYS E 251 3.38 21.12 -22.76
N THR E 252 2.12 21.20 -23.12
CA THR E 252 1.61 20.71 -24.40
C THR E 252 0.64 21.76 -24.92
N ALA E 253 0.92 22.22 -26.13
CA ALA E 253 0.06 23.21 -26.74
C ALA E 253 -0.91 22.63 -27.73
N THR E 254 -2.06 23.27 -27.82
CA THR E 254 -3.01 22.84 -28.82
C THR E 254 -3.77 23.98 -29.51
N PHE E 255 -3.89 23.84 -30.83
CA PHE E 255 -4.63 24.82 -31.58
C PHE E 255 -6.08 24.42 -31.84
N MET E 256 -6.65 23.41 -31.14
CA MET E 256 -8.02 23.08 -31.45
C MET E 256 -8.98 24.15 -30.92
N PRO E 257 -10.07 24.39 -31.65
CA PRO E 257 -10.92 25.58 -31.50
C PRO E 257 -11.60 25.70 -30.13
N LYS E 258 -12.11 24.55 -29.68
CA LYS E 258 -12.89 24.45 -28.46
C LYS E 258 -12.55 23.25 -27.58
N PRO E 259 -11.47 23.26 -26.78
CA PRO E 259 -11.13 22.14 -25.93
C PRO E 259 -11.98 22.03 -24.68
N MET E 260 -12.42 23.15 -24.14
CA MET E 260 -13.23 23.14 -22.94
C MET E 260 -14.59 23.78 -23.13
N PHE E 261 -15.65 23.12 -22.65
CA PHE E 261 -16.95 23.76 -22.64
C PHE E 261 -17.07 24.75 -21.48
N GLY E 262 -17.66 25.91 -21.67
CA GLY E 262 -17.87 26.81 -20.53
C GLY E 262 -16.81 27.90 -20.30
N ASP E 263 -15.91 27.91 -21.25
CA ASP E 263 -14.90 28.96 -21.31
C ASP E 263 -14.47 29.20 -22.75
N ASN E 264 -13.71 30.25 -22.97
CA ASN E 264 -13.23 30.65 -24.28
C ASN E 264 -12.62 29.60 -25.21
N GLY E 265 -12.95 29.84 -26.48
CA GLY E 265 -12.39 29.06 -27.55
C GLY E 265 -11.26 29.85 -28.20
N SER E 266 -10.42 29.08 -28.85
CA SER E 266 -9.33 29.63 -29.60
C SER E 266 -9.78 29.89 -31.04
N GLY E 267 -9.88 31.18 -31.37
CA GLY E 267 -10.13 31.57 -32.74
C GLY E 267 -8.90 32.15 -33.45
N MET E 268 -8.90 32.19 -34.78
CA MET E 268 -7.82 32.81 -35.55
C MET E 268 -8.41 33.89 -36.45
N HIS E 269 -8.49 35.11 -35.95
CA HIS E 269 -9.13 36.15 -36.77
C HIS E 269 -8.22 36.61 -37.89
N CYS E 270 -8.77 36.65 -39.08
CA CYS E 270 -8.00 37.17 -40.20
C CYS E 270 -8.27 38.63 -40.51
N HIS E 271 -7.25 39.42 -40.27
CA HIS E 271 -7.32 40.78 -40.77
C HIS E 271 -6.92 40.78 -42.23
N MET E 272 -7.71 41.41 -43.10
CA MET E 272 -7.35 41.49 -44.49
C MET E 272 -7.34 42.90 -45.07
N SER E 273 -6.45 43.03 -46.05
CA SER E 273 -6.32 44.25 -46.81
C SER E 273 -5.80 44.10 -48.24
N LEU E 274 -6.28 44.91 -49.15
CA LEU E 274 -5.80 44.87 -50.52
C LEU E 274 -5.00 46.09 -50.93
N ALA E 275 -3.98 45.88 -51.76
CA ALA E 275 -3.21 47.02 -52.22
C ALA E 275 -2.75 47.00 -53.68
N LYS E 276 -2.98 48.12 -54.34
CA LYS E 276 -2.53 48.34 -55.72
C LYS E 276 -1.46 49.41 -55.65
N ASN E 277 -0.40 49.33 -56.46
CA ASN E 277 0.73 50.26 -56.49
C ASN E 277 1.05 51.07 -55.22
N GLY E 278 1.31 50.33 -54.13
CA GLY E 278 1.65 50.93 -52.84
C GLY E 278 0.51 51.64 -52.06
N THR E 279 -0.72 51.52 -52.51
CA THR E 279 -1.86 52.16 -51.87
C THR E 279 -2.96 51.19 -51.47
N ASN E 280 -3.47 51.48 -50.29
CA ASN E 280 -4.49 50.64 -49.71
C ASN E 280 -5.92 50.86 -50.24
N LEU E 281 -6.29 50.01 -51.17
CA LEU E 281 -7.64 50.00 -51.72
C LEU E 281 -8.79 49.94 -50.73
N PHE E 282 -8.56 49.41 -49.52
CA PHE E 282 -9.63 49.36 -48.55
C PHE E 282 -9.89 50.68 -47.85
N SER E 283 -8.94 51.61 -47.89
CA SER E 283 -9.19 52.95 -47.38
C SER E 283 -10.03 53.77 -48.34
N GLY E 284 -10.82 54.70 -47.83
CA GLY E 284 -11.67 55.53 -48.65
C GLY E 284 -12.61 56.41 -47.84
N ASP E 285 -13.70 56.76 -48.50
CA ASP E 285 -14.80 57.49 -47.86
C ASP E 285 -15.76 56.48 -47.20
N LYS E 286 -17.03 56.28 -47.60
CA LYS E 286 -17.92 55.23 -47.07
C LYS E 286 -17.93 54.88 -45.56
N TYR E 287 -18.52 53.76 -45.11
CA TYR E 287 -18.50 53.41 -43.68
C TYR E 287 -17.11 53.29 -43.06
N ALA E 288 -16.91 54.04 -41.99
CA ALA E 288 -15.70 53.98 -41.18
C ALA E 288 -14.32 54.03 -41.90
N GLY E 289 -14.23 54.87 -42.93
CA GLY E 289 -12.98 55.02 -43.69
C GLY E 289 -12.82 54.01 -44.82
N LEU E 290 -13.83 53.19 -45.05
CA LEU E 290 -13.71 52.18 -46.08
C LEU E 290 -14.01 52.62 -47.50
N SER E 291 -13.40 51.95 -48.46
CA SER E 291 -13.80 52.20 -49.84
C SER E 291 -15.01 51.39 -50.27
N GLU E 292 -15.63 51.75 -51.41
CA GLU E 292 -16.71 50.94 -52.00
C GLU E 292 -16.19 49.53 -52.39
N GLN E 293 -14.92 49.52 -52.76
CA GLN E 293 -14.13 48.33 -53.13
C GLN E 293 -14.09 47.32 -51.97
N ALA E 294 -13.79 47.86 -50.79
CA ALA E 294 -13.78 47.14 -49.52
C ALA E 294 -15.16 46.61 -49.16
N LEU E 295 -16.20 47.46 -49.29
CA LEU E 295 -17.56 46.99 -49.06
C LEU E 295 -17.95 45.81 -49.93
N TYR E 296 -17.57 45.78 -51.20
CA TYR E 296 -17.84 44.60 -52.02
C TYR E 296 -17.02 43.38 -51.60
N TYR E 297 -15.81 43.56 -51.07
CA TYR E 297 -15.02 42.46 -50.49
C TYR E 297 -15.84 41.84 -49.35
N ILE E 298 -16.30 42.66 -48.37
CA ILE E 298 -17.17 42.18 -47.30
C ILE E 298 -18.40 41.45 -47.86
N GLY E 299 -19.08 42.04 -48.85
CA GLY E 299 -20.21 41.38 -49.52
C GLY E 299 -19.87 40.01 -50.10
N GLY E 300 -18.69 39.83 -50.69
CA GLY E 300 -18.26 38.52 -51.19
C GLY E 300 -18.02 37.50 -50.07
N VAL E 301 -17.34 37.93 -49.00
CA VAL E 301 -17.13 37.08 -47.83
C VAL E 301 -18.48 36.65 -47.26
N ILE E 302 -19.37 37.60 -46.94
CA ILE E 302 -20.70 37.26 -46.44
C ILE E 302 -21.51 36.39 -47.41
N LYS E 303 -21.48 36.67 -48.72
CA LYS E 303 -22.12 35.83 -49.74
C LYS E 303 -21.63 34.39 -49.70
N HIS E 304 -20.34 34.18 -49.46
CA HIS E 304 -19.81 32.82 -49.47
C HIS E 304 -19.41 32.23 -48.14
N ALA E 305 -19.73 32.94 -47.05
CA ALA E 305 -19.37 32.53 -45.69
C ALA E 305 -19.54 31.06 -45.37
N LYS E 306 -20.69 30.41 -45.58
CA LYS E 306 -20.78 28.98 -45.31
C LYS E 306 -19.81 28.08 -46.12
N ALA E 307 -19.45 28.41 -47.36
CA ALA E 307 -18.45 27.61 -48.07
C ALA E 307 -17.05 27.89 -47.52
N ILE E 308 -16.81 29.16 -47.16
CA ILE E 308 -15.57 29.53 -46.49
C ILE E 308 -15.45 28.76 -45.16
N ASN E 309 -16.53 28.58 -44.37
CA ASN E 309 -16.47 27.80 -43.12
C ASN E 309 -15.92 26.39 -43.28
N ALA E 310 -16.20 25.71 -44.39
CA ALA E 310 -15.62 24.40 -44.67
C ALA E 310 -14.09 24.38 -44.70
N LEU E 311 -13.48 25.54 -44.96
CA LEU E 311 -12.03 25.68 -45.01
C LEU E 311 -11.47 26.47 -43.80
N ALA E 312 -12.19 27.51 -43.34
CA ALA E 312 -11.80 28.34 -42.21
C ALA E 312 -12.17 27.82 -40.81
N ASN E 313 -13.10 26.85 -40.79
CA ASN E 313 -13.58 26.16 -39.59
C ASN E 313 -13.76 24.65 -39.86
N PRO E 314 -12.69 23.92 -40.19
CA PRO E 314 -12.77 22.62 -40.85
C PRO E 314 -12.94 21.41 -39.94
N THR E 315 -13.16 21.63 -38.65
CA THR E 315 -13.22 20.52 -37.71
C THR E 315 -14.59 20.40 -37.09
N THR E 316 -15.14 19.23 -36.72
CA THR E 316 -16.42 19.24 -35.98
C THR E 316 -16.37 20.12 -34.72
N ASN E 317 -15.24 20.10 -34.02
CA ASN E 317 -15.01 20.93 -32.84
C ASN E 317 -15.11 22.44 -33.10
N SER E 318 -14.82 22.86 -34.32
CA SER E 318 -14.91 24.26 -34.70
C SER E 318 -16.25 24.91 -34.40
N TYR E 319 -17.28 24.11 -34.61
CA TYR E 319 -18.65 24.56 -34.41
C TYR E 319 -19.09 24.57 -32.95
N LYS E 320 -18.34 23.93 -32.04
CA LYS E 320 -18.59 24.12 -30.61
C LYS E 320 -18.22 25.54 -30.17
N ARG E 321 -17.33 26.20 -30.92
CA ARG E 321 -16.95 27.60 -30.71
C ARG E 321 -17.95 28.56 -31.36
N LEU E 322 -18.31 28.23 -32.59
CA LEU E 322 -19.28 29.01 -33.31
C LEU E 322 -20.73 28.69 -32.95
N VAL E 323 -21.07 28.94 -31.69
CA VAL E 323 -22.44 28.77 -31.26
C VAL E 323 -22.99 30.14 -30.85
N PRO E 324 -24.27 30.44 -31.07
CA PRO E 324 -24.90 31.71 -30.67
C PRO E 324 -24.50 32.54 -29.45
N PRO E 329 -19.08 34.78 -32.55
CA PRO E 329 -19.16 35.60 -33.77
C PRO E 329 -19.86 34.90 -34.93
N VAL E 330 -21.12 34.61 -34.72
CA VAL E 330 -21.89 33.90 -35.73
C VAL E 330 -22.61 34.73 -36.81
N MET E 331 -22.95 35.97 -36.46
CA MET E 331 -23.64 36.92 -37.32
C MET E 331 -22.87 37.47 -38.51
N LEU E 332 -23.23 37.08 -39.73
CA LEU E 332 -22.64 37.66 -40.95
C LEU E 332 -23.09 39.10 -41.18
N ALA E 333 -22.32 39.95 -40.52
CA ALA E 333 -22.58 41.38 -40.54
C ALA E 333 -21.28 42.16 -40.33
N TYR E 334 -21.12 43.30 -40.99
CA TYR E 334 -19.99 44.14 -40.67
C TYR E 334 -20.32 45.28 -39.74
N SER E 335 -19.33 45.66 -38.96
CA SER E 335 -19.47 46.79 -38.05
C SER E 335 -18.17 47.30 -37.42
N ALA E 336 -18.09 48.59 -37.12
CA ALA E 336 -16.98 49.11 -36.33
C ALA E 336 -17.38 49.03 -34.83
N ARG E 337 -18.69 49.10 -34.59
CA ARG E 337 -19.30 48.91 -33.28
C ARG E 337 -19.65 47.46 -32.84
N ASN E 338 -20.60 46.72 -33.45
CA ASN E 338 -20.98 45.37 -32.99
C ASN E 338 -19.97 44.19 -32.92
N ARG E 339 -19.21 43.93 -31.84
CA ARG E 339 -18.40 42.69 -31.72
C ARG E 339 -19.37 41.58 -31.29
N SER E 340 -20.00 41.13 -32.35
CA SER E 340 -21.10 40.15 -32.43
C SER E 340 -21.25 39.83 -33.92
N ALA E 341 -20.95 40.89 -34.67
CA ALA E 341 -20.72 40.85 -36.10
C ALA E 341 -19.39 40.14 -36.37
N SER E 342 -19.46 39.14 -37.24
CA SER E 342 -18.26 38.40 -37.64
C SER E 342 -17.30 39.17 -38.54
N ILE E 343 -17.73 40.32 -39.08
CA ILE E 343 -16.83 41.16 -39.84
C ILE E 343 -16.65 42.46 -39.05
N ARG E 344 -15.53 42.63 -38.38
CA ARG E 344 -15.23 43.87 -37.67
C ARG E 344 -14.38 44.81 -38.53
N ILE E 345 -14.77 46.07 -38.62
CA ILE E 345 -13.98 47.06 -39.33
C ILE E 345 -13.18 47.74 -38.22
N PRO E 346 -11.89 47.43 -38.04
CA PRO E 346 -11.09 47.93 -36.93
C PRO E 346 -11.00 49.45 -36.99
N VAL E 347 -11.19 50.10 -35.85
CA VAL E 347 -11.02 51.55 -35.81
C VAL E 347 -9.53 51.80 -35.78
N VAL E 348 -8.98 51.92 -36.99
CA VAL E 348 -7.57 52.19 -37.11
C VAL E 348 -7.23 53.62 -36.66
N ALA E 349 -8.08 54.62 -36.97
CA ALA E 349 -7.94 56.07 -36.69
C ALA E 349 -6.78 56.75 -37.44
N SER E 350 -5.70 56.01 -37.31
CA SER E 350 -4.47 56.08 -38.07
C SER E 350 -4.77 55.90 -39.58
N PRO E 351 -3.86 55.84 -40.56
CA PRO E 351 -4.10 56.46 -41.86
C PRO E 351 -4.82 55.76 -43.01
N LYS E 352 -4.22 54.62 -43.26
CA LYS E 352 -4.44 53.75 -44.41
C LYS E 352 -3.90 52.34 -44.16
N ALA E 353 -3.74 52.11 -42.87
CA ALA E 353 -3.78 50.79 -42.29
C ALA E 353 -5.29 50.37 -42.14
N ARG E 354 -6.17 50.93 -42.97
CA ARG E 354 -7.57 50.55 -43.09
C ARG E 354 -7.70 49.10 -43.56
N ARG E 355 -8.53 48.34 -42.90
CA ARG E 355 -8.64 46.91 -43.20
C ARG E 355 -9.94 46.30 -42.72
N ILE E 356 -10.28 45.13 -43.21
CA ILE E 356 -11.39 44.43 -42.59
C ILE E 356 -10.86 43.31 -41.69
N GLU E 357 -11.62 42.96 -40.67
CA GLU E 357 -11.25 41.82 -39.85
C GLU E 357 -12.33 40.76 -39.85
N VAL E 358 -12.09 39.56 -40.39
CA VAL E 358 -13.09 38.51 -40.27
C VAL E 358 -12.81 37.71 -38.97
N ARG E 359 -13.74 37.80 -38.00
CA ARG E 359 -13.58 37.13 -36.72
C ARG E 359 -13.88 35.65 -36.61
N PHE E 360 -14.56 35.04 -37.58
CA PHE E 360 -14.92 33.64 -37.42
C PHE E 360 -13.96 32.49 -37.66
N PRO E 361 -12.84 32.51 -38.41
CA PRO E 361 -12.01 31.32 -38.60
C PRO E 361 -11.29 30.84 -37.35
N ASP E 362 -10.71 29.64 -37.32
CA ASP E 362 -10.00 29.24 -36.11
C ASP E 362 -8.68 28.50 -36.38
N PRO E 363 -7.71 28.41 -35.44
CA PRO E 363 -6.40 27.80 -35.67
C PRO E 363 -6.40 26.43 -36.30
N ALA E 364 -7.52 25.71 -36.33
CA ALA E 364 -7.53 24.42 -36.99
C ALA E 364 -7.50 24.48 -38.52
N ALA E 365 -7.79 25.67 -39.06
CA ALA E 365 -7.84 25.88 -40.49
C ALA E 365 -6.50 25.75 -41.22
N ASN E 366 -6.52 25.17 -42.42
CA ASN E 366 -5.31 25.10 -43.24
C ASN E 366 -4.99 26.51 -43.72
N PRO E 367 -3.93 27.20 -43.30
CA PRO E 367 -3.82 28.63 -43.50
C PRO E 367 -3.77 28.96 -45.00
N TYR E 368 -3.21 28.06 -45.83
CA TYR E 368 -3.23 28.28 -47.27
C TYR E 368 -4.66 28.25 -47.80
N LEU E 369 -5.37 27.11 -47.70
CA LEU E 369 -6.74 27.06 -48.19
C LEU E 369 -7.70 28.06 -47.51
N CYS E 370 -7.54 28.35 -46.23
CA CYS E 370 -8.39 29.30 -45.53
C CYS E 370 -8.20 30.70 -46.11
N PHE E 371 -6.96 31.15 -46.25
CA PHE E 371 -6.69 32.46 -46.83
C PHE E 371 -7.03 32.54 -48.30
N ALA E 372 -6.69 31.52 -49.11
CA ALA E 372 -7.13 31.46 -50.50
C ALA E 372 -8.63 31.62 -50.61
N ALA E 373 -9.44 30.82 -49.90
CA ALA E 373 -10.88 30.99 -49.90
C ALA E 373 -11.36 32.36 -49.40
N LEU E 374 -10.84 32.98 -48.32
CA LEU E 374 -11.25 34.35 -47.98
C LEU E 374 -10.98 35.34 -49.13
N LEU E 375 -9.81 35.25 -49.76
CA LEU E 375 -9.44 36.12 -50.89
C LEU E 375 -10.38 35.90 -52.07
N MET E 376 -10.47 34.69 -52.63
CA MET E 376 -11.39 34.39 -53.73
C MET E 376 -12.83 34.84 -53.44
N ALA E 377 -13.36 34.69 -52.21
CA ALA E 377 -14.69 35.21 -51.91
C ALA E 377 -14.77 36.73 -51.99
N GLY E 378 -13.77 37.37 -51.40
CA GLY E 378 -13.66 38.83 -51.41
C GLY E 378 -13.55 39.43 -52.81
N LEU E 379 -12.77 38.80 -53.69
CA LEU E 379 -12.70 39.26 -55.08
C LEU E 379 -14.05 39.07 -55.75
N ASP E 380 -14.68 37.90 -55.72
CA ASP E 380 -16.03 37.71 -56.26
C ASP E 380 -17.05 38.77 -55.82
N GLY E 381 -16.87 39.35 -54.62
CA GLY E 381 -17.69 40.48 -54.19
C GLY E 381 -17.45 41.72 -55.06
N ILE E 382 -16.19 42.15 -55.10
CA ILE E 382 -15.69 43.26 -55.94
C ILE E 382 -16.14 43.06 -57.40
N LYS E 383 -15.69 41.93 -57.96
CA LYS E 383 -16.01 41.52 -59.31
C LYS E 383 -17.49 41.54 -59.75
N ASN E 384 -18.40 41.41 -58.78
CA ASN E 384 -19.83 41.47 -59.05
C ASN E 384 -20.56 42.54 -58.22
N LYS E 385 -19.90 43.62 -57.76
CA LYS E 385 -20.52 44.69 -56.96
C LYS E 385 -21.48 44.21 -55.84
N ILE E 386 -21.21 43.03 -55.27
CA ILE E 386 -22.03 42.41 -54.22
C ILE E 386 -22.03 43.30 -52.98
N HIS E 387 -22.93 44.28 -52.99
CA HIS E 387 -22.94 45.26 -51.92
C HIS E 387 -23.39 44.70 -50.57
N PRO E 388 -22.55 44.80 -49.54
CA PRO E 388 -22.74 44.16 -48.25
C PRO E 388 -24.06 44.51 -47.56
N GLY E 389 -24.36 45.79 -47.32
CA GLY E 389 -25.66 46.16 -46.77
C GLY E 389 -25.53 47.34 -45.85
N GLU E 390 -25.90 47.13 -44.60
CA GLU E 390 -25.78 48.14 -43.56
C GLU E 390 -25.20 47.56 -42.28
N PRO E 391 -24.39 48.31 -41.53
CA PRO E 391 -23.80 47.84 -40.30
C PRO E 391 -24.67 47.61 -39.09
N MET E 392 -24.69 46.39 -38.58
CA MET E 392 -25.31 46.13 -37.28
C MET E 392 -24.47 46.85 -36.23
N ASP E 393 -24.97 47.78 -35.41
CA ASP E 393 -24.12 48.42 -34.41
C ASP E 393 -24.59 48.35 -32.95
N ILE E 407 -31.06 38.29 -40.41
CA ILE E 407 -29.61 38.45 -40.36
C ILE E 407 -28.82 37.13 -40.44
N PRO E 408 -28.10 36.86 -41.54
CA PRO E 408 -27.55 35.55 -41.86
C PRO E 408 -26.35 35.13 -41.00
N GLN E 409 -26.18 33.82 -40.81
CA GLN E 409 -25.13 33.31 -39.95
C GLN E 409 -24.20 32.32 -40.62
N VAL E 410 -23.04 32.13 -40.02
CA VAL E 410 -22.07 31.11 -40.44
C VAL E 410 -22.65 29.70 -40.44
N ALA E 411 -22.08 28.74 -41.15
CA ALA E 411 -22.54 27.35 -41.08
C ALA E 411 -22.64 26.87 -39.63
N GLY E 412 -23.76 26.25 -39.27
CA GLY E 412 -23.95 25.74 -37.92
C GLY E 412 -23.30 24.39 -37.63
N SER E 413 -22.64 23.80 -38.62
CA SER E 413 -21.97 22.52 -38.44
C SER E 413 -21.04 22.22 -39.57
N LEU E 414 -20.09 21.30 -39.37
CA LEU E 414 -19.19 20.92 -40.45
C LEU E 414 -19.96 20.32 -41.62
N GLU E 415 -21.00 19.50 -41.38
CA GLU E 415 -21.78 18.92 -42.47
C GLU E 415 -22.42 19.98 -43.35
N GLU E 416 -22.96 21.00 -42.67
CA GLU E 416 -23.52 22.16 -43.35
C GLU E 416 -22.46 22.86 -44.19
N ALA E 417 -21.36 23.24 -43.54
CA ALA E 417 -20.23 23.86 -44.22
C ALA E 417 -19.74 23.06 -45.42
N LEU E 418 -19.56 21.74 -45.29
CA LEU E 418 -19.16 20.89 -46.41
C LEU E 418 -20.21 20.92 -47.52
N ASN E 419 -21.53 20.77 -47.25
CA ASN E 419 -22.55 20.87 -48.30
C ASN E 419 -22.46 22.19 -49.06
N ALA E 420 -22.35 23.25 -48.27
CA ALA E 420 -22.18 24.60 -48.78
C ALA E 420 -20.96 24.77 -49.67
N LEU E 421 -19.76 24.29 -49.29
CA LEU E 421 -18.59 24.34 -50.18
C LEU E 421 -18.89 23.56 -51.46
N ASP E 422 -19.46 22.36 -51.32
CA ASP E 422 -19.84 21.55 -52.47
C ASP E 422 -20.77 22.25 -53.48
N LEU E 423 -21.73 23.04 -53.00
CA LEU E 423 -22.63 23.77 -53.89
C LEU E 423 -22.15 25.14 -54.35
N ASP E 424 -21.44 25.86 -53.48
CA ASP E 424 -20.93 27.21 -53.77
C ASP E 424 -19.48 27.17 -54.28
N ARG E 425 -19.21 26.08 -54.95
CA ARG E 425 -17.95 25.72 -55.57
C ARG E 425 -17.35 26.68 -56.61
N GLU E 426 -18.19 27.41 -57.32
CA GLU E 426 -17.74 28.28 -58.39
C GLU E 426 -16.70 29.36 -58.12
N PHE E 427 -16.91 30.17 -57.09
CA PHE E 427 -15.96 31.25 -56.79
C PHE E 427 -14.56 30.74 -56.42
N LEU E 428 -14.47 29.51 -55.88
CA LEU E 428 -13.14 28.95 -55.65
C LEU E 428 -12.49 28.53 -56.96
N LYS E 429 -13.22 28.01 -57.95
CA LYS E 429 -12.63 27.54 -59.23
C LYS E 429 -12.11 28.62 -60.21
N ALA E 430 -12.47 29.88 -59.94
CA ALA E 430 -12.02 31.03 -60.74
C ALA E 430 -10.52 31.09 -60.97
N GLY E 431 -10.19 31.13 -62.25
CA GLY E 431 -8.81 31.15 -62.69
C GLY E 431 -7.99 29.93 -62.29
N GLY E 432 -8.60 28.77 -62.05
CA GLY E 432 -7.81 27.56 -61.80
C GLY E 432 -7.27 27.38 -60.37
N VAL E 433 -7.51 28.39 -59.52
CA VAL E 433 -7.23 28.35 -58.07
C VAL E 433 -8.15 27.19 -57.63
N PHE E 434 -7.82 26.00 -57.09
CA PHE E 434 -8.86 24.99 -56.77
C PHE E 434 -9.61 24.32 -57.92
N THR E 435 -9.24 23.08 -58.16
CA THR E 435 -9.99 22.26 -59.12
C THR E 435 -11.15 21.55 -58.45
N ASP E 436 -12.08 21.01 -59.24
CA ASP E 436 -13.11 20.12 -58.68
C ASP E 436 -12.55 18.92 -57.95
N GLU E 437 -11.51 18.24 -58.45
CA GLU E 437 -10.91 17.09 -57.74
C GLU E 437 -10.40 17.51 -56.36
N ALA E 438 -9.73 18.67 -56.34
CA ALA E 438 -9.24 19.29 -55.12
C ALA E 438 -10.38 19.51 -54.12
N ILE E 439 -11.44 20.21 -54.55
CA ILE E 439 -12.60 20.42 -53.67
C ILE E 439 -13.27 19.11 -53.24
N ASP E 440 -13.56 18.22 -54.17
CA ASP E 440 -14.13 16.91 -53.84
C ASP E 440 -13.30 16.05 -52.87
N ALA E 441 -11.97 15.98 -53.01
CA ALA E 441 -11.12 15.20 -52.11
C ALA E 441 -11.08 15.77 -50.71
N TYR E 442 -11.07 17.11 -50.66
CA TYR E 442 -11.18 17.84 -49.41
C TYR E 442 -12.46 17.45 -48.69
N ILE E 443 -13.63 17.65 -49.32
CA ILE E 443 -14.88 17.27 -48.67
C ILE E 443 -14.89 15.81 -48.21
N ALA E 444 -14.38 14.90 -49.05
CA ALA E 444 -14.20 13.49 -48.66
C ALA E 444 -13.42 13.30 -47.37
N LEU E 445 -12.27 13.95 -47.21
CA LEU E 445 -11.54 13.90 -45.94
C LEU E 445 -12.39 14.43 -44.79
N ARG E 446 -12.85 15.69 -44.87
CA ARG E 446 -13.67 16.24 -43.81
C ARG E 446 -14.94 15.44 -43.45
N ARG E 447 -15.51 14.68 -44.40
CA ARG E 447 -16.67 13.85 -44.11
C ARG E 447 -16.38 12.65 -43.23
N GLU E 448 -15.30 11.93 -43.51
CA GLU E 448 -14.85 10.78 -42.71
C GLU E 448 -14.73 11.13 -41.23
N GLU E 449 -14.20 12.34 -41.02
CA GLU E 449 -14.05 12.93 -39.70
C GLU E 449 -15.39 13.23 -39.07
N ASP E 450 -16.24 13.94 -39.82
CA ASP E 450 -17.58 14.25 -39.32
C ASP E 450 -18.35 12.97 -38.95
N ASP E 451 -18.29 11.91 -39.74
CA ASP E 451 -18.91 10.63 -39.42
C ASP E 451 -18.48 9.98 -38.11
N ARG E 452 -17.17 9.90 -37.85
CA ARG E 452 -16.66 9.32 -36.62
C ARG E 452 -17.23 10.05 -35.40
N VAL E 453 -17.22 11.39 -35.48
CA VAL E 453 -17.84 12.20 -34.43
C VAL E 453 -19.37 11.98 -34.36
N ARG E 454 -20.07 11.79 -35.50
CA ARG E 454 -21.54 11.60 -35.54
C ARG E 454 -22.04 10.25 -35.00
N MET E 455 -21.29 9.19 -35.27
CA MET E 455 -21.62 7.81 -34.89
C MET E 455 -21.14 7.32 -33.53
N THR E 456 -20.23 8.07 -32.90
CA THR E 456 -19.73 7.69 -31.59
C THR E 456 -20.58 8.31 -30.49
N PRO E 457 -21.26 7.58 -29.61
CA PRO E 457 -22.01 8.17 -28.50
C PRO E 457 -21.19 9.06 -27.58
N HIS E 458 -21.81 10.20 -27.33
CA HIS E 458 -21.21 11.27 -26.55
C HIS E 458 -21.46 11.04 -25.06
N PRO E 459 -20.50 11.27 -24.16
CA PRO E 459 -20.75 11.28 -22.73
C PRO E 459 -21.97 12.06 -22.25
N VAL E 460 -22.28 13.35 -22.55
CA VAL E 460 -23.53 13.92 -22.01
C VAL E 460 -24.81 13.22 -22.49
N GLU E 461 -24.78 12.38 -23.54
CA GLU E 461 -25.95 11.59 -23.92
C GLU E 461 -26.24 10.58 -22.79
N PHE E 462 -25.25 9.99 -22.11
CA PHE E 462 -25.56 9.13 -20.97
C PHE E 462 -26.18 9.93 -19.84
N GLU E 463 -25.70 11.17 -19.68
CA GLU E 463 -26.26 12.08 -18.68
C GLU E 463 -27.74 12.41 -18.92
N LEU E 464 -28.03 12.60 -20.20
CA LEU E 464 -29.35 12.93 -20.70
C LEU E 464 -30.35 11.79 -20.85
N TYR E 465 -29.85 10.69 -21.37
CA TYR E 465 -30.68 9.57 -21.79
C TYR E 465 -30.47 8.21 -21.14
N TYR E 466 -29.56 7.99 -20.19
CA TYR E 466 -29.41 6.64 -19.64
C TYR E 466 -30.68 6.15 -18.93
N SER E 467 -31.29 7.02 -18.13
CA SER E 467 -32.50 6.61 -17.44
C SER E 467 -33.81 6.76 -18.20
N VAL E 468 -33.66 6.71 -19.53
CA VAL E 468 -34.82 6.68 -20.40
C VAL E 468 -35.50 5.29 -20.24
N SER F 1 10.73 60.86 -19.22
CA SER F 1 10.45 61.27 -20.60
C SER F 1 10.59 60.13 -21.61
N ALA F 2 9.99 60.20 -22.81
CA ALA F 2 10.19 59.20 -23.86
C ALA F 2 11.68 58.92 -24.12
N GLU F 3 12.42 60.01 -24.33
CA GLU F 3 13.88 60.02 -24.48
C GLU F 3 14.65 59.13 -23.51
N HIS F 4 14.29 59.27 -22.23
CA HIS F 4 14.84 58.45 -21.14
C HIS F 4 14.50 56.98 -21.26
N VAL F 5 13.24 56.67 -21.57
CA VAL F 5 12.83 55.28 -21.73
C VAL F 5 13.63 54.65 -22.88
N LEU F 6 13.69 55.38 -23.99
CA LEU F 6 14.46 54.98 -25.15
C LEU F 6 15.93 54.73 -24.89
N THR F 7 16.57 55.44 -23.96
CA THR F 7 17.96 55.09 -23.63
C THR F 7 17.98 53.82 -22.78
N MET F 8 17.14 53.68 -21.74
CA MET F 8 17.10 52.46 -20.92
C MET F 8 17.01 51.16 -21.70
N LEU F 9 16.22 51.23 -22.78
CA LEU F 9 16.08 50.14 -23.72
C LEU F 9 17.45 49.63 -24.22
N ASN F 10 18.33 50.52 -24.66
CA ASN F 10 19.70 50.15 -25.04
C ASN F 10 20.64 49.88 -23.86
N GLU F 11 20.53 50.73 -22.86
CA GLU F 11 21.28 50.73 -21.60
C GLU F 11 21.08 49.46 -20.74
N HIS F 12 20.02 48.74 -21.08
CA HIS F 12 19.70 47.48 -20.41
C HIS F 12 19.45 46.29 -21.33
N GLU F 13 19.68 46.42 -22.64
CA GLU F 13 19.38 45.39 -23.64
C GLU F 13 18.01 44.72 -23.44
N VAL F 14 17.09 45.64 -23.18
CA VAL F 14 15.71 45.33 -22.93
C VAL F 14 15.08 44.61 -24.12
N LYS F 15 14.64 43.36 -23.97
CA LYS F 15 14.00 42.62 -25.04
C LYS F 15 12.50 42.86 -25.22
N PHE F 16 11.87 43.20 -24.10
CA PHE F 16 10.43 43.43 -24.05
C PHE F 16 10.00 44.59 -23.15
N VAL F 17 8.86 45.17 -23.47
CA VAL F 17 8.24 46.19 -22.65
C VAL F 17 6.85 45.67 -22.19
N ASP F 18 6.62 45.73 -20.89
CA ASP F 18 5.40 45.27 -20.29
C ASP F 18 4.46 46.44 -19.98
N LEU F 19 3.42 46.59 -20.80
CA LEU F 19 2.42 47.61 -20.52
C LEU F 19 1.52 47.15 -19.40
N ARG F 20 1.50 47.91 -18.30
CA ARG F 20 0.63 47.58 -17.18
C ARG F 20 -0.42 48.59 -16.79
N PHE F 21 -1.57 48.12 -16.33
CA PHE F 21 -2.62 49.01 -15.82
C PHE F 21 -3.46 48.35 -14.73
N THR F 22 -4.21 49.09 -13.92
CA THR F 22 -5.04 48.49 -12.88
C THR F 22 -6.50 48.54 -13.30
N ASP F 23 -7.27 47.53 -12.97
CA ASP F 23 -8.70 47.57 -13.27
C ASP F 23 -9.57 48.11 -12.13
N THR F 24 -10.90 48.08 -12.27
CA THR F 24 -11.77 48.60 -11.22
C THR F 24 -11.64 47.87 -9.89
N LYS F 25 -11.57 46.54 -9.96
CA LYS F 25 -11.34 45.77 -8.75
C LYS F 25 -9.99 46.00 -8.09
N GLY F 26 -9.01 46.53 -8.84
CA GLY F 26 -7.67 46.78 -8.26
C GLY F 26 -6.52 45.86 -8.73
N LYS F 27 -6.84 44.85 -9.54
CA LYS F 27 -5.83 43.96 -10.08
C LYS F 27 -5.07 44.54 -11.28
N GLU F 28 -3.76 44.51 -11.12
CA GLU F 28 -2.86 44.88 -12.19
C GLU F 28 -2.90 43.84 -13.31
N GLN F 29 -3.25 44.44 -14.43
CA GLN F 29 -3.27 43.83 -15.73
C GLN F 29 -1.99 44.15 -16.48
N HIS F 30 -1.69 43.37 -17.49
CA HIS F 30 -0.53 43.64 -18.32
C HIS F 30 -0.60 43.00 -19.72
N VAL F 31 0.05 43.64 -20.68
CA VAL F 31 0.22 43.14 -22.04
C VAL F 31 1.67 43.46 -22.46
N THR F 32 2.32 42.60 -23.25
CA THR F 32 3.75 42.72 -23.56
C THR F 32 4.03 42.98 -25.03
N ILE F 33 4.87 43.98 -25.24
CA ILE F 33 5.33 44.46 -26.54
C ILE F 33 6.83 44.12 -26.68
N PRO F 34 7.36 43.72 -27.83
CA PRO F 34 8.79 43.61 -28.08
C PRO F 34 9.40 45.01 -27.99
N ALA F 35 10.57 45.20 -27.36
CA ALA F 35 11.17 46.54 -27.24
C ALA F 35 11.24 47.31 -28.55
N HIS F 36 11.51 46.57 -29.63
CA HIS F 36 11.48 47.14 -30.98
C HIS F 36 10.14 47.73 -31.46
N GLN F 37 9.12 47.91 -30.62
CA GLN F 37 7.88 48.58 -31.01
C GLN F 37 7.72 49.90 -30.24
N VAL F 38 8.68 50.15 -29.36
CA VAL F 38 8.70 51.36 -28.61
C VAL F 38 9.54 52.33 -29.45
N ASN F 39 8.84 53.37 -29.89
CA ASN F 39 9.39 54.46 -30.67
C ASN F 39 8.47 55.66 -30.59
N ALA F 40 8.87 56.90 -30.89
CA ALA F 40 8.01 58.10 -30.89
C ALA F 40 6.46 57.95 -30.89
N GLU F 41 5.91 57.40 -31.99
CA GLU F 41 4.49 57.05 -32.18
C GLU F 41 3.80 56.46 -30.95
N PHE F 42 4.48 55.49 -30.33
CA PHE F 42 4.03 54.80 -29.12
C PHE F 42 3.78 55.79 -27.99
N PHE F 43 4.80 56.50 -27.48
CA PHE F 43 4.55 57.48 -26.41
C PHE F 43 3.65 58.67 -26.78
N GLU F 44 3.39 58.84 -28.08
CA GLU F 44 2.57 59.91 -28.61
C GLU F 44 1.08 59.53 -28.63
N GLU F 45 0.78 58.49 -29.40
CA GLU F 45 -0.55 57.98 -29.62
C GLU F 45 -0.99 56.65 -28.96
N GLY F 46 -0.21 56.16 -27.99
CA GLY F 46 -0.49 54.93 -27.26
C GLY F 46 -0.64 53.62 -28.06
N LYS F 47 -1.14 52.58 -27.39
CA LYS F 47 -1.46 51.32 -28.05
C LYS F 47 -2.90 50.90 -27.77
N MET F 48 -3.62 50.57 -28.83
CA MET F 48 -5.03 50.15 -28.73
C MET F 48 -5.19 48.75 -28.15
N PHE F 49 -6.18 48.53 -27.32
CA PHE F 49 -6.50 47.19 -26.85
C PHE F 49 -8.00 46.98 -26.71
N ASP F 50 -8.44 45.75 -26.61
CA ASP F 50 -9.84 45.54 -26.31
C ASP F 50 -10.13 45.61 -24.81
N GLY F 51 -10.53 46.82 -24.45
CA GLY F 51 -10.97 47.13 -23.10
C GLY F 51 -12.22 46.38 -22.66
N SER F 52 -13.03 45.94 -23.64
CA SER F 52 -14.27 45.19 -23.41
C SER F 52 -14.25 44.02 -22.45
N SER F 53 -13.25 43.15 -22.53
CA SER F 53 -13.19 42.01 -21.60
C SER F 53 -12.55 42.32 -20.25
N ILE F 54 -12.24 43.58 -19.98
CA ILE F 54 -11.82 43.96 -18.64
C ILE F 54 -13.11 44.17 -17.83
N GLY F 55 -13.15 43.49 -16.69
CA GLY F 55 -14.29 43.57 -15.79
C GLY F 55 -14.73 44.96 -15.34
N GLY F 56 -15.94 45.31 -15.79
CA GLY F 56 -16.56 46.58 -15.42
C GLY F 56 -16.26 47.77 -16.35
N TRP F 57 -15.78 47.47 -17.57
CA TRP F 57 -15.43 48.49 -18.55
C TRP F 57 -16.21 48.58 -19.88
N ASP F 64 -12.90 48.69 -27.88
CA ASP F 64 -11.55 49.22 -28.00
C ASP F 64 -11.23 50.54 -27.31
N MET F 65 -10.06 50.53 -26.68
CA MET F 65 -9.57 51.66 -25.89
C MET F 65 -8.07 51.88 -26.09
N VAL F 66 -7.52 52.99 -25.63
CA VAL F 66 -6.09 53.18 -25.78
C VAL F 66 -5.26 53.24 -24.49
N LEU F 67 -4.22 52.42 -24.48
CA LEU F 67 -3.21 52.41 -23.43
C LEU F 67 -2.18 53.49 -23.67
N MET F 68 -2.15 54.49 -22.81
CA MET F 68 -1.20 55.58 -22.95
C MET F 68 -0.01 55.44 -22.00
N PRO F 69 1.17 55.04 -22.48
CA PRO F 69 2.33 54.81 -21.65
C PRO F 69 2.75 56.03 -20.83
N ASP F 70 2.87 55.94 -19.49
CA ASP F 70 3.39 57.07 -18.76
C ASP F 70 4.89 56.83 -18.57
N ALA F 71 5.70 57.44 -19.43
CA ALA F 71 7.15 57.22 -19.39
C ALA F 71 7.88 57.56 -18.10
N SER F 72 7.23 58.26 -17.18
CA SER F 72 7.84 58.57 -15.88
C SER F 72 7.94 57.30 -15.03
N THR F 73 7.03 56.36 -15.28
CA THR F 73 6.94 55.09 -14.56
C THR F 73 7.86 53.93 -14.97
N ALA F 74 8.79 54.09 -15.90
CA ALA F 74 9.57 52.94 -16.35
C ALA F 74 10.49 52.30 -15.31
N VAL F 75 10.23 51.02 -15.11
CA VAL F 75 11.05 50.21 -14.20
C VAL F 75 11.47 48.90 -14.85
N ILE F 76 12.66 48.39 -14.58
CA ILE F 76 13.02 47.08 -15.10
C ILE F 76 12.40 46.00 -14.19
N ASP F 77 11.78 44.96 -14.77
CA ASP F 77 11.14 43.89 -14.00
C ASP F 77 12.12 42.96 -13.31
N PRO F 78 12.18 42.81 -11.99
CA PRO F 78 13.21 42.00 -11.33
C PRO F 78 13.08 40.49 -11.47
N PHE F 79 11.99 40.06 -12.10
CA PHE F 79 11.66 38.66 -12.16
C PHE F 79 11.59 38.00 -13.54
N PHE F 80 11.08 38.65 -14.60
CA PHE F 80 10.93 37.95 -15.88
C PHE F 80 12.26 37.42 -16.43
N ALA F 81 12.34 36.25 -17.09
CA ALA F 81 13.64 35.78 -17.57
C ALA F 81 14.37 36.63 -18.63
N ASP F 82 13.62 37.28 -19.51
CA ASP F 82 14.19 38.14 -20.55
C ASP F 82 14.07 39.58 -20.11
N SER F 83 15.05 40.41 -20.49
CA SER F 83 15.04 41.79 -20.02
C SER F 83 13.81 42.63 -20.39
N THR F 84 13.06 42.95 -19.34
CA THR F 84 11.82 43.68 -19.57
C THR F 84 11.65 44.99 -18.81
N LEU F 85 11.21 45.99 -19.55
CA LEU F 85 10.96 47.27 -18.94
C LEU F 85 9.45 47.40 -18.77
N ILE F 86 9.01 47.57 -17.54
CA ILE F 86 7.61 47.82 -17.17
C ILE F 86 7.31 49.31 -17.38
N ILE F 87 6.20 49.60 -18.07
CA ILE F 87 5.74 50.97 -18.18
C ILE F 87 4.27 50.99 -17.79
N ARG F 88 3.93 51.72 -16.72
CA ARG F 88 2.53 51.87 -16.31
C ARG F 88 1.77 52.71 -17.32
N CYS F 89 0.50 52.43 -17.53
CA CYS F 89 -0.30 53.17 -18.53
C CYS F 89 -1.57 53.82 -18.01
N ASP F 90 -2.12 54.79 -18.76
CA ASP F 90 -3.46 55.23 -18.43
C ASP F 90 -4.39 54.80 -19.53
N ILE F 91 -5.61 54.49 -19.18
CA ILE F 91 -6.61 54.10 -20.16
C ILE F 91 -7.31 55.35 -20.68
N LEU F 92 -7.07 55.65 -21.94
CA LEU F 92 -7.74 56.79 -22.51
C LEU F 92 -8.82 56.38 -23.49
N GLU F 93 -9.75 57.32 -23.54
CA GLU F 93 -10.87 57.25 -24.47
C GLU F 93 -10.31 57.53 -25.88
N PRO F 94 -10.48 56.64 -26.86
CA PRO F 94 -9.70 56.60 -28.08
C PRO F 94 -9.92 57.76 -29.06
N GLY F 95 -8.87 58.20 -29.75
CA GLY F 95 -8.94 59.34 -30.66
C GLY F 95 -9.04 60.68 -29.90
N THR F 96 -10.17 60.84 -29.24
CA THR F 96 -10.51 61.95 -28.35
C THR F 96 -9.55 62.16 -27.17
N LEU F 97 -8.89 61.07 -26.80
CA LEU F 97 -7.78 60.96 -25.84
C LEU F 97 -7.81 61.64 -24.46
N GLN F 98 -8.95 61.50 -23.80
CA GLN F 98 -9.16 62.16 -22.51
C GLN F 98 -8.96 61.30 -21.26
N GLY F 99 -9.23 60.00 -21.33
CA GLY F 99 -9.04 59.19 -20.14
C GLY F 99 -10.35 58.71 -19.54
N TYR F 100 -10.50 57.40 -19.70
CA TYR F 100 -11.67 56.66 -19.29
C TYR F 100 -12.23 57.05 -17.92
N ASP F 101 -13.47 57.51 -17.74
CA ASP F 101 -13.88 57.93 -16.38
C ASP F 101 -14.21 56.89 -15.29
N ARG F 102 -13.80 55.71 -15.72
CA ARG F 102 -13.87 54.41 -15.09
C ARG F 102 -12.47 53.82 -14.82
N ASP F 103 -11.43 54.43 -15.40
CA ASP F 103 -10.05 54.03 -15.17
C ASP F 103 -9.62 54.56 -13.81
N PRO F 104 -9.34 53.70 -12.80
CA PRO F 104 -8.93 54.15 -11.49
C PRO F 104 -7.70 55.04 -11.43
N ARG F 105 -6.70 54.88 -12.32
CA ARG F 105 -5.55 55.79 -12.27
C ARG F 105 -6.01 57.20 -12.62
N SER F 106 -6.76 57.34 -13.73
CA SER F 106 -7.34 58.63 -14.10
C SER F 106 -8.08 59.30 -12.96
N ILE F 107 -9.02 58.57 -12.33
CA ILE F 107 -9.72 59.08 -11.14
C ILE F 107 -8.76 59.57 -10.06
N ALA F 108 -7.66 58.86 -9.76
CA ALA F 108 -6.70 59.34 -8.77
C ALA F 108 -6.07 60.66 -9.18
N LYS F 109 -5.64 60.74 -10.44
CA LYS F 109 -5.05 61.97 -10.98
C LYS F 109 -6.02 63.15 -10.91
N ARG F 110 -7.28 62.92 -11.27
CA ARG F 110 -8.34 63.91 -11.15
C ARG F 110 -8.53 64.39 -9.72
N ALA F 111 -8.55 63.49 -8.74
CA ALA F 111 -8.63 63.89 -7.34
C ALA F 111 -7.45 64.78 -6.92
N GLU F 112 -6.24 64.52 -7.42
CA GLU F 112 -5.10 65.39 -7.13
C GLU F 112 -5.27 66.80 -7.75
N ASP F 113 -5.62 66.88 -9.04
CA ASP F 113 -5.89 68.16 -9.67
C ASP F 113 -7.03 68.94 -9.04
N TYR F 114 -8.15 68.30 -8.71
CA TYR F 114 -9.22 68.94 -7.97
C TYR F 114 -8.72 69.53 -6.64
N LEU F 115 -7.83 68.84 -5.93
CA LEU F 115 -7.24 69.40 -4.70
C LEU F 115 -6.53 70.74 -4.98
N ARG F 116 -5.75 70.75 -6.07
CA ARG F 116 -5.07 71.94 -6.55
C ARG F 116 -6.02 73.06 -6.93
N ALA F 117 -7.05 72.75 -7.72
CA ALA F 117 -8.08 73.70 -8.13
C ALA F 117 -8.86 74.29 -6.95
N THR F 118 -9.02 73.54 -5.85
CA THR F 118 -9.64 74.14 -4.67
C THR F 118 -8.68 75.03 -3.89
N GLY F 119 -7.38 74.99 -4.21
CA GLY F 119 -6.38 75.77 -3.51
C GLY F 119 -6.24 75.45 -2.02
N ILE F 120 -6.86 74.38 -1.52
CA ILE F 120 -6.76 74.03 -0.11
C ILE F 120 -5.32 73.59 0.22
N ALA F 121 -4.67 72.95 -0.75
CA ALA F 121 -3.26 72.63 -0.67
C ALA F 121 -2.72 72.25 -2.06
N ASP F 122 -1.40 72.11 -2.23
CA ASP F 122 -0.85 71.70 -3.51
C ASP F 122 -0.68 70.19 -3.62
N THR F 123 -0.37 69.55 -2.49
CA THR F 123 -0.17 68.11 -2.51
C THR F 123 -0.83 67.30 -1.40
N VAL F 124 -1.26 66.09 -1.76
CA VAL F 124 -1.75 65.10 -0.81
C VAL F 124 -0.71 64.03 -0.57
N LEU F 125 -0.37 63.80 0.68
CA LEU F 125 0.54 62.73 0.99
C LEU F 125 -0.10 61.52 1.68
N PHE F 126 0.11 60.37 1.02
CA PHE F 126 -0.36 59.09 1.52
C PHE F 126 0.72 58.11 1.89
N GLY F 127 0.44 57.45 3.00
CA GLY F 127 1.33 56.42 3.52
C GLY F 127 0.57 55.18 3.99
N PRO F 128 0.31 54.23 3.10
CA PRO F 128 -0.46 53.03 3.35
C PRO F 128 0.41 52.03 4.12
N GLU F 129 -0.11 51.34 5.15
CA GLU F 129 0.68 50.32 5.83
C GLU F 129 0.09 48.92 5.49
N PRO F 130 0.24 48.34 4.27
CA PRO F 130 -0.36 47.07 3.85
C PRO F 130 0.23 45.87 4.57
N GLU F 131 -0.62 45.00 5.11
CA GLU F 131 -0.10 43.76 5.68
C GLU F 131 -0.42 42.58 4.80
N PHE F 132 0.38 41.53 4.88
CA PHE F 132 0.10 40.35 4.08
C PHE F 132 0.30 39.05 4.83
N PHE F 133 -0.20 37.96 4.26
CA PHE F 133 0.08 36.64 4.78
C PHE F 133 0.91 35.84 3.78
N LEU F 134 1.80 35.05 4.37
CA LEU F 134 2.72 34.25 3.60
C LEU F 134 2.50 32.77 3.93
N PHE F 135 1.64 32.09 3.17
CA PHE F 135 1.32 30.69 3.42
C PHE F 135 2.09 29.67 2.56
N ASP F 136 2.15 28.35 2.87
CA ASP F 136 2.79 27.36 1.99
C ASP F 136 1.81 26.69 1.03
N ASP F 137 0.59 26.54 1.50
CA ASP F 137 -0.44 25.82 0.78
C ASP F 137 -1.80 26.41 1.06
N ILE F 138 -2.53 26.69 0.00
CA ILE F 138 -3.89 27.19 0.16
C ILE F 138 -4.76 26.40 -0.81
N ARG F 139 -5.74 25.69 -0.25
CA ARG F 139 -6.68 24.94 -1.07
C ARG F 139 -8.07 25.38 -0.73
N PHE F 140 -8.92 25.51 -1.71
CA PHE F 140 -10.31 25.83 -1.47
C PHE F 140 -11.18 25.47 -2.66
N GLY F 141 -12.48 25.40 -2.45
CA GLY F 141 -13.39 25.06 -3.52
C GLY F 141 -14.82 25.06 -3.03
N ALA F 142 -15.72 25.30 -3.95
CA ALA F 142 -17.15 25.27 -3.72
C ALA F 142 -17.77 24.54 -4.94
N SER F 143 -18.73 23.66 -4.65
CA SER F 143 -19.40 22.79 -5.60
C SER F 143 -20.82 22.57 -5.07
N ILE F 144 -21.78 22.04 -5.83
CA ILE F 144 -23.12 21.75 -5.28
C ILE F 144 -23.10 20.93 -3.98
N SER F 145 -22.27 19.89 -3.94
CA SER F 145 -22.16 18.95 -2.82
C SER F 145 -21.34 19.43 -1.65
N GLY F 146 -20.84 20.65 -1.71
CA GLY F 146 -20.05 21.17 -0.59
C GLY F 146 -19.07 22.33 -0.90
N SER F 147 -18.33 22.71 0.14
CA SER F 147 -17.34 23.74 -0.03
C SER F 147 -16.28 23.68 1.05
N HIS F 148 -15.09 24.24 0.80
CA HIS F 148 -13.99 24.19 1.74
C HIS F 148 -12.89 25.18 1.47
N VAL F 149 -12.13 25.45 2.52
CA VAL F 149 -10.87 26.16 2.41
C VAL F 149 -9.94 25.54 3.46
N ALA F 150 -8.70 25.38 3.06
CA ALA F 150 -7.67 24.76 3.84
C ALA F 150 -6.40 25.59 3.75
N ILE F 151 -6.00 26.20 4.86
CA ILE F 151 -4.81 27.04 4.91
C ILE F 151 -3.66 26.26 5.54
N ASP F 152 -2.50 26.32 4.93
CA ASP F 152 -1.36 25.76 5.61
C ASP F 152 -0.05 26.47 5.37
N ASP F 153 0.60 26.57 6.52
CA ASP F 153 1.92 27.15 6.61
C ASP F 153 2.70 26.57 7.78
N ILE F 154 3.99 26.45 7.55
CA ILE F 154 4.96 25.93 8.50
C ILE F 154 4.92 26.62 9.87
N GLU F 155 4.60 27.90 9.88
CA GLU F 155 4.46 28.68 11.10
C GLU F 155 3.10 28.58 11.79
N GLY F 156 2.18 27.82 11.22
CA GLY F 156 0.84 27.75 11.73
C GLY F 156 0.88 27.07 13.07
N ALA F 157 0.47 27.71 14.15
CA ALA F 157 0.46 27.11 15.49
C ALA F 157 -0.14 25.70 15.51
N TRP F 158 -1.11 25.51 14.62
CA TRP F 158 -1.68 24.18 14.47
C TRP F 158 -0.68 23.11 14.01
N ASN F 159 0.44 23.40 13.36
CA ASN F 159 1.39 22.34 13.03
C ASN F 159 2.31 21.80 14.12
N SER F 160 2.11 22.26 15.36
CA SER F 160 2.86 21.74 16.51
C SER F 160 2.79 20.21 16.67
N SER F 161 1.67 19.65 16.23
CA SER F 161 1.43 18.21 16.29
C SER F 161 1.83 17.40 15.06
N THR F 162 2.11 18.11 13.98
CA THR F 162 2.38 17.57 12.65
C THR F 162 3.64 16.75 12.47
N LYS F 163 3.54 15.60 11.80
CA LYS F 163 4.74 14.86 11.41
C LYS F 163 5.32 15.41 10.11
N TYR F 164 6.61 15.73 10.14
CA TYR F 164 7.25 16.28 8.96
C TYR F 164 8.34 15.52 8.21
N GLU F 165 8.85 14.34 8.63
CA GLU F 165 9.93 13.60 7.94
C GLU F 165 11.31 14.27 7.92
N GLY F 166 11.42 15.59 7.93
CA GLY F 166 12.69 16.17 8.34
C GLY F 166 12.79 16.14 9.87
N GLY F 167 11.63 16.19 10.51
CA GLY F 167 11.53 16.29 11.96
C GLY F 167 10.62 17.50 12.25
N ASN F 168 10.03 17.73 13.42
CA ASN F 168 9.14 18.88 13.47
C ASN F 168 9.82 20.15 13.96
N LYS F 169 10.88 20.15 14.77
CA LYS F 169 11.54 21.40 15.20
C LYS F 169 10.76 22.46 16.01
N GLY F 170 9.43 22.48 16.03
CA GLY F 170 8.59 23.23 16.97
C GLY F 170 8.76 24.72 17.33
N HIS F 171 9.67 25.51 16.74
CA HIS F 171 9.69 26.92 17.07
C HIS F 171 8.68 27.58 16.11
N ARG F 172 7.60 28.14 16.62
CA ARG F 172 6.53 28.58 15.72
C ARG F 172 5.71 29.71 16.38
N PRO F 173 5.23 30.79 15.74
CA PRO F 173 4.46 31.81 16.44
C PRO F 173 3.11 31.25 16.90
N GLY F 174 2.77 31.34 18.19
CA GLY F 174 1.45 30.94 18.68
C GLY F 174 0.29 31.74 18.07
N VAL F 175 -1.04 31.59 18.34
CA VAL F 175 -1.98 32.41 17.56
C VAL F 175 -1.81 33.92 17.68
N LYS F 176 -1.77 34.67 18.79
CA LYS F 176 -1.49 36.10 18.61
C LYS F 176 -0.04 36.50 18.90
N GLY F 177 0.84 35.50 18.72
CA GLY F 177 2.22 35.66 19.12
C GLY F 177 3.25 35.83 18.01
N GLY F 178 2.82 36.21 16.81
CA GLY F 178 3.74 36.45 15.70
C GLY F 178 4.50 37.77 15.83
N TYR F 179 4.03 38.61 16.74
CA TYR F 179 4.63 39.89 16.98
C TYR F 179 5.83 39.94 17.91
N PHE F 180 6.79 39.87 17.00
CA PHE F 180 8.23 40.07 17.06
C PHE F 180 9.32 39.09 17.41
N PRO F 181 9.10 37.82 17.73
CA PRO F 181 10.16 36.94 18.24
C PRO F 181 11.23 36.73 17.17
N VAL F 182 12.47 36.64 17.60
CA VAL F 182 13.56 36.40 16.65
C VAL F 182 13.49 35.03 15.97
N PRO F 183 14.18 34.82 14.86
CA PRO F 183 14.47 33.49 14.36
C PRO F 183 15.01 32.49 15.40
N PRO F 184 14.72 31.18 15.30
CA PRO F 184 13.88 30.55 14.29
C PRO F 184 12.36 30.67 14.38
N VAL F 185 11.76 31.32 15.39
CA VAL F 185 10.29 31.45 15.50
C VAL F 185 9.72 32.26 14.33
N ASP F 186 10.43 33.33 13.99
CA ASP F 186 10.06 34.06 12.80
C ASP F 186 10.81 33.42 11.64
N SER F 187 10.07 32.71 10.81
CA SER F 187 10.67 32.08 9.62
C SER F 187 10.97 33.01 8.44
N ALA F 188 10.43 34.22 8.45
CA ALA F 188 10.54 35.00 7.24
C ALA F 188 11.54 36.15 7.10
N GLN F 189 12.57 36.24 7.98
CA GLN F 189 13.58 37.30 7.89
C GLN F 189 14.19 37.46 6.50
N ASP F 190 14.75 36.39 5.93
CA ASP F 190 15.28 36.45 4.58
C ASP F 190 14.23 36.73 3.50
N ILE F 191 12.98 36.25 3.62
CA ILE F 191 11.98 36.57 2.61
C ILE F 191 11.58 38.05 2.72
N ARG F 192 11.37 38.59 3.92
CA ARG F 192 11.07 40.00 4.02
C ARG F 192 12.26 40.88 3.59
N SER F 193 13.52 40.64 4.00
CA SER F 193 14.65 41.47 3.56
C SER F 193 14.79 41.51 2.04
N GLU F 194 14.65 40.36 1.39
CA GLU F 194 14.63 40.25 -0.06
C GLU F 194 13.53 41.05 -0.74
N MET F 195 12.34 41.00 -0.17
CA MET F 195 11.22 41.83 -0.63
C MET F 195 11.59 43.30 -0.49
N CYS F 196 12.30 43.68 0.59
CA CYS F 196 12.72 45.07 0.72
C CYS F 196 13.69 45.45 -0.37
N LEU F 197 14.73 44.63 -0.55
CA LEU F 197 15.71 44.89 -1.61
C LEU F 197 15.05 44.96 -2.98
N VAL F 198 14.19 44.02 -3.41
CA VAL F 198 13.54 44.17 -4.71
C VAL F 198 12.59 45.37 -4.75
N MET F 199 11.89 45.76 -3.68
CA MET F 199 11.04 46.96 -3.71
C MET F 199 11.85 48.24 -4.01
N GLU F 200 12.99 48.38 -3.35
CA GLU F 200 13.83 49.54 -3.59
C GLU F 200 14.39 49.54 -5.02
N GLN F 201 14.77 48.38 -5.55
CA GLN F 201 15.18 48.21 -6.95
C GLN F 201 14.09 48.63 -7.96
N MET F 202 12.84 48.64 -7.48
CA MET F 202 11.70 49.12 -8.26
C MET F 202 11.24 50.53 -7.90
N GLY F 203 12.05 51.19 -7.09
CA GLY F 203 11.83 52.60 -6.74
C GLY F 203 11.07 52.89 -5.46
N LEU F 204 10.89 51.91 -4.58
CA LEU F 204 10.21 52.22 -3.34
C LEU F 204 11.20 52.53 -2.23
N VAL F 205 10.80 53.21 -1.16
CA VAL F 205 11.75 53.34 -0.08
C VAL F 205 11.31 52.63 1.17
N VAL F 206 11.95 51.53 1.46
CA VAL F 206 11.62 50.80 2.69
C VAL F 206 12.11 51.54 3.95
N GLU F 207 11.27 51.50 4.97
CA GLU F 207 11.58 52.08 6.27
C GLU F 207 11.80 51.05 7.36
N ALA F 208 11.03 49.98 7.27
CA ALA F 208 11.16 48.86 8.20
C ALA F 208 10.46 47.62 7.69
N HIS F 209 10.84 46.42 8.11
CA HIS F 209 10.06 45.24 7.80
C HIS F 209 10.03 44.38 9.05
N HIS F 210 8.90 43.77 9.34
CA HIS F 210 8.80 42.90 10.50
C HIS F 210 7.65 41.93 10.36
N HIS F 211 7.67 40.90 11.20
CA HIS F 211 6.56 39.97 11.30
C HIS F 211 5.40 40.63 12.03
N GLU F 212 4.18 40.34 11.60
CA GLU F 212 3.01 40.85 12.30
C GLU F 212 2.43 39.95 13.37
N VAL F 213 1.27 40.24 13.94
CA VAL F 213 0.74 39.54 15.09
C VAL F 213 0.34 38.09 14.91
N ALA F 214 -0.24 37.81 13.76
CA ALA F 214 -0.73 36.48 13.51
C ALA F 214 0.26 35.33 13.33
N THR F 215 -0.12 34.17 13.88
CA THR F 215 0.57 32.91 13.56
C THR F 215 0.45 32.63 12.06
N ALA F 216 1.03 31.58 11.48
CA ALA F 216 0.87 31.27 10.05
C ALA F 216 1.19 32.37 9.01
N GLY F 217 2.28 33.09 9.30
CA GLY F 217 2.90 34.00 8.33
C GLY F 217 2.39 35.43 8.12
N GLN F 218 1.89 36.16 9.12
CA GLN F 218 1.56 37.55 8.86
C GLN F 218 2.83 38.41 8.85
N ASN F 219 3.01 39.22 7.82
CA ASN F 219 4.18 40.05 7.68
C ASN F 219 3.91 41.48 7.22
N GLU F 220 4.88 42.37 7.42
CA GLU F 220 4.71 43.74 7.00
C GLU F 220 6.01 44.38 6.55
N VAL F 221 5.98 44.97 5.38
CA VAL F 221 7.09 45.77 4.91
C VAL F 221 6.58 47.23 4.92
N ALA F 222 7.15 48.04 5.79
CA ALA F 222 6.80 49.46 5.92
C ALA F 222 7.50 50.33 4.89
N THR F 223 6.76 51.15 4.18
CA THR F 223 7.35 51.87 3.04
C THR F 223 7.17 53.41 3.04
N ARG F 224 8.17 54.26 2.72
CA ARG F 224 8.04 55.73 2.69
C ARG F 224 6.99 56.25 1.74
N PHE F 225 6.31 57.23 2.31
CA PHE F 225 5.17 57.91 1.72
C PHE F 225 5.39 58.54 0.35
N ASN F 226 4.24 58.92 -0.17
CA ASN F 226 4.27 59.61 -1.42
C ASN F 226 3.01 60.40 -1.70
N THR F 227 3.05 61.10 -2.82
CA THR F 227 1.86 61.80 -3.26
C THR F 227 0.87 60.73 -3.69
N MET F 228 -0.42 60.99 -3.49
CA MET F 228 -1.47 60.04 -3.81
C MET F 228 -1.34 59.16 -5.06
N THR F 229 -1.47 59.61 -6.32
CA THR F 229 -1.33 58.65 -7.42
C THR F 229 0.03 57.96 -7.51
N LYS F 230 1.12 58.59 -7.07
CA LYS F 230 2.40 57.89 -7.13
C LYS F 230 2.41 56.77 -6.10
N LYS F 231 1.85 57.01 -4.92
CA LYS F 231 1.74 56.00 -3.88
C LYS F 231 0.81 54.87 -4.25
N ALA F 232 -0.31 55.18 -4.89
CA ALA F 232 -1.20 54.14 -5.41
C ALA F 232 -0.46 53.20 -6.37
N ASP F 233 0.33 53.74 -7.30
CA ASP F 233 1.18 52.88 -8.13
C ASP F 233 2.22 52.14 -7.29
N GLU F 234 2.82 52.74 -6.26
CA GLU F 234 3.76 52.02 -5.39
C GLU F 234 3.08 50.88 -4.64
N ILE F 235 1.79 50.97 -4.33
CA ILE F 235 1.06 49.84 -3.77
C ILE F 235 0.93 48.75 -4.83
N GLN F 236 0.63 49.07 -6.09
CA GLN F 236 0.64 48.04 -7.12
C GLN F 236 2.00 47.40 -7.32
N ILE F 237 3.11 48.13 -7.19
CA ILE F 237 4.42 47.46 -7.22
C ILE F 237 4.68 46.65 -5.94
N TYR F 238 4.32 47.19 -4.78
CA TYR F 238 4.46 46.53 -3.49
C TYR F 238 3.84 45.14 -3.52
N LYS F 239 2.56 45.11 -3.88
CA LYS F 239 1.88 43.84 -4.04
C LYS F 239 2.53 42.92 -5.07
N TYR F 240 3.03 43.41 -6.22
CA TYR F 240 3.66 42.54 -7.22
C TYR F 240 4.94 41.87 -6.71
N VAL F 241 5.76 42.65 -6.02
CA VAL F 241 6.98 42.12 -5.44
C VAL F 241 6.65 41.12 -4.35
N VAL F 242 5.70 41.41 -3.45
CA VAL F 242 5.34 40.44 -2.42
C VAL F 242 4.83 39.14 -3.04
N HIS F 243 3.89 39.22 -3.97
CA HIS F 243 3.37 38.02 -4.64
C HIS F 243 4.50 37.25 -5.34
N ASN F 244 5.42 37.89 -6.07
CA ASN F 244 6.47 37.15 -6.75
C ASN F 244 7.70 36.73 -5.97
N VAL F 245 8.17 37.48 -4.98
CA VAL F 245 9.29 37.01 -4.15
C VAL F 245 8.83 35.82 -3.34
N ALA F 246 7.64 35.92 -2.76
CA ALA F 246 7.04 34.81 -2.02
C ALA F 246 7.03 33.54 -2.88
N HIS F 247 6.59 33.73 -4.13
CA HIS F 247 6.58 32.65 -5.09
C HIS F 247 7.96 32.02 -5.34
N ARG F 248 9.02 32.84 -5.50
CA ARG F 248 10.39 32.35 -5.67
C ARG F 248 10.87 31.54 -4.46
N PHE F 249 10.38 31.95 -3.29
CA PHE F 249 10.63 31.23 -2.05
C PHE F 249 9.75 30.01 -1.77
N GLY F 250 8.87 29.64 -2.70
CA GLY F 250 8.00 28.48 -2.51
C GLY F 250 6.79 28.72 -1.63
N LYS F 251 6.57 29.98 -1.30
CA LYS F 251 5.42 30.40 -0.54
C LYS F 251 4.36 30.97 -1.49
N THR F 252 3.24 31.34 -0.90
CA THR F 252 2.15 32.02 -1.58
C THR F 252 1.67 33.13 -0.66
N ALA F 253 1.67 34.34 -1.20
CA ALA F 253 1.23 35.48 -0.43
C ALA F 253 -0.19 35.89 -0.75
N THR F 254 -0.85 36.41 0.25
CA THR F 254 -2.19 36.93 0.02
C THR F 254 -2.51 38.21 0.77
N PHE F 255 -3.16 39.14 0.05
CA PHE F 255 -3.57 40.37 0.67
C PHE F 255 -5.02 40.36 1.13
N MET F 256 -5.70 39.19 1.23
CA MET F 256 -7.09 39.26 1.66
C MET F 256 -7.18 39.59 3.16
N PRO F 257 -8.21 40.33 3.56
CA PRO F 257 -8.28 41.02 4.84
C PRO F 257 -8.29 40.07 6.04
N LYS F 258 -9.09 39.01 5.89
CA LYS F 258 -9.33 38.04 6.94
C LYS F 258 -9.29 36.58 6.50
N PRO F 259 -8.13 35.94 6.30
CA PRO F 259 -8.08 34.55 5.88
C PRO F 259 -8.37 33.55 6.99
N MET F 260 -8.01 33.88 8.22
CA MET F 260 -8.25 32.99 9.34
C MET F 260 -9.12 33.58 10.42
N PHE F 261 -10.11 32.85 10.89
CA PHE F 261 -10.88 33.29 12.05
C PHE F 261 -10.10 33.05 13.34
N GLY F 262 -10.10 33.97 14.29
CA GLY F 262 -9.45 33.69 15.58
C GLY F 262 -8.01 34.17 15.73
N ASP F 263 -7.60 34.88 14.70
CA ASP F 263 -6.34 35.56 14.72
C ASP F 263 -6.38 36.80 13.83
N ASN F 264 -5.35 37.63 13.92
CA ASN F 264 -5.24 38.85 13.17
C ASN F 264 -5.58 38.88 11.67
N GLY F 265 -6.16 40.01 11.32
CA GLY F 265 -6.46 40.30 9.94
C GLY F 265 -5.41 41.26 9.41
N SER F 266 -5.33 41.23 8.11
CA SER F 266 -4.44 42.14 7.40
C SER F 266 -5.19 43.41 7.05
N GLY F 267 -4.81 44.49 7.70
CA GLY F 267 -5.30 45.81 7.34
C GLY F 267 -4.29 46.67 6.60
N MET F 268 -4.75 47.72 5.90
CA MET F 268 -3.86 48.67 5.23
C MET F 268 -4.16 50.06 5.74
N HIS F 269 -3.48 50.48 6.80
CA HIS F 269 -3.81 51.79 7.36
C HIS F 269 -3.25 52.92 6.52
N CYS F 270 -4.10 53.88 6.22
CA CYS F 270 -3.63 55.03 5.48
C CYS F 270 -3.29 56.21 6.35
N HIS F 271 -2.00 56.52 6.37
CA HIS F 271 -1.62 57.79 6.96
C HIS F 271 -1.81 58.89 5.94
N MET F 272 -2.46 59.97 6.30
CA MET F 272 -2.63 61.08 5.39
C MET F 272 -2.17 62.43 5.92
N SER F 273 -1.74 63.23 4.96
CA SER F 273 -1.34 64.60 5.22
C SER F 273 -1.50 65.56 4.05
N LEU F 274 -1.83 66.80 4.33
CA LEU F 274 -1.94 67.80 3.28
C LEU F 274 -0.87 68.87 3.33
N ALA F 275 -0.45 69.34 2.18
CA ALA F 275 0.54 70.39 2.15
C ALA F 275 0.40 71.48 1.09
N LYS F 276 0.50 72.72 1.55
CA LYS F 276 0.46 73.90 0.68
C LYS F 276 1.86 74.49 0.74
N ASN F 277 2.38 75.03 -0.36
CA ASN F 277 3.73 75.61 -0.47
C ASN F 277 4.82 75.15 0.52
N GLY F 278 5.07 73.84 0.50
CA GLY F 278 6.09 73.22 1.37
C GLY F 278 5.78 73.13 2.88
N THR F 279 4.55 73.43 3.28
CA THR F 279 4.16 73.39 4.68
C THR F 279 2.95 72.51 4.94
N ASN F 280 3.09 71.81 6.06
CA ASN F 280 2.07 70.87 6.46
C ASN F 280 0.84 71.46 7.14
N LEU F 281 -0.19 71.63 6.34
CA LEU F 281 -1.48 72.10 6.83
C LEU F 281 -2.09 71.34 8.00
N PHE F 282 -1.72 70.07 8.19
CA PHE F 282 -2.27 69.34 9.31
C PHE F 282 -1.62 69.66 10.64
N SER F 283 -0.43 70.26 10.63
CA SER F 283 0.18 70.74 11.87
C SER F 283 -0.49 72.04 12.34
N GLY F 284 -0.50 72.27 13.63
CA GLY F 284 -1.11 73.46 14.18
C GLY F 284 -1.16 73.45 15.70
N ASP F 285 -2.13 74.21 16.20
CA ASP F 285 -2.44 74.24 17.62
C ASP F 285 -3.46 73.12 17.93
N LYS F 286 -4.72 73.33 18.33
CA LYS F 286 -5.75 72.29 18.50
C LYS F 286 -5.39 70.90 19.11
N TYR F 287 -6.21 69.86 19.01
CA TYR F 287 -5.85 68.55 19.57
C TYR F 287 -4.56 67.94 19.02
N ALA F 288 -3.68 67.61 19.94
CA ALA F 288 -2.43 66.91 19.62
C ALA F 288 -1.55 67.44 18.47
N GLY F 289 -1.44 68.77 18.36
CA GLY F 289 -0.63 69.40 17.32
C GLY F 289 -1.37 69.60 16.01
N LEU F 290 -2.66 69.28 15.97
CA LEU F 290 -3.40 69.42 14.73
C LEU F 290 -3.94 70.80 14.41
N SER F 291 -4.10 71.07 13.13
CA SER F 291 -4.80 72.30 12.76
C SER F 291 -6.31 72.16 12.75
N GLU F 292 -7.05 73.26 12.71
CA GLU F 292 -8.50 73.23 12.53
C GLU F 292 -8.88 72.61 11.17
N GLN F 293 -7.99 72.83 10.21
CA GLN F 293 -8.02 72.32 8.83
C GLN F 293 -8.05 70.78 8.82
N ALA F 294 -7.15 70.22 9.62
CA ALA F 294 -7.01 68.79 9.86
C ALA F 294 -8.25 68.22 10.54
N LEU F 295 -8.75 68.90 11.58
CA LEU F 295 -9.98 68.47 12.22
C LEU F 295 -11.16 68.37 11.26
N TYR F 296 -11.31 69.33 10.35
CA TYR F 296 -12.37 69.19 9.34
C TYR F 296 -12.13 68.06 8.35
N TYR F 297 -10.87 67.72 8.04
CA TYR F 297 -10.53 66.55 7.23
C TYR F 297 -11.08 65.31 7.94
N ILE F 298 -10.73 65.10 9.23
CA ILE F 298 -11.28 64.01 10.04
C ILE F 298 -12.81 64.00 9.99
N GLY F 299 -13.44 65.17 10.21
CA GLY F 299 -14.89 65.30 10.12
C GLY F 299 -15.46 64.84 8.78
N GLY F 300 -14.81 65.13 7.65
CA GLY F 300 -15.24 64.66 6.34
C GLY F 300 -15.12 63.14 6.18
N VAL F 301 -13.98 62.57 6.63
CA VAL F 301 -13.79 61.11 6.62
C VAL F 301 -14.89 60.46 7.46
N ILE F 302 -15.05 60.85 8.73
CA ILE F 302 -16.12 60.31 9.58
C ILE F 302 -17.53 60.51 8.98
N LYS F 303 -17.83 61.69 8.44
CA LYS F 303 -19.10 61.94 7.75
C LYS F 303 -19.37 60.96 6.61
N HIS F 304 -18.33 60.60 5.86
CA HIS F 304 -18.53 59.72 4.71
C HIS F 304 -18.01 58.30 4.85
N ALA F 305 -17.55 57.93 6.05
CA ALA F 305 -16.96 56.63 6.33
C ALA F 305 -17.67 55.44 5.71
N LYS F 306 -18.98 55.22 5.87
CA LYS F 306 -19.61 54.08 5.19
C LYS F 306 -19.54 54.09 3.65
N ALA F 307 -19.53 55.25 2.96
CA ALA F 307 -19.35 55.24 1.51
C ALA F 307 -17.89 54.95 1.17
N ILE F 308 -16.97 55.48 2.00
CA ILE F 308 -15.55 55.17 1.87
C ILE F 308 -15.34 53.66 2.04
N ASN F 309 -16.02 52.97 2.98
CA ASN F 309 -15.89 51.51 3.15
C ASN F 309 -16.15 50.70 1.89
N ALA F 310 -17.09 51.13 1.04
CA ALA F 310 -17.33 50.46 -0.24
C ALA F 310 -16.11 50.43 -1.17
N LEU F 311 -15.17 51.35 -0.95
CA LEU F 311 -13.94 51.43 -1.75
C LEU F 311 -12.69 51.00 -0.94
N ALA F 312 -12.63 51.33 0.36
CA ALA F 312 -11.52 51.00 1.24
C ALA F 312 -11.58 49.60 1.91
N ASN F 313 -12.77 49.00 1.87
CA ASN F 313 -13.06 47.65 2.38
C ASN F 313 -13.99 46.89 1.42
N PRO F 314 -13.59 46.63 0.17
CA PRO F 314 -14.49 46.31 -0.93
C PRO F 314 -14.86 44.83 -1.07
N THR F 315 -14.48 44.00 -0.10
CA THR F 315 -14.71 42.57 -0.24
C THR F 315 -15.66 42.06 0.83
N THR F 316 -16.51 41.04 0.64
CA THR F 316 -17.29 40.53 1.78
C THR F 316 -16.39 40.14 2.97
N ASN F 317 -15.23 39.55 2.67
CA ASN F 317 -14.24 39.18 3.68
C ASN F 317 -13.72 40.35 4.51
N SER F 318 -13.72 41.54 3.94
CA SER F 318 -13.28 42.75 4.64
C SER F 318 -13.96 42.98 5.98
N TYR F 319 -15.24 42.66 5.98
CA TYR F 319 -16.06 42.85 7.17
C TYR F 319 -15.90 41.75 8.21
N LYS F 320 -15.27 40.61 7.88
CA LYS F 320 -14.88 39.66 8.91
C LYS F 320 -13.76 40.22 9.80
N ARG F 321 -12.99 41.19 9.27
CA ARG F 321 -11.96 41.93 10.02
C ARG F 321 -12.56 43.07 10.83
N LEU F 322 -13.44 43.82 10.17
CA LEU F 322 -14.13 44.90 10.82
C LEU F 322 -15.32 44.47 11.68
N VAL F 323 -15.03 43.68 12.70
CA VAL F 323 -16.08 43.30 13.63
C VAL F 323 -15.74 43.89 15.00
N PRO F 324 -16.71 44.29 15.82
CA PRO F 324 -16.50 44.83 17.17
C PRO F 324 -15.35 44.42 18.10
N PRO F 329 -11.02 48.05 14.62
CA PRO F 329 -11.13 49.50 14.49
C PRO F 329 -12.43 49.97 13.86
N VAL F 330 -13.52 49.65 14.53
CA VAL F 330 -14.83 50.01 14.00
C VAL F 330 -15.41 51.38 14.34
N MET F 331 -14.98 51.93 15.49
CA MET F 331 -15.42 53.22 16.01
C MET F 331 -14.96 54.46 15.24
N LEU F 332 -15.86 55.16 14.56
CA LEU F 332 -15.56 56.43 13.91
C LEU F 332 -15.33 57.55 14.92
N ALA F 333 -14.08 57.58 15.35
CA ALA F 333 -13.63 58.53 16.34
C ALA F 333 -12.15 58.81 16.19
N TYR F 334 -11.72 60.05 16.42
CA TYR F 334 -10.29 60.32 16.44
C TYR F 334 -9.71 60.36 17.83
N SER F 335 -8.45 59.97 17.90
CA SER F 335 -7.71 60.00 19.16
C SER F 335 -6.20 59.80 19.05
N ALA F 336 -5.43 60.41 19.95
CA ALA F 336 -4.01 60.10 20.05
C ALA F 336 -3.83 58.93 21.03
N ARG F 337 -4.78 58.84 21.97
CA ARG F 337 -4.90 57.72 22.92
C ARG F 337 -5.71 56.47 22.48
N ASN F 338 -7.02 56.49 22.25
CA ASN F 338 -7.79 55.28 21.91
C ASN F 338 -7.50 54.44 20.64
N ARG F 339 -6.62 53.42 20.63
CA ARG F 339 -6.49 52.49 19.46
C ARG F 339 -7.65 51.48 19.60
N SER F 340 -8.75 52.03 19.12
CA SER F 340 -10.11 51.48 19.12
C SER F 340 -10.92 52.42 18.21
N ALA F 341 -10.45 53.67 18.26
CA ALA F 341 -10.80 54.72 17.34
C ALA F 341 -10.14 54.43 15.98
N SER F 342 -10.96 54.45 14.96
CA SER F 342 -10.48 54.23 13.59
C SER F 342 -9.67 55.39 13.01
N ILE F 343 -9.67 56.55 13.66
CA ILE F 343 -8.82 57.64 13.24
C ILE F 343 -7.80 57.88 14.36
N ARG F 344 -6.56 57.44 14.16
CA ARG F 344 -5.50 57.68 15.13
C ARG F 344 -4.67 58.91 14.73
N ILE F 345 -4.45 59.82 15.68
CA ILE F 345 -3.59 60.97 15.43
C ILE F 345 -2.23 60.53 15.97
N PRO F 346 -1.26 60.15 15.14
CA PRO F 346 0.01 59.59 15.57
C PRO F 346 0.77 60.62 16.40
N VAL F 347 1.33 60.18 17.53
CA VAL F 347 2.14 61.08 18.33
C VAL F 347 3.49 61.16 17.62
N VAL F 348 3.55 62.14 16.73
CA VAL F 348 4.78 62.37 16.00
C VAL F 348 5.88 62.93 16.91
N ALA F 349 5.54 63.84 17.85
CA ALA F 349 6.43 64.57 18.80
C ALA F 349 7.42 65.52 18.13
N SER F 350 8.00 64.91 17.11
CA SER F 350 8.75 65.50 16.03
C SER F 350 7.90 66.54 15.28
N PRO F 351 8.26 67.22 14.19
CA PRO F 351 7.89 68.61 14.01
C PRO F 351 6.57 69.07 13.38
N LYS F 352 6.44 68.51 12.20
CA LYS F 352 5.45 68.83 11.18
C LYS F 352 5.32 67.71 10.14
N ALA F 353 5.81 66.57 10.61
CA ALA F 353 5.36 65.27 10.15
C ALA F 353 4.00 64.94 10.85
N ARG F 354 3.25 65.98 11.26
CA ARG F 354 1.90 65.86 11.77
C ARG F 354 0.96 65.29 10.72
N ARG F 355 0.16 64.32 11.11
CA ARG F 355 -0.70 63.64 10.15
C ARG F 355 -1.87 62.92 10.79
N ILE F 356 -2.86 62.55 10.00
CA ILE F 356 -3.86 61.67 10.57
C ILE F 356 -3.64 60.25 10.07
N GLU F 357 -4.05 59.25 10.84
CA GLU F 357 -3.98 57.88 10.38
C GLU F 357 -5.36 57.24 10.36
N VAL F 358 -5.90 56.86 9.21
CA VAL F 358 -7.17 56.13 9.21
C VAL F 358 -6.86 54.62 9.28
N ARG F 359 -7.22 53.97 10.38
CA ARG F 359 -6.94 52.54 10.58
C ARG F 359 -7.84 51.53 9.92
N PHE F 360 -9.01 51.89 9.42
CA PHE F 360 -9.90 50.89 8.88
C PHE F 360 -9.73 50.28 7.48
N PRO F 361 -9.09 50.83 6.44
CA PRO F 361 -9.04 50.18 5.12
C PRO F 361 -8.22 48.88 5.09
N ASP F 362 -8.30 48.07 4.04
CA ASP F 362 -7.49 46.87 4.03
C ASP F 362 -6.84 46.56 2.68
N PRO F 363 -5.77 45.74 2.56
CA PRO F 363 -5.07 45.47 1.31
C PRO F 363 -5.93 45.07 0.13
N ALA F 364 -7.18 44.66 0.33
CA ALA F 364 -8.03 44.34 -0.80
C ALA F 364 -8.51 45.55 -1.61
N ALA F 365 -8.39 46.73 -1.01
CA ALA F 365 -8.85 47.96 -1.63
C ALA F 365 -8.07 48.39 -2.88
N ASN F 366 -8.79 48.94 -3.87
CA ASN F 366 -8.14 49.46 -5.06
C ASN F 366 -7.39 50.74 -4.65
N PRO F 367 -6.07 50.82 -4.62
CA PRO F 367 -5.37 51.90 -3.93
C PRO F 367 -5.71 53.25 -4.58
N TYR F 368 -5.97 53.28 -5.89
CA TYR F 368 -6.40 54.53 -6.53
C TYR F 368 -7.77 54.96 -5.99
N LEU F 369 -8.83 54.18 -6.21
CA LEU F 369 -10.15 54.56 -5.71
C LEU F 369 -10.23 54.73 -4.18
N CYS F 370 -9.50 53.91 -3.41
CA CYS F 370 -9.49 54.03 -1.95
C CYS F 370 -8.90 55.37 -1.52
N PHE F 371 -7.73 55.73 -2.06
CA PHE F 371 -7.10 57.01 -1.73
C PHE F 371 -7.87 58.20 -2.28
N ALA F 372 -8.36 58.14 -3.53
CA ALA F 372 -9.24 59.18 -4.07
C ALA F 372 -10.42 59.42 -3.14
N ALA F 373 -11.19 58.39 -2.78
CA ALA F 373 -12.29 58.55 -1.82
C ALA F 373 -11.86 59.07 -0.45
N LEU F 374 -10.76 58.62 0.20
CA LEU F 374 -10.34 59.26 1.45
C LEU F 374 -10.08 60.77 1.28
N LEU F 375 -9.40 61.16 0.19
CA LEU F 375 -9.09 62.56 -0.11
C LEU F 375 -10.37 63.36 -0.32
N MET F 376 -11.20 63.01 -1.31
CA MET F 376 -12.48 63.68 -1.54
C MET F 376 -13.34 63.80 -0.28
N ALA F 377 -13.41 62.79 0.60
CA ALA F 377 -14.14 62.94 1.86
C ALA F 377 -13.52 63.98 2.79
N GLY F 378 -12.20 63.92 2.91
CA GLY F 378 -11.45 64.85 3.73
C GLY F 378 -11.56 66.30 3.26
N LEU F 379 -11.55 66.55 1.95
CA LEU F 379 -11.77 67.90 1.44
C LEU F 379 -13.19 68.34 1.75
N ASP F 380 -14.24 67.57 1.42
CA ASP F 380 -15.61 67.92 1.80
C ASP F 380 -15.78 68.30 3.29
N GLY F 381 -14.95 67.76 4.18
CA GLY F 381 -14.93 68.20 5.58
C GLY F 381 -14.48 69.64 5.71
N ILE F 382 -13.26 69.91 5.22
CA ILE F 382 -12.64 71.25 5.15
C ILE F 382 -13.61 72.24 4.50
N LYS F 383 -13.98 71.93 3.26
CA LYS F 383 -14.91 72.70 2.45
C LYS F 383 -16.25 73.10 3.10
N ASN F 384 -16.72 72.30 4.08
CA ASN F 384 -17.94 72.61 4.80
C ASN F 384 -17.74 72.70 6.32
N LYS F 385 -16.54 73.00 6.84
CA LYS F 385 -16.27 73.12 8.29
C LYS F 385 -16.87 71.99 9.16
N ILE F 386 -16.99 70.77 8.59
CA ILE F 386 -17.57 69.61 9.27
C ILE F 386 -16.72 69.23 10.47
N HIS F 387 -16.99 69.91 11.59
CA HIS F 387 -16.18 69.72 12.77
C HIS F 387 -16.32 68.35 13.41
N PRO F 388 -15.22 67.59 13.54
CA PRO F 388 -15.22 66.20 13.97
C PRO F 388 -15.89 65.95 15.32
N GLY F 389 -15.44 66.60 16.40
CA GLY F 389 -16.12 66.47 17.68
C GLY F 389 -15.14 66.52 18.82
N GLU F 390 -15.09 65.44 19.59
CA GLU F 390 -14.17 65.31 20.69
C GLU F 390 -13.51 63.93 20.70
N PRO F 391 -12.24 63.81 21.07
CA PRO F 391 -11.53 62.55 21.10
C PRO F 391 -11.93 61.51 22.13
N MET F 392 -12.32 60.32 21.67
CA MET F 392 -12.49 59.20 22.59
C MET F 392 -11.10 58.82 23.10
N ASP F 393 -10.79 58.82 24.39
CA ASP F 393 -9.44 58.45 24.83
C ASP F 393 -9.34 57.31 25.84
N ILE F 407 -21.90 56.72 19.50
CA ILE F 407 -20.63 56.74 18.76
C ILE F 407 -20.63 55.92 17.46
N PRO F 408 -20.57 56.56 16.28
CA PRO F 408 -20.84 55.94 15.00
C PRO F 408 -19.76 54.97 14.51
N GLN F 409 -20.17 53.97 13.72
CA GLN F 409 -19.24 52.95 13.27
C GLN F 409 -19.18 52.80 11.76
N VAL F 410 -18.11 52.16 11.29
CA VAL F 410 -17.95 51.80 9.88
C VAL F 410 -19.08 50.91 9.36
N ALA F 411 -19.30 50.81 8.05
CA ALA F 411 -20.31 49.87 7.53
C ALA F 411 -20.09 48.46 8.07
N GLY F 412 -21.16 47.83 8.54
CA GLY F 412 -21.07 46.48 9.08
C GLY F 412 -21.06 45.36 8.03
N SER F 413 -21.16 45.71 6.76
CA SER F 413 -21.14 44.72 5.69
C SER F 413 -20.92 45.36 4.34
N LEU F 414 -20.51 44.58 3.34
CA LEU F 414 -20.35 45.12 2.01
C LEU F 414 -21.66 45.66 1.47
N GLU F 415 -22.79 44.98 1.70
CA GLU F 415 -24.09 45.46 1.21
C GLU F 415 -24.42 46.85 1.76
N GLU F 416 -24.15 47.00 3.05
CA GLU F 416 -24.31 48.28 3.73
C GLU F 416 -23.42 49.34 3.07
N ALA F 417 -22.12 49.05 3.02
CA ALA F 417 -21.16 49.94 2.37
C ALA F 417 -21.57 50.31 0.94
N LEU F 418 -21.98 49.36 0.10
CA LEU F 418 -22.45 49.66 -1.24
C LEU F 418 -23.69 50.55 -1.22
N ASN F 419 -24.72 50.29 -0.40
CA ASN F 419 -25.87 51.19 -0.30
C ASN F 419 -25.47 52.63 0.04
N ALA F 420 -24.61 52.71 1.03
CA ALA F 420 -24.03 53.96 1.49
C ALA F 420 -23.26 54.70 0.39
N LEU F 421 -22.38 54.08 -0.39
CA LEU F 421 -21.73 54.74 -1.52
C LEU F 421 -22.79 55.22 -2.52
N ASP F 422 -23.75 54.35 -2.83
CA ASP F 422 -24.85 54.73 -3.72
C ASP F 422 -25.64 55.98 -3.30
N LEU F 423 -25.88 56.16 -2.01
CA LEU F 423 -26.59 57.34 -1.52
C LEU F 423 -25.73 58.56 -1.21
N ASP F 424 -24.50 58.34 -0.71
CA ASP F 424 -23.57 59.41 -0.36
C ASP F 424 -22.59 59.73 -1.50
N ARG F 425 -23.12 59.52 -2.69
CA ARG F 425 -22.48 59.72 -3.97
C ARG F 425 -21.92 61.10 -4.30
N GLU F 426 -22.52 62.15 -3.74
CA GLU F 426 -22.12 63.52 -4.06
C GLU F 426 -20.68 63.97 -3.87
N PHE F 427 -20.11 63.72 -2.70
CA PHE F 427 -18.74 64.15 -2.43
C PHE F 427 -17.71 63.48 -3.37
N LEU F 428 -18.00 62.28 -3.87
CA LEU F 428 -17.12 61.70 -4.86
C LEU F 428 -17.24 62.41 -6.21
N LYS F 429 -18.42 62.86 -6.63
CA LYS F 429 -18.61 63.51 -7.94
C LYS F 429 -18.05 64.92 -8.12
N ALA F 430 -17.67 65.56 -7.00
CA ALA F 430 -17.04 66.87 -7.00
C ALA F 430 -15.88 67.04 -7.96
N GLY F 431 -16.05 68.03 -8.82
CA GLY F 431 -15.07 68.34 -9.85
C GLY F 431 -14.83 67.22 -10.86
N GLY F 432 -15.78 66.30 -11.08
CA GLY F 432 -15.61 65.30 -12.14
C GLY F 432 -14.74 64.08 -11.78
N VAL F 433 -14.18 64.09 -10.57
CA VAL F 433 -13.45 62.95 -9.99
C VAL F 433 -14.58 61.89 -9.91
N PHE F 434 -14.67 60.71 -10.53
CA PHE F 434 -15.87 59.85 -10.37
C PHE F 434 -17.21 60.31 -10.96
N THR F 435 -17.56 59.67 -12.05
CA THR F 435 -18.89 59.91 -12.63
C THR F 435 -19.93 58.98 -12.02
N ASP F 436 -21.21 59.27 -12.23
CA ASP F 436 -22.25 58.31 -11.87
C ASP F 436 -22.09 56.95 -12.53
N GLU F 437 -21.75 56.85 -13.83
CA GLU F 437 -21.55 55.55 -14.48
C GLU F 437 -20.44 54.75 -13.78
N ALA F 438 -19.36 55.47 -13.46
CA ALA F 438 -18.24 54.91 -12.72
C ALA F 438 -18.70 54.34 -11.37
N ILE F 439 -19.40 55.15 -10.55
CA ILE F 439 -19.92 54.66 -9.28
C ILE F 439 -20.92 53.52 -9.45
N ASP F 440 -21.90 53.65 -10.33
CA ASP F 440 -22.85 52.57 -10.61
C ASP F 440 -22.23 51.26 -11.09
N ALA F 441 -21.24 51.27 -11.99
CA ALA F 441 -20.59 50.04 -12.47
C ALA F 441 -19.79 49.34 -11.38
N TYR F 442 -19.15 50.17 -10.55
CA TYR F 442 -18.44 49.69 -9.37
C TYR F 442 -19.42 48.93 -8.48
N ILE F 443 -20.50 49.58 -8.02
CA ILE F 443 -21.46 48.88 -7.16
C ILE F 443 -21.98 47.60 -7.80
N ALA F 444 -22.28 47.63 -9.11
CA ALA F 444 -22.65 46.42 -9.85
C ALA F 444 -21.65 45.28 -9.73
N LEU F 445 -20.35 45.54 -9.90
CA LEU F 445 -19.34 44.52 -9.68
C LEU F 445 -19.38 44.02 -8.24
N ARG F 446 -19.19 44.90 -7.26
CA ARG F 446 -19.23 44.47 -5.87
C ARG F 446 -20.50 43.73 -5.42
N ARG F 447 -21.65 43.98 -6.06
CA ARG F 447 -22.87 43.26 -5.72
C ARG F 447 -22.89 41.81 -6.14
N GLU F 448 -22.44 41.52 -7.37
CA GLU F 448 -22.33 40.16 -7.90
C GLU F 448 -21.53 39.24 -6.95
N GLU F 449 -20.47 39.85 -6.42
CA GLU F 449 -19.61 39.21 -5.44
C GLU F 449 -20.34 38.98 -4.14
N ASP F 450 -20.96 40.03 -3.59
CA ASP F 450 -21.73 39.90 -2.37
C ASP F 450 -22.80 38.82 -2.49
N ASP F 451 -23.54 38.74 -3.60
CA ASP F 451 -24.52 37.69 -3.84
C ASP F 451 -24.01 36.26 -3.78
N ARG F 452 -22.89 35.96 -4.45
CA ARG F 452 -22.31 34.63 -4.43
C ARG F 452 -22.00 34.19 -3.00
N VAL F 453 -21.40 35.11 -2.24
CA VAL F 453 -21.15 34.85 -0.83
C VAL F 453 -22.48 34.72 -0.02
N ARG F 454 -23.54 35.49 -0.34
CA ARG F 454 -24.82 35.44 0.37
C ARG F 454 -25.67 34.17 0.14
N MET F 455 -25.64 33.67 -1.09
CA MET F 455 -26.42 32.51 -1.52
C MET F 455 -25.77 31.14 -1.37
N THR F 456 -24.46 31.10 -1.11
CA THR F 456 -23.76 29.84 -0.91
C THR F 456 -23.77 29.43 0.55
N PRO F 457 -24.35 28.31 0.98
CA PRO F 457 -24.30 27.87 2.37
C PRO F 457 -22.89 27.72 2.92
N HIS F 458 -22.78 28.29 4.12
CA HIS F 458 -21.52 28.36 4.84
C HIS F 458 -21.30 27.09 5.65
N PRO F 459 -20.08 26.52 5.71
CA PRO F 459 -19.78 25.44 6.64
C PRO F 459 -20.24 25.63 8.09
N VAL F 460 -19.99 26.69 8.89
CA VAL F 460 -20.55 26.69 10.25
C VAL F 460 -22.10 26.65 10.31
N GLU F 461 -22.82 26.91 9.22
CA GLU F 461 -24.28 26.72 9.22
C GLU F 461 -24.59 25.22 9.39
N PHE F 462 -23.81 24.29 8.82
CA PHE F 462 -24.05 22.88 9.09
C PHE F 462 -23.78 22.54 10.55
N GLU F 463 -22.76 23.21 11.10
CA GLU F 463 -22.44 23.06 12.53
C GLU F 463 -23.57 23.50 13.47
N LEU F 464 -24.17 24.61 13.06
CA LEU F 464 -25.27 25.26 13.76
C LEU F 464 -26.67 24.67 13.57
N TYR F 465 -26.95 24.33 12.31
CA TYR F 465 -28.30 23.97 11.91
C TYR F 465 -28.52 22.58 11.30
N TYR F 466 -27.55 21.68 11.15
CA TYR F 466 -27.87 20.39 10.54
C TYR F 466 -28.86 19.57 11.38
N SER F 467 -28.67 19.54 12.70
CA SER F 467 -29.60 18.79 13.52
C SER F 467 -30.86 19.52 13.96
N VAL F 468 -31.24 20.50 13.12
CA VAL F 468 -32.50 21.18 13.33
C VAL F 468 -33.64 20.18 12.97
N SER G 1 -29.96 -13.55 55.65
CA SER G 1 -29.43 -14.59 56.55
C SER G 1 -28.65 -15.68 55.83
N ALA G 2 -27.77 -16.45 56.49
CA ALA G 2 -27.10 -17.61 55.88
C ALA G 2 -28.09 -18.55 55.19
N GLU G 3 -29.11 -18.94 55.95
CA GLU G 3 -30.26 -19.74 55.50
C GLU G 3 -30.81 -19.36 54.12
N HIS G 4 -31.04 -18.06 53.95
CA HIS G 4 -31.50 -17.47 52.69
C HIS G 4 -30.50 -17.62 51.55
N VAL G 5 -29.22 -17.35 51.84
CA VAL G 5 -28.19 -17.49 50.82
C VAL G 5 -28.14 -18.95 50.34
N LEU G 6 -28.13 -19.86 51.33
CA LEU G 6 -28.16 -21.28 51.08
C LEU G 6 -29.33 -21.77 50.24
N THR G 7 -30.52 -21.15 50.34
CA THR G 7 -31.59 -21.55 49.45
C THR G 7 -31.34 -20.99 48.05
N MET G 8 -30.96 -19.72 47.88
CA MET G 8 -30.65 -19.13 46.57
C MET G 8 -29.70 -19.95 45.71
N LEU G 9 -28.71 -20.52 46.40
CA LEU G 9 -27.76 -21.44 45.80
C LEU G 9 -28.44 -22.57 45.03
N ASN G 10 -29.43 -23.24 45.63
CA ASN G 10 -30.23 -24.26 44.95
C ASN G 10 -31.29 -23.70 43.99
N GLU G 11 -31.95 -22.65 44.46
CA GLU G 11 -33.01 -21.89 43.77
C GLU G 11 -32.56 -21.22 42.46
N HIS G 12 -31.25 -21.12 42.32
CA HIS G 12 -30.64 -20.57 41.11
C HIS G 12 -29.56 -21.41 40.46
N GLU G 13 -29.35 -22.66 40.91
CA GLU G 13 -28.27 -23.53 40.43
C GLU G 13 -26.93 -22.82 40.26
N VAL G 14 -26.69 -22.04 41.32
CA VAL G 14 -25.52 -21.22 41.46
C VAL G 14 -24.25 -22.07 41.43
N LYS G 15 -23.38 -21.90 40.45
CA LYS G 15 -22.12 -22.65 40.38
C LYS G 15 -20.95 -22.08 41.18
N PHE G 16 -20.99 -20.77 41.34
CA PHE G 16 -19.96 -20.03 42.04
C PHE G 16 -20.46 -18.88 42.91
N VAL G 17 -19.68 -18.57 43.93
CA VAL G 17 -19.94 -17.41 44.78
C VAL G 17 -18.74 -16.45 44.66
N ASP G 18 -19.04 -15.19 44.37
CA ASP G 18 -18.05 -14.16 44.22
C ASP G 18 -17.93 -13.30 45.48
N LEU G 19 -16.87 -13.52 46.24
CA LEU G 19 -16.63 -12.68 47.40
C LEU G 19 -16.08 -11.33 46.96
N ARG G 20 -16.80 -10.26 47.28
CA ARG G 20 -16.35 -8.92 46.93
C ARG G 20 -16.10 -7.95 48.08
N PHE G 21 -15.11 -7.09 47.93
CA PHE G 21 -14.85 -6.04 48.91
C PHE G 21 -14.25 -4.78 48.27
N THR G 22 -14.27 -3.63 48.93
CA THR G 22 -13.69 -2.40 48.37
C THR G 22 -12.38 -2.10 49.08
N ASP G 23 -11.40 -1.59 48.34
CA ASP G 23 -10.16 -1.19 48.99
C ASP G 23 -10.10 0.29 49.39
N THR G 24 -8.96 0.77 49.89
CA THR G 24 -8.87 2.18 50.32
C THR G 24 -9.10 3.17 49.20
N LYS G 25 -8.53 2.90 48.04
CA LYS G 25 -8.79 3.75 46.89
C LYS G 25 -10.24 3.74 46.40
N GLY G 26 -11.01 2.70 46.74
CA GLY G 26 -12.41 2.62 46.31
C GLY G 26 -12.75 1.56 45.25
N LYS G 27 -11.74 0.86 44.74
CA LYS G 27 -11.96 -0.21 43.77
C LYS G 27 -12.41 -1.52 44.41
N GLU G 28 -13.52 -1.99 43.86
CA GLU G 28 -14.05 -3.30 44.20
C GLU G 28 -13.13 -4.41 43.67
N GLN G 29 -12.74 -5.14 44.67
CA GLN G 29 -11.96 -6.37 44.57
C GLN G 29 -12.89 -7.56 44.64
N HIS G 30 -12.41 -8.70 44.17
CA HIS G 30 -13.18 -9.92 44.27
C HIS G 30 -12.33 -11.20 44.19
N VAL G 31 -12.82 -12.26 44.83
CA VAL G 31 -12.24 -13.60 44.76
C VAL G 31 -13.42 -14.59 44.66
N THR G 32 -13.26 -15.70 43.93
CA THR G 32 -14.37 -16.61 43.62
C THR G 32 -14.20 -18.00 44.24
N ILE G 33 -15.26 -18.43 44.88
CA ILE G 33 -15.39 -19.71 45.55
C ILE G 33 -16.40 -20.58 44.77
N PRO G 34 -16.23 -21.89 44.61
CA PRO G 34 -17.26 -22.77 44.07
C PRO G 34 -18.44 -22.80 45.06
N ALA G 35 -19.70 -22.75 44.61
CA ALA G 35 -20.85 -22.75 45.53
C ALA G 35 -20.79 -23.82 46.60
N HIS G 36 -20.29 -25.00 46.20
CA HIS G 36 -20.05 -26.08 47.15
C HIS G 36 -19.06 -25.81 48.31
N GLN G 37 -18.61 -24.58 48.56
CA GLN G 37 -17.77 -24.25 49.71
C GLN G 37 -18.53 -23.33 50.67
N VAL G 38 -19.73 -22.97 50.26
CA VAL G 38 -20.58 -22.15 51.08
C VAL G 38 -21.42 -23.14 51.90
N ASN G 39 -21.16 -23.07 53.20
CA ASN G 39 -21.84 -23.86 54.21
C ASN G 39 -21.67 -23.19 55.57
N ALA G 40 -22.46 -23.47 56.60
CA ALA G 40 -22.31 -22.91 57.96
C ALA G 40 -20.99 -22.22 58.39
N GLU G 41 -19.90 -23.01 58.45
CA GLU G 41 -18.52 -22.55 58.72
C GLU G 41 -18.11 -21.24 58.04
N PHE G 42 -18.44 -21.14 56.76
CA PHE G 42 -18.19 -19.98 55.93
C PHE G 42 -18.85 -18.73 56.51
N PHE G 43 -20.17 -18.65 56.60
CA PHE G 43 -20.82 -17.47 57.20
C PHE G 43 -20.50 -17.21 58.69
N GLU G 44 -19.90 -18.21 59.35
CA GLU G 44 -19.54 -18.16 60.75
C GLU G 44 -18.14 -17.54 60.96
N GLU G 45 -17.15 -18.22 60.40
CA GLU G 45 -15.75 -17.87 60.50
C GLU G 45 -15.03 -17.26 59.28
N GLY G 46 -15.78 -16.83 58.26
CA GLY G 46 -15.25 -16.24 57.04
C GLY G 46 -14.23 -17.04 56.21
N LYS G 47 -13.57 -16.37 55.26
CA LYS G 47 -12.50 -16.97 54.47
C LYS G 47 -11.24 -16.12 54.54
N MET G 48 -10.12 -16.76 54.84
CA MET G 48 -8.82 -16.08 54.94
C MET G 48 -8.25 -15.70 53.58
N PHE G 49 -7.64 -14.53 53.47
CA PHE G 49 -6.93 -14.16 52.26
C PHE G 49 -5.67 -13.36 52.57
N ASP G 50 -4.77 -13.24 51.60
CA ASP G 50 -3.65 -12.37 51.83
C ASP G 50 -3.98 -10.91 51.51
N GLY G 51 -4.34 -10.24 52.60
CA GLY G 51 -4.61 -8.81 52.59
C GLY G 51 -3.40 -7.96 52.22
N SER G 52 -2.20 -8.49 52.46
CA SER G 52 -0.92 -7.82 52.16
C SER G 52 -0.74 -7.14 50.81
N SER G 53 -1.12 -7.80 49.72
CA SER G 53 -0.98 -7.17 48.41
C SER G 53 -2.12 -6.25 48.01
N ILE G 54 -3.06 -5.97 48.92
CA ILE G 54 -4.05 -4.95 48.67
C ILE G 54 -3.39 -3.62 49.05
N GLY G 55 -3.44 -2.68 48.11
CA GLY G 55 -2.87 -1.35 48.27
C GLY G 55 -3.32 -0.57 49.51
N GLY G 56 -2.35 -0.36 50.40
CA GLY G 56 -2.54 0.42 51.62
C GLY G 56 -3.00 -0.37 52.85
N TRP G 57 -2.83 -1.69 52.81
CA TRP G 57 -3.23 -2.58 53.89
C TRP G 57 -2.17 -3.38 54.68
N ASP G 64 -2.06 -11.90 56.18
CA ASP G 64 -3.36 -12.56 56.21
C ASP G 64 -4.47 -11.93 57.03
N MET G 65 -5.64 -11.90 56.40
CA MET G 65 -6.84 -11.29 56.96
C MET G 65 -8.09 -12.13 56.68
N VAL G 66 -9.22 -11.82 57.32
CA VAL G 66 -10.41 -12.59 57.02
C VAL G 66 -11.57 -11.83 56.36
N LEU G 67 -12.04 -12.42 55.27
CA LEU G 67 -13.23 -11.97 54.56
C LEU G 67 -14.48 -12.51 55.22
N MET G 68 -15.28 -11.63 55.81
CA MET G 68 -16.50 -12.05 56.46
C MET G 68 -17.74 -11.78 55.63
N PRO G 69 -18.34 -12.80 55.00
CA PRO G 69 -19.47 -12.64 54.12
C PRO G 69 -20.67 -11.94 54.77
N ASP G 70 -21.19 -10.84 54.22
CA ASP G 70 -22.41 -10.29 54.78
C ASP G 70 -23.58 -10.85 53.98
N ALA G 71 -24.21 -11.89 54.51
CA ALA G 71 -25.30 -12.55 53.79
C ALA G 71 -26.53 -11.71 53.40
N SER G 72 -26.64 -10.51 53.96
CA SER G 72 -27.74 -9.61 53.59
C SER G 72 -27.54 -9.08 52.16
N THR G 73 -26.28 -9.01 51.74
CA THR G 73 -25.87 -8.52 50.42
C THR G 73 -25.94 -9.44 49.21
N ALA G 74 -26.44 -10.68 49.33
CA ALA G 74 -26.38 -11.58 48.18
C ALA G 74 -27.20 -11.19 46.97
N VAL G 75 -26.48 -11.07 45.86
CA VAL G 75 -27.10 -10.76 44.57
C VAL G 75 -26.60 -11.70 43.48
N ILE G 76 -27.42 -12.08 42.53
CA ILE G 76 -26.93 -12.88 41.42
C ILE G 76 -26.25 -11.95 40.39
N ASP G 77 -25.07 -12.31 39.89
CA ASP G 77 -24.32 -11.48 38.94
C ASP G 77 -24.92 -11.46 37.54
N PRO G 78 -25.38 -10.34 36.96
CA PRO G 78 -26.09 -10.36 35.68
C PRO G 78 -25.23 -10.62 34.44
N PHE G 79 -23.92 -10.73 34.66
CA PHE G 79 -22.99 -10.82 33.57
C PHE G 79 -22.13 -12.09 33.46
N PHE G 80 -21.64 -12.69 34.55
CA PHE G 80 -20.74 -13.83 34.41
C PHE G 80 -21.39 -15.02 33.64
N ALA G 81 -20.68 -15.78 32.82
CA ALA G 81 -21.34 -16.88 32.09
C ALA G 81 -21.95 -18.02 32.91
N ASP G 82 -21.33 -18.35 34.04
CA ASP G 82 -21.81 -19.41 34.92
C ASP G 82 -22.54 -18.78 36.09
N SER G 83 -23.58 -19.45 36.59
CA SER G 83 -24.37 -18.84 37.65
C SER G 83 -23.64 -18.49 38.94
N THR G 84 -23.54 -17.19 39.15
CA THR G 84 -22.80 -16.70 40.31
C THR G 84 -23.53 -15.78 41.27
N LEU G 85 -23.37 -16.09 42.55
CA LEU G 85 -23.98 -15.27 43.56
C LEU G 85 -22.87 -14.40 44.16
N ILE G 86 -23.02 -13.10 44.07
CA ILE G 86 -22.14 -12.10 44.67
C ILE G 86 -22.50 -11.94 46.14
N ILE G 87 -21.50 -11.99 47.01
CA ILE G 87 -21.71 -11.70 48.42
C ILE G 87 -20.66 -10.66 48.83
N ARG G 88 -21.10 -9.48 49.24
CA ARG G 88 -20.19 -8.45 49.74
C ARG G 88 -19.59 -8.87 51.08
N CYS G 89 -18.35 -8.51 51.36
CA CYS G 89 -17.69 -8.91 52.60
C CYS G 89 -17.14 -7.79 53.46
N ASP G 90 -16.89 -8.05 54.74
CA ASP G 90 -16.12 -7.09 55.50
C ASP G 90 -14.77 -7.69 55.82
N ILE G 91 -13.75 -6.85 55.86
CA ILE G 91 -12.41 -7.30 56.20
C ILE G 91 -12.23 -7.27 57.70
N LEU G 92 -12.13 -8.43 58.30
CA LEU G 92 -11.90 -8.48 59.71
C LEU G 92 -10.48 -8.89 60.05
N GLU G 93 -10.14 -8.38 61.23
CA GLU G 93 -8.88 -8.68 61.87
C GLU G 93 -8.94 -10.14 62.37
N PRO G 94 -8.05 -11.04 61.96
CA PRO G 94 -8.24 -12.48 62.06
C PRO G 94 -8.24 -13.08 63.46
N GLY G 95 -9.06 -14.10 63.69
CA GLY G 95 -9.20 -14.72 65.02
C GLY G 95 -10.00 -13.84 65.98
N THR G 96 -9.39 -12.70 66.30
CA THR G 96 -9.95 -11.62 67.11
C THR G 96 -11.24 -10.98 66.57
N LEU G 97 -11.41 -11.13 65.26
CA LEU G 97 -12.61 -10.80 64.48
C LEU G 97 -13.38 -9.49 64.62
N GLN G 98 -12.63 -8.41 64.70
CA GLN G 98 -13.23 -7.09 64.93
C GLN G 98 -13.43 -6.21 63.70
N GLY G 99 -12.59 -6.32 62.68
CA GLY G 99 -12.80 -5.47 61.52
C GLY G 99 -11.73 -4.41 61.36
N TYR G 100 -10.95 -4.66 60.32
CA TYR G 100 -9.79 -3.86 59.96
C TYR G 100 -10.00 -2.35 60.06
N ASP G 101 -9.27 -1.55 60.85
CA ASP G 101 -9.61 -0.11 60.92
C ASP G 101 -9.26 0.86 59.78
N ARG G 102 -8.90 0.13 58.73
CA ARG G 102 -8.46 0.54 57.41
C ARG G 102 -9.43 0.05 56.31
N ASP G 103 -10.34 -0.87 56.66
CA ASP G 103 -11.36 -1.34 55.75
C ASP G 103 -12.45 -0.28 55.61
N PRO G 104 -12.63 0.35 54.44
CA PRO G 104 -13.64 1.38 54.25
C PRO G 104 -15.07 0.98 54.58
N ARG G 105 -15.49 -0.27 54.37
CA ARG G 105 -16.86 -0.64 54.75
C ARG G 105 -17.02 -0.55 56.26
N SER G 106 -16.08 -1.15 57.00
CA SER G 106 -16.07 -1.04 58.47
C SER G 106 -16.18 0.40 58.94
N ILE G 107 -15.31 1.29 58.44
CA ILE G 107 -15.40 2.71 58.74
C ILE G 107 -16.79 3.29 58.49
N ALA G 108 -17.45 2.95 57.37
CA ALA G 108 -18.81 3.45 57.13
C ALA G 108 -19.79 2.96 58.21
N LYS G 109 -19.73 1.67 58.53
CA LYS G 109 -20.59 1.09 59.57
C LYS G 109 -20.36 1.76 60.92
N ARG G 110 -19.10 2.00 61.29
CA ARG G 110 -18.75 2.73 62.51
C ARG G 110 -19.33 4.14 62.53
N ALA G 111 -19.23 4.88 61.42
CA ALA G 111 -19.86 6.20 61.35
C ALA G 111 -21.36 6.15 61.58
N GLU G 112 -22.05 5.11 61.08
CA GLU G 112 -23.48 4.96 61.35
C GLU G 112 -23.78 4.68 62.83
N ASP G 113 -23.08 3.73 63.45
CA ASP G 113 -23.22 3.48 64.88
C ASP G 113 -22.88 4.66 65.77
N TYR G 114 -21.79 5.38 65.49
CA TYR G 114 -21.48 6.61 66.20
C TYR G 114 -22.63 7.62 66.11
N LEU G 115 -23.30 7.74 64.95
CA LEU G 115 -24.47 8.62 64.84
C LEU G 115 -25.56 8.23 65.86
N ARG G 116 -25.81 6.92 65.92
CA ARG G 116 -26.74 6.35 66.88
C ARG G 116 -26.36 6.61 68.33
N ALA G 117 -25.10 6.35 68.67
CA ALA G 117 -24.55 6.59 70.00
C ALA G 117 -24.60 8.06 70.42
N THR G 118 -24.52 9.00 69.47
CA THR G 118 -24.72 10.39 69.83
C THR G 118 -26.18 10.76 70.02
N GLY G 119 -27.10 9.88 69.62
CA GLY G 119 -28.53 10.14 69.73
C GLY G 119 -29.03 11.34 68.92
N ILE G 120 -28.21 11.91 68.04
CA ILE G 120 -28.64 13.06 67.24
C ILE G 120 -29.70 12.62 66.24
N ALA G 121 -29.60 11.39 65.76
CA ALA G 121 -30.62 10.75 64.95
C ALA G 121 -30.39 9.24 64.87
N ASP G 122 -31.33 8.46 64.33
CA ASP G 122 -31.14 7.02 64.19
C ASP G 122 -30.55 6.64 62.84
N THR G 123 -30.90 7.40 61.81
CA THR G 123 -30.40 7.10 60.48
C THR G 123 -29.89 8.27 59.64
N VAL G 124 -28.85 7.98 58.86
CA VAL G 124 -28.34 8.92 57.85
C VAL G 124 -28.77 8.50 56.46
N LEU G 125 -29.37 9.40 55.75
CA LEU G 125 -29.74 9.11 54.38
C LEU G 125 -28.91 9.84 53.32
N PHE G 126 -28.31 9.03 52.45
CA PHE G 126 -27.51 9.49 51.34
C PHE G 126 -28.07 9.19 49.97
N GLY G 127 -27.94 10.21 49.13
CA GLY G 127 -28.37 10.10 47.75
C GLY G 127 -27.35 10.71 46.78
N PRO G 128 -26.38 9.91 46.33
CA PRO G 128 -25.29 10.33 45.47
C PRO G 128 -25.80 10.47 44.03
N GLU G 129 -25.44 11.50 43.27
CA GLU G 129 -25.85 11.61 41.87
C GLU G 129 -24.61 11.39 40.97
N PRO G 130 -24.02 10.17 40.80
CA PRO G 130 -22.81 9.90 40.04
C PRO G 130 -22.98 10.10 38.54
N GLU G 131 -22.08 10.85 37.91
CA GLU G 131 -22.14 10.94 36.46
C GLU G 131 -21.02 10.16 35.82
N PHE G 132 -21.22 9.71 34.59
CA PHE G 132 -20.16 8.98 33.91
C PHE G 132 -19.98 9.37 32.45
N PHE G 133 -18.87 8.96 31.87
CA PHE G 133 -18.68 9.10 30.44
C PHE G 133 -18.63 7.74 29.76
N LEU G 134 -19.20 7.73 28.57
CA LEU G 134 -19.30 6.52 27.80
C LEU G 134 -18.56 6.71 26.46
N PHE G 135 -17.27 6.35 26.41
CA PHE G 135 -16.45 6.53 25.22
C PHE G 135 -16.31 5.27 24.33
N ASP G 136 -15.87 5.34 23.05
CA ASP G 136 -15.61 4.14 22.24
C ASP G 136 -14.16 3.66 22.32
N ASP G 137 -13.27 4.63 22.47
CA ASP G 137 -11.85 4.35 22.44
C ASP G 137 -11.11 5.31 23.34
N ILE G 138 -10.27 4.77 24.19
CA ILE G 138 -9.45 5.60 25.05
C ILE G 138 -8.03 5.04 24.99
N ARG G 139 -7.12 5.88 24.54
CA ARG G 139 -5.71 5.51 24.48
C ARG G 139 -4.90 6.50 25.26
N PHE G 140 -3.92 6.05 25.99
CA PHE G 140 -3.04 6.95 26.69
C PHE G 140 -1.73 6.25 27.06
N GLY G 141 -0.72 7.03 27.39
CA GLY G 141 0.56 6.47 27.75
C GLY G 141 1.55 7.55 28.12
N ALA G 142 2.50 7.18 28.94
CA ALA G 142 3.59 8.06 29.35
C ALA G 142 4.87 7.17 29.33
N SER G 143 5.94 7.74 28.81
CA SER G 143 7.24 7.11 28.59
C SER G 143 8.29 8.20 28.73
N ILE G 144 9.60 7.90 28.86
CA ILE G 144 10.63 8.96 28.89
C ILE G 144 10.52 9.98 27.74
N SER G 145 10.31 9.50 26.53
CA SER G 145 10.27 10.30 25.31
C SER G 145 8.96 11.01 25.06
N GLY G 146 8.01 10.89 25.96
CA GLY G 146 6.72 11.59 25.77
C GLY G 146 5.50 11.02 26.54
N SER G 147 4.36 11.63 26.27
CA SER G 147 3.14 11.17 26.89
C SER G 147 1.92 11.62 26.11
N HIS G 148 0.79 10.92 26.26
CA HIS G 148 -0.42 11.24 25.52
C HIS G 148 -1.67 10.63 26.08
N VAL G 149 -2.78 11.23 25.71
CA VAL G 149 -4.10 10.65 25.91
C VAL G 149 -4.95 11.06 24.70
N ALA G 150 -5.74 10.11 24.25
CA ALA G 150 -6.56 10.23 23.08
C ALA G 150 -7.96 9.68 23.40
N ILE G 151 -8.96 10.55 23.43
CA ILE G 151 -10.33 10.15 23.72
C ILE G 151 -11.13 10.09 22.42
N ASP G 152 -11.88 9.02 22.26
CA ASP G 152 -12.79 9.01 21.14
C ASP G 152 -14.09 8.29 21.38
N ASP G 153 -15.08 9.01 20.87
CA ASP G 153 -16.46 8.57 20.88
C ASP G 153 -17.23 9.15 19.72
N ILE G 154 -18.15 8.33 19.22
CA ILE G 154 -19.03 8.65 18.11
C ILE G 154 -19.80 9.96 18.28
N GLU G 155 -20.13 10.29 19.51
CA GLU G 155 -20.82 11.53 19.86
C GLU G 155 -19.92 12.76 20.04
N GLY G 156 -18.61 12.58 19.89
CA GLY G 156 -17.68 13.64 20.13
C GLY G 156 -17.88 14.69 19.08
N ALA G 157 -18.21 15.91 19.45
CA ALA G 157 -18.41 17.01 18.48
C ALA G 157 -17.28 17.12 17.46
N TRP G 158 -16.09 16.77 17.92
CA TRP G 158 -14.94 16.71 17.02
C TRP G 158 -15.11 15.70 15.87
N ASN G 159 -15.92 14.65 15.92
CA ASN G 159 -16.09 13.78 14.77
C ASN G 159 -16.98 14.24 13.63
N SER G 160 -17.46 15.49 13.69
CA SER G 160 -18.24 16.08 12.59
C SER G 160 -17.54 16.05 11.23
N SER G 161 -16.21 16.10 11.27
CA SER G 161 -15.38 16.05 10.08
C SER G 161 -14.88 14.68 9.62
N THR G 162 -15.06 13.71 10.50
CA THR G 162 -14.56 12.35 10.35
C THR G 162 -15.13 11.49 9.25
N LYS G 163 -14.29 10.79 8.49
CA LYS G 163 -14.78 9.81 7.54
C LYS G 163 -15.04 8.47 8.24
N TYR G 164 -16.24 7.94 8.04
CA TYR G 164 -16.61 6.69 8.68
C TYR G 164 -16.86 5.43 7.88
N GLU G 165 -16.89 5.40 6.53
CA GLU G 165 -17.18 4.19 5.71
C GLU G 165 -18.61 3.62 5.81
N GLY G 166 -19.31 3.76 6.93
CA GLY G 166 -20.75 3.61 6.85
C GLY G 166 -21.38 4.92 6.29
N GLY G 167 -20.67 6.02 6.54
CA GLY G 167 -21.15 7.34 6.21
C GLY G 167 -21.09 8.18 7.48
N ASN G 168 -21.12 9.51 7.53
CA ASN G 168 -20.94 10.12 8.83
C ASN G 168 -22.25 10.41 9.55
N LYS G 169 -23.41 10.63 8.90
CA LYS G 169 -24.68 10.87 9.62
C LYS G 169 -24.83 12.09 10.58
N GLY G 170 -23.75 12.72 11.06
CA GLY G 170 -23.74 14.05 11.72
C GLY G 170 -24.71 14.47 12.84
N HIS G 171 -25.59 13.65 13.40
CA HIS G 171 -26.37 14.12 14.53
C HIS G 171 -25.53 13.84 15.77
N ARG G 172 -25.09 14.86 16.49
CA ARG G 172 -24.09 14.63 17.54
C ARG G 172 -24.19 15.73 18.60
N PRO G 173 -24.07 15.55 19.93
CA PRO G 173 -24.15 16.64 20.87
C PRO G 173 -22.97 17.59 20.72
N GLY G 174 -23.20 18.90 20.51
CA GLY G 174 -22.11 19.88 20.45
C GLY G 174 -21.33 19.98 21.78
N VAL G 175 -20.27 20.81 22.02
CA VAL G 175 -19.61 20.68 23.33
C VAL G 175 -20.49 20.92 24.55
N LYS G 176 -21.26 21.97 24.84
CA LYS G 176 -22.08 21.88 26.05
C LYS G 176 -23.55 21.51 25.79
N GLY G 177 -23.74 20.82 24.67
CA GLY G 177 -25.08 20.55 24.18
C GLY G 177 -25.59 19.13 24.32
N GLY G 178 -24.99 18.32 25.19
CA GLY G 178 -25.46 16.97 25.44
C GLY G 178 -26.73 16.89 26.29
N TYR G 179 -27.06 18.04 26.89
CA TYR G 179 -28.22 18.14 27.72
C TYR G 179 -29.56 18.41 27.03
N PHE G 180 -29.98 17.15 26.93
CA PHE G 180 -31.26 16.57 26.58
C PHE G 180 -31.82 16.24 25.22
N PRO G 181 -31.17 16.45 24.07
CA PRO G 181 -31.80 16.28 22.77
C PRO G 181 -32.20 14.83 22.54
N VAL G 182 -33.31 14.62 21.88
CA VAL G 182 -33.75 13.25 21.59
C VAL G 182 -32.82 12.51 20.63
N PRO G 183 -32.90 11.18 20.56
CA PRO G 183 -32.33 10.42 19.46
C PRO G 183 -32.68 10.95 18.05
N PRO G 184 -31.81 10.83 17.04
CA PRO G 184 -30.47 10.24 17.11
C PRO G 184 -29.33 11.03 17.73
N VAL G 185 -29.50 12.28 18.18
CA VAL G 185 -28.40 13.08 18.78
C VAL G 185 -27.89 12.43 20.08
N ASP G 186 -28.84 11.95 20.88
CA ASP G 186 -28.46 11.17 22.03
C ASP G 186 -28.35 9.72 21.58
N SER G 187 -27.13 9.24 21.48
CA SER G 187 -26.90 7.83 21.11
C SER G 187 -27.17 6.79 22.19
N ALA G 188 -27.27 7.21 23.44
CA ALA G 188 -27.30 6.21 24.50
C ALA G 188 -28.59 5.78 25.17
N GLN G 189 -29.78 6.09 24.62
CA GLN G 189 -31.05 5.68 25.21
C GLN G 189 -31.13 4.20 25.59
N ASP G 190 -30.90 3.30 24.62
CA ASP G 190 -30.87 1.88 24.93
C ASP G 190 -29.76 1.45 25.89
N ILE G 191 -28.58 2.09 25.88
CA ILE G 191 -27.55 1.69 26.84
C ILE G 191 -27.94 2.17 28.24
N ARG G 192 -28.44 3.40 28.41
CA ARG G 192 -28.89 3.82 29.72
C ARG G 192 -30.11 3.01 30.21
N SER G 193 -31.17 2.75 29.42
CA SER G 193 -32.31 1.96 29.88
C SER G 193 -31.90 0.57 30.37
N GLU G 194 -31.03 -0.09 29.61
CA GLU G 194 -30.45 -1.37 29.98
C GLU G 194 -29.67 -1.35 31.30
N MET G 195 -28.89 -0.30 31.50
CA MET G 195 -28.20 -0.09 32.77
C MET G 195 -29.23 0.08 33.89
N CYS G 196 -30.36 0.75 33.62
CA CYS G 196 -31.40 0.86 34.64
C CYS G 196 -31.98 -0.49 34.98
N LEU G 197 -32.38 -1.26 33.96
CA LEU G 197 -32.91 -2.59 34.17
C LEU G 197 -31.92 -3.48 34.92
N VAL G 198 -30.63 -3.59 34.53
CA VAL G 198 -29.71 -4.41 35.32
C VAL G 198 -29.47 -3.84 36.73
N MET G 199 -29.47 -2.52 36.97
CA MET G 199 -29.32 -2.01 38.33
C MET G 199 -30.45 -2.46 39.26
N GLU G 200 -31.68 -2.39 38.77
CA GLU G 200 -32.82 -2.84 39.56
C GLU G 200 -32.77 -4.34 39.83
N GLN G 201 -32.36 -5.13 38.84
CA GLN G 201 -32.12 -6.58 39.01
C GLN G 201 -31.05 -6.91 40.08
N MET G 202 -30.22 -5.91 40.39
CA MET G 202 -29.24 -5.99 41.46
C MET G 202 -29.63 -5.27 42.75
N GLY G 203 -30.88 -4.85 42.77
CA GLY G 203 -31.48 -4.25 43.97
C GLY G 203 -31.46 -2.74 44.09
N LEU G 204 -31.17 -2.03 43.01
CA LEU G 204 -31.21 -0.57 43.13
C LEU G 204 -32.55 -0.01 42.69
N VAL G 205 -32.92 1.20 43.07
CA VAL G 205 -34.14 1.73 42.49
C VAL G 205 -33.88 2.93 41.63
N VAL G 206 -34.01 2.74 40.34
CA VAL G 206 -33.85 3.86 39.43
C VAL G 206 -35.02 4.84 39.49
N GLU G 207 -34.69 6.13 39.43
CA GLU G 207 -35.67 7.19 39.40
C GLU G 207 -35.77 7.91 38.07
N ALA G 208 -34.61 8.05 37.42
CA ALA G 208 -34.53 8.65 36.11
C ALA G 208 -33.20 8.35 35.42
N HIS G 209 -33.12 8.39 34.11
CA HIS G 209 -31.83 8.31 33.44
C HIS G 209 -31.85 9.30 32.31
N HIS G 210 -30.76 9.99 32.08
CA HIS G 210 -30.69 10.94 30.97
C HIS G 210 -29.26 11.21 30.58
N HIS G 211 -29.10 11.80 29.40
CA HIS G 211 -27.80 12.28 28.93
C HIS G 211 -27.42 13.54 29.70
N GLU G 212 -26.15 13.70 30.01
CA GLU G 212 -25.69 14.91 30.66
C GLU G 212 -25.18 15.99 29.72
N VAL G 213 -24.57 17.07 30.22
CA VAL G 213 -24.23 18.23 29.40
C VAL G 213 -23.16 18.06 28.34
N ALA G 214 -22.16 17.28 28.68
CA ALA G 214 -21.05 17.10 27.77
C ALA G 214 -21.27 16.34 26.46
N THR G 215 -20.62 16.84 25.40
CA THR G 215 -20.48 16.07 24.15
C THR G 215 -19.72 14.76 24.44
N ALA G 216 -19.51 13.84 23.50
CA ALA G 216 -18.72 12.62 23.75
C ALA G 216 -19.12 11.72 24.94
N GLY G 217 -20.44 11.57 25.08
CA GLY G 217 -21.01 10.56 25.97
C GLY G 217 -21.19 10.80 27.47
N GLN G 218 -21.47 12.01 27.96
CA GLN G 218 -21.75 12.11 29.39
C GLN G 218 -23.17 11.64 29.70
N ASN G 219 -23.33 10.76 30.68
CA ASN G 219 -24.62 10.22 31.04
C ASN G 219 -24.89 10.13 32.53
N GLU G 220 -26.17 9.98 32.90
CA GLU G 220 -26.51 9.87 34.30
C GLU G 220 -27.71 8.97 34.54
N VAL G 221 -27.52 8.03 35.45
CA VAL G 221 -28.64 7.22 35.91
C VAL G 221 -28.90 7.67 37.36
N ALA G 222 -30.04 8.28 37.59
CA ALA G 222 -30.45 8.74 38.91
C ALA G 222 -31.06 7.63 39.76
N THR G 223 -30.59 7.46 40.99
CA THR G 223 -31.00 6.29 41.77
C THR G 223 -31.55 6.59 43.19
N ARG G 224 -32.65 5.96 43.68
CA ARG G 224 -33.21 6.20 45.02
C ARG G 224 -32.25 5.91 46.16
N PHE G 225 -32.36 6.86 47.08
CA PHE G 225 -31.54 6.95 48.28
C PHE G 225 -31.52 5.74 49.18
N ASN G 226 -30.57 5.87 50.09
CA ASN G 226 -30.46 4.86 51.09
C ASN G 226 -29.72 5.30 52.33
N THR G 227 -29.67 4.40 53.29
CA THR G 227 -28.87 4.66 54.47
C THR G 227 -27.40 4.58 54.02
N MET G 228 -26.56 5.40 54.64
CA MET G 228 -25.15 5.47 54.28
C MET G 228 -24.41 4.20 53.87
N THR G 229 -24.05 3.21 54.72
CA THR G 229 -23.34 2.04 54.19
C THR G 229 -24.09 1.24 53.13
N LYS G 230 -25.42 1.21 53.14
CA LYS G 230 -26.12 0.48 52.11
C LYS G 230 -25.98 1.23 50.78
N LYS G 231 -26.06 2.55 50.81
CA LYS G 231 -25.87 3.38 49.63
C LYS G 231 -24.46 3.32 49.08
N ALA G 232 -23.47 3.32 49.96
CA ALA G 232 -22.09 3.14 49.53
C ALA G 232 -21.91 1.83 48.76
N ASP G 233 -22.48 0.72 49.25
CA ASP G 233 -22.47 -0.51 48.47
C ASP G 233 -23.26 -0.35 47.16
N GLU G 234 -24.40 0.35 47.15
CA GLU G 234 -25.14 0.58 45.90
C GLU G 234 -24.34 1.39 44.90
N ILE G 235 -23.43 2.28 45.35
CA ILE G 235 -22.53 2.95 44.42
C ILE G 235 -21.54 1.93 43.86
N GLN G 236 -20.99 1.01 44.66
CA GLN G 236 -20.14 -0.04 44.09
C GLN G 236 -20.90 -0.93 43.11
N ILE G 237 -22.18 -1.23 43.30
CA ILE G 237 -22.93 -1.94 42.26
C ILE G 237 -23.21 -1.06 41.05
N TYR G 238 -23.59 0.19 41.28
CA TYR G 238 -23.85 1.17 40.23
C TYR G 238 -22.70 1.25 39.24
N LYS G 239 -21.51 1.52 39.78
CA LYS G 239 -20.32 1.53 38.97
C LYS G 239 -20.06 0.19 38.26
N TYR G 240 -20.28 -0.99 38.87
CA TYR G 240 -20.04 -2.28 38.22
C TYR G 240 -20.94 -2.50 37.01
N VAL G 241 -22.22 -2.17 37.18
CA VAL G 241 -23.17 -2.30 36.10
C VAL G 241 -22.83 -1.33 34.98
N VAL G 242 -22.51 -0.06 35.28
CA VAL G 242 -22.14 0.88 34.23
C VAL G 242 -20.91 0.40 33.47
N HIS G 243 -19.84 0.03 34.19
CA HIS G 243 -18.64 -0.49 33.52
C HIS G 243 -18.94 -1.74 32.68
N ASN G 244 -19.74 -2.71 33.16
CA ASN G 244 -20.00 -3.89 32.35
C ASN G 244 -21.08 -3.83 31.28
N VAL G 245 -22.17 -3.08 31.45
CA VAL G 245 -23.15 -2.94 30.38
C VAL G 245 -22.52 -2.16 29.22
N ALA G 246 -21.80 -1.09 29.55
CA ALA G 246 -21.07 -0.32 28.56
C ALA G 246 -20.17 -1.25 27.73
N HIS G 247 -19.46 -2.11 28.45
CA HIS G 247 -18.60 -3.10 27.82
C HIS G 247 -19.35 -4.03 26.86
N ARG G 248 -20.53 -4.55 27.25
CA ARG G 248 -21.36 -5.41 26.38
C ARG G 248 -21.80 -4.67 25.11
N PHE G 249 -22.01 -3.38 25.27
CA PHE G 249 -22.32 -2.49 24.16
C PHE G 249 -21.15 -2.02 23.30
N GLY G 250 -19.93 -2.46 23.59
CA GLY G 250 -18.75 -2.05 22.82
C GLY G 250 -18.20 -0.69 23.19
N LYS G 251 -18.72 -0.14 24.26
CA LYS G 251 -18.25 1.12 24.79
C LYS G 251 -17.30 0.86 25.97
N THR G 252 -16.78 1.95 26.51
CA THR G 252 -15.96 1.94 27.71
C THR G 252 -16.41 3.12 28.56
N ALA G 253 -16.77 2.81 29.79
CA ALA G 253 -17.22 3.85 30.69
C ALA G 253 -16.15 4.27 31.66
N THR G 254 -16.20 5.54 32.03
CA THR G 254 -15.27 6.01 33.04
C THR G 254 -15.87 7.00 34.04
N PHE G 255 -15.52 6.79 35.31
CA PHE G 255 -15.98 7.69 36.34
C PHE G 255 -14.95 8.76 36.69
N MET G 256 -13.90 9.00 35.88
CA MET G 256 -12.97 10.03 36.30
C MET G 256 -13.56 11.43 36.13
N PRO G 257 -13.21 12.35 37.02
CA PRO G 257 -13.93 13.61 37.23
C PRO G 257 -13.91 14.55 36.02
N LYS G 258 -12.73 14.62 35.41
CA LYS G 258 -12.46 15.54 34.31
C LYS G 258 -11.65 14.93 33.16
N PRO G 259 -12.24 14.14 32.26
CA PRO G 259 -11.48 13.55 31.15
C PRO G 259 -11.18 14.52 30.03
N MET G 260 -12.06 15.47 29.79
CA MET G 260 -11.85 16.45 28.73
C MET G 260 -11.80 17.87 29.22
N PHE G 261 -10.82 18.65 28.77
CA PHE G 261 -10.82 20.07 29.06
C PHE G 261 -11.80 20.81 28.15
N GLY G 262 -12.56 21.78 28.65
CA GLY G 262 -13.42 22.56 27.75
C GLY G 262 -14.87 22.11 27.61
N ASP G 263 -15.16 21.11 28.42
CA ASP G 263 -16.51 20.63 28.57
C ASP G 263 -16.73 20.04 29.95
N ASN G 264 -17.98 19.75 30.28
CA ASN G 264 -18.37 19.22 31.57
C ASN G 264 -17.57 18.06 32.19
N GLY G 265 -17.49 18.18 33.50
CA GLY G 265 -16.90 17.14 34.31
C GLY G 265 -18.00 16.33 34.95
N SER G 266 -17.59 15.13 35.31
CA SER G 266 -18.48 14.23 36.02
C SER G 266 -18.33 14.44 37.52
N GLY G 267 -19.38 14.99 38.12
CA GLY G 267 -19.45 15.07 39.57
C GLY G 267 -20.41 14.08 40.21
N MET G 268 -20.27 13.83 41.51
CA MET G 268 -21.18 12.96 42.24
C MET G 268 -21.77 13.73 43.41
N HIS G 269 -22.88 14.40 43.18
CA HIS G 269 -23.44 15.21 44.27
C HIS G 269 -24.10 14.37 45.34
N CYS G 270 -23.75 14.63 46.58
CA CYS G 270 -24.39 13.92 47.66
C CYS G 270 -25.53 14.70 48.30
N HIS G 271 -26.72 14.15 48.10
CA HIS G 271 -27.82 14.67 48.87
C HIS G 271 -27.82 14.01 50.24
N MET G 272 -27.92 14.78 51.31
CA MET G 272 -27.98 14.21 52.64
C MET G 272 -29.15 14.65 53.48
N SER G 273 -29.53 13.71 54.33
CA SER G 273 -30.59 13.94 55.31
C SER G 273 -30.48 13.11 56.59
N LEU G 274 -30.88 13.69 57.71
CA LEU G 274 -30.87 12.95 58.97
C LEU G 274 -32.27 12.66 59.51
N ALA G 275 -32.41 11.50 60.14
CA ALA G 275 -33.69 11.17 60.71
C ALA G 275 -33.69 10.46 62.06
N LYS G 276 -34.52 10.98 62.97
CA LYS G 276 -34.71 10.39 64.29
C LYS G 276 -36.15 9.88 64.31
N ASN G 277 -36.43 8.74 64.93
CA ASN G 277 -37.75 8.11 65.01
C ASN G 277 -38.77 8.41 63.90
N GLY G 278 -38.37 8.11 62.66
CA GLY G 278 -39.22 8.31 61.48
C GLY G 278 -39.46 9.77 61.02
N THR G 279 -38.75 10.73 61.60
CA THR G 279 -38.91 12.13 61.25
C THR G 279 -37.62 12.80 60.81
N ASN G 280 -37.80 13.62 59.79
CA ASN G 280 -36.69 14.31 59.20
C ASN G 280 -36.20 15.55 59.93
N LEU G 281 -35.16 15.35 60.72
CA LEU G 281 -34.49 16.43 61.43
C LEU G 281 -34.07 17.64 60.59
N PHE G 282 -33.85 17.47 59.29
CA PHE G 282 -33.46 18.60 58.47
C PHE G 282 -34.62 19.51 58.11
N SER G 283 -35.85 19.03 58.21
CA SER G 283 -37.00 19.90 58.01
C SER G 283 -37.24 20.80 59.23
N GLY G 284 -37.80 21.97 59.02
CA GLY G 284 -38.05 22.90 60.10
C GLY G 284 -38.54 24.26 59.62
N ASP G 285 -38.29 25.24 60.47
CA ASP G 285 -38.55 26.64 60.15
C ASP G 285 -37.32 27.22 59.43
N LYS G 286 -36.54 28.19 59.94
CA LYS G 286 -35.27 28.67 59.33
C LYS G 286 -35.15 28.85 57.79
N TYR G 287 -33.95 29.01 57.20
CA TYR G 287 -33.85 29.15 55.74
C TYR G 287 -34.42 27.98 54.93
N ALA G 288 -35.31 28.34 54.03
CA ALA G 288 -35.89 27.39 53.07
C ALA G 288 -36.45 26.05 53.59
N GLY G 289 -37.11 26.08 54.75
CA GLY G 289 -37.68 24.88 55.35
C GLY G 289 -36.70 24.09 56.22
N LEU G 290 -35.49 24.61 56.41
CA LEU G 290 -34.52 23.89 57.19
C LEU G 290 -34.60 24.04 58.70
N SER G 291 -34.14 23.02 59.41
CA SER G 291 -34.01 23.20 60.86
C SER G 291 -32.70 23.86 61.27
N GLU G 292 -32.61 24.32 62.52
CA GLU G 292 -31.34 24.83 63.06
C GLU G 292 -30.27 23.73 63.10
N GLN G 293 -30.76 22.50 63.29
CA GLN G 293 -30.00 21.24 63.29
C GLN G 293 -29.26 21.04 61.95
N ALA G 294 -30.03 21.24 60.89
CA ALA G 294 -29.56 21.20 59.50
C ALA G 294 -28.53 22.29 59.23
N LEU G 295 -28.81 23.53 59.66
CA LEU G 295 -27.84 24.60 59.52
C LEU G 295 -26.50 24.29 60.16
N TYR G 296 -26.48 23.68 61.36
CA TYR G 296 -25.20 23.27 61.93
C TYR G 296 -24.52 22.14 61.18
N TYR G 297 -25.28 21.23 60.55
CA TYR G 297 -24.73 20.21 59.65
C TYR G 297 -23.96 20.92 58.52
N ILE G 298 -24.61 21.86 57.80
CA ILE G 298 -23.95 22.67 56.78
C ILE G 298 -22.69 23.34 57.34
N GLY G 299 -22.78 23.98 58.50
CA GLY G 299 -21.63 24.59 59.17
C GLY G 299 -20.48 23.61 59.40
N GLY G 300 -20.75 22.37 59.78
CA GLY G 300 -19.71 21.35 59.95
C GLY G 300 -19.05 20.95 58.62
N VAL G 301 -19.87 20.74 57.58
CA VAL G 301 -19.35 20.44 56.24
C VAL G 301 -18.46 21.60 55.78
N ILE G 302 -18.96 22.84 55.78
CA ILE G 302 -18.14 24.00 55.39
C ILE G 302 -16.88 24.16 56.27
N LYS G 303 -16.98 23.98 57.59
CA LYS G 303 -15.83 23.99 58.49
C LYS G 303 -14.75 22.98 58.10
N HIS G 304 -15.16 21.81 57.65
CA HIS G 304 -14.18 20.77 57.32
C HIS G 304 -14.00 20.45 55.84
N ALA G 305 -14.63 21.25 54.98
CA ALA G 305 -14.60 21.04 53.53
C ALA G 305 -13.26 20.66 52.94
N LYS G 306 -12.16 21.38 53.16
CA LYS G 306 -10.87 20.93 52.61
C LYS G 306 -10.39 19.54 53.09
N ALA G 307 -10.69 19.09 54.32
CA ALA G 307 -10.30 17.73 54.72
C ALA G 307 -11.25 16.72 54.06
N ILE G 308 -12.52 17.09 53.93
CA ILE G 308 -13.49 16.28 53.19
C ILE G 308 -13.02 16.13 51.73
N ASN G 309 -12.49 17.18 51.07
CA ASN G 309 -11.98 17.07 49.70
C ASN G 309 -10.95 15.97 49.48
N ALA G 310 -10.08 15.71 50.46
CA ALA G 310 -9.12 14.61 50.38
C ALA G 310 -9.76 13.23 50.21
N LEU G 311 -11.03 13.11 50.62
CA LEU G 311 -11.78 11.86 50.51
C LEU G 311 -12.88 11.94 49.43
N ALA G 312 -13.56 13.09 49.28
CA ALA G 312 -14.62 13.31 48.30
C ALA G 312 -14.16 13.72 46.88
N ASN G 313 -12.90 14.16 46.80
CA ASN G 313 -12.23 14.56 45.54
C ASN G 313 -10.78 14.05 45.52
N PRO G 314 -10.55 12.73 45.56
CA PRO G 314 -9.27 12.15 45.95
C PRO G 314 -8.23 11.98 44.84
N THR G 315 -8.50 12.54 43.66
CA THR G 315 -7.61 12.34 42.52
C THR G 315 -6.98 13.64 42.07
N THR G 316 -5.76 13.72 41.55
CA THR G 316 -5.30 15.02 41.01
C THR G 316 -6.26 15.59 39.96
N ASN G 317 -6.84 14.72 39.12
CA ASN G 317 -7.83 15.10 38.12
C ASN G 317 -9.09 15.74 38.69
N SER G 318 -9.43 15.40 39.93
CA SER G 318 -10.60 15.98 40.59
C SER G 318 -10.63 17.49 40.60
N TYR G 319 -9.43 18.04 40.79
CA TYR G 319 -9.27 19.48 40.86
C TYR G 319 -9.27 20.18 39.51
N LYS G 320 -9.14 19.44 38.39
CA LYS G 320 -9.39 20.05 37.08
C LYS G 320 -10.87 20.38 36.88
N ARG G 321 -11.76 19.69 37.64
CA ARG G 321 -13.20 19.96 37.67
C ARG G 321 -13.53 21.11 38.62
N LEU G 322 -12.93 21.04 39.80
CA LEU G 322 -13.11 22.08 40.79
C LEU G 322 -12.23 23.31 40.56
N VAL G 323 -12.48 23.97 39.43
CA VAL G 323 -11.77 25.22 39.16
C VAL G 323 -12.81 26.34 39.11
N PRO G 324 -12.50 27.57 39.56
CA PRO G 324 -13.40 28.73 39.52
C PRO G 324 -14.47 28.96 38.44
N PRO G 329 -18.42 24.40 41.21
CA PRO G 329 -18.97 24.55 42.57
C PRO G 329 -17.89 24.64 43.65
N VAL G 330 -17.10 25.69 43.53
CA VAL G 330 -16.02 25.88 44.48
C VAL G 330 -16.30 26.64 45.79
N MET G 331 -17.31 27.52 45.74
CA MET G 331 -17.73 28.35 46.86
C MET G 331 -18.41 27.63 48.04
N LEU G 332 -17.75 27.55 49.19
CA LEU G 332 -18.36 27.01 50.40
C LEU G 332 -19.42 27.94 50.99
N ALA G 333 -20.60 27.75 50.42
CA ALA G 333 -21.76 28.54 50.76
C ALA G 333 -23.04 27.76 50.54
N TYR G 334 -24.03 27.93 51.40
CA TYR G 334 -25.33 27.33 51.12
C TYR G 334 -26.31 28.28 50.50
N SER G 335 -27.19 27.71 49.68
CA SER G 335 -28.25 28.48 49.05
C SER G 335 -29.34 27.66 48.37
N ALA G 336 -30.56 28.17 48.33
CA ALA G 336 -31.63 27.56 47.53
C ALA G 336 -31.57 28.18 46.12
N ARG G 337 -31.09 29.44 46.07
CA ARG G 337 -30.83 30.17 44.83
C ARG G 337 -29.44 29.98 44.16
N ASN G 338 -28.29 30.40 44.72
CA ASN G 338 -26.98 30.29 44.06
C ASN G 338 -26.38 28.93 43.61
N ARG G 339 -26.62 28.37 42.41
CA ARG G 339 -25.88 27.16 41.93
C ARG G 339 -24.52 27.67 41.41
N SER G 340 -23.71 27.83 42.43
CA SER G 340 -22.35 28.40 42.44
C SER G 340 -21.81 28.10 43.85
N ALA G 341 -22.78 28.10 44.76
CA ALA G 341 -22.66 27.58 46.10
C ALA G 341 -22.58 26.06 46.05
N SER G 342 -21.55 25.54 46.70
CA SER G 342 -21.35 24.09 46.77
C SER G 342 -22.34 23.36 47.69
N ILE G 343 -23.11 24.10 48.50
CA ILE G 343 -24.15 23.48 49.29
C ILE G 343 -25.50 24.02 48.77
N ARG G 344 -26.22 23.22 48.01
CA ARG G 344 -27.54 23.60 47.52
C ARG G 344 -28.64 23.05 48.44
N ILE G 345 -29.57 23.89 48.84
CA ILE G 345 -30.71 23.43 49.63
C ILE G 345 -31.81 23.23 48.59
N PRO G 346 -32.13 21.99 48.18
CA PRO G 346 -33.05 21.71 47.10
C PRO G 346 -34.44 22.23 47.45
N VAL G 347 -35.09 22.90 46.51
CA VAL G 347 -36.46 23.36 46.75
C VAL G 347 -37.34 22.13 46.58
N VAL G 348 -37.52 21.44 47.70
CA VAL G 348 -38.36 20.26 47.70
C VAL G 348 -39.84 20.63 47.50
N ALA G 349 -40.32 21.75 48.12
CA ALA G 349 -41.71 22.26 48.13
C ALA G 349 -42.72 21.34 48.84
N SER G 350 -42.56 20.10 48.42
CA SER G 350 -43.05 18.88 49.01
C SER G 350 -42.56 18.76 50.48
N PRO G 351 -42.78 17.73 51.29
CA PRO G 351 -43.06 17.94 52.71
C PRO G 351 -41.98 18.05 53.78
N LYS G 352 -41.20 17.00 53.71
CA LYS G 352 -40.18 16.60 54.68
C LYS G 352 -39.19 15.60 54.08
N ALA G 353 -39.22 15.65 52.75
CA ALA G 353 -38.08 15.27 51.93
C ALA G 353 -37.09 16.46 51.90
N ARG G 354 -37.10 17.31 52.93
CA ARG G 354 -36.13 18.37 53.15
C ARG G 354 -34.73 17.80 53.32
N ARG G 355 -33.76 18.37 52.63
CA ARG G 355 -32.41 17.84 52.66
C ARG G 355 -31.36 18.84 52.23
N ILE G 356 -30.11 18.56 52.51
CA ILE G 356 -29.09 19.40 51.92
C ILE G 356 -28.43 18.66 50.74
N GLU G 357 -27.91 19.39 49.77
CA GLU G 357 -27.17 18.78 48.70
C GLU G 357 -25.75 19.30 48.63
N VAL G 358 -24.72 18.50 48.87
CA VAL G 358 -23.36 18.99 48.67
C VAL G 358 -22.94 18.69 47.22
N ARG G 359 -22.74 19.73 46.42
CA ARG G 359 -22.38 19.60 45.01
C ARG G 359 -20.95 19.28 44.64
N PHE G 360 -19.99 19.44 45.55
CA PHE G 360 -18.60 19.24 45.15
C PHE G 360 -17.97 17.86 45.02
N PRO G 361 -18.36 16.72 45.60
CA PRO G 361 -17.64 15.45 45.45
C PRO G 361 -17.69 14.87 44.03
N ASP G 362 -16.88 13.88 43.68
CA ASP G 362 -16.98 13.32 42.34
C ASP G 362 -16.88 11.80 42.27
N PRO G 363 -17.33 11.09 41.22
CA PRO G 363 -17.34 9.64 41.14
C PRO G 363 -16.03 8.94 41.48
N ALA G 364 -14.90 9.64 41.50
CA ALA G 364 -13.66 8.99 41.88
C ALA G 364 -13.53 8.67 43.37
N ALA G 365 -14.38 9.31 44.18
CA ALA G 365 -14.37 9.15 45.61
C ALA G 365 -14.74 7.75 46.13
N ASN G 366 -14.06 7.28 47.17
CA ASN G 366 -14.41 6.02 47.79
C ASN G 366 -15.75 6.20 48.51
N PRO G 367 -16.88 5.62 48.10
CA PRO G 367 -18.19 6.05 48.58
C PRO G 367 -18.29 5.84 50.08
N TYR G 368 -17.64 4.81 50.63
CA TYR G 368 -17.64 4.61 52.09
C TYR G 368 -16.91 5.76 52.78
N LEU G 369 -15.61 5.96 52.55
CA LEU G 369 -14.90 7.07 53.19
C LEU G 369 -15.46 8.46 52.87
N CYS G 370 -15.95 8.70 51.64
CA CYS G 370 -16.53 9.99 51.28
C CYS G 370 -17.78 10.27 52.11
N PHE G 371 -18.70 9.31 52.17
CA PHE G 371 -19.92 9.48 52.95
C PHE G 371 -19.64 9.52 54.45
N ALA G 372 -18.78 8.65 54.98
CA ALA G 372 -18.36 8.71 56.38
C ALA G 372 -17.83 10.10 56.72
N ALA G 373 -16.86 10.63 55.96
CA ALA G 373 -16.39 12.00 56.19
C ALA G 373 -17.47 13.07 56.04
N LEU G 374 -18.37 13.08 55.06
CA LEU G 374 -19.46 14.07 55.07
C LEU G 374 -20.31 14.00 56.35
N LEU G 375 -20.66 12.79 56.80
CA LEU G 375 -21.44 12.57 58.01
C LEU G 375 -20.69 13.09 59.23
N MET G 376 -19.51 12.55 59.54
CA MET G 376 -18.69 13.04 60.66
C MET G 376 -18.50 14.56 60.67
N ALA G 377 -18.29 15.22 59.52
CA ALA G 377 -18.23 16.68 59.50
C ALA G 377 -19.53 17.35 59.90
N GLY G 378 -20.62 16.83 59.32
CA GLY G 378 -21.95 17.33 59.62
C GLY G 378 -22.36 17.19 61.09
N LEU G 379 -22.02 16.06 61.72
CA LEU G 379 -22.28 15.89 63.15
C LEU G 379 -21.45 16.88 63.93
N ASP G 380 -20.12 16.97 63.74
CA ASP G 380 -19.30 17.99 64.41
C ASP G 380 -19.87 19.42 64.33
N GLY G 381 -20.61 19.74 63.26
CA GLY G 381 -21.32 21.02 63.19
C GLY G 381 -22.41 21.13 64.25
N ILE G 382 -23.34 20.17 64.21
CA ILE G 382 -24.43 20.01 65.18
C ILE G 382 -23.88 20.02 66.62
N LYS G 383 -22.99 19.06 66.88
CA LYS G 383 -22.31 18.88 68.14
C LYS G 383 -21.63 20.13 68.75
N ASN G 384 -21.23 21.08 67.92
CA ASN G 384 -20.63 22.33 68.39
C ASN G 384 -21.38 23.58 67.89
N LYS G 385 -22.69 23.53 67.57
CA LYS G 385 -23.47 24.68 67.11
C LYS G 385 -22.77 25.56 66.04
N ILE G 386 -21.91 24.96 65.21
CA ILE G 386 -21.14 25.67 64.17
C ILE G 386 -22.09 26.27 63.15
N HIS G 387 -22.58 27.47 63.48
CA HIS G 387 -23.57 28.11 62.65
C HIS G 387 -23.06 28.55 61.28
N PRO G 388 -23.64 28.06 60.19
CA PRO G 388 -23.16 28.23 58.83
C PRO G 388 -22.98 29.70 58.41
N GLY G 389 -24.03 30.53 58.47
CA GLY G 389 -23.87 31.94 58.19
C GLY G 389 -25.10 32.50 57.52
N GLU G 390 -24.90 33.00 56.30
CA GLU G 390 -26.00 33.52 55.50
C GLU G 390 -25.90 33.03 54.06
N PRO G 391 -27.01 32.77 53.38
CA PRO G 391 -27.01 32.29 52.00
C PRO G 391 -26.58 33.24 50.91
N MET G 392 -25.55 32.85 50.16
CA MET G 392 -25.22 33.58 48.93
C MET G 392 -26.35 33.34 47.94
N ASP G 393 -27.07 34.33 47.41
CA ASP G 393 -28.14 34.03 46.46
C ASP G 393 -28.07 34.72 45.10
N ILE G 407 -15.33 34.88 51.11
CA ILE G 407 -16.11 33.66 50.91
C ILE G 407 -15.26 32.40 50.61
N PRO G 408 -15.19 31.42 51.53
CA PRO G 408 -14.23 30.33 51.49
C PRO G 408 -14.48 29.27 50.42
N GLN G 409 -13.42 28.65 49.94
CA GLN G 409 -13.53 27.67 48.88
C GLN G 409 -12.97 26.30 49.21
N VAL G 410 -13.39 25.31 48.42
CA VAL G 410 -12.84 23.95 48.50
C VAL G 410 -11.33 23.89 48.28
N ALA G 411 -10.62 22.84 48.70
CA ALA G 411 -9.20 22.72 48.40
C ALA G 411 -8.92 22.91 46.92
N GLY G 412 -7.92 23.72 46.59
CA GLY G 412 -7.56 23.96 45.20
C GLY G 412 -6.69 22.90 44.56
N SER G 413 -6.32 21.88 45.31
CA SER G 413 -5.49 20.79 44.77
C SER G 413 -5.48 19.59 45.70
N LEU G 414 -5.11 18.42 45.20
CA LEU G 414 -5.01 17.26 46.05
C LEU G 414 -3.99 17.46 47.15
N GLU G 415 -2.84 18.09 46.89
CA GLU G 415 -1.84 18.33 47.93
C GLU G 415 -2.40 19.15 49.09
N GLU G 416 -3.15 20.18 48.71
CA GLU G 416 -3.86 21.01 49.67
C GLU G 416 -4.84 20.18 50.50
N ALA G 417 -5.74 19.49 49.80
CA ALA G 417 -6.70 18.60 50.43
C ALA G 417 -6.03 17.59 51.37
N LEU G 418 -4.95 16.92 50.95
CA LEU G 418 -4.24 16.00 51.82
C LEU G 418 -3.65 16.71 53.04
N ASN G 419 -2.98 17.87 52.92
CA ASN G 419 -2.49 18.61 54.09
C ASN G 419 -3.60 18.91 55.09
N ALA G 420 -4.70 19.40 54.52
CA ALA G 420 -5.91 19.70 55.27
C ALA G 420 -6.48 18.48 56.00
N LEU G 421 -6.63 17.30 55.39
CA LEU G 421 -7.06 16.10 56.11
C LEU G 421 -6.07 15.78 57.23
N ASP G 422 -4.77 15.83 56.91
CA ASP G 422 -3.74 15.61 57.92
C ASP G 422 -3.82 16.52 59.17
N LEU G 423 -4.17 17.78 58.98
CA LEU G 423 -4.32 18.70 60.12
C LEU G 423 -5.69 18.74 60.79
N ASP G 424 -6.75 18.58 59.99
CA ASP G 424 -8.13 18.60 60.49
C ASP G 424 -8.67 17.19 60.78
N ARG G 425 -7.72 16.37 61.17
CA ARG G 425 -7.88 14.98 61.53
C ARG G 425 -8.86 14.62 62.65
N GLU G 426 -9.05 15.53 63.61
CA GLU G 426 -9.89 15.25 64.76
C GLU G 426 -11.33 14.82 64.59
N PHE G 427 -12.10 15.55 63.78
CA PHE G 427 -13.51 15.20 63.58
C PHE G 427 -13.71 13.82 62.94
N LEU G 428 -12.73 13.35 62.16
CA LEU G 428 -12.83 12.00 61.65
C LEU G 428 -12.58 10.97 62.75
N LYS G 429 -11.67 11.21 63.70
CA LYS G 429 -11.35 10.24 64.76
C LYS G 429 -12.39 10.01 65.86
N ALA G 430 -13.40 10.90 65.92
CA ALA G 430 -14.51 10.79 66.85
C ALA G 430 -15.19 9.43 66.90
N GLY G 431 -15.20 8.90 68.11
CA GLY G 431 -15.78 7.58 68.35
C GLY G 431 -15.09 6.43 67.62
N GLY G 432 -13.82 6.55 67.22
CA GLY G 432 -13.12 5.41 66.62
C GLY G 432 -13.39 5.16 65.13
N VAL G 433 -14.29 5.96 64.55
CA VAL G 433 -14.56 5.98 63.10
C VAL G 433 -13.18 6.43 62.55
N PHE G 434 -12.34 5.76 61.74
CA PHE G 434 -11.03 6.34 61.37
C PHE G 434 -9.95 6.50 62.45
N THR G 435 -8.97 5.63 62.36
CA THR G 435 -7.80 5.76 63.22
C THR G 435 -6.75 6.65 62.59
N ASP G 436 -5.76 7.09 63.36
CA ASP G 436 -4.60 7.76 62.77
C ASP G 436 -3.86 6.92 61.74
N GLU G 437 -3.64 5.61 61.95
CA GLU G 437 -2.96 4.77 60.95
C GLU G 437 -3.75 4.77 59.63
N ALA G 438 -5.07 4.65 59.76
CA ALA G 438 -6.00 4.70 58.64
C ALA G 438 -5.83 6.03 57.87
N ILE G 439 -5.93 7.16 58.56
CA ILE G 439 -5.73 8.45 57.90
C ILE G 439 -4.33 8.62 57.31
N ASP G 440 -3.27 8.32 58.07
CA ASP G 440 -1.91 8.36 57.54
C ASP G 440 -1.63 7.47 56.32
N ALA G 441 -2.13 6.23 56.28
CA ALA G 441 -1.93 5.34 55.13
C ALA G 441 -2.63 5.83 53.87
N TYR G 442 -3.84 6.38 54.11
CA TYR G 442 -4.61 7.02 53.06
C TYR G 442 -3.78 8.15 52.45
N ILE G 443 -3.37 9.14 53.25
CA ILE G 443 -2.58 10.25 52.71
C ILE G 443 -1.33 9.74 51.97
N ALA G 444 -0.63 8.74 52.52
CA ALA G 444 0.50 8.10 51.84
C ALA G 444 0.17 7.60 50.44
N LEU G 445 -0.96 6.87 50.27
CA LEU G 445 -1.38 6.46 48.94
C LEU G 445 -1.63 7.68 48.04
N ARG G 446 -2.55 8.56 48.43
CA ARG G 446 -2.81 9.74 47.62
C ARG G 446 -1.60 10.63 47.28
N ARG G 447 -0.54 10.63 48.12
CA ARG G 447 0.66 11.39 47.82
C ARG G 447 1.50 10.83 46.68
N GLU G 448 1.69 9.51 46.66
CA GLU G 448 2.42 8.81 45.60
C GLU G 448 1.86 9.16 44.20
N GLU G 449 0.53 9.21 44.20
CA GLU G 449 -0.23 9.58 43.00
C GLU G 449 0.01 11.03 42.64
N ASP G 450 -0.17 11.93 43.62
CA ASP G 450 0.09 13.34 43.38
C ASP G 450 1.51 13.58 42.84
N ASP G 451 2.53 12.94 43.41
CA ASP G 451 3.90 13.04 42.90
C ASP G 451 4.11 12.66 41.45
N ARG G 452 3.59 11.51 41.01
CA ARG G 452 3.73 11.08 39.62
C ARG G 452 3.16 12.14 38.67
N VAL G 453 1.98 12.65 39.02
CA VAL G 453 1.39 13.74 38.24
C VAL G 453 2.24 15.04 38.34
N ARG G 454 2.86 15.35 39.49
CA ARG G 454 3.67 16.56 39.68
C ARG G 454 5.03 16.58 38.95
N MET G 455 5.67 15.42 38.89
CA MET G 455 7.00 15.24 38.29
C MET G 455 7.05 14.90 36.80
N THR G 456 5.92 14.51 36.24
CA THR G 456 5.86 14.19 34.81
C THR G 456 5.53 15.42 33.99
N PRO G 457 6.36 15.91 33.06
CA PRO G 457 6.03 17.05 32.21
C PRO G 457 4.76 16.87 31.40
N HIS G 458 3.99 17.94 31.46
CA HIS G 458 2.66 17.99 30.85
C HIS G 458 2.78 18.43 29.39
N PRO G 459 2.04 17.85 28.44
CA PRO G 459 1.96 18.37 27.08
C PRO G 459 1.73 19.88 26.95
N VAL G 460 0.75 20.62 27.53
CA VAL G 460 0.72 22.07 27.29
C VAL G 460 1.98 22.83 27.78
N GLU G 461 2.84 22.24 28.63
CA GLU G 461 4.11 22.89 28.98
C GLU G 461 4.98 22.97 27.72
N PHE G 462 4.99 21.99 26.80
CA PHE G 462 5.75 22.14 25.57
C PHE G 462 5.15 23.26 24.71
N GLU G 463 3.82 23.37 24.75
CA GLU G 463 3.12 24.44 24.05
C GLU G 463 3.51 25.84 24.53
N LEU G 464 3.63 25.92 25.84
CA LEU G 464 3.97 27.12 26.58
C LEU G 464 5.45 27.52 26.63
N TYR G 465 6.28 26.51 26.84
CA TYR G 465 7.68 26.73 27.12
C TYR G 465 8.72 26.11 26.19
N TYR G 466 8.41 25.40 25.10
CA TYR G 466 9.47 24.84 24.27
C TYR G 466 10.36 25.92 23.65
N SER G 467 9.75 26.99 23.13
CA SER G 467 10.55 28.04 22.53
C SER G 467 11.08 29.10 23.48
N VAL G 468 11.24 28.68 24.74
CA VAL G 468 11.88 29.53 25.72
C VAL G 468 13.40 29.60 25.37
N SER H 1 -56.33 11.24 29.79
CA SER H 1 -56.38 11.36 31.26
C SER H 1 -55.29 10.57 31.97
N ALA H 2 -54.94 10.88 33.23
CA ALA H 2 -54.00 10.07 34.01
C ALA H 2 -54.36 8.58 34.01
N GLU H 3 -55.62 8.31 34.35
CA GLU H 3 -56.26 7.00 34.30
C GLU H 3 -55.92 6.15 33.07
N HIS H 4 -56.06 6.80 31.92
CA HIS H 4 -55.72 6.19 30.61
C HIS H 4 -54.24 5.87 30.46
N VAL H 5 -53.39 6.80 30.87
CA VAL H 5 -51.95 6.57 30.79
C VAL H 5 -51.58 5.36 31.66
N LEU H 6 -52.11 5.38 32.90
CA LEU H 6 -51.93 4.29 33.84
C LEU H 6 -52.40 2.93 33.33
N THR H 7 -53.43 2.84 32.50
CA THR H 7 -53.78 1.54 31.92
C THR H 7 -52.76 1.17 30.83
N MET H 8 -52.41 2.08 29.90
CA MET H 8 -51.41 1.80 28.86
C MET H 8 -50.11 1.20 29.35
N LEU H 9 -49.69 1.70 30.51
CA LEU H 9 -48.54 1.18 31.21
C LEU H 9 -48.61 -0.35 31.42
N ASN H 10 -49.74 -0.87 31.91
CA ASN H 10 -49.95 -2.31 32.03
C ASN H 10 -50.28 -3.01 30.71
N GLU H 11 -51.12 -2.35 29.92
CA GLU H 11 -51.61 -2.77 28.61
C GLU H 11 -50.51 -2.93 27.54
N HIS H 12 -49.36 -2.34 27.85
CA HIS H 12 -48.19 -2.43 26.99
C HIS H 12 -46.90 -2.88 27.66
N GLU H 13 -46.95 -3.32 28.93
CA GLU H 13 -45.76 -3.68 29.72
C GLU H 13 -44.60 -2.69 29.56
N VAL H 14 -45.05 -1.44 29.62
CA VAL H 14 -44.19 -0.28 29.49
C VAL H 14 -43.12 -0.27 30.59
N LYS H 15 -41.85 -0.35 30.22
CA LYS H 15 -40.76 -0.30 31.20
C LYS H 15 -40.29 1.09 31.63
N PHE H 16 -40.46 2.02 30.69
CA PHE H 16 -40.05 3.41 30.88
C PHE H 16 -41.02 4.45 30.30
N VAL H 17 -40.98 5.63 30.88
CA VAL H 17 -41.73 6.77 30.39
C VAL H 17 -40.72 7.88 30.02
N ASP H 18 -40.85 8.38 28.80
CA ASP H 18 -39.98 9.41 28.28
C ASP H 18 -40.65 10.79 28.35
N LEU H 19 -40.23 11.60 29.30
CA LEU H 19 -40.73 12.96 29.38
C LEU H 19 -40.08 13.82 28.31
N ARG H 20 -40.88 14.37 27.41
CA ARG H 20 -40.36 15.24 26.37
C ARG H 20 -40.85 16.66 26.33
N PHE H 21 -39.98 17.60 25.95
CA PHE H 21 -40.39 18.99 25.77
C PHE H 21 -39.58 19.69 24.69
N THR H 22 -40.02 20.83 24.16
CA THR H 22 -39.25 21.55 23.14
C THR H 22 -38.62 22.78 23.74
N ASP H 23 -37.41 23.13 23.31
CA ASP H 23 -36.78 24.35 23.80
C ASP H 23 -37.03 25.57 22.91
N THR H 24 -36.40 26.71 23.22
CA THR H 24 -36.63 27.92 22.41
C THR H 24 -36.22 27.79 20.97
N LYS H 25 -35.07 27.17 20.75
CA LYS H 25 -34.63 26.89 19.38
C LYS H 25 -35.52 25.93 18.62
N GLY H 26 -36.32 25.11 19.31
CA GLY H 26 -37.19 24.15 18.64
C GLY H 26 -36.82 22.66 18.76
N LYS H 27 -35.67 22.36 19.37
CA LYS H 27 -35.26 20.99 19.58
C LYS H 27 -35.94 20.31 20.76
N GLU H 28 -36.52 19.16 20.42
CA GLU H 28 -37.09 18.28 21.41
C GLU H 28 -36.01 17.66 22.30
N GLN H 29 -36.24 17.98 23.55
CA GLN H 29 -35.51 17.48 24.69
C GLN H 29 -36.26 16.32 25.32
N HIS H 30 -35.56 15.51 26.09
CA HIS H 30 -36.21 14.43 26.80
C HIS H 30 -35.41 13.94 28.03
N VAL H 31 -36.14 13.42 29.02
CA VAL H 31 -35.59 12.78 30.20
C VAL H 31 -36.46 11.54 30.48
N THR H 32 -35.86 10.45 30.99
CA THR H 32 -36.56 9.15 31.13
C THR H 32 -36.72 8.70 32.57
N ILE H 33 -37.95 8.33 32.87
CA ILE H 33 -38.40 7.84 34.17
C ILE H 33 -38.73 6.35 34.05
N PRO H 34 -38.46 5.48 35.01
CA PRO H 34 -38.96 4.11 35.03
C PRO H 34 -40.48 4.15 35.16
N ALA H 35 -41.25 3.31 34.45
CA ALA H 35 -42.72 3.35 34.52
C ALA H 35 -43.25 3.32 35.95
N HIS H 36 -42.57 2.56 36.80
CA HIS H 36 -42.89 2.54 38.23
C HIS H 36 -42.76 3.87 39.00
N GLN H 37 -42.59 5.03 38.36
CA GLN H 37 -42.60 6.33 39.04
C GLN H 37 -43.79 7.16 38.58
N VAL H 38 -44.55 6.59 37.65
CA VAL H 38 -45.75 7.22 37.18
C VAL H 38 -46.86 6.70 38.08
N ASN H 39 -47.41 7.65 38.82
CA ASN H 39 -48.53 7.44 39.74
C ASN H 39 -49.20 8.77 40.03
N ALA H 40 -50.44 8.86 40.52
CA ALA H 40 -51.12 10.11 40.89
C ALA H 40 -50.32 11.42 41.05
N GLU H 41 -49.44 11.46 42.08
CA GLU H 41 -48.49 12.54 42.37
C GLU H 41 -47.82 13.17 41.15
N PHE H 42 -47.34 12.30 40.26
CA PHE H 42 -46.69 12.68 39.00
C PHE H 42 -47.61 13.53 38.15
N PHE H 43 -48.74 13.03 37.65
CA PHE H 43 -49.65 13.86 36.86
C PHE H 43 -50.26 15.07 37.59
N GLU H 44 -50.13 15.10 38.91
CA GLU H 44 -50.65 16.16 39.76
C GLU H 44 -49.66 17.33 39.90
N GLU H 45 -48.51 17.00 40.47
CA GLU H 45 -47.44 17.94 40.76
C GLU H 45 -46.16 17.93 39.89
N GLY H 46 -46.19 17.23 38.74
CA GLY H 46 -45.07 17.13 37.82
C GLY H 46 -43.74 16.57 38.33
N LYS H 47 -42.68 16.73 37.55
CA LYS H 47 -41.33 16.36 37.96
C LYS H 47 -40.36 17.53 37.79
N MET H 48 -39.61 17.82 38.83
CA MET H 48 -38.64 18.91 38.84
C MET H 48 -37.40 18.61 38.01
N PHE H 49 -36.88 19.59 37.28
CA PHE H 49 -35.61 19.42 36.58
C PHE H 49 -34.79 20.70 36.60
N ASP H 50 -33.50 20.60 36.31
CA ASP H 50 -32.75 21.82 36.15
C ASP H 50 -32.88 22.43 34.76
N GLY H 51 -33.84 23.35 34.71
CA GLY H 51 -34.10 24.15 33.53
C GLY H 51 -32.94 25.05 33.11
N SER H 52 -32.07 25.39 34.06
CA SER H 52 -30.88 26.23 33.86
C SER H 52 -29.98 25.94 32.67
N SER H 53 -29.63 24.67 32.44
CA SER H 53 -28.78 24.36 31.29
C SER H 53 -29.51 24.18 29.97
N ILE H 54 -30.80 24.48 29.92
CA ILE H 54 -31.50 24.54 28.65
C ILE H 54 -31.23 25.93 28.08
N GLY H 55 -30.76 25.93 26.84
CA GLY H 55 -30.44 27.17 26.12
C GLY H 55 -31.55 28.22 26.05
N GLY H 56 -31.28 29.34 26.71
CA GLY H 56 -32.18 30.49 26.70
C GLY H 56 -33.24 30.51 27.81
N TRP H 57 -33.04 29.72 28.87
CA TRP H 57 -33.96 29.61 29.98
C TRP H 57 -33.52 30.06 31.40
N ASP H 64 -34.00 25.51 38.73
CA ASP H 64 -35.05 24.49 38.78
C ASP H 64 -36.46 24.89 38.36
N MET H 65 -37.05 23.98 37.58
CA MET H 65 -38.36 24.16 36.99
C MET H 65 -39.18 22.88 37.03
N VAL H 66 -40.48 22.93 36.74
CA VAL H 66 -41.26 21.70 36.75
C VAL H 66 -41.86 21.26 35.40
N LEU H 67 -41.57 20.01 35.08
CA LEU H 67 -42.14 19.32 33.94
C LEU H 67 -43.53 18.79 34.25
N MET H 68 -44.54 19.35 33.63
CA MET H 68 -45.91 18.92 33.86
C MET H 68 -46.44 18.01 32.77
N PRO H 69 -46.52 16.70 32.99
CA PRO H 69 -46.94 15.74 31.99
C PRO H 69 -48.32 16.03 31.38
N ASP H 70 -48.47 16.17 30.07
CA ASP H 70 -49.80 16.31 29.52
C ASP H 70 -50.26 14.92 29.09
N ALA H 71 -51.05 14.27 29.94
CA ALA H 71 -51.49 12.90 29.67
C ALA H 71 -52.29 12.65 28.40
N SER H 72 -52.75 13.71 27.73
CA SER H 72 -53.46 13.57 26.46
C SER H 72 -52.49 13.13 25.35
N THR H 73 -51.22 13.51 25.52
CA THR H 73 -50.14 13.22 24.57
C THR H 73 -49.46 11.86 24.60
N ALA H 74 -49.88 10.89 25.42
CA ALA H 74 -49.14 9.64 25.50
C ALA H 74 -49.12 8.78 24.25
N VAL H 75 -47.90 8.51 23.83
CA VAL H 75 -47.66 7.66 22.67
C VAL H 75 -46.58 6.62 22.97
N ILE H 76 -46.69 5.41 22.44
CA ILE H 76 -45.61 4.44 22.62
C ILE H 76 -44.50 4.74 21.60
N ASP H 77 -43.23 4.75 22.02
CA ASP H 77 -42.11 5.05 21.15
C ASP H 77 -41.79 3.94 20.14
N PRO H 78 -41.87 4.10 18.83
CA PRO H 78 -41.68 2.99 17.88
C PRO H 78 -40.25 2.46 17.72
N PHE H 79 -39.33 3.13 18.39
CA PHE H 79 -37.92 2.83 18.20
C PHE H 79 -37.12 2.35 19.41
N PHE H 80 -37.34 2.84 20.63
CA PHE H 80 -36.48 2.44 21.75
C PHE H 80 -36.52 0.91 22.00
N ALA H 81 -35.43 0.23 22.38
CA ALA H 81 -35.51 -1.22 22.58
C ALA H 81 -36.45 -1.74 23.69
N ASP H 82 -36.58 -0.99 24.77
CA ASP H 82 -37.46 -1.36 25.89
C ASP H 82 -38.74 -0.58 25.79
N SER H 83 -39.86 -1.20 26.18
CA SER H 83 -41.15 -0.52 26.03
C SER H 83 -41.30 0.83 26.72
N THR H 84 -41.40 1.84 25.88
CA THR H 84 -41.47 3.20 26.40
C THR H 84 -42.66 4.05 25.97
N LEU H 85 -43.26 4.69 26.95
CA LEU H 85 -44.37 5.56 26.66
C LEU H 85 -43.85 6.99 26.72
N ILE H 86 -43.98 7.71 25.62
CA ILE H 86 -43.64 9.13 25.49
C ILE H 86 -44.79 9.96 26.04
N ILE H 87 -44.48 10.91 26.91
CA ILE H 87 -45.48 11.86 27.38
C ILE H 87 -44.90 13.27 27.19
N ARG H 88 -45.55 14.08 26.35
CA ARG H 88 -45.13 15.47 26.17
C ARG H 88 -45.40 16.28 27.43
N CYS H 89 -44.57 17.26 27.74
CA CYS H 89 -44.74 18.06 28.95
C CYS H 89 -44.84 19.57 28.76
N ASP H 90 -45.36 20.29 29.75
CA ASP H 90 -45.21 21.73 29.71
C ASP H 90 -44.27 22.15 30.82
N ILE H 91 -43.51 23.18 30.56
CA ILE H 91 -42.59 23.71 31.56
C ILE H 91 -43.32 24.74 32.41
N LEU H 92 -43.54 24.39 33.67
CA LEU H 92 -44.18 25.32 34.56
C LEU H 92 -43.21 25.92 35.55
N GLU H 93 -43.64 27.12 35.92
CA GLU H 93 -42.96 27.88 36.95
C GLU H 93 -43.27 27.21 38.31
N PRO H 94 -42.26 26.80 39.09
CA PRO H 94 -42.42 25.84 40.16
C PRO H 94 -43.21 26.30 41.38
N GLY H 95 -43.99 25.40 42.00
CA GLY H 95 -44.84 25.74 43.14
C GLY H 95 -46.09 26.53 42.70
N THR H 96 -45.82 27.73 42.23
CA THR H 96 -46.78 28.67 41.65
C THR H 96 -47.54 28.16 40.42
N LEU H 97 -46.91 27.19 39.75
CA LEU H 97 -47.44 26.38 38.65
C LEU H 97 -48.21 26.96 37.46
N GLN H 98 -47.67 28.05 36.94
CA GLN H 98 -48.34 28.77 35.85
C GLN H 98 -47.82 28.49 34.44
N GLY H 99 -46.54 28.20 34.26
CA GLY H 99 -46.06 27.95 32.92
C GLY H 99 -45.14 29.03 32.41
N TYR H 100 -43.90 28.61 32.31
CA TYR H 100 -42.78 29.44 31.91
C TYR H 100 -43.05 30.38 30.74
N ASP H 101 -42.94 31.71 30.83
CA ASP H 101 -43.31 32.52 29.65
C ASP H 101 -42.40 32.62 28.42
N ARG H 102 -41.46 31.69 28.53
CA ARG H 102 -40.37 31.35 27.66
C ARG H 102 -40.49 29.92 27.09
N ASP H 103 -41.41 29.13 27.65
CA ASP H 103 -41.69 27.78 27.16
C ASP H 103 -42.53 27.89 25.88
N PRO H 104 -42.03 27.51 24.70
CA PRO H 104 -42.77 27.59 23.46
C PRO H 104 -44.11 26.88 23.44
N ARG H 105 -44.28 25.74 24.13
CA ARG H 105 -45.61 25.10 24.14
C ARG H 105 -46.62 26.00 24.82
N SER H 106 -46.27 26.50 26.01
CA SER H 106 -47.10 27.46 26.73
C SER H 106 -47.53 28.63 25.85
N ILE H 107 -46.56 29.30 25.22
CA ILE H 107 -46.85 30.37 24.27
C ILE H 107 -47.86 29.94 23.19
N ALA H 108 -47.74 28.75 22.62
CA ALA H 108 -48.72 28.29 21.62
C ALA H 108 -50.13 28.18 22.22
N LYS H 109 -50.21 27.57 23.40
CA LYS H 109 -51.49 27.43 24.10
C LYS H 109 -52.12 28.79 24.42
N ARG H 110 -51.31 29.75 24.87
CA ARG H 110 -51.76 31.12 25.10
C ARG H 110 -52.30 31.77 23.84
N ALA H 111 -51.60 31.63 22.71
CA ALA H 111 -52.12 32.16 21.45
C ALA H 111 -53.49 31.56 21.08
N GLU H 112 -53.71 30.27 21.35
CA GLU H 112 -55.02 29.68 21.09
C GLU H 112 -56.11 30.26 22.01
N ASP H 113 -55.87 30.34 23.32
CA ASP H 113 -56.81 30.97 24.24
C ASP H 113 -57.09 32.44 23.93
N TYR H 114 -56.06 33.24 23.63
CA TYR H 114 -56.27 34.61 23.18
C TYR H 114 -57.19 34.67 21.96
N LEU H 115 -57.07 33.75 21.00
CA LEU H 115 -57.98 33.71 19.85
C LEU H 115 -59.44 33.57 20.32
N ARG H 116 -59.63 32.65 21.26
CA ARG H 116 -60.94 32.43 21.89
C ARG H 116 -61.48 33.65 22.61
N ALA H 117 -60.63 34.27 23.45
CA ALA H 117 -60.97 35.49 24.18
C ALA H 117 -61.31 36.67 23.27
N THR H 118 -60.73 36.74 22.07
CA THR H 118 -61.14 37.77 21.13
C THR H 118 -62.46 37.45 20.43
N GLY H 119 -62.94 36.21 20.55
CA GLY H 119 -64.18 35.78 19.93
C GLY H 119 -64.16 35.84 18.39
N ILE H 120 -62.99 36.06 17.77
CA ILE H 120 -62.91 36.12 16.30
C ILE H 120 -63.19 34.73 15.71
N ALA H 121 -62.78 33.69 16.43
CA ALA H 121 -63.13 32.32 16.11
C ALA H 121 -62.84 31.40 17.31
N ASP H 122 -63.27 30.13 17.26
CA ASP H 122 -62.97 29.20 18.35
C ASP H 122 -61.69 28.41 18.11
N THR H 123 -61.40 28.12 16.85
CA THR H 123 -60.21 27.35 16.53
C THR H 123 -59.36 27.83 15.38
N VAL H 124 -58.04 27.65 15.54
CA VAL H 124 -57.07 27.89 14.46
C VAL H 124 -56.60 26.57 13.88
N LEU H 125 -56.71 26.44 12.58
CA LEU H 125 -56.20 25.26 11.92
C LEU H 125 -54.94 25.46 11.10
N PHE H 126 -53.92 24.69 11.46
CA PHE H 126 -52.65 24.69 10.78
C PHE H 126 -52.30 23.40 10.06
N GLY H 127 -51.73 23.62 8.89
CA GLY H 127 -51.27 22.52 8.06
C GLY H 127 -49.90 22.78 7.44
N PRO H 128 -48.82 22.44 8.14
CA PRO H 128 -47.45 22.69 7.75
C PRO H 128 -47.04 21.68 6.67
N GLU H 129 -46.34 22.05 5.61
CA GLU H 129 -45.87 21.08 4.62
C GLU H 129 -44.32 20.97 4.74
N PRO H 130 -43.71 20.36 5.78
CA PRO H 130 -42.27 20.27 6.00
C PRO H 130 -41.54 19.41 4.98
N GLU H 131 -40.47 19.92 4.38
CA GLU H 131 -39.67 19.08 3.51
C GLU H 131 -38.37 18.70 4.16
N PHE H 132 -37.80 17.58 3.76
CA PHE H 132 -36.52 17.18 4.31
C PHE H 132 -35.54 16.62 3.29
N PHE H 133 -34.28 16.52 3.68
CA PHE H 133 -33.31 15.83 2.86
C PHE H 133 -32.83 14.56 3.55
N LEU H 134 -32.59 13.57 2.71
CA LEU H 134 -32.18 12.27 3.16
C LEU H 134 -30.81 11.93 2.57
N PHE H 135 -29.73 12.26 3.27
CA PHE H 135 -28.37 12.03 2.79
C PHE H 135 -27.69 10.74 3.31
N ASP H 136 -26.59 10.22 2.72
CA ASP H 136 -25.88 9.07 3.28
C ASP H 136 -24.72 9.47 4.20
N ASP H 137 -24.11 10.59 3.87
CA ASP H 137 -22.93 11.06 4.56
C ASP H 137 -22.88 12.57 4.58
N ILE H 138 -22.68 13.12 5.76
CA ILE H 138 -22.55 14.56 5.89
C ILE H 138 -21.33 14.82 6.78
N ARG H 139 -20.35 15.50 6.22
CA ARG H 139 -19.17 15.88 6.97
C ARG H 139 -18.99 17.37 6.92
N PHE H 140 -18.61 17.96 8.02
CA PHE H 140 -18.33 19.38 8.02
C PHE H 140 -17.46 19.76 9.21
N GLY H 141 -16.86 20.93 9.16
CA GLY H 141 -16.01 21.37 10.25
C GLY H 141 -15.45 22.76 9.96
N ALA H 142 -15.14 23.46 11.03
CA ALA H 142 -14.52 24.77 10.98
C ALA H 142 -13.45 24.77 12.10
N SER H 143 -12.29 25.32 11.76
CA SER H 143 -11.08 25.37 12.58
C SER H 143 -10.34 26.66 12.22
N ILE H 144 -9.35 27.15 12.96
CA ILE H 144 -8.56 28.32 12.54
C ILE H 144 -8.02 28.24 11.11
N SER H 145 -7.47 27.08 10.74
CA SER H 145 -6.82 26.85 9.45
C SER H 145 -7.77 26.55 8.31
N GLY H 146 -9.07 26.58 8.55
CA GLY H 146 -10.02 26.33 7.47
C GLY H 146 -11.44 25.86 7.89
N SER H 147 -12.24 25.58 6.87
CA SER H 147 -13.58 25.08 7.12
C SER H 147 -14.12 24.34 5.91
N HIS H 148 -15.11 23.46 6.12
CA HIS H 148 -15.66 22.66 5.05
C HIS H 148 -16.99 22.03 5.38
N VAL H 149 -17.70 21.67 4.32
CA VAL H 149 -18.87 20.82 4.41
C VAL H 149 -18.87 19.96 3.14
N ALA H 150 -19.22 18.71 3.33
CA ALA H 150 -19.22 17.69 2.31
C ALA H 150 -20.51 16.89 2.41
N ILE H 151 -21.37 17.01 1.41
CA ILE H 151 -22.64 16.29 1.38
C ILE H 151 -22.53 15.10 0.45
N ASP H 152 -23.02 13.95 0.90
CA ASP H 152 -23.10 12.85 -0.01
C ASP H 152 -24.28 11.93 0.20
N ASP H 153 -24.82 11.63 -0.98
CA ASP H 153 -25.92 10.72 -1.13
C ASP H 153 -25.90 10.03 -2.48
N ILE H 154 -26.33 8.78 -2.44
CA ILE H 154 -26.40 7.91 -3.61
C ILE H 154 -27.18 8.50 -4.79
N GLU H 155 -28.18 9.32 -4.49
CA GLU H 155 -28.98 10.01 -5.48
C GLU H 155 -28.40 11.32 -6.01
N GLY H 156 -27.23 11.71 -5.49
CA GLY H 156 -26.65 12.99 -5.82
C GLY H 156 -26.24 12.94 -7.27
N ALA H 157 -26.78 13.80 -8.12
CA ALA H 157 -26.41 13.84 -9.54
C ALA H 157 -24.90 13.80 -9.78
N TRP H 158 -24.18 14.41 -8.84
CA TRP H 158 -22.74 14.35 -8.89
C TRP H 158 -22.17 12.93 -8.80
N ASN H 159 -22.82 11.90 -8.26
CA ASN H 159 -22.25 10.56 -8.29
C ASN H 159 -22.33 9.75 -9.56
N SER H 160 -22.80 10.38 -10.65
CA SER H 160 -22.83 9.74 -11.97
C SER H 160 -21.46 9.20 -12.44
N SER H 161 -20.40 9.90 -11.99
CA SER H 161 -19.03 9.52 -12.30
C SER H 161 -18.32 8.58 -11.34
N THR H 162 -18.93 8.40 -10.18
CA THR H 162 -18.40 7.66 -9.04
C THR H 162 -18.20 6.17 -9.20
N LYS H 163 -17.04 5.65 -8.78
CA LYS H 163 -16.85 4.21 -8.72
C LYS H 163 -17.43 3.64 -7.41
N TYR H 164 -18.27 2.62 -7.55
CA TYR H 164 -18.89 2.04 -6.37
C TYR H 164 -18.59 0.61 -5.94
N GLU H 165 -17.83 -0.24 -6.66
CA GLU H 165 -17.55 -1.65 -6.29
C GLU H 165 -18.74 -2.62 -6.30
N GLY H 166 -19.97 -2.17 -6.06
CA GLY H 166 -21.09 -2.97 -6.50
C GLY H 166 -21.32 -2.76 -8.01
N GLY H 167 -20.94 -1.57 -8.47
CA GLY H 167 -21.18 -1.14 -9.83
C GLY H 167 -21.89 0.21 -9.75
N ASN H 168 -21.99 1.09 -10.76
CA ASN H 168 -22.62 2.36 -10.45
C ASN H 168 -24.12 2.37 -10.74
N LYS H 169 -24.69 1.60 -11.66
CA LYS H 169 -26.15 1.60 -11.91
C LYS H 169 -26.87 2.90 -12.38
N GLY H 170 -26.30 4.10 -12.21
CA GLY H 170 -26.72 5.35 -12.86
C GLY H 170 -28.16 5.87 -12.91
N HIS H 171 -29.19 5.27 -12.30
CA HIS H 171 -30.49 5.89 -12.33
C HIS H 171 -30.52 6.85 -11.13
N ARG H 172 -30.61 8.15 -11.36
CA ARG H 172 -30.41 9.09 -10.26
C ARG H 172 -31.14 10.42 -10.56
N PRO H 173 -31.81 11.15 -9.66
CA PRO H 173 -32.46 12.39 -10.00
C PRO H 173 -31.44 13.46 -10.41
N GLY H 174 -31.55 14.07 -11.59
CA GLY H 174 -30.67 15.19 -11.98
C GLY H 174 -30.81 16.41 -11.05
N VAL H 175 -30.12 17.58 -11.19
CA VAL H 175 -30.33 18.59 -10.13
C VAL H 175 -31.77 19.09 -9.96
N LYS H 176 -32.59 19.59 -10.88
CA LYS H 176 -33.97 19.88 -10.44
C LYS H 176 -34.99 18.81 -10.83
N GLY H 177 -34.48 17.59 -10.98
CA GLY H 177 -35.26 16.50 -11.51
C GLY H 177 -35.73 15.44 -10.54
N GLY H 178 -35.71 15.71 -9.24
CA GLY H 178 -36.18 14.77 -8.24
C GLY H 178 -37.71 14.65 -8.17
N TYR H 179 -38.37 15.61 -8.83
CA TYR H 179 -39.81 15.64 -8.88
C TYR H 179 -40.49 14.78 -9.92
N PHE H 180 -40.74 13.71 -9.17
CA PHE H 180 -41.56 12.53 -9.38
C PHE H 180 -41.20 11.24 -10.07
N PRO H 181 -40.02 10.98 -10.61
CA PRO H 181 -39.77 9.79 -11.43
C PRO H 181 -39.91 8.52 -10.58
N VAL H 182 -40.43 7.47 -11.18
CA VAL H 182 -40.57 6.21 -10.45
C VAL H 182 -39.22 5.57 -10.07
N PRO H 183 -39.20 4.65 -9.12
CA PRO H 183 -38.08 3.73 -8.95
C PRO H 183 -37.56 3.07 -10.24
N PRO H 184 -36.25 2.77 -10.38
CA PRO H 184 -35.18 3.05 -9.43
C PRO H 184 -34.64 4.47 -9.28
N VAL H 185 -35.10 5.48 -10.05
CA VAL H 185 -34.58 6.86 -9.94
C VAL H 185 -34.90 7.46 -8.56
N ASP H 186 -36.11 7.20 -8.10
CA ASP H 186 -36.44 7.57 -6.74
C ASP H 186 -36.04 6.40 -5.85
N SER H 187 -34.97 6.60 -5.09
CA SER H 187 -34.52 5.57 -4.16
C SER H 187 -35.33 5.43 -2.86
N ALA H 188 -36.16 6.40 -2.55
CA ALA H 188 -36.76 6.38 -1.22
C ALA H 188 -38.19 5.92 -0.99
N GLN H 189 -38.83 5.23 -1.95
CA GLN H 189 -40.21 4.75 -1.77
C GLN H 189 -40.44 3.97 -0.47
N ASP H 190 -39.66 2.92 -0.22
CA ASP H 190 -39.76 2.20 1.04
C ASP H 190 -39.41 3.01 2.28
N ILE H 191 -38.45 3.96 2.22
CA ILE H 191 -38.16 4.76 3.40
C ILE H 191 -39.31 5.74 3.65
N ARG H 192 -39.86 6.40 2.63
CA ARG H 192 -41.00 7.27 2.88
C ARG H 192 -42.25 6.48 3.32
N SER H 193 -42.64 5.34 2.70
CA SER H 193 -43.82 4.58 3.16
C SER H 193 -43.72 4.16 4.62
N GLU H 194 -42.54 3.69 5.02
CA GLU H 194 -42.25 3.35 6.42
C GLU H 194 -42.38 4.51 7.38
N MET H 195 -41.90 5.68 6.98
CA MET H 195 -42.08 6.91 7.75
C MET H 195 -43.57 7.22 7.85
N CYS H 196 -44.36 6.96 6.80
CA CYS H 196 -45.79 7.18 6.90
C CYS H 196 -46.41 6.25 7.92
N LEU H 197 -46.12 4.95 7.79
CA LEU H 197 -46.63 3.97 8.74
C LEU H 197 -46.22 4.29 10.18
N VAL H 198 -44.96 4.58 10.50
CA VAL H 198 -44.63 4.95 11.88
C VAL H 198 -45.28 6.28 12.30
N MET H 199 -45.47 7.28 11.43
CA MET H 199 -46.16 8.52 11.83
C MET H 199 -47.59 8.26 12.28
N GLU H 200 -48.32 7.44 11.52
CA GLU H 200 -49.68 7.11 11.88
C GLU H 200 -49.74 6.32 13.19
N GLN H 201 -48.80 5.40 13.41
CA GLN H 201 -48.66 4.68 14.67
C GLN H 201 -48.41 5.61 15.89
N MET H 202 -47.93 6.82 15.59
CA MET H 202 -47.76 7.87 16.59
C MET H 202 -48.86 8.93 16.60
N GLY H 203 -49.91 8.65 15.85
CA GLY H 203 -51.10 9.48 15.83
C GLY H 203 -51.21 10.54 14.75
N LEU H 204 -50.38 10.49 13.72
CA LEU H 204 -50.52 11.48 12.67
C LEU H 204 -51.38 10.95 11.53
N VAL H 205 -51.95 11.81 10.68
CA VAL H 205 -52.61 11.24 9.54
C VAL H 205 -51.95 11.62 8.24
N VAL H 206 -51.30 10.65 7.64
CA VAL H 206 -50.68 10.90 6.35
C VAL H 206 -51.71 11.03 5.22
N GLU H 207 -51.44 11.97 4.32
CA GLU H 207 -52.26 12.20 3.14
C GLU H 207 -51.59 11.81 1.84
N ALA H 208 -50.29 12.04 1.80
CA ALA H 208 -49.47 11.66 0.66
C ALA H 208 -47.99 11.67 0.99
N HIS H 209 -47.14 10.94 0.27
CA HIS H 209 -45.71 11.08 0.44
C HIS H 209 -45.12 11.02 -0.95
N HIS H 210 -44.12 11.83 -1.22
CA HIS H 210 -43.46 11.81 -2.51
C HIS H 210 -42.06 12.41 -2.43
N HIS H 211 -41.27 12.14 -3.45
CA HIS H 211 -39.96 12.78 -3.60
C HIS H 211 -40.14 14.24 -4.02
N GLU H 212 -39.29 15.11 -3.51
CA GLU H 212 -39.33 16.50 -3.92
C GLU H 212 -38.42 16.88 -5.08
N VAL H 213 -38.25 18.15 -5.40
CA VAL H 213 -37.53 18.57 -6.61
C VAL H 213 -36.04 18.30 -6.68
N ALA H 214 -35.39 18.46 -5.55
CA ALA H 214 -33.96 18.30 -5.52
C ALA H 214 -33.35 16.92 -5.72
N THR H 215 -32.22 16.90 -6.44
CA THR H 215 -31.36 15.71 -6.49
C THR H 215 -30.86 15.38 -5.07
N ALA H 216 -30.11 14.32 -4.80
CA ALA H 216 -29.57 14.04 -3.46
C ALA H 216 -30.55 13.99 -2.27
N GLY H 217 -31.71 13.37 -2.55
CA GLY H 217 -32.65 13.00 -1.50
C GLY H 217 -33.68 13.98 -0.93
N GLN H 218 -34.24 14.94 -1.68
CA GLN H 218 -35.30 15.73 -1.08
C GLN H 218 -36.62 14.96 -1.06
N ASN H 219 -37.28 14.92 0.08
CA ASN H 219 -38.53 14.18 0.24
C ASN H 219 -39.61 14.90 1.01
N GLU H 220 -40.85 14.45 0.87
CA GLU H 220 -41.94 15.07 1.60
C GLU H 220 -43.01 14.07 1.99
N VAL H 221 -43.37 14.10 3.26
CA VAL H 221 -44.51 13.34 3.74
C VAL H 221 -45.58 14.38 4.10
N ALA H 222 -46.68 14.39 3.34
CA ALA H 222 -47.79 15.31 3.57
C ALA H 222 -48.74 14.82 4.65
N THR H 223 -49.06 15.66 5.62
CA THR H 223 -49.80 15.20 6.78
C THR H 223 -51.09 15.99 7.14
N ARG H 224 -52.24 15.38 7.49
CA ARG H 224 -53.49 16.09 7.83
C ARG H 224 -53.36 17.03 9.01
N PHE H 225 -54.01 18.17 8.75
CA PHE H 225 -54.05 19.32 9.61
C PHE H 225 -54.51 19.10 11.05
N ASN H 226 -54.28 20.17 11.78
CA ASN H 226 -54.73 20.17 13.13
C ASN H 226 -54.86 21.55 13.72
N THR H 227 -55.34 21.57 14.95
CA THR H 227 -55.38 22.83 15.68
C THR H 227 -53.94 23.18 16.01
N MET H 228 -53.64 24.47 16.03
CA MET H 228 -52.29 24.95 16.28
C MET H 228 -51.41 24.22 17.29
N THR H 229 -51.58 24.26 18.62
CA THR H 229 -50.64 23.51 19.48
C THR H 229 -50.61 22.01 19.25
N LYS H 230 -51.70 21.38 18.81
CA LYS H 230 -51.64 19.95 18.55
C LYS H 230 -50.78 19.69 17.31
N LYS H 231 -50.92 20.54 16.29
CA LYS H 231 -50.10 20.44 15.09
C LYS H 231 -48.64 20.72 15.33
N ALA H 232 -48.34 21.72 16.17
CA ALA H 232 -46.96 21.98 16.56
C ALA H 232 -46.31 20.75 17.20
N ASP H 233 -47.02 20.06 18.11
CA ASP H 233 -46.51 18.79 18.63
C ASP H 233 -46.41 17.73 17.52
N GLU H 234 -47.36 17.66 16.57
CA GLU H 234 -47.24 16.71 15.46
C GLU H 234 -46.03 16.99 14.58
N ILE H 235 -45.59 18.26 14.46
CA ILE H 235 -44.34 18.56 13.78
C ILE H 235 -43.18 18.01 14.60
N GLN H 236 -43.16 18.15 15.92
CA GLN H 236 -42.10 17.51 16.71
C GLN H 236 -42.11 15.99 16.59
N ILE H 237 -43.27 15.33 16.47
CA ILE H 237 -43.24 13.88 16.19
C ILE H 237 -42.79 13.59 14.76
N TYR H 238 -43.28 14.37 13.79
CA TYR H 238 -42.93 14.25 12.38
C TYR H 238 -41.40 14.23 12.20
N LYS H 239 -40.77 15.28 12.71
CA LYS H 239 -39.33 15.34 12.68
C LYS H 239 -38.66 14.17 13.40
N TYR H 240 -39.15 13.67 14.55
CA TYR H 240 -38.52 12.55 15.26
C TYR H 240 -38.55 11.26 14.46
N VAL H 241 -39.70 10.98 13.85
CA VAL H 241 -39.84 9.80 13.02
C VAL H 241 -38.95 9.92 11.80
N VAL H 242 -38.92 11.06 11.10
CA VAL H 242 -38.03 11.20 9.95
C VAL H 242 -36.57 11.00 10.35
N HIS H 243 -36.10 11.69 11.39
CA HIS H 243 -34.73 11.51 11.86
C HIS H 243 -34.44 10.05 12.24
N ASN H 244 -35.33 9.35 12.95
CA ASN H 244 -35.02 7.97 13.31
C ASN H 244 -35.29 6.85 12.31
N VAL H 245 -36.30 6.95 11.44
CA VAL H 245 -36.48 5.94 10.40
C VAL H 245 -35.32 6.03 9.42
N ALA H 246 -34.97 7.26 9.04
CA ALA H 246 -33.82 7.49 8.17
C ALA H 246 -32.57 6.80 8.74
N HIS H 247 -32.38 7.01 10.05
CA HIS H 247 -31.29 6.38 10.76
C HIS H 247 -31.30 4.84 10.68
N ARG H 248 -32.47 4.20 10.87
CA ARG H 248 -32.62 2.75 10.75
C ARG H 248 -32.27 2.25 9.35
N PHE H 249 -32.57 3.09 8.38
CA PHE H 249 -32.21 2.84 6.99
C PHE H 249 -30.77 3.17 6.58
N GLY H 250 -29.94 3.62 7.51
CA GLY H 250 -28.55 3.95 7.19
C GLY H 250 -28.35 5.31 6.55
N LYS H 251 -29.42 6.09 6.53
CA LYS H 251 -29.38 7.44 6.03
C LYS H 251 -29.30 8.43 7.20
N THR H 252 -29.22 9.70 6.85
CA THR H 252 -29.25 10.79 7.81
C THR H 252 -30.15 11.86 7.21
N ALA H 253 -31.16 12.24 7.98
CA ALA H 253 -32.08 13.26 7.52
C ALA H 253 -31.78 14.62 8.11
N THR H 254 -32.08 15.64 7.33
CA THR H 254 -31.94 16.98 7.84
C THR H 254 -33.04 17.95 7.42
N PHE H 255 -33.48 18.74 8.39
CA PHE H 255 -34.48 19.74 8.11
C PHE H 255 -33.89 21.13 7.84
N MET H 256 -32.57 21.28 7.60
CA MET H 256 -32.09 22.63 7.38
C MET H 256 -32.53 23.15 6.01
N PRO H 257 -32.79 24.45 5.91
CA PRO H 257 -33.54 25.06 4.81
C PRO H 257 -32.85 24.94 3.45
N LYS H 258 -31.55 25.18 3.48
CA LYS H 258 -30.72 25.22 2.29
C LYS H 258 -29.37 24.50 2.41
N PRO H 259 -29.29 23.18 2.32
CA PRO H 259 -28.02 22.47 2.42
C PRO H 259 -27.15 22.55 1.19
N MET H 260 -27.77 22.62 0.01
CA MET H 260 -27.01 22.70 -1.22
C MET H 260 -27.31 23.95 -2.03
N PHE H 261 -26.28 24.62 -2.51
CA PHE H 261 -26.49 25.73 -3.44
C PHE H 261 -26.79 25.21 -4.85
N GLY H 262 -27.74 25.78 -5.58
CA GLY H 262 -27.93 25.36 -6.97
C GLY H 262 -29.01 24.30 -7.20
N ASP H 263 -29.69 24.01 -6.11
CA ASP H 263 -30.86 23.17 -6.15
C ASP H 263 -31.82 23.52 -5.03
N ASN H 264 -33.01 22.96 -5.07
CA ASN H 264 -34.05 23.22 -4.10
C ASN H 264 -33.73 23.20 -2.60
N GLY H 265 -34.43 24.12 -1.95
CA GLY H 265 -34.38 24.21 -0.52
C GLY H 265 -35.62 23.56 0.07
N SER H 266 -35.46 23.20 1.31
CA SER H 266 -36.55 22.64 2.07
C SER H 266 -37.32 23.76 2.78
N GLY H 267 -38.54 23.98 2.31
CA GLY H 267 -39.44 24.89 3.00
C GLY H 267 -40.56 24.19 3.77
N MET H 268 -41.19 24.87 4.72
CA MET H 268 -42.33 24.33 5.46
C MET H 268 -43.51 25.26 5.29
N HIS H 269 -44.32 25.05 4.26
CA HIS H 269 -45.42 25.99 4.04
C HIS H 269 -46.55 25.78 5.03
N CYS H 270 -46.99 26.86 5.62
CA CYS H 270 -48.12 26.77 6.52
C CYS H 270 -49.45 27.12 5.88
N HIS H 271 -50.27 26.11 5.76
CA HIS H 271 -51.64 26.40 5.39
C HIS H 271 -52.41 26.81 6.64
N MET H 272 -53.14 27.91 6.59
CA MET H 272 -53.94 28.32 7.73
C MET H 272 -55.41 28.57 7.44
N SER H 273 -56.18 28.31 8.49
CA SER H 273 -57.61 28.57 8.47
C SER H 273 -58.24 28.85 9.82
N LEU H 274 -59.23 29.71 9.86
CA LEU H 274 -59.93 30.01 11.10
C LEU H 274 -61.36 29.49 11.13
N ALA H 275 -61.80 29.07 12.30
CA ALA H 275 -63.17 28.61 12.41
C ALA H 275 -63.93 28.97 13.68
N LYS H 276 -65.14 29.47 13.49
CA LYS H 276 -66.05 29.80 14.58
C LYS H 276 -67.21 28.82 14.46
N ASN H 277 -67.77 28.34 15.57
CA ASN H 277 -68.86 27.35 15.62
C ASN H 277 -69.05 26.41 14.43
N GLY H 278 -68.00 25.65 14.12
CA GLY H 278 -68.01 24.67 13.02
C GLY H 278 -67.99 25.22 11.59
N THR H 279 -67.78 26.52 11.42
CA THR H 279 -67.76 27.15 10.11
C THR H 279 -66.47 27.91 9.83
N ASN H 280 -66.07 27.74 8.58
CA ASN H 280 -64.84 28.34 8.12
C ASN H 280 -64.91 29.82 7.75
N LEU H 281 -64.51 30.64 8.70
CA LEU H 281 -64.42 32.08 8.50
C LEU H 281 -63.64 32.55 7.28
N PHE H 282 -62.70 31.76 6.78
CA PHE H 282 -61.95 32.17 5.61
C PHE H 282 -62.71 32.00 4.30
N SER H 283 -63.75 31.18 4.29
CA SER H 283 -64.60 31.11 3.11
C SER H 283 -65.53 32.30 3.01
N GLY H 284 -65.91 32.69 1.81
CA GLY H 284 -66.78 33.82 1.60
C GLY H 284 -66.94 34.19 0.13
N ASP H 285 -67.26 35.46 -0.07
CA ASP H 285 -67.33 36.05 -1.39
C ASP H 285 -65.93 36.55 -1.79
N LYS H 286 -65.63 37.86 -1.97
CA LYS H 286 -64.27 38.38 -2.23
C LYS H 286 -63.28 37.61 -3.15
N TYR H 287 -61.97 37.90 -3.17
CA TYR H 287 -61.04 37.17 -4.02
C TYR H 287 -60.99 35.66 -3.79
N ALA H 288 -61.20 34.93 -4.87
CA ALA H 288 -61.09 33.47 -4.86
C ALA H 288 -61.80 32.66 -3.76
N GLY H 289 -63.00 33.08 -3.39
CA GLY H 289 -63.79 32.40 -2.35
C GLY H 289 -63.46 32.87 -0.94
N LEU H 290 -62.61 33.88 -0.80
CA LEU H 290 -62.25 34.33 0.52
C LEU H 290 -63.19 35.31 1.20
N SER H 291 -63.19 35.29 2.51
CA SER H 291 -63.94 36.33 3.22
C SER H 291 -63.14 37.63 3.40
N GLU H 292 -63.79 38.72 3.76
CA GLU H 292 -63.10 39.97 4.12
C GLU H 292 -62.21 39.77 5.36
N GLN H 293 -62.68 38.86 6.22
CA GLN H 293 -62.02 38.40 7.45
C GLN H 293 -60.63 37.79 7.14
N ALA H 294 -60.65 36.93 6.13
CA ALA H 294 -59.46 36.28 5.59
C ALA H 294 -58.50 37.29 4.97
N LEU H 295 -59.02 38.22 4.17
CA LEU H 295 -58.19 39.28 3.61
C LEU H 295 -57.47 40.10 4.68
N TYR H 296 -58.12 40.43 5.79
CA TYR H 296 -57.41 41.09 6.88
C TYR H 296 -56.36 40.22 7.56
N TYR H 297 -56.58 38.90 7.64
CA TYR H 297 -55.58 37.96 8.13
C TYR H 297 -54.33 38.08 7.25
N ILE H 298 -54.47 37.95 5.92
CA ILE H 298 -53.36 38.16 4.98
C ILE H 298 -52.69 39.52 5.21
N GLY H 299 -53.47 40.60 5.32
CA GLY H 299 -52.93 41.92 5.64
C GLY H 299 -52.10 41.97 6.92
N GLY H 300 -52.50 41.27 7.97
CA GLY H 300 -51.71 41.19 9.21
C GLY H 300 -50.40 40.43 9.03
N VAL H 301 -50.45 39.28 8.33
CA VAL H 301 -49.24 38.51 8.00
C VAL H 301 -48.29 39.40 7.20
N ILE H 302 -48.74 39.97 6.07
CA ILE H 302 -47.89 40.87 5.28
C ILE H 302 -47.38 42.08 6.08
N LYS H 303 -48.22 42.72 6.89
CA LYS H 303 -47.80 43.81 7.78
C LYS H 303 -46.66 43.41 8.72
N HIS H 304 -46.70 42.19 9.23
CA HIS H 304 -45.67 41.77 10.18
C HIS H 304 -44.66 40.75 9.69
N ALA H 305 -44.69 40.45 8.39
CA ALA H 305 -43.82 39.45 7.78
C ALA H 305 -42.37 39.47 8.22
N LYS H 306 -41.64 40.57 8.18
CA LYS H 306 -40.26 40.54 8.68
C LYS H 306 -40.09 40.15 10.17
N ALA H 307 -41.02 40.47 11.08
CA ALA H 307 -40.91 40.01 12.46
C ALA H 307 -41.24 38.51 12.54
N ILE H 308 -42.22 38.10 11.73
CA ILE H 308 -42.55 36.67 11.61
C ILE H 308 -41.32 35.90 11.10
N ASN H 309 -40.53 36.43 10.12
CA ASN H 309 -39.32 35.76 9.64
C ASN H 309 -38.32 35.39 10.73
N ALA H 310 -38.17 36.23 11.76
CA ALA H 310 -37.30 35.90 12.90
C ALA H 310 -37.69 34.61 13.63
N LEU H 311 -38.95 34.19 13.49
CA LEU H 311 -39.45 32.97 14.12
C LEU H 311 -39.72 31.86 13.08
N ALA H 312 -40.23 32.20 11.89
CA ALA H 312 -40.52 31.26 10.81
C ALA H 312 -39.35 30.88 9.89
N ASN H 313 -38.29 31.69 9.95
CA ASN H 313 -37.03 31.50 9.21
C ASN H 313 -35.82 31.82 10.11
N PRO H 314 -35.60 31.10 11.20
CA PRO H 314 -34.77 31.54 12.32
C PRO H 314 -33.27 31.25 12.20
N THR H 315 -32.83 30.77 11.04
CA THR H 315 -31.43 30.36 10.90
C THR H 315 -30.71 31.22 9.89
N THR H 316 -29.41 31.53 9.98
CA THR H 316 -28.76 32.25 8.86
C THR H 316 -28.97 31.54 7.50
N ASN H 317 -28.91 30.20 7.52
CA ASN H 317 -29.14 29.37 6.33
C ASN H 317 -30.54 29.56 5.70
N SER H 318 -31.52 29.93 6.51
CA SER H 318 -32.87 30.17 6.02
C SER H 318 -32.96 31.15 4.87
N TYR H 319 -32.11 32.17 4.97
CA TYR H 319 -32.07 33.22 3.97
C TYR H 319 -31.31 32.84 2.70
N LYS H 320 -30.53 31.76 2.69
CA LYS H 320 -29.99 31.23 1.45
C LYS H 320 -31.10 30.65 0.56
N ARG H 321 -32.23 30.25 1.18
CA ARG H 321 -33.43 29.78 0.48
C ARG H 321 -34.29 30.96 0.00
N LEU H 322 -34.48 31.90 0.91
CA LEU H 322 -35.24 33.09 0.60
C LEU H 322 -34.44 34.15 -0.17
N VAL H 323 -34.00 33.78 -1.36
CA VAL H 323 -33.33 34.75 -2.21
C VAL H 323 -34.17 34.97 -3.46
N PRO H 324 -34.22 36.18 -4.04
CA PRO H 324 -34.97 36.48 -5.26
C PRO H 324 -35.22 35.49 -6.41
N PRO H 329 -39.89 32.39 -2.83
CA PRO H 329 -41.13 33.06 -2.40
C PRO H 329 -40.88 34.27 -1.51
N VAL H 330 -40.21 35.25 -2.09
CA VAL H 330 -39.89 36.45 -1.32
C VAL H 330 -40.90 37.60 -1.30
N MET H 331 -41.72 37.67 -2.34
CA MET H 331 -42.75 38.70 -2.52
C MET H 331 -43.96 38.64 -1.58
N LEU H 332 -44.09 39.59 -0.66
CA LEU H 332 -45.27 39.69 0.20
C LEU H 332 -46.50 40.16 -0.58
N ALA H 333 -47.13 39.15 -1.14
CA ALA H 333 -48.29 39.34 -1.98
C ALA H 333 -49.18 38.09 -1.95
N TYR H 334 -50.50 38.27 -1.98
CA TYR H 334 -51.36 37.11 -2.13
C TYR H 334 -51.84 36.90 -3.55
N SER H 335 -52.05 35.64 -3.87
CA SER H 335 -52.57 35.26 -5.17
C SER H 335 -53.04 33.82 -5.30
N ALA H 336 -54.04 33.56 -6.15
CA ALA H 336 -54.41 32.19 -6.49
C ALA H 336 -53.57 31.76 -7.71
N ARG H 337 -53.19 32.76 -8.52
CA ARG H 337 -52.27 32.61 -9.66
C ARG H 337 -50.75 32.72 -9.39
N ASN H 338 -50.16 33.86 -8.99
CA ASN H 338 -48.71 33.99 -8.81
C ASN H 338 -47.91 33.11 -7.80
N ARG H 339 -47.40 31.91 -8.11
CA ARG H 339 -46.47 31.18 -7.19
C ARG H 339 -45.08 31.82 -7.38
N SER H 340 -45.02 32.93 -6.66
CA SER H 340 -43.95 33.93 -6.60
C SER H 340 -44.30 34.83 -5.41
N ALA H 341 -45.63 34.93 -5.27
CA ALA H 341 -46.29 35.47 -4.10
C ALA H 341 -46.14 34.49 -2.94
N SER H 342 -45.66 35.02 -1.83
CA SER H 342 -45.49 34.22 -0.62
C SER H 342 -46.80 33.84 0.08
N ILE H 343 -47.92 34.45 -0.31
CA ILE H 343 -49.20 34.06 0.21
C ILE H 343 -50.01 33.47 -0.95
N ARG H 344 -50.14 32.15 -1.01
CA ARG H 344 -50.94 31.50 -2.04
C ARG H 344 -52.35 31.19 -1.50
N ILE H 345 -53.37 31.55 -2.26
CA ILE H 345 -54.74 31.21 -1.89
C ILE H 345 -55.02 29.93 -2.69
N PRO H 346 -55.00 28.74 -2.08
CA PRO H 346 -55.11 27.48 -2.79
C PRO H 346 -56.47 27.39 -3.48
N VAL H 347 -56.47 26.95 -4.73
CA VAL H 347 -57.73 26.76 -5.43
C VAL H 347 -58.31 25.45 -4.90
N VAL H 348 -59.08 25.61 -3.84
CA VAL H 348 -59.74 24.45 -3.25
C VAL H 348 -60.83 23.90 -4.16
N ALA H 349 -61.62 24.76 -4.84
CA ALA H 349 -62.77 24.46 -5.72
C ALA H 349 -63.97 23.82 -5.00
N SER H 350 -63.55 22.85 -4.22
CA SER H 350 -64.25 22.19 -3.14
C SER H 350 -64.71 23.23 -2.08
N PRO H 351 -65.32 22.95 -0.93
CA PRO H 351 -66.38 23.82 -0.42
C PRO H 351 -66.13 25.05 0.46
N LYS H 352 -65.41 24.68 1.50
CA LYS H 352 -65.13 25.49 2.69
C LYS H 352 -63.93 24.93 3.48
N ALA H 353 -63.19 24.13 2.71
CA ALA H 353 -61.78 23.91 2.95
C ALA H 353 -61.00 25.12 2.39
N ARG H 354 -61.64 26.30 2.30
CA ARG H 354 -61.02 27.56 1.95
C ARG H 354 -59.96 27.95 2.98
N ARG H 355 -58.79 28.35 2.51
CA ARG H 355 -57.68 28.64 3.41
C ARG H 355 -56.62 29.51 2.79
N ILE H 356 -55.75 30.08 3.61
CA ILE H 356 -54.60 30.73 3.01
C ILE H 356 -53.36 29.84 3.16
N GLU H 357 -52.40 29.97 2.26
CA GLU H 357 -51.15 29.25 2.40
C GLU H 357 -49.98 30.21 2.48
N VAL H 358 -49.26 30.31 3.59
CA VAL H 358 -48.05 31.13 3.59
C VAL H 358 -46.85 30.25 3.17
N ARG H 359 -46.26 30.54 2.01
CA ARG H 359 -45.15 29.76 1.48
C ARG H 359 -43.75 30.00 2.03
N PHE H 360 -43.51 31.10 2.73
CA PHE H 360 -42.14 31.36 3.17
C PHE H 360 -41.50 30.68 4.37
N PRO H 361 -42.12 30.10 5.42
CA PRO H 361 -41.40 29.53 6.56
C PRO H 361 -40.60 28.27 6.21
N ASP H 362 -39.71 27.79 7.06
CA ASP H 362 -38.98 26.57 6.72
C ASP H 362 -38.81 25.59 7.88
N PRO H 363 -38.54 24.28 7.69
CA PRO H 363 -38.45 23.29 8.75
C PRO H 363 -37.55 23.65 9.93
N ALA H 364 -36.68 24.64 9.80
CA ALA H 364 -35.86 25.02 10.95
C ALA H 364 -36.61 25.77 12.05
N ALA H 365 -37.80 26.27 11.69
CA ALA H 365 -38.61 27.05 12.61
C ALA H 365 -39.17 26.28 13.82
N ASN H 366 -39.21 26.93 14.98
CA ASN H 366 -39.81 26.32 16.16
C ASN H 366 -41.31 26.26 15.93
N PRO H 367 -41.98 25.11 15.75
CA PRO H 367 -43.32 25.08 15.22
C PRO H 367 -44.29 25.81 16.16
N TYR H 368 -44.04 25.78 17.47
CA TYR H 368 -44.87 26.53 18.41
C TYR H 368 -44.73 28.03 18.17
N LEU H 369 -43.54 28.62 18.35
CA LEU H 369 -43.37 30.05 18.11
C LEU H 369 -43.69 30.50 16.68
N CYS H 370 -43.39 29.68 15.66
CA CYS H 370 -43.69 30.03 14.27
C CYS H 370 -45.20 30.14 14.06
N PHE H 371 -45.95 29.12 14.50
CA PHE H 371 -47.40 29.16 14.37
C PHE H 371 -48.05 30.22 15.25
N ALA H 372 -47.62 30.37 16.51
CA ALA H 372 -48.10 31.46 17.36
C ALA H 372 -47.91 32.80 16.68
N ALA H 373 -46.71 33.14 16.21
CA ALA H 373 -46.50 34.39 15.47
C ALA H 373 -47.33 34.50 14.18
N LEU H 374 -47.50 33.48 13.31
CA LEU H 374 -48.42 33.62 12.17
C LEU H 374 -49.84 33.97 12.63
N LEU H 375 -50.35 33.28 13.67
CA LEU H 375 -51.69 33.52 14.21
C LEU H 375 -51.80 34.95 14.76
N MET H 376 -51.00 35.34 15.75
CA MET H 376 -51.00 36.70 16.28
C MET H 376 -50.91 37.78 15.20
N ALA H 377 -50.10 37.60 14.14
CA ALA H 377 -50.08 38.58 13.04
C ALA H 377 -51.40 38.65 12.29
N GLY H 378 -51.93 37.46 11.98
CA GLY H 378 -53.21 37.35 11.29
C GLY H 378 -54.38 37.96 12.05
N LEU H 379 -54.44 37.77 13.37
CA LEU H 379 -55.47 38.40 14.19
C LEU H 379 -55.28 39.90 14.15
N ASP H 380 -54.10 40.46 14.46
CA ASP H 380 -53.86 41.90 14.33
C ASP H 380 -54.32 42.51 12.99
N GLY H 381 -54.31 41.74 11.91
CA GLY H 381 -54.90 42.20 10.65
C GLY H 381 -56.41 42.40 10.75
N ILE H 382 -57.11 41.33 11.13
CA ILE H 382 -58.55 41.31 11.40
C ILE H 382 -58.93 42.44 12.37
N LYS H 383 -58.32 42.38 13.54
CA LYS H 383 -58.50 43.36 14.61
C LYS H 383 -58.35 44.85 14.25
N ASN H 384 -57.57 45.14 13.20
CA ASN H 384 -57.40 46.51 12.71
C ASN H 384 -57.77 46.68 11.23
N LYS H 385 -58.63 45.84 10.64
CA LYS H 385 -59.04 45.95 9.23
C LYS H 385 -57.89 46.20 8.22
N ILE H 386 -56.69 45.70 8.53
CA ILE H 386 -55.48 45.88 7.70
C ILE H 386 -55.69 45.21 6.35
N HIS H 387 -56.31 45.97 5.45
CA HIS H 387 -56.67 45.42 4.16
C HIS H 387 -55.47 45.11 3.26
N PRO H 388 -55.29 43.86 2.84
CA PRO H 388 -54.11 43.38 2.14
C PRO H 388 -53.77 44.15 0.85
N GLY H 389 -54.69 44.24 -0.10
CA GLY H 389 -54.44 45.06 -1.29
C GLY H 389 -55.08 44.45 -2.51
N GLU H 390 -54.24 44.13 -3.47
CA GLU H 390 -54.67 43.47 -4.71
C GLU H 390 -53.73 42.34 -5.08
N PRO H 391 -54.24 41.24 -5.64
CA PRO H 391 -53.42 40.09 -6.02
C PRO H 391 -52.46 40.24 -7.19
N MET H 392 -51.18 40.01 -6.93
CA MET H 392 -50.23 39.89 -8.04
C MET H 392 -50.56 38.60 -8.79
N ASP H 393 -50.87 38.60 -10.08
CA ASP H 393 -51.18 37.34 -10.77
C ASP H 393 -50.36 36.99 -12.00
N ILE H 407 -43.49 46.61 -4.32
CA ILE H 407 -43.97 45.34 -3.78
C ILE H 407 -43.06 44.74 -2.69
N PRO H 408 -43.50 44.70 -1.42
CA PRO H 408 -42.66 44.42 -0.28
C PRO H 408 -42.20 42.96 -0.14
N GLN H 409 -41.04 42.75 0.46
CA GLN H 409 -40.47 41.42 0.58
C GLN H 409 -40.16 40.99 2.00
N VAL H 410 -40.01 39.68 2.18
CA VAL H 410 -39.57 39.10 3.45
C VAL H 410 -38.21 39.62 3.92
N ALA H 411 -37.85 39.52 5.19
CA ALA H 411 -36.51 39.92 5.63
C ALA H 411 -35.42 39.27 4.79
N GLY H 412 -34.46 40.06 4.33
CA GLY H 412 -33.36 39.54 3.52
C GLY H 412 -32.23 38.87 4.30
N SER H 413 -32.34 38.83 5.62
CA SER H 413 -31.32 38.18 6.44
C SER H 413 -31.81 37.97 7.86
N LEU H 414 -31.17 37.08 8.60
CA LEU H 414 -31.54 36.88 10.00
C LEU H 414 -31.37 38.16 10.81
N GLU H 415 -30.30 38.94 10.59
CA GLU H 415 -30.10 40.19 11.33
C GLU H 415 -31.25 41.16 11.14
N GLU H 416 -31.68 41.25 9.88
CA GLU H 416 -32.84 42.04 9.52
C GLU H 416 -34.08 41.55 10.25
N ALA H 417 -34.39 40.27 10.07
CA ALA H 417 -35.51 39.64 10.76
C ALA H 417 -35.48 39.86 12.27
N LEU H 418 -34.33 39.66 12.93
CA LEU H 418 -34.21 39.92 14.37
C LEU H 418 -34.48 41.39 14.70
N ASN H 419 -33.91 42.38 13.98
CA ASN H 419 -34.21 43.80 14.22
C ASN H 419 -35.71 44.09 14.14
N ALA H 420 -36.29 43.56 13.08
CA ALA H 420 -37.72 43.64 12.82
C ALA H 420 -38.56 43.04 13.95
N LEU H 421 -38.28 41.83 14.45
CA LEU H 421 -39.01 41.29 15.61
C LEU H 421 -38.84 42.22 16.81
N ASP H 422 -37.61 42.66 17.06
CA ASP H 422 -37.34 43.61 18.14
C ASP H 422 -38.17 44.91 18.10
N LEU H 423 -38.39 45.47 16.91
CA LEU H 423 -39.20 46.67 16.78
C LEU H 423 -40.71 46.47 16.63
N ASP H 424 -41.10 45.39 15.94
CA ASP H 424 -42.51 45.07 15.70
C ASP H 424 -43.07 44.09 16.74
N ARG H 425 -42.50 44.23 17.91
CA ARG H 425 -42.79 43.47 19.11
C ARG H 425 -44.22 43.47 19.65
N GLU H 426 -44.96 44.55 19.41
CA GLU H 426 -46.32 44.69 19.95
C GLU H 426 -47.38 43.63 19.67
N PHE H 427 -47.56 43.26 18.41
CA PHE H 427 -48.58 42.27 18.06
C PHE H 427 -48.30 40.90 18.69
N LEU H 428 -47.04 40.56 18.97
CA LEU H 428 -46.78 39.33 19.69
C LEU H 428 -47.18 39.44 21.16
N LYS H 429 -47.00 40.60 21.81
CA LYS H 429 -47.32 40.76 23.25
C LYS H 429 -48.81 40.79 23.65
N ALA H 430 -49.68 40.94 22.64
CA ALA H 430 -51.13 40.92 22.84
C ALA H 430 -51.66 39.76 23.66
N GLY H 431 -52.36 40.13 24.71
CA GLY H 431 -52.92 39.18 25.65
C GLY H 431 -51.89 38.30 26.36
N GLY H 432 -50.63 38.72 26.50
CA GLY H 432 -49.67 37.94 27.30
C GLY H 432 -49.02 36.76 26.58
N VAL H 433 -49.44 36.50 25.33
CA VAL H 433 -48.81 35.52 24.45
C VAL H 433 -47.40 36.10 24.29
N PHE H 434 -46.22 35.58 24.66
CA PHE H 434 -44.95 36.32 24.48
C PHE H 434 -44.70 37.58 25.32
N THR H 435 -43.83 37.41 26.29
CA THR H 435 -43.38 38.56 27.08
C THR H 435 -42.19 39.24 26.43
N ASP H 436 -41.85 40.46 26.86
CA ASP H 436 -40.59 41.06 26.44
C ASP H 436 -39.36 40.23 26.79
N GLU H 437 -39.25 39.62 27.97
CA GLU H 437 -38.10 38.77 28.32
C GLU H 437 -37.97 37.62 27.33
N ALA H 438 -39.11 37.00 27.02
CA ALA H 438 -39.22 35.93 26.04
C ALA H 438 -38.68 36.39 24.67
N ILE H 439 -39.20 37.51 24.14
CA ILE H 439 -38.70 38.04 22.87
C ILE H 439 -37.23 38.43 22.93
N ASP H 440 -36.80 39.18 23.94
CA ASP H 440 -35.39 39.52 24.11
C ASP H 440 -34.43 38.33 24.22
N ALA H 441 -34.76 37.27 24.96
CA ALA H 441 -33.89 36.10 25.08
C ALA H 441 -33.75 35.33 23.79
N TYR H 442 -34.89 35.27 23.07
CA TYR H 442 -34.92 34.69 21.73
C TYR H 442 -33.94 35.42 20.83
N ILE H 443 -34.11 36.75 20.66
CA ILE H 443 -33.19 37.50 19.81
C ILE H 443 -31.73 37.30 20.23
N ALA H 444 -31.44 37.31 21.54
CA ALA H 444 -30.11 37.00 22.07
C ALA H 444 -29.55 35.67 21.56
N LEU H 445 -30.33 34.59 21.63
CA LEU H 445 -29.88 33.31 21.06
C LEU H 445 -29.61 33.45 19.57
N ARG H 446 -30.62 33.83 18.78
CA ARG H 446 -30.40 33.98 17.35
C ARG H 446 -29.25 34.91 16.92
N ARG H 447 -28.88 35.91 17.75
CA ARG H 447 -27.75 36.77 17.43
C ARG H 447 -26.40 36.10 17.54
N GLU H 448 -26.18 35.33 18.60
CA GLU H 448 -24.94 34.57 18.82
C GLU H 448 -24.60 33.69 17.60
N GLU H 449 -25.67 33.11 17.07
CA GLU H 449 -25.61 32.28 15.89
C GLU H 449 -25.26 33.10 14.67
N ASP H 450 -26.01 34.19 14.44
CA ASP H 450 -25.71 35.08 13.33
C ASP H 450 -24.25 35.57 13.36
N ASP H 451 -23.72 35.97 14.53
CA ASP H 451 -22.32 36.35 14.66
C ASP H 451 -21.28 35.33 14.23
N ARG H 452 -21.42 34.08 14.68
CA ARG H 452 -20.48 33.02 14.30
C ARG H 452 -20.43 32.86 12.78
N VAL H 453 -21.61 32.86 12.16
CA VAL H 453 -21.67 32.82 10.70
C VAL H 453 -21.09 34.11 10.07
N ARG H 454 -21.26 35.31 10.67
CA ARG H 454 -20.76 36.58 10.15
C ARG H 454 -19.22 36.77 10.22
N MET H 455 -18.63 36.28 11.30
CA MET H 455 -17.19 36.42 11.58
C MET H 455 -16.28 35.32 11.05
N THR H 456 -16.86 34.19 10.63
CA THR H 456 -16.06 33.10 10.08
C THR H 456 -15.90 33.25 8.58
N PRO H 457 -14.70 33.40 8.00
CA PRO H 457 -14.51 33.45 6.56
C PRO H 457 -15.08 32.26 5.80
N HIS H 458 -15.78 32.64 4.75
CA HIS H 458 -16.49 31.69 3.90
C HIS H 458 -15.57 31.14 2.83
N PRO H 459 -15.60 29.84 2.49
CA PRO H 459 -14.90 29.33 1.32
C PRO H 459 -15.05 30.11 0.02
N VAL H 460 -16.21 30.49 -0.57
CA VAL H 460 -16.15 31.27 -1.81
C VAL H 460 -15.45 32.65 -1.69
N GLU H 461 -15.20 33.17 -0.47
CA GLU H 461 -14.41 34.39 -0.33
C GLU H 461 -12.97 34.08 -0.76
N PHE H 462 -12.40 32.90 -0.51
CA PHE H 462 -11.07 32.60 -1.03
C PHE H 462 -11.10 32.52 -2.55
N GLU H 463 -12.20 32.01 -3.08
CA GLU H 463 -12.40 31.94 -4.54
C GLU H 463 -12.42 33.33 -5.20
N LEU H 464 -13.08 34.23 -4.49
CA LEU H 464 -13.28 35.62 -4.89
C LEU H 464 -12.11 36.58 -4.65
N TYR H 465 -11.53 36.44 -3.48
CA TYR H 465 -10.56 37.40 -2.98
C TYR H 465 -9.15 36.92 -2.65
N TYR H 466 -8.75 35.65 -2.81
CA TYR H 466 -7.38 35.28 -2.46
C TYR H 466 -6.33 36.00 -3.31
N SER H 467 -6.57 36.10 -4.61
CA SER H 467 -5.60 36.79 -5.46
C SER H 467 -5.75 38.29 -5.56
N VAL H 468 -6.34 38.86 -4.50
CA VAL H 468 -6.43 40.30 -4.39
C VAL H 468 -4.99 40.83 -4.10
N SER I 1 -63.49 -0.73 -12.48
CA SER I 1 -64.40 0.21 -11.81
C SER I 1 -63.91 0.65 -10.43
N ALA I 2 -64.36 1.78 -9.86
CA ALA I 2 -64.04 2.18 -8.48
C ALA I 2 -64.28 1.04 -7.48
N GLU I 3 -65.49 0.49 -7.55
CA GLU I 3 -65.94 -0.68 -6.78
C GLU I 3 -64.92 -1.82 -6.68
N HIS I 4 -64.37 -2.18 -7.84
CA HIS I 4 -63.33 -3.19 -7.97
C HIS I 4 -62.01 -2.81 -7.28
N VAL I 5 -61.58 -1.56 -7.46
CA VAL I 5 -60.36 -1.09 -6.82
C VAL I 5 -60.54 -1.17 -5.29
N LEU I 6 -61.69 -0.66 -4.83
CA LEU I 6 -62.07 -0.71 -3.43
C LEU I 6 -62.09 -2.10 -2.83
N THR I 7 -62.45 -3.15 -3.59
CA THR I 7 -62.34 -4.50 -3.01
C THR I 7 -60.88 -4.92 -2.96
N MET I 8 -60.08 -4.73 -4.02
CA MET I 8 -58.65 -5.09 -4.02
C MET I 8 -57.86 -4.58 -2.82
N LEU I 9 -58.22 -3.35 -2.43
CA LEU I 9 -57.68 -2.73 -1.24
C LEU I 9 -57.80 -3.62 0.00
N ASN I 10 -59.00 -4.18 0.26
CA ASN I 10 -59.19 -5.14 1.35
C ASN I 10 -58.65 -6.54 1.07
N GLU I 11 -58.91 -6.99 -0.16
CA GLU I 11 -58.52 -8.28 -0.73
C GLU I 11 -56.99 -8.51 -0.79
N HIS I 12 -56.26 -7.42 -0.66
CA HIS I 12 -54.81 -7.46 -0.63
C HIS I 12 -54.14 -6.74 0.54
N GLU I 13 -54.91 -6.27 1.52
CA GLU I 13 -54.40 -5.47 2.66
C GLU I 13 -53.40 -4.39 2.23
N VAL I 14 -53.83 -3.75 1.15
CA VAL I 14 -53.11 -2.69 0.49
C VAL I 14 -52.88 -1.52 1.45
N LYS I 15 -51.62 -1.20 1.78
CA LYS I 15 -51.32 -0.07 2.65
C LYS I 15 -51.23 1.29 1.98
N PHE I 16 -50.86 1.25 0.71
CA PHE I 16 -50.68 2.45 -0.10
C PHE I 16 -51.15 2.32 -1.55
N VAL I 17 -51.51 3.45 -2.12
CA VAL I 17 -51.86 3.53 -3.54
C VAL I 17 -50.86 4.49 -4.21
N ASP I 18 -50.26 4.02 -5.30
CA ASP I 18 -49.30 4.77 -6.06
C ASP I 18 -49.92 5.38 -7.31
N LEU I 19 -50.16 6.69 -7.27
CA LEU I 19 -50.66 7.37 -8.44
C LEU I 19 -49.53 7.58 -9.44
N ARG I 20 -49.68 7.01 -10.64
CA ARG I 20 -48.67 7.18 -11.67
C ARG I 20 -49.10 7.86 -12.96
N PHE I 21 -48.21 8.62 -13.57
CA PHE I 21 -48.48 9.23 -14.86
C PHE I 21 -47.20 9.40 -15.71
N THR I 22 -47.29 9.61 -17.01
CA THR I 22 -46.10 9.80 -17.84
C THR I 22 -45.97 11.26 -18.23
N ASP I 23 -44.75 11.78 -18.29
CA ASP I 23 -44.57 13.15 -18.74
C ASP I 23 -44.30 13.29 -20.24
N THR I 24 -44.00 14.50 -20.73
CA THR I 24 -43.76 14.69 -22.16
C THR I 24 -42.56 13.91 -22.69
N LYS I 25 -41.48 13.92 -21.93
CA LYS I 25 -40.32 13.11 -22.29
C LYS I 25 -40.56 11.61 -22.28
N GLY I 26 -41.59 11.14 -21.56
CA GLY I 26 -41.88 9.71 -21.50
C GLY I 26 -41.60 8.99 -20.17
N LYS I 27 -41.01 9.70 -19.20
CA LYS I 27 -40.76 9.13 -17.89
C LYS I 27 -41.98 9.09 -16.98
N GLU I 28 -42.21 7.89 -16.49
CA GLU I 28 -43.23 7.65 -15.49
C GLU I 28 -42.85 8.30 -14.15
N GLN I 29 -43.78 9.15 -13.81
CA GLN I 29 -43.84 9.86 -12.56
C GLN I 29 -44.77 9.15 -11.60
N HIS I 30 -44.64 9.42 -10.32
CA HIS I 30 -45.53 8.86 -9.33
C HIS I 30 -45.60 9.66 -8.02
N VAL I 31 -46.74 9.58 -7.36
CA VAL I 31 -46.97 10.15 -6.04
C VAL I 31 -47.80 9.12 -5.23
N THR I 32 -47.58 9.00 -3.93
CA THR I 32 -48.19 7.92 -3.12
C THR I 32 -49.14 8.44 -2.05
N ILE I 33 -50.30 7.81 -2.04
CA ILE I 33 -51.40 8.07 -1.14
C ILE I 33 -51.56 6.87 -0.18
N PRO I 34 -51.87 7.03 1.11
CA PRO I 34 -52.24 5.93 1.99
C PRO I 34 -53.55 5.33 1.48
N ALA I 35 -53.73 4.00 1.46
CA ALA I 35 -54.97 3.39 0.95
C ALA I 35 -56.23 3.99 1.55
N HIS I 36 -56.16 4.33 2.83
CA HIS I 36 -57.25 5.03 3.50
C HIS I 36 -57.64 6.42 2.94
N GLN I 37 -57.16 6.85 1.77
CA GLN I 37 -57.60 8.11 1.14
C GLN I 37 -58.34 7.81 -0.17
N VAL I 38 -58.38 6.53 -0.50
CA VAL I 38 -59.10 6.09 -1.66
C VAL I 38 -60.52 5.78 -1.18
N ASN I 39 -61.44 6.59 -1.71
CA ASN I 39 -62.86 6.48 -1.45
C ASN I 39 -63.62 7.22 -2.56
N ALA I 40 -64.90 6.99 -2.80
CA ALA I 40 -65.73 7.71 -3.80
C ALA I 40 -65.21 9.02 -4.42
N GLU I 41 -65.10 10.08 -3.59
CA GLU I 41 -64.53 11.40 -3.92
C GLU I 41 -63.30 11.37 -4.81
N PHE I 42 -62.35 10.50 -4.46
CA PHE I 42 -61.12 10.27 -5.18
C PHE I 42 -61.39 9.88 -6.63
N PHE I 43 -62.00 8.73 -6.91
CA PHE I 43 -62.30 8.36 -8.30
C PHE I 43 -63.25 9.30 -9.05
N GLU I 44 -63.92 10.18 -8.32
CA GLU I 44 -64.88 11.14 -8.85
C GLU I 44 -64.19 12.44 -9.32
N GLU I 45 -63.59 13.11 -8.35
CA GLU I 45 -62.91 14.38 -8.53
C GLU I 45 -61.37 14.44 -8.53
N GLY I 46 -60.71 13.28 -8.64
CA GLY I 46 -59.25 13.18 -8.65
C GLY I 46 -58.45 13.75 -7.47
N LYS I 47 -57.13 13.86 -7.64
CA LYS I 47 -56.27 14.50 -6.64
C LYS I 47 -55.44 15.60 -7.29
N MET I 48 -55.45 16.78 -6.68
CA MET I 48 -54.70 17.93 -7.17
C MET I 48 -53.19 17.81 -6.94
N PHE I 49 -52.38 18.24 -7.89
CA PHE I 49 -50.94 18.29 -7.68
C PHE I 49 -50.32 19.50 -8.36
N ASP I 50 -49.11 19.86 -7.98
CA ASP I 50 -48.45 20.90 -8.74
C ASP I 50 -47.75 20.38 -9.99
N GLY I 51 -48.53 20.51 -11.06
CA GLY I 51 -48.08 20.18 -12.40
C GLY I 51 -46.92 21.04 -12.89
N SER I 52 -46.79 22.26 -12.33
CA SER I 52 -45.73 23.21 -12.67
C SER I 52 -44.29 22.72 -12.75
N SER I 53 -43.84 21.93 -11.79
CA SER I 53 -42.47 21.43 -11.85
C SER I 53 -42.27 20.17 -12.70
N ILE I 54 -43.31 19.73 -13.41
CA ILE I 54 -43.13 18.68 -14.39
C ILE I 54 -42.62 19.36 -15.67
N GLY I 55 -41.52 18.83 -16.17
CA GLY I 55 -40.88 19.33 -17.37
C GLY I 55 -41.77 19.44 -18.62
N GLY I 56 -41.97 20.69 -19.03
CA GLY I 56 -42.74 21.02 -20.23
C GLY I 56 -44.24 21.22 -20.03
N TRP I 57 -44.66 21.44 -18.78
CA TRP I 57 -46.07 21.62 -18.43
C TRP I 57 -46.55 22.96 -17.86
N ASP I 64 -51.09 24.27 -10.61
CA ASP I 64 -51.94 23.16 -10.18
C ASP I 64 -52.84 22.50 -11.21
N MET I 65 -52.83 21.17 -11.14
CA MET I 65 -53.57 20.32 -12.08
C MET I 65 -54.21 19.13 -11.36
N VAL I 66 -55.09 18.39 -12.02
CA VAL I 66 -55.68 17.25 -11.36
C VAL I 66 -55.36 15.86 -11.96
N LEU I 67 -54.91 14.99 -11.07
CA LEU I 67 -54.67 13.59 -11.37
C LEU I 67 -55.98 12.80 -11.28
N MET I 68 -56.44 12.31 -12.41
CA MET I 68 -57.68 11.54 -12.44
C MET I 68 -57.43 10.03 -12.53
N PRO I 69 -57.59 9.29 -11.43
CA PRO I 69 -57.31 7.86 -11.39
C PRO I 69 -58.09 7.05 -12.43
N ASP I 70 -57.44 6.27 -13.29
CA ASP I 70 -58.20 5.40 -14.18
C ASP I 70 -58.28 4.04 -13.51
N ALA I 71 -59.40 3.77 -12.84
CA ALA I 71 -59.55 2.52 -12.09
C ALA I 71 -59.44 1.21 -12.87
N SER I 72 -59.47 1.27 -14.20
CA SER I 72 -59.29 0.08 -15.03
C SER I 72 -57.85 -0.42 -14.95
N THR I 73 -56.93 0.52 -14.68
CA THR I 73 -55.48 0.25 -14.59
C THR I 73 -54.91 -0.29 -13.29
N ALA I 74 -55.70 -0.61 -12.26
CA ALA I 74 -55.11 -1.03 -11.00
C ALA I 74 -54.33 -2.33 -11.01
N VAL I 75 -53.08 -2.19 -10.60
CA VAL I 75 -52.17 -3.34 -10.48
C VAL I 75 -51.44 -3.33 -9.13
N ILE I 76 -51.19 -4.47 -8.54
CA ILE I 76 -50.40 -4.48 -7.31
C ILE I 76 -48.90 -4.39 -7.69
N ASP I 77 -48.12 -3.55 -7.02
CA ASP I 77 -46.70 -3.36 -7.32
C ASP I 77 -45.83 -4.53 -6.89
N PRO I 78 -45.11 -5.27 -7.75
CA PRO I 78 -44.39 -6.47 -7.34
C PRO I 78 -43.12 -6.25 -6.52
N PHE I 79 -42.78 -4.98 -6.34
CA PHE I 79 -41.51 -4.64 -5.72
C PHE I 79 -41.56 -3.85 -4.41
N PHE I 80 -42.47 -2.88 -4.20
CA PHE I 80 -42.41 -2.07 -2.98
C PHE I 80 -42.54 -2.92 -1.70
N ALA I 81 -41.86 -2.62 -0.58
CA ALA I 81 -42.00 -3.46 0.60
C ALA I 81 -43.39 -3.57 1.26
N ASP I 82 -44.15 -2.48 1.22
CA ASP I 82 -45.49 -2.45 1.80
C ASP I 82 -46.51 -2.62 0.68
N SER I 83 -47.62 -3.28 0.96
CA SER I 83 -48.60 -3.54 -0.09
C SER I 83 -49.17 -2.33 -0.81
N THR I 84 -48.79 -2.23 -2.08
CA THR I 84 -49.20 -1.07 -2.86
C THR I 84 -49.94 -1.34 -4.16
N LEU I 85 -51.03 -0.61 -4.34
CA LEU I 85 -51.79 -0.74 -5.55
C LEU I 85 -51.44 0.46 -6.43
N ILE I 86 -50.91 0.20 -7.62
CA ILE I 86 -50.62 1.20 -8.65
C ILE I 86 -51.91 1.54 -9.40
N ILE I 87 -52.20 2.82 -9.55
CA ILE I 87 -53.31 3.25 -10.38
C ILE I 87 -52.77 4.31 -11.35
N ARG I 88 -52.83 4.02 -12.65
CA ARG I 88 -52.43 5.00 -13.66
C ARG I 88 -53.42 6.16 -13.70
N CYS I 89 -52.96 7.37 -13.98
CA CYS I 89 -53.83 8.54 -14.00
C CYS I 89 -53.85 9.36 -15.29
N ASP I 90 -54.88 10.17 -15.50
CA ASP I 90 -54.77 11.14 -16.57
C ASP I 90 -54.68 12.52 -15.96
N ILE I 91 -53.94 13.39 -16.62
CA ILE I 91 -53.80 14.77 -16.16
C ILE I 91 -54.92 15.60 -16.74
N LEU I 92 -55.82 16.04 -15.88
CA LEU I 92 -56.89 16.88 -16.34
C LEU I 92 -56.70 18.32 -15.92
N GLU I 93 -57.30 19.13 -16.78
CA GLU I 93 -57.39 20.56 -16.58
C GLU I 93 -58.40 20.81 -15.45
N PRO I 94 -58.03 21.48 -14.36
CA PRO I 94 -58.76 21.43 -13.09
C PRO I 94 -60.14 22.11 -13.08
N GLY I 95 -61.09 21.55 -12.33
CA GLY I 95 -62.46 22.06 -12.29
C GLY I 95 -63.23 21.72 -13.57
N THR I 96 -62.79 22.35 -14.65
CA THR I 96 -63.25 22.14 -16.02
C THR I 96 -63.14 20.71 -16.56
N LEU I 97 -62.20 19.97 -15.96
CA LEU I 97 -61.96 18.54 -16.12
C LEU I 97 -61.90 17.84 -17.47
N GLN I 98 -61.20 18.47 -18.40
CA GLN I 98 -61.13 17.96 -19.77
C GLN I 98 -59.88 17.17 -20.13
N GLY I 99 -58.73 17.47 -19.54
CA GLY I 99 -57.54 16.71 -19.90
C GLY I 99 -56.53 17.53 -20.68
N TYR I 100 -55.45 17.77 -19.96
CA TYR I 100 -54.33 18.58 -20.41
C TYR I 100 -53.91 18.36 -21.85
N ASP I 101 -53.92 19.30 -22.79
CA ASP I 101 -53.56 18.95 -24.17
C ASP I 101 -52.08 18.68 -24.58
N ARG I 102 -51.37 18.58 -23.47
CA ARG I 102 -49.96 18.35 -23.29
C ARG I 102 -49.68 17.02 -22.55
N ASP I 103 -50.73 16.43 -21.97
CA ASP I 103 -50.62 15.13 -21.31
C ASP I 103 -50.56 14.04 -22.38
N PRO I 104 -49.46 13.31 -22.54
CA PRO I 104 -49.33 12.27 -23.54
C PRO I 104 -50.38 11.17 -23.48
N ARG I 105 -50.89 10.76 -22.30
CA ARG I 105 -51.94 9.74 -22.28
C ARG I 105 -53.20 10.28 -22.96
N SER I 106 -53.62 11.48 -22.58
CA SER I 106 -54.75 12.14 -23.23
C SER I 106 -54.62 12.17 -24.74
N ILE I 107 -53.49 12.67 -25.25
CA ILE I 107 -53.20 12.64 -26.69
C ILE I 107 -53.37 11.25 -27.29
N ALA I 108 -52.90 10.18 -26.65
CA ALA I 108 -53.10 8.83 -27.19
C ALA I 108 -54.58 8.47 -27.28
N LYS I 109 -55.33 8.75 -26.21
CA LYS I 109 -56.77 8.49 -26.18
C LYS I 109 -57.50 9.27 -27.28
N ARG I 110 -57.15 10.54 -27.47
CA ARG I 110 -57.69 11.35 -28.56
C ARG I 110 -57.41 10.76 -29.92
N ALA I 111 -56.18 10.30 -30.18
CA ALA I 111 -55.88 9.63 -31.44
C ALA I 111 -56.74 8.39 -31.68
N GLU I 112 -57.05 7.62 -30.63
CA GLU I 112 -57.95 6.47 -30.77
C GLU I 112 -59.38 6.89 -31.12
N ASP I 113 -59.95 7.87 -30.39
CA ASP I 113 -61.27 8.39 -30.71
C ASP I 113 -61.37 9.02 -32.10
N TYR I 114 -60.39 9.83 -32.50
CA TYR I 114 -60.34 10.34 -33.86
C TYR I 114 -60.37 9.21 -34.89
N LEU I 115 -59.68 8.09 -34.67
CA LEU I 115 -59.74 6.95 -35.58
C LEU I 115 -61.20 6.45 -35.74
N ARG I 116 -61.88 6.35 -34.60
CA ARG I 116 -63.29 5.98 -34.55
C ARG I 116 -64.20 6.97 -35.30
N ALA I 117 -64.02 8.26 -35.02
CA ALA I 117 -64.76 9.33 -35.68
C ALA I 117 -64.54 9.38 -37.20
N THR I 118 -63.37 8.96 -37.68
CA THR I 118 -63.19 8.87 -39.13
C THR I 118 -63.84 7.62 -39.73
N GLY I 119 -64.26 6.68 -38.89
CA GLY I 119 -64.87 5.45 -39.35
C GLY I 119 -63.96 4.56 -40.20
N ILE I 120 -62.66 4.87 -40.29
CA ILE I 120 -61.75 4.05 -41.09
C ILE I 120 -61.58 2.67 -40.45
N ALA I 121 -61.64 2.63 -39.12
CA ALA I 121 -61.68 1.38 -38.37
C ALA I 121 -62.12 1.66 -36.92
N ASP I 122 -62.40 0.62 -36.13
CA ASP I 122 -62.76 0.81 -34.72
C ASP I 122 -61.56 0.75 -33.79
N THR I 123 -60.58 -0.07 -34.15
CA THR I 123 -59.41 -0.21 -33.30
C THR I 123 -58.05 -0.20 -33.98
N VAL I 124 -57.07 0.39 -33.28
CA VAL I 124 -55.67 0.34 -33.70
C VAL I 124 -54.90 -0.65 -32.84
N LEU I 125 -54.23 -1.58 -33.48
CA LEU I 125 -53.40 -2.49 -32.74
C LEU I 125 -51.89 -2.27 -32.90
N PHE I 126 -51.25 -2.09 -31.74
CA PHE I 126 -49.82 -1.91 -31.66
C PHE I 126 -49.08 -3.00 -30.93
N GLY I 127 -47.94 -3.32 -31.52
CA GLY I 127 -47.05 -4.32 -30.97
C GLY I 127 -45.58 -3.88 -31.01
N PRO I 128 -45.11 -3.18 -29.99
CA PRO I 128 -43.78 -2.62 -29.91
C PRO I 128 -42.77 -3.73 -29.56
N GLU I 129 -41.60 -3.81 -30.17
CA GLU I 129 -40.61 -4.82 -29.79
C GLU I 129 -39.42 -4.10 -29.09
N PRO I 130 -39.51 -3.59 -27.83
CA PRO I 130 -38.47 -2.83 -27.15
C PRO I 130 -37.27 -3.67 -26.77
N GLU I 131 -36.06 -3.20 -27.11
CA GLU I 131 -34.87 -3.91 -26.65
C GLU I 131 -34.18 -3.16 -25.54
N PHE I 132 -33.45 -3.86 -24.70
CA PHE I 132 -32.73 -3.17 -23.63
C PHE I 132 -31.32 -3.71 -23.41
N PHE I 133 -30.53 -2.95 -22.67
CA PHE I 133 -29.23 -3.44 -22.23
C PHE I 133 -29.20 -3.62 -20.72
N LEU I 134 -28.49 -4.65 -20.34
CA LEU I 134 -28.38 -5.03 -18.95
C LEU I 134 -26.90 -4.97 -18.52
N PHE I 135 -26.45 -3.83 -18.02
CA PHE I 135 -25.06 -3.64 -17.62
C PHE I 135 -24.78 -3.84 -16.11
N ASP I 136 -23.52 -4.03 -15.63
CA ASP I 136 -23.23 -4.08 -14.19
C ASP I 136 -22.84 -2.74 -13.59
N ASP I 137 -22.19 -1.92 -14.41
CA ASP I 137 -21.66 -0.67 -13.97
C ASP I 137 -21.69 0.35 -15.10
N ILE I 138 -22.23 1.51 -14.82
CA ILE I 138 -22.24 2.57 -15.80
C ILE I 138 -21.79 3.85 -15.08
N ARG I 139 -20.69 4.41 -15.56
CA ARG I 139 -20.18 5.65 -15.02
C ARG I 139 -20.06 6.66 -16.12
N PHE I 140 -20.41 7.89 -15.85
CA PHE I 140 -20.22 8.94 -16.82
C PHE I 140 -20.22 10.32 -16.16
N GLY I 141 -19.75 11.31 -16.87
CA GLY I 141 -19.71 12.66 -16.33
C GLY I 141 -19.14 13.64 -17.33
N ALA I 142 -19.54 14.88 -17.19
CA ALA I 142 -19.04 15.98 -18.00
C ALA I 142 -18.82 17.15 -17.01
N SER I 143 -17.71 17.84 -17.21
CA SER I 143 -17.21 18.94 -16.37
C SER I 143 -16.44 19.88 -17.29
N ILE I 144 -16.09 21.12 -16.90
CA ILE I 144 -15.25 21.98 -17.75
C ILE I 144 -13.97 21.31 -18.26
N SER I 145 -13.27 20.59 -17.37
CA SER I 145 -11.98 19.96 -17.66
C SER I 145 -12.07 18.64 -18.38
N GLY I 146 -13.26 18.20 -18.74
CA GLY I 146 -13.40 16.94 -19.47
C GLY I 146 -14.77 16.23 -19.40
N SER I 147 -14.82 15.05 -20.01
CA SER I 147 -16.03 14.27 -19.98
C SER I 147 -15.74 12.81 -20.25
N HIS I 148 -16.63 11.91 -19.81
CA HIS I 148 -16.43 10.48 -19.97
C HIS I 148 -17.68 9.65 -19.79
N VAL I 149 -17.63 8.46 -20.35
CA VAL I 149 -18.60 7.41 -20.06
C VAL I 149 -17.83 6.09 -20.09
N ALA I 150 -18.19 5.25 -19.15
CA ALA I 150 -17.55 3.97 -18.92
C ALA I 150 -18.63 2.91 -18.72
N ILE I 151 -18.75 1.98 -19.65
CA ILE I 151 -19.73 0.91 -19.57
C ILE I 151 -19.06 -0.38 -19.12
N ASP I 152 -19.69 -1.06 -18.19
CA ASP I 152 -19.18 -2.36 -17.86
C ASP I 152 -20.23 -3.38 -17.47
N ASP I 153 -19.96 -4.54 -18.07
CA ASP I 153 -20.74 -5.73 -17.83
C ASP I 153 -19.91 -6.98 -18.03
N ILE I 154 -20.24 -7.97 -17.21
CA ILE I 154 -19.60 -9.28 -17.20
C ILE I 154 -19.55 -9.96 -18.56
N GLU I 155 -20.56 -9.72 -19.38
CA GLU I 155 -20.65 -10.26 -20.73
C GLU I 155 -19.91 -9.45 -21.81
N GLY I 156 -19.29 -8.35 -21.41
CA GLY I 156 -18.67 -7.46 -22.35
C GLY I 156 -17.48 -8.18 -22.94
N ALA I 157 -17.45 -8.40 -24.26
CA ALA I 157 -16.32 -9.06 -24.92
C ALA I 157 -14.95 -8.53 -24.49
N TRP I 158 -14.95 -7.23 -24.18
CA TRP I 158 -13.75 -6.62 -23.64
C TRP I 158 -13.29 -7.23 -22.31
N ASN I 159 -14.10 -7.86 -21.47
CA ASN I 159 -13.59 -8.48 -20.25
C ASN I 159 -12.87 -9.81 -20.35
N SER I 160 -12.63 -10.29 -21.58
CA SER I 160 -11.86 -11.51 -21.80
C SER I 160 -10.46 -11.51 -21.17
N SER I 161 -9.89 -10.30 -21.07
CA SER I 161 -8.58 -10.10 -20.46
C SER I 161 -8.54 -9.78 -18.97
N THR I 162 -9.71 -9.48 -18.43
CA THR I 162 -9.92 -9.01 -17.07
C THR I 162 -9.61 -9.98 -15.93
N LYS I 163 -8.91 -9.52 -14.91
CA LYS I 163 -8.74 -10.32 -13.70
C LYS I 163 -9.95 -10.15 -12.77
N TYR I 164 -10.53 -11.28 -12.37
CA TYR I 164 -11.70 -11.25 -11.51
C TYR I 164 -11.65 -11.76 -10.08
N GLU I 165 -10.59 -12.39 -9.54
CA GLU I 165 -10.53 -12.94 -8.17
C GLU I 165 -11.47 -14.13 -7.86
N GLY I 166 -12.62 -14.27 -8.51
CA GLY I 166 -13.24 -15.57 -8.54
C GLY I 166 -12.54 -16.46 -9.59
N GLY I 167 -12.00 -15.79 -10.61
CA GLY I 167 -11.42 -16.45 -11.76
C GLY I 167 -12.09 -15.87 -13.00
N ASN I 168 -11.62 -15.96 -14.25
CA ASN I 168 -12.35 -15.25 -15.28
C ASN I 168 -13.39 -16.10 -15.97
N LYS I 169 -13.29 -17.44 -16.09
CA LYS I 169 -14.32 -18.26 -16.74
C LYS I 169 -14.68 -18.05 -18.23
N GLY I 170 -14.35 -16.91 -18.86
CA GLY I 170 -14.35 -16.69 -20.33
C GLY I 170 -15.51 -17.06 -21.26
N HIS I 171 -16.68 -17.55 -20.84
CA HIS I 171 -17.74 -17.77 -21.80
C HIS I 171 -18.50 -16.44 -21.90
N ARG I 172 -18.48 -15.78 -23.05
CA ARG I 172 -18.98 -14.40 -23.10
C ARG I 172 -19.45 -14.08 -24.53
N PRO I 173 -20.54 -13.36 -24.84
CA PRO I 173 -20.90 -13.08 -26.22
C PRO I 173 -19.88 -12.16 -26.89
N GLY I 174 -19.30 -12.54 -28.02
CA GLY I 174 -18.39 -11.65 -28.77
C GLY I 174 -19.07 -10.36 -29.27
N VAL I 175 -18.49 -9.37 -29.98
CA VAL I 175 -19.30 -8.18 -30.27
C VAL I 175 -20.59 -8.42 -31.06
N LYS I 176 -20.74 -9.04 -32.24
CA LYS I 176 -22.11 -9.22 -32.72
C LYS I 176 -22.69 -10.62 -32.48
N GLY I 177 -22.13 -11.25 -31.43
CA GLY I 177 -22.43 -12.65 -31.18
C GLY I 177 -23.34 -12.95 -29.99
N GLY I 178 -24.09 -11.98 -29.51
CA GLY I 178 -25.04 -12.20 -28.41
C GLY I 178 -26.30 -12.95 -28.83
N TYR I 179 -26.49 -13.04 -30.16
CA TYR I 179 -27.63 -13.71 -30.72
C TYR I 179 -27.54 -15.22 -30.87
N PHE I 180 -28.15 -15.57 -29.74
CA PHE I 180 -28.64 -16.83 -29.24
C PHE I 180 -27.92 -17.92 -28.49
N PRO I 181 -26.63 -17.88 -28.16
CA PRO I 181 -25.91 -19.01 -27.60
C PRO I 181 -26.48 -19.39 -26.23
N VAL I 182 -26.51 -20.66 -25.93
CA VAL I 182 -27.01 -21.10 -24.63
C VAL I 182 -26.13 -20.66 -23.46
N PRO I 183 -26.63 -20.67 -22.23
CA PRO I 183 -25.79 -20.62 -21.04
C PRO I 183 -24.60 -21.59 -21.04
N PRO I 184 -23.44 -21.26 -20.43
CA PRO I 184 -23.15 -20.01 -19.75
C PRO I 184 -22.84 -18.76 -20.56
N VAL I 185 -22.79 -18.79 -21.90
CA VAL I 185 -22.48 -17.59 -22.72
C VAL I 185 -23.56 -16.51 -22.55
N ASP I 186 -24.82 -16.96 -22.52
CA ASP I 186 -25.88 -16.06 -22.20
C ASP I 186 -26.05 -16.09 -20.69
N SER I 187 -25.63 -15.00 -20.05
CA SER I 187 -25.78 -14.88 -18.60
C SER I 187 -27.18 -14.56 -18.08
N ALA I 188 -28.08 -14.12 -18.96
CA ALA I 188 -29.32 -13.61 -18.44
C ALA I 188 -30.62 -14.43 -18.47
N GLN I 189 -30.55 -15.75 -18.69
CA GLN I 189 -31.75 -16.60 -18.72
C GLN I 189 -32.67 -16.41 -17.51
N ASP I 190 -32.15 -16.58 -16.30
CA ASP I 190 -32.95 -16.33 -15.10
C ASP I 190 -33.41 -14.88 -14.93
N ILE I 191 -32.64 -13.87 -15.34
CA ILE I 191 -33.12 -12.50 -15.22
C ILE I 191 -34.23 -12.25 -16.25
N ARG I 192 -34.11 -12.70 -17.50
CA ARG I 192 -35.19 -12.52 -18.43
C ARG I 192 -36.44 -13.34 -18.03
N SER I 193 -36.36 -14.63 -17.64
CA SER I 193 -37.55 -15.39 -17.23
C SER I 193 -38.31 -14.72 -16.09
N GLU I 194 -37.59 -14.23 -15.09
CA GLU I 194 -38.14 -13.48 -13.98
C GLU I 194 -38.86 -12.20 -14.39
N MET I 195 -38.27 -11.47 -15.34
CA MET I 195 -38.91 -10.29 -15.93
C MET I 195 -40.18 -10.72 -16.63
N CYS I 196 -40.20 -11.89 -17.29
CA CYS I 196 -41.43 -12.35 -17.91
C CYS I 196 -42.50 -12.63 -16.87
N LEU I 197 -42.14 -13.41 -15.84
CA LEU I 197 -43.08 -13.70 -14.77
C LEU I 197 -43.60 -12.43 -14.10
N VAL I 198 -42.77 -11.46 -13.70
CA VAL I 198 -43.33 -10.23 -13.13
C VAL I 198 -44.14 -9.42 -14.15
N MET I 199 -43.82 -9.39 -15.45
CA MET I 199 -44.65 -8.67 -16.41
C MET I 199 -46.07 -9.23 -16.50
N GLU I 200 -46.18 -10.55 -16.53
CA GLU I 200 -47.50 -11.19 -16.58
C GLU I 200 -48.28 -10.93 -15.29
N GLN I 201 -47.62 -10.95 -14.13
CA GLN I 201 -48.21 -10.57 -12.85
C GLN I 201 -48.75 -9.13 -12.82
N MET I 202 -48.24 -8.30 -13.74
CA MET I 202 -48.71 -6.95 -13.94
C MET I 202 -49.64 -6.76 -15.13
N GLY I 203 -50.04 -7.88 -15.70
CA GLY I 203 -51.03 -7.92 -16.77
C GLY I 203 -50.51 -7.94 -18.20
N LEU I 204 -49.23 -8.22 -18.42
CA LEU I 204 -48.78 -8.27 -19.79
C LEU I 204 -48.78 -9.71 -20.31
N VAL I 205 -48.77 -9.93 -21.62
CA VAL I 205 -48.64 -11.31 -22.04
C VAL I 205 -47.35 -11.55 -22.78
N VAL I 206 -46.43 -12.23 -22.13
CA VAL I 206 -45.19 -12.57 -22.79
C VAL I 206 -45.36 -13.65 -23.87
N GLU I 207 -44.65 -13.46 -24.98
CA GLU I 207 -44.64 -14.41 -26.08
C GLU I 207 -43.32 -15.14 -26.24
N ALA I 208 -42.24 -14.40 -25.97
CA ALA I 208 -40.91 -14.97 -26.02
C ALA I 208 -39.90 -14.08 -25.31
N HIS I 209 -38.78 -14.59 -24.83
CA HIS I 209 -37.72 -13.74 -24.35
C HIS I 209 -36.42 -14.34 -24.83
N HIS I 210 -35.47 -13.51 -25.23
CA HIS I 210 -34.18 -14.01 -25.67
C HIS I 210 -33.11 -12.92 -25.59
N HIS I 211 -31.87 -13.35 -25.65
CA HIS I 211 -30.75 -12.42 -25.75
C HIS I 211 -30.69 -11.81 -27.15
N GLU I 212 -30.33 -10.56 -27.24
CA GLU I 212 -30.17 -9.93 -28.54
C GLU I 212 -28.76 -9.97 -29.12
N VAL I 213 -28.47 -9.27 -30.20
CA VAL I 213 -27.20 -9.40 -30.93
C VAL I 213 -25.95 -8.92 -30.22
N ALA I 214 -26.09 -7.82 -29.50
CA ALA I 214 -24.93 -7.24 -28.86
C ALA I 214 -24.28 -7.97 -27.70
N THR I 215 -22.94 -7.90 -27.66
CA THR I 215 -22.18 -8.30 -26.47
C THR I 215 -22.59 -7.42 -25.29
N ALA I 216 -22.10 -7.59 -24.06
CA ALA I 216 -22.45 -6.70 -22.93
C ALA I 216 -23.94 -6.46 -22.61
N GLY I 217 -24.69 -7.56 -22.69
CA GLY I 217 -26.06 -7.61 -22.18
C GLY I 217 -27.25 -7.11 -22.99
N GLN I 218 -27.30 -7.22 -24.33
CA GLN I 218 -28.53 -6.82 -24.99
C GLN I 218 -29.59 -7.92 -24.87
N ASN I 219 -30.79 -7.56 -24.45
CA ASN I 219 -31.87 -8.52 -24.25
C ASN I 219 -33.23 -8.09 -24.78
N GLU I 220 -34.13 -9.04 -24.94
CA GLU I 220 -35.47 -8.71 -25.41
C GLU I 220 -36.54 -9.61 -24.83
N VAL I 221 -37.56 -8.99 -24.30
CA VAL I 221 -38.74 -9.72 -23.87
C VAL I 221 -39.84 -9.32 -24.85
N ALA I 222 -40.30 -10.28 -25.65
CA ALA I 222 -41.36 -10.07 -26.64
C ALA I 222 -42.75 -10.17 -26.02
N THR I 223 -43.60 -9.18 -26.26
CA THR I 223 -44.86 -9.12 -25.54
C THR I 223 -46.15 -9.00 -26.42
N ARG I 224 -47.27 -9.70 -26.17
CA ARG I 224 -48.50 -9.63 -26.97
C ARG I 224 -49.11 -8.23 -27.02
N PHE I 225 -49.53 -7.97 -28.25
CA PHE I 225 -50.10 -6.72 -28.68
C PHE I 225 -51.30 -6.21 -27.92
N ASN I 226 -51.57 -4.96 -28.25
CA ASN I 226 -52.74 -4.36 -27.69
C ASN I 226 -53.24 -3.17 -28.47
N THR I 227 -54.35 -2.63 -28.00
CA THR I 227 -54.85 -1.40 -28.58
C THR I 227 -53.89 -0.30 -28.16
N MET I 228 -53.70 0.69 -29.02
CA MET I 228 -52.76 1.78 -28.78
C MET I 228 -52.61 2.33 -27.36
N THR I 229 -53.53 3.08 -26.73
CA THR I 229 -53.25 3.56 -25.37
C THR I 229 -53.04 2.46 -24.34
N LYS I 230 -53.65 1.28 -24.48
CA LYS I 230 -53.40 0.23 -23.51
C LYS I 230 -51.96 -0.28 -23.66
N LYS I 231 -51.51 -0.43 -24.91
CA LYS I 231 -50.14 -0.84 -25.19
C LYS I 231 -49.11 0.18 -24.74
N ALA I 232 -49.39 1.46 -24.96
CA ALA I 232 -48.50 2.50 -24.44
C ALA I 232 -48.32 2.40 -22.93
N ASP I 233 -49.40 2.19 -22.17
CA ASP I 233 -49.25 1.91 -20.74
C ASP I 233 -48.49 0.61 -20.50
N GLU I 234 -48.70 -0.46 -21.28
CA GLU I 234 -47.92 -1.68 -21.12
C GLU I 234 -46.43 -1.48 -21.37
N ILE I 235 -46.05 -0.53 -22.24
CA ILE I 235 -44.65 -0.18 -22.39
C ILE I 235 -44.16 0.51 -21.12
N GLN I 236 -44.93 1.42 -20.51
CA GLN I 236 -44.52 1.98 -19.22
C GLN I 236 -44.40 0.93 -18.13
N ILE I 237 -45.25 -0.12 -18.09
CA ILE I 237 -45.00 -1.21 -17.14
C ILE I 237 -43.80 -2.07 -17.52
N TYR I 238 -43.66 -2.38 -18.81
CA TYR I 238 -42.53 -3.14 -19.35
C TYR I 238 -41.20 -2.56 -18.89
N LYS I 239 -41.02 -1.28 -19.19
CA LYS I 239 -39.84 -0.58 -18.73
C LYS I 239 -39.67 -0.59 -17.21
N TYR I 240 -40.73 -0.44 -16.39
CA TYR I 240 -40.61 -0.44 -14.93
C TYR I 240 -40.12 -1.78 -14.38
N VAL I 241 -40.68 -2.85 -14.92
CA VAL I 241 -40.27 -4.18 -14.51
C VAL I 241 -38.84 -4.44 -14.93
N VAL I 242 -38.44 -4.11 -16.17
CA VAL I 242 -37.06 -4.30 -16.58
C VAL I 242 -36.10 -3.52 -15.69
N HIS I 243 -36.35 -2.22 -15.49
CA HIS I 243 -35.50 -1.42 -14.61
C HIS I 243 -35.44 -1.99 -13.18
N ASN I 244 -36.55 -2.43 -12.58
CA ASN I 244 -36.49 -2.95 -11.23
C ASN I 244 -36.06 -4.40 -11.01
N VAL I 245 -36.38 -5.34 -11.90
CA VAL I 245 -35.90 -6.70 -11.76
C VAL I 245 -34.38 -6.72 -11.94
N ALA I 246 -33.91 -5.98 -12.96
CA ALA I 246 -32.48 -5.83 -13.20
C ALA I 246 -31.77 -5.35 -11.92
N HIS I 247 -32.39 -4.33 -11.31
CA HIS I 247 -31.91 -3.79 -10.05
C HIS I 247 -31.82 -4.84 -8.93
N ARG I 248 -32.85 -5.68 -8.75
CA ARG I 248 -32.86 -6.76 -7.75
C ARG I 248 -31.74 -7.76 -8.00
N PHE I 249 -31.44 -7.95 -9.28
CA PHE I 249 -30.33 -8.80 -9.71
C PHE I 249 -28.94 -8.17 -9.67
N GLY I 250 -28.82 -6.92 -9.20
CA GLY I 250 -27.52 -6.25 -9.13
C GLY I 250 -27.02 -5.68 -10.45
N LYS I 251 -27.90 -5.69 -11.43
CA LYS I 251 -27.63 -5.10 -12.72
C LYS I 251 -28.28 -3.71 -12.81
N THR I 252 -28.06 -3.07 -13.94
CA THR I 252 -28.68 -1.80 -14.29
C THR I 252 -29.09 -1.89 -15.75
N ALA I 253 -30.36 -1.65 -15.97
CA ALA I 253 -30.88 -1.70 -17.33
C ALA I 253 -31.02 -0.33 -17.95
N THR I 254 -30.85 -0.28 -19.26
CA THR I 254 -31.07 0.97 -19.96
C THR I 254 -31.75 0.82 -21.32
N PHE I 255 -32.70 1.72 -21.56
CA PHE I 255 -33.38 1.72 -22.82
C PHE I 255 -32.79 2.73 -23.82
N MET I 256 -31.58 3.28 -23.58
CA MET I 256 -31.11 4.24 -24.57
C MET I 256 -30.68 3.55 -25.86
N PRO I 257 -30.87 4.20 -27.00
CA PRO I 257 -30.86 3.58 -28.33
C PRO I 257 -29.50 3.00 -28.71
N LYS I 258 -28.47 3.77 -28.42
CA LYS I 258 -27.11 3.47 -28.79
C LYS I 258 -26.06 3.70 -27.70
N PRO I 259 -25.89 2.82 -26.71
CA PRO I 259 -24.91 3.02 -25.65
C PRO I 259 -23.48 2.73 -26.08
N MET I 260 -23.30 1.78 -26.98
CA MET I 260 -21.97 1.42 -27.43
C MET I 260 -21.77 1.60 -28.92
N PHE I 261 -20.67 2.23 -29.34
CA PHE I 261 -20.34 2.27 -30.75
C PHE I 261 -19.75 0.94 -31.22
N GLY I 262 -20.10 0.43 -32.39
CA GLY I 262 -19.44 -0.78 -32.88
C GLY I 262 -20.14 -2.11 -32.59
N ASP I 263 -21.32 -1.94 -32.02
CA ASP I 263 -22.21 -3.05 -31.81
C ASP I 263 -23.66 -2.58 -31.82
N ASN I 264 -24.58 -3.53 -31.84
CA ASN I 264 -26.00 -3.26 -31.88
C ASN I 264 -26.62 -2.21 -30.96
N GLY I 265 -27.60 -1.54 -31.55
CA GLY I 265 -28.40 -0.59 -30.84
C GLY I 265 -29.72 -1.23 -30.47
N SER I 266 -30.30 -0.64 -29.47
CA SER I 266 -31.62 -1.05 -29.02
C SER I 266 -32.69 -0.25 -29.77
N GLY I 267 -33.41 -0.95 -30.62
CA GLY I 267 -34.59 -0.36 -31.27
C GLY I 267 -35.91 -0.87 -30.72
N MET I 268 -37.00 -0.14 -30.96
CA MET I 268 -38.34 -0.58 -30.56
C MET I 268 -39.23 -0.62 -31.79
N HIS I 269 -39.27 -1.76 -32.46
CA HIS I 269 -40.06 -1.80 -33.69
C HIS I 269 -41.55 -1.87 -33.41
N CYS I 270 -42.30 -1.01 -34.07
CA CYS I 270 -43.73 -1.05 -33.92
C CYS I 270 -44.43 -1.83 -35.00
N HIS I 271 -45.01 -2.95 -34.60
CA HIS I 271 -45.92 -3.61 -35.50
C HIS I 271 -47.27 -2.95 -35.42
N MET I 272 -47.88 -2.60 -36.55
CA MET I 272 -49.21 -2.02 -36.53
C MET I 272 -50.23 -2.72 -37.40
N SER I 273 -51.46 -2.60 -36.91
CA SER I 273 -52.61 -3.11 -37.63
C SER I 273 -53.92 -2.40 -37.35
N LEU I 274 -54.77 -2.28 -38.34
CA LEU I 274 -56.08 -1.66 -38.15
C LEU I 274 -57.24 -2.64 -38.25
N ALA I 275 -58.27 -2.42 -37.45
CA ALA I 275 -59.43 -3.28 -37.54
C ALA I 275 -60.80 -2.63 -37.39
N LYS I 276 -61.69 -2.97 -38.32
CA LYS I 276 -63.08 -2.53 -38.31
C LYS I 276 -63.91 -3.77 -38.04
N ASN I 277 -64.99 -3.67 -37.27
CA ASN I 277 -65.88 -4.77 -36.88
C ASN I 277 -65.31 -6.20 -36.86
N GLY I 278 -64.25 -6.39 -36.07
CA GLY I 278 -63.59 -7.69 -35.92
C GLY I 278 -62.74 -8.20 -37.11
N THR I 279 -62.52 -7.36 -38.11
CA THR I 279 -61.76 -7.74 -39.30
C THR I 279 -60.58 -6.83 -39.57
N ASN I 280 -59.51 -7.51 -39.97
CA ASN I 280 -58.27 -6.82 -40.23
C ASN I 280 -58.16 -6.14 -41.58
N LEU I 281 -58.41 -4.84 -41.56
CA LEU I 281 -58.27 -3.99 -42.73
C LEU I 281 -56.94 -4.06 -43.47
N PHE I 282 -55.86 -4.45 -42.79
CA PHE I 282 -54.59 -4.54 -43.47
C PHE I 282 -54.43 -5.80 -44.31
N SER I 283 -55.24 -6.82 -44.07
CA SER I 283 -55.23 -7.99 -44.94
C SER I 283 -55.97 -7.70 -46.25
N GLY I 284 -55.58 -8.36 -47.32
CA GLY I 284 -56.20 -8.15 -48.62
C GLY I 284 -55.48 -8.90 -49.74
N ASP I 285 -55.68 -8.34 -50.93
CA ASP I 285 -54.97 -8.81 -52.12
C ASP I 285 -53.62 -8.07 -52.22
N LYS I 286 -53.31 -7.20 -53.21
CA LYS I 286 -52.08 -6.39 -53.26
C LYS I 286 -50.71 -6.98 -52.81
N TYR I 287 -49.65 -6.19 -52.58
CA TYR I 287 -48.37 -6.76 -52.15
C TYR I 287 -48.42 -7.56 -50.85
N ALA I 288 -47.94 -8.80 -50.94
CA ALA I 288 -47.80 -9.67 -49.78
C ALA I 288 -48.99 -9.84 -48.82
N GLY I 289 -50.20 -9.92 -49.38
CA GLY I 289 -51.42 -10.09 -48.58
C GLY I 289 -52.00 -8.78 -48.05
N LEU I 290 -51.42 -7.65 -48.45
CA LEU I 290 -51.91 -6.38 -47.96
C LEU I 290 -53.11 -5.78 -48.68
N SER I 291 -53.88 -4.99 -47.97
CA SER I 291 -54.93 -4.24 -48.65
C SER I 291 -54.42 -2.93 -49.25
N GLU I 292 -55.21 -2.30 -50.13
CA GLU I 292 -54.91 -0.96 -50.65
C GLU I 292 -54.90 0.07 -49.51
N GLN I 293 -55.75 -0.20 -48.52
CA GLN I 293 -55.91 0.56 -47.27
C GLN I 293 -54.59 0.63 -46.48
N ALA I 294 -53.99 -0.56 -46.37
CA ALA I 294 -52.68 -0.76 -45.74
C ALA I 294 -51.58 -0.03 -46.50
N LEU I 295 -51.56 -0.17 -47.82
CA LEU I 295 -50.59 0.57 -48.63
C LEU I 295 -50.66 2.08 -48.42
N TYR I 296 -51.85 2.66 -48.32
CA TYR I 296 -51.93 4.09 -47.99
C TYR I 296 -51.46 4.42 -46.58
N TYR I 297 -51.64 3.51 -45.61
CA TYR I 297 -51.08 3.67 -44.27
C TYR I 297 -49.55 3.80 -44.39
N ILE I 298 -48.89 2.84 -45.06
CA ILE I 298 -47.45 2.92 -45.33
C ILE I 298 -47.08 4.25 -46.00
N GLY I 299 -47.81 4.65 -47.03
CA GLY I 299 -47.61 5.94 -47.69
C GLY I 299 -47.69 7.13 -46.74
N GLY I 300 -48.60 7.14 -45.78
CA GLY I 300 -48.69 8.20 -44.77
C GLY I 300 -47.48 8.22 -43.82
N VAL I 301 -47.09 7.03 -43.34
CA VAL I 301 -45.89 6.90 -42.49
C VAL I 301 -44.68 7.42 -43.26
N ILE I 302 -44.40 6.90 -44.46
CA ILE I 302 -43.28 7.39 -45.27
C ILE I 302 -43.37 8.89 -45.58
N LYS I 303 -44.56 9.41 -45.94
CA LYS I 303 -44.76 10.84 -46.15
C LYS I 303 -44.38 11.69 -44.93
N HIS I 304 -44.65 11.19 -43.73
CA HIS I 304 -44.38 11.97 -42.54
C HIS I 304 -43.23 11.49 -41.66
N ALA I 305 -42.48 10.49 -42.14
CA ALA I 305 -41.39 9.88 -41.40
C ALA I 305 -40.48 10.84 -40.66
N LYS I 306 -39.89 11.87 -41.26
CA LYS I 306 -39.07 12.79 -40.48
C LYS I 306 -39.79 13.52 -39.32
N ALA I 307 -41.08 13.84 -39.41
CA ALA I 307 -41.79 14.44 -38.26
C ALA I 307 -42.06 13.36 -37.21
N ILE I 308 -42.37 12.15 -37.67
CA ILE I 308 -42.51 11.01 -36.77
C ILE I 308 -41.19 10.78 -36.01
N ASN I 309 -40.01 10.88 -36.65
CA ASN I 309 -38.72 10.73 -35.97
C ASN I 309 -38.53 11.62 -34.75
N ALA I 310 -39.04 12.85 -34.77
CA ALA I 310 -38.99 13.73 -33.60
C ALA I 310 -39.69 13.17 -32.37
N LEU I 311 -40.62 12.23 -32.57
CA LEU I 311 -41.34 11.59 -31.48
C LEU I 311 -40.93 10.11 -31.28
N ALA I 312 -40.65 9.38 -32.37
CA ALA I 312 -40.22 7.98 -32.34
C ALA I 312 -38.72 7.72 -32.13
N ASN I 313 -37.92 8.78 -32.32
CA ASN I 313 -36.47 8.79 -32.13
C ASN I 313 -36.02 10.11 -31.46
N PRO I 314 -36.47 10.40 -30.24
CA PRO I 314 -36.45 11.75 -29.68
C PRO I 314 -35.17 12.19 -28.99
N THR I 315 -34.11 11.38 -29.08
CA THR I 315 -32.89 11.67 -28.35
C THR I 315 -31.74 11.96 -29.29
N THR I 316 -30.74 12.81 -29.01
CA THR I 316 -29.59 12.88 -29.94
C THR I 316 -28.94 11.52 -30.19
N ASN I 317 -28.86 10.69 -29.14
CA ASN I 317 -28.33 9.32 -29.24
C ASN I 317 -29.09 8.42 -30.21
N SER I 318 -30.37 8.69 -30.41
CA SER I 318 -31.19 7.92 -31.35
C SER I 318 -30.61 7.81 -32.74
N TYR I 319 -30.02 8.91 -33.17
CA TYR I 319 -29.44 9.01 -34.48
C TYR I 319 -28.07 8.35 -34.61
N LYS I 320 -27.40 8.01 -33.50
CA LYS I 320 -26.21 7.16 -33.58
C LYS I 320 -26.58 5.73 -34.00
N ARG I 321 -27.84 5.33 -33.77
CA ARG I 321 -28.39 4.04 -34.22
C ARG I 321 -28.85 4.10 -35.68
N LEU I 322 -29.56 5.17 -35.98
CA LEU I 322 -30.03 5.41 -37.34
C LEU I 322 -28.97 6.00 -38.27
N VAL I 323 -27.91 5.24 -38.47
CA VAL I 323 -26.89 5.67 -39.42
C VAL I 323 -26.86 4.65 -40.57
N PRO I 324 -26.60 5.04 -41.82
CA PRO I 324 -26.50 4.15 -42.97
C PRO I 324 -26.00 2.70 -42.93
N PRO I 329 -31.77 0.71 -40.30
CA PRO I 329 -33.04 0.83 -41.02
C PRO I 329 -33.41 2.27 -41.38
N VAL I 330 -32.56 2.86 -42.20
CA VAL I 330 -32.78 4.25 -42.59
C VAL I 330 -33.66 4.53 -43.82
N MET I 331 -33.71 3.56 -44.73
CA MET I 331 -34.48 3.63 -45.97
C MET I 331 -36.01 3.61 -45.85
N LEU I 332 -36.68 4.71 -46.13
CA LEU I 332 -38.14 4.75 -46.17
C LEU I 332 -38.70 4.01 -47.38
N ALA I 333 -38.85 2.73 -47.14
CA ALA I 333 -39.32 1.80 -48.15
C ALA I 333 -40.01 0.61 -47.51
N TYR I 334 -41.06 0.10 -48.12
CA TYR I 334 -41.63 -1.15 -47.63
C TYR I 334 -41.19 -2.37 -48.40
N SER I 335 -41.13 -3.47 -47.68
CA SER I 335 -40.78 -4.75 -48.28
C SER I 335 -41.03 -5.98 -47.41
N ALA I 336 -41.34 -7.12 -48.02
CA ALA I 336 -41.39 -8.39 -47.30
C ALA I 336 -39.98 -9.01 -47.32
N ARG I 337 -39.23 -8.69 -48.39
CA ARG I 337 -37.83 -9.05 -48.56
C ARG I 337 -36.75 -8.10 -47.95
N ASN I 338 -36.54 -6.86 -48.40
CA ASN I 338 -35.48 -5.99 -47.87
C ASN I 338 -35.39 -5.57 -46.38
N ARG I 339 -34.75 -6.28 -45.44
CA ARG I 339 -34.51 -5.78 -44.07
C ARG I 339 -33.30 -4.83 -44.17
N SER I 340 -33.70 -3.65 -44.60
CA SER I 340 -32.90 -2.47 -44.94
C SER I 340 -33.91 -1.34 -45.13
N ALA I 341 -35.09 -1.80 -45.59
CA ALA I 341 -36.31 -1.05 -45.63
C ALA I 341 -36.84 -0.90 -44.20
N SER I 342 -37.12 0.33 -43.82
CA SER I 342 -37.67 0.63 -42.50
C SER I 342 -39.13 0.21 -42.31
N ILE I 343 -39.83 -0.15 -43.39
CA ILE I 343 -41.16 -0.69 -43.26
C ILE I 343 -41.11 -2.15 -43.73
N ARG I 344 -41.13 -3.09 -42.80
CA ARG I 344 -41.17 -4.51 -43.14
C ARG I 344 -42.61 -5.03 -43.12
N ILE I 345 -43.01 -5.75 -44.17
CA ILE I 345 -44.32 -6.38 -44.20
C ILE I 345 -44.04 -7.81 -43.75
N PRO I 346 -44.33 -8.21 -42.50
CA PRO I 346 -43.98 -9.50 -41.95
C PRO I 346 -44.67 -10.60 -42.74
N VAL I 347 -43.92 -11.65 -43.08
CA VAL I 347 -44.52 -12.78 -43.76
C VAL I 347 -45.26 -13.57 -42.69
N VAL I 348 -46.51 -13.19 -42.51
CA VAL I 348 -47.35 -13.87 -41.54
C VAL I 348 -47.69 -15.29 -41.99
N ALA I 349 -47.96 -15.52 -43.30
CA ALA I 349 -48.37 -16.78 -43.96
C ALA I 349 -49.75 -17.30 -43.52
N SER I 350 -49.83 -17.27 -42.20
CA SER I 350 -51.01 -17.36 -41.38
C SER I 350 -52.03 -16.26 -41.76
N PRO I 351 -53.19 -16.02 -41.15
CA PRO I 351 -54.37 -15.64 -41.91
C PRO I 351 -54.72 -14.21 -42.28
N LYS I 352 -54.74 -13.47 -41.19
CA LYS I 352 -55.23 -12.11 -41.07
C LYS I 352 -54.71 -11.43 -39.80
N ALA I 353 -53.63 -12.07 -39.33
CA ALA I 353 -52.63 -11.40 -38.53
C ALA I 353 -51.70 -10.60 -39.48
N ARG I 354 -52.20 -10.20 -40.65
CA ARG I 354 -51.53 -9.31 -41.58
C ARG I 354 -51.29 -7.94 -40.95
N ARG I 355 -50.08 -7.43 -41.08
CA ARG I 355 -49.72 -6.18 -40.42
C ARG I 355 -48.52 -5.50 -41.05
N ILE I 356 -48.31 -4.23 -40.74
CA ILE I 356 -47.06 -3.64 -41.15
C ILE I 356 -46.12 -3.55 -39.94
N GLU I 357 -44.82 -3.57 -40.19
CA GLU I 357 -43.87 -3.36 -39.12
C GLU I 357 -42.98 -2.16 -39.39
N VAL I 358 -43.05 -1.08 -38.61
CA VAL I 358 -42.10 0.01 -38.80
C VAL I 358 -40.86 -0.25 -37.93
N ARG I 359 -39.71 -0.49 -38.56
CA ARG I 359 -38.48 -0.81 -37.85
C ARG I 359 -37.68 0.33 -37.24
N PHE I 360 -37.92 1.58 -37.60
CA PHE I 360 -37.08 2.65 -37.09
C PHE I 360 -37.24 3.25 -35.69
N PRO I 361 -38.33 3.22 -34.92
CA PRO I 361 -38.39 3.87 -33.60
C PRO I 361 -37.50 3.22 -32.54
N ASP I 362 -37.26 3.85 -31.40
CA ASP I 362 -36.43 3.18 -30.40
C ASP I 362 -36.94 3.34 -28.96
N PRO I 363 -36.57 2.51 -27.97
CA PRO I 363 -37.08 2.56 -26.60
C PRO I 363 -37.06 3.92 -25.93
N ALA I 364 -36.31 4.89 -26.44
CA ALA I 364 -36.33 6.21 -25.82
C ALA I 364 -37.61 7.01 -26.08
N ALA I 365 -38.38 6.57 -27.07
CA ALA I 365 -39.60 7.24 -27.46
C ALA I 365 -40.73 7.22 -26.43
N ASN I 366 -41.46 8.33 -26.32
CA ASN I 366 -42.62 8.38 -25.43
C ASN I 366 -43.70 7.50 -26.04
N PRO I 367 -44.09 6.34 -25.50
CA PRO I 367 -44.88 5.37 -26.25
C PRO I 367 -46.24 5.96 -26.64
N TYR I 368 -46.80 6.86 -25.82
CA TYR I 368 -48.05 7.53 -26.19
C TYR I 368 -47.83 8.41 -27.41
N LEU I 369 -47.00 9.46 -27.34
CA LEU I 369 -46.77 10.31 -28.51
C LEU I 369 -46.20 9.58 -29.73
N CYS I 370 -45.34 8.58 -29.55
CA CYS I 370 -44.78 7.83 -30.67
C CYS I 370 -45.89 7.06 -31.40
N PHE I 371 -46.72 6.33 -30.66
CA PHE I 371 -47.82 5.59 -31.27
C PHE I 371 -48.89 6.50 -31.84
N ALA I 372 -49.29 7.57 -31.12
CA ALA I 372 -50.21 8.57 -31.66
C ALA I 372 -49.70 9.11 -33.00
N ALA I 373 -48.46 9.60 -33.08
CA ALA I 373 -47.89 10.04 -34.35
C ALA I 373 -47.83 8.95 -35.42
N LEU I 374 -47.42 7.69 -35.17
CA LEU I 374 -47.50 6.67 -36.22
C LEU I 374 -48.94 6.49 -36.76
N LEU I 375 -49.93 6.46 -35.85
CA LEU I 375 -51.34 6.32 -36.22
C LEU I 375 -51.80 7.52 -37.06
N MET I 376 -51.74 8.74 -36.53
CA MET I 376 -52.10 9.94 -37.30
C MET I 376 -51.42 10.02 -38.67
N ALA I 377 -50.14 9.64 -38.81
CA ALA I 377 -49.52 9.61 -40.14
C ALA I 377 -50.15 8.59 -41.07
N GLY I 378 -50.36 7.39 -40.52
CA GLY I 378 -50.99 6.30 -41.26
C GLY I 378 -52.40 6.61 -41.73
N LEU I 379 -53.22 7.27 -40.89
CA LEU I 379 -54.56 7.69 -41.32
C LEU I 379 -54.43 8.72 -42.41
N ASP I 380 -53.67 9.81 -42.26
CA ASP I 380 -53.44 10.78 -43.34
C ASP I 380 -53.05 10.15 -44.69
N GLY I 381 -52.39 8.99 -44.68
CA GLY I 381 -52.13 8.25 -45.91
C GLY I 381 -53.43 7.75 -46.55
N ILE I 382 -54.19 6.97 -45.78
CA ILE I 382 -55.51 6.44 -46.14
C ILE I 382 -56.42 7.58 -46.62
N LYS I 383 -56.62 8.53 -45.72
CA LYS I 383 -57.41 9.73 -45.96
C LYS I 383 -57.12 10.54 -47.23
N ASN I 384 -55.89 10.46 -47.74
CA ASN I 384 -55.52 11.12 -48.99
C ASN I 384 -54.96 10.17 -50.04
N LYS I 385 -55.28 8.86 -50.03
CA LYS I 385 -54.79 7.88 -51.03
C LYS I 385 -53.28 7.96 -51.34
N ILE I 386 -52.47 8.39 -50.36
CA ILE I 386 -51.01 8.57 -50.52
C ILE I 386 -50.37 7.22 -50.82
N HIS I 387 -50.37 6.87 -52.09
CA HIS I 387 -49.88 5.56 -52.49
C HIS I 387 -48.37 5.39 -52.31
N PRO I 388 -47.95 4.39 -51.51
CA PRO I 388 -46.56 4.21 -51.10
C PRO I 388 -45.57 4.08 -52.27
N GLY I 389 -45.74 3.12 -53.18
CA GLY I 389 -44.89 3.06 -54.35
C GLY I 389 -44.66 1.62 -54.76
N GLU I 390 -43.40 1.22 -54.74
CA GLU I 390 -43.02 -0.14 -55.06
C GLU I 390 -42.00 -0.68 -54.04
N PRO I 391 -42.04 -1.95 -53.69
CA PRO I 391 -41.12 -2.55 -52.73
C PRO I 391 -39.67 -2.71 -53.14
N MET I 392 -38.77 -2.11 -52.36
CA MET I 392 -37.35 -2.41 -52.52
C MET I 392 -37.14 -3.86 -52.06
N ASP I 393 -36.64 -4.80 -52.86
CA ASP I 393 -36.45 -6.16 -52.37
C ASP I 393 -35.04 -6.75 -52.48
N ILE I 407 -34.28 7.30 -53.26
CA ILE I 407 -34.94 6.59 -52.16
C ILE I 407 -34.82 7.29 -50.79
N PRO I 408 -35.93 7.82 -50.23
CA PRO I 408 -35.91 8.72 -49.10
C PRO I 408 -35.56 8.08 -47.75
N GLN I 409 -34.97 8.85 -46.86
CA GLN I 409 -34.53 8.33 -45.57
C GLN I 409 -35.11 9.06 -44.37
N VAL I 410 -35.04 8.40 -43.22
CA VAL I 410 -35.41 9.00 -41.93
C VAL I 410 -34.59 10.25 -41.60
N ALA I 411 -35.04 11.13 -40.71
CA ALA I 411 -34.24 12.27 -40.30
C ALA I 411 -32.83 11.85 -39.87
N GLY I 412 -31.81 12.53 -40.37
CA GLY I 412 -30.43 12.21 -40.02
C GLY I 412 -29.95 12.77 -38.69
N SER I 413 -30.80 13.50 -37.98
CA SER I 413 -30.44 14.06 -36.69
C SER I 413 -31.65 14.56 -35.93
N LEU I 414 -31.55 14.74 -34.62
CA LEU I 414 -32.65 15.28 -33.86
C LEU I 414 -33.03 16.67 -34.34
N GLU I 415 -32.06 17.53 -34.67
CA GLU I 415 -32.37 18.89 -35.15
C GLU I 415 -33.23 18.86 -36.41
N GLU I 416 -32.84 17.96 -37.31
CA GLU I 416 -33.60 17.70 -38.53
C GLU I 416 -35.01 17.26 -38.21
N ALA I 417 -35.12 16.18 -37.43
CA ALA I 417 -36.41 15.67 -36.98
C ALA I 417 -37.26 16.75 -36.31
N LEU I 418 -36.73 17.56 -35.41
CA LEU I 418 -37.48 18.65 -34.79
C LEU I 418 -37.93 19.68 -35.83
N ASN I 419 -37.08 20.14 -36.76
CA ASN I 419 -37.52 21.07 -37.82
C ASN I 419 -38.70 20.51 -38.63
N ALA I 420 -38.53 19.24 -39.00
CA ALA I 420 -39.53 18.48 -39.71
C ALA I 420 -40.85 18.39 -38.96
N LEU I 421 -40.89 18.05 -37.66
CA LEU I 421 -42.14 18.06 -36.89
C LEU I 421 -42.73 19.47 -36.89
N ASP I 422 -41.90 20.48 -36.65
CA ASP I 422 -42.34 21.86 -36.69
C ASP I 422 -43.03 22.29 -38.00
N LEU I 423 -42.54 21.83 -39.15
CA LEU I 423 -43.15 22.15 -40.43
C LEU I 423 -44.28 21.22 -40.89
N ASP I 424 -44.16 19.93 -40.58
CA ASP I 424 -45.15 18.92 -40.97
C ASP I 424 -46.18 18.67 -39.86
N ARG I 425 -46.41 19.73 -39.13
CA ARG I 425 -47.32 19.84 -38.01
C ARG I 425 -48.80 19.50 -38.24
N GLU I 426 -49.30 19.71 -39.45
CA GLU I 426 -50.71 19.49 -39.75
C GLU I 426 -51.36 18.16 -39.47
N PHE I 427 -50.76 17.06 -39.93
CA PHE I 427 -51.35 15.74 -39.72
C PHE I 427 -51.46 15.36 -38.24
N LEU I 428 -50.59 15.91 -37.38
CA LEU I 428 -50.76 15.67 -35.96
C LEU I 428 -51.95 16.45 -35.40
N LYS I 429 -52.22 17.67 -35.87
CA LYS I 429 -53.32 18.50 -35.33
C LYS I 429 -54.76 18.07 -35.68
N ALA I 430 -54.89 17.15 -36.64
CA ALA I 430 -56.18 16.58 -37.04
C ALA I 430 -57.05 16.09 -35.90
N GLY I 431 -58.24 16.65 -35.88
CA GLY I 431 -59.21 16.34 -34.83
C GLY I 431 -58.77 16.69 -33.42
N GLY I 432 -57.84 17.63 -33.21
CA GLY I 432 -57.51 18.05 -31.85
C GLY I 432 -56.51 17.16 -31.09
N VAL I 433 -56.12 16.04 -31.72
CA VAL I 433 -55.06 15.15 -31.22
C VAL I 433 -53.84 16.10 -31.24
N PHE I 434 -53.09 16.53 -30.22
CA PHE I 434 -51.98 17.49 -30.43
C PHE I 434 -52.31 18.93 -30.86
N THR I 435 -52.17 19.81 -29.90
CA THR I 435 -52.30 21.24 -30.20
C THR I 435 -50.98 21.84 -30.63
N ASP I 436 -50.99 23.04 -31.21
CA ASP I 436 -49.74 23.77 -31.44
C ASP I 436 -48.92 24.00 -30.19
N GLU I 437 -49.51 24.37 -29.05
CA GLU I 437 -48.75 24.58 -27.81
C GLU I 437 -48.01 23.29 -27.40
N ALA I 438 -48.75 22.18 -27.51
CA ALA I 438 -48.22 20.85 -27.26
C ALA I 438 -47.01 20.57 -28.15
N ILE I 439 -47.17 20.72 -29.47
CA ILE I 439 -46.04 20.52 -30.39
C ILE I 439 -44.88 21.49 -30.12
N ASP I 440 -45.15 22.79 -30.01
CA ASP I 440 -44.12 23.76 -29.67
C ASP I 440 -43.36 23.52 -28.36
N ALA I 441 -44.03 23.12 -27.26
CA ALA I 441 -43.36 22.86 -25.99
C ALA I 441 -42.47 21.62 -26.05
N TYR I 442 -42.96 20.63 -26.80
CA TYR I 442 -42.19 19.42 -27.09
C TYR I 442 -40.90 19.81 -27.79
N ILE I 443 -40.97 20.48 -28.94
CA ILE I 443 -39.75 20.88 -29.65
C ILE I 443 -38.81 21.68 -28.75
N ALA I 444 -39.34 22.62 -27.96
CA ALA I 444 -38.56 23.35 -26.95
C ALA I 444 -37.77 22.45 -26.00
N LEU I 445 -38.41 21.43 -25.42
CA LEU I 445 -37.68 20.47 -24.60
C LEU I 445 -36.58 19.78 -25.40
N ARG I 446 -36.94 19.08 -26.49
CA ARG I 446 -35.94 18.41 -27.28
C ARG I 446 -34.78 19.28 -27.82
N ARG I 447 -35.00 20.60 -28.00
CA ARG I 447 -33.93 21.48 -28.42
C ARG I 447 -32.87 21.75 -27.37
N GLU I 448 -33.29 22.00 -26.13
CA GLU I 448 -32.39 22.21 -24.99
C GLU I 448 -31.38 21.06 -24.85
N GLU I 449 -31.92 19.86 -25.07
CA GLU I 449 -31.15 18.63 -25.07
C GLU I 449 -30.18 18.60 -26.22
N ASP I 450 -30.68 18.82 -27.43
CA ASP I 450 -29.82 18.85 -28.61
C ASP I 450 -28.67 19.86 -28.45
N ASP I 451 -28.93 21.06 -27.93
CA ASP I 451 -27.89 22.05 -27.67
C ASP I 451 -26.78 21.61 -26.73
N ARG I 452 -27.10 21.01 -25.58
CA ARG I 452 -26.10 20.54 -24.65
C ARG I 452 -25.15 19.54 -25.33
N VAL I 453 -25.74 18.61 -26.08
CA VAL I 453 -24.94 17.67 -26.86
C VAL I 453 -24.13 18.40 -27.98
N ARG I 454 -24.67 19.45 -28.63
CA ARG I 454 -23.99 20.18 -29.70
C ARG I 454 -22.80 21.06 -29.26
N MET I 455 -22.94 21.68 -28.09
CA MET I 455 -21.94 22.60 -27.53
C MET I 455 -20.85 21.99 -26.65
N THR I 456 -21.04 20.75 -26.23
CA THR I 456 -20.04 20.08 -25.39
C THR I 456 -19.03 19.34 -26.25
N PRO I 457 -17.72 19.64 -26.24
CA PRO I 457 -16.73 18.87 -27.01
C PRO I 457 -16.71 17.40 -26.69
N HIS I 458 -16.67 16.68 -27.80
CA HIS I 458 -16.73 15.21 -27.79
C HIS I 458 -15.33 14.64 -27.61
N PRO I 459 -15.11 13.59 -26.82
CA PRO I 459 -13.85 12.87 -26.81
C PRO I 459 -13.23 12.51 -28.16
N VAL I 460 -13.84 11.86 -29.18
CA VAL I 460 -13.09 11.63 -30.43
C VAL I 460 -12.64 12.92 -31.15
N GLU I 461 -13.17 14.11 -30.81
CA GLU I 461 -12.65 15.36 -31.38
C GLU I 461 -11.22 15.56 -30.87
N PHE I 462 -10.87 15.22 -29.62
CA PHE I 462 -9.48 15.32 -29.20
C PHE I 462 -8.61 14.34 -29.96
N GLU I 463 -9.17 13.16 -30.26
CA GLU I 463 -8.49 12.16 -31.06
C GLU I 463 -8.16 12.64 -32.48
N LEU I 464 -9.13 13.33 -33.03
CA LEU I 464 -9.10 13.90 -34.37
C LEU I 464 -8.34 15.20 -34.56
N TYR I 465 -8.54 16.10 -33.61
CA TYR I 465 -8.07 17.47 -33.73
C TYR I 465 -7.11 18.01 -32.68
N TYR I 466 -6.65 17.28 -31.66
CA TYR I 466 -5.74 17.90 -30.70
C TYR I 466 -4.41 18.34 -31.33
N SER I 467 -3.84 17.49 -32.20
CA SER I 467 -2.59 17.88 -32.83
C SER I 467 -2.70 18.71 -34.08
N VAL I 468 -3.82 19.45 -34.16
CA VAL I 468 -4.00 20.41 -35.23
C VAL I 468 -3.02 21.59 -34.97
N SER J 1 -44.22 -37.44 -28.71
CA SER J 1 -45.38 -36.85 -29.39
C SER J 1 -45.80 -35.49 -28.80
N ALA J 2 -46.54 -34.63 -29.52
CA ALA J 2 -47.09 -33.40 -28.95
C ALA J 2 -47.83 -33.63 -27.64
N GLU J 3 -48.77 -34.60 -27.68
CA GLU J 3 -49.52 -35.10 -26.54
C GLU J 3 -48.72 -35.30 -25.25
N HIS J 4 -47.59 -35.98 -25.41
CA HIS J 4 -46.63 -36.23 -24.33
C HIS J 4 -45.99 -34.95 -23.79
N VAL J 5 -45.57 -34.06 -24.69
CA VAL J 5 -44.97 -32.79 -24.27
C VAL J 5 -46.00 -32.00 -23.44
N LEU J 6 -47.22 -31.92 -23.99
CA LEU J 6 -48.34 -31.28 -23.33
C LEU J 6 -48.66 -31.83 -21.95
N THR J 7 -48.48 -33.13 -21.68
CA THR J 7 -48.67 -33.61 -20.31
C THR J 7 -47.50 -33.18 -19.44
N MET J 8 -46.24 -33.33 -19.87
CA MET J 8 -45.07 -32.89 -19.09
C MET J 8 -45.15 -31.47 -18.56
N LEU J 9 -45.71 -30.61 -19.40
CA LEU J 9 -45.98 -29.23 -19.05
C LEU J 9 -46.78 -29.10 -17.74
N ASN J 10 -47.87 -29.86 -17.59
CA ASN J 10 -48.63 -29.92 -16.34
C ASN J 10 -47.97 -30.75 -15.23
N GLU J 11 -47.45 -31.90 -15.65
CA GLU J 11 -46.76 -32.90 -14.83
C GLU J 11 -45.48 -32.39 -14.14
N HIS J 12 -45.00 -31.25 -14.65
CA HIS J 12 -43.83 -30.59 -14.09
C HIS J 12 -43.99 -29.11 -13.77
N GLU J 13 -45.22 -28.56 -13.87
CA GLU J 13 -45.49 -27.12 -13.68
C GLU J 13 -44.46 -26.21 -14.37
N VAL J 14 -44.22 -26.66 -15.60
CA VAL J 14 -43.28 -26.04 -16.51
C VAL J 14 -43.68 -24.59 -16.81
N LYS J 15 -42.88 -23.61 -16.42
CA LYS J 15 -43.18 -22.21 -16.70
C LYS J 15 -42.77 -21.69 -18.08
N PHE J 16 -41.72 -22.32 -18.60
CA PHE J 16 -41.14 -21.95 -19.88
C PHE J 16 -40.68 -23.13 -20.74
N VAL J 17 -40.67 -22.91 -22.04
CA VAL J 17 -40.14 -23.87 -22.99
C VAL J 17 -38.96 -23.20 -23.74
N ASP J 18 -37.83 -23.90 -23.75
CA ASP J 18 -36.64 -23.42 -24.39
C ASP J 18 -36.43 -24.07 -25.75
N LEU J 19 -36.70 -23.32 -26.81
CA LEU J 19 -36.45 -23.81 -28.15
C LEU J 19 -34.96 -23.75 -28.45
N ARG J 20 -34.36 -24.91 -28.71
CA ARG J 20 -32.95 -24.97 -29.05
C ARG J 20 -32.57 -25.51 -30.41
N PHE J 21 -31.51 -24.97 -31.01
CA PHE J 21 -31.00 -25.49 -32.27
C PHE J 21 -29.48 -25.30 -32.40
N THR J 22 -28.80 -25.99 -33.30
CA THR J 22 -27.36 -25.82 -33.47
C THR J 22 -27.08 -25.05 -34.75
N ASP J 23 -26.07 -24.20 -34.74
CA ASP J 23 -25.72 -23.49 -35.97
C ASP J 23 -24.61 -24.19 -36.79
N THR J 24 -24.15 -23.56 -37.88
CA THR J 24 -23.11 -24.19 -38.70
C THR J 24 -21.81 -24.46 -37.97
N LYS J 25 -21.37 -23.49 -37.18
CA LYS J 25 -20.20 -23.70 -36.36
C LYS J 25 -20.34 -24.79 -35.29
N GLY J 26 -21.57 -25.13 -34.91
CA GLY J 26 -21.79 -26.15 -33.89
C GLY J 26 -22.30 -25.68 -32.52
N LYS J 27 -22.43 -24.37 -32.32
CA LYS J 27 -22.96 -23.81 -31.10
C LYS J 27 -24.49 -23.86 -31.01
N GLU J 28 -24.92 -24.44 -29.90
CA GLU J 28 -26.32 -24.46 -29.54
C GLU J 28 -26.81 -23.06 -29.17
N GLN J 29 -27.80 -22.73 -29.98
CA GLN J 29 -28.60 -21.53 -29.85
C GLN J 29 -29.89 -21.85 -29.12
N HIS J 30 -30.54 -20.83 -28.59
CA HIS J 30 -31.82 -21.02 -27.95
C HIS J 30 -32.66 -19.74 -27.87
N VAL J 31 -33.98 -19.91 -27.86
CA VAL J 31 -34.95 -18.85 -27.65
C VAL J 31 -36.05 -19.41 -26.73
N THR J 32 -36.63 -18.60 -25.85
CA THR J 32 -37.56 -19.08 -24.81
C THR J 32 -38.98 -18.54 -24.96
N ILE J 33 -39.90 -19.48 -24.88
CA ILE J 33 -41.34 -19.28 -24.98
C ILE J 33 -41.97 -19.54 -23.61
N PRO J 34 -42.99 -18.81 -23.15
CA PRO J 34 -43.75 -19.16 -21.96
C PRO J 34 -44.51 -20.46 -22.24
N ALA J 35 -44.59 -21.42 -21.30
CA ALA J 35 -45.27 -22.69 -21.56
C ALA J 35 -46.66 -22.53 -22.14
N HIS J 36 -47.36 -21.50 -21.67
CA HIS J 36 -48.67 -21.14 -22.24
C HIS J 36 -48.71 -20.76 -23.74
N GLN J 37 -47.65 -20.96 -24.53
CA GLN J 37 -47.69 -20.75 -25.98
C GLN J 37 -47.52 -22.07 -26.73
N VAL J 38 -47.32 -23.12 -25.94
CA VAL J 38 -47.20 -24.44 -26.50
C VAL J 38 -48.63 -25.00 -26.50
N ASN J 39 -49.08 -25.23 -27.73
CA ASN J 39 -50.40 -25.80 -28.02
C ASN J 39 -50.40 -26.35 -29.43
N ALA J 40 -51.29 -27.24 -29.86
CA ALA J 40 -51.40 -27.76 -31.23
C ALA J 40 -50.66 -27.04 -32.39
N GLU J 41 -51.10 -25.81 -32.70
CA GLU J 41 -50.49 -24.90 -33.70
C GLU J 41 -48.97 -24.88 -33.72
N PHE J 42 -48.37 -24.80 -32.52
CA PHE J 42 -46.94 -24.81 -32.31
C PHE J 42 -46.30 -26.07 -32.89
N PHE J 43 -46.60 -27.26 -32.38
CA PHE J 43 -46.01 -28.48 -32.95
C PHE J 43 -46.39 -28.77 -34.41
N GLU J 44 -47.39 -28.07 -34.94
CA GLU J 44 -47.89 -28.22 -36.29
C GLU J 44 -47.11 -27.35 -37.29
N GLU J 45 -47.20 -26.04 -37.05
CA GLU J 45 -46.59 -25.02 -37.89
C GLU J 45 -45.34 -24.27 -37.38
N GLY J 46 -44.70 -24.76 -36.32
CA GLY J 46 -43.51 -24.17 -35.73
C GLY J 46 -43.57 -22.71 -35.24
N LYS J 47 -42.40 -22.12 -34.96
CA LYS J 47 -42.30 -20.72 -34.61
C LYS J 47 -41.29 -20.01 -35.49
N MET J 48 -41.69 -18.88 -36.06
CA MET J 48 -40.84 -18.08 -36.93
C MET J 48 -39.75 -17.32 -36.19
N PHE J 49 -38.56 -17.24 -36.73
CA PHE J 49 -37.52 -16.42 -36.16
C PHE J 49 -36.66 -15.76 -37.22
N ASP J 50 -35.90 -14.74 -36.86
CA ASP J 50 -34.97 -14.22 -37.84
C ASP J 50 -33.65 -15.00 -37.88
N GLY J 51 -33.67 -15.92 -38.83
CA GLY J 51 -32.50 -16.74 -39.14
C GLY J 51 -31.31 -15.93 -39.66
N SER J 52 -31.58 -14.75 -40.23
CA SER J 52 -30.55 -13.85 -40.76
C SER J 52 -29.32 -13.55 -39.93
N SER J 53 -29.47 -13.26 -38.64
CA SER J 53 -28.31 -13.00 -37.80
C SER J 53 -27.62 -14.23 -37.23
N ILE J 54 -28.03 -15.42 -37.65
CA ILE J 54 -27.28 -16.62 -37.31
C ILE J 54 -26.15 -16.72 -38.35
N GLY J 55 -24.94 -16.85 -37.82
CA GLY J 55 -23.73 -16.97 -38.63
C GLY J 55 -23.74 -18.06 -39.71
N GLY J 56 -23.71 -17.59 -40.95
CA GLY J 56 -23.64 -18.46 -42.12
C GLY J 56 -24.99 -18.91 -42.69
N TRP J 57 -26.06 -18.20 -42.33
CA TRP J 57 -27.41 -18.53 -42.78
C TRP J 57 -28.19 -17.54 -43.67
N ASP J 64 -36.14 -14.40 -42.35
CA ASP J 64 -37.04 -15.25 -41.57
C ASP J 64 -37.15 -16.72 -41.95
N MET J 65 -37.13 -17.54 -40.90
CA MET J 65 -37.16 -18.99 -41.01
C MET J 65 -38.05 -19.62 -39.95
N VAL J 66 -38.35 -20.91 -40.06
CA VAL J 66 -39.18 -21.53 -39.03
C VAL J 66 -38.52 -22.63 -38.19
N LEU J 67 -38.64 -22.45 -36.89
CA LEU J 67 -38.23 -23.42 -35.89
C LEU J 67 -39.30 -24.48 -35.71
N MET J 68 -39.01 -25.71 -36.11
CA MET J 68 -39.96 -26.80 -35.98
C MET J 68 -39.67 -27.70 -34.79
N PRO J 69 -40.40 -27.60 -33.68
CA PRO J 69 -40.15 -28.36 -32.49
C PRO J 69 -40.15 -29.87 -32.70
N ASP J 70 -39.09 -30.61 -32.34
CA ASP J 70 -39.16 -32.06 -32.43
C ASP J 70 -39.57 -32.57 -31.06
N ALA J 71 -40.86 -32.85 -30.88
CA ALA J 71 -41.37 -33.29 -29.58
C ALA J 71 -40.78 -34.55 -28.97
N SER J 72 -40.02 -35.32 -29.75
CA SER J 72 -39.36 -36.52 -29.23
C SER J 72 -38.22 -36.12 -28.28
N THR J 73 -37.65 -34.93 -28.52
CA THR J 73 -36.53 -34.38 -27.77
C THR J 73 -36.79 -33.68 -26.44
N ALA J 74 -38.03 -33.62 -25.93
CA ALA J 74 -38.27 -32.85 -24.71
C ALA J 74 -37.58 -33.34 -23.45
N VAL J 75 -36.81 -32.41 -22.88
CA VAL J 75 -36.11 -32.67 -21.63
C VAL J 75 -36.30 -31.52 -20.65
N ILE J 76 -36.40 -31.77 -19.35
CA ILE J 76 -36.46 -30.67 -18.40
C ILE J 76 -35.03 -30.16 -18.15
N ASP J 77 -34.82 -28.84 -18.15
CA ASP J 77 -33.50 -28.24 -17.96
C ASP J 77 -32.99 -28.33 -16.52
N PRO J 78 -31.90 -29.00 -16.18
CA PRO J 78 -31.50 -29.20 -14.78
C PRO J 78 -30.96 -27.97 -14.05
N PHE J 79 -30.82 -26.87 -14.80
CA PHE J 79 -30.18 -25.69 -14.27
C PHE J 79 -31.00 -24.40 -14.19
N PHE J 80 -31.90 -24.07 -15.13
CA PHE J 80 -32.58 -22.79 -15.07
C PHE J 80 -33.41 -22.62 -13.77
N ALA J 81 -33.52 -21.43 -13.16
CA ALA J 81 -34.29 -21.33 -11.92
C ALA J 81 -35.80 -21.63 -11.98
N ASP J 82 -36.44 -21.31 -13.10
CA ASP J 82 -37.85 -21.57 -13.29
C ASP J 82 -38.03 -22.81 -14.13
N SER J 83 -39.08 -23.59 -13.87
CA SER J 83 -39.25 -24.85 -14.58
C SER J 83 -39.33 -24.77 -16.10
N THR J 84 -38.30 -25.29 -16.72
CA THR J 84 -38.22 -25.21 -18.17
C THR J 84 -38.04 -26.51 -18.93
N LEU J 85 -38.85 -26.65 -19.98
CA LEU J 85 -38.75 -27.82 -20.80
C LEU J 85 -38.00 -27.41 -22.07
N ILE J 86 -36.87 -28.07 -22.33
CA ILE J 86 -36.08 -27.91 -23.54
C ILE J 86 -36.69 -28.74 -24.66
N ILE J 87 -36.89 -28.14 -25.82
CA ILE J 87 -37.33 -28.88 -27.00
C ILE J 87 -36.36 -28.54 -28.14
N ARG J 88 -35.63 -29.53 -28.64
CA ARG J 88 -34.76 -29.33 -29.79
C ARG J 88 -35.58 -29.05 -31.06
N CYS J 89 -35.08 -28.23 -31.96
CA CYS J 89 -35.83 -27.90 -33.18
C CYS J 89 -35.11 -28.16 -34.50
N ASP J 90 -35.85 -28.23 -35.60
CA ASP J 90 -35.19 -28.20 -36.89
C ASP J 90 -35.51 -26.90 -37.57
N ILE J 91 -34.57 -26.39 -38.33
CA ILE J 91 -34.77 -25.16 -39.08
C ILE J 91 -35.37 -25.50 -40.43
N LEU J 92 -36.62 -25.11 -40.61
CA LEU J 92 -37.24 -25.34 -41.88
C LEU J 92 -37.39 -24.06 -42.69
N GLU J 93 -37.40 -24.34 -43.98
CA GLU J 93 -37.65 -23.33 -44.99
C GLU J 93 -39.13 -22.95 -44.93
N PRO J 94 -39.50 -21.69 -44.73
CA PRO J 94 -40.82 -21.29 -44.26
C PRO J 94 -41.97 -21.49 -45.25
N GLY J 95 -43.16 -21.84 -44.76
CA GLY J 95 -44.32 -22.12 -45.62
C GLY J 95 -44.19 -23.47 -46.32
N THR J 96 -43.22 -23.51 -47.23
CA THR J 96 -42.79 -24.69 -47.98
C THR J 96 -42.33 -25.89 -47.13
N LEU J 97 -41.89 -25.57 -45.91
CA LEU J 97 -41.55 -26.47 -44.82
C LEU J 97 -40.69 -27.73 -45.00
N GLN J 98 -39.60 -27.55 -45.73
CA GLN J 98 -38.73 -28.68 -46.07
C GLN J 98 -37.48 -28.83 -45.22
N GLY J 99 -36.90 -27.74 -44.72
CA GLY J 99 -35.69 -27.90 -43.91
C GLY J 99 -34.45 -27.38 -44.60
N TYR J 100 -34.00 -26.28 -44.01
CA TYR J 100 -32.87 -25.52 -44.47
C TYR J 100 -31.67 -26.34 -44.93
N ASP J 101 -31.16 -26.30 -46.17
CA ASP J 101 -30.05 -27.21 -46.52
C ASP J 101 -28.62 -26.94 -46.01
N ARG J 102 -28.67 -26.01 -45.09
CA ARG J 102 -27.62 -25.39 -44.31
C ARG J 102 -27.79 -25.67 -42.81
N ASP J 103 -28.94 -26.19 -42.40
CA ASP J 103 -29.20 -26.57 -41.02
C ASP J 103 -28.49 -27.91 -40.74
N PRO J 104 -27.47 -27.95 -39.88
CA PRO J 104 -26.75 -29.18 -39.58
C PRO J 104 -27.59 -30.34 -39.09
N ARG J 105 -28.68 -30.12 -38.33
CA ARG J 105 -29.51 -31.26 -37.91
C ARG J 105 -30.16 -31.91 -39.12
N SER J 106 -30.76 -31.09 -39.99
CA SER J 106 -31.33 -31.58 -41.25
C SER J 106 -30.34 -32.42 -42.03
N ILE J 107 -29.14 -31.88 -42.29
CA ILE J 107 -28.07 -32.64 -42.95
C ILE J 107 -27.80 -33.98 -42.28
N ALA J 108 -27.76 -34.06 -40.94
CA ALA J 108 -27.57 -35.36 -40.28
C ALA J 108 -28.70 -36.33 -40.58
N LYS J 109 -29.94 -35.85 -40.48
CA LYS J 109 -31.11 -36.67 -40.78
C LYS J 109 -31.11 -37.17 -42.22
N ARG J 110 -30.75 -36.30 -43.17
CA ARG J 110 -30.58 -36.69 -44.57
C ARG J 110 -29.53 -37.77 -44.77
N ALA J 111 -28.37 -37.65 -44.11
CA ALA J 111 -27.37 -38.71 -44.18
C ALA J 111 -27.89 -40.05 -43.67
N GLU J 112 -28.72 -40.06 -42.62
CA GLU J 112 -29.32 -41.30 -42.15
C GLU J 112 -30.30 -41.91 -43.16
N ASP J 113 -31.22 -41.11 -43.71
CA ASP J 113 -32.13 -41.57 -44.76
C ASP J 113 -31.42 -42.04 -46.01
N TYR J 114 -30.42 -41.31 -46.50
CA TYR J 114 -29.61 -41.78 -47.61
C TYR J 114 -28.99 -43.16 -47.33
N LEU J 115 -28.52 -43.41 -46.10
CA LEU J 115 -28.00 -44.74 -45.74
C LEU J 115 -29.06 -45.83 -45.98
N ARG J 116 -30.29 -45.53 -45.52
CA ARG J 116 -31.44 -46.40 -45.71
C ARG J 116 -31.78 -46.62 -47.19
N ALA J 117 -31.84 -45.54 -47.96
CA ALA J 117 -32.10 -45.59 -49.40
C ALA J 117 -31.04 -46.37 -50.18
N THR J 118 -29.79 -46.40 -49.71
CA THR J 118 -28.80 -47.25 -50.35
C THR J 118 -28.93 -48.70 -49.96
N GLY J 119 -29.73 -49.01 -48.94
CA GLY J 119 -29.92 -50.37 -48.45
C GLY J 119 -28.65 -51.04 -47.93
N ILE J 120 -27.55 -50.29 -47.74
CA ILE J 120 -26.31 -50.87 -47.23
C ILE J 120 -26.50 -51.31 -45.78
N ALA J 121 -27.32 -50.56 -45.04
CA ALA J 121 -27.75 -50.93 -43.70
C ALA J 121 -28.96 -50.07 -43.27
N ASP J 122 -29.61 -50.40 -42.16
CA ASP J 122 -30.73 -49.59 -41.68
C ASP J 122 -30.30 -48.50 -40.70
N THR J 123 -29.27 -48.80 -39.91
CA THR J 123 -28.80 -47.83 -38.95
C THR J 123 -27.30 -47.61 -38.83
N VAL J 124 -26.93 -46.35 -38.56
CA VAL J 124 -25.55 -45.98 -38.25
C VAL J 124 -25.39 -45.75 -36.76
N LEU J 125 -24.44 -46.42 -36.16
CA LEU J 125 -24.16 -46.18 -34.76
C LEU J 125 -22.85 -45.44 -34.48
N PHE J 126 -23.02 -44.33 -33.78
CA PHE J 126 -21.91 -43.49 -33.36
C PHE J 126 -21.69 -43.41 -31.86
N GLY J 127 -20.41 -43.45 -31.54
CA GLY J 127 -19.97 -43.35 -30.16
C GLY J 127 -18.77 -42.42 -29.99
N PRO J 128 -19.01 -41.12 -29.81
CA PRO J 128 -17.99 -40.09 -29.72
C PRO J 128 -17.35 -40.13 -28.32
N GLU J 129 -16.04 -40.01 -28.18
CA GLU J 129 -15.41 -39.98 -26.85
C GLU J 129 -14.89 -38.53 -26.60
N PRO J 130 -15.71 -37.48 -26.35
CA PRO J 130 -15.29 -36.10 -26.18
C PRO J 130 -14.50 -35.85 -24.91
N GLU J 131 -13.34 -35.20 -25.02
CA GLU J 131 -12.62 -34.83 -23.81
C GLU J 131 -12.72 -33.34 -23.54
N PHE J 132 -12.60 -32.95 -22.29
CA PHE J 132 -12.65 -31.52 -21.98
C PHE J 132 -11.63 -31.08 -20.95
N PHE J 133 -11.44 -29.78 -20.85
CA PHE J 133 -10.62 -29.22 -19.78
C PHE J 133 -11.47 -28.41 -18.81
N LEU J 134 -11.09 -28.52 -17.56
CA LEU J 134 -11.79 -27.87 -16.49
C LEU J 134 -10.85 -26.89 -15.77
N PHE J 135 -10.81 -25.64 -16.21
CA PHE J 135 -9.91 -24.62 -15.63
C PHE J 135 -10.55 -23.71 -14.57
N ASP J 136 -9.81 -22.96 -13.74
CA ASP J 136 -10.41 -22.00 -12.79
C ASP J 136 -10.51 -20.58 -13.36
N ASP J 137 -9.52 -20.26 -14.19
CA ASP J 137 -9.39 -18.92 -14.73
C ASP J 137 -8.79 -18.96 -16.11
N ILE J 138 -9.43 -18.29 -17.04
CA ILE J 138 -8.91 -18.20 -18.39
C ILE J 138 -9.01 -16.73 -18.82
N ARG J 139 -7.86 -16.14 -19.11
CA ARG J 139 -7.81 -14.78 -19.58
C ARG J 139 -7.10 -14.74 -20.91
N PHE J 140 -7.58 -13.94 -21.82
CA PHE J 140 -6.90 -13.77 -23.09
C PHE J 140 -7.35 -12.48 -23.77
N GLY J 141 -6.57 -12.05 -24.74
CA GLY J 141 -6.90 -10.83 -25.47
C GLY J 141 -5.90 -10.55 -26.55
N ALA J 142 -6.34 -9.84 -27.56
CA ALA J 142 -5.52 -9.39 -28.67
C ALA J 142 -5.95 -7.93 -28.95
N SER J 143 -4.96 -7.08 -29.19
CA SER J 143 -5.08 -5.64 -29.39
C SER J 143 -3.96 -5.23 -30.33
N ILE J 144 -3.93 -4.04 -30.94
CA ILE J 144 -2.80 -3.60 -31.76
C ILE J 144 -1.43 -3.75 -31.07
N SER J 145 -1.35 -3.35 -29.80
CA SER J 145 -0.12 -3.34 -29.01
C SER J 145 0.28 -4.67 -28.43
N GLY J 146 -0.47 -5.73 -28.72
CA GLY J 146 -0.11 -7.04 -28.20
C GLY J 146 -1.24 -8.10 -28.10
N SER J 147 -0.88 -9.25 -27.54
CA SER J 147 -1.85 -10.29 -27.36
C SER J 147 -1.42 -11.27 -26.30
N HIS J 148 -2.35 -12.01 -25.69
CA HIS J 148 -2.04 -12.94 -24.62
C HIS J 148 -3.14 -13.93 -24.33
N VAL J 149 -2.73 -15.01 -23.71
CA VAL J 149 -3.65 -15.97 -23.10
C VAL J 149 -2.95 -16.49 -21.84
N ALA J 150 -3.76 -16.63 -20.80
CA ALA J 150 -3.33 -17.03 -19.49
C ALA J 150 -4.30 -18.09 -18.95
N ILE J 151 -3.80 -19.31 -18.79
CA ILE J 151 -4.62 -20.40 -18.28
C ILE J 151 -4.29 -20.66 -16.82
N ASP J 152 -5.32 -20.82 -16.01
CA ASP J 152 -5.05 -21.23 -14.67
C ASP J 152 -6.09 -22.13 -14.05
N ASP J 153 -5.49 -23.12 -13.39
CA ASP J 153 -6.21 -24.11 -12.64
C ASP J 153 -5.38 -24.65 -11.49
N ILE J 154 -6.08 -24.95 -10.42
CA ILE J 154 -5.52 -25.48 -9.19
C ILE J 154 -4.67 -26.73 -9.38
N GLU J 155 -5.02 -27.54 -10.37
CA GLU J 155 -4.29 -28.75 -10.72
C GLU J 155 -3.10 -28.54 -11.66
N GLY J 156 -2.86 -27.30 -12.07
CA GLY J 156 -1.83 -27.01 -13.03
C GLY J 156 -0.50 -27.28 -12.38
N ALA J 157 0.30 -28.20 -12.91
CA ALA J 157 1.62 -28.51 -12.37
C ALA J 157 2.46 -27.27 -12.05
N TRP J 158 2.25 -26.24 -12.87
CA TRP J 158 2.89 -24.97 -12.61
C TRP J 158 2.51 -24.33 -11.27
N ASN J 159 1.37 -24.61 -10.61
CA ASN J 159 1.11 -24.04 -9.31
C ASN J 159 1.80 -24.63 -8.09
N SER J 160 2.72 -25.57 -8.32
CA SER J 160 3.53 -26.14 -7.23
C SER J 160 4.28 -25.10 -6.40
N SER J 161 4.64 -24.00 -7.06
CA SER J 161 5.35 -22.90 -6.42
C SER J 161 4.51 -21.76 -5.83
N THR J 162 3.23 -21.79 -6.19
CA THR J 162 2.26 -20.75 -5.88
C THR J 162 1.87 -20.55 -4.42
N LYS J 163 1.83 -19.30 -3.96
CA LYS J 163 1.29 -19.01 -2.64
C LYS J 163 -0.24 -18.91 -2.69
N TYR J 164 -0.89 -19.66 -1.82
CA TYR J 164 -2.34 -19.65 -1.81
C TYR J 164 -3.13 -19.10 -0.61
N GLU J 165 -2.56 -18.69 0.53
CA GLU J 165 -3.29 -18.18 1.71
C GLU J 165 -4.17 -19.21 2.45
N GLY J 166 -4.74 -20.22 1.80
CA GLY J 166 -5.19 -21.36 2.56
C GLY J 166 -3.97 -22.25 2.91
N GLY J 167 -2.97 -22.19 2.05
CA GLY J 167 -1.79 -23.04 2.13
C GLY J 167 -1.64 -23.72 0.77
N ASN J 168 -0.52 -24.32 0.33
CA ASN J 168 -0.54 -24.83 -1.02
C ASN J 168 -0.95 -26.29 -1.12
N LYS J 169 -0.75 -27.17 -0.12
CA LYS J 169 -1.19 -28.58 -0.22
C LYS J 169 -0.61 -29.51 -1.32
N GLY J 170 -0.03 -29.01 -2.41
CA GLY J 170 0.82 -29.74 -3.36
C GLY J 170 0.44 -31.08 -4.01
N HIS J 171 -0.73 -31.68 -3.82
CA HIS J 171 -1.03 -32.91 -4.54
C HIS J 171 -1.64 -32.45 -5.87
N ARG J 172 -0.97 -32.72 -6.99
CA ARG J 172 -1.40 -32.10 -8.25
C ARG J 172 -0.95 -32.97 -9.45
N PRO J 173 -1.69 -33.21 -10.54
CA PRO J 173 -1.19 -34.03 -11.63
C PRO J 173 -0.02 -33.36 -12.34
N GLY J 174 1.14 -34.02 -12.46
CA GLY J 174 2.28 -33.48 -13.22
C GLY J 174 1.96 -33.26 -14.71
N VAL J 175 2.82 -32.78 -15.64
CA VAL J 175 2.28 -32.56 -17.00
C VAL J 175 1.71 -33.80 -17.70
N LYS J 176 2.30 -34.98 -17.91
CA LYS J 176 1.46 -36.02 -18.52
C LYS J 176 0.91 -37.05 -17.53
N GLY J 177 0.78 -36.57 -16.29
CA GLY J 177 0.43 -37.46 -15.19
C GLY J 177 -0.98 -37.36 -14.63
N GLY J 178 -1.91 -36.79 -15.38
CA GLY J 178 -3.30 -36.70 -14.96
C GLY J 178 -4.06 -38.03 -15.06
N TYR J 179 -3.43 -38.96 -15.78
CA TYR J 179 -4.01 -40.26 -15.97
C TYR J 179 -3.80 -41.30 -14.88
N PHE J 180 -4.93 -41.12 -14.22
CA PHE J 180 -5.59 -41.86 -13.15
C PHE J 180 -5.39 -41.78 -11.66
N PRO J 181 -4.54 -40.95 -11.06
CA PRO J 181 -4.25 -41.02 -9.64
C PRO J 181 -5.48 -40.68 -8.81
N VAL J 182 -5.64 -41.35 -7.69
CA VAL J 182 -6.79 -41.07 -6.83
C VAL J 182 -6.77 -39.67 -6.22
N PRO J 183 -7.89 -39.16 -5.72
CA PRO J 183 -7.91 -38.02 -4.81
C PRO J 183 -6.90 -38.09 -3.66
N PRO J 184 -6.33 -36.98 -3.16
CA PRO J 184 -6.54 -35.62 -3.65
C PRO J 184 -5.86 -35.16 -4.93
N VAL J 185 -5.04 -35.97 -5.61
CA VAL J 185 -4.35 -35.54 -6.86
C VAL J 185 -5.37 -35.24 -7.97
N ASP J 186 -6.38 -36.10 -8.06
CA ASP J 186 -7.47 -35.82 -8.96
C ASP J 186 -8.49 -34.99 -8.17
N SER J 187 -8.55 -33.71 -8.51
CA SER J 187 -9.53 -32.82 -7.87
C SER J 187 -10.98 -32.96 -8.32
N ALA J 188 -11.21 -33.62 -9.45
CA ALA J 188 -12.55 -33.56 -10.00
C ALA J 188 -13.54 -34.71 -9.85
N GLN J 189 -13.33 -35.66 -8.94
CA GLN J 189 -14.25 -36.77 -8.74
C GLN J 189 -15.71 -36.35 -8.56
N ASP J 190 -15.98 -35.48 -7.58
CA ASP J 190 -17.33 -34.97 -7.41
C ASP J 190 -17.86 -34.14 -8.58
N ILE J 191 -17.03 -33.38 -9.31
CA ILE J 191 -17.54 -32.64 -10.46
C ILE J 191 -17.86 -33.61 -11.59
N ARG J 192 -17.01 -34.60 -11.88
CA ARG J 192 -17.35 -35.56 -12.91
C ARG J 192 -18.57 -36.43 -12.52
N SER J 193 -18.68 -36.98 -11.29
CA SER J 193 -19.87 -37.77 -10.91
C SER J 193 -21.17 -37.01 -11.07
N GLU J 194 -21.18 -35.75 -10.64
CA GLU J 194 -22.30 -34.85 -10.82
C GLU J 194 -22.69 -34.61 -12.28
N MET J 195 -21.69 -34.43 -13.12
CA MET J 195 -21.91 -34.32 -14.57
C MET J 195 -22.52 -35.63 -15.08
N CYS J 196 -22.10 -36.78 -14.55
CA CYS J 196 -22.72 -38.04 -14.97
C CYS J 196 -24.19 -38.07 -14.57
N LEU J 197 -24.47 -37.78 -13.30
CA LEU J 197 -25.85 -37.76 -12.82
C LEU J 197 -26.71 -36.77 -13.62
N VAL J 198 -26.31 -35.51 -13.85
CA VAL J 198 -27.14 -34.64 -14.67
C VAL J 198 -27.22 -35.11 -16.14
N MET J 199 -26.20 -35.72 -16.74
CA MET J 199 -26.35 -36.23 -18.11
C MET J 199 -27.44 -37.30 -18.23
N GLU J 200 -27.46 -38.23 -17.28
CA GLU J 200 -28.48 -39.27 -17.29
C GLU J 200 -29.87 -38.68 -17.07
N GLN J 201 -30.00 -37.69 -16.18
CA GLN J 201 -31.25 -36.95 -15.99
C GLN J 201 -31.76 -36.24 -17.27
N MET J 202 -30.83 -36.03 -18.21
CA MET J 202 -31.15 -35.49 -19.52
C MET J 202 -31.21 -36.53 -20.64
N GLY J 203 -31.17 -37.79 -20.23
CA GLY J 203 -31.35 -38.92 -21.14
C GLY J 203 -30.10 -39.56 -21.71
N LEU J 204 -28.92 -39.28 -21.18
CA LEU J 204 -27.75 -39.93 -21.70
C LEU J 204 -27.40 -41.17 -20.90
N VAL J 205 -26.62 -42.11 -21.43
CA VAL J 205 -26.21 -43.19 -20.56
C VAL J 205 -24.72 -43.21 -20.32
N VAL J 206 -24.33 -42.82 -19.13
CA VAL J 206 -22.92 -42.86 -18.79
C VAL J 206 -22.40 -44.30 -18.61
N GLU J 207 -21.19 -44.52 -19.10
CA GLU J 207 -20.50 -45.79 -18.96
C GLU J 207 -19.31 -45.75 -18.03
N ALA J 208 -18.62 -44.61 -18.06
CA ALA J 208 -17.49 -44.39 -17.18
C ALA J 208 -17.11 -42.91 -17.12
N HIS J 209 -16.46 -42.43 -16.07
CA HIS J 209 -15.92 -41.09 -16.08
C HIS J 209 -14.55 -41.17 -15.42
N HIS J 210 -13.59 -40.45 -15.94
CA HIS J 210 -12.26 -40.43 -15.35
C HIS J 210 -11.48 -39.19 -15.76
N HIS J 211 -10.42 -38.93 -15.01
CA HIS J 211 -9.48 -37.88 -15.36
C HIS J 211 -8.65 -38.31 -16.57
N GLU J 212 -8.34 -37.38 -17.46
CA GLU J 212 -7.47 -37.68 -18.58
C GLU J 212 -6.00 -37.41 -18.37
N VAL J 213 -5.15 -37.48 -19.39
CA VAL J 213 -3.70 -37.41 -19.22
C VAL J 213 -3.10 -36.10 -18.76
N ALA J 214 -3.68 -35.02 -19.26
CA ALA J 214 -3.14 -33.72 -18.94
C ALA J 214 -3.26 -33.18 -17.53
N THR J 215 -2.19 -32.50 -17.08
CA THR J 215 -2.26 -31.67 -15.87
C THR J 215 -3.31 -30.57 -16.05
N ALA J 216 -3.63 -29.71 -15.07
CA ALA J 216 -4.59 -28.62 -15.26
C ALA J 216 -6.00 -28.96 -15.80
N GLY J 217 -6.52 -30.07 -15.27
CA GLY J 217 -7.93 -30.43 -15.44
C GLY J 217 -8.44 -31.15 -16.68
N GLN J 218 -7.70 -32.04 -17.34
CA GLN J 218 -8.33 -32.77 -18.45
C GLN J 218 -9.22 -33.88 -17.91
N ASN J 219 -10.46 -33.96 -18.39
CA ASN J 219 -11.41 -34.96 -17.93
C ASN J 219 -12.22 -35.62 -19.03
N GLU J 220 -12.83 -36.77 -18.71
CA GLU J 220 -13.64 -37.46 -19.69
C GLU J 220 -14.82 -38.18 -19.07
N VAL J 221 -15.99 -37.92 -19.62
CA VAL J 221 -17.17 -38.68 -19.25
C VAL J 221 -17.51 -39.54 -20.48
N ALA J 222 -17.37 -40.85 -20.34
CA ALA J 222 -17.68 -41.81 -21.41
C ALA J 222 -19.16 -42.14 -21.49
N THR J 223 -19.74 -42.04 -22.68
CA THR J 223 -21.19 -42.16 -22.79
C THR J 223 -21.72 -43.19 -23.81
N ARG J 224 -22.75 -44.02 -23.53
CA ARG J 224 -23.29 -45.03 -24.47
C ARG J 224 -23.81 -44.44 -25.77
N PHE J 225 -23.44 -45.22 -26.78
CA PHE J 225 -23.70 -44.93 -28.18
C PHE J 225 -25.14 -44.69 -28.58
N ASN J 226 -25.21 -44.21 -29.80
CA ASN J 226 -26.51 -44.02 -30.38
C ASN J 226 -26.50 -43.95 -31.88
N THR J 227 -27.69 -43.84 -32.43
CA THR J 227 -27.80 -43.62 -33.86
C THR J 227 -27.31 -42.21 -34.12
N MET J 228 -26.68 -42.01 -35.28
CA MET J 228 -26.10 -40.73 -35.64
C MET J 228 -26.83 -39.44 -35.24
N THR J 229 -27.97 -39.00 -35.80
CA THR J 229 -28.55 -37.74 -35.32
C THR J 229 -28.95 -37.72 -33.86
N LYS J 230 -29.31 -38.85 -33.25
CA LYS J 230 -29.64 -38.82 -31.83
C LYS J 230 -28.37 -38.59 -31.01
N LYS J 231 -27.27 -39.22 -31.43
CA LYS J 231 -25.97 -39.02 -30.77
C LYS J 231 -25.43 -37.63 -30.95
N ALA J 232 -25.58 -37.05 -32.13
CA ALA J 232 -25.19 -35.66 -32.34
C ALA J 232 -25.94 -34.72 -31.37
N ASP J 233 -27.24 -34.91 -31.18
CA ASP J 233 -27.94 -34.15 -30.14
C ASP J 233 -27.42 -34.49 -28.75
N GLU J 234 -27.09 -35.75 -28.44
CA GLU J 234 -26.52 -36.07 -27.14
C GLU J 234 -25.16 -35.41 -26.91
N ILE J 235 -24.38 -35.15 -27.96
CA ILE J 235 -23.16 -34.36 -27.81
C ILE J 235 -23.54 -32.92 -27.47
N GLN J 236 -24.55 -32.32 -28.12
CA GLN J 236 -24.99 -30.99 -27.69
C GLN J 236 -25.49 -30.95 -26.26
N ILE J 237 -26.15 -32.00 -25.74
CA ILE J 237 -26.49 -32.01 -24.32
C ILE J 237 -25.25 -32.23 -23.44
N TYR J 238 -24.37 -33.15 -23.86
CA TYR J 238 -23.12 -33.45 -23.16
C TYR J 238 -22.32 -32.19 -22.88
N LYS J 239 -22.05 -31.46 -23.95
CA LYS J 239 -21.38 -30.18 -23.82
C LYS J 239 -22.14 -29.19 -22.93
N TYR J 240 -23.47 -29.08 -22.98
CA TYR J 240 -24.22 -28.14 -22.15
C TYR J 240 -24.10 -28.45 -20.66
N VAL J 241 -24.20 -29.72 -20.32
CA VAL J 241 -24.06 -30.15 -18.94
C VAL J 241 -22.64 -29.91 -18.47
N VAL J 242 -21.61 -30.26 -19.25
CA VAL J 242 -20.24 -29.99 -18.84
C VAL J 242 -20.01 -28.50 -18.60
N HIS J 243 -20.38 -27.66 -19.58
CA HIS J 243 -20.23 -26.21 -19.41
C HIS J 243 -20.98 -25.69 -18.18
N ASN J 244 -22.23 -26.12 -17.92
CA ASN J 244 -22.94 -25.61 -16.76
C ASN J 244 -22.68 -26.22 -15.39
N VAL J 245 -22.38 -27.51 -15.28
CA VAL J 245 -22.01 -28.08 -13.98
C VAL J 245 -20.69 -27.50 -13.55
N ALA J 246 -19.73 -27.42 -14.48
CA ALA J 246 -18.44 -26.81 -14.22
C ALA J 246 -18.63 -25.39 -13.64
N HIS J 247 -19.53 -24.65 -14.31
CA HIS J 247 -19.88 -23.32 -13.85
C HIS J 247 -20.43 -23.27 -12.42
N ARG J 248 -21.34 -24.19 -12.05
CA ARG J 248 -21.89 -24.28 -10.70
C ARG J 248 -20.79 -24.56 -9.66
N PHE J 249 -19.80 -25.33 -10.10
CA PHE J 249 -18.62 -25.61 -9.30
C PHE J 249 -17.54 -24.53 -9.27
N GLY J 250 -17.76 -23.40 -9.92
CA GLY J 250 -16.77 -22.31 -9.93
C GLY J 250 -15.62 -22.52 -10.91
N LYS J 251 -15.76 -23.53 -11.75
CA LYS J 251 -14.80 -23.81 -12.79
C LYS J 251 -15.33 -23.26 -14.13
N THR J 252 -14.51 -23.42 -15.15
CA THR J 252 -14.86 -23.10 -16.52
C THR J 252 -14.33 -24.23 -17.39
N ALA J 253 -15.26 -24.81 -18.16
CA ALA J 253 -14.88 -25.89 -19.04
C ALA J 253 -14.69 -25.45 -20.47
N THR J 254 -13.79 -26.13 -21.14
CA THR J 254 -13.60 -25.86 -22.55
C THR J 254 -13.36 -27.09 -23.42
N PHE J 255 -14.02 -27.09 -24.57
CA PHE J 255 -13.82 -28.17 -25.50
C PHE J 255 -12.81 -27.85 -26.60
N MET J 256 -11.98 -26.79 -26.47
CA MET J 256 -11.06 -26.54 -27.56
C MET J 256 -9.93 -27.59 -27.58
N PRO J 257 -9.45 -27.94 -28.77
CA PRO J 257 -8.65 -29.14 -29.01
C PRO J 257 -7.30 -29.12 -28.29
N LYS J 258 -6.66 -27.95 -28.36
CA LYS J 258 -5.32 -27.76 -27.83
C LYS J 258 -5.12 -26.45 -27.05
N PRO J 259 -5.54 -26.35 -25.78
CA PRO J 259 -5.35 -25.12 -25.02
C PRO J 259 -3.94 -24.91 -24.52
N MET J 260 -3.23 -25.99 -24.22
CA MET J 260 -1.87 -25.88 -23.73
C MET J 260 -0.84 -26.57 -24.60
N PHE J 261 0.26 -25.91 -24.90
CA PHE J 261 1.35 -26.58 -25.59
C PHE J 261 2.15 -27.45 -24.61
N GLY J 262 2.56 -28.65 -24.98
CA GLY J 262 3.43 -29.43 -24.09
C GLY J 262 2.75 -30.43 -23.17
N ASP J 263 1.45 -30.52 -23.41
CA ASP J 263 0.64 -31.53 -22.77
C ASP J 263 -0.54 -31.91 -23.64
N ASN J 264 -1.25 -32.96 -23.27
CA ASN J 264 -2.39 -33.47 -23.99
C ASN J 264 -3.46 -32.51 -24.52
N GLY J 265 -3.94 -32.90 -25.69
CA GLY J 265 -5.03 -32.22 -26.31
C GLY J 265 -6.31 -33.03 -26.10
N SER J 266 -7.39 -32.31 -26.21
CA SER J 266 -8.69 -32.90 -26.11
C SER J 266 -9.16 -33.33 -27.51
N GLY J 267 -9.23 -34.65 -27.71
CA GLY J 267 -9.81 -35.20 -28.91
C GLY J 267 -11.20 -35.80 -28.70
N MET J 268 -11.97 -36.00 -29.77
CA MET J 268 -13.27 -36.64 -29.69
C MET J 268 -13.28 -37.83 -30.65
N HIS J 269 -12.88 -39.00 -30.16
CA HIS J 269 -12.80 -40.14 -31.07
C HIS J 269 -14.18 -40.69 -31.40
N CYS J 270 -14.43 -40.89 -32.67
CA CYS J 270 -15.68 -41.48 -33.07
C CYS J 270 -15.59 -42.97 -33.32
N HIS J 271 -16.25 -43.71 -32.45
CA HIS J 271 -16.44 -45.11 -32.76
C HIS J 271 -17.62 -45.26 -33.69
N MET J 272 -17.46 -46.00 -34.79
CA MET J 272 -18.56 -46.23 -35.69
C MET J 272 -18.87 -47.69 -35.99
N SER J 273 -20.15 -47.88 -36.25
CA SER J 273 -20.65 -49.19 -36.66
C SER J 273 -21.91 -49.15 -37.52
N LEU J 274 -22.03 -50.08 -38.45
CA LEU J 274 -23.22 -50.18 -39.28
C LEU J 274 -24.06 -51.41 -39.00
N ALA J 275 -25.37 -51.25 -39.10
CA ALA J 275 -26.23 -52.40 -38.90
C ALA J 275 -27.46 -52.53 -39.81
N LYS J 276 -27.63 -53.73 -40.36
CA LYS J 276 -28.77 -54.07 -41.19
C LYS J 276 -29.57 -55.08 -40.39
N ASN J 277 -30.90 -55.07 -40.44
CA ASN J 277 -31.81 -55.95 -39.69
C ASN J 277 -31.30 -56.60 -38.40
N GLY J 278 -30.89 -55.75 -37.46
CA GLY J 278 -30.39 -56.19 -36.14
C GLY J 278 -29.01 -56.86 -36.10
N THR J 279 -28.26 -56.82 -37.20
CA THR J 279 -26.95 -57.42 -37.27
C THR J 279 -25.86 -56.45 -37.71
N ASN J 280 -24.74 -56.63 -37.02
CA ASN J 280 -23.60 -55.78 -37.24
C ASN J 280 -22.74 -56.11 -38.46
N LEU J 281 -23.02 -55.37 -39.53
CA LEU J 281 -22.25 -55.47 -40.76
C LEU J 281 -20.73 -55.35 -40.63
N PHE J 282 -20.23 -54.68 -39.59
CA PHE J 282 -18.80 -54.56 -39.43
C PHE J 282 -18.14 -55.80 -38.88
N SER J 283 -18.90 -56.70 -38.26
CA SER J 283 -18.35 -57.99 -37.84
C SER J 283 -18.19 -58.93 -39.03
N GLY J 284 -17.24 -59.83 -38.96
CA GLY J 284 -16.99 -60.77 -40.04
C GLY J 284 -15.72 -61.59 -39.83
N ASP J 285 -15.21 -62.05 -40.96
CA ASP J 285 -13.92 -62.74 -41.01
C ASP J 285 -12.79 -61.70 -41.15
N LYS J 286 -12.00 -61.58 -42.23
CA LYS J 286 -11.00 -60.52 -42.44
C LYS J 286 -10.13 -60.01 -41.27
N TYR J 287 -9.44 -58.86 -41.35
CA TYR J 287 -8.63 -58.37 -40.24
C TYR J 287 -9.39 -58.13 -38.95
N ALA J 288 -8.90 -58.76 -37.88
CA ALA J 288 -9.42 -58.56 -36.54
C ALA J 288 -10.95 -58.64 -36.31
N GLY J 289 -11.61 -59.59 -36.98
CA GLY J 289 -13.06 -59.77 -36.85
C GLY J 289 -13.87 -58.88 -37.78
N LEU J 290 -13.22 -58.13 -38.64
CA LEU J 290 -13.95 -57.24 -39.51
C LEU J 290 -14.52 -57.84 -40.79
N SER J 291 -15.59 -57.25 -41.28
CA SER J 291 -16.07 -57.67 -42.59
C SER J 291 -15.36 -56.95 -43.74
N GLU J 292 -15.51 -57.44 -44.97
CA GLU J 292 -15.01 -56.75 -46.15
C GLU J 292 -15.70 -55.37 -46.33
N GLN J 293 -16.96 -55.35 -45.88
CA GLN J 293 -17.84 -54.19 -45.85
C GLN J 293 -17.24 -53.05 -45.00
N ALA J 294 -16.77 -53.46 -43.83
CA ALA J 294 -16.08 -52.61 -42.87
C ALA J 294 -14.76 -52.08 -43.45
N LEU J 295 -13.97 -52.98 -44.05
CA LEU J 295 -12.74 -52.54 -44.71
C LEU J 295 -12.98 -51.47 -45.77
N TYR J 296 -14.02 -51.57 -46.58
CA TYR J 296 -14.33 -50.49 -47.52
C TYR J 296 -14.78 -49.20 -46.84
N TYR J 297 -15.45 -49.28 -45.69
CA TYR J 297 -15.79 -48.11 -44.88
C TYR J 297 -14.49 -47.39 -44.50
N ILE J 298 -13.52 -48.11 -43.90
CA ILE J 298 -12.19 -47.56 -43.60
C ILE J 298 -11.55 -46.93 -44.84
N GLY J 299 -11.56 -47.64 -45.96
CA GLY J 299 -11.05 -47.11 -47.24
C GLY J 299 -11.71 -45.80 -47.65
N GLY J 300 -13.02 -45.64 -47.46
CA GLY J 300 -13.71 -44.38 -47.76
C GLY J 300 -13.29 -43.24 -46.83
N VAL J 301 -13.20 -43.53 -45.51
CA VAL J 301 -12.72 -42.55 -44.54
C VAL J 301 -11.31 -42.11 -44.93
N ILE J 302 -10.36 -43.05 -45.08
CA ILE J 302 -9.00 -42.70 -45.49
C ILE J 302 -8.95 -41.97 -46.84
N LYS J 303 -9.71 -42.39 -47.85
CA LYS J 303 -9.82 -41.68 -49.13
C LYS J 303 -10.24 -40.22 -48.97
N HIS J 304 -11.16 -39.95 -48.05
CA HIS J 304 -11.65 -38.59 -47.89
C HIS J 304 -11.21 -37.84 -46.64
N ALA J 305 -10.29 -38.43 -45.88
CA ALA J 305 -9.81 -37.88 -44.62
C ALA J 305 -9.54 -36.37 -44.62
N LYS J 306 -8.75 -35.80 -45.52
CA LYS J 306 -8.57 -34.34 -45.52
C LYS J 306 -9.86 -33.52 -45.70
N ALA J 307 -10.87 -33.96 -46.46
CA ALA J 307 -12.12 -33.20 -46.54
C ALA J 307 -12.93 -33.38 -45.24
N ILE J 308 -12.86 -34.59 -44.68
CA ILE J 308 -13.46 -34.85 -43.37
C ILE J 308 -12.82 -33.93 -42.32
N ASN J 309 -11.49 -33.69 -42.33
CA ASN J 309 -10.84 -32.79 -41.38
C ASN J 309 -11.43 -31.39 -41.32
N ALA J 310 -11.88 -30.84 -42.46
CA ALA J 310 -12.55 -29.55 -42.48
C ALA J 310 -13.81 -29.48 -41.64
N LEU J 311 -14.41 -30.64 -41.36
CA LEU J 311 -15.61 -30.73 -40.54
C LEU J 311 -15.34 -31.37 -39.15
N ALA J 312 -14.45 -32.38 -39.08
CA ALA J 312 -14.08 -33.07 -37.85
C ALA J 312 -12.97 -32.41 -37.00
N ASN J 313 -12.24 -31.47 -37.63
CA ASN J 313 -11.18 -30.68 -37.02
C ASN J 313 -11.25 -29.21 -37.50
N PRO J 314 -12.34 -28.49 -37.23
CA PRO J 314 -12.69 -27.28 -37.95
C PRO J 314 -12.07 -25.97 -37.45
N THR J 315 -11.12 -26.07 -36.51
CA THR J 315 -10.57 -24.86 -35.91
C THR J 315 -9.10 -24.72 -36.22
N THR J 316 -8.48 -23.54 -36.36
CA THR J 316 -7.01 -23.51 -36.51
C THR J 316 -6.29 -24.25 -35.38
N ASN J 317 -6.81 -24.11 -34.15
CA ASN J 317 -6.26 -24.80 -32.98
C ASN J 317 -6.29 -26.33 -33.09
N SER J 318 -7.22 -26.87 -33.86
CA SER J 318 -7.32 -28.31 -34.06
C SER J 318 -6.04 -28.97 -34.53
N TYR J 319 -5.34 -28.23 -35.39
CA TYR J 319 -4.10 -28.71 -35.97
C TYR J 319 -2.90 -28.57 -35.05
N LYS J 320 -3.00 -27.81 -33.95
CA LYS J 320 -1.94 -27.86 -32.93
C LYS J 320 -1.94 -29.21 -32.21
N ARG J 321 -3.08 -29.90 -32.22
CA ARG J 321 -3.22 -31.27 -31.67
C ARG J 321 -2.75 -32.32 -32.67
N LEU J 322 -3.20 -32.14 -33.91
CA LEU J 322 -2.79 -33.03 -34.97
C LEU J 322 -1.42 -32.72 -35.56
N VAL J 323 -0.40 -32.84 -34.71
CA VAL J 323 0.96 -32.68 -35.19
C VAL J 323 1.69 -34.01 -35.03
N PRO J 324 2.61 -34.39 -35.91
CA PRO J 324 3.41 -35.63 -35.83
C PRO J 324 3.82 -36.30 -34.52
N PRO J 329 -2.31 -38.67 -33.63
CA PRO J 329 -2.93 -39.62 -34.56
C PRO J 329 -3.07 -39.08 -35.98
N VAL J 330 -1.92 -38.80 -36.57
CA VAL J 330 -1.93 -38.24 -37.92
C VAL J 330 -1.93 -39.21 -39.11
N MET J 331 -1.41 -40.42 -38.89
CA MET J 331 -1.31 -41.47 -39.89
C MET J 331 -2.62 -42.12 -40.34
N LEU J 332 -3.05 -41.89 -41.58
CA LEU J 332 -4.21 -42.57 -42.15
C LEU J 332 -3.93 -44.04 -42.44
N ALA J 333 -4.15 -44.79 -41.38
CA ALA J 333 -3.90 -46.21 -41.38
C ALA J 333 -4.80 -46.92 -40.37
N TYR J 334 -5.27 -48.11 -40.69
CA TYR J 334 -5.99 -48.89 -39.68
C TYR J 334 -5.13 -49.94 -39.00
N SER J 335 -5.46 -50.19 -37.76
CA SER J 335 -4.78 -51.21 -36.98
C SER J 335 -5.45 -51.60 -35.66
N ALA J 336 -5.30 -52.85 -35.23
CA ALA J 336 -5.72 -53.25 -33.89
C ALA J 336 -4.54 -53.02 -32.94
N ARG J 337 -3.32 -53.10 -33.50
CA ARG J 337 -2.07 -52.79 -32.80
C ARG J 337 -1.58 -51.32 -32.82
N ASN J 338 -1.20 -50.69 -33.94
CA ASN J 338 -0.66 -49.31 -33.93
C ASN J 338 -1.49 -48.09 -33.42
N ARG J 339 -1.48 -47.70 -32.14
CA ARG J 339 -2.11 -46.42 -31.69
C ARG J 339 -1.11 -45.31 -32.04
N SER J 340 -1.22 -44.99 -33.31
CA SER J 340 -0.41 -44.07 -34.12
C SER J 340 -1.17 -43.92 -35.44
N ALA J 341 -1.82 -45.04 -35.75
CA ALA J 341 -2.84 -45.14 -36.78
C ALA J 341 -4.10 -44.42 -36.31
N SER J 342 -4.59 -43.53 -37.15
CA SER J 342 -5.82 -42.79 -36.84
C SER J 342 -7.10 -43.63 -36.94
N ILE J 343 -7.02 -44.84 -37.50
CA ILE J 343 -8.17 -45.73 -37.50
C ILE J 343 -7.80 -46.93 -36.62
N ARG J 344 -8.32 -46.98 -35.40
CA ARG J 344 -8.10 -48.13 -34.52
C ARG J 344 -9.26 -49.12 -34.62
N ILE J 345 -8.95 -50.40 -34.78
CA ILE J 345 -9.98 -51.43 -34.79
C ILE J 345 -9.96 -51.96 -33.35
N PRO J 346 -10.91 -51.59 -32.48
CA PRO J 346 -10.90 -51.93 -31.07
C PRO J 346 -10.96 -53.44 -30.90
N VAL J 347 -10.12 -53.98 -30.03
CA VAL J 347 -10.17 -55.41 -29.74
C VAL J 347 -11.37 -55.61 -28.82
N VAL J 348 -12.50 -55.83 -29.46
CA VAL J 348 -13.71 -56.07 -28.71
C VAL J 348 -13.67 -57.42 -28.00
N ALA J 349 -13.13 -58.48 -28.64
CA ALA J 349 -13.03 -59.89 -28.17
C ALA J 349 -14.38 -60.60 -28.02
N SER J 350 -15.22 -59.81 -27.37
CA SER J 350 -16.66 -59.92 -27.26
C SER J 350 -17.30 -59.92 -28.67
N PRO J 351 -18.61 -59.93 -28.93
CA PRO J 351 -19.14 -60.70 -30.05
C PRO J 351 -19.26 -60.16 -31.48
N LYS J 352 -19.94 -59.03 -31.45
CA LYS J 352 -20.45 -58.29 -32.59
C LYS J 352 -20.79 -56.84 -32.24
N ALA J 353 -20.17 -56.48 -31.13
CA ALA J 353 -19.85 -55.10 -30.83
C ALA J 353 -18.56 -54.72 -31.63
N ARG J 354 -18.31 -55.41 -32.76
CA ARG J 354 -17.25 -55.07 -33.70
C ARG J 354 -17.47 -53.70 -34.31
N ARG J 355 -16.43 -52.89 -34.35
CA ARG J 355 -16.57 -51.52 -34.81
C ARG J 355 -15.26 -50.90 -35.25
N ILE J 356 -15.31 -49.80 -35.97
CA ILE J 356 -14.07 -49.09 -36.19
C ILE J 356 -14.02 -47.85 -35.27
N GLU J 357 -12.82 -47.42 -34.93
CA GLU J 357 -12.68 -46.19 -34.18
C GLU J 357 -11.84 -45.17 -34.93
N VAL J 358 -12.39 -44.02 -35.35
CA VAL J 358 -11.55 -43.00 -35.95
C VAL J 358 -11.04 -42.06 -34.83
N ARG J 359 -9.73 -42.07 -34.58
CA ARG J 359 -9.12 -41.27 -33.52
C ARG J 359 -8.88 -39.80 -33.76
N PHE J 360 -8.91 -39.33 -35.01
CA PHE J 360 -8.57 -37.93 -35.24
C PHE J 360 -9.53 -36.77 -34.99
N PRO J 361 -10.87 -36.84 -34.95
CA PRO J 361 -11.70 -35.64 -34.76
C PRO J 361 -11.57 -35.00 -33.38
N ASP J 362 -12.06 -33.80 -33.15
CA ASP J 362 -11.96 -33.24 -31.80
C ASP J 362 -13.20 -32.50 -31.32
N PRO J 363 -13.45 -32.26 -30.02
CA PRO J 363 -14.67 -31.64 -29.49
C PRO J 363 -15.09 -30.34 -30.17
N ALA J 364 -14.22 -29.67 -30.90
CA ALA J 364 -14.64 -28.46 -31.59
C ALA J 364 -15.56 -28.68 -32.80
N ALA J 365 -15.59 -29.93 -33.27
CA ALA J 365 -16.37 -30.30 -34.43
C ALA J 365 -17.89 -30.20 -34.26
N ASN J 366 -18.60 -29.75 -35.30
CA ASN J 366 -20.06 -29.73 -35.26
C ASN J 366 -20.55 -31.17 -35.31
N PRO J 367 -21.14 -31.77 -34.27
CA PRO J 367 -21.31 -33.22 -34.21
C PRO J 367 -22.19 -33.70 -35.36
N TYR J 368 -23.17 -32.88 -35.81
CA TYR J 368 -24.00 -33.25 -36.95
C TYR J 368 -23.14 -33.32 -38.22
N LEU J 369 -22.54 -32.22 -38.68
CA LEU J 369 -21.71 -32.26 -39.87
C LEU J 369 -20.51 -33.22 -39.78
N CYS J 370 -19.88 -33.35 -38.61
CA CYS J 370 -18.74 -34.27 -38.44
C CYS J 370 -19.19 -35.71 -38.66
N PHE J 371 -20.26 -36.13 -37.99
CA PHE J 371 -20.78 -37.48 -38.15
C PHE J 371 -21.35 -37.73 -39.54
N ALA J 372 -22.13 -36.80 -40.10
CA ALA J 372 -22.60 -36.90 -41.47
C ALA J 372 -21.43 -37.13 -42.43
N ALA J 373 -20.38 -36.28 -42.41
CA ALA J 373 -19.21 -36.51 -43.24
C ALA J 373 -18.48 -37.83 -42.96
N LEU J 374 -18.26 -38.30 -41.72
CA LEU J 374 -17.68 -39.64 -41.54
C LEU J 374 -18.52 -40.73 -42.20
N LEU J 375 -19.86 -40.68 -42.04
CA LEU J 375 -20.79 -41.64 -42.64
C LEU J 375 -20.71 -41.59 -44.16
N MET J 376 -21.01 -40.45 -44.79
CA MET J 376 -20.91 -40.31 -46.24
C MET J 376 -19.56 -40.77 -46.81
N ALA J 377 -18.42 -40.50 -46.15
CA ALA J 377 -17.14 -41.04 -46.62
C ALA J 377 -17.07 -42.56 -46.57
N GLY J 378 -17.51 -43.10 -45.43
CA GLY J 378 -17.56 -44.55 -45.22
C GLY J 378 -18.44 -45.29 -46.21
N LEU J 379 -19.61 -44.73 -46.55
CA LEU J 379 -20.47 -45.33 -47.57
C LEU J 379 -19.76 -45.27 -48.91
N ASP J 380 -19.28 -44.12 -49.39
CA ASP J 380 -18.50 -44.04 -50.63
C ASP J 380 -17.38 -45.08 -50.74
N GLY J 381 -16.81 -45.52 -49.62
CA GLY J 381 -15.85 -46.63 -49.63
C GLY J 381 -16.51 -47.95 -50.06
N ILE J 382 -17.55 -48.34 -49.31
CA ILE J 382 -18.39 -49.51 -49.57
C ILE J 382 -18.89 -49.49 -51.03
N LYS J 383 -19.62 -48.41 -51.35
CA LYS J 383 -20.17 -48.15 -52.66
C LYS J 383 -19.21 -48.27 -53.87
N ASN J 384 -17.92 -48.06 -53.64
CA ASN J 384 -16.91 -48.21 -54.69
C ASN J 384 -15.81 -49.21 -54.33
N LYS J 385 -16.02 -50.20 -53.45
CA LYS J 385 -15.01 -51.20 -53.06
C LYS J 385 -13.60 -50.64 -52.77
N ILE J 386 -13.53 -49.39 -52.27
CA ILE J 386 -12.27 -48.70 -51.97
C ILE J 386 -11.53 -49.46 -50.88
N HIS J 387 -10.77 -50.46 -51.31
CA HIS J 387 -10.09 -51.32 -50.35
C HIS J 387 -8.97 -50.62 -49.59
N PRO J 388 -9.05 -50.59 -48.25
CA PRO J 388 -8.16 -49.81 -47.39
C PRO J 388 -6.66 -50.13 -47.57
N GLY J 389 -6.24 -51.39 -47.40
CA GLY J 389 -4.86 -51.75 -47.67
C GLY J 389 -4.38 -52.82 -46.72
N GLU J 390 -3.36 -52.48 -45.96
CA GLU J 390 -2.82 -53.38 -44.95
C GLU J 390 -2.57 -52.64 -43.65
N PRO J 391 -2.76 -53.27 -42.49
CA PRO J 391 -2.55 -52.65 -41.20
C PRO J 391 -1.13 -52.33 -40.77
N MET J 392 -0.87 -51.05 -40.49
CA MET J 392 0.39 -50.68 -39.84
C MET J 392 0.35 -51.25 -38.42
N ASP J 393 1.25 -52.10 -37.95
CA ASP J 393 1.17 -52.60 -36.59
C ASP J 393 2.40 -52.39 -35.69
N ILE J 407 2.96 -43.43 -46.55
CA ILE J 407 1.81 -43.53 -45.65
C ILE J 407 1.08 -42.20 -45.39
N PRO J 408 -0.15 -42.02 -45.89
CA PRO J 408 -0.84 -40.74 -45.97
C PRO J 408 -1.32 -40.18 -44.63
N GLN J 409 -1.38 -38.87 -44.52
CA GLN J 409 -1.75 -38.23 -43.26
C GLN J 409 -2.95 -37.29 -43.38
N VAL J 410 -3.54 -36.99 -42.23
CA VAL J 410 -4.61 -35.99 -42.11
C VAL J 410 -4.19 -34.60 -42.60
N ALA J 411 -5.11 -33.71 -42.95
CA ALA J 411 -4.73 -32.33 -43.31
C ALA J 411 -3.82 -31.70 -42.25
N GLY J 412 -2.73 -31.09 -42.69
CA GLY J 412 -1.80 -30.44 -41.76
C GLY J 412 -2.21 -29.05 -41.30
N SER J 413 -3.34 -28.55 -41.77
CA SER J 413 -3.81 -27.23 -41.37
C SER J 413 -5.25 -27.02 -41.77
N LEU J 414 -5.94 -26.06 -41.16
CA LEU J 414 -7.31 -25.76 -41.55
C LEU J 414 -7.38 -25.32 -43.01
N GLU J 415 -6.44 -24.52 -43.50
CA GLU J 415 -6.45 -24.07 -44.91
C GLU J 415 -6.41 -25.26 -45.87
N GLU J 416 -5.54 -26.21 -45.53
CA GLU J 416 -5.44 -27.46 -46.27
C GLU J 416 -6.76 -28.21 -46.25
N ALA J 417 -7.26 -28.48 -45.04
CA ALA J 417 -8.55 -29.13 -44.87
C ALA J 417 -9.67 -28.44 -45.64
N LEU J 418 -9.79 -27.11 -45.58
CA LEU J 418 -10.80 -26.38 -46.34
C LEU J 418 -10.59 -26.56 -47.84
N ASN J 419 -9.38 -26.42 -48.40
CA ASN J 419 -9.16 -26.67 -49.83
C ASN J 419 -9.62 -28.07 -50.26
N ALA J 420 -9.22 -29.03 -49.43
CA ALA J 420 -9.60 -30.43 -49.61
C ALA J 420 -11.11 -30.64 -49.59
N LEU J 421 -11.87 -30.09 -48.64
CA LEU J 421 -13.34 -30.19 -48.68
C LEU J 421 -13.87 -29.55 -49.96
N ASP J 422 -13.37 -28.37 -50.30
CA ASP J 422 -13.76 -27.71 -51.54
C ASP J 422 -13.57 -28.55 -52.82
N LEU J 423 -12.48 -29.31 -52.91
CA LEU J 423 -12.25 -30.17 -54.07
C LEU J 423 -12.85 -31.56 -54.02
N ASP J 424 -12.90 -32.16 -52.82
CA ASP J 424 -13.44 -33.50 -52.61
C ASP J 424 -14.92 -33.48 -52.18
N ARG J 425 -15.56 -32.45 -52.69
CA ARG J 425 -16.96 -32.13 -52.48
C ARG J 425 -18.01 -33.17 -52.87
N GLU J 426 -17.72 -33.99 -53.86
CA GLU J 426 -18.68 -34.97 -54.36
C GLU J 426 -19.33 -35.98 -53.42
N PHE J 427 -18.54 -36.68 -52.62
CA PHE J 427 -19.09 -37.67 -51.71
C PHE J 427 -20.02 -37.08 -50.66
N LEU J 428 -19.83 -35.80 -50.30
CA LEU J 428 -20.80 -35.17 -49.41
C LEU J 428 -22.11 -34.88 -50.13
N LYS J 429 -22.11 -34.50 -51.41
CA LYS J 429 -23.34 -34.15 -52.14
C LYS J 429 -24.30 -35.30 -52.51
N ALA J 430 -23.81 -36.55 -52.38
CA ALA J 430 -24.59 -37.74 -52.62
C ALA J 430 -25.95 -37.78 -51.93
N GLY J 431 -26.96 -37.95 -52.77
CA GLY J 431 -28.34 -37.97 -52.31
C GLY J 431 -28.82 -36.68 -51.65
N GLY J 432 -28.23 -35.52 -51.92
CA GLY J 432 -28.76 -34.27 -51.40
C GLY J 432 -28.37 -33.92 -49.95
N VAL J 433 -27.63 -34.84 -49.29
CA VAL J 433 -27.03 -34.63 -47.98
C VAL J 433 -26.07 -33.46 -48.27
N PHE J 434 -26.06 -32.21 -47.78
CA PHE J 434 -25.07 -31.21 -48.24
C PHE J 434 -25.15 -30.70 -49.68
N THR J 435 -25.62 -29.47 -49.78
CA THR J 435 -25.61 -28.79 -51.08
C THR J 435 -24.29 -28.05 -51.30
N ASP J 436 -24.02 -27.63 -52.53
CA ASP J 436 -22.90 -26.73 -52.78
C ASP J 436 -22.97 -25.44 -51.99
N GLU J 437 -24.13 -24.77 -51.86
CA GLU J 437 -24.23 -23.53 -51.07
C GLU J 437 -23.83 -23.79 -49.61
N ALA J 438 -24.32 -24.91 -49.09
CA ALA J 438 -23.99 -25.37 -47.75
C ALA J 438 -22.48 -25.54 -47.58
N ILE J 439 -21.83 -26.31 -48.47
CA ILE J 439 -20.37 -26.46 -48.41
C ILE J 439 -19.63 -25.14 -48.60
N ASP J 440 -19.97 -24.35 -49.61
CA ASP J 440 -19.36 -23.05 -49.82
C ASP J 440 -19.50 -22.06 -48.65
N ALA J 441 -20.67 -21.95 -47.99
CA ALA J 441 -20.85 -21.05 -46.85
C ALA J 441 -20.05 -21.47 -45.64
N TYR J 442 -19.98 -22.79 -45.46
CA TYR J 442 -19.14 -23.40 -44.43
C TYR J 442 -17.69 -22.97 -44.64
N ILE J 443 -17.11 -23.27 -45.81
CA ILE J 443 -15.72 -22.87 -46.05
C ILE J 443 -15.51 -21.38 -45.84
N ALA J 444 -16.43 -20.53 -46.32
CA ALA J 444 -16.41 -19.09 -46.06
C ALA J 444 -16.29 -18.73 -44.58
N LEU J 445 -17.10 -19.33 -43.71
CA LEU J 445 -16.96 -19.12 -42.28
C LEU J 445 -15.58 -19.55 -41.79
N ARG J 446 -15.23 -20.82 -41.98
CA ARG J 446 -13.91 -21.27 -41.54
C ARG J 446 -12.70 -20.49 -42.09
N ARG J 447 -12.82 -19.86 -43.26
CA ARG J 447 -11.73 -19.05 -43.79
C ARG J 447 -11.49 -17.75 -43.05
N GLU J 448 -12.57 -17.03 -42.71
CA GLU J 448 -12.50 -15.78 -41.94
C GLU J 448 -11.72 -15.96 -40.63
N GLU J 449 -12.00 -17.13 -40.03
CA GLU J 449 -11.32 -17.56 -38.81
C GLU J 449 -9.87 -17.84 -39.06
N ASP J 450 -9.57 -18.67 -40.06
CA ASP J 450 -8.19 -18.95 -40.42
C ASP J 450 -7.39 -17.67 -40.70
N ASP J 451 -7.94 -16.70 -41.43
CA ASP J 451 -7.29 -15.41 -41.67
C ASP J 451 -6.91 -14.61 -40.44
N ARG J 452 -7.82 -14.46 -39.47
CA ARG J 452 -7.53 -13.73 -38.24
C ARG J 452 -6.34 -14.36 -37.52
N VAL J 453 -6.34 -15.69 -37.42
CA VAL J 453 -5.20 -16.39 -36.85
C VAL J 453 -3.93 -16.23 -37.72
N ARG J 454 -4.02 -16.19 -39.07
CA ARG J 454 -2.87 -16.05 -39.97
C ARG J 454 -2.20 -14.67 -39.97
N MET J 455 -3.00 -13.62 -39.86
CA MET J 455 -2.54 -12.22 -39.90
C MET J 455 -2.17 -11.58 -38.58
N THR J 456 -2.52 -12.21 -37.47
CA THR J 456 -2.16 -11.68 -36.16
C THR J 456 -0.82 -12.21 -35.69
N PRO J 457 0.22 -11.41 -35.45
CA PRO J 457 1.50 -11.90 -34.94
C PRO J 457 1.40 -12.66 -33.63
N HIS J 458 2.09 -13.79 -33.67
CA HIS J 458 2.10 -14.75 -32.57
C HIS J 458 3.15 -14.37 -31.54
N PRO J 459 2.90 -14.46 -30.23
CA PRO J 459 3.94 -14.32 -29.22
C PRO J 459 5.24 -15.10 -29.46
N VAL J 460 5.36 -16.42 -29.73
CA VAL J 460 6.71 -16.97 -29.98
C VAL J 460 7.46 -16.37 -31.19
N GLU J 461 6.78 -15.64 -32.11
CA GLU J 461 7.49 -14.94 -33.17
C GLU J 461 8.35 -13.84 -32.54
N PHE J 462 7.92 -13.13 -31.49
CA PHE J 462 8.79 -12.17 -30.84
C PHE J 462 9.99 -12.86 -30.20
N GLU J 463 9.74 -14.06 -29.66
CA GLU J 463 10.80 -14.88 -29.08
C GLU J 463 11.88 -15.28 -30.10
N LEU J 464 11.38 -15.62 -31.28
CA LEU J 464 12.17 -16.05 -32.42
C LEU J 464 12.85 -14.97 -33.25
N TYR J 465 12.10 -13.90 -33.49
CA TYR J 465 12.50 -12.87 -34.43
C TYR J 465 12.65 -11.45 -33.93
N TYR J 466 12.46 -11.08 -32.66
CA TYR J 466 12.62 -9.68 -32.28
C TYR J 466 14.04 -9.17 -32.48
N SER J 467 15.04 -9.97 -32.11
CA SER J 467 16.41 -9.53 -32.31
C SER J 467 17.02 -9.80 -33.67
N VAL J 468 16.13 -9.89 -34.66
CA VAL J 468 16.58 -10.00 -36.03
C VAL J 468 17.17 -8.62 -36.45
N SER K 1 -17.82 -62.13 -2.90
CA SER K 1 -18.39 -62.69 -4.14
C SER K 1 -19.14 -61.65 -4.98
N ALA K 2 -19.35 -61.86 -6.29
CA ALA K 2 -20.18 -60.97 -7.12
C ALA K 2 -21.54 -60.67 -6.47
N GLU K 3 -22.23 -61.75 -6.10
CA GLU K 3 -23.49 -61.74 -5.36
C GLU K 3 -23.58 -60.73 -4.22
N HIS K 4 -22.53 -60.75 -3.40
CA HIS K 4 -22.37 -59.82 -2.27
C HIS K 4 -22.22 -58.36 -2.71
N VAL K 5 -21.39 -58.13 -3.73
CA VAL K 5 -21.20 -56.77 -4.25
C VAL K 5 -22.55 -56.23 -4.77
N LEU K 6 -23.23 -57.08 -5.56
CA LEU K 6 -24.55 -56.78 -6.08
C LEU K 6 -25.59 -56.45 -5.01
N THR K 7 -25.53 -57.06 -3.83
CA THR K 7 -26.47 -56.63 -2.78
C THR K 7 -26.05 -55.29 -2.22
N MET K 8 -24.77 -55.06 -1.88
CA MET K 8 -24.29 -53.76 -1.37
C MET K 8 -24.71 -52.56 -2.19
N LEU K 9 -24.71 -52.76 -3.50
CA LEU K 9 -25.19 -51.77 -4.45
C LEU K 9 -26.62 -51.27 -4.10
N ASN K 10 -27.55 -52.19 -3.84
CA ASN K 10 -28.89 -51.82 -3.39
C ASN K 10 -28.97 -51.40 -1.92
N GLU K 11 -28.26 -52.15 -1.09
CA GLU K 11 -28.13 -51.98 0.37
C GLU K 11 -27.51 -50.65 0.80
N HIS K 12 -26.88 -50.00 -0.16
CA HIS K 12 -26.28 -48.68 0.05
C HIS K 12 -26.66 -47.60 -0.94
N GLU K 13 -27.61 -47.87 -1.85
CA GLU K 13 -28.00 -46.95 -2.92
C GLU K 13 -26.80 -46.29 -3.63
N VAL K 14 -25.86 -47.21 -3.88
CA VAL K 14 -24.60 -46.92 -4.52
C VAL K 14 -24.82 -46.35 -5.92
N LYS K 15 -24.42 -45.10 -6.16
CA LYS K 15 -24.56 -44.50 -7.48
C LYS K 15 -23.44 -44.80 -8.49
N PHE K 16 -22.27 -45.03 -7.93
CA PHE K 16 -21.06 -45.30 -8.70
C PHE K 16 -20.14 -46.37 -8.11
N VAL K 17 -19.39 -47.01 -8.99
CA VAL K 17 -18.36 -47.96 -8.60
C VAL K 17 -17.00 -47.43 -9.09
N ASP K 18 -16.05 -47.36 -8.18
CA ASP K 18 -14.72 -46.89 -8.46
C ASP K 18 -13.73 -48.03 -8.64
N LEU K 19 -13.37 -48.31 -9.89
CA LEU K 19 -12.37 -49.32 -10.15
C LEU K 19 -10.99 -48.78 -9.83
N ARG K 20 -10.30 -49.42 -8.88
CA ARG K 20 -8.95 -48.99 -8.52
C ARG K 20 -7.83 -50.00 -8.73
N PHE K 21 -6.65 -49.51 -9.09
CA PHE K 21 -5.47 -50.38 -9.20
C PHE K 21 -4.18 -49.63 -8.87
N THR K 22 -3.07 -50.31 -8.60
CA THR K 22 -1.80 -49.63 -8.32
C THR K 22 -0.87 -49.77 -9.49
N ASP K 23 -0.09 -48.75 -9.79
CA ASP K 23 0.89 -48.86 -10.86
C ASP K 23 2.28 -49.30 -10.39
N THR K 24 3.27 -49.32 -11.30
CA THR K 24 4.62 -49.76 -10.90
C THR K 24 5.26 -48.89 -9.84
N LYS K 25 5.12 -47.59 -9.98
CA LYS K 25 5.60 -46.68 -8.96
C LYS K 25 4.91 -46.81 -7.61
N GLY K 26 3.71 -47.38 -7.57
CA GLY K 26 2.97 -47.53 -6.31
C GLY K 26 1.74 -46.63 -6.11
N LYS K 27 1.47 -45.72 -7.04
CA LYS K 27 0.30 -44.86 -6.97
C LYS K 27 -0.98 -45.54 -7.44
N GLU K 28 -1.95 -45.45 -6.54
CA GLU K 28 -3.30 -45.90 -6.83
C GLU K 28 -3.97 -44.99 -7.86
N GLN K 29 -4.32 -45.71 -8.90
CA GLN K 29 -5.09 -45.24 -10.02
C GLN K 29 -6.55 -45.60 -9.84
N HIS K 30 -7.42 -44.91 -10.56
CA HIS K 30 -8.83 -45.24 -10.52
C HIS K 30 -9.61 -44.75 -11.75
N VAL K 31 -10.68 -45.46 -12.07
CA VAL K 31 -11.64 -45.09 -13.11
C VAL K 31 -13.05 -45.42 -12.56
N THR K 32 -14.06 -44.62 -12.90
CA THR K 32 -15.40 -44.74 -12.30
C THR K 32 -16.48 -45.13 -13.29
N ILE K 33 -17.25 -46.13 -12.86
CA ILE K 33 -18.36 -46.72 -13.60
C ILE K 33 -19.66 -46.36 -12.87
N PRO K 34 -20.79 -46.07 -13.53
CA PRO K 34 -22.09 -45.94 -12.89
C PRO K 34 -22.49 -47.30 -12.32
N ALA K 35 -23.06 -47.40 -11.11
CA ALA K 35 -23.42 -48.70 -10.53
C ALA K 35 -24.22 -49.59 -11.46
N HIS K 36 -25.09 -48.96 -12.24
CA HIS K 36 -25.84 -49.67 -13.28
C HIS K 36 -25.02 -50.34 -14.40
N GLN K 37 -23.69 -50.46 -14.31
CA GLN K 37 -22.89 -51.22 -15.29
C GLN K 37 -22.27 -52.44 -14.62
N VAL K 38 -22.51 -52.57 -13.33
CA VAL K 38 -22.04 -53.71 -12.59
C VAL K 38 -23.18 -54.73 -12.67
N ASN K 39 -22.83 -55.83 -13.34
CA ASN K 39 -23.70 -56.98 -13.54
C ASN K 39 -22.85 -58.18 -13.89
N ALA K 40 -23.30 -59.44 -13.77
CA ALA K 40 -22.57 -60.66 -14.16
C ALA K 40 -21.33 -60.56 -15.08
N GLU K 41 -21.55 -60.14 -16.33
CA GLU K 41 -20.52 -59.85 -17.36
C GLU K 41 -19.26 -59.15 -16.84
N PHE K 42 -19.48 -58.10 -16.04
CA PHE K 42 -18.44 -57.32 -15.40
C PHE K 42 -17.53 -58.19 -14.54
N PHE K 43 -18.02 -58.80 -13.46
CA PHE K 43 -17.17 -59.67 -12.64
C PHE K 43 -16.61 -60.92 -13.35
N GLU K 44 -17.16 -61.23 -14.53
CA GLU K 44 -16.76 -62.37 -15.35
C GLU K 44 -15.59 -62.04 -16.26
N GLU K 45 -15.84 -61.10 -17.16
CA GLU K 45 -14.91 -60.65 -18.18
C GLU K 45 -14.21 -59.28 -18.03
N GLY K 46 -14.28 -58.68 -16.85
CA GLY K 46 -13.69 -57.38 -16.54
C GLY K 46 -14.08 -56.17 -17.40
N LYS K 47 -13.31 -55.08 -17.27
CA LYS K 47 -13.50 -53.89 -18.11
C LYS K 47 -12.18 -53.50 -18.77
N MET K 48 -12.23 -53.29 -20.08
CA MET K 48 -11.06 -52.90 -20.86
C MET K 48 -10.63 -51.46 -20.64
N PHE K 49 -9.35 -51.19 -20.57
CA PHE K 49 -8.86 -49.81 -20.52
C PHE K 49 -7.57 -49.64 -21.29
N ASP K 50 -7.21 -48.41 -21.61
CA ASP K 50 -5.91 -48.22 -22.21
C ASP K 50 -4.79 -48.13 -21.16
N GLY K 51 -4.21 -49.32 -20.99
CA GLY K 51 -3.06 -49.50 -20.14
C GLY K 51 -1.81 -48.74 -20.59
N SER K 52 -1.75 -48.43 -21.89
CA SER K 52 -0.63 -47.69 -22.52
C SER K 52 -0.13 -46.42 -21.84
N SER K 53 -1.02 -45.54 -21.41
CA SER K 53 -0.57 -44.32 -20.74
C SER K 53 -0.28 -44.47 -19.25
N ILE K 54 -0.32 -45.69 -18.72
CA ILE K 54 0.13 -45.91 -17.36
C ILE K 54 1.66 -46.07 -17.45
N GLY K 55 2.33 -45.28 -16.63
CA GLY K 55 3.79 -45.29 -16.56
C GLY K 55 4.46 -46.65 -16.33
N GLY K 56 5.19 -47.08 -17.36
CA GLY K 56 5.96 -48.32 -17.30
C GLY K 56 5.21 -49.58 -17.76
N TRP K 57 4.10 -49.41 -18.47
CA TRP K 57 3.27 -50.50 -18.96
C TRP K 57 3.12 -50.76 -20.47
N ASP K 64 -4.23 -51.60 -24.95
CA ASP K 64 -5.38 -52.09 -24.20
C ASP K 64 -5.19 -53.33 -23.33
N MET K 65 -5.76 -53.22 -22.14
CA MET K 65 -5.66 -54.25 -21.10
C MET K 65 -6.98 -54.44 -20.35
N VAL K 66 -7.11 -55.48 -19.55
CA VAL K 66 -8.35 -55.64 -18.81
C VAL K 66 -8.26 -55.55 -17.28
N LEU K 67 -9.13 -54.70 -16.75
CA LEU K 67 -9.33 -54.55 -15.32
C LEU K 67 -10.26 -55.62 -14.79
N MET K 68 -9.75 -56.53 -13.98
CA MET K 68 -10.56 -57.60 -13.43
C MET K 68 -10.96 -57.33 -11.98
N PRO K 69 -12.22 -56.95 -11.72
CA PRO K 69 -12.68 -56.60 -10.39
C PRO K 69 -12.49 -57.72 -9.37
N ASP K 70 -11.81 -57.49 -8.24
CA ASP K 70 -11.76 -58.52 -7.21
C ASP K 70 -12.87 -58.22 -6.21
N ALA K 71 -14.01 -58.89 -6.37
CA ALA K 71 -15.16 -58.63 -5.51
C ALA K 71 -14.99 -58.81 -4.00
N SER K 72 -13.89 -59.43 -3.57
CA SER K 72 -13.61 -59.59 -2.15
C SER K 72 -13.25 -58.24 -1.52
N THR K 73 -12.69 -57.35 -2.37
CA THR K 73 -12.25 -56.01 -1.97
C THR K 73 -13.26 -54.88 -1.86
N ALA K 74 -14.57 -55.10 -2.06
CA ALA K 74 -15.50 -53.99 -2.07
C ALA K 74 -15.65 -53.22 -0.76
N VAL K 75 -15.38 -51.92 -0.88
CA VAL K 75 -15.54 -51.01 0.25
C VAL K 75 -16.31 -49.76 -0.16
N ILE K 76 -17.13 -49.19 0.71
CA ILE K 76 -17.77 -47.94 0.37
C ILE K 76 -16.79 -46.78 0.63
N ASP K 77 -16.66 -45.83 -0.29
CA ASP K 77 -15.72 -44.71 -0.17
C ASP K 77 -16.15 -43.67 0.86
N PRO K 78 -15.42 -43.39 1.95
CA PRO K 78 -15.91 -42.49 3.01
C PRO K 78 -15.94 -41.00 2.67
N PHE K 79 -15.44 -40.69 1.48
CA PHE K 79 -15.26 -39.30 1.09
C PHE K 79 -16.03 -38.78 -0.13
N PHE K 80 -16.23 -39.56 -1.21
CA PHE K 80 -16.87 -39.00 -2.40
C PHE K 80 -18.30 -38.48 -2.10
N ALA K 81 -18.80 -37.40 -2.71
CA ALA K 81 -20.15 -36.93 -2.39
C ALA K 81 -21.32 -37.87 -2.72
N ASP K 82 -21.21 -38.63 -3.81
CA ASP K 82 -22.24 -39.57 -4.21
C ASP K 82 -21.85 -40.97 -3.79
N SER K 83 -22.82 -41.80 -3.43
CA SER K 83 -22.49 -43.13 -2.93
C SER K 83 -21.68 -44.02 -3.85
N THR K 84 -20.45 -44.26 -3.43
CA THR K 84 -19.55 -45.05 -4.26
C THR K 84 -18.92 -46.27 -3.63
N LEU K 85 -18.96 -47.36 -4.38
CA LEU K 85 -18.36 -48.58 -3.90
C LEU K 85 -17.02 -48.73 -4.64
N ILE K 86 -15.93 -48.78 -3.89
CA ILE K 86 -14.58 -49.04 -4.39
C ILE K 86 -14.40 -50.54 -4.59
N ILE K 87 -13.90 -50.94 -5.75
CA ILE K 87 -13.55 -52.34 -5.99
C ILE K 87 -12.12 -52.35 -6.54
N ARG K 88 -11.20 -52.97 -5.79
CA ARG K 88 -9.82 -53.13 -6.27
C ARG K 88 -9.77 -54.08 -7.46
N CYS K 89 -8.88 -53.87 -8.40
CA CYS K 89 -8.78 -54.71 -9.59
C CYS K 89 -7.42 -55.36 -9.86
N ASP K 90 -7.38 -56.41 -10.67
CA ASP K 90 -6.09 -56.86 -11.16
C ASP K 90 -6.00 -56.57 -12.64
N ILE K 91 -4.82 -56.26 -13.10
CA ILE K 91 -4.60 -56.00 -14.51
C ILE K 91 -4.29 -57.30 -15.22
N LEU K 92 -5.21 -57.74 -16.06
CA LEU K 92 -4.96 -58.94 -16.80
C LEU K 92 -4.67 -58.66 -18.26
N GLU K 93 -3.92 -59.63 -18.75
CA GLU K 93 -3.56 -59.70 -20.16
C GLU K 93 -4.83 -60.10 -20.94
N PRO K 94 -5.29 -59.33 -21.92
CA PRO K 94 -6.65 -59.40 -22.44
C PRO K 94 -7.00 -60.65 -23.25
N GLY K 95 -8.24 -61.13 -23.12
CA GLY K 95 -8.68 -62.35 -23.79
C GLY K 95 -8.10 -63.61 -23.11
N THR K 96 -6.79 -63.73 -23.23
CA THR K 96 -5.96 -64.76 -22.60
C THR K 96 -6.02 -64.82 -21.07
N LEU K 97 -6.39 -63.67 -20.49
CA LEU K 97 -6.72 -63.45 -19.08
C LEU K 97 -5.87 -63.98 -17.93
N GLN K 98 -4.56 -63.80 -18.08
CA GLN K 98 -3.62 -64.33 -17.08
C GLN K 98 -3.08 -63.34 -16.06
N GLY K 99 -2.95 -62.06 -16.40
CA GLY K 99 -2.43 -61.13 -15.42
C GLY K 99 -1.04 -60.62 -15.75
N TYR K 100 -1.06 -59.35 -16.09
CA TYR K 100 0.11 -58.60 -16.52
C TYR K 100 1.37 -58.86 -15.73
N ASP K 101 2.50 -59.34 -16.26
CA ASP K 101 3.64 -59.63 -15.37
C ASP K 101 4.51 -58.49 -14.78
N ARG K 102 3.88 -57.34 -15.00
CA ARG K 102 4.26 -56.00 -14.66
C ARG K 102 3.27 -55.35 -13.69
N ASP K 103 2.10 -55.98 -13.49
CA ASP K 103 1.12 -55.52 -12.53
C ASP K 103 1.59 -55.89 -11.12
N PRO K 104 1.92 -54.93 -10.25
CA PRO K 104 2.37 -55.21 -8.90
C PRO K 104 1.44 -56.07 -8.05
N ARG K 105 0.10 -55.97 -8.19
CA ARG K 105 -0.76 -56.84 -7.39
C ARG K 105 -0.55 -58.29 -7.80
N SER K 106 -0.59 -58.56 -9.10
CA SER K 106 -0.28 -59.90 -9.61
C SER K 106 1.00 -60.47 -9.07
N ILE K 107 2.11 -59.71 -9.19
CA ILE K 107 3.39 -60.10 -8.60
C ILE K 107 3.26 -60.46 -7.11
N ALA K 108 2.54 -59.69 -6.31
CA ALA K 108 2.35 -60.04 -4.89
C ALA K 108 1.65 -61.38 -4.72
N LYS K 109 0.56 -61.58 -5.47
CA LYS K 109 -0.19 -62.83 -5.43
C LYS K 109 0.68 -64.03 -5.83
N ARG K 110 1.49 -63.87 -6.89
CA ARG K 110 2.45 -64.88 -7.31
C ARG K 110 3.46 -65.21 -6.22
N ALA K 111 4.02 -64.21 -5.53
CA ALA K 111 4.91 -64.48 -4.42
C ALA K 111 4.25 -65.29 -3.30
N GLU K 112 2.96 -65.04 -3.02
CA GLU K 112 2.25 -65.85 -2.03
C GLU K 112 2.06 -67.31 -2.49
N ASP K 113 1.60 -67.53 -3.72
CA ASP K 113 1.49 -68.89 -4.26
C ASP K 113 2.82 -69.62 -4.34
N TYR K 114 3.89 -68.98 -4.80
CA TYR K 114 5.22 -69.58 -4.77
C TYR K 114 5.60 -70.02 -3.35
N LEU K 115 5.28 -69.24 -2.32
CA LEU K 115 5.56 -69.65 -0.93
C LEU K 115 4.87 -70.99 -0.61
N ARG K 116 3.59 -71.07 -1.03
CA ARG K 116 2.80 -72.30 -0.89
C ARG K 116 3.39 -73.48 -1.64
N ALA K 117 3.74 -73.28 -2.91
CA ALA K 117 4.37 -74.29 -3.74
C ALA K 117 5.72 -74.78 -3.20
N THR K 118 6.46 -73.93 -2.48
CA THR K 118 7.68 -74.43 -1.84
C THR K 118 7.40 -75.20 -0.56
N GLY K 119 6.17 -75.14 -0.06
CA GLY K 119 5.79 -75.83 1.16
C GLY K 119 6.53 -75.36 2.41
N ILE K 120 7.29 -74.25 2.34
CA ILE K 120 8.02 -73.76 3.50
C ILE K 120 7.03 -73.25 4.56
N ALA K 121 5.92 -72.70 4.10
CA ALA K 121 4.81 -72.33 4.97
C ALA K 121 3.54 -72.07 4.12
N ASP K 122 2.38 -71.92 4.74
CA ASP K 122 1.16 -71.62 4.00
C ASP K 122 0.89 -70.13 3.86
N THR K 123 1.29 -69.36 4.89
CA THR K 123 1.05 -67.93 4.85
C THR K 123 2.21 -67.03 5.27
N VAL K 124 2.30 -65.88 4.60
CA VAL K 124 3.23 -64.81 4.99
C VAL K 124 2.49 -63.69 5.68
N LEU K 125 2.93 -63.33 6.85
CA LEU K 125 2.33 -62.20 7.54
C LEU K 125 3.21 -60.95 7.60
N PHE K 126 2.63 -59.87 7.08
CA PHE K 126 3.24 -58.56 7.07
C PHE K 126 2.55 -57.51 7.90
N GLY K 127 3.40 -56.75 8.57
CA GLY K 127 2.95 -55.65 9.40
C GLY K 127 3.80 -54.39 9.21
N PRO K 128 3.45 -53.54 8.25
CA PRO K 128 4.17 -52.35 7.88
C PRO K 128 3.90 -51.24 8.90
N GLU K 129 4.87 -50.46 9.36
CA GLU K 129 4.60 -49.36 10.27
C GLU K 129 4.83 -48.02 9.51
N PRO K 130 3.98 -47.56 8.56
CA PRO K 130 4.17 -46.37 7.75
C PRO K 130 4.06 -45.07 8.54
N GLU K 131 5.04 -44.18 8.40
CA GLU K 131 4.90 -42.87 9.04
C GLU K 131 4.60 -41.80 8.02
N PHE K 132 3.96 -40.74 8.45
CA PHE K 132 3.69 -39.64 7.53
C PHE K 132 3.91 -38.26 8.11
N PHE K 133 3.94 -37.26 7.25
CA PHE K 133 3.97 -35.89 7.70
C PHE K 133 2.67 -35.16 7.32
N LEU K 134 2.27 -34.30 8.22
CA LEU K 134 1.04 -33.56 8.08
C LEU K 134 1.37 -32.06 8.06
N PHE K 135 1.60 -31.48 6.87
CA PHE K 135 1.95 -30.07 6.74
C PHE K 135 0.77 -29.13 6.40
N ASP K 136 0.86 -27.78 6.56
CA ASP K 136 -0.21 -26.87 6.12
C ASP K 136 0.00 -26.33 4.71
N ASP K 137 1.27 -26.17 4.36
CA ASP K 137 1.64 -25.56 3.11
C ASP K 137 2.93 -26.14 2.59
N ILE K 138 2.91 -26.56 1.34
CA ILE K 138 4.12 -27.08 0.72
C ILE K 138 4.23 -26.42 -0.66
N ARG K 139 5.31 -25.68 -0.85
CA ARG K 139 5.58 -25.05 -2.12
C ARG K 139 6.92 -25.50 -2.63
N PHE K 140 7.02 -25.75 -3.91
CA PHE K 140 8.30 -26.08 -4.49
C PHE K 140 8.30 -25.86 -5.99
N GLY K 141 9.48 -25.81 -6.59
CA GLY K 141 9.57 -25.60 -8.02
C GLY K 141 11.01 -25.61 -8.47
N ALA K 142 11.20 -25.95 -9.72
CA ALA K 142 12.51 -25.95 -10.37
C ALA K 142 12.26 -25.37 -11.79
N SER K 143 13.17 -24.50 -12.20
CA SER K 143 13.13 -23.74 -13.45
C SER K 143 14.58 -23.51 -13.87
N ILE K 144 14.90 -23.09 -15.11
CA ILE K 144 16.28 -22.77 -15.48
C ILE K 144 17.01 -21.82 -14.51
N SER K 145 16.31 -20.78 -14.09
CA SER K 145 16.86 -19.72 -13.22
C SER K 145 16.89 -20.06 -11.75
N GLY K 146 16.49 -21.25 -11.38
CA GLY K 146 16.54 -21.63 -9.97
C GLY K 146 15.60 -22.79 -9.52
N SER K 147 15.62 -23.04 -8.22
CA SER K 147 14.76 -24.06 -7.68
C SER K 147 14.54 -23.86 -6.18
N HIS K 148 13.45 -24.40 -5.64
CA HIS K 148 13.11 -24.22 -4.24
C HIS K 148 12.10 -25.21 -3.71
N VAL K 149 12.12 -25.34 -2.41
CA VAL K 149 11.04 -26.01 -1.67
C VAL K 149 10.89 -25.28 -0.34
N ALA K 150 9.64 -25.12 0.04
CA ALA K 150 9.24 -24.39 1.22
C ALA K 150 8.19 -25.20 1.96
N ILE K 151 8.54 -25.68 3.16
CA ILE K 151 7.64 -26.47 3.98
C ILE K 151 7.06 -25.59 5.08
N ASP K 152 5.75 -25.68 5.28
CA ASP K 152 5.21 -25.02 6.43
C ASP K 152 4.04 -25.72 7.09
N ASP K 153 4.18 -25.69 8.40
CA ASP K 153 3.20 -26.21 9.31
C ASP K 153 3.23 -25.50 10.65
N ILE K 154 2.04 -25.37 11.21
CA ILE K 154 1.80 -24.71 12.49
C ILE K 154 2.67 -25.25 13.63
N GLU K 155 2.98 -26.54 13.58
CA GLU K 155 3.83 -27.20 14.56
C GLU K 155 5.33 -27.08 14.31
N GLY K 156 5.72 -26.40 13.23
CA GLY K 156 7.10 -26.31 12.84
C GLY K 156 7.81 -25.49 13.89
N ALA K 157 8.81 -26.04 14.57
CA ALA K 157 9.57 -25.30 15.57
C ALA K 157 10.03 -23.92 15.11
N TRP K 158 10.29 -23.83 13.80
CA TRP K 158 10.61 -22.56 13.21
C TRP K 158 9.49 -21.51 13.32
N ASN K 159 8.21 -21.83 13.49
CA ASN K 159 7.21 -20.78 13.67
C ASN K 159 7.08 -20.11 15.03
N SER K 160 7.99 -20.44 15.95
CA SER K 160 8.04 -19.78 17.27
C SER K 160 8.14 -18.25 17.21
N SER K 161 8.77 -17.76 16.14
CA SER K 161 8.94 -16.34 15.90
C SER K 161 7.86 -15.64 15.07
N THR K 162 7.03 -16.46 14.43
CA THR K 162 6.01 -16.05 13.47
C THR K 162 4.85 -15.22 13.98
N LYS K 163 4.51 -14.14 13.28
CA LYS K 163 3.29 -13.41 13.59
C LYS K 163 2.07 -14.07 12.94
N TYR K 164 1.05 -14.34 13.75
CA TYR K 164 -0.13 -15.00 13.24
C TYR K 164 -1.49 -14.29 13.19
N GLU K 165 -1.69 -13.07 13.72
CA GLU K 165 -3.01 -12.37 13.72
C GLU K 165 -4.11 -13.00 14.58
N GLY K 166 -4.15 -14.30 14.79
CA GLY K 166 -4.92 -14.81 15.92
C GLY K 166 -4.09 -14.62 17.21
N GLY K 167 -2.78 -14.63 17.05
CA GLY K 167 -1.84 -14.59 18.16
C GLY K 167 -0.90 -15.78 17.99
N ASN K 168 0.28 -15.91 18.59
CA ASN K 168 1.08 -17.08 18.23
C ASN K 168 0.85 -18.27 19.14
N LYS K 169 0.47 -18.16 20.42
CA LYS K 169 0.24 -19.33 21.28
C LYS K 169 1.38 -20.33 21.59
N GLY K 170 2.47 -20.39 20.81
CA GLY K 170 3.74 -21.05 21.15
C GLY K 170 3.86 -22.49 21.68
N HIS K 171 2.81 -23.31 21.82
CA HIS K 171 3.04 -24.68 22.24
C HIS K 171 3.31 -25.47 20.96
N ARG K 172 4.52 -26.00 20.78
CA ARG K 172 4.87 -26.56 19.47
C ARG K 172 5.96 -27.64 19.64
N PRO K 173 6.01 -28.79 18.95
CA PRO K 173 7.08 -29.75 19.15
C PRO K 173 8.42 -29.20 18.68
N GLY K 174 9.46 -29.16 19.52
CA GLY K 174 10.80 -28.75 19.11
C GLY K 174 11.41 -29.65 18.02
N VAL K 175 12.62 -29.50 17.44
CA VAL K 175 12.97 -30.43 16.34
C VAL K 175 12.96 -31.91 16.70
N LYS K 176 13.60 -32.54 17.68
CA LYS K 176 13.33 -33.97 17.84
C LYS K 176 12.34 -34.30 18.96
N GLY K 177 11.48 -33.30 19.24
CA GLY K 177 10.60 -33.37 20.38
C GLY K 177 9.13 -33.63 20.11
N GLY K 178 8.78 -34.14 18.94
CA GLY K 178 7.41 -34.47 18.61
C GLY K 178 6.91 -35.75 19.29
N TYR K 179 7.86 -36.50 19.83
CA TYR K 179 7.56 -37.73 20.50
C TYR K 179 7.13 -37.65 21.96
N PHE K 180 5.82 -37.66 21.79
CA PHE K 180 4.70 -37.80 22.70
C PHE K 180 3.99 -36.76 23.52
N PRO K 181 4.30 -35.47 23.53
CA PRO K 181 3.71 -34.52 24.46
C PRO K 181 2.21 -34.38 24.22
N VAL K 182 1.46 -34.21 25.28
CA VAL K 182 0.01 -34.04 25.13
C VAL K 182 -0.38 -32.74 24.41
N PRO K 183 -1.60 -32.64 23.90
CA PRO K 183 -2.18 -31.35 23.53
C PRO K 183 -2.05 -30.24 24.58
N PRO K 184 -1.91 -28.95 24.21
CA PRO K 184 -1.85 -28.46 22.83
C PRO K 184 -0.57 -28.61 22.02
N VAL K 185 0.53 -29.17 22.55
CA VAL K 185 1.80 -29.32 21.80
C VAL K 185 1.60 -30.27 20.60
N ASP K 186 0.87 -31.35 20.84
CA ASP K 186 0.49 -32.21 19.75
C ASP K 186 -0.82 -31.67 19.19
N SER K 187 -0.72 -31.06 18.01
CA SER K 187 -1.94 -30.55 17.35
C SER K 187 -2.83 -31.59 16.68
N ALA K 188 -2.34 -32.80 16.48
CA ALA K 188 -3.11 -33.71 15.66
C ALA K 188 -3.96 -34.83 16.25
N GLN K 189 -4.28 -34.79 17.56
CA GLN K 189 -5.10 -35.83 18.18
C GLN K 189 -6.42 -36.11 17.45
N ASP K 190 -7.23 -35.09 17.22
CA ASP K 190 -8.45 -35.28 16.45
C ASP K 190 -8.24 -35.69 15.00
N ILE K 191 -7.17 -35.25 14.31
CA ILE K 191 -6.94 -35.70 12.94
C ILE K 191 -6.50 -37.15 12.94
N ARG K 192 -5.60 -37.58 13.83
CA ARG K 192 -5.25 -38.98 13.88
C ARG K 192 -6.43 -39.88 14.32
N SER K 193 -7.22 -39.55 15.37
CA SER K 193 -8.37 -40.39 15.75
C SER K 193 -9.36 -40.59 14.62
N GLU K 194 -9.67 -39.51 13.91
CA GLU K 194 -10.52 -39.55 12.71
C GLU K 194 -10.00 -40.45 11.61
N MET K 195 -8.69 -40.38 11.36
CA MET K 195 -8.03 -41.28 10.41
C MET K 195 -8.19 -42.72 10.90
N CYS K 196 -8.11 -42.96 12.21
CA CYS K 196 -8.32 -44.31 12.71
C CYS K 196 -9.74 -44.78 12.45
N LEU K 197 -10.73 -43.96 12.81
CA LEU K 197 -12.12 -44.30 12.58
C LEU K 197 -12.39 -44.53 11.09
N VAL K 198 -11.98 -43.66 10.15
CA VAL K 198 -12.21 -43.95 8.73
C VAL K 198 -11.41 -45.19 8.26
N MET K 199 -10.21 -45.49 8.75
CA MET K 199 -9.51 -46.70 8.34
C MET K 199 -10.28 -47.97 8.69
N GLU K 200 -10.81 -48.02 9.92
CA GLU K 200 -11.59 -49.18 10.34
C GLU K 200 -12.88 -49.31 9.52
N GLN K 201 -13.54 -48.19 9.21
CA GLN K 201 -14.70 -48.17 8.31
C GLN K 201 -14.39 -48.71 6.89
N MET K 202 -13.11 -48.71 6.55
CA MET K 202 -12.62 -49.30 5.30
C MET K 202 -11.98 -50.67 5.45
N GLY K 203 -12.13 -51.23 6.65
CA GLY K 203 -11.71 -52.59 6.94
C GLY K 203 -10.33 -52.78 7.56
N LEU K 204 -9.70 -51.72 8.06
CA LEU K 204 -8.41 -51.92 8.68
C LEU K 204 -8.55 -52.09 10.18
N VAL K 205 -7.57 -52.66 10.88
CA VAL K 205 -7.70 -52.64 12.33
C VAL K 205 -6.64 -51.83 12.99
N VAL K 206 -7.02 -50.68 13.49
CA VAL K 206 -6.08 -49.85 14.21
C VAL K 206 -5.69 -50.44 15.58
N GLU K 207 -4.42 -50.32 15.91
CA GLU K 207 -3.89 -50.75 17.20
C GLU K 207 -3.47 -49.61 18.09
N ALA K 208 -2.94 -48.58 17.47
CA ALA K 208 -2.54 -47.37 18.18
C ALA K 208 -2.32 -46.20 17.23
N HIS K 209 -2.42 -44.95 17.68
CA HIS K 209 -2.02 -43.83 16.84
C HIS K 209 -1.30 -42.86 17.75
N HIS K 210 -0.24 -42.25 17.26
CA HIS K 210 0.49 -41.28 18.06
C HIS K 210 1.31 -40.36 17.16
N HIS K 211 1.74 -39.24 17.74
CA HIS K 211 2.67 -38.33 17.08
C HIS K 211 4.07 -38.95 17.04
N GLU K 212 4.79 -38.74 15.96
CA GLU K 212 6.16 -39.22 15.89
C GLU K 212 7.22 -38.23 16.32
N VAL K 213 8.50 -38.49 16.12
CA VAL K 213 9.59 -37.68 16.67
C VAL K 213 9.74 -36.27 16.14
N ALA K 214 9.53 -36.13 14.84
CA ALA K 214 9.74 -34.85 14.22
C ALA K 214 8.79 -33.69 14.55
N THR K 215 9.38 -32.50 14.66
CA THR K 215 8.59 -31.26 14.67
C THR K 215 7.79 -31.13 13.36
N ALA K 216 6.93 -30.14 13.14
CA ALA K 216 6.21 -29.99 11.87
C ALA K 216 5.39 -31.18 11.33
N GLY K 217 4.71 -31.83 12.28
CA GLY K 217 3.68 -32.81 11.94
C GLY K 217 4.01 -34.27 11.63
N GLN K 218 5.03 -34.91 12.21
CA GLN K 218 5.19 -36.33 11.93
C GLN K 218 4.20 -37.14 12.76
N ASN K 219 3.49 -38.05 12.12
CA ASN K 219 2.47 -38.88 12.78
C ASN K 219 2.48 -40.34 12.40
N GLU K 220 1.84 -41.17 13.21
CA GLU K 220 1.78 -42.59 12.91
C GLU K 220 0.49 -43.23 13.39
N VAL K 221 -0.15 -43.94 12.48
CA VAL K 221 -1.29 -44.75 12.84
C VAL K 221 -0.82 -46.20 12.69
N ALA K 222 -0.74 -46.92 13.81
CA ALA K 222 -0.33 -48.32 13.84
C ALA K 222 -1.47 -49.27 13.52
N THR K 223 -1.26 -50.19 12.59
CA THR K 223 -2.36 -51.00 12.10
C THR K 223 -2.16 -52.54 12.14
N ARG K 224 -3.13 -53.39 12.55
CA ARG K 224 -2.98 -54.86 12.61
C ARG K 224 -2.68 -55.50 11.27
N PHE K 225 -1.75 -56.43 11.44
CA PHE K 225 -1.16 -57.20 10.36
C PHE K 225 -2.11 -57.96 9.45
N ASN K 226 -1.48 -58.41 8.39
CA ASN K 226 -2.21 -59.24 7.47
C ASN K 226 -1.33 -60.10 6.60
N THR K 227 -1.98 -60.90 5.79
CA THR K 227 -1.24 -61.67 4.81
C THR K 227 -0.74 -60.68 3.76
N MET K 228 0.43 -60.95 3.21
CA MET K 228 1.06 -60.07 2.23
C MET K 228 0.19 -59.33 1.22
N THR K 229 -0.43 -59.91 0.17
CA THR K 229 -1.23 -59.07 -0.73
C THR K 229 -2.41 -58.35 -0.08
N LYS K 230 -3.02 -58.90 0.97
CA LYS K 230 -4.11 -58.17 1.62
C LYS K 230 -3.56 -56.95 2.34
N LYS K 231 -2.40 -57.09 2.99
CA LYS K 231 -1.73 -55.98 3.65
C LYS K 231 -1.25 -54.91 2.69
N ALA K 232 -0.70 -55.32 1.56
CA ALA K 232 -0.32 -54.36 0.53
C ALA K 232 -1.52 -53.51 0.08
N ASP K 233 -2.69 -54.12 -0.14
CA ASP K 233 -3.89 -53.33 -0.39
C ASP K 233 -4.26 -52.46 0.82
N GLU K 234 -4.13 -52.95 2.05
CA GLU K 234 -4.40 -52.11 3.23
C GLU K 234 -3.47 -50.92 3.33
N ILE K 235 -2.22 -51.02 2.83
CA ILE K 235 -1.36 -49.86 2.74
C ILE K 235 -1.91 -48.89 1.70
N GLN K 236 -2.39 -49.35 0.54
CA GLN K 236 -3.04 -48.43 -0.40
C GLN K 236 -4.28 -47.78 0.19
N ILE K 237 -5.08 -48.46 1.02
CA ILE K 237 -6.18 -47.76 1.70
C ILE K 237 -5.67 -46.80 2.78
N TYR K 238 -4.68 -47.24 3.56
CA TYR K 238 -4.05 -46.44 4.61
C TYR K 238 -3.63 -45.08 4.10
N LYS K 239 -2.80 -45.12 3.05
CA LYS K 239 -2.39 -43.90 2.39
C LYS K 239 -3.56 -43.07 1.86
N TYR K 240 -4.61 -43.65 1.28
CA TYR K 240 -5.76 -42.88 0.76
C TYR K 240 -6.51 -42.12 1.85
N VAL K 241 -6.73 -42.81 2.96
CA VAL K 241 -7.41 -42.18 4.09
C VAL K 241 -6.54 -41.09 4.67
N VAL K 242 -5.24 -41.31 4.87
CA VAL K 242 -4.37 -40.25 5.39
C VAL K 242 -4.37 -39.03 4.46
N HIS K 243 -4.14 -39.24 3.16
CA HIS K 243 -4.18 -38.13 2.21
C HIS K 243 -5.53 -37.40 2.22
N ASN K 244 -6.68 -38.10 2.24
CA ASN K 244 -7.95 -37.39 2.24
C ASN K 244 -8.51 -36.85 3.55
N VAL K 245 -8.28 -37.48 4.70
CA VAL K 245 -8.72 -36.90 5.97
C VAL K 245 -7.91 -35.64 6.24
N ALA K 246 -6.59 -35.73 6.01
CA ALA K 246 -5.72 -34.57 6.14
C ALA K 246 -6.26 -33.39 5.32
N HIS K 247 -6.64 -33.72 4.08
CA HIS K 247 -7.23 -32.74 3.19
C HIS K 247 -8.52 -32.10 3.74
N ARG K 248 -9.43 -32.90 4.31
CA ARG K 248 -10.67 -32.39 4.94
C ARG K 248 -10.37 -31.45 6.09
N PHE K 249 -9.27 -31.75 6.79
CA PHE K 249 -8.77 -30.91 7.86
C PHE K 249 -7.96 -29.69 7.45
N GLY K 250 -7.79 -29.44 6.15
CA GLY K 250 -7.02 -28.29 5.68
C GLY K 250 -5.51 -28.48 5.70
N LYS K 251 -5.10 -29.70 5.96
CA LYS K 251 -3.71 -30.08 5.94
C LYS K 251 -3.38 -30.77 4.62
N THR K 252 -2.12 -31.11 4.47
CA THR K 252 -1.61 -31.89 3.35
C THR K 252 -0.64 -32.91 3.91
N ALA K 253 -0.92 -34.16 3.60
CA ALA K 253 -0.05 -35.23 4.07
C ALA K 253 0.92 -35.71 3.03
N THR K 254 2.06 -36.15 3.49
CA THR K 254 3.03 -36.74 2.58
C THR K 254 3.77 -37.94 3.12
N PHE K 255 3.90 -38.94 2.26
CA PHE K 255 4.65 -40.12 2.64
C PHE K 255 6.09 -40.10 2.15
N MET K 256 6.66 -38.95 1.72
CA MET K 256 8.02 -39.03 1.26
C MET K 256 9.00 -39.19 2.43
N PRO K 257 10.09 -39.92 2.22
CA PRO K 257 10.93 -40.47 3.29
C PRO K 257 11.61 -39.41 4.15
N LYS K 258 12.12 -38.39 3.46
CA LYS K 258 12.90 -37.32 4.06
C LYS K 258 12.55 -35.92 3.58
N PRO K 259 11.48 -35.27 4.04
CA PRO K 259 11.14 -33.93 3.59
C PRO K 259 11.99 -32.83 4.21
N MET K 260 12.42 -33.03 5.44
CA MET K 260 13.24 -32.02 6.12
C MET K 260 14.61 -32.54 6.53
N PHE K 261 15.66 -31.78 6.25
CA PHE K 261 16.97 -32.13 6.77
C PHE K 261 17.09 -31.73 8.25
N GLY K 262 17.68 -32.54 9.11
CA GLY K 262 17.90 -32.11 10.49
C GLY K 262 16.85 -32.54 11.51
N ASP K 263 15.94 -33.33 10.99
CA ASP K 263 14.94 -33.98 11.81
C ASP K 263 14.51 -35.30 11.20
N ASN K 264 13.76 -36.09 11.95
CA ASN K 264 13.28 -37.38 11.54
C ASN K 264 12.66 -37.57 10.14
N GLY K 265 12.98 -38.74 9.63
CA GLY K 265 12.43 -39.19 8.39
C GLY K 265 11.30 -40.17 8.66
N SER K 266 10.46 -40.27 7.67
CA SER K 266 9.36 -41.21 7.70
C SER K 266 9.82 -42.54 7.10
N GLY K 267 9.92 -43.54 7.97
CA GLY K 267 10.17 -44.90 7.52
C GLY K 267 8.94 -45.80 7.61
N MET K 268 8.94 -46.92 6.89
CA MET K 268 7.87 -47.91 6.96
C MET K 268 8.46 -49.25 7.33
N HIS K 269 8.56 -49.53 8.63
CA HIS K 269 9.19 -50.80 9.01
C HIS K 269 8.28 -51.99 8.77
N CYS K 270 8.82 -52.99 8.13
CA CYS K 270 8.06 -54.21 7.93
C CYS K 270 8.34 -55.29 8.94
N HIS K 271 7.32 -55.55 9.74
CA HIS K 271 7.40 -56.73 10.58
C HIS K 271 7.00 -57.94 9.75
N MET K 272 7.78 -59.00 9.77
CA MET K 272 7.42 -60.21 9.05
C MET K 272 7.41 -61.47 9.88
N SER K 273 6.52 -62.35 9.44
CA SER K 273 6.41 -63.68 10.02
C SER K 273 5.89 -64.76 9.08
N LEU K 274 6.37 -65.98 9.23
CA LEU K 274 5.88 -67.08 8.42
C LEU K 274 5.09 -68.11 9.21
N ALA K 275 4.07 -68.68 8.57
CA ALA K 275 3.30 -69.70 9.24
C ALA K 275 2.84 -70.90 8.41
N LYS K 276 3.07 -72.09 8.96
CA LYS K 276 2.63 -73.34 8.35
C LYS K 276 1.56 -73.89 9.29
N ASN K 277 0.51 -74.52 8.76
CA ASN K 277 -0.62 -75.07 9.52
C ASN K 277 -0.93 -74.48 10.90
N GLY K 278 -1.20 -73.17 10.91
CA GLY K 278 -1.53 -72.44 12.15
C GLY K 278 -0.41 -72.20 13.17
N THR K 279 0.83 -72.49 12.80
CA THR K 279 1.97 -72.32 13.69
C THR K 279 3.07 -71.45 13.11
N ASN K 280 3.59 -70.64 14.01
CA ASN K 280 4.61 -69.69 13.65
C ASN K 280 6.03 -70.24 13.53
N LEU K 281 6.40 -70.53 12.29
CA LEU K 281 7.74 -70.98 11.97
C LEU K 281 8.89 -70.12 12.49
N PHE K 282 8.66 -68.83 12.73
CA PHE K 282 9.74 -68.00 13.24
C PHE K 282 10.00 -68.17 14.71
N SER K 283 9.05 -68.73 15.46
CA SER K 283 9.31 -69.05 16.86
C SER K 283 10.17 -70.31 16.98
N GLY K 284 10.94 -70.42 18.04
CA GLY K 284 11.81 -71.56 18.25
C GLY K 284 12.75 -71.39 19.43
N ASP K 285 13.84 -72.13 19.34
CA ASP K 285 14.94 -72.03 20.30
C ASP K 285 15.90 -70.91 19.84
N LYS K 286 17.16 -71.12 19.45
CA LYS K 286 18.05 -70.09 18.88
C LYS K 286 18.06 -68.64 19.44
N TYR K 287 18.64 -67.63 18.76
CA TYR K 287 18.63 -66.26 19.30
C TYR K 287 17.24 -65.68 19.55
N ALA K 288 17.04 -65.23 20.77
CA ALA K 288 15.82 -64.53 21.18
C ALA K 288 14.46 -65.14 20.83
N GLY K 289 14.35 -66.48 20.95
CA GLY K 289 13.11 -67.18 20.64
C GLY K 289 12.94 -67.54 19.16
N LEU K 290 13.96 -67.27 18.35
CA LEU K 290 13.83 -67.55 16.94
C LEU K 290 14.14 -68.97 16.49
N SER K 291 13.52 -69.38 15.40
CA SER K 291 13.91 -70.66 14.83
C SER K 291 15.13 -70.55 13.91
N GLU K 292 15.74 -71.69 13.56
CA GLU K 292 16.82 -71.72 12.55
C GLU K 292 16.30 -71.25 11.18
N GLN K 293 15.02 -71.55 10.96
CA GLN K 293 14.23 -71.17 9.77
C GLN K 293 14.18 -69.64 9.59
N ALA K 294 13.90 -68.99 10.72
CA ALA K 294 13.88 -67.53 10.84
C ALA K 294 15.26 -66.93 10.60
N LEU K 295 16.30 -67.51 11.22
CA LEU K 295 17.65 -67.06 10.96
C LEU K 295 18.04 -67.10 9.49
N TYR K 296 17.66 -68.14 8.75
CA TYR K 296 17.91 -68.14 7.32
C TYR K 296 17.11 -67.10 6.55
N TYR K 297 15.89 -66.78 7.01
CA TYR K 297 15.10 -65.68 6.43
C TYR K 297 15.91 -64.38 6.56
N ILE K 298 16.38 -64.04 7.78
CA ILE K 298 17.25 -62.89 7.99
C ILE K 298 18.47 -62.93 7.06
N GLY K 299 19.16 -64.08 6.99
CA GLY K 299 20.28 -64.26 6.07
C GLY K 299 19.93 -63.96 4.61
N GLY K 300 18.76 -64.34 4.12
CA GLY K 300 18.31 -64.02 2.77
C GLY K 300 18.08 -62.52 2.57
N VAL K 301 17.39 -61.88 3.52
CA VAL K 301 17.18 -60.43 3.50
C VAL K 301 18.54 -59.73 3.45
N ILE K 302 19.43 -59.99 4.41
CA ILE K 302 20.77 -59.39 4.42
C ILE K 302 21.56 -59.69 3.14
N LYS K 303 21.54 -60.93 2.64
CA LYS K 303 22.17 -61.29 1.36
C LYS K 303 21.68 -60.44 0.19
N HIS K 304 20.39 -60.13 0.16
CA HIS K 304 19.84 -59.38 -0.96
C HIS K 304 19.44 -57.93 -0.69
N ALA K 305 19.77 -57.44 0.51
CA ALA K 305 19.41 -56.10 0.94
C ALA K 305 19.57 -54.98 -0.09
N LYS K 306 20.72 -54.80 -0.75
CA LYS K 306 20.80 -53.76 -1.77
C LYS K 306 19.83 -53.92 -2.96
N ALA K 307 19.47 -55.13 -3.40
CA ALA K 307 18.46 -55.27 -4.46
C ALA K 307 17.07 -54.98 -3.91
N ILE K 308 16.83 -55.39 -2.65
CA ILE K 308 15.60 -55.06 -1.96
C ILE K 308 15.47 -53.52 -1.85
N ASN K 309 16.54 -52.77 -1.56
CA ASN K 309 16.49 -51.30 -1.49
C ASN K 309 15.93 -50.63 -2.74
N ALA K 310 16.20 -51.16 -3.92
CA ALA K 310 15.62 -50.64 -5.16
C ALA K 310 14.09 -50.67 -5.20
N LEU K 311 13.49 -51.53 -4.39
CA LEU K 311 12.03 -51.66 -4.29
C LEU K 311 11.47 -51.12 -2.95
N ALA K 312 12.20 -51.32 -1.84
CA ALA K 312 11.82 -50.86 -0.50
C ALA K 312 12.20 -49.41 -0.15
N ASN K 313 13.12 -48.84 -0.94
CA ASN K 313 13.60 -47.46 -0.83
C ASN K 313 13.76 -46.83 -2.23
N PRO K 314 12.70 -46.69 -3.01
CA PRO K 314 12.76 -46.51 -4.46
C PRO K 314 12.93 -45.06 -4.95
N THR K 315 13.16 -44.12 -4.03
CA THR K 315 13.21 -42.72 -4.41
C THR K 315 14.59 -42.13 -4.17
N THR K 316 15.12 -41.17 -4.93
CA THR K 316 16.40 -40.57 -4.50
C THR K 316 16.36 -40.03 -3.06
N ASN K 317 15.22 -39.43 -2.68
CA ASN K 317 15.00 -38.93 -1.33
C ASN K 317 15.11 -40.00 -0.23
N SER K 318 14.83 -41.25 -0.58
CA SER K 318 14.92 -42.36 0.37
C SER K 318 16.26 -42.46 1.06
N TYR K 319 17.30 -42.19 0.28
CA TYR K 319 18.66 -42.28 0.77
C TYR K 319 19.10 -41.08 1.59
N LYS K 320 18.36 -39.96 1.58
CA LYS K 320 18.61 -38.89 2.55
C LYS K 320 18.24 -39.33 3.98
N ARG K 321 17.35 -40.33 4.10
CA ARG K 321 16.97 -40.95 5.37
C ARG K 321 17.98 -42.03 5.80
N LEU K 322 18.32 -42.85 4.82
CA LEU K 322 19.31 -43.89 5.05
C LEU K 322 20.76 -43.40 4.99
N VAL K 323 21.09 -42.51 5.90
CA VAL K 323 22.47 -42.06 6.00
C VAL K 323 23.02 -42.49 7.35
N PRO K 324 24.31 -42.84 7.49
CA PRO K 324 24.95 -43.23 8.75
C PRO K 324 24.55 -42.69 10.13
N PRO K 329 19.15 -46.54 10.23
CA PRO K 329 19.22 -48.00 10.22
C PRO K 329 19.91 -48.56 8.99
N VAL K 330 21.17 -48.21 8.86
CA VAL K 330 21.94 -48.65 7.69
C VAL K 330 22.66 -50.01 7.77
N MET K 331 23.00 -50.42 8.99
CA MET K 331 23.70 -51.66 9.29
C MET K 331 22.93 -52.96 9.06
N LEU K 332 23.29 -53.75 8.06
CA LEU K 332 22.70 -55.07 7.84
C LEU K 332 23.15 -56.08 8.90
N ALA K 333 22.39 -56.03 9.98
CA ALA K 333 22.65 -56.85 11.14
C ALA K 333 21.37 -57.12 11.91
N TYR K 334 21.21 -58.30 12.47
CA TYR K 334 20.08 -58.53 13.35
C TYR K 334 20.42 -58.41 14.82
N SER K 335 19.43 -57.98 15.57
CA SER K 335 19.57 -57.87 17.02
C SER K 335 18.28 -57.64 17.80
N ALA K 336 18.21 -58.12 19.03
CA ALA K 336 17.10 -57.77 19.93
C ALA K 336 17.49 -56.49 20.69
N ARG K 337 18.81 -56.32 20.89
CA ARG K 337 19.42 -55.12 21.47
C ARG K 337 19.76 -53.95 20.52
N ASN K 338 20.70 -54.03 19.56
CA ASN K 338 21.08 -52.89 18.71
C ASN K 338 20.06 -52.17 17.77
N ARG K 339 19.30 -51.13 18.18
CA ARG K 339 18.48 -50.33 17.23
C ARG K 339 19.46 -49.35 16.55
N SER K 340 20.09 -49.96 15.58
CA SER K 340 21.18 -49.47 14.73
C SER K 340 21.33 -50.51 13.62
N ALA K 341 21.02 -51.74 14.07
CA ALA K 341 20.80 -52.89 13.22
C ALA K 341 19.47 -52.72 12.48
N SER K 342 19.53 -52.87 11.18
CA SER K 342 18.33 -52.77 10.34
C SER K 342 17.38 -53.97 10.47
N ILE K 343 17.80 -55.05 11.11
CA ILE K 343 16.90 -56.16 11.38
C ILE K 343 16.74 -56.25 12.90
N ARG K 344 15.62 -55.79 13.42
CA ARG K 344 15.32 -55.90 14.85
C ARG K 344 14.48 -57.15 15.13
N ILE K 345 14.88 -57.94 16.12
CA ILE K 345 14.08 -59.08 16.54
C ILE K 345 13.29 -58.55 17.74
N PRO K 346 11.99 -58.23 17.59
CA PRO K 346 11.20 -57.60 18.63
C PRO K 346 11.11 -58.51 19.85
N VAL K 347 11.30 -57.95 21.03
CA VAL K 347 11.16 -58.73 22.25
C VAL K 347 9.65 -58.86 22.48
N VAL K 348 9.11 -59.92 21.88
CA VAL K 348 7.70 -60.18 22.05
C VAL K 348 7.37 -60.61 23.48
N ALA K 349 8.23 -61.44 24.14
CA ALA K 349 8.09 -62.03 25.49
C ALA K 349 6.93 -63.02 25.63
N SER K 350 5.84 -62.50 25.09
CA SER K 350 4.61 -63.18 24.72
C SER K 350 4.91 -64.32 23.72
N PRO K 351 4.00 -65.08 23.12
CA PRO K 351 4.25 -66.51 22.90
C PRO K 351 4.96 -67.06 21.66
N LYS K 352 4.34 -66.63 20.59
CA LYS K 352 4.57 -67.08 19.22
C LYS K 352 4.02 -66.07 18.19
N ALA K 353 3.86 -64.88 18.75
CA ALA K 353 3.91 -63.65 17.98
C ALA K 353 5.40 -63.29 17.71
N ARG K 354 6.29 -64.30 17.71
CA ARG K 354 7.68 -64.17 17.31
C ARG K 354 7.80 -63.74 15.86
N ARG K 355 8.64 -62.76 15.59
CA ARG K 355 8.75 -62.20 14.25
C ARG K 355 10.04 -61.45 14.01
N ILE K 356 10.37 -61.20 12.76
CA ILE K 356 11.47 -60.29 12.54
C ILE K 356 10.95 -58.91 12.12
N GLU K 357 11.70 -57.87 12.40
CA GLU K 357 11.33 -56.55 11.94
C GLU K 357 12.41 -55.95 11.05
N VAL K 358 12.16 -55.71 9.77
CA VAL K 358 13.15 -55.02 8.96
C VAL K 358 12.88 -53.49 9.04
N ARG K 359 13.79 -52.75 9.65
CA ARG K 359 13.64 -51.31 9.84
C ARG K 359 13.94 -50.38 8.68
N PHE K 360 14.61 -50.84 7.63
CA PHE K 360 14.97 -49.91 6.57
C PHE K 360 14.00 -49.45 5.48
N PRO K 361 12.88 -50.09 5.08
CA PRO K 361 12.05 -49.57 3.98
C PRO K 361 11.32 -48.26 4.30
N ASP K 362 10.74 -47.57 3.34
CA ASP K 362 10.02 -46.35 3.69
C ASP K 362 8.71 -46.15 2.95
N PRO K 363 7.73 -45.33 3.40
CA PRO K 363 6.42 -45.17 2.78
C PRO K 363 6.41 -44.93 1.28
N ALA K 364 7.54 -44.53 0.67
CA ALA K 364 7.54 -44.35 -0.77
C ALA K 364 7.51 -45.64 -1.59
N ALA K 365 7.80 -46.75 -0.91
CA ALA K 365 7.85 -48.05 -1.55
C ALA K 365 6.51 -48.59 -2.06
N ASN K 366 6.53 -49.25 -3.22
CA ASN K 366 5.32 -49.88 -3.74
C ASN K 366 5.01 -51.08 -2.85
N PRO K 367 3.95 -51.12 -2.04
CA PRO K 367 3.83 -52.11 -0.97
C PRO K 367 3.79 -53.52 -1.55
N TYR K 368 3.23 -53.71 -2.75
CA TYR K 368 3.24 -55.02 -3.39
C TYR K 368 4.67 -55.43 -3.73
N LEU K 369 5.38 -54.71 -4.61
CA LEU K 369 6.75 -55.07 -4.93
C LEU K 369 7.72 -55.09 -3.73
N CYS K 370 7.55 -54.18 -2.76
CA CYS K 370 8.41 -54.15 -1.57
C CYS K 370 8.23 -55.42 -0.76
N PHE K 371 6.98 -55.79 -0.46
CA PHE K 371 6.71 -57.01 0.30
C PHE K 371 7.07 -58.27 -0.47
N ALA K 372 6.72 -58.36 -1.78
CA ALA K 372 7.16 -59.47 -2.62
C ALA K 372 8.67 -59.65 -2.54
N ALA K 373 9.46 -58.60 -2.80
CA ALA K 373 10.91 -58.71 -2.67
C ALA K 373 11.39 -59.07 -1.26
N LEU K 374 10.87 -58.52 -0.15
CA LEU K 374 11.29 -59.02 1.18
C LEU K 374 11.04 -60.53 1.34
N LEU K 375 9.85 -61.01 0.91
CA LEU K 375 9.48 -62.42 0.99
C LEU K 375 10.43 -63.27 0.14
N MET K 376 10.51 -63.05 -1.17
CA MET K 376 11.44 -63.77 -2.04
C MET K 376 12.88 -63.80 -1.52
N ALA K 377 13.40 -62.71 -0.95
CA ALA K 377 14.73 -62.74 -0.35
C ALA K 377 14.82 -63.67 0.86
N GLY K 378 13.82 -63.55 1.73
CA GLY K 378 13.72 -64.38 2.91
C GLY K 378 13.60 -65.87 2.62
N LEU K 379 12.83 -66.25 1.60
CA LEU K 379 12.76 -67.65 1.20
C LEU K 379 14.10 -68.10 0.66
N ASP K 380 14.73 -67.40 -0.30
CA ASP K 380 16.08 -67.74 -0.77
C ASP K 380 17.11 -67.97 0.37
N GLY K 381 16.93 -67.32 1.51
CA GLY K 381 17.75 -67.60 2.69
C GLY K 381 17.52 -69.02 3.21
N ILE K 382 16.25 -69.30 3.56
CA ILE K 382 15.77 -70.62 4.00
C ILE K 382 16.20 -71.71 3.01
N LYS K 383 15.77 -71.53 1.76
CA LYS K 383 16.07 -72.41 0.65
C LYS K 383 17.55 -72.78 0.42
N ASN K 384 18.47 -71.90 0.84
CA ASN K 384 19.90 -72.16 0.74
C ASN K 384 20.63 -72.09 2.09
N LYS K 385 19.97 -72.30 3.24
CA LYS K 385 20.61 -72.25 4.57
C LYS K 385 21.55 -71.06 4.81
N ILE K 386 21.28 -69.92 4.16
CA ILE K 386 22.10 -68.70 4.25
C ILE K 386 22.11 -68.20 5.68
N HIS K 387 23.00 -68.76 6.48
CA HIS K 387 23.04 -68.43 7.89
C HIS K 387 23.48 -66.99 8.18
N PRO K 388 22.63 -66.20 8.86
CA PRO K 388 22.83 -64.77 9.06
C PRO K 388 24.15 -64.40 9.73
N GLY K 389 24.45 -64.93 10.93
CA GLY K 389 25.75 -64.68 11.54
C GLY K 389 25.63 -64.59 13.04
N GLU K 390 25.99 -63.44 13.57
CA GLU K 390 25.88 -63.17 14.99
C GLU K 390 25.31 -61.77 15.24
N PRO K 391 24.50 -61.59 16.28
CA PRO K 391 23.90 -60.31 16.60
C PRO K 391 24.78 -59.18 17.09
N MET K 392 24.78 -58.06 16.37
CA MET K 392 25.42 -56.85 16.89
C MET K 392 24.58 -56.38 18.08
N ASP K 393 25.09 -56.24 19.30
CA ASP K 393 24.23 -55.78 20.41
C ASP K 393 24.71 -54.54 21.17
N ILE K 407 31.12 -54.97 8.63
CA ILE K 407 29.68 -55.04 8.80
C ILE K 407 28.88 -54.34 7.66
N PRO K 408 28.16 -55.10 6.82
CA PRO K 408 27.60 -54.62 5.57
C PRO K 408 26.40 -53.68 5.71
N GLN K 409 26.23 -52.78 4.74
CA GLN K 409 25.18 -51.79 4.82
C GLN K 409 24.24 -51.79 3.62
N VAL K 410 23.08 -51.19 3.81
CA VAL K 410 22.10 -50.95 2.74
C VAL K 410 22.68 -50.15 1.57
N ALA K 411 22.10 -50.19 0.38
CA ALA K 411 22.56 -49.35 -0.72
C ALA K 411 22.66 -47.87 -0.30
N GLY K 412 23.77 -47.24 -0.61
CA GLY K 412 23.97 -45.83 -0.27
C GLY K 412 23.31 -44.83 -1.22
N SER K 413 22.65 -45.31 -2.26
CA SER K 413 21.97 -44.43 -3.20
C SER K 413 21.03 -45.20 -4.10
N LEU K 414 20.08 -44.52 -4.73
CA LEU K 414 19.18 -45.19 -5.67
C LEU K 414 19.95 -45.82 -6.81
N GLU K 415 20.98 -45.16 -7.35
CA GLU K 415 21.76 -45.72 -8.46
C GLU K 415 22.40 -47.05 -8.09
N GLU K 416 22.95 -47.07 -6.87
CA GLU K 416 23.51 -48.27 -6.29
C GLU K 416 22.45 -49.36 -6.19
N ALA K 417 21.35 -49.05 -5.50
CA ALA K 417 20.23 -49.97 -5.36
C ALA K 417 19.74 -50.49 -6.71
N LEU K 418 19.55 -49.64 -7.72
CA LEU K 418 19.16 -50.09 -9.05
C LEU K 418 20.20 -51.01 -9.67
N ASN K 419 21.51 -50.71 -9.64
CA ASN K 419 22.53 -51.63 -10.16
C ASN K 419 22.46 -53.01 -9.50
N ALA K 420 22.34 -52.96 -8.18
CA ALA K 420 22.19 -54.14 -7.35
C ALA K 420 20.95 -54.96 -7.72
N LEU K 421 19.76 -54.39 -7.89
CA LEU K 421 18.60 -55.16 -8.36
C LEU K 421 18.88 -55.76 -9.72
N ASP K 422 19.44 -54.96 -10.63
CA ASP K 422 19.83 -55.45 -11.95
C ASP K 422 20.76 -56.68 -11.95
N LEU K 423 21.72 -56.74 -11.03
CA LEU K 423 22.62 -57.89 -10.94
C LEU K 423 22.15 -59.03 -10.06
N ASP K 424 21.44 -58.73 -8.97
CA ASP K 424 20.93 -59.72 -8.03
C ASP K 424 19.48 -60.14 -8.34
N ARG K 425 19.21 -60.07 -9.63
CA ARG K 425 17.94 -60.38 -10.26
C ARG K 425 17.35 -61.77 -10.05
N GLU K 426 18.19 -62.78 -9.85
CA GLU K 426 17.74 -64.16 -9.74
C GLU K 426 16.71 -64.55 -8.69
N PHE K 427 16.92 -64.16 -7.44
CA PHE K 427 15.98 -64.52 -6.38
C PHE K 427 14.58 -63.93 -6.60
N LEU K 428 14.48 -62.78 -7.30
CA LEU K 428 13.16 -62.28 -7.63
C LEU K 428 12.49 -63.13 -8.72
N LYS K 429 13.22 -63.66 -9.70
CA LYS K 429 12.63 -64.44 -10.80
C LYS K 429 12.12 -65.85 -10.47
N ALA K 430 12.50 -66.35 -9.28
CA ALA K 430 12.04 -67.65 -8.78
C ALA K 430 10.53 -67.88 -8.86
N GLY K 431 10.21 -68.96 -9.55
CA GLY K 431 8.83 -69.33 -9.77
C GLY K 431 8.00 -68.32 -10.56
N GLY K 432 8.60 -67.46 -11.38
CA GLY K 432 7.81 -66.57 -12.23
C GLY K 432 7.27 -65.29 -11.56
N VAL K 433 7.52 -65.16 -10.25
CA VAL K 433 7.24 -63.95 -9.47
C VAL K 433 8.15 -62.92 -10.17
N PHE K 434 7.82 -61.81 -10.85
CA PHE K 434 8.85 -60.98 -11.51
C PHE K 434 9.60 -61.54 -12.71
N THR K 435 9.23 -61.03 -13.87
CA THR K 435 9.97 -61.35 -15.08
C THR K 435 11.13 -60.40 -15.31
N ASP K 436 12.06 -60.74 -16.20
CA ASP K 436 13.08 -59.78 -16.61
C ASP K 436 12.51 -58.50 -17.19
N GLU K 437 11.47 -58.53 -18.03
CA GLU K 437 10.87 -57.29 -18.57
C GLU K 437 10.37 -56.39 -17.44
N ALA K 438 9.70 -57.04 -16.47
CA ALA K 438 9.21 -56.38 -15.27
C ALA K 438 10.35 -55.68 -14.52
N ILE K 439 11.42 -56.43 -14.20
CA ILE K 439 12.58 -55.82 -13.53
C ILE K 439 13.25 -54.73 -14.37
N ASP K 440 13.52 -54.98 -15.64
CA ASP K 440 14.08 -53.96 -16.52
C ASP K 440 13.26 -52.69 -16.68
N ALA K 441 11.92 -52.76 -16.82
CA ALA K 441 11.07 -51.58 -16.95
C ALA K 441 11.03 -50.74 -15.68
N TYR K 442 11.04 -51.47 -14.55
CA TYR K 442 11.15 -50.85 -13.23
C TYR K 442 12.42 -50.03 -13.16
N ILE K 443 13.59 -50.66 -13.36
CA ILE K 443 14.85 -49.91 -13.30
C ILE K 443 14.85 -48.71 -14.25
N ALA K 444 14.33 -48.87 -15.47
CA ALA K 444 14.15 -47.76 -16.42
C ALA K 444 13.37 -46.59 -15.83
N LEU K 445 12.22 -46.83 -15.20
CA LEU K 445 11.50 -45.76 -14.53
C LEU K 445 12.35 -45.12 -13.45
N ARG K 446 12.81 -45.88 -12.44
CA ARG K 446 13.64 -45.32 -11.40
C ARG K 446 14.91 -44.57 -11.86
N ARG K 447 15.47 -44.92 -13.02
CA ARG K 447 16.63 -44.21 -13.54
C ARG K 447 16.34 -42.80 -14.04
N GLU K 448 15.25 -42.63 -14.79
CA GLU K 448 14.80 -41.33 -15.28
C GLU K 448 14.67 -40.30 -14.14
N GLU K 449 14.15 -40.81 -13.03
CA GLU K 449 14.00 -40.06 -11.81
C GLU K 449 15.35 -39.71 -11.20
N ASP K 450 16.20 -40.73 -11.03
CA ASP K 450 17.54 -40.49 -10.51
C ASP K 450 18.30 -39.45 -11.36
N ASP K 451 18.24 -39.51 -12.69
CA ASP K 451 18.86 -38.53 -13.56
C ASP K 451 18.42 -37.08 -13.35
N ARG K 452 17.11 -36.82 -13.27
CA ARG K 452 16.61 -35.47 -13.04
C ARG K 452 17.18 -34.89 -11.75
N VAL K 453 17.17 -35.70 -10.69
CA VAL K 453 17.79 -35.28 -9.43
C VAL K 453 19.33 -35.12 -9.58
N ARG K 454 20.03 -35.94 -10.38
CA ARG K 454 21.48 -35.86 -10.57
C ARG K 454 21.99 -34.65 -11.38
N MET K 455 21.22 -34.27 -12.40
CA MET K 455 21.57 -33.18 -13.32
C MET K 455 21.08 -31.79 -12.95
N THR K 456 20.17 -31.69 -11.98
CA THR K 456 19.66 -30.40 -11.54
C THR K 456 20.51 -29.84 -10.41
N PRO K 457 21.20 -28.70 -10.52
CA PRO K 457 21.95 -28.11 -9.41
C PRO K 457 21.13 -27.87 -8.16
N HIS K 458 21.76 -28.31 -7.08
CA HIS K 458 21.17 -28.26 -5.75
C HIS K 458 21.42 -26.91 -5.10
N PRO K 459 20.46 -26.30 -4.40
CA PRO K 459 20.71 -25.12 -3.57
C PRO K 459 21.93 -25.17 -2.66
N VAL K 460 22.24 -26.14 -1.77
CA VAL K 460 23.50 -26.03 -1.00
C VAL K 460 24.78 -26.03 -1.86
N GLU K 461 24.74 -26.41 -3.15
CA GLU K 461 25.92 -26.27 -4.02
C GLU K 461 26.20 -24.77 -4.21
N PHE K 462 25.21 -23.88 -4.31
CA PHE K 462 25.51 -22.45 -4.37
C PHE K 462 26.14 -21.97 -3.07
N GLU K 463 25.66 -22.54 -1.96
CA GLU K 463 26.23 -22.23 -0.64
C GLU K 463 27.71 -22.61 -0.51
N LEU K 464 28.00 -23.78 -1.08
CA LEU K 464 29.31 -24.38 -1.10
C LEU K 464 30.32 -23.85 -2.13
N TYR K 465 29.81 -23.65 -3.33
CA TYR K 465 30.64 -23.36 -4.49
C TYR K 465 30.41 -22.06 -5.24
N TYR K 466 29.50 -21.15 -4.89
CA TYR K 466 29.36 -19.94 -5.69
C TYR K 466 30.62 -19.07 -5.69
N SER K 467 31.23 -18.90 -4.52
CA SER K 467 32.45 -18.10 -4.46
C SER K 467 33.75 -18.82 -4.79
N VAL K 468 33.60 -19.88 -5.58
CA VAL K 468 34.76 -20.58 -6.10
C VAL K 468 35.44 -19.65 -7.16
N SER L 1 -10.62 -50.25 39.36
CA SER L 1 -10.34 -51.63 38.92
C SER L 1 -10.47 -51.80 37.41
N ALA L 2 -9.87 -52.84 36.79
CA ALA L 2 -10.08 -53.14 35.37
C ALA L 2 -11.57 -53.20 34.99
N GLU L 3 -12.32 -53.99 35.77
CA GLU L 3 -13.76 -54.13 35.70
C GLU L 3 -14.54 -52.82 35.51
N HIS L 4 -14.18 -51.85 36.34
CA HIS L 4 -14.74 -50.49 36.29
C HIS L 4 -14.40 -49.75 35.01
N VAL L 5 -13.14 -49.83 34.57
CA VAL L 5 -12.73 -49.18 33.34
C VAL L 5 -13.52 -49.78 32.17
N LEU L 6 -13.59 -51.11 32.14
CA LEU L 6 -14.36 -51.85 31.16
C LEU L 6 -15.83 -51.49 31.10
N THR L 7 -16.47 -51.12 32.22
CA THR L 7 -17.86 -50.65 32.11
C THR L 7 -17.88 -49.25 31.55
N MET L 8 -17.05 -48.30 32.01
CA MET L 8 -17.00 -46.93 31.47
C MET L 8 -16.91 -46.85 29.95
N LEU L 9 -16.13 -47.77 29.41
CA LEU L 9 -16.00 -47.94 27.98
C LEU L 9 -17.36 -48.06 27.27
N ASN L 10 -18.25 -48.94 27.77
CA ASN L 10 -19.60 -49.04 27.25
C ASN L 10 -20.55 -47.92 27.68
N GLU L 11 -20.44 -47.57 28.95
CA GLU L 11 -21.19 -46.53 29.67
C GLU L 11 -20.99 -45.11 29.10
N HIS L 12 -19.93 -44.98 28.31
CA HIS L 12 -19.61 -43.72 27.65
C HIS L 12 -19.36 -43.80 26.14
N GLU L 13 -19.60 -44.96 25.52
CA GLU L 13 -19.30 -45.20 24.09
C GLU L 13 -17.94 -44.66 23.65
N VAL L 14 -17.01 -44.96 24.56
CA VAL L 14 -15.63 -44.57 24.45
C VAL L 14 -15.00 -45.14 23.17
N LYS L 15 -14.57 -44.31 22.24
CA LYS L 15 -13.92 -44.79 21.02
C LYS L 15 -12.42 -45.06 21.11
N PHE L 16 -11.80 -44.33 22.02
CA PHE L 16 -10.36 -44.42 22.24
C PHE L 16 -9.92 -44.32 23.71
N VAL L 17 -8.78 -44.91 24.00
CA VAL L 17 -8.15 -44.81 25.30
C VAL L 17 -6.78 -44.14 25.12
N ASP L 18 -6.55 -43.09 25.91
CA ASP L 18 -5.32 -42.34 25.88
C ASP L 18 -4.38 -42.73 27.00
N LEU L 19 -3.35 -43.49 26.67
CA LEU L 19 -2.35 -43.84 27.67
C LEU L 19 -1.44 -42.65 27.92
N ARG L 20 -1.41 -42.17 29.16
CA ARG L 20 -0.55 -41.05 29.53
C ARG L 20 0.50 -41.30 30.58
N PHE L 21 1.65 -40.66 30.45
CA PHE L 21 2.69 -40.73 31.46
C PHE L 21 3.53 -39.45 31.53
N THR L 22 4.29 -39.20 32.59
CA THR L 22 5.12 -38.01 32.70
C THR L 22 6.57 -38.38 32.50
N ASP L 23 7.35 -37.53 31.85
CA ASP L 23 8.77 -37.80 31.71
C ASP L 23 9.64 -37.15 32.80
N THR L 24 10.97 -37.25 32.69
CA THR L 24 11.84 -36.67 33.72
C THR L 24 11.71 -35.17 33.86
N LYS L 25 11.63 -34.47 32.73
CA LYS L 25 11.40 -33.04 32.77
C LYS L 25 10.04 -32.64 33.35
N GLY L 26 9.07 -33.54 33.35
CA GLY L 26 7.74 -33.22 33.88
C GLY L 26 6.59 -33.09 32.86
N LYS L 27 6.91 -33.18 31.57
CA LYS L 27 5.88 -33.14 30.53
C LYS L 27 5.14 -34.46 30.34
N GLU L 28 3.83 -34.31 30.41
CA GLU L 28 2.92 -35.40 30.11
C GLU L 28 2.97 -35.75 28.61
N GLN L 29 3.31 -37.00 28.48
CA GLN L 29 3.33 -37.74 27.24
C GLN L 29 2.05 -38.54 27.09
N HIS L 30 1.75 -38.93 25.87
CA HIS L 30 0.60 -39.78 25.63
C HIS L 30 0.67 -40.57 24.31
N VAL L 31 0.02 -41.73 24.30
CA VAL L 31 -0.15 -42.56 23.12
C VAL L 31 -1.60 -43.10 23.15
N THR L 32 -2.25 -43.26 22.00
CA THR L 32 -3.68 -43.59 21.92
C THR L 32 -3.96 -44.96 21.31
N ILE L 33 -4.79 -45.69 22.01
CA ILE L 33 -5.25 -47.02 21.68
C ILE L 33 -6.74 -46.96 21.32
N PRO L 34 -7.27 -47.69 20.34
CA PRO L 34 -8.70 -47.84 20.11
C PRO L 34 -9.32 -48.55 21.31
N ALA L 35 -10.49 -48.15 21.84
CA ALA L 35 -11.08 -48.81 23.01
C ALA L 35 -11.15 -50.32 22.90
N HIS L 36 -11.42 -50.79 21.68
CA HIS L 36 -11.39 -52.23 21.40
C HIS L 36 -10.04 -52.96 21.61
N GLN L 37 -9.03 -52.36 22.22
CA GLN L 37 -7.78 -53.07 22.57
C GLN L 37 -7.62 -53.17 24.09
N VAL L 38 -8.58 -52.57 24.78
CA VAL L 38 -8.61 -52.65 26.22
C VAL L 38 -9.44 -53.89 26.55
N ASN L 39 -8.73 -54.84 27.15
CA ASN L 39 -9.29 -56.10 27.61
C ASN L 39 -8.35 -56.70 28.65
N ALA L 40 -8.76 -57.64 29.50
CA ALA L 40 -7.88 -58.32 30.49
C ALA L 40 -6.34 -58.24 30.37
N GLU L 41 -5.80 -58.84 29.29
CA GLU L 41 -4.37 -58.78 28.91
C GLU L 41 -3.68 -57.44 29.09
N PHE L 42 -4.37 -56.39 28.65
CA PHE L 42 -3.93 -55.00 28.76
C PHE L 42 -3.67 -54.62 30.22
N PHE L 43 -4.68 -54.59 31.09
CA PHE L 43 -4.44 -54.26 32.50
C PHE L 43 -3.53 -55.23 33.27
N GLU L 44 -3.27 -56.40 32.68
CA GLU L 44 -2.44 -57.45 33.26
C GLU L 44 -0.96 -57.25 32.94
N GLU L 45 -0.67 -57.30 31.64
CA GLU L 45 0.67 -57.19 31.09
C GLU L 45 1.10 -55.89 30.38
N GLY L 46 0.32 -54.82 30.52
CA GLY L 46 0.59 -53.53 29.91
C GLY L 46 0.74 -53.44 28.38
N LYS L 47 1.25 -52.30 27.89
CA LYS L 47 1.56 -52.13 26.48
C LYS L 47 3.01 -51.67 26.30
N MET L 48 3.72 -52.34 25.42
CA MET L 48 5.12 -52.02 25.13
C MET L 48 5.28 -50.76 24.29
N PHE L 49 6.28 -49.95 24.59
CA PHE L 49 6.58 -48.80 23.75
C PHE L 49 8.08 -48.56 23.66
N ASP L 50 8.52 -47.78 22.68
CA ASP L 50 9.92 -47.42 22.68
C ASP L 50 10.21 -46.22 23.58
N GLY L 51 10.62 -46.61 24.78
CA GLY L 51 11.05 -45.66 25.80
C GLY L 51 12.30 -44.86 25.42
N SER L 52 13.11 -45.43 24.52
CA SER L 52 14.35 -44.81 24.02
C SER L 52 14.32 -43.35 23.60
N SER L 53 13.32 -42.94 22.83
CA SER L 53 13.26 -41.53 22.42
C SER L 53 12.61 -40.59 23.44
N ILE L 54 12.30 -41.08 24.63
CA ILE L 54 11.89 -40.19 25.70
C ILE L 54 13.17 -39.64 26.32
N GLY L 55 13.22 -38.31 26.41
CA GLY L 55 14.36 -37.60 26.97
C GLY L 55 14.80 -38.02 28.37
N GLY L 56 16.00 -38.58 28.42
CA GLY L 56 16.64 -39.00 29.67
C GLY L 56 16.34 -40.43 30.12
N TRP L 57 15.86 -41.28 29.19
CA TRP L 57 15.51 -42.66 29.48
C TRP L 57 16.29 -43.81 28.80
N ASP L 64 12.99 -50.48 24.39
CA ASP L 64 11.64 -50.88 24.76
C ASP L 64 11.32 -51.06 26.25
N MET L 65 10.16 -50.53 26.60
CA MET L 65 9.66 -50.52 27.97
C MET L 65 8.16 -50.81 28.03
N VAL L 66 7.62 -51.05 29.22
CA VAL L 66 6.19 -51.29 29.29
C VAL L 66 5.36 -50.26 30.08
N LEU L 67 4.32 -49.79 29.40
CA LEU L 67 3.30 -48.93 29.98
C LEU L 67 2.27 -49.74 30.75
N MET L 68 2.25 -49.60 32.06
CA MET L 68 1.30 -50.32 32.88
C MET L 68 0.11 -49.47 33.30
N PRO L 69 -1.06 -49.64 32.70
CA PRO L 69 -2.23 -48.83 32.99
C PRO L 69 -2.65 -48.84 34.45
N ASP L 70 -2.77 -47.68 35.13
CA ASP L 70 -3.29 -47.71 36.48
C ASP L 70 -4.79 -47.42 36.38
N ALA L 71 -5.60 -48.49 36.41
CA ALA L 71 -7.04 -48.33 36.26
C ALA L 71 -7.79 -47.46 37.26
N SER L 72 -7.13 -47.09 38.36
CA SER L 72 -7.74 -46.20 39.35
C SER L 72 -7.85 -44.78 38.78
N THR L 73 -6.94 -44.46 37.85
CA THR L 73 -6.85 -43.14 37.20
C THR L 73 -7.77 -42.82 36.03
N ALA L 74 -8.70 -43.69 35.63
CA ALA L 74 -9.48 -43.41 34.43
C ALA L 74 -10.40 -42.20 34.49
N VAL L 75 -10.16 -41.31 33.54
CA VAL L 75 -10.98 -40.11 33.39
C VAL L 75 -11.39 -39.90 31.94
N ILE L 76 -12.59 -39.39 31.68
CA ILE L 76 -12.95 -39.08 30.30
C ILE L 76 -12.34 -37.73 29.92
N ASP L 77 -11.72 -37.61 28.74
CA ASP L 77 -11.08 -36.38 28.28
C ASP L 77 -12.05 -35.27 27.91
N PRO L 78 -12.13 -34.10 28.53
CA PRO L 78 -13.16 -33.11 28.23
C PRO L 78 -13.03 -32.37 26.90
N PHE L 79 -11.94 -32.65 26.20
CA PHE L 79 -11.61 -31.91 25.01
C PHE L 79 -11.54 -32.67 23.68
N PHE L 80 -11.03 -33.92 23.62
CA PHE L 80 -10.87 -34.58 22.33
C PHE L 80 -12.22 -34.73 21.57
N ALA L 81 -12.30 -34.62 20.24
CA ALA L 81 -13.59 -34.76 19.57
C ALA L 81 -14.33 -36.11 19.68
N ASP L 82 -13.57 -37.20 19.72
CA ASP L 82 -14.12 -38.54 19.85
C ASP L 82 -14.02 -39.00 21.28
N SER L 83 -14.99 -39.77 21.76
CA SER L 83 -14.97 -40.18 23.16
C SER L 83 -13.75 -40.94 23.64
N THR L 84 -12.99 -40.27 24.49
CA THR L 84 -11.75 -40.85 24.97
C THR L 84 -11.58 -40.97 26.48
N LEU L 85 -11.13 -42.14 26.89
CA LEU L 85 -10.89 -42.37 28.29
C LEU L 85 -9.37 -42.29 28.49
N ILE L 86 -8.93 -41.36 29.32
CA ILE L 86 -7.54 -41.20 29.75
C ILE L 86 -7.22 -42.21 30.85
N ILE L 87 -6.13 -42.94 30.71
CA ILE L 87 -5.66 -43.82 31.77
C ILE L 87 -4.18 -43.48 32.01
N ARG L 88 -3.85 -43.01 33.21
CA ARG L 88 -2.45 -42.75 33.56
C ARG L 88 -1.67 -44.07 33.68
N CYS L 89 -0.41 -44.08 33.33
CA CYS L 89 0.38 -45.31 33.38
C CYS L 89 1.66 -45.26 34.21
N ASP L 90 2.21 -46.41 34.60
CA ASP L 90 3.55 -46.39 35.13
C ASP L 90 4.48 -47.06 34.15
N ILE L 91 5.70 -46.58 34.10
CA ILE L 91 6.70 -47.17 33.22
C ILE L 91 7.41 -48.30 33.95
N LEU L 92 7.17 -49.51 33.50
CA LEU L 92 7.85 -50.63 34.11
C LEU L 92 8.93 -51.20 33.22
N GLU L 93 9.87 -51.77 33.97
CA GLU L 93 10.97 -52.50 33.39
C GLU L 93 10.43 -53.82 32.82
N PRO L 94 10.59 -54.13 31.53
CA PRO L 94 9.81 -55.12 30.82
C PRO L 94 10.03 -56.57 31.22
N GLY L 95 8.98 -57.39 31.21
CA GLY L 95 9.06 -58.80 31.63
C GLY L 95 9.16 -58.92 33.15
N THR L 96 10.29 -58.46 33.66
CA THR L 96 10.62 -58.36 35.08
C THR L 96 9.68 -57.50 35.93
N LEU L 97 9.00 -56.58 35.23
CA LEU L 97 7.90 -55.73 35.69
C LEU L 97 7.93 -54.97 37.02
N GLN L 98 9.07 -54.34 37.28
CA GLN L 98 9.28 -53.65 38.56
C GLN L 98 9.07 -52.14 38.53
N GLY L 99 9.34 -51.46 37.43
CA GLY L 99 9.15 -50.02 37.43
C GLY L 99 10.45 -49.25 37.37
N TYR L 100 10.60 -48.64 36.21
CA TYR L 100 11.76 -47.89 35.82
C TYR L 100 12.33 -46.97 36.91
N ASP L 101 13.57 -47.07 37.39
CA ASP L 101 13.98 -46.19 38.50
C ASP L 101 14.30 -44.70 38.26
N ARG L 102 13.89 -44.39 37.05
CA ARG L 102 13.96 -43.14 36.33
C ARG L 102 12.56 -42.59 36.00
N ASP L 103 11.52 -43.42 36.17
CA ASP L 103 10.15 -43.00 35.97
C ASP L 103 9.71 -42.17 37.18
N PRO L 104 9.43 -40.87 37.05
CA PRO L 104 9.01 -40.03 38.15
C PRO L 104 7.79 -40.49 38.91
N ARG L 105 6.79 -41.13 38.29
CA ARG L 105 5.64 -41.61 39.07
C ARG L 105 6.09 -42.70 40.03
N SER L 106 6.85 -43.68 39.53
CA SER L 106 7.44 -44.72 40.38
C SER L 106 8.18 -44.14 41.58
N ILE L 107 9.11 -43.22 41.33
CA ILE L 107 9.81 -42.52 42.41
C ILE L 107 8.85 -41.91 43.43
N ALA L 108 7.76 -41.26 43.01
CA ALA L 108 6.79 -40.72 43.97
C ALA L 108 6.17 -41.80 44.83
N LYS L 109 5.74 -42.90 44.19
CA LYS L 109 5.15 -44.03 44.90
C LYS L 109 6.12 -44.64 45.91
N ARG L 110 7.39 -44.80 45.51
CA ARG L 110 8.45 -45.26 46.40
C ARG L 110 8.63 -44.35 47.61
N ALA L 111 8.65 -43.03 47.41
CA ALA L 111 8.73 -42.10 48.53
C ALA L 111 7.56 -42.27 49.51
N GLU L 112 6.34 -42.53 49.01
CA GLU L 112 5.21 -42.79 49.91
C GLU L 112 5.37 -44.08 50.70
N ASP L 113 5.74 -45.19 50.05
CA ASP L 113 6.01 -46.44 50.76
C ASP L 113 7.15 -46.35 51.75
N TYR L 114 8.26 -45.71 51.40
CA TYR L 114 9.33 -45.46 52.35
C TYR L 114 8.83 -44.71 53.59
N LEU L 115 7.93 -43.73 53.43
CA LEU L 115 7.36 -43.02 54.58
C LEU L 115 6.65 -44.02 55.53
N ARG L 116 5.88 -44.92 54.92
CA ARG L 116 5.18 -45.99 55.63
C ARG L 116 6.14 -46.94 56.35
N ALA L 117 7.17 -47.40 55.64
CA ALA L 117 8.21 -48.28 56.18
C ALA L 117 8.99 -47.63 57.34
N THR L 118 9.14 -46.31 57.35
CA THR L 118 9.76 -45.67 58.50
C THR L 118 8.80 -45.53 59.68
N GLY L 119 7.51 -45.77 59.47
CA GLY L 119 6.50 -45.64 60.51
C GLY L 119 6.36 -44.23 61.09
N ILE L 120 6.98 -43.22 60.48
CA ILE L 120 6.87 -41.84 60.99
C ILE L 120 5.44 -41.33 60.81
N ALA L 121 4.79 -41.78 59.74
CA ALA L 121 3.38 -41.54 59.52
C ALA L 121 2.84 -42.47 58.42
N ASP L 122 1.53 -42.53 58.22
CA ASP L 122 0.97 -43.36 57.14
C ASP L 122 0.79 -42.60 55.83
N THR L 123 0.48 -41.31 55.95
CA THR L 123 0.27 -40.51 54.75
C THR L 123 0.93 -39.13 54.71
N VAL L 124 1.36 -38.75 53.51
CA VAL L 124 1.85 -37.40 53.23
C VAL L 124 0.80 -36.61 52.47
N LEU L 125 0.47 -35.45 52.98
CA LEU L 125 -0.46 -34.59 52.29
C LEU L 125 0.17 -33.33 51.67
N PHE L 126 -0.02 -33.22 50.35
CA PHE L 126 0.44 -32.10 49.58
C PHE L 126 -0.64 -31.24 48.98
N GLY L 127 -0.37 -29.95 49.05
CA GLY L 127 -1.26 -28.94 48.50
C GLY L 127 -0.50 -27.85 47.74
N PRO L 128 -0.25 -28.05 46.45
CA PRO L 128 0.53 -27.17 45.60
C PRO L 128 -0.35 -25.97 45.21
N GLU L 129 0.16 -24.73 45.21
CA GLU L 129 -0.64 -23.58 44.76
C GLU L 129 -0.04 -23.09 43.42
N PRO L 130 -0.19 -23.76 42.26
CA PRO L 130 0.40 -23.40 40.97
C PRO L 130 -0.18 -22.13 40.37
N GLU L 131 0.65 -21.18 39.96
CA GLU L 131 0.13 -20.02 39.26
C GLU L 131 0.46 -20.07 37.79
N PHE L 132 -0.35 -19.43 36.97
CA PHE L 132 -0.07 -19.41 35.54
C PHE L 132 -0.28 -18.05 34.89
N PHE L 133 0.23 -17.92 33.67
CA PHE L 133 -0.06 -16.74 32.88
C PHE L 133 -0.89 -17.11 31.65
N LEU L 134 -1.78 -16.20 31.34
CA LEU L 134 -2.71 -16.38 30.24
C LEU L 134 -2.49 -15.27 29.20
N PHE L 135 -1.64 -15.51 28.22
CA PHE L 135 -1.31 -14.52 27.19
C PHE L 135 -2.08 -14.66 25.86
N ASP L 136 -2.15 -13.65 24.96
CA ASP L 136 -2.79 -13.83 23.64
C ASP L 136 -1.81 -14.24 22.55
N ASP L 137 -0.59 -13.76 22.69
CA ASP L 137 0.43 -13.96 21.68
C ASP L 137 1.80 -14.04 22.32
N ILE L 138 2.53 -15.08 21.96
CA ILE L 138 3.89 -15.22 22.45
C ILE L 138 4.77 -15.58 21.26
N ARG L 139 5.73 -14.72 20.98
CA ARG L 139 6.68 -14.97 19.91
C ARG L 139 8.07 -14.93 20.46
N PHE L 140 8.92 -15.82 20.01
CA PHE L 140 10.31 -15.79 20.42
C PHE L 140 11.18 -16.57 19.44
N GLY L 141 12.48 -16.34 19.50
CA GLY L 141 13.39 -17.03 18.61
C GLY L 141 14.82 -16.63 18.89
N ALA L 142 15.73 -17.53 18.56
CA ALA L 142 17.15 -17.31 18.66
C ALA L 142 17.77 -17.91 17.37
N SER L 143 18.72 -17.17 16.82
CA SER L 143 19.40 -17.46 15.56
C SER L 143 20.81 -16.90 15.68
N ILE L 144 21.79 -17.22 14.80
CA ILE L 144 23.11 -16.59 14.87
C ILE L 144 23.09 -15.06 14.92
N SER L 145 22.25 -14.45 14.10
CA SER L 145 22.15 -13.00 13.95
C SER L 145 21.33 -12.31 15.00
N GLY L 146 20.82 -13.03 15.98
CA GLY L 146 20.04 -12.41 17.05
C GLY L 146 19.05 -13.32 17.82
N SER L 147 18.31 -12.67 18.73
CA SER L 147 17.33 -13.41 19.49
C SER L 147 16.28 -12.48 20.05
N HIS L 148 15.09 -13.01 20.37
CA HIS L 148 13.98 -12.20 20.86
C HIS L 148 12.89 -12.99 21.53
N VAL L 149 12.13 -12.28 22.34
CA VAL L 149 10.86 -12.77 22.86
C VAL L 149 9.94 -11.55 22.95
N ALA L 150 8.69 -11.80 22.59
CA ALA L 150 7.66 -10.80 22.51
C ALA L 150 6.39 -11.36 23.16
N ILE L 151 5.99 -10.78 24.29
CA ILE L 151 4.79 -11.22 25.00
C ILE L 151 3.65 -10.26 24.73
N ASP L 152 2.49 -10.80 24.43
CA ASP L 152 1.35 -9.93 24.35
C ASP L 152 0.04 -10.53 24.81
N ASP L 153 -0.61 -9.65 25.54
CA ASP L 153 -1.92 -9.89 26.08
C ASP L 153 -2.72 -8.60 26.26
N ILE L 154 -4.01 -8.73 26.02
CA ILE L 154 -4.97 -7.65 26.13
C ILE L 154 -4.93 -6.91 27.47
N GLU L 155 -4.61 -7.62 28.53
CA GLU L 155 -4.48 -7.05 29.87
C GLU L 155 -3.12 -6.41 30.19
N GLY L 156 -2.20 -6.47 29.23
CA GLY L 156 -0.85 -6.00 29.46
C GLY L 156 -0.91 -4.51 29.64
N ALA L 157 -0.49 -3.98 30.79
CA ALA L 157 -0.49 -2.53 31.04
C ALA L 157 0.12 -1.72 29.89
N TRP L 158 1.09 -2.33 29.23
CA TRP L 158 1.66 -1.72 28.04
C TRP L 158 0.65 -1.50 26.91
N ASN L 159 -0.47 -2.19 26.77
CA ASN L 159 -1.42 -1.88 25.71
C ASN L 159 -2.35 -0.68 25.89
N SER L 160 -2.13 0.10 26.96
CA SER L 160 -2.89 1.34 27.19
C SER L 160 -2.83 2.33 26.02
N SER L 161 -1.70 2.29 25.30
CA SER L 161 -1.48 3.14 24.14
C SER L 161 -1.87 2.58 22.78
N THR L 162 -2.15 1.29 22.76
CA THR L 162 -2.42 0.50 21.56
C THR L 162 -3.68 0.81 20.79
N LYS L 163 -3.58 0.91 19.46
CA LYS L 163 -4.78 1.00 18.63
C LYS L 163 -5.36 -0.39 18.35
N TYR L 164 -6.64 -0.54 18.63
CA TYR L 164 -7.29 -1.82 18.43
C TYR L 164 -8.38 -2.03 17.37
N GLU L 165 -8.89 -1.02 16.64
CA GLU L 165 -9.97 -1.17 15.64
C GLU L 165 -11.35 -1.58 16.18
N GLY L 166 -11.47 -2.31 17.28
CA GLY L 166 -12.73 -2.30 17.99
C GLY L 166 -12.84 -1.01 18.83
N GLY L 167 -11.67 -0.51 19.23
CA GLY L 167 -11.56 0.63 20.14
C GLY L 167 -10.67 0.19 21.29
N ASN L 168 -10.06 1.02 22.14
CA ASN L 168 -9.17 0.42 23.12
C ASN L 168 -9.85 0.10 24.44
N LYS L 169 -10.91 0.77 24.90
CA LYS L 169 -11.58 0.42 26.18
C LYS L 169 -10.80 0.49 27.52
N GLY L 170 -9.46 0.50 27.54
CA GLY L 170 -8.61 0.86 28.69
C GLY L 170 -8.79 0.31 30.11
N HIS L 171 -9.69 -0.61 30.43
CA HIS L 171 -9.70 -1.14 31.79
C HIS L 171 -8.70 -2.30 31.80
N ARG L 172 -7.61 -2.20 32.55
CA ARG L 172 -6.54 -3.18 32.40
C ARG L 172 -5.73 -3.27 33.70
N PRO L 173 -5.24 -4.41 34.23
CA PRO L 173 -4.46 -4.41 35.46
C PRO L 173 -3.12 -3.70 35.26
N GLY L 174 -2.78 -2.69 36.07
CA GLY L 174 -1.46 -2.05 36.00
C GLY L 174 -0.30 -3.01 36.32
N VAL L 175 1.02 -2.69 36.34
CA VAL L 175 1.97 -3.80 36.58
C VAL L 175 1.81 -4.55 37.90
N LYS L 176 1.76 -4.05 39.14
CA LYS L 176 1.49 -5.01 40.23
C LYS L 176 0.04 -5.01 40.72
N GLY L 177 -0.84 -4.59 39.79
CA GLY L 177 -2.22 -4.36 40.15
C GLY L 177 -3.25 -5.37 39.67
N GLY L 178 -2.82 -6.57 39.29
CA GLY L 178 -3.73 -7.63 38.88
C GLY L 178 -4.49 -8.27 40.04
N TYR L 179 -4.02 -7.99 41.25
CA TYR L 179 -4.62 -8.51 42.44
C TYR L 179 -5.82 -7.77 43.01
N PHE L 180 -6.78 -8.51 42.44
CA PHE L 180 -8.23 -8.56 42.64
C PHE L 180 -9.31 -7.72 42.03
N PRO L 181 -9.11 -6.74 41.16
CA PRO L 181 -10.16 -5.83 40.72
C PRO L 181 -11.23 -6.59 39.95
N VAL L 182 -12.47 -6.18 40.12
CA VAL L 182 -13.55 -6.84 39.39
C VAL L 182 -13.50 -6.62 37.88
N PRO L 183 -14.18 -7.43 37.07
CA PRO L 183 -14.47 -7.10 35.69
C PRO L 183 -15.01 -5.67 35.45
N PRO L 184 -14.73 -5.01 34.32
CA PRO L 184 -13.89 -5.50 33.22
C PRO L 184 -12.37 -5.49 33.37
N VAL L 185 -11.77 -5.02 34.47
CA VAL L 185 -10.30 -4.99 34.65
C VAL L 185 -9.72 -6.41 34.65
N ASP L 186 -10.43 -7.31 35.35
CA ASP L 186 -10.06 -8.70 35.28
C ASP L 186 -10.82 -9.29 34.09
N SER L 187 -10.06 -9.58 33.03
CA SER L 187 -10.66 -10.20 31.85
C SER L 187 -10.97 -11.70 31.95
N ALA L 188 -10.42 -12.37 32.95
CA ALA L 188 -10.52 -13.83 32.93
C ALA L 188 -11.54 -14.57 33.80
N GLN L 189 -12.55 -13.91 34.36
CA GLN L 189 -13.56 -14.58 35.18
C GLN L 189 -14.17 -15.83 34.53
N ASP L 190 -14.73 -15.69 33.33
CA ASP L 190 -15.27 -16.84 32.63
C ASP L 190 -14.22 -17.89 32.24
N ILE L 191 -12.96 -17.52 31.92
CA ILE L 191 -11.96 -18.52 31.61
C ILE L 191 -11.56 -19.27 32.88
N ARG L 192 -11.35 -18.58 34.01
CA ARG L 192 -11.05 -19.30 35.23
C ARG L 192 -12.23 -20.16 35.72
N SER L 193 -13.49 -19.68 35.76
CA SER L 193 -14.62 -20.52 36.18
C SER L 193 -14.76 -21.79 35.37
N GLU L 194 -14.62 -21.68 34.06
CA GLU L 194 -14.60 -22.82 33.15
C GLU L 194 -13.50 -23.83 33.41
N MET L 195 -12.31 -23.33 33.71
CA MET L 195 -11.18 -24.18 34.12
C MET L 195 -11.55 -24.88 35.42
N CYS L 196 -12.26 -24.20 36.34
CA CYS L 196 -12.67 -24.88 37.57
C CYS L 196 -13.65 -25.99 37.26
N LEU L 197 -14.69 -25.70 36.48
CA LEU L 197 -15.66 -26.71 36.11
C LEU L 197 -15.01 -27.89 35.39
N VAL L 198 -14.15 -27.71 34.36
CA VAL L 198 -13.49 -28.87 33.76
C VAL L 198 -12.53 -29.58 34.73
N MET L 199 -11.83 -28.91 35.66
CA MET L 199 -11.00 -29.62 36.62
C MET L 199 -11.78 -30.58 37.51
N GLU L 200 -12.93 -30.11 38.00
CA GLU L 200 -13.77 -30.97 38.82
C GLU L 200 -14.33 -32.15 38.02
N GLN L 201 -14.71 -31.92 36.77
CA GLN L 201 -15.12 -32.99 35.85
C GLN L 201 -14.03 -34.07 35.61
N MET L 202 -12.78 -33.67 35.89
CA MET L 202 -11.64 -34.57 35.84
C MET L 202 -11.17 -35.07 37.21
N GLY L 203 -11.98 -34.78 38.22
CA GLY L 203 -11.75 -35.28 39.56
C GLY L 203 -11.00 -34.39 40.53
N LEU L 204 -10.83 -33.12 40.22
CA LEU L 204 -10.15 -32.27 41.17
C LEU L 204 -11.13 -31.52 42.06
N VAL L 205 -10.73 -31.02 43.22
CA VAL L 205 -11.68 -30.20 43.95
C VAL L 205 -11.23 -28.77 44.06
N VAL L 206 -11.88 -27.91 43.31
CA VAL L 206 -11.57 -26.49 43.40
C VAL L 206 -12.05 -25.86 44.72
N GLU L 207 -11.21 -25.00 45.26
CA GLU L 207 -11.53 -24.24 46.48
C GLU L 207 -11.74 -22.77 46.25
N ALA L 208 -10.98 -22.24 45.31
CA ALA L 208 -11.11 -20.84 44.92
C ALA L 208 -10.41 -20.56 43.58
N HIS L 209 -10.80 -19.54 42.84
CA HIS L 209 -10.03 -19.12 41.68
C HIS L 209 -10.00 -17.62 41.69
N HIS L 210 -8.87 -17.03 41.35
CA HIS L 210 -8.77 -15.57 41.28
C HIS L 210 -7.63 -15.14 40.40
N HIS L 211 -7.65 -13.87 40.02
CA HIS L 211 -6.55 -13.26 39.30
C HIS L 211 -5.38 -13.02 40.26
N GLU L 212 -4.16 -13.21 39.78
CA GLU L 212 -2.99 -12.92 40.59
C GLU L 212 -2.41 -11.52 40.45
N VAL L 213 -1.25 -11.22 41.01
CA VAL L 213 -0.73 -9.86 41.08
C VAL L 213 -0.33 -9.19 39.78
N ALA L 214 0.25 -9.99 38.90
CA ALA L 214 0.74 -9.44 37.65
C ALA L 214 -0.26 -8.94 36.61
N THR L 215 0.12 -7.84 35.97
CA THR L 215 -0.57 -7.39 34.74
C THR L 215 -0.45 -8.47 33.66
N ALA L 216 -1.04 -8.37 32.47
CA ALA L 216 -0.88 -9.38 31.41
C ALA L 216 -1.18 -10.85 31.74
N GLY L 217 -2.27 -11.02 32.49
CA GLY L 217 -2.89 -12.33 32.70
C GLY L 217 -2.39 -13.31 33.76
N GLN L 218 -1.88 -12.88 34.93
CA GLN L 218 -1.54 -13.90 35.92
C GLN L 218 -2.80 -14.39 36.64
N ASN L 219 -2.98 -15.70 36.72
CA ASN L 219 -4.16 -16.29 37.33
C ASN L 219 -3.88 -17.47 38.26
N GLU L 220 -4.84 -17.81 39.10
CA GLU L 220 -4.69 -18.94 39.99
C GLU L 220 -5.98 -19.66 40.27
N VAL L 221 -5.94 -20.96 40.10
CA VAL L 221 -7.05 -21.81 40.50
C VAL L 221 -6.54 -22.61 41.70
N ALA L 222 -7.10 -22.35 42.88
CA ALA L 222 -6.75 -23.05 44.11
C ALA L 222 -7.45 -24.40 44.25
N THR L 223 -6.71 -25.45 44.52
CA THR L 223 -7.29 -26.79 44.48
C THR L 223 -7.10 -27.66 45.75
N ARG L 224 -8.10 -28.41 46.27
CA ARG L 224 -7.96 -29.25 47.47
C ARG L 224 -6.91 -30.33 47.36
N PHE L 225 -6.23 -30.41 48.49
CA PHE L 225 -5.09 -31.29 48.72
C PHE L 225 -5.31 -32.76 48.46
N ASN L 226 -4.16 -33.40 48.48
CA ASN L 226 -4.19 -34.83 48.34
C ASN L 226 -2.93 -35.50 48.86
N THR L 227 -2.96 -36.82 48.79
CA THR L 227 -1.76 -37.57 49.12
C THR L 227 -0.77 -37.33 47.99
N MET L 228 0.51 -37.30 48.32
CA MET L 228 1.56 -37.02 47.35
C MET L 228 1.42 -37.57 45.92
N THR L 229 1.56 -38.86 45.58
CA THR L 229 1.42 -39.23 44.17
C THR L 229 0.06 -38.92 43.55
N LYS L 230 -1.03 -38.91 44.31
CA LYS L 230 -2.31 -38.57 43.72
C LYS L 230 -2.33 -37.09 43.36
N LYS L 231 -1.77 -36.25 44.23
CA LYS L 231 -1.66 -34.82 43.97
C LYS L 231 -0.73 -34.49 42.84
N ALA L 232 0.39 -35.19 42.73
CA ALA L 232 1.27 -35.02 41.58
C ALA L 232 0.54 -35.29 40.26
N ASP L 233 -0.26 -36.37 40.19
CA ASP L 233 -1.11 -36.57 39.01
C ASP L 233 -2.14 -35.45 38.87
N GLU L 234 -2.74 -34.95 39.95
CA GLU L 234 -3.69 -33.83 39.84
C GLU L 234 -3.02 -32.56 39.32
N ILE L 235 -1.72 -32.35 39.58
CA ILE L 235 -1.00 -31.24 38.96
C ILE L 235 -0.88 -31.51 37.46
N GLN L 236 -0.56 -32.73 37.02
CA GLN L 236 -0.57 -33.01 35.57
C GLN L 236 -1.94 -32.81 34.95
N ILE L 237 -3.05 -33.12 35.62
CA ILE L 237 -4.36 -32.76 35.06
C ILE L 237 -4.62 -31.26 35.09
N TYR L 238 -4.26 -30.61 36.20
CA TYR L 238 -4.40 -29.17 36.38
C TYR L 238 -3.79 -28.40 35.21
N LYS L 239 -2.51 -28.68 34.98
CA LYS L 239 -1.83 -28.09 33.85
C LYS L 239 -2.49 -28.42 32.51
N TYR L 240 -2.98 -29.64 32.26
CA TYR L 240 -3.62 -29.99 30.98
C TYR L 240 -4.89 -29.19 30.72
N VAL L 241 -5.71 -29.07 31.76
CA VAL L 241 -6.93 -28.30 31.65
C VAL L 241 -6.60 -26.83 31.43
N VAL L 242 -5.66 -26.25 32.18
CA VAL L 242 -5.30 -24.84 31.96
C VAL L 242 -4.80 -24.63 30.54
N HIS L 243 -3.85 -25.44 30.08
CA HIS L 243 -3.34 -25.32 28.71
C HIS L 243 -4.47 -25.46 27.67
N ASN L 244 -5.38 -26.43 27.81
CA ASN L 244 -6.44 -26.58 26.80
C ASN L 244 -7.67 -25.69 26.89
N VAL L 245 -8.14 -25.30 28.07
CA VAL L 245 -9.26 -24.35 28.16
C VAL L 245 -8.80 -23.00 27.63
N ALA L 246 -7.60 -22.58 28.04
CA ALA L 246 -7.02 -21.35 27.54
C ALA L 246 -7.00 -21.34 26.00
N HIS L 247 -6.57 -22.48 25.46
CA HIS L 247 -6.56 -22.67 24.01
C HIS L 247 -7.94 -22.52 23.36
N ARG L 248 -8.99 -23.11 23.95
CA ARG L 248 -10.37 -22.98 23.46
C ARG L 248 -10.84 -21.53 23.47
N PHE L 249 -10.36 -20.80 24.46
CA PHE L 249 -10.61 -19.37 24.58
C PHE L 249 -9.74 -18.45 23.71
N GLY L 250 -8.85 -19.01 22.89
CA GLY L 250 -7.99 -18.18 22.04
C GLY L 250 -6.78 -17.59 22.73
N LYS L 251 -6.57 -18.03 23.96
CA LYS L 251 -5.41 -17.64 24.73
C LYS L 251 -4.34 -18.74 24.66
N THR L 252 -3.22 -18.46 25.30
CA THR L 252 -2.14 -19.41 25.47
C THR L 252 -1.65 -19.27 26.91
N ALA L 253 -1.65 -20.40 27.60
CA ALA L 253 -1.20 -20.39 28.97
C ALA L 253 0.21 -20.89 29.13
N THR L 254 0.89 -20.35 30.13
CA THR L 254 2.22 -20.84 30.42
C THR L 254 2.54 -20.93 31.91
N PHE L 255 3.18 -22.05 32.26
CA PHE L 255 3.60 -22.23 33.64
C PHE L 255 5.05 -21.84 33.88
N MET L 256 5.73 -21.10 32.97
CA MET L 256 7.11 -20.78 33.28
C MET L 256 7.20 -19.73 34.38
N PRO L 257 8.24 -19.81 35.22
CA PRO L 257 8.31 -19.14 36.51
C PRO L 257 8.32 -17.62 36.41
N LYS L 258 9.10 -17.15 35.44
CA LYS L 258 9.35 -15.72 35.24
C LYS L 258 9.31 -15.27 33.78
N PRO L 259 8.15 -15.07 33.15
CA PRO L 259 8.09 -14.63 31.76
C PRO L 259 8.38 -13.15 31.56
N MET L 260 8.01 -12.33 32.53
CA MET L 260 8.25 -10.90 32.42
C MET L 260 9.13 -10.34 33.52
N PHE L 261 10.12 -9.53 33.17
CA PHE L 261 10.88 -8.83 34.19
C PHE L 261 10.10 -7.63 34.72
N GLY L 262 10.10 -7.36 36.02
CA GLY L 262 9.45 -6.14 36.51
C GLY L 262 8.01 -6.29 37.00
N ASP L 263 7.60 -7.54 37.01
CA ASP L 263 6.34 -7.91 37.58
C ASP L 263 6.39 -9.35 38.10
N ASN L 264 5.36 -9.74 38.83
CA ASN L 264 5.26 -11.06 39.43
C ASN L 264 5.59 -12.31 38.60
N GLY L 265 6.18 -13.23 39.34
CA GLY L 265 6.48 -14.53 38.81
C GLY L 265 5.44 -15.51 39.30
N SER L 266 5.35 -16.58 38.54
CA SER L 266 4.47 -17.67 38.88
C SER L 266 5.23 -18.68 39.74
N GLY L 267 4.84 -18.75 41.00
CA GLY L 267 5.35 -19.79 41.89
C GLY L 267 4.33 -20.89 42.19
N MET L 268 4.79 -22.05 42.65
CA MET L 268 3.91 -23.14 43.06
C MET L 268 4.21 -23.50 44.50
N HIS L 269 3.54 -22.87 45.44
CA HIS L 269 3.86 -23.15 46.84
C HIS L 269 3.30 -24.49 47.29
N CYS L 270 4.15 -25.27 47.92
CA CYS L 270 3.70 -26.53 48.45
C CYS L 270 3.35 -26.47 49.92
N HIS L 271 2.08 -26.64 50.19
CA HIS L 271 1.69 -26.86 51.55
C HIS L 271 1.88 -28.33 51.90
N MET L 272 2.54 -28.64 53.01
CA MET L 272 2.70 -30.02 53.41
C MET L 272 2.25 -30.33 54.81
N SER L 273 1.83 -31.58 54.93
CA SER L 273 1.42 -32.14 56.22
C SER L 273 1.59 -33.65 56.35
N LEU L 274 1.92 -34.12 57.53
CA LEU L 274 2.05 -35.55 57.76
C LEU L 274 0.97 -36.11 58.68
N ALA L 275 0.55 -37.33 58.41
CA ALA L 275 -0.44 -37.94 59.27
C ALA L 275 -0.29 -39.43 59.56
N LYS L 276 -0.39 -39.76 60.85
CA LYS L 276 -0.34 -41.14 61.33
C LYS L 276 -1.74 -41.44 61.86
N ASN L 277 -2.27 -42.64 61.68
CA ASN L 277 -3.60 -43.07 62.10
C ASN L 277 -4.70 -41.99 62.27
N GLY L 278 -4.95 -41.26 61.19
CA GLY L 278 -5.97 -40.20 61.17
C GLY L 278 -5.67 -38.90 61.94
N THR L 279 -4.44 -38.73 62.42
CA THR L 279 -4.04 -37.56 63.17
C THR L 279 -2.84 -36.84 62.59
N ASN L 280 -2.99 -35.53 62.65
CA ASN L 280 -1.97 -34.66 62.10
C ASN L 280 -0.74 -34.43 62.96
N LEU L 281 0.29 -35.20 62.65
CA LEU L 281 1.59 -35.04 63.31
C LEU L 281 2.19 -33.64 63.34
N PHE L 282 1.82 -32.78 62.41
CA PHE L 282 2.36 -31.43 62.43
C PHE L 282 1.71 -30.53 63.44
N SER L 283 0.52 -30.88 63.94
CA SER L 283 -0.08 -30.12 65.02
C SER L 283 0.57 -30.46 66.36
N GLY L 284 0.59 -29.53 67.29
CA GLY L 284 1.20 -29.74 68.59
C GLY L 284 1.26 -28.47 69.43
N ASP L 285 2.23 -28.49 70.34
CA ASP L 285 2.54 -27.33 71.17
C ASP L 285 3.55 -26.45 70.41
N LYS L 286 4.82 -26.23 70.81
CA LYS L 286 5.84 -25.49 70.05
C LYS L 286 5.47 -24.22 69.24
N TYR L 287 6.30 -23.70 68.32
CA TYR L 287 5.93 -22.51 67.55
C TYR L 287 4.65 -22.62 66.75
N ALA L 288 3.75 -21.68 66.99
CA ALA L 288 2.50 -21.55 66.24
C ALA L 288 1.63 -22.80 66.03
N GLY L 289 1.52 -23.63 67.06
CA GLY L 289 0.71 -24.86 66.99
C GLY L 289 1.46 -26.05 66.42
N LEU L 290 2.75 -25.90 66.13
CA LEU L 290 3.49 -26.99 65.55
C LEU L 290 4.03 -28.04 66.50
N SER L 291 4.19 -29.25 66.01
CA SER L 291 4.88 -30.25 66.81
C SER L 291 6.41 -30.17 66.68
N GLU L 292 7.14 -30.83 67.58
CA GLU L 292 8.60 -30.95 67.45
C GLU L 292 8.98 -31.72 66.17
N GLN L 293 8.08 -32.65 65.81
CA GLN L 293 8.13 -33.49 64.61
C GLN L 293 8.15 -32.63 63.33
N ALA L 294 7.24 -31.66 63.33
CA ALA L 294 7.11 -30.66 62.28
C ALA L 294 8.34 -29.77 62.19
N LEU L 295 8.83 -29.29 63.33
CA LEU L 295 10.07 -28.51 63.34
C LEU L 295 11.24 -29.26 62.72
N TYR L 296 11.41 -30.55 62.99
CA TYR L 296 12.45 -31.31 62.31
C TYR L 296 12.22 -31.48 60.81
N TYR L 297 10.96 -31.56 60.36
CA TYR L 297 10.62 -31.56 58.94
C TYR L 297 11.17 -30.27 58.31
N ILE L 298 10.81 -29.09 58.87
CA ILE L 298 11.35 -27.81 58.43
C ILE L 298 12.89 -27.83 58.39
N GLY L 299 13.53 -28.31 59.47
CA GLY L 299 14.98 -28.45 59.53
C GLY L 299 15.55 -29.30 58.40
N GLY L 300 14.89 -30.39 58.00
CA GLY L 300 15.33 -31.21 56.87
C GLY L 300 15.20 -30.49 55.53
N VAL L 301 14.06 -29.80 55.31
CA VAL L 301 13.87 -28.99 54.11
C VAL L 301 14.96 -27.92 54.04
N ILE L 302 15.13 -27.10 55.08
CA ILE L 302 16.19 -26.08 55.10
C ILE L 302 17.59 -26.68 54.93
N LYS L 303 17.91 -27.80 55.60
CA LYS L 303 19.18 -28.52 55.41
C LYS L 303 19.45 -28.91 53.96
N HIS L 304 18.41 -29.32 53.24
CA HIS L 304 18.61 -29.77 51.88
C HIS L 304 18.07 -28.85 50.77
N ALA L 305 17.61 -27.66 51.15
CA ALA L 305 17.03 -26.70 50.23
C ALA L 305 17.73 -26.54 48.89
N LYS L 306 19.04 -26.28 48.81
CA LYS L 306 19.68 -26.19 47.49
C LYS L 306 19.60 -27.46 46.63
N ALA L 307 19.60 -28.69 47.19
CA ALA L 307 19.41 -29.88 46.36
C ALA L 307 17.95 -30.01 45.93
N ILE L 308 17.04 -29.62 46.84
CA ILE L 308 15.62 -29.56 46.51
C ILE L 308 15.41 -28.57 45.36
N ASN L 309 16.08 -27.40 45.32
CA ASN L 309 15.95 -26.44 44.22
C ASN L 309 16.20 -27.02 42.83
N ALA L 310 17.14 -27.96 42.71
CA ALA L 310 17.38 -28.65 41.43
C ALA L 310 16.17 -29.39 40.89
N LEU L 311 15.24 -29.74 41.76
CA LEU L 311 14.01 -30.43 41.39
C LEU L 311 12.76 -29.53 41.49
N ALA L 312 12.69 -28.66 42.50
CA ALA L 312 11.58 -27.73 42.72
C ALA L 312 11.63 -26.39 41.95
N ASN L 313 12.83 -26.09 41.42
CA ASN L 313 13.11 -24.90 40.60
C ASN L 313 14.04 -25.27 39.43
N PRO L 314 13.63 -26.16 38.51
CA PRO L 314 14.54 -26.87 37.63
C PRO L 314 14.92 -26.16 36.32
N THR L 315 14.52 -24.90 36.18
CA THR L 315 14.75 -24.19 34.92
C THR L 315 15.70 -23.03 35.09
N THR L 316 16.55 -22.61 34.15
CA THR L 316 17.32 -21.37 34.39
C THR L 316 16.42 -20.17 34.73
N ASN L 317 15.26 -20.09 34.07
CA ASN L 317 14.27 -19.04 34.33
C ASN L 317 13.74 -19.02 35.77
N SER L 318 13.75 -20.17 36.44
CA SER L 318 13.31 -20.27 37.82
C SER L 318 13.99 -19.30 38.77
N TYR L 319 15.27 -19.11 38.51
CA TYR L 319 16.09 -18.24 39.32
C TYR L 319 15.93 -16.76 39.01
N LYS L 320 15.29 -16.39 37.89
CA LYS L 320 14.89 -14.99 37.68
C LYS L 320 13.78 -14.59 38.65
N ARG L 321 13.02 -15.57 39.15
CA ARG L 321 11.99 -15.38 40.18
C ARG L 321 12.59 -15.34 41.58
N LEU L 322 13.47 -16.31 41.82
CA LEU L 322 14.16 -16.37 43.09
C LEU L 322 15.35 -15.43 43.21
N VAL L 323 15.06 -14.14 43.13
CA VAL L 323 16.10 -13.15 43.33
C VAL L 323 15.75 -12.35 44.60
N PRO L 324 16.73 -11.91 45.40
CA PRO L 324 16.51 -11.09 46.61
C PRO L 324 15.37 -10.08 46.79
N PRO L 329 11.06 -15.02 47.82
CA PRO L 329 11.17 -15.94 48.97
C PRO L 329 12.47 -16.73 48.98
N VAL L 330 13.56 -15.99 49.10
CA VAL L 330 14.87 -16.63 49.09
C VAL L 330 15.45 -17.12 50.42
N MET L 331 15.02 -16.48 51.52
CA MET L 331 15.46 -16.78 52.87
C MET L 331 15.01 -18.12 53.46
N LEU L 332 15.92 -19.07 53.66
CA LEU L 332 15.61 -20.33 54.34
C LEU L 332 15.38 -20.13 55.84
N ALA L 333 14.13 -19.79 56.11
CA ALA L 333 13.68 -19.50 57.44
C ALA L 333 12.20 -19.80 57.60
N TYR L 334 11.78 -20.30 58.76
CA TYR L 334 10.35 -20.44 58.99
C TYR L 334 9.77 -19.32 59.80
N SER L 335 8.51 -19.03 59.53
CA SER L 335 7.76 -18.02 60.27
C SER L 335 6.26 -18.00 60.04
N ALA L 336 5.49 -17.61 61.05
CA ALA L 336 4.06 -17.36 60.86
C ALA L 336 3.89 -15.88 60.44
N ARG L 337 4.83 -15.05 60.89
CA ARG L 337 4.94 -13.64 60.51
C ARG L 337 5.74 -13.29 59.23
N ASN L 338 7.07 -13.48 59.11
CA ASN L 338 7.84 -13.09 57.92
C ASN L 338 7.54 -13.66 56.51
N ARG L 339 6.66 -13.10 55.65
CA ARG L 339 6.54 -13.53 54.24
C ARG L 339 7.68 -12.86 53.47
N SER L 340 8.78 -13.55 53.65
CA SER L 340 10.16 -13.25 53.21
C SER L 340 10.96 -14.52 53.47
N ALA L 341 10.49 -15.18 54.52
CA ALA L 341 10.84 -16.54 54.87
C ALA L 341 10.19 -17.50 53.87
N SER L 342 11.02 -18.37 53.30
CA SER L 342 10.53 -19.36 52.35
C SER L 342 9.72 -20.50 52.98
N ILE L 343 9.73 -20.62 54.32
CA ILE L 343 8.88 -21.57 54.98
C ILE L 343 7.86 -20.79 55.81
N ARG L 344 6.62 -20.70 55.33
CA ARG L 344 5.55 -20.05 56.07
C ARG L 344 4.73 -21.07 56.87
N ILE L 345 4.50 -20.80 58.15
CA ILE L 345 3.66 -21.66 58.96
C ILE L 345 2.30 -20.97 58.91
N PRO L 346 1.31 -21.44 58.13
CA PRO L 346 0.05 -20.77 57.92
C PRO L 346 -0.71 -20.67 59.23
N VAL L 347 -1.27 -19.49 59.50
CA VAL L 347 -2.08 -19.33 60.70
C VAL L 347 -3.42 -19.98 60.38
N VAL L 348 -3.48 -21.26 60.68
CA VAL L 348 -4.71 -22.00 60.45
C VAL L 348 -5.81 -21.57 61.43
N ALA L 349 -5.48 -21.30 62.72
CA ALA L 349 -6.36 -20.93 63.85
C ALA L 349 -7.34 -22.02 64.27
N SER L 350 -7.94 -22.52 63.19
CA SER L 350 -8.69 -23.75 63.06
C SER L 350 -7.82 -24.96 63.50
N PRO L 351 -8.18 -26.24 63.44
CA PRO L 351 -7.81 -27.18 64.49
C PRO L 351 -6.48 -27.95 64.52
N LYS L 352 -6.36 -28.61 63.38
CA LYS L 352 -5.36 -29.63 63.07
C LYS L 352 -5.24 -29.85 61.56
N ALA L 353 -5.72 -28.81 60.89
CA ALA L 353 -5.27 -28.47 59.56
C ALA L 353 -3.93 -27.71 59.67
N ARG L 354 -3.17 -27.94 60.76
CA ARG L 354 -1.82 -27.45 60.95
C ARG L 354 -0.88 -28.00 59.89
N ARG L 355 -0.08 -27.12 59.30
CA ARG L 355 0.78 -27.54 58.19
C ARG L 355 1.94 -26.60 57.96
N ILE L 356 2.94 -27.04 57.21
CA ILE L 356 3.94 -26.07 56.80
C ILE L 356 3.71 -25.68 55.34
N GLU L 357 4.11 -24.48 54.96
CA GLU L 357 4.04 -24.09 53.58
C GLU L 357 5.42 -23.73 53.02
N VAL L 358 5.97 -24.48 52.06
CA VAL L 358 7.23 -24.06 51.46
C VAL L 358 6.91 -23.15 50.24
N ARG L 359 7.27 -21.87 50.33
CA ARG L 359 6.99 -20.90 49.28
C ARG L 359 7.88 -20.88 48.05
N PHE L 360 9.06 -21.49 48.08
CA PHE L 360 9.95 -21.36 46.93
C PHE L 360 9.78 -22.18 45.65
N PRO L 361 9.14 -23.35 45.52
CA PRO L 361 9.08 -24.07 44.24
C PRO L 361 8.27 -23.37 43.15
N ASP L 362 8.35 -23.78 41.89
CA ASP L 362 7.53 -23.11 40.88
C ASP L 362 6.88 -24.05 39.87
N PRO L 363 5.81 -23.70 39.13
CA PRO L 363 5.11 -24.58 38.21
C PRO L 363 5.97 -25.33 37.20
N ALA L 364 7.23 -24.93 36.99
CA ALA L 364 8.07 -25.68 36.07
C ALA L 364 8.56 -27.02 36.61
N ALA L 365 8.44 -27.20 37.92
CA ALA L 365 8.90 -28.40 38.60
C ALA L 365 8.13 -29.67 38.25
N ASN L 366 8.85 -30.80 38.14
CA ASN L 366 8.20 -32.08 37.91
C ASN L 366 7.46 -32.46 39.18
N PRO L 367 6.13 -32.49 39.27
CA PRO L 367 5.44 -32.54 40.55
C PRO L 367 5.79 -33.81 41.30
N TYR L 368 6.04 -34.92 40.60
CA TYR L 368 6.47 -36.15 41.26
C TYR L 368 7.84 -35.96 41.91
N LEU L 369 8.91 -35.69 41.14
CA LEU L 369 10.23 -35.48 41.75
C LEU L 369 10.30 -34.31 42.75
N CYS L 370 9.56 -33.22 42.52
CA CYS L 370 9.57 -32.09 43.43
C CYS L 370 8.97 -32.49 44.79
N PHE L 371 7.80 -33.13 44.78
CA PHE L 371 7.18 -33.59 46.01
C PHE L 371 7.96 -34.71 46.69
N ALA L 372 8.44 -35.71 45.93
CA ALA L 372 9.31 -36.74 46.49
C ALA L 372 10.52 -36.11 47.21
N ALA L 373 11.28 -35.21 46.56
CA ALA L 373 12.37 -34.53 47.23
C ALA L 373 11.94 -33.69 48.43
N LEU L 374 10.85 -32.90 48.43
CA LEU L 374 10.42 -32.22 49.67
C LEU L 374 10.17 -33.21 50.82
N LEU L 375 9.48 -34.33 50.52
CA LEU L 375 9.18 -35.37 51.51
C LEU L 375 10.46 -35.99 52.05
N MET L 376 11.29 -36.61 51.20
CA MET L 376 12.58 -37.18 51.62
C MET L 376 13.44 -36.21 52.44
N ALA L 377 13.50 -34.90 52.09
CA ALA L 377 14.23 -33.95 52.93
C ALA L 377 13.61 -33.78 54.32
N GLY L 378 12.29 -33.63 54.33
CA GLY L 378 11.54 -33.50 55.57
C GLY L 378 11.67 -34.69 56.50
N LEU L 379 11.64 -35.91 55.97
CA LEU L 379 11.86 -37.10 56.79
C LEU L 379 13.29 -37.08 57.33
N ASP L 380 14.34 -36.93 56.51
CA ASP L 380 15.71 -36.80 57.01
C ASP L 380 15.88 -35.79 58.16
N GLY L 381 15.05 -34.74 58.21
CA GLY L 381 15.03 -33.84 59.36
C GLY L 381 14.57 -34.54 60.64
N ILE L 382 13.36 -35.11 60.58
CA ILE L 382 12.74 -35.91 61.65
C ILE L 382 13.72 -37.02 62.10
N LYS L 383 14.09 -37.85 61.14
CA LYS L 383 15.02 -38.96 61.32
C LYS L 383 16.36 -38.65 62.01
N ASN L 384 16.82 -37.40 61.91
CA ASN L 384 18.04 -36.96 62.57
C ASN L 384 17.85 -35.76 63.50
N LYS L 385 16.65 -35.50 64.04
CA LYS L 385 16.38 -34.37 64.95
C LYS L 385 16.97 -33.01 64.50
N ILE L 386 17.08 -32.80 63.19
CA ILE L 386 17.66 -31.58 62.61
C ILE L 386 16.80 -30.38 62.98
N HIS L 387 17.08 -29.84 64.16
CA HIS L 387 16.26 -28.76 64.68
C HIS L 387 16.41 -27.45 63.91
N PRO L 388 15.30 -26.92 63.35
CA PRO L 388 15.30 -25.79 62.44
C PRO L 388 15.96 -24.52 63.00
N GLY L 389 15.52 -24.00 64.15
CA GLY L 389 16.20 -22.87 64.76
C GLY L 389 15.22 -21.96 65.45
N GLU L 390 15.17 -20.72 64.98
CA GLU L 390 14.23 -19.73 65.50
C GLU L 390 13.58 -18.96 64.37
N PRO L 391 12.30 -18.57 64.49
CA PRO L 391 11.59 -17.85 63.45
C PRO L 391 11.99 -16.41 63.19
N MET L 392 12.38 -16.12 61.94
CA MET L 392 12.55 -14.73 61.53
C MET L 392 11.15 -14.10 61.51
N ASP L 393 10.83 -13.03 62.24
CA ASP L 393 9.49 -12.46 62.17
C ASP L 393 9.37 -10.98 61.80
N ILE L 407 21.95 -15.86 57.73
CA ILE L 407 20.68 -16.48 57.34
C ILE L 407 20.68 -17.09 55.91
N PRO L 408 20.62 -18.42 55.78
CA PRO L 408 20.89 -19.13 54.54
C PRO L 408 19.81 -18.99 53.47
N GLN L 409 20.21 -19.07 52.21
CA GLN L 409 19.28 -18.88 51.10
C GLN L 409 19.23 -20.05 50.13
N VAL L 410 18.16 -20.08 49.34
CA VAL L 410 18.00 -21.04 48.25
C VAL L 410 19.11 -20.95 47.21
N ALA L 411 19.36 -21.98 46.40
CA ALA L 411 20.35 -21.89 45.33
C ALA L 411 20.13 -20.64 44.47
N GLY L 412 21.20 -19.89 44.21
CA GLY L 412 21.10 -18.69 43.39
C GLY L 412 21.10 -18.93 41.88
N SER L 413 21.20 -20.16 41.45
CA SER L 413 21.17 -20.49 40.03
C SER L 413 20.96 -21.97 39.81
N LEU L 414 20.55 -22.36 38.60
CA LEU L 414 20.40 -23.77 38.28
C LEU L 414 21.71 -24.51 38.42
N GLU L 415 22.83 -23.93 37.99
CA GLU L 415 24.14 -24.60 38.12
C GLU L 415 24.47 -24.94 39.57
N GLU L 416 24.20 -23.96 40.43
CA GLU L 416 24.36 -24.12 41.86
C GLU L 416 23.47 -25.26 42.37
N ALA L 417 22.17 -25.15 42.10
CA ALA L 417 21.21 -26.18 42.47
C ALA L 417 21.62 -27.57 41.98
N LEU L 418 22.05 -27.72 40.71
CA LEU L 418 22.51 -29.00 40.20
C LEU L 418 23.74 -29.48 40.95
N ASN L 419 24.78 -28.65 41.20
CA ASN L 419 25.94 -29.08 41.99
C ASN L 419 25.54 -29.61 43.37
N ALA L 420 24.66 -28.84 44.01
CA ALA L 420 24.09 -29.17 45.29
C ALA L 420 23.34 -30.49 45.28
N LEU L 421 22.45 -30.79 44.32
CA LEU L 421 21.81 -32.10 44.23
C LEU L 421 22.87 -33.18 44.07
N ASP L 422 23.82 -32.96 43.18
CA ASP L 422 24.93 -33.90 42.98
C ASP L 422 25.72 -34.26 44.26
N LEU L 423 25.95 -33.29 45.13
CA LEU L 423 26.66 -33.55 46.39
C LEU L 423 25.80 -33.99 47.57
N ASP L 424 24.59 -33.45 47.66
CA ASP L 424 23.66 -33.78 48.74
C ASP L 424 22.67 -34.89 48.37
N ARG L 425 23.21 -35.75 47.53
CA ARG L 425 22.57 -36.92 46.97
C ARG L 425 22.00 -37.98 47.93
N GLU L 426 22.61 -38.11 49.10
CA GLU L 426 22.22 -39.14 50.06
C GLU L 426 20.78 -39.25 50.54
N PHE L 427 20.20 -38.13 50.99
CA PHE L 427 18.83 -38.16 51.50
C PHE L 427 17.80 -38.56 50.43
N LEU L 428 18.10 -38.30 49.14
CA LEU L 428 17.21 -38.80 48.11
C LEU L 428 17.34 -40.31 47.94
N LYS L 429 18.53 -40.90 48.06
CA LYS L 429 18.72 -42.35 47.87
C LYS L 429 18.15 -43.30 48.93
N ALA L 430 17.78 -42.73 50.09
CA ALA L 430 17.16 -43.48 51.18
C ALA L 430 15.98 -44.37 50.78
N GLY L 431 16.17 -45.64 51.11
CA GLY L 431 15.19 -46.66 50.78
C GLY L 431 14.95 -46.86 49.29
N GLY L 432 15.89 -46.53 48.41
CA GLY L 432 15.72 -46.84 46.98
C GLY L 432 14.85 -45.85 46.18
N VAL L 433 14.28 -44.86 46.87
CA VAL L 433 13.56 -43.74 46.26
C VAL L 433 14.67 -43.07 45.43
N PHE L 434 14.78 -42.92 44.09
CA PHE L 434 15.97 -42.30 43.47
C PHE L 434 17.30 -43.05 43.53
N THR L 435 17.66 -43.59 42.38
CA THR L 435 18.98 -44.20 42.25
C THR L 435 20.03 -43.17 41.82
N ASP L 436 21.31 -43.49 41.94
CA ASP L 436 22.35 -42.65 41.35
C ASP L 436 22.19 -42.44 39.85
N GLU L 437 21.84 -43.46 39.05
CA GLU L 437 21.64 -43.26 37.61
C GLU L 437 20.53 -42.24 37.35
N ALA L 438 19.45 -42.37 38.12
CA ALA L 438 18.32 -41.44 38.08
C ALA L 438 18.79 -40.01 38.36
N ILE L 439 19.48 -39.80 39.49
CA ILE L 439 20.01 -38.46 39.80
C ILE L 439 21.01 -37.96 38.76
N ASP L 440 21.99 -38.76 38.38
CA ASP L 440 22.93 -38.38 37.33
C ASP L 440 22.31 -38.04 35.96
N ALA L 441 21.31 -38.79 35.48
CA ALA L 441 20.66 -38.50 34.19
C ALA L 441 19.86 -37.21 34.22
N TYR L 442 19.22 -36.99 35.38
CA TYR L 442 18.52 -35.74 35.65
C TYR L 442 19.48 -34.58 35.52
N ILE L 443 20.56 -34.56 36.32
CA ILE L 443 21.52 -33.46 36.24
C ILE L 443 22.04 -33.26 34.81
N ALA L 444 22.35 -34.35 34.09
CA ALA L 444 22.71 -34.29 32.67
C ALA L 444 21.71 -33.54 31.80
N LEU L 445 20.42 -33.84 31.92
CA LEU L 445 19.40 -33.07 31.20
C LEU L 445 19.44 -31.61 31.60
N ARG L 446 19.24 -31.29 32.88
CA ARG L 446 19.28 -29.91 33.30
C ARG L 446 20.55 -29.11 32.96
N ARG L 447 21.71 -29.78 32.80
CA ARG L 447 22.93 -29.10 32.39
C ARG L 447 22.93 -28.62 30.95
N GLU L 448 22.48 -29.47 30.02
CA GLU L 448 22.37 -29.14 28.60
C GLU L 448 21.58 -27.84 28.38
N GLU L 449 20.52 -27.75 29.19
CA GLU L 449 19.65 -26.58 29.21
C GLU L 449 20.38 -25.37 29.76
N ASP L 450 20.99 -25.53 30.93
CA ASP L 450 21.76 -24.44 31.51
C ASP L 450 22.84 -23.91 30.54
N ASP L 451 23.58 -24.80 29.85
CA ASP L 451 24.56 -24.39 28.85
C ASP L 451 24.03 -23.54 27.70
N ARG L 452 22.92 -23.94 27.07
CA ARG L 452 22.33 -23.17 25.98
C ARG L 452 22.01 -21.73 26.44
N VAL L 453 21.42 -21.63 27.62
CA VAL L 453 21.17 -20.31 28.21
C VAL L 453 22.49 -19.57 28.55
N ARG L 454 23.56 -20.26 29.01
CA ARG L 454 24.84 -19.66 29.37
C ARG L 454 25.69 -19.12 28.19
N MET L 455 25.65 -19.86 27.08
CA MET L 455 26.43 -19.55 25.87
C MET L 455 25.79 -18.65 24.83
N THR L 456 24.48 -18.43 24.95
CA THR L 456 23.77 -17.55 24.01
C THR L 456 23.78 -16.11 24.51
N PRO L 457 24.35 -15.13 23.83
CA PRO L 457 24.29 -13.72 24.24
C PRO L 457 22.89 -13.19 24.44
N HIS L 458 22.78 -12.53 25.57
CA HIS L 458 21.51 -11.97 26.04
C HIS L 458 21.29 -10.59 25.45
N PRO L 459 20.07 -10.22 25.01
CA PRO L 459 19.77 -8.84 24.64
C PRO L 459 20.22 -7.75 25.62
N VAL L 460 19.98 -7.69 26.94
CA VAL L 460 20.54 -6.57 27.72
C VAL L 460 22.08 -6.49 27.71
N GLU L 461 22.81 -7.53 27.30
CA GLU L 461 24.27 -7.42 27.16
C GLU L 461 24.56 -6.44 26.01
N PHE L 462 23.80 -6.39 24.92
CA PHE L 462 24.03 -5.36 23.90
C PHE L 462 23.76 -3.98 24.46
N GLU L 463 22.74 -3.89 25.32
CA GLU L 463 22.41 -2.64 26.00
C GLU L 463 23.55 -2.11 26.89
N LEU L 464 24.15 -3.07 27.58
CA LEU L 464 25.25 -2.85 28.50
C LEU L 464 26.64 -2.68 27.91
N TYR L 465 26.93 -3.52 26.92
CA TYR L 465 28.28 -3.64 26.39
C TYR L 465 28.49 -3.36 24.91
N TYR L 466 27.52 -2.99 24.07
CA TYR L 466 27.84 -2.75 22.67
C TYR L 466 28.82 -1.60 22.46
N SER L 467 28.63 -0.50 23.19
CA SER L 467 29.56 0.62 23.03
C SER L 467 30.83 0.56 23.87
N VAL L 468 31.21 -0.67 24.20
CA VAL L 468 32.47 -0.89 24.89
C VAL L 468 33.61 -0.62 23.85
#